data_9IMK
#
_entry.id   9IMK
#
_cell.length_a   1.00
_cell.length_b   1.00
_cell.length_c   1.00
_cell.angle_alpha   90.00
_cell.angle_beta   90.00
_cell.angle_gamma   90.00
#
_symmetry.space_group_name_H-M   'P 1'
#
loop_
_entity.id
_entity.type
_entity.pdbx_description
1 polymer 'RNA-directed RNA polymerase nsp12'
2 polymer 'Non-structural protein 8'
3 polymer 'Non-structural protein 7'
4 polymer 'Helicase nsp13'
5 polymer 'Viral protein genome-linked nsp9'
6 polymer 'RNA (40-MER)'
7 polymer 'RNA (59-MER)'
8 non-polymer 'ZINC ION'
9 water water
#
loop_
_entity_poly.entity_id
_entity_poly.type
_entity_poly.pdbx_seq_one_letter_code
_entity_poly.pdbx_strand_id
1 'polypeptide(L)'
;SADAQSFLNRVCGVSAARLTPCGTGTSTDVVYRAFDIYNDKVAGFAKFLKTNCCRFQEKDEDDNLIDSYFVVKRHTFSNY
QHEETIYNLLKDCPAVAKHDFFKFRIDGDMVPHISRQRLTKYTMADLVYALRHFDEGNCDTLKEILVTYNCCDDDYFNKK
DWYDFVENPDILRVYANLGERVRQALLKTVQFCDAMRNAGIVGVLTLDNQDLNGNWYDFGDFIQTTPGSGVPVVDSYYSL
LMPILTLTRALTAESHVDTDLTKPYIKWDLLKYDFTEERLKLFDRYFKYWDQTYHPNCVNCLDDRCILHCANFNVLFSTV
FPPTSFGPLVRKIFVDGVPFVVSTGYHFRELGVVHNQDVNLHSSRLSFKELLVYAADPAMHAASGNLLLDKRTTCFSVAA
LTNNVAFQTVKPGNFNKDFYDFAVSKGFFKEGSSVELKHFFFAQDGNAAISDYDYYRYNLPTMCDIRQLLFVVEVVDKYF
DCYDGGCINANQVIVNNLDKSAGFPFNKWGKARLYYDSMSYEDQDALFAYTKRNVIPTITQMNLKYAISAKNRARTVAGV
SICSTMTNRQFHQKLLKSIAATRGATVVIGTSKFYGGWHNMLKTVYSDVENPHLMGWDYPKCDRAMPNMLRIMASLVLAR
KHTTCCSLSHRFYRLANECAQVLSEMVMCGGSLYVKPGGTSSGDATTAYANSVFNICQAVTANVNALLSTDGNKIADKYV
RNLQHRLYECLYRNRDVDTDFVNEFYAYLRKHFSMMILSDDAVVCFNSTYASQGLVASIKNFKSVLYYQNNVFMSEAKCW
TETDLTKGPHEFCSQHTMLVKQGDDYVYLPYPDPSRILGAGCFVDDIVKTDGTLMIERFVSLAIDAYPLTKHPNQEYADV
FHLYLQYIRKLHDELTGHMLDMYSVMLTNDNTSRYWEPEFYEAMYTPHTVLQ
;
A,H
2 'polypeptide(L)'
;AIASEFSSLPSYAAFATAQEAYEQAVANGDSEVVLKKLKKSLNVAKSEFDRDAAMQRKLEKMADQAMTQMYKQARSEDKR
AKVTSAMQTMLFTMLRKLDNDALNNIINNARDGCVPLNIIPLTTAAKLMVVIPDYNTYKNTCDGTTFTYASALWEIQQVV
DADSKIVQLSEISMDNSPNLAWPLIVTALRANSAVKLQ
;
B,D,I,K
3 'polypeptide(L)'
;SKMSDVKCTSVVLLSVLQQLRVESSSKLWAQCVQLHNDILLAKDTTEAFEKMVSLLSVLLSMQGAVDINKLCEEMLDNRA
TLQ
;
C,J
4 'polypeptide(L)'
;AVGACVLCNSQTSLRCGACIRRPFLCCKCCYDHVISTSHKLVLSVNPYVCNAPGCDVTDVTQLYLGGMSYYCKSHKPPIS
FPLCANGQVFGLYKNTCVGSDNVTDFNAIATCDWTNAGDYILANTCTERLKLFAAETLKATEETFKLSYGIATVREVLSD
RELHLSWEVGKPRPPLNRNYVFTGYRVTKNSKVQIGEYTFEKGDYGDAVVYRGTTTYKLNVGDYFVLTSHTVMPLSAPTL
VPQEHYVRITGLYPTLNISDEFSSNVANYQKVGMQKYSTLQGPPGTGKSHFAIGLALYYPSARIVYTACSHAAVDALCEK
ALKYLPIDKCSRIIPARARVECFDKFKVNSTLEQYVFCTVNALPETTADIVVFDEISMATNYDLSVVNARLRAKHYVYIG
DPAQLPAPRTLLTKGTLEPEYFNSVCRLMKTIGPDMFLGTCRRCPAEIVDTVSALVYDNKLKAHKDKSAQCFKMFYKGVI
THDVSSAINRPQIGVVREFLTRNPAWRKAVFISPYNSQNAVASKILGLPTQTVDSSQGSEYDYVIFTQTTETAHSCNVNR
FNVAITRAKVGILCIMSDRDLYDKLQFTSLEIPRRNVATLQ
;
E,F,L,M
5 'polypeptide(L)'
;NNELSPVALRQMSCAAGTTQTACTDDNALAYYNTTKGGRFVLALLSDLQDLKWARFPKSDGTGTIYTELEPPCRFVTDTP
KGPKVKYLYFIKGLNNLNRGMVLGSLAATVRLQ
;
G,N
6 'polyribonucleotide' (ATP)UUAAAGGUUUAUACCUUCCCAGGUAACAAACCAACCAAC P,O
7 'polyribonucleotide' GAUCUACAAGAGAUCAAAAGUUGGUUGGUUUGUUACCUGGGAAGGUAUAAACCUUCCCC R,Q
#
# COMPACT_ATOMS: atom_id res chain seq x y z
N ALA A 4 -90.71 -7.90 -17.70
CA ALA A 4 -89.66 -7.27 -18.51
C ALA A 4 -90.22 -6.09 -19.29
N GLN A 5 -91.15 -6.37 -20.20
CA GLN A 5 -91.77 -5.30 -21.00
C GLN A 5 -92.53 -4.31 -20.12
N SER A 6 -93.29 -4.82 -19.15
CA SER A 6 -93.97 -3.93 -18.22
C SER A 6 -92.98 -3.15 -17.36
N PHE A 7 -91.83 -3.74 -17.03
CA PHE A 7 -90.80 -2.98 -16.31
C PHE A 7 -90.33 -1.79 -17.14
N LEU A 8 -90.07 -2.02 -18.44
CA LEU A 8 -89.70 -0.92 -19.32
C LEU A 8 -90.82 0.10 -19.45
N ASN A 9 -92.07 -0.35 -19.49
CA ASN A 9 -93.19 0.56 -19.69
C ASN A 9 -93.45 1.38 -18.44
N ARG A 10 -93.01 0.87 -17.29
CA ARG A 10 -93.19 1.61 -16.04
C ARG A 10 -92.03 2.57 -15.80
N VAL A 11 -90.80 2.14 -16.13
CA VAL A 11 -89.66 3.04 -15.99
C VAL A 11 -89.84 4.27 -16.87
N CYS A 12 -90.40 4.08 -18.06
CA CYS A 12 -90.75 5.20 -18.93
C CYS A 12 -91.77 6.10 -18.25
N GLY A 13 -92.76 5.49 -17.60
CA GLY A 13 -93.78 6.24 -16.90
C GLY A 13 -94.60 7.14 -17.79
N VAL A 14 -94.95 8.33 -17.29
CA VAL A 14 -95.78 9.25 -18.05
C VAL A 14 -94.93 10.09 -18.99
N SER A 15 -93.60 9.99 -18.86
CA SER A 15 -92.71 10.83 -19.67
C SER A 15 -92.80 10.51 -21.16
N ALA A 16 -93.21 9.29 -21.51
CA ALA A 16 -93.37 8.89 -22.90
C ALA A 16 -92.08 9.05 -23.70
N ALA A 17 -91.04 8.31 -23.32
CA ALA A 17 -89.79 8.30 -24.06
C ALA A 17 -89.51 6.87 -24.52
N ARG A 18 -88.76 6.74 -25.60
CA ARG A 18 -88.43 5.41 -26.13
C ARG A 18 -87.18 4.88 -25.47
N LEU A 19 -87.36 4.18 -24.35
CA LEU A 19 -86.23 3.69 -23.57
C LEU A 19 -85.69 2.40 -24.17
N THR A 20 -84.45 2.44 -24.65
CA THR A 20 -83.78 1.25 -25.16
C THR A 20 -82.85 0.70 -24.08
N PRO A 21 -83.11 -0.48 -23.54
CA PRO A 21 -82.32 -0.97 -22.40
C PRO A 21 -80.85 -1.14 -22.70
N CYS A 22 -80.01 -0.36 -22.01
CA CYS A 22 -78.58 -0.59 -22.04
C CYS A 22 -78.18 -1.83 -21.26
N GLY A 23 -78.93 -2.15 -20.21
CA GLY A 23 -78.80 -3.42 -19.50
C GLY A 23 -79.94 -4.34 -19.92
N THR A 24 -79.58 -5.51 -20.42
CA THR A 24 -80.54 -6.44 -20.98
C THR A 24 -81.38 -7.08 -19.87
N GLY A 25 -82.69 -7.09 -20.06
CA GLY A 25 -83.60 -7.68 -19.10
C GLY A 25 -83.84 -6.81 -17.89
N THR A 26 -84.23 -7.43 -16.78
CA THR A 26 -84.50 -6.72 -15.53
C THR A 26 -83.34 -6.83 -14.55
N SER A 27 -82.12 -6.93 -15.05
CA SER A 27 -80.91 -6.99 -14.22
C SER A 27 -80.24 -5.62 -14.22
N THR A 28 -79.29 -5.46 -13.32
CA THR A 28 -78.55 -4.22 -13.20
C THR A 28 -77.48 -4.15 -14.30
N ASP A 29 -76.60 -3.15 -14.21
CA ASP A 29 -75.47 -3.05 -15.13
C ASP A 29 -74.30 -2.48 -14.32
N VAL A 30 -73.37 -3.36 -13.95
CA VAL A 30 -72.22 -2.95 -13.15
C VAL A 30 -71.37 -2.01 -13.99
N VAL A 31 -71.04 -0.86 -13.43
CA VAL A 31 -70.20 0.11 -14.09
C VAL A 31 -68.96 0.35 -13.22
N TYR A 32 -67.97 1.02 -13.79
CA TYR A 32 -66.68 1.18 -13.13
C TYR A 32 -66.43 2.68 -13.02
N ARG A 33 -66.85 3.25 -11.90
CA ARG A 33 -66.98 4.70 -11.74
C ARG A 33 -66.29 5.18 -10.47
N ALA A 34 -65.80 6.41 -10.51
CA ALA A 34 -65.07 6.99 -9.39
C ALA A 34 -66.05 7.49 -8.33
N PHE A 35 -65.65 7.39 -7.07
CA PHE A 35 -66.46 7.82 -5.94
C PHE A 35 -65.60 8.50 -4.90
N ASP A 36 -66.26 9.41 -4.17
CA ASP A 36 -65.71 10.09 -3.00
C ASP A 36 -66.32 9.42 -1.77
N ILE A 37 -65.54 8.57 -1.11
CA ILE A 37 -66.06 7.69 -0.08
C ILE A 37 -65.47 8.10 1.27
N TYR A 38 -66.33 8.17 2.28
CA TYR A 38 -65.88 8.38 3.66
C TYR A 38 -66.87 7.69 4.58
N ASN A 39 -66.55 6.45 4.97
CA ASN A 39 -67.25 5.73 6.02
C ASN A 39 -66.35 5.69 7.24
N ASP A 40 -66.86 5.09 8.32
CA ASP A 40 -66.04 4.91 9.51
C ASP A 40 -64.96 3.86 9.31
N LYS A 41 -65.00 3.12 8.21
CA LYS A 41 -64.02 2.08 7.91
C LYS A 41 -63.03 2.52 6.84
N VAL A 42 -63.52 3.06 5.73
CA VAL A 42 -62.68 3.39 4.59
C VAL A 42 -62.95 4.82 4.17
N ALA A 43 -61.98 5.41 3.49
CA ALA A 43 -62.11 6.77 2.99
C ALA A 43 -61.17 6.95 1.81
N GLY A 44 -61.45 7.98 1.02
CA GLY A 44 -60.63 8.34 -0.11
C GLY A 44 -61.47 8.81 -1.28
N PHE A 45 -60.77 9.00 -2.41
CA PHE A 45 -61.39 9.37 -3.69
C PHE A 45 -60.84 8.38 -4.70
N ALA A 46 -61.60 7.30 -4.94
CA ALA A 46 -61.08 6.18 -5.71
C ALA A 46 -62.20 5.61 -6.56
N LYS A 47 -61.81 4.85 -7.58
CA LYS A 47 -62.77 4.35 -8.56
C LYS A 47 -63.16 2.92 -8.23
N PHE A 48 -64.46 2.70 -8.07
CA PHE A 48 -65.01 1.41 -7.64
C PHE A 48 -65.92 0.81 -8.70
N LEU A 49 -66.58 -0.28 -8.34
CA LEU A 49 -67.54 -0.97 -9.19
C LEU A 49 -68.94 -0.78 -8.61
N LYS A 50 -69.85 -0.27 -9.43
CA LYS A 50 -71.19 0.14 -9.01
C LYS A 50 -72.21 -0.85 -9.56
N THR A 51 -72.90 -1.53 -8.65
CA THR A 51 -74.11 -2.30 -8.92
C THR A 51 -75.33 -1.43 -8.65
N ASN A 52 -76.50 -2.07 -8.54
CA ASN A 52 -77.70 -1.47 -7.94
C ASN A 52 -78.43 -0.55 -8.89
N CYS A 53 -78.05 -0.52 -10.17
CA CYS A 53 -78.65 0.43 -11.09
C CYS A 53 -78.89 -0.21 -12.43
N CYS A 54 -80.05 0.10 -13.02
CA CYS A 54 -80.39 -0.31 -14.38
C CYS A 54 -80.70 0.96 -15.16
N ARG A 55 -79.97 1.15 -16.27
CA ARG A 55 -80.10 2.36 -17.08
C ARG A 55 -80.81 2.07 -18.39
N PHE A 56 -81.27 3.15 -19.02
CA PHE A 56 -82.05 3.03 -20.25
C PHE A 56 -81.76 4.27 -21.10
N GLN A 57 -81.02 4.09 -22.18
CA GLN A 57 -80.77 5.21 -23.08
C GLN A 57 -82.06 5.63 -23.77
N GLU A 58 -82.20 6.94 -23.97
CA GLU A 58 -83.35 7.50 -24.65
C GLU A 58 -83.07 7.58 -26.15
N LYS A 59 -84.14 7.57 -26.94
CA LYS A 59 -84.04 7.58 -28.39
C LYS A 59 -84.65 8.87 -28.96
N ASP A 60 -84.00 9.39 -30.00
CA ASP A 60 -84.37 10.66 -30.60
C ASP A 60 -84.96 10.44 -31.98
N GLU A 61 -86.16 10.98 -32.19
CA GLU A 61 -86.92 11.01 -33.45
C GLU A 61 -86.51 9.92 -34.44
N ASP A 62 -85.43 10.16 -35.19
CA ASP A 62 -85.02 9.24 -36.24
C ASP A 62 -84.16 8.12 -35.70
N ASP A 63 -84.64 7.47 -34.63
CA ASP A 63 -83.94 6.35 -34.00
C ASP A 63 -82.51 6.76 -33.65
N ASN A 64 -82.35 7.97 -33.14
CA ASN A 64 -81.05 8.47 -32.71
C ASN A 64 -80.94 8.39 -31.20
N LEU A 65 -79.74 8.08 -30.71
CA LEU A 65 -79.49 7.88 -29.29
C LEU A 65 -78.85 9.13 -28.70
N ILE A 66 -79.38 9.57 -27.56
CA ILE A 66 -78.90 10.78 -26.89
C ILE A 66 -78.49 10.40 -25.47
N ASP A 67 -77.57 11.16 -24.89
CA ASP A 67 -77.07 10.91 -23.54
C ASP A 67 -78.13 11.36 -22.55
N SER A 68 -79.21 10.59 -22.46
CA SER A 68 -80.26 10.87 -21.49
C SER A 68 -80.67 9.53 -20.88
N TYR A 69 -80.37 9.35 -19.60
CA TYR A 69 -80.50 8.05 -18.95
C TYR A 69 -81.54 8.10 -17.84
N PHE A 70 -82.35 7.04 -17.79
CA PHE A 70 -83.38 6.82 -16.76
C PHE A 70 -82.82 5.79 -15.81
N VAL A 71 -82.07 6.23 -14.80
CA VAL A 71 -81.39 5.30 -13.90
C VAL A 71 -82.36 4.92 -12.79
N VAL A 72 -82.54 3.61 -12.58
CA VAL A 72 -83.35 3.13 -11.48
C VAL A 72 -82.45 2.46 -10.44
N LYS A 73 -82.90 2.45 -9.18
CA LYS A 73 -82.05 1.97 -8.09
C LYS A 73 -82.87 1.00 -7.23
N ARG A 74 -82.33 -0.20 -7.05
CA ARG A 74 -82.94 -1.18 -6.16
C ARG A 74 -82.27 -1.11 -4.79
N HIS A 75 -83.05 -0.86 -3.75
CA HIS A 75 -82.52 -0.81 -2.40
C HIS A 75 -83.66 -1.07 -1.44
N THR A 76 -83.34 -1.16 -0.14
CA THR A 76 -84.30 -1.53 0.88
C THR A 76 -85.41 -0.49 1.00
N PHE A 77 -86.44 -0.87 1.76
CA PHE A 77 -87.61 -0.01 1.94
C PHE A 77 -87.28 1.21 2.78
N SER A 78 -86.36 1.06 3.74
CA SER A 78 -86.02 2.16 4.63
C SER A 78 -85.46 3.34 3.85
N ASN A 79 -84.49 3.07 2.96
CA ASN A 79 -83.95 4.14 2.14
C ASN A 79 -85.00 4.72 1.21
N TYR A 80 -85.90 3.87 0.70
CA TYR A 80 -86.96 4.36 -0.16
C TYR A 80 -87.81 5.40 0.56
N GLN A 81 -88.26 5.08 1.77
CA GLN A 81 -89.06 6.01 2.55
C GLN A 81 -88.24 7.26 2.90
N HIS A 82 -86.99 7.07 3.29
CA HIS A 82 -86.15 8.20 3.72
C HIS A 82 -85.97 9.19 2.58
N GLU A 83 -85.70 8.70 1.39
CA GLU A 83 -85.54 9.57 0.23
C GLU A 83 -86.86 10.14 -0.27
N GLU A 84 -87.96 9.39 -0.16
CA GLU A 84 -89.26 9.91 -0.55
C GLU A 84 -89.68 11.08 0.32
N THR A 85 -89.49 10.97 1.63
CA THR A 85 -89.95 12.01 2.53
C THR A 85 -89.10 13.28 2.46
N ILE A 86 -87.95 13.24 1.80
CA ILE A 86 -87.08 14.40 1.70
C ILE A 86 -86.96 14.90 0.26
N TYR A 87 -87.46 14.13 -0.69
CA TYR A 87 -87.59 14.60 -2.06
C TYR A 87 -88.83 15.46 -2.24
N ASN A 88 -89.85 15.25 -1.42
CA ASN A 88 -91.08 16.03 -1.46
C ASN A 88 -90.94 17.29 -0.61
N LEU A 89 -89.69 17.64 -0.33
CA LEU A 89 -89.39 18.84 0.46
C LEU A 89 -88.62 19.83 -0.39
N LEU A 90 -87.78 19.32 -1.29
CA LEU A 90 -86.95 20.14 -2.16
C LEU A 90 -87.26 19.88 -3.63
N LYS A 91 -88.49 19.45 -3.92
CA LYS A 91 -88.89 19.07 -5.27
C LYS A 91 -88.90 20.25 -6.23
N ASP A 92 -88.91 21.48 -5.73
CA ASP A 92 -89.09 22.66 -6.56
C ASP A 92 -87.76 23.31 -6.94
N CYS A 93 -86.65 22.70 -6.56
CA CYS A 93 -85.43 23.39 -6.96
C CYS A 93 -84.97 22.92 -8.34
N PRO A 94 -84.74 23.85 -9.26
CA PRO A 94 -84.36 23.46 -10.62
C PRO A 94 -83.13 22.59 -10.67
N ALA A 95 -82.24 22.71 -9.68
CA ALA A 95 -81.05 21.87 -9.63
C ALA A 95 -81.36 20.42 -9.30
N VAL A 96 -82.60 20.11 -8.93
CA VAL A 96 -82.97 18.77 -8.48
C VAL A 96 -83.57 18.02 -9.67
N ALA A 97 -83.03 16.84 -9.96
CA ALA A 97 -83.61 16.00 -10.99
C ALA A 97 -84.94 15.43 -10.53
N LYS A 98 -85.82 15.14 -11.49
CA LYS A 98 -87.14 14.60 -11.19
C LYS A 98 -87.02 13.13 -10.78
N HIS A 99 -87.72 12.76 -9.72
CA HIS A 99 -87.72 11.39 -9.21
C HIS A 99 -89.06 10.73 -9.50
N ASP A 100 -89.10 9.41 -9.33
CA ASP A 100 -90.35 8.68 -9.54
C ASP A 100 -90.84 8.00 -8.27
N PHE A 101 -89.97 7.22 -7.63
CA PHE A 101 -90.30 6.49 -6.41
C PHE A 101 -91.48 5.54 -6.61
N PHE A 102 -91.32 4.54 -7.46
CA PHE A 102 -92.38 3.59 -7.72
C PHE A 102 -92.06 2.26 -7.03
N LYS A 103 -92.93 1.28 -7.24
CA LYS A 103 -92.76 -0.07 -6.72
C LYS A 103 -93.10 -1.04 -7.83
N PHE A 104 -92.35 -2.14 -7.92
CA PHE A 104 -92.59 -3.13 -8.96
C PHE A 104 -92.44 -4.54 -8.41
N ARG A 105 -93.25 -5.46 -8.95
CA ARG A 105 -93.21 -6.86 -8.52
C ARG A 105 -92.19 -7.61 -9.37
N ILE A 106 -90.91 -7.34 -9.09
CA ILE A 106 -89.85 -8.11 -9.73
C ILE A 106 -89.84 -9.50 -9.11
N ASP A 107 -89.92 -10.53 -9.95
CA ASP A 107 -90.04 -11.93 -9.53
C ASP A 107 -91.33 -12.05 -8.70
N GLY A 108 -91.32 -12.85 -7.64
CA GLY A 108 -92.53 -13.10 -6.88
C GLY A 108 -92.81 -12.16 -5.74
N ASP A 109 -91.99 -11.13 -5.55
CA ASP A 109 -92.15 -10.22 -4.42
C ASP A 109 -92.14 -8.78 -4.91
N MET A 110 -92.62 -7.88 -4.05
CA MET A 110 -92.70 -6.46 -4.36
C MET A 110 -91.40 -5.80 -3.89
N VAL A 111 -90.76 -5.09 -4.80
CA VAL A 111 -89.53 -4.36 -4.50
C VAL A 111 -89.74 -2.88 -4.83
N PRO A 112 -89.37 -1.97 -3.93
CA PRO A 112 -89.42 -0.53 -4.27
C PRO A 112 -88.28 -0.15 -5.18
N HIS A 113 -88.52 0.78 -6.11
CA HIS A 113 -87.50 1.27 -7.01
C HIS A 113 -87.61 2.78 -7.12
N ILE A 114 -86.46 3.44 -7.20
CA ILE A 114 -86.39 4.89 -7.35
C ILE A 114 -85.77 5.15 -8.71
N SER A 115 -86.56 5.68 -9.64
CA SER A 115 -86.10 5.93 -11.00
C SER A 115 -85.76 7.40 -11.15
N ARG A 116 -84.47 7.70 -11.29
CA ARG A 116 -84.01 9.04 -11.60
C ARG A 116 -83.99 9.18 -13.12
N GLN A 117 -84.56 10.28 -13.62
CA GLN A 117 -84.79 10.44 -15.05
C GLN A 117 -83.92 11.55 -15.61
N ARG A 118 -83.45 11.35 -16.84
CA ARG A 118 -82.66 12.33 -17.57
C ARG A 118 -81.37 12.70 -16.85
N LEU A 119 -80.47 11.72 -16.68
CA LEU A 119 -79.11 12.01 -16.29
C LEU A 119 -78.19 11.84 -17.48
N THR A 120 -76.89 11.99 -17.28
CA THR A 120 -75.91 11.78 -18.33
C THR A 120 -75.08 10.54 -18.02
N LYS A 121 -74.29 10.10 -18.99
CA LYS A 121 -73.55 8.86 -18.82
C LYS A 121 -72.49 8.99 -17.72
N TYR A 122 -71.83 10.14 -17.63
CA TYR A 122 -70.82 10.39 -16.62
C TYR A 122 -71.21 11.55 -15.73
N THR A 123 -70.92 11.41 -14.44
CA THR A 123 -71.06 12.52 -13.51
C THR A 123 -69.71 13.24 -13.43
N MET A 124 -69.67 14.42 -12.80
CA MET A 124 -68.44 15.18 -12.70
C MET A 124 -67.35 14.44 -11.93
N ALA A 125 -67.70 13.44 -11.15
CA ALA A 125 -66.69 12.60 -10.53
C ALA A 125 -65.79 11.96 -11.58
N ASP A 126 -66.40 11.46 -12.65
CA ASP A 126 -65.62 10.87 -13.73
C ASP A 126 -64.70 11.90 -14.37
N LEU A 127 -65.21 13.11 -14.62
CA LEU A 127 -64.39 14.17 -15.19
C LEU A 127 -63.21 14.50 -14.29
N VAL A 128 -63.47 14.67 -13.00
CA VAL A 128 -62.42 15.03 -12.05
C VAL A 128 -61.36 13.94 -12.00
N TYR A 129 -61.79 12.68 -11.91
CA TYR A 129 -60.81 11.59 -11.83
C TYR A 129 -60.02 11.47 -13.13
N ALA A 130 -60.68 11.71 -14.27
CA ALA A 130 -59.97 11.63 -15.54
C ALA A 130 -58.94 12.74 -15.68
N LEU A 131 -59.29 13.97 -15.32
CA LEU A 131 -58.38 15.10 -15.49
C LEU A 131 -57.34 15.20 -14.39
N ARG A 132 -57.50 14.51 -13.27
CA ARG A 132 -56.47 14.49 -12.23
C ARG A 132 -55.56 13.27 -12.41
N HIS A 133 -56.14 12.07 -12.36
CA HIS A 133 -55.37 10.85 -12.53
C HIS A 133 -55.40 10.45 -14.00
N PHE A 134 -54.49 11.05 -14.76
CA PHE A 134 -54.40 10.85 -16.20
C PHE A 134 -53.44 9.72 -16.54
N ASP A 135 -53.72 9.04 -17.65
CA ASP A 135 -52.81 8.07 -18.23
C ASP A 135 -52.77 8.33 -19.72
N GLU A 136 -51.60 8.24 -20.34
CA GLU A 136 -51.50 8.50 -21.77
C GLU A 136 -52.26 7.46 -22.58
N GLY A 137 -52.44 6.26 -22.06
CA GLY A 137 -53.06 5.21 -22.84
C GLY A 137 -54.21 4.45 -22.18
N ASN A 138 -54.85 5.04 -21.19
CA ASN A 138 -55.98 4.36 -20.54
C ASN A 138 -57.00 5.47 -20.34
N CYS A 139 -57.07 6.40 -21.28
CA CYS A 139 -58.01 7.51 -21.12
C CYS A 139 -59.45 7.01 -21.15
N ASP A 140 -59.94 6.65 -22.33
CA ASP A 140 -61.15 5.87 -22.55
C ASP A 140 -62.41 6.49 -21.96
N THR A 141 -62.27 7.59 -21.22
CA THR A 141 -63.43 8.30 -20.71
C THR A 141 -63.32 9.80 -20.94
N LEU A 142 -62.11 10.35 -20.80
CA LEU A 142 -61.87 11.73 -21.14
C LEU A 142 -62.14 11.98 -22.61
N LYS A 143 -61.69 11.07 -23.47
CA LYS A 143 -62.01 11.15 -24.89
C LYS A 143 -63.51 11.13 -25.12
N GLU A 144 -64.22 10.23 -24.44
CA GLU A 144 -65.66 10.13 -24.62
C GLU A 144 -66.37 11.41 -24.20
N ILE A 145 -65.99 11.98 -23.06
CA ILE A 145 -66.63 13.22 -22.62
C ILE A 145 -66.35 14.34 -23.59
N LEU A 146 -65.10 14.45 -24.04
CA LEU A 146 -64.73 15.54 -24.95
C LEU A 146 -65.49 15.44 -26.26
N VAL A 147 -65.58 14.23 -26.83
CA VAL A 147 -66.27 14.09 -28.10
C VAL A 147 -67.78 14.23 -27.92
N THR A 148 -68.30 13.81 -26.77
CA THR A 148 -69.74 13.78 -26.55
C THR A 148 -70.33 15.17 -26.57
N TYR A 149 -69.64 16.14 -25.96
CA TYR A 149 -70.16 17.50 -25.83
C TYR A 149 -69.60 18.45 -26.87
N ASN A 150 -69.20 17.93 -28.02
CA ASN A 150 -68.83 18.74 -29.18
C ASN A 150 -67.73 19.73 -28.85
N CYS A 151 -66.69 19.23 -28.19
CA CYS A 151 -65.48 20.01 -27.99
C CYS A 151 -64.45 19.75 -29.08
N CYS A 152 -64.28 18.49 -29.47
CA CYS A 152 -63.36 18.11 -30.53
C CYS A 152 -64.02 17.01 -31.36
N ASP A 153 -63.23 16.35 -32.19
CA ASP A 153 -63.69 15.24 -33.00
C ASP A 153 -62.89 13.98 -32.65
N ASP A 154 -63.28 12.84 -33.24
CA ASP A 154 -62.58 11.58 -33.02
C ASP A 154 -61.31 11.44 -33.84
N ASP A 155 -61.10 12.31 -34.82
CA ASP A 155 -59.87 12.31 -35.61
C ASP A 155 -58.79 13.18 -34.97
N TYR A 156 -59.18 14.04 -34.03
CA TYR A 156 -58.21 14.81 -33.27
C TYR A 156 -57.36 13.93 -32.36
N PHE A 157 -57.95 12.85 -31.85
CA PHE A 157 -57.23 11.93 -30.98
C PHE A 157 -56.23 11.08 -31.75
N ASN A 158 -56.23 11.14 -33.07
CA ASN A 158 -55.25 10.43 -33.88
C ASN A 158 -53.99 11.26 -34.10
N LYS A 159 -53.94 12.47 -33.53
CA LYS A 159 -52.77 13.33 -33.67
C LYS A 159 -51.62 12.75 -32.83
N LYS A 160 -50.45 13.38 -32.94
CA LYS A 160 -49.28 12.99 -32.16
C LYS A 160 -49.12 13.96 -31.00
N ASP A 161 -49.04 13.41 -29.79
CA ASP A 161 -48.93 14.20 -28.56
C ASP A 161 -50.09 15.19 -28.45
N TRP A 162 -51.27 14.71 -28.84
CA TRP A 162 -52.48 15.51 -28.69
C TRP A 162 -52.72 15.90 -27.24
N TYR A 163 -52.22 15.10 -26.31
CA TYR A 163 -52.45 15.30 -24.88
C TYR A 163 -51.36 16.12 -24.20
N ASP A 164 -50.36 16.61 -24.94
CA ASP A 164 -49.25 17.30 -24.31
C ASP A 164 -49.36 18.80 -24.52
N PHE A 165 -49.31 19.54 -23.41
CA PHE A 165 -49.37 21.01 -23.42
C PHE A 165 -48.18 21.64 -24.12
N VAL A 166 -47.00 21.02 -24.06
CA VAL A 166 -45.79 21.60 -24.59
C VAL A 166 -45.73 21.49 -26.11
N GLU A 167 -45.72 20.27 -26.64
CA GLU A 167 -45.64 20.08 -28.08
C GLU A 167 -46.88 20.60 -28.78
N ASN A 168 -48.06 20.35 -28.21
CA ASN A 168 -49.33 20.71 -28.85
C ASN A 168 -49.95 21.82 -28.00
N PRO A 169 -49.83 23.07 -28.42
CA PRO A 169 -50.39 24.17 -27.62
C PRO A 169 -51.84 24.43 -27.95
N ASP A 170 -52.48 23.54 -28.69
CA ASP A 170 -53.88 23.67 -29.04
C ASP A 170 -54.81 22.96 -28.07
N ILE A 171 -54.30 22.02 -27.27
CA ILE A 171 -55.15 21.27 -26.36
C ILE A 171 -55.81 22.20 -25.35
N LEU A 172 -55.15 23.28 -24.97
CA LEU A 172 -55.78 24.26 -24.09
C LEU A 172 -57.06 24.82 -24.69
N ARG A 173 -57.10 24.98 -26.01
CA ARG A 173 -58.35 25.38 -26.65
C ARG A 173 -59.39 24.28 -26.55
N VAL A 174 -58.98 23.02 -26.71
CA VAL A 174 -59.94 21.91 -26.66
C VAL A 174 -60.59 21.83 -25.28
N TYR A 175 -59.79 21.85 -24.22
CA TYR A 175 -60.35 21.80 -22.88
C TYR A 175 -61.25 23.00 -22.61
N ALA A 176 -60.98 24.12 -23.27
CA ALA A 176 -61.74 25.34 -23.03
C ALA A 176 -63.18 25.25 -23.51
N ASN A 177 -63.49 24.30 -24.39
CA ASN A 177 -64.85 24.15 -24.91
C ASN A 177 -65.75 23.39 -23.94
N LEU A 178 -65.17 22.79 -22.90
CA LEU A 178 -65.93 22.10 -21.86
C LEU A 178 -66.21 23.05 -20.71
N GLY A 179 -65.70 24.27 -20.81
CA GLY A 179 -65.67 25.16 -19.67
C GLY A 179 -67.01 25.68 -19.18
N GLU A 180 -67.85 26.16 -20.08
CA GLU A 180 -69.08 26.82 -19.63
C GLU A 180 -69.99 25.85 -18.90
N ARG A 181 -69.87 24.55 -19.16
CA ARG A 181 -70.65 23.56 -18.44
C ARG A 181 -70.32 23.55 -16.95
N VAL A 182 -69.05 23.68 -16.58
CA VAL A 182 -68.69 23.68 -15.17
C VAL A 182 -69.18 24.97 -14.50
N ARG A 183 -69.08 26.10 -15.21
CA ARG A 183 -69.66 27.33 -14.69
C ARG A 183 -71.14 27.19 -14.44
N GLN A 184 -71.87 26.58 -15.37
CA GLN A 184 -73.28 26.32 -15.18
C GLN A 184 -73.54 25.39 -14.01
N ALA A 185 -72.70 24.36 -13.83
CA ALA A 185 -72.85 23.47 -12.69
C ALA A 185 -72.70 24.20 -11.36
N LEU A 186 -71.70 25.06 -11.22
CA LEU A 186 -71.59 25.83 -9.99
C LEU A 186 -72.78 26.78 -9.82
N LEU A 187 -73.16 27.47 -10.90
CA LEU A 187 -74.25 28.43 -10.84
C LEU A 187 -75.55 27.75 -10.49
N LYS A 188 -75.67 26.45 -10.75
CA LYS A 188 -76.89 25.73 -10.43
C LYS A 188 -76.81 25.01 -9.09
N THR A 189 -75.62 24.65 -8.61
CA THR A 189 -75.48 24.07 -7.29
C THR A 189 -75.60 25.12 -6.19
N VAL A 190 -75.36 26.39 -6.51
CA VAL A 190 -75.61 27.42 -5.50
C VAL A 190 -77.09 27.47 -5.09
N GLN A 191 -78.03 27.40 -6.05
CA GLN A 191 -79.43 27.36 -5.65
C GLN A 191 -79.79 26.06 -4.94
N PHE A 192 -79.12 24.96 -5.26
CA PHE A 192 -79.35 23.72 -4.53
C PHE A 192 -78.98 23.89 -3.06
N CYS A 193 -77.83 24.49 -2.81
CA CYS A 193 -77.43 24.76 -1.43
C CYS A 193 -78.43 25.70 -0.75
N ASP A 194 -78.88 26.72 -1.48
CA ASP A 194 -79.86 27.64 -0.93
C ASP A 194 -81.17 26.92 -0.59
N ALA A 195 -81.57 25.97 -1.43
CA ALA A 195 -82.79 25.20 -1.19
C ALA A 195 -82.66 24.35 0.07
N MET A 196 -81.51 23.70 0.27
CA MET A 196 -81.32 22.98 1.53
C MET A 196 -81.38 23.93 2.71
N ARG A 197 -80.79 25.11 2.58
CA ARG A 197 -80.84 26.06 3.68
C ARG A 197 -82.29 26.45 3.99
N ASN A 198 -83.07 26.72 2.96
CA ASN A 198 -84.44 27.18 3.15
C ASN A 198 -85.34 26.08 3.68
N ALA A 199 -85.06 24.83 3.33
CA ALA A 199 -85.93 23.72 3.72
C ALA A 199 -85.35 22.85 4.83
N GLY A 200 -84.21 23.21 5.39
CA GLY A 200 -83.67 22.49 6.54
C GLY A 200 -83.18 21.10 6.23
N ILE A 201 -82.12 20.99 5.44
CA ILE A 201 -81.49 19.71 5.15
C ILE A 201 -80.01 19.83 5.48
N VAL A 202 -79.48 18.80 6.12
CA VAL A 202 -78.09 18.78 6.57
C VAL A 202 -77.42 17.53 6.02
N GLY A 203 -76.26 17.70 5.40
CA GLY A 203 -75.53 16.57 4.86
C GLY A 203 -74.32 17.03 4.08
N VAL A 204 -73.64 16.07 3.49
CA VAL A 204 -72.41 16.33 2.75
C VAL A 204 -72.66 16.17 1.26
N LEU A 205 -72.50 17.26 0.52
CA LEU A 205 -72.54 17.20 -0.93
C LEU A 205 -71.28 16.52 -1.43
N THR A 206 -71.42 15.59 -2.35
CA THR A 206 -70.29 14.99 -3.04
C THR A 206 -70.47 15.16 -4.54
N LEU A 207 -69.33 15.36 -5.21
CA LEU A 207 -69.33 15.46 -6.66
C LEU A 207 -69.49 14.12 -7.35
N ASP A 208 -69.89 13.09 -6.61
CA ASP A 208 -70.37 11.83 -7.18
C ASP A 208 -71.80 11.93 -7.67
N ASN A 209 -72.63 12.78 -7.06
CA ASN A 209 -74.06 12.74 -7.26
C ASN A 209 -74.57 13.89 -8.13
N GLN A 210 -73.67 14.55 -8.87
CA GLN A 210 -74.06 15.66 -9.73
C GLN A 210 -73.69 15.33 -11.17
N ASP A 211 -74.67 15.41 -12.06
CA ASP A 211 -74.46 15.08 -13.46
C ASP A 211 -73.66 16.17 -14.15
N LEU A 212 -73.26 15.92 -15.39
CA LEU A 212 -72.61 16.92 -16.22
C LEU A 212 -73.57 17.99 -16.71
N ASN A 213 -74.83 17.93 -16.29
CA ASN A 213 -75.76 19.03 -16.50
C ASN A 213 -75.85 19.90 -15.26
N GLY A 214 -75.48 19.35 -14.10
CA GLY A 214 -75.51 20.10 -12.86
C GLY A 214 -76.63 19.65 -11.95
N ASN A 215 -77.53 18.83 -12.50
CA ASN A 215 -78.65 18.34 -11.73
C ASN A 215 -78.19 17.36 -10.66
N TRP A 216 -78.80 17.45 -9.49
CA TRP A 216 -78.48 16.59 -8.36
C TRP A 216 -79.56 15.54 -8.19
N TYR A 217 -79.15 14.32 -7.87
CA TYR A 217 -80.11 13.22 -7.93
C TYR A 217 -80.00 12.19 -6.81
N ASP A 218 -79.24 12.43 -5.74
CA ASP A 218 -79.14 11.44 -4.67
C ASP A 218 -79.24 12.13 -3.31
N PHE A 219 -80.07 11.57 -2.43
CA PHE A 219 -80.30 12.10 -1.09
C PHE A 219 -80.22 10.99 -0.06
N GLY A 220 -79.44 9.96 -0.33
CA GLY A 220 -79.38 8.79 0.53
C GLY A 220 -78.84 9.05 1.92
N ASP A 221 -77.82 9.89 2.03
CA ASP A 221 -77.14 10.14 3.30
C ASP A 221 -77.44 11.53 3.85
N PHE A 222 -78.68 11.98 3.73
CA PHE A 222 -79.06 13.32 4.15
C PHE A 222 -79.97 13.28 5.37
N ILE A 223 -79.94 14.37 6.13
CA ILE A 223 -80.72 14.49 7.37
C ILE A 223 -81.57 15.75 7.26
N GLN A 224 -82.61 15.84 8.09
CA GLN A 224 -83.55 16.96 8.01
C GLN A 224 -83.59 17.72 9.33
N THR A 225 -83.70 19.05 9.25
CA THR A 225 -83.83 19.92 10.42
C THR A 225 -84.94 20.93 10.17
N THR A 226 -85.03 21.91 11.06
CA THR A 226 -86.01 22.97 10.89
C THR A 226 -85.72 23.78 9.63
N PRO A 227 -86.75 24.22 8.90
CA PRO A 227 -86.51 25.03 7.70
C PRO A 227 -85.86 26.36 8.06
N GLY A 228 -85.08 26.89 7.12
CA GLY A 228 -84.41 28.16 7.28
C GLY A 228 -82.98 28.08 7.78
N SER A 229 -82.59 26.95 8.36
CA SER A 229 -81.22 26.74 8.86
C SER A 229 -80.71 25.42 8.31
N GLY A 230 -80.15 25.46 7.10
CA GLY A 230 -79.50 24.30 6.52
C GLY A 230 -78.02 24.56 6.31
N VAL A 231 -77.20 23.53 6.50
CA VAL A 231 -75.75 23.71 6.42
C VAL A 231 -75.16 22.73 5.42
N PRO A 232 -75.28 22.99 4.13
CA PRO A 232 -74.66 22.09 3.14
C PRO A 232 -73.16 22.02 3.33
N VAL A 233 -72.65 20.84 3.64
CA VAL A 233 -71.23 20.66 3.91
C VAL A 233 -70.51 20.60 2.58
N VAL A 234 -70.05 21.75 2.10
CA VAL A 234 -69.25 21.77 0.88
C VAL A 234 -67.80 22.03 1.25
N ASP A 235 -67.07 20.96 1.55
CA ASP A 235 -65.63 21.08 1.76
C ASP A 235 -64.86 20.18 0.82
N SER A 236 -65.25 18.91 0.71
CA SER A 236 -64.60 18.01 -0.24
C SER A 236 -64.97 18.39 -1.67
N TYR A 237 -66.20 18.85 -1.89
CA TYR A 237 -66.67 19.18 -3.23
C TYR A 237 -65.79 20.24 -3.88
N TYR A 238 -65.77 21.44 -3.30
CA TYR A 238 -65.00 22.52 -3.89
C TYR A 238 -63.51 22.20 -3.91
N SER A 239 -63.01 21.57 -2.84
CA SER A 239 -61.59 21.27 -2.76
C SER A 239 -61.15 20.36 -3.89
N LEU A 240 -61.95 19.33 -4.20
CA LEU A 240 -61.58 18.43 -5.28
C LEU A 240 -61.89 19.04 -6.63
N LEU A 241 -62.77 20.04 -6.69
CA LEU A 241 -63.10 20.64 -7.98
C LEU A 241 -62.20 21.81 -8.34
N MET A 242 -61.38 22.29 -7.41
CA MET A 242 -60.56 23.48 -7.70
C MET A 242 -59.80 23.42 -9.01
N PRO A 243 -58.87 22.47 -9.23
CA PRO A 243 -57.95 22.61 -10.37
C PRO A 243 -58.64 22.70 -11.73
N ILE A 244 -59.77 22.03 -11.88
CA ILE A 244 -60.44 22.00 -13.18
C ILE A 244 -60.92 23.39 -13.57
N LEU A 245 -61.21 24.25 -12.59
CA LEU A 245 -61.70 25.59 -12.90
C LEU A 245 -60.69 26.38 -13.70
N THR A 246 -59.41 26.32 -13.33
CA THR A 246 -58.40 27.04 -14.07
C THR A 246 -57.82 26.23 -15.21
N LEU A 247 -57.86 24.90 -15.14
CA LEU A 247 -57.39 24.11 -16.27
C LEU A 247 -58.34 24.24 -17.47
N THR A 248 -59.62 24.43 -17.21
CA THR A 248 -60.61 24.59 -18.26
C THR A 248 -61.02 26.04 -18.49
N ARG A 249 -60.46 26.98 -17.72
CA ARG A 249 -60.79 28.39 -17.84
C ARG A 249 -62.30 28.59 -17.75
N ALA A 250 -62.90 28.18 -16.64
CA ALA A 250 -64.34 28.14 -16.52
C ALA A 250 -64.96 29.51 -16.28
N LEU A 251 -64.17 30.54 -16.02
CA LEU A 251 -64.70 31.85 -15.69
C LEU A 251 -64.67 32.82 -16.86
N THR A 252 -64.33 32.35 -18.06
CA THR A 252 -64.13 33.25 -19.19
C THR A 252 -65.37 34.06 -19.51
N ALA A 253 -66.57 33.52 -19.27
CA ALA A 253 -67.80 34.23 -19.59
C ALA A 253 -67.90 35.57 -18.90
N GLU A 254 -67.25 35.74 -17.74
CA GLU A 254 -67.28 37.02 -17.04
C GLU A 254 -66.54 38.13 -17.78
N SER A 255 -65.65 37.79 -18.69
CA SER A 255 -64.96 38.81 -19.48
C SER A 255 -65.89 39.48 -20.49
N HIS A 256 -67.04 38.89 -20.78
CA HIS A 256 -68.02 39.44 -21.70
C HIS A 256 -69.04 40.25 -20.91
N VAL A 257 -69.70 41.18 -21.61
CA VAL A 257 -70.78 41.93 -20.98
C VAL A 257 -71.96 41.01 -20.74
N ASP A 258 -72.65 41.21 -19.62
CA ASP A 258 -73.87 40.49 -19.25
C ASP A 258 -73.67 39.00 -19.05
N THR A 259 -72.42 38.54 -18.95
CA THR A 259 -72.10 37.14 -18.68
C THR A 259 -72.70 36.21 -19.73
N ASP A 260 -72.26 36.36 -20.96
CA ASP A 260 -72.58 35.42 -22.04
C ASP A 260 -71.52 35.54 -23.13
N LEU A 261 -71.05 34.40 -23.61
CA LEU A 261 -69.90 34.37 -24.51
C LEU A 261 -70.20 34.98 -25.88
N THR A 262 -71.45 35.22 -26.22
CA THR A 262 -71.80 35.80 -27.51
C THR A 262 -71.50 37.30 -27.58
N LYS A 263 -71.70 38.02 -26.48
CA LYS A 263 -71.54 39.46 -26.46
C LYS A 263 -70.07 39.85 -26.33
N PRO A 264 -69.71 41.06 -26.75
CA PRO A 264 -68.30 41.48 -26.69
C PRO A 264 -67.80 41.65 -25.27
N TYR A 265 -66.49 41.82 -25.17
CA TYR A 265 -65.84 41.99 -23.87
C TYR A 265 -66.28 43.30 -23.21
N ILE A 266 -66.24 43.30 -21.88
CA ILE A 266 -66.47 44.51 -21.11
C ILE A 266 -65.29 45.43 -21.29
N LYS A 267 -65.54 46.69 -21.63
CA LYS A 267 -64.47 47.67 -21.77
C LYS A 267 -64.29 48.35 -20.42
N TRP A 268 -63.35 47.83 -19.64
CA TRP A 268 -63.05 48.42 -18.35
C TRP A 268 -62.34 49.77 -18.53
N ASP A 269 -62.46 50.62 -17.51
CA ASP A 269 -61.70 51.85 -17.49
C ASP A 269 -60.21 51.55 -17.33
N LEU A 270 -59.37 52.21 -18.13
CA LEU A 270 -57.94 51.97 -18.03
C LEU A 270 -57.39 52.39 -16.68
N LEU A 271 -57.89 53.49 -16.12
CA LEU A 271 -57.34 54.03 -14.89
C LEU A 271 -57.83 53.33 -13.64
N LYS A 272 -58.73 52.37 -13.76
CA LYS A 272 -59.22 51.63 -12.60
C LYS A 272 -58.21 50.56 -12.23
N TYR A 273 -57.72 50.63 -11.00
CA TYR A 273 -56.72 49.67 -10.53
C TYR A 273 -57.20 48.79 -9.39
N ASP A 274 -58.14 49.23 -8.57
CA ASP A 274 -58.65 48.45 -7.44
C ASP A 274 -59.93 47.74 -7.87
N PHE A 275 -59.85 46.42 -8.02
CA PHE A 275 -61.00 45.60 -8.37
C PHE A 275 -61.50 44.78 -7.19
N THR A 276 -61.44 45.35 -5.98
CA THR A 276 -61.88 44.62 -4.79
C THR A 276 -63.35 44.24 -4.86
N GLU A 277 -64.20 45.18 -5.27
CA GLU A 277 -65.63 44.91 -5.30
C GLU A 277 -65.97 43.78 -6.25
N GLU A 278 -65.31 43.74 -7.41
CA GLU A 278 -65.55 42.66 -8.36
C GLU A 278 -65.11 41.32 -7.77
N ARG A 279 -64.00 41.31 -7.03
CA ARG A 279 -63.54 40.07 -6.42
C ARG A 279 -64.57 39.55 -5.41
N LEU A 280 -65.08 40.44 -4.56
CA LEU A 280 -66.12 40.01 -3.62
C LEU A 280 -67.38 39.57 -4.35
N LYS A 281 -67.73 40.26 -5.44
CA LYS A 281 -68.92 39.88 -6.19
C LYS A 281 -68.79 38.48 -6.77
N LEU A 282 -67.63 38.17 -7.36
CA LEU A 282 -67.41 36.84 -7.91
C LEU A 282 -67.45 35.78 -6.81
N PHE A 283 -66.79 36.06 -5.67
CA PHE A 283 -66.80 35.07 -4.59
C PHE A 283 -68.21 34.83 -4.09
N ASP A 284 -69.02 35.89 -3.98
CA ASP A 284 -70.41 35.72 -3.59
C ASP A 284 -71.18 34.90 -4.63
N ARG A 285 -70.93 35.16 -5.91
CA ARG A 285 -71.70 34.49 -6.95
C ARG A 285 -71.43 32.99 -6.99
N TYR A 286 -70.17 32.58 -6.92
CA TYR A 286 -69.86 31.18 -7.21
C TYR A 286 -69.51 30.33 -6.01
N PHE A 287 -68.99 30.89 -4.93
CA PHE A 287 -68.61 30.11 -3.76
C PHE A 287 -69.32 30.62 -2.52
N LYS A 288 -70.63 30.87 -2.64
CA LYS A 288 -71.34 31.59 -1.60
C LYS A 288 -71.27 30.90 -0.25
N TYR A 289 -71.30 29.57 -0.24
CA TYR A 289 -71.39 28.81 1.00
C TYR A 289 -70.05 28.22 1.42
N TRP A 290 -68.95 28.84 1.01
CA TRP A 290 -67.62 28.39 1.41
C TRP A 290 -67.29 29.05 2.74
N ASP A 291 -67.10 28.24 3.78
CA ASP A 291 -67.18 28.74 5.15
C ASP A 291 -66.08 29.74 5.49
N GLN A 292 -64.85 29.45 5.06
CA GLN A 292 -63.72 30.29 5.44
C GLN A 292 -63.86 31.70 4.89
N THR A 293 -63.39 32.68 5.67
CA THR A 293 -63.47 34.08 5.25
C THR A 293 -62.50 34.35 4.10
N TYR A 294 -62.80 35.40 3.35
CA TYR A 294 -62.01 35.79 2.19
C TYR A 294 -61.51 37.22 2.34
N HIS A 295 -60.23 37.44 2.05
CA HIS A 295 -59.63 38.76 2.10
C HIS A 295 -59.28 39.22 0.70
N PRO A 296 -59.96 40.24 0.15
CA PRO A 296 -59.62 40.68 -1.21
C PRO A 296 -58.17 41.10 -1.36
N ASN A 297 -57.60 41.77 -0.36
CA ASN A 297 -56.20 42.16 -0.37
C ASN A 297 -55.47 41.39 0.71
N CYS A 298 -54.41 40.68 0.32
CA CYS A 298 -53.74 39.76 1.23
C CYS A 298 -53.07 40.45 2.40
N VAL A 299 -53.10 41.78 2.48
CA VAL A 299 -52.48 42.48 3.59
C VAL A 299 -53.16 42.15 4.91
N ASN A 300 -54.48 41.94 4.87
CA ASN A 300 -55.26 41.75 6.08
C ASN A 300 -55.30 40.30 6.55
N CYS A 301 -54.40 39.45 6.07
CA CYS A 301 -54.43 38.05 6.48
C CYS A 301 -53.95 37.90 7.92
N LEU A 302 -54.36 36.80 8.53
CA LEU A 302 -54.07 36.55 9.95
C LEU A 302 -52.73 35.85 10.15
N ASP A 303 -52.31 35.04 9.21
CA ASP A 303 -51.00 34.39 9.22
C ASP A 303 -50.77 33.79 7.83
N ASP A 304 -49.72 32.98 7.71
CA ASP A 304 -49.32 32.49 6.38
C ASP A 304 -50.41 31.63 5.74
N ARG A 305 -51.07 30.79 6.54
CA ARG A 305 -52.09 29.91 5.97
C ARG A 305 -53.23 30.70 5.35
N CYS A 306 -53.68 31.75 6.02
CA CYS A 306 -54.70 32.61 5.42
C CYS A 306 -54.17 33.33 4.19
N ILE A 307 -52.87 33.63 4.15
CA ILE A 307 -52.27 34.20 2.94
C ILE A 307 -52.44 33.25 1.77
N LEU A 308 -52.09 31.98 1.95
CA LEU A 308 -52.28 31.01 0.88
C LEU A 308 -53.75 30.89 0.50
N HIS A 309 -54.62 30.82 1.49
CA HIS A 309 -56.02 30.55 1.23
C HIS A 309 -56.65 31.67 0.43
N CYS A 310 -56.26 32.92 0.71
CA CYS A 310 -56.77 34.03 -0.08
C CYS A 310 -56.08 34.12 -1.43
N ALA A 311 -54.79 33.81 -1.48
CA ALA A 311 -54.06 33.90 -2.73
C ALA A 311 -54.62 32.95 -3.78
N ASN A 312 -55.12 31.79 -3.37
CA ASN A 312 -55.70 30.86 -4.33
C ASN A 312 -56.88 31.50 -5.08
N PHE A 313 -57.85 32.01 -4.33
CA PHE A 313 -59.00 32.61 -4.95
C PHE A 313 -58.61 33.84 -5.76
N ASN A 314 -57.59 34.57 -5.31
CA ASN A 314 -57.13 35.71 -6.11
C ASN A 314 -56.52 35.25 -7.43
N VAL A 315 -55.78 34.14 -7.43
CA VAL A 315 -55.25 33.61 -8.67
C VAL A 315 -56.37 33.27 -9.62
N LEU A 316 -57.45 32.68 -9.09
CA LEU A 316 -58.60 32.42 -9.95
C LEU A 316 -59.17 33.70 -10.54
N PHE A 317 -59.45 34.68 -9.69
CA PHE A 317 -60.16 35.87 -10.13
C PHE A 317 -59.31 36.80 -10.98
N SER A 318 -57.99 36.66 -10.97
CA SER A 318 -57.16 37.54 -11.77
C SER A 318 -57.21 37.26 -13.26
N THR A 319 -57.89 36.18 -13.69
CA THR A 319 -58.05 35.94 -15.12
C THR A 319 -59.20 36.74 -15.71
N VAL A 320 -59.91 37.52 -14.89
CA VAL A 320 -61.06 38.28 -15.36
C VAL A 320 -60.70 39.69 -15.78
N PHE A 321 -59.80 40.35 -15.08
CA PHE A 321 -59.52 41.77 -15.23
C PHE A 321 -58.46 42.00 -16.31
N PRO A 322 -58.43 43.18 -16.91
CA PRO A 322 -57.52 43.42 -18.04
C PRO A 322 -56.07 43.31 -17.62
N PRO A 323 -55.19 42.87 -18.51
CA PRO A 323 -53.76 42.73 -18.14
C PRO A 323 -53.08 44.04 -17.78
N THR A 324 -53.63 45.18 -18.19
CA THR A 324 -52.94 46.44 -17.99
C THR A 324 -53.21 47.06 -16.63
N SER A 325 -53.88 46.36 -15.73
CA SER A 325 -54.08 46.88 -14.38
C SER A 325 -53.25 46.16 -13.34
N PHE A 326 -52.22 45.42 -13.74
CA PHE A 326 -51.33 44.74 -12.82
C PHE A 326 -49.93 45.31 -12.96
N GLY A 327 -49.30 45.63 -11.83
CA GLY A 327 -47.94 46.09 -11.84
C GLY A 327 -47.68 47.22 -10.87
N PRO A 328 -46.64 48.01 -11.14
CA PRO A 328 -46.33 49.15 -10.27
C PRO A 328 -47.44 50.19 -10.30
N LEU A 329 -47.65 50.85 -9.16
CA LEU A 329 -48.59 51.95 -9.06
C LEU A 329 -47.79 53.25 -8.89
N VAL A 330 -47.90 54.14 -9.87
CA VAL A 330 -47.09 55.34 -9.90
C VAL A 330 -47.86 56.49 -9.28
N ARG A 331 -47.13 57.43 -8.69
CA ARG A 331 -47.68 58.66 -8.16
C ARG A 331 -46.67 59.77 -8.39
N LYS A 332 -47.16 60.99 -8.58
CA LYS A 332 -46.29 62.14 -8.82
C LYS A 332 -45.89 62.78 -7.50
N ILE A 333 -44.59 62.92 -7.28
CA ILE A 333 -44.05 63.55 -6.08
C ILE A 333 -43.01 64.58 -6.48
N PHE A 334 -43.10 65.76 -5.88
CA PHE A 334 -42.17 66.86 -6.14
C PHE A 334 -41.03 66.80 -5.13
N VAL A 335 -39.80 66.84 -5.64
CA VAL A 335 -38.62 66.97 -4.81
C VAL A 335 -37.91 68.27 -5.22
N ASP A 336 -37.68 69.14 -4.23
CA ASP A 336 -37.12 70.46 -4.49
C ASP A 336 -37.92 71.20 -5.57
N GLY A 337 -39.23 71.00 -5.59
CA GLY A 337 -40.09 71.60 -6.59
C GLY A 337 -40.07 70.92 -7.94
N VAL A 338 -39.44 69.77 -8.07
CA VAL A 338 -39.30 69.07 -9.34
C VAL A 338 -40.27 67.89 -9.34
N PRO A 339 -41.22 67.82 -10.27
CA PRO A 339 -42.20 66.72 -10.29
C PRO A 339 -41.56 65.43 -10.78
N PHE A 340 -41.62 64.39 -9.95
CA PHE A 340 -41.10 63.08 -10.29
C PHE A 340 -42.23 62.11 -10.59
N VAL A 341 -41.84 60.91 -11.03
CA VAL A 341 -42.78 59.80 -11.20
C VAL A 341 -42.17 58.59 -10.52
N VAL A 342 -42.69 58.21 -9.36
CA VAL A 342 -42.09 57.17 -8.54
C VAL A 342 -43.11 56.12 -8.16
N SER A 343 -42.63 54.90 -7.97
CA SER A 343 -43.48 53.80 -7.56
C SER A 343 -43.84 53.92 -6.09
N THR A 344 -45.10 53.69 -5.76
CA THR A 344 -45.59 53.85 -4.40
C THR A 344 -46.53 52.72 -4.00
N GLY A 345 -46.77 51.79 -4.91
CA GLY A 345 -47.67 50.69 -4.63
C GLY A 345 -47.67 49.69 -5.76
N TYR A 346 -48.21 48.51 -5.46
CA TYR A 346 -48.17 47.43 -6.44
C TYR A 346 -49.48 46.67 -6.41
N HIS A 347 -49.80 46.05 -7.54
CA HIS A 347 -51.03 45.28 -7.74
C HIS A 347 -50.64 43.88 -8.18
N PHE A 348 -50.42 42.99 -7.21
CA PHE A 348 -50.11 41.61 -7.50
C PHE A 348 -51.36 40.85 -7.94
N ARG A 349 -51.19 40.02 -8.97
CA ARG A 349 -52.27 39.14 -9.39
C ARG A 349 -52.75 38.26 -8.25
N GLU A 350 -51.83 37.80 -7.40
CA GLU A 350 -52.16 36.86 -6.33
C GLU A 350 -52.36 37.51 -4.97
N LEU A 351 -51.73 38.65 -4.71
CA LEU A 351 -51.80 39.28 -3.39
C LEU A 351 -52.73 40.48 -3.35
N GLY A 352 -53.14 41.02 -4.50
CA GLY A 352 -54.09 42.11 -4.43
C GLY A 352 -53.41 43.47 -4.59
N VAL A 353 -53.78 44.40 -3.72
CA VAL A 353 -53.25 45.75 -3.76
C VAL A 353 -52.45 46.01 -2.49
N VAL A 354 -51.21 46.47 -2.65
CA VAL A 354 -50.37 46.84 -1.51
C VAL A 354 -49.87 48.26 -1.72
N HIS A 355 -50.03 49.10 -0.70
CA HIS A 355 -49.63 50.50 -0.72
C HIS A 355 -48.43 50.69 0.18
N ASN A 356 -47.50 51.54 -0.24
CA ASN A 356 -46.37 51.88 0.61
C ASN A 356 -46.86 52.67 1.82
N GLN A 357 -46.14 52.52 2.95
CA GLN A 357 -46.49 53.26 4.15
C GLN A 357 -45.63 54.49 4.38
N ASP A 358 -44.39 54.50 3.89
CA ASP A 358 -43.46 55.60 4.12
C ASP A 358 -43.23 56.41 2.84
N VAL A 359 -44.27 56.58 2.03
CA VAL A 359 -44.15 57.44 0.85
C VAL A 359 -43.98 58.87 1.32
N ASN A 360 -43.00 59.56 0.76
CA ASN A 360 -42.73 60.96 1.09
C ASN A 360 -43.18 61.86 -0.05
N LEU A 361 -44.01 62.85 0.27
CA LEU A 361 -44.49 63.82 -0.69
C LEU A 361 -43.91 65.18 -0.37
N HIS A 362 -43.43 65.88 -1.40
CA HIS A 362 -42.84 67.20 -1.26
C HIS A 362 -41.65 67.17 -0.30
N SER A 363 -40.67 66.34 -0.64
CA SER A 363 -39.46 66.22 0.17
C SER A 363 -38.46 67.30 -0.30
N SER A 364 -37.30 67.32 0.33
CA SER A 364 -36.34 68.39 0.05
C SER A 364 -35.09 67.92 -0.68
N ARG A 365 -34.35 66.97 -0.11
CA ARG A 365 -33.11 66.52 -0.73
C ARG A 365 -33.10 65.00 -0.73
N LEU A 366 -32.43 64.44 -1.74
CA LEU A 366 -32.38 63.00 -1.95
C LEU A 366 -31.02 62.48 -1.49
N SER A 367 -31.01 61.72 -0.40
CA SER A 367 -29.78 61.10 0.05
C SER A 367 -29.39 59.97 -0.90
N PHE A 368 -28.30 59.28 -0.57
CA PHE A 368 -27.83 58.22 -1.47
C PHE A 368 -28.82 57.07 -1.56
N LYS A 369 -29.44 56.70 -0.43
CA LYS A 369 -30.43 55.63 -0.48
C LYS A 369 -31.64 56.03 -1.31
N GLU A 370 -32.09 57.28 -1.19
CA GLU A 370 -33.25 57.72 -1.96
C GLU A 370 -32.94 57.71 -3.45
N LEU A 371 -31.77 58.22 -3.84
CA LEU A 371 -31.39 58.17 -5.25
C LEU A 371 -31.25 56.73 -5.73
N LEU A 372 -30.70 55.86 -4.87
CA LEU A 372 -30.53 54.46 -5.25
C LEU A 372 -31.88 53.82 -5.53
N VAL A 373 -32.87 54.06 -4.67
CA VAL A 373 -34.19 53.46 -4.88
C VAL A 373 -34.85 54.06 -6.11
N TYR A 374 -34.84 55.39 -6.24
CA TYR A 374 -35.57 56.02 -7.34
C TYR A 374 -34.90 55.77 -8.68
N ALA A 375 -33.68 55.24 -8.68
CA ALA A 375 -33.03 54.88 -9.93
C ALA A 375 -33.21 53.41 -10.28
N ALA A 376 -33.75 52.60 -9.37
CA ALA A 376 -33.92 51.18 -9.60
C ALA A 376 -35.27 50.82 -10.19
N ASP A 377 -36.37 51.31 -9.61
CA ASP A 377 -37.68 50.87 -10.05
C ASP A 377 -37.95 51.31 -11.49
N PRO A 378 -38.74 50.53 -12.23
CA PRO A 378 -39.00 50.86 -13.63
C PRO A 378 -39.94 52.03 -13.82
N ALA A 379 -40.34 52.72 -12.76
CA ALA A 379 -41.31 53.80 -12.88
C ALA A 379 -40.80 54.89 -13.83
N MET A 380 -39.68 55.53 -13.48
CA MET A 380 -39.15 56.60 -14.31
C MET A 380 -38.76 56.11 -15.70
N HIS A 381 -38.09 54.96 -15.78
CA HIS A 381 -37.64 54.46 -17.07
C HIS A 381 -38.82 54.21 -17.99
N ALA A 382 -39.89 53.62 -17.46
CA ALA A 382 -41.08 53.39 -18.28
C ALA A 382 -41.75 54.70 -18.65
N ALA A 383 -41.89 55.62 -17.71
CA ALA A 383 -42.59 56.87 -18.00
C ALA A 383 -41.83 57.74 -18.98
N SER A 384 -40.52 57.55 -19.14
CA SER A 384 -39.75 58.33 -20.09
C SER A 384 -39.66 57.70 -21.48
N GLY A 385 -39.82 56.39 -21.58
CA GLY A 385 -39.60 55.72 -22.84
C GLY A 385 -40.76 55.89 -23.81
N ASN A 386 -40.62 55.24 -24.96
CA ASN A 386 -41.64 55.24 -25.99
C ASN A 386 -42.34 53.88 -26.08
N LEU A 387 -43.60 53.92 -26.49
CA LEU A 387 -44.44 52.72 -26.50
C LEU A 387 -43.91 51.70 -27.50
N LEU A 388 -43.99 50.42 -27.13
CA LEU A 388 -43.51 49.33 -27.96
C LEU A 388 -44.65 48.36 -28.25
N LEU A 389 -44.59 47.73 -29.42
CA LEU A 389 -45.51 46.68 -29.84
C LEU A 389 -44.67 45.65 -30.60
N ASP A 390 -44.42 44.50 -29.99
CA ASP A 390 -43.61 43.47 -30.62
C ASP A 390 -44.51 42.30 -30.99
N LYS A 391 -44.39 41.85 -32.23
CA LYS A 391 -45.18 40.73 -32.74
C LYS A 391 -44.43 39.40 -32.69
N ARG A 392 -43.22 39.37 -32.14
CA ARG A 392 -42.46 38.14 -32.07
C ARG A 392 -42.86 37.25 -30.90
N THR A 393 -43.60 37.78 -29.93
CA THR A 393 -43.95 37.00 -28.75
C THR A 393 -45.39 37.30 -28.36
N THR A 394 -45.88 36.55 -27.36
CA THR A 394 -47.23 36.72 -26.85
C THR A 394 -47.28 37.41 -25.49
N CYS A 395 -46.16 37.49 -24.79
CA CYS A 395 -46.16 38.11 -23.46
C CYS A 395 -46.30 39.62 -23.57
N PHE A 396 -47.04 40.19 -22.63
CA PHE A 396 -47.27 41.63 -22.62
C PHE A 396 -45.96 42.39 -22.55
N SER A 397 -45.85 43.45 -23.33
CA SER A 397 -44.64 44.25 -23.42
C SER A 397 -44.94 45.68 -22.98
N VAL A 398 -43.95 46.32 -22.37
CA VAL A 398 -44.18 47.64 -21.78
C VAL A 398 -43.73 48.75 -22.71
N ALA A 399 -42.44 48.81 -23.02
CA ALA A 399 -41.90 49.92 -23.79
C ALA A 399 -40.50 49.57 -24.26
N ALA A 400 -39.85 50.55 -24.88
CA ALA A 400 -38.47 50.44 -25.32
C ALA A 400 -37.71 51.67 -24.82
N LEU A 401 -36.58 51.44 -24.17
CA LEU A 401 -35.81 52.55 -23.63
C LEU A 401 -35.01 53.29 -24.70
N THR A 402 -34.51 52.58 -25.71
CA THR A 402 -33.67 53.17 -26.73
C THR A 402 -34.47 53.39 -28.02
N ASN A 403 -33.81 53.96 -29.01
CA ASN A 403 -34.42 54.19 -30.32
C ASN A 403 -34.12 53.07 -31.30
N ASN A 404 -33.39 52.03 -30.88
CA ASN A 404 -33.08 50.91 -31.75
C ASN A 404 -33.16 49.62 -30.95
N VAL A 405 -33.47 48.53 -31.64
CA VAL A 405 -33.48 47.22 -30.99
C VAL A 405 -32.20 46.48 -31.31
N ALA A 406 -31.38 46.26 -30.28
CA ALA A 406 -30.08 45.63 -30.44
C ALA A 406 -30.26 44.12 -30.55
N PHE A 407 -29.45 43.48 -31.38
CA PHE A 407 -29.52 42.05 -31.61
C PHE A 407 -28.21 41.41 -31.17
N GLN A 408 -28.31 40.40 -30.32
CA GLN A 408 -27.14 39.73 -29.77
C GLN A 408 -27.07 38.30 -30.30
N THR A 409 -25.85 37.84 -30.57
CA THR A 409 -25.61 36.49 -31.06
C THR A 409 -24.57 35.78 -30.21
N VAL A 410 -24.21 34.57 -30.62
CA VAL A 410 -23.26 33.73 -29.90
C VAL A 410 -22.11 33.39 -30.83
N LYS A 411 -20.91 33.26 -30.26
CA LYS A 411 -19.72 32.92 -31.01
C LYS A 411 -19.53 31.40 -31.08
N PRO A 412 -18.84 30.91 -32.10
CA PRO A 412 -18.81 29.46 -32.32
C PRO A 412 -18.00 28.67 -31.30
N GLY A 413 -17.14 29.33 -30.54
CA GLY A 413 -16.23 28.61 -29.68
C GLY A 413 -15.01 28.11 -30.45
N ASN A 414 -13.88 28.12 -29.75
CA ASN A 414 -12.59 27.89 -30.38
C ASN A 414 -12.14 26.44 -30.20
N PHE A 415 -11.25 26.01 -31.08
CA PHE A 415 -10.86 24.62 -31.25
C PHE A 415 -9.41 24.43 -30.85
N ASN A 416 -9.16 23.45 -29.98
CA ASN A 416 -7.80 23.10 -29.56
C ASN A 416 -7.32 21.96 -30.45
N LYS A 417 -6.68 22.30 -31.57
CA LYS A 417 -6.24 21.30 -32.51
C LYS A 417 -5.08 20.46 -31.97
N ASP A 418 -4.28 21.04 -31.07
CA ASP A 418 -3.13 20.30 -30.55
C ASP A 418 -3.58 19.06 -29.78
N PHE A 419 -4.48 19.23 -28.81
CA PHE A 419 -5.00 18.10 -28.07
C PHE A 419 -5.81 17.18 -28.97
N TYR A 420 -6.48 17.74 -29.97
CA TYR A 420 -7.22 16.92 -30.93
C TYR A 420 -6.29 15.97 -31.67
N ASP A 421 -5.18 16.48 -32.19
CA ASP A 421 -4.24 15.65 -32.92
C ASP A 421 -3.58 14.63 -32.00
N PHE A 422 -3.23 15.05 -30.78
CA PHE A 422 -2.63 14.12 -29.83
C PHE A 422 -3.61 12.99 -29.49
N ALA A 423 -4.90 13.30 -29.42
CA ALA A 423 -5.90 12.28 -29.18
C ALA A 423 -6.05 11.36 -30.37
N VAL A 424 -6.08 11.93 -31.59
CA VAL A 424 -6.26 11.12 -32.79
C VAL A 424 -5.10 10.16 -32.95
N SER A 425 -3.87 10.60 -32.72
CA SER A 425 -2.72 9.71 -32.80
C SER A 425 -2.78 8.59 -31.76
N LYS A 426 -3.58 8.74 -30.71
CA LYS A 426 -3.69 7.74 -29.66
C LYS A 426 -4.89 6.82 -29.84
N GLY A 427 -5.31 6.58 -31.08
CA GLY A 427 -6.40 5.66 -31.34
C GLY A 427 -7.74 6.09 -30.78
N PHE A 428 -8.09 7.36 -30.99
CA PHE A 428 -9.37 7.90 -30.56
C PHE A 428 -10.11 8.51 -31.74
N PHE A 429 -11.42 8.68 -31.57
CA PHE A 429 -12.29 9.33 -32.53
C PHE A 429 -12.36 8.57 -33.86
N LYS A 430 -12.09 7.27 -33.82
CA LYS A 430 -12.20 6.45 -35.01
C LYS A 430 -13.64 5.98 -35.19
N GLU A 431 -13.90 5.37 -36.35
CA GLU A 431 -15.23 4.86 -36.64
C GLU A 431 -15.56 3.67 -35.74
N GLY A 432 -16.81 3.58 -35.32
CA GLY A 432 -17.24 2.51 -34.44
C GLY A 432 -16.65 2.55 -33.06
N SER A 433 -16.61 3.73 -32.43
CA SER A 433 -16.08 3.89 -31.09
C SER A 433 -17.20 4.17 -30.11
N SER A 434 -17.09 3.60 -28.91
CA SER A 434 -18.09 3.86 -27.88
C SER A 434 -17.95 5.27 -27.31
N VAL A 435 -16.89 5.97 -27.66
CA VAL A 435 -16.70 7.37 -27.27
C VAL A 435 -16.73 8.21 -28.54
N GLU A 436 -17.46 9.31 -28.51
CA GLU A 436 -17.61 10.16 -29.68
C GLU A 436 -17.98 11.57 -29.22
N LEU A 437 -17.59 12.56 -30.01
CA LEU A 437 -17.88 13.95 -29.69
C LEU A 437 -19.39 14.18 -29.68
N LYS A 438 -19.92 14.54 -28.51
CA LYS A 438 -21.33 14.90 -28.38
C LYS A 438 -21.54 16.22 -27.66
N HIS A 439 -20.48 16.96 -27.36
CA HIS A 439 -20.58 18.25 -26.67
C HIS A 439 -19.86 19.30 -27.50
N PHE A 440 -20.53 20.41 -27.75
CA PHE A 440 -20.06 21.40 -28.70
C PHE A 440 -20.46 22.80 -28.24
N PHE A 441 -19.81 23.80 -28.83
CA PHE A 441 -20.20 25.19 -28.65
C PHE A 441 -21.03 25.62 -29.85
N PHE A 442 -22.35 25.49 -29.74
CA PHE A 442 -23.26 25.86 -30.81
C PHE A 442 -23.30 27.37 -30.95
N ALA A 443 -23.82 27.83 -32.08
CA ALA A 443 -24.01 29.25 -32.32
C ALA A 443 -25.49 29.57 -32.41
N GLN A 444 -25.81 30.86 -32.39
CA GLN A 444 -27.19 31.32 -32.46
C GLN A 444 -27.29 32.52 -33.39
N ASP A 445 -28.50 32.75 -33.89
CA ASP A 445 -28.76 33.84 -34.81
C ASP A 445 -29.00 35.13 -34.03
N GLY A 446 -29.49 36.16 -34.74
CA GLY A 446 -29.78 37.42 -34.07
C GLY A 446 -30.93 37.32 -33.09
N ASN A 447 -31.80 36.33 -33.27
CA ASN A 447 -32.95 36.16 -32.37
C ASN A 447 -32.72 34.92 -31.51
N ALA A 448 -32.13 35.15 -30.34
CA ALA A 448 -31.89 34.08 -29.36
C ALA A 448 -32.69 34.30 -28.08
N ALA A 449 -32.48 35.43 -27.41
CA ALA A 449 -33.20 35.69 -26.17
C ALA A 449 -34.69 35.83 -26.42
N ILE A 450 -35.06 36.54 -27.49
CA ILE A 450 -36.47 36.68 -27.83
C ILE A 450 -37.06 35.35 -28.28
N SER A 451 -36.21 34.37 -28.59
CA SER A 451 -36.69 33.02 -28.83
C SER A 451 -36.65 32.19 -27.56
N ASP A 452 -36.06 32.72 -26.48
CA ASP A 452 -36.10 32.04 -25.20
C ASP A 452 -37.25 32.51 -24.33
N TYR A 453 -37.73 33.73 -24.53
CA TYR A 453 -38.76 34.28 -23.66
C TYR A 453 -40.13 33.69 -24.00
N ASP A 454 -40.30 33.23 -25.23
CA ASP A 454 -41.52 32.48 -25.55
C ASP A 454 -41.51 31.12 -24.86
N TYR A 455 -40.51 30.86 -24.02
CA TYR A 455 -40.59 29.72 -23.12
C TYR A 455 -41.10 30.09 -21.74
N TYR A 456 -40.97 31.37 -21.34
CA TYR A 456 -41.81 31.87 -20.27
C TYR A 456 -43.25 32.02 -20.74
N ARG A 457 -43.45 31.99 -22.06
CA ARG A 457 -44.81 31.87 -22.57
C ARG A 457 -45.55 30.65 -22.00
N TYR A 458 -44.84 29.53 -21.78
CA TYR A 458 -45.49 28.28 -21.42
C TYR A 458 -46.09 28.25 -20.03
N ASN A 459 -46.16 29.38 -19.32
CA ASN A 459 -46.68 29.39 -17.97
C ASN A 459 -48.10 29.93 -17.95
N LEU A 460 -48.96 29.31 -17.14
CA LEU A 460 -50.39 29.57 -17.12
C LEU A 460 -50.85 29.90 -15.72
N PRO A 461 -51.90 30.71 -15.58
CA PRO A 461 -52.50 30.92 -14.25
C PRO A 461 -53.06 29.61 -13.73
N THR A 462 -52.56 29.17 -12.59
CA THR A 462 -52.86 27.84 -12.08
C THR A 462 -53.40 27.93 -10.67
N MET A 463 -54.45 27.16 -10.39
CA MET A 463 -54.95 26.97 -9.04
C MET A 463 -54.44 25.63 -8.52
N CYS A 464 -54.33 25.50 -7.21
CA CYS A 464 -53.99 24.23 -6.58
C CYS A 464 -55.08 23.82 -5.61
N ASP A 465 -55.18 22.51 -5.39
CA ASP A 465 -56.14 21.98 -4.43
C ASP A 465 -55.75 22.49 -3.05
N ILE A 466 -56.53 23.43 -2.53
CA ILE A 466 -56.04 24.29 -1.45
C ILE A 466 -55.85 23.51 -0.15
N ARG A 467 -56.78 22.64 0.20
CA ARG A 467 -56.63 21.86 1.43
C ARG A 467 -55.42 20.95 1.35
N GLN A 468 -55.29 20.24 0.24
CA GLN A 468 -54.14 19.38 0.04
C GLN A 468 -52.86 20.20 0.08
N LEU A 469 -52.87 21.39 -0.51
CA LEU A 469 -51.67 22.22 -0.52
C LEU A 469 -51.30 22.68 0.89
N LEU A 470 -52.30 23.03 1.70
CA LEU A 470 -52.01 23.42 3.08
C LEU A 470 -51.39 22.28 3.86
N PHE A 471 -51.96 21.09 3.73
CA PHE A 471 -51.37 19.95 4.43
C PHE A 471 -49.97 19.64 3.92
N VAL A 472 -49.75 19.83 2.62
CA VAL A 472 -48.43 19.61 2.06
C VAL A 472 -47.44 20.61 2.64
N VAL A 473 -47.85 21.87 2.81
CA VAL A 473 -46.99 22.84 3.45
C VAL A 473 -46.64 22.39 4.86
N GLU A 474 -47.64 21.94 5.61
CA GLU A 474 -47.39 21.51 6.98
C GLU A 474 -46.38 20.36 7.03
N VAL A 475 -46.55 19.36 6.17
CA VAL A 475 -45.64 18.22 6.22
C VAL A 475 -44.24 18.60 5.73
N VAL A 476 -44.17 19.41 4.67
CA VAL A 476 -42.86 19.82 4.14
C VAL A 476 -42.11 20.64 5.17
N ASP A 477 -42.82 21.40 6.00
CA ASP A 477 -42.16 22.25 6.98
C ASP A 477 -41.24 21.47 7.90
N LYS A 478 -41.50 20.18 8.12
CA LYS A 478 -40.68 19.40 9.03
C LYS A 478 -39.34 18.99 8.42
N TYR A 479 -39.25 18.88 7.09
CA TYR A 479 -37.97 18.58 6.47
C TYR A 479 -36.94 19.69 6.66
N PHE A 480 -37.36 20.86 7.10
CA PHE A 480 -36.46 21.96 7.42
C PHE A 480 -36.52 22.28 8.90
N ASP A 481 -36.56 21.26 9.75
CA ASP A 481 -36.65 21.47 11.18
C ASP A 481 -35.30 21.51 11.87
N CYS A 482 -34.29 20.87 11.30
CA CYS A 482 -32.96 20.85 11.90
C CYS A 482 -32.15 22.11 11.58
N TYR A 483 -32.65 22.98 10.74
CA TYR A 483 -31.93 24.17 10.32
C TYR A 483 -32.30 25.37 11.20
N ASP A 484 -31.45 26.39 11.16
CA ASP A 484 -31.66 27.61 11.93
C ASP A 484 -31.39 28.82 11.05
N GLY A 485 -32.16 29.89 11.26
CA GLY A 485 -31.99 31.10 10.48
C GLY A 485 -32.61 32.29 11.19
N GLY A 486 -32.37 33.45 10.64
CA GLY A 486 -32.88 34.69 11.20
C GLY A 486 -32.15 35.87 10.60
N CYS A 487 -32.68 37.05 10.87
CA CYS A 487 -32.11 38.28 10.33
C CYS A 487 -30.71 38.50 10.88
N ILE A 488 -29.87 39.10 10.04
CA ILE A 488 -28.52 39.46 10.44
C ILE A 488 -28.30 40.93 10.11
N ASN A 489 -27.42 41.56 10.87
CA ASN A 489 -27.08 42.94 10.60
C ASN A 489 -26.12 43.03 9.42
N ALA A 490 -25.86 44.27 8.97
CA ALA A 490 -25.05 44.46 7.78
C ALA A 490 -23.64 43.92 7.93
N ASN A 491 -23.15 43.84 9.17
CA ASN A 491 -21.75 43.46 9.37
C ASN A 491 -21.53 41.96 9.21
N GLN A 492 -22.60 41.17 9.21
CA GLN A 492 -22.48 39.72 9.19
C GLN A 492 -22.66 39.12 7.80
N VAL A 493 -22.81 39.93 6.76
CA VAL A 493 -22.95 39.40 5.42
C VAL A 493 -21.60 38.94 4.92
N ILE A 494 -21.59 37.89 4.10
CA ILE A 494 -20.38 37.39 3.46
C ILE A 494 -20.68 37.22 1.98
N VAL A 495 -19.90 37.88 1.13
CA VAL A 495 -20.11 37.86 -0.30
C VAL A 495 -18.94 37.15 -0.98
N ASN A 496 -19.25 36.22 -1.88
CA ASN A 496 -18.22 35.42 -2.52
C ASN A 496 -17.33 36.28 -3.41
N ASN A 497 -17.92 36.93 -4.41
CA ASN A 497 -17.16 37.74 -5.36
C ASN A 497 -17.83 39.09 -5.49
N LEU A 498 -17.03 40.16 -5.43
CA LEU A 498 -17.55 41.51 -5.56
C LEU A 498 -17.46 42.05 -6.98
N ASP A 499 -16.94 41.25 -7.92
CA ASP A 499 -16.74 41.71 -9.29
C ASP A 499 -17.79 41.17 -10.24
N LYS A 500 -19.04 41.13 -9.80
CA LYS A 500 -20.14 40.70 -10.64
C LYS A 500 -21.10 41.86 -10.86
N SER A 501 -21.75 41.84 -12.03
CA SER A 501 -22.54 42.98 -12.46
C SER A 501 -23.69 43.24 -11.50
N ALA A 502 -23.96 44.52 -11.28
CA ALA A 502 -25.09 44.96 -10.47
C ALA A 502 -26.36 45.03 -11.29
N GLY A 503 -26.36 44.95 -12.61
CA GLY A 503 -27.67 45.03 -13.30
C GLY A 503 -28.05 46.27 -14.10
N PHE A 504 -29.28 46.39 -14.60
CA PHE A 504 -29.59 47.52 -15.51
C PHE A 504 -29.37 48.93 -15.09
N PRO A 505 -30.08 49.37 -14.09
CA PRO A 505 -29.82 50.78 -13.86
C PRO A 505 -28.49 51.08 -13.23
N PHE A 506 -27.70 50.08 -12.91
CA PHE A 506 -26.47 50.31 -12.22
C PHE A 506 -25.20 49.92 -12.95
N ASN A 507 -25.19 48.81 -13.67
CA ASN A 507 -23.96 48.35 -14.31
C ASN A 507 -23.23 49.40 -15.09
N LYS A 508 -23.93 50.36 -15.66
CA LYS A 508 -23.37 51.42 -16.48
C LYS A 508 -22.26 52.17 -15.78
N TRP A 509 -22.18 52.10 -14.45
CA TRP A 509 -21.27 52.93 -13.68
C TRP A 509 -20.25 52.18 -12.85
N GLY A 510 -20.46 50.89 -12.58
CA GLY A 510 -19.52 50.17 -11.75
C GLY A 510 -19.99 48.75 -11.51
N LYS A 511 -19.37 48.13 -10.52
CA LYS A 511 -19.66 46.74 -10.17
C LYS A 511 -20.00 46.68 -8.68
N ALA A 512 -20.51 45.53 -8.22
CA ALA A 512 -21.10 45.45 -6.89
C ALA A 512 -20.10 45.80 -5.79
N ARG A 513 -18.80 45.65 -6.06
CA ARG A 513 -17.79 46.11 -5.11
C ARG A 513 -18.00 47.58 -4.78
N LEU A 514 -18.19 48.40 -5.81
CA LEU A 514 -18.31 49.84 -5.62
C LEU A 514 -19.50 50.17 -4.74
N TYR A 515 -20.63 49.48 -4.92
CA TYR A 515 -21.82 49.81 -4.16
C TYR A 515 -21.76 49.27 -2.73
N TYR A 516 -21.25 48.06 -2.52
CA TYR A 516 -21.05 47.62 -1.14
C TYR A 516 -20.07 48.52 -0.39
N ASP A 517 -19.08 49.08 -1.07
CA ASP A 517 -18.06 49.83 -0.35
C ASP A 517 -18.25 51.33 -0.41
N SER A 518 -19.29 51.82 -1.09
CA SER A 518 -19.56 53.25 -1.11
C SER A 518 -20.54 53.65 -0.02
N MET A 519 -21.47 52.77 0.32
CA MET A 519 -22.45 53.03 1.36
C MET A 519 -22.02 52.35 2.65
N SER A 520 -22.29 52.99 3.78
CA SER A 520 -21.83 52.49 5.06
C SER A 520 -22.72 51.34 5.54
N TYR A 521 -22.34 50.77 6.68
CA TYR A 521 -23.16 49.74 7.30
C TYR A 521 -24.51 50.29 7.72
N GLU A 522 -24.53 51.51 8.25
CA GLU A 522 -25.79 52.11 8.68
C GLU A 522 -26.74 52.30 7.50
N ASP A 523 -26.21 52.71 6.34
CA ASP A 523 -27.06 52.87 5.16
C ASP A 523 -27.66 51.54 4.73
N GLN A 524 -26.86 50.47 4.75
CA GLN A 524 -27.38 49.15 4.43
C GLN A 524 -28.49 48.75 5.39
N ASP A 525 -28.27 48.97 6.69
CA ASP A 525 -29.31 48.63 7.66
C ASP A 525 -30.57 49.46 7.43
N ALA A 526 -30.40 50.73 7.08
CA ALA A 526 -31.56 51.59 6.81
C ALA A 526 -32.33 51.08 5.60
N LEU A 527 -31.63 50.68 4.55
CA LEU A 527 -32.32 50.13 3.37
C LEU A 527 -33.03 48.82 3.73
N PHE A 528 -32.39 47.97 4.52
CA PHE A 528 -33.02 46.73 4.95
C PHE A 528 -34.30 47.00 5.72
N ALA A 529 -34.26 47.96 6.64
CA ALA A 529 -35.47 48.30 7.40
C ALA A 529 -36.53 48.95 6.52
N TYR A 530 -36.11 49.75 5.54
CA TYR A 530 -37.07 50.35 4.62
C TYR A 530 -37.79 49.29 3.81
N THR A 531 -37.08 48.25 3.38
CA THR A 531 -37.74 47.20 2.61
C THR A 531 -38.75 46.42 3.43
N LYS A 532 -38.76 46.56 4.75
CA LYS A 532 -39.73 45.82 5.55
C LYS A 532 -41.07 46.53 5.69
N ARG A 533 -41.23 47.73 5.13
CA ARG A 533 -42.55 48.33 5.09
C ARG A 533 -42.83 49.04 3.77
N ASN A 534 -42.26 48.58 2.66
CA ASN A 534 -42.59 49.09 1.35
C ASN A 534 -42.40 47.99 0.31
N VAL A 535 -42.55 48.36 -0.95
CA VAL A 535 -42.25 47.49 -2.09
C VAL A 535 -41.33 48.25 -3.03
N ILE A 536 -40.35 47.54 -3.59
CA ILE A 536 -39.34 48.14 -4.45
C ILE A 536 -39.26 47.32 -5.73
N PRO A 537 -40.02 47.68 -6.76
CA PRO A 537 -39.89 47.00 -8.05
C PRO A 537 -38.49 47.18 -8.61
N THR A 538 -38.01 46.17 -9.33
CA THR A 538 -36.67 46.19 -9.90
C THR A 538 -36.73 45.71 -11.34
N ILE A 539 -35.59 45.80 -12.01
CA ILE A 539 -35.42 45.30 -13.36
C ILE A 539 -34.28 44.29 -13.36
N THR A 540 -34.52 43.12 -13.94
CA THR A 540 -33.50 42.10 -14.10
C THR A 540 -33.12 42.05 -15.57
N GLN A 541 -31.82 42.06 -15.86
CA GLN A 541 -31.41 42.00 -17.25
C GLN A 541 -31.33 40.55 -17.71
N MET A 542 -31.63 40.33 -18.99
CA MET A 542 -31.57 39.00 -19.61
C MET A 542 -30.25 38.86 -20.34
N ASN A 543 -29.56 37.76 -20.09
CA ASN A 543 -28.21 37.53 -20.55
C ASN A 543 -28.13 36.24 -21.34
N LEU A 544 -27.34 36.25 -22.41
CA LEU A 544 -27.18 35.10 -23.29
C LEU A 544 -25.91 34.36 -22.91
N LYS A 545 -26.06 33.18 -22.33
CA LYS A 545 -24.92 32.41 -21.84
C LYS A 545 -24.05 31.95 -22.99
N TYR A 546 -22.76 31.72 -22.69
CA TYR A 546 -21.76 31.30 -23.67
C TYR A 546 -20.99 30.13 -23.09
N ALA A 547 -21.49 28.92 -23.33
CA ALA A 547 -20.90 27.72 -22.75
C ALA A 547 -21.26 26.51 -23.60
N ILE A 548 -20.63 25.39 -23.28
CA ILE A 548 -20.76 24.16 -24.06
C ILE A 548 -22.02 23.43 -23.62
N SER A 549 -22.67 22.75 -24.57
CA SER A 549 -23.90 22.03 -24.29
C SER A 549 -24.09 20.94 -25.33
N ALA A 550 -24.96 19.98 -25.02
CA ALA A 550 -25.23 18.85 -25.90
C ALA A 550 -26.42 19.07 -26.82
N LYS A 551 -27.09 20.22 -26.74
CA LYS A 551 -28.24 20.51 -27.59
C LYS A 551 -28.26 21.99 -27.93
N ASN A 552 -28.64 22.30 -29.16
CA ASN A 552 -28.58 23.67 -29.67
C ASN A 552 -29.74 24.46 -29.07
N ARG A 553 -29.60 24.79 -27.79
CA ARG A 553 -30.57 25.61 -27.09
C ARG A 553 -29.86 26.81 -26.47
N ALA A 554 -30.38 28.00 -26.73
CA ALA A 554 -29.76 29.24 -26.27
C ALA A 554 -30.22 29.49 -24.84
N ARG A 555 -29.57 28.82 -23.88
CA ARG A 555 -29.90 29.01 -22.48
C ARG A 555 -29.48 30.39 -22.03
N THR A 556 -30.36 31.06 -21.28
CA THR A 556 -30.12 32.42 -20.80
C THR A 556 -30.04 32.43 -19.28
N VAL A 557 -29.65 33.59 -18.75
CA VAL A 557 -29.50 33.77 -17.32
C VAL A 557 -29.95 35.20 -16.97
N ALA A 558 -30.18 35.44 -15.69
CA ALA A 558 -30.77 36.69 -15.22
C ALA A 558 -29.79 37.46 -14.34
N GLY A 559 -29.40 38.64 -14.79
CA GLY A 559 -28.66 39.61 -14.01
C GLY A 559 -29.56 40.47 -13.16
N VAL A 560 -29.95 39.96 -11.98
CA VAL A 560 -30.85 40.71 -11.11
C VAL A 560 -30.12 41.91 -10.50
N SER A 561 -30.89 42.95 -10.19
CA SER A 561 -30.32 44.22 -9.74
C SER A 561 -29.89 44.13 -8.28
N ILE A 562 -29.21 45.17 -7.81
CA ILE A 562 -28.47 45.09 -6.56
C ILE A 562 -29.35 45.24 -5.32
N CYS A 563 -30.46 45.99 -5.41
CA CYS A 563 -31.30 46.18 -4.24
C CYS A 563 -31.86 44.83 -3.77
N SER A 564 -32.36 44.03 -4.70
CA SER A 564 -32.87 42.72 -4.35
C SER A 564 -31.75 41.84 -3.82
N THR A 565 -30.56 41.90 -4.42
CA THR A 565 -29.46 41.07 -3.96
C THR A 565 -29.12 41.38 -2.50
N MET A 566 -29.01 42.66 -2.17
CA MET A 566 -28.65 43.04 -0.80
C MET A 566 -29.75 42.66 0.18
N THR A 567 -30.99 43.03 -0.14
CA THR A 567 -32.06 42.86 0.82
C THR A 567 -32.63 41.44 0.81
N ASN A 568 -32.10 40.56 -0.02
CA ASN A 568 -32.35 39.14 0.13
C ASN A 568 -31.17 38.42 0.73
N ARG A 569 -29.97 38.97 0.54
CA ARG A 569 -28.79 38.42 1.19
C ARG A 569 -28.91 38.55 2.69
N GLN A 570 -29.27 39.73 3.18
CA GLN A 570 -29.29 39.97 4.62
C GLN A 570 -30.25 39.05 5.37
N PHE A 571 -30.99 38.23 4.63
CA PHE A 571 -32.07 37.43 5.19
C PHE A 571 -31.80 35.94 4.96
N HIS A 572 -31.65 35.56 3.71
CA HIS A 572 -31.39 34.16 3.43
C HIS A 572 -29.93 33.79 3.60
N GLN A 573 -29.01 34.73 3.87
CA GLN A 573 -27.66 34.32 4.17
C GLN A 573 -27.63 33.47 5.43
N LYS A 574 -28.22 33.98 6.51
CA LYS A 574 -28.29 33.15 7.70
C LYS A 574 -29.33 32.05 7.54
N LEU A 575 -30.38 32.25 6.73
CA LEU A 575 -31.28 31.11 6.54
C LEU A 575 -30.56 29.92 5.91
N LEU A 576 -29.64 30.17 4.97
CA LEU A 576 -29.11 29.10 4.12
C LEU A 576 -27.75 28.58 4.55
N LYS A 577 -26.92 29.40 5.22
CA LYS A 577 -25.61 28.86 5.61
C LYS A 577 -25.76 27.69 6.57
N SER A 578 -26.87 27.62 7.30
CA SER A 578 -27.15 26.43 8.10
C SER A 578 -27.38 25.22 7.20
N ILE A 579 -28.14 25.39 6.12
CA ILE A 579 -28.43 24.27 5.24
C ILE A 579 -27.17 23.79 4.53
N ALA A 580 -26.34 24.72 4.07
CA ALA A 580 -25.19 24.33 3.25
C ALA A 580 -24.13 23.60 4.04
N ALA A 581 -24.14 23.68 5.37
CA ALA A 581 -23.09 23.09 6.19
C ALA A 581 -23.57 21.88 6.98
N THR A 582 -24.79 21.40 6.73
CA THR A 582 -25.36 20.29 7.49
C THR A 582 -25.29 19.01 6.66
N ARG A 583 -24.84 17.93 7.28
CA ARG A 583 -24.66 16.65 6.63
C ARG A 583 -25.72 15.66 7.11
N GLY A 584 -26.08 14.72 6.24
CA GLY A 584 -27.00 13.66 6.58
C GLY A 584 -28.47 13.99 6.43
N ALA A 585 -28.81 15.13 5.83
CA ALA A 585 -30.20 15.50 5.63
C ALA A 585 -30.63 15.18 4.19
N THR A 586 -31.94 15.28 3.96
CA THR A 586 -32.48 14.99 2.64
C THR A 586 -31.92 15.95 1.59
N VAL A 587 -31.83 17.23 1.93
CA VAL A 587 -31.18 18.20 1.06
C VAL A 587 -29.68 17.99 1.15
N VAL A 588 -29.01 17.89 0.01
CA VAL A 588 -27.63 17.43 -0.01
C VAL A 588 -26.74 18.58 -0.48
N ILE A 589 -27.35 19.73 -0.78
CA ILE A 589 -26.59 20.85 -1.33
C ILE A 589 -25.51 21.27 -0.35
N GLY A 590 -24.37 21.68 -0.90
CA GLY A 590 -23.24 22.11 -0.11
C GLY A 590 -22.28 21.01 0.32
N THR A 591 -22.57 19.76 -0.01
CA THR A 591 -21.70 18.65 0.37
C THR A 591 -20.96 18.13 -0.85
N SER A 592 -19.64 18.00 -0.73
CA SER A 592 -18.82 17.60 -1.85
C SER A 592 -18.89 16.07 -2.03
N LYS A 593 -18.71 15.65 -3.28
CA LYS A 593 -18.65 14.24 -3.61
C LYS A 593 -17.27 13.65 -3.38
N PHE A 594 -16.25 14.48 -3.19
CA PHE A 594 -14.89 14.02 -3.01
C PHE A 594 -14.70 13.45 -1.61
N TYR A 595 -13.57 12.75 -1.44
CA TYR A 595 -13.21 12.15 -0.16
C TYR A 595 -14.29 11.24 0.38
N GLY A 596 -14.90 10.47 -0.52
CA GLY A 596 -15.95 9.55 -0.12
C GLY A 596 -17.30 10.16 0.13
N GLY A 597 -17.50 11.42 -0.28
CA GLY A 597 -18.79 12.06 -0.03
C GLY A 597 -19.94 11.39 -0.73
N TRP A 598 -19.75 11.05 -2.01
CA TRP A 598 -20.82 10.44 -2.79
C TRP A 598 -21.24 9.10 -2.19
N HIS A 599 -20.28 8.32 -1.71
CA HIS A 599 -20.60 7.06 -1.04
C HIS A 599 -21.45 7.30 0.20
N ASN A 600 -21.09 8.33 0.99
CA ASN A 600 -21.88 8.65 2.17
C ASN A 600 -23.30 9.05 1.79
N MET A 601 -23.44 9.84 0.73
CA MET A 601 -24.77 10.20 0.24
C MET A 601 -25.58 8.96 -0.09
N LEU A 602 -24.99 8.04 -0.86
CA LEU A 602 -25.72 6.86 -1.27
C LEU A 602 -26.09 5.99 -0.08
N LYS A 603 -25.18 5.85 0.89
CA LYS A 603 -25.52 5.08 2.09
C LYS A 603 -26.65 5.74 2.86
N THR A 604 -26.67 7.07 2.92
CA THR A 604 -27.78 7.78 3.57
C THR A 604 -29.09 7.53 2.83
N VAL A 605 -29.06 7.52 1.50
CA VAL A 605 -30.28 7.23 0.75
C VAL A 605 -30.78 5.81 1.02
N TYR A 606 -29.87 4.89 1.33
CA TYR A 606 -30.22 3.51 1.59
C TYR A 606 -30.49 3.26 3.06
N SER A 607 -30.97 4.29 3.76
CA SER A 607 -31.17 4.20 5.20
C SER A 607 -32.39 3.37 5.55
N ASP A 608 -32.19 2.05 5.74
CA ASP A 608 -33.22 1.15 6.24
C ASP A 608 -34.44 1.09 5.31
N VAL A 609 -34.20 0.88 4.03
CA VAL A 609 -35.29 0.67 3.09
C VAL A 609 -35.56 -0.82 2.99
N GLU A 610 -36.83 -1.21 3.20
CA GLU A 610 -37.18 -2.62 3.32
C GLU A 610 -37.00 -3.35 1.99
N ASN A 611 -37.73 -2.93 0.96
CA ASN A 611 -37.57 -3.50 -0.37
C ASN A 611 -37.02 -2.43 -1.30
N PRO A 612 -35.70 -2.24 -1.32
CA PRO A 612 -35.12 -1.03 -1.92
C PRO A 612 -35.13 -1.09 -3.45
N HIS A 613 -35.61 -0.02 -4.06
CA HIS A 613 -35.38 0.25 -5.47
C HIS A 613 -35.14 1.74 -5.67
N LEU A 614 -34.40 2.07 -6.73
CA LEU A 614 -34.04 3.45 -7.02
C LEU A 614 -34.93 4.02 -8.10
N MET A 615 -35.23 5.31 -7.99
CA MET A 615 -36.07 6.00 -8.95
C MET A 615 -35.59 7.44 -9.09
N GLY A 616 -35.58 7.91 -10.33
CA GLY A 616 -35.20 9.28 -10.61
C GLY A 616 -36.11 9.86 -11.67
N TRP A 617 -36.20 11.18 -11.66
CA TRP A 617 -37.02 11.90 -12.63
C TRP A 617 -36.33 13.21 -12.96
N ASP A 618 -36.88 13.90 -13.95
CA ASP A 618 -36.43 15.25 -14.28
C ASP A 618 -37.59 16.02 -14.87
N TYR A 619 -37.86 17.19 -14.29
CA TYR A 619 -39.00 17.98 -14.73
C TYR A 619 -38.71 18.55 -16.12
N PRO A 620 -39.72 18.61 -16.99
CA PRO A 620 -39.49 19.04 -18.36
C PRO A 620 -38.92 20.45 -18.47
N LYS A 621 -39.63 21.43 -17.91
CA LYS A 621 -39.14 22.80 -17.82
C LYS A 621 -39.37 23.27 -16.39
N CYS A 622 -38.41 22.99 -15.52
CA CYS A 622 -38.57 23.31 -14.10
C CYS A 622 -38.69 24.80 -13.88
N ASP A 623 -37.88 25.59 -14.58
CA ASP A 623 -37.77 27.01 -14.26
C ASP A 623 -38.81 27.86 -14.95
N ARG A 624 -39.32 27.45 -16.10
CA ARG A 624 -40.23 28.30 -16.86
C ARG A 624 -41.67 27.83 -16.84
N ALA A 625 -42.03 26.87 -15.99
CA ALA A 625 -43.40 26.39 -15.90
C ALA A 625 -43.90 26.26 -14.48
N MET A 626 -43.11 26.64 -13.50
CA MET A 626 -43.51 26.50 -12.10
C MET A 626 -44.67 27.44 -11.81
N PRO A 627 -45.82 26.94 -11.37
CA PRO A 627 -46.97 27.81 -11.14
C PRO A 627 -46.71 28.77 -10.00
N ASN A 628 -47.40 29.92 -10.03
CA ASN A 628 -47.09 30.98 -9.09
C ASN A 628 -47.29 30.54 -7.65
N MET A 629 -48.35 29.79 -7.38
CA MET A 629 -48.65 29.40 -6.01
C MET A 629 -47.50 28.63 -5.38
N LEU A 630 -46.89 27.71 -6.12
CA LEU A 630 -45.81 26.95 -5.50
C LEU A 630 -44.58 27.81 -5.26
N ARG A 631 -44.33 28.82 -6.08
CA ARG A 631 -43.26 29.75 -5.78
C ARG A 631 -43.53 30.53 -4.51
N ILE A 632 -44.78 31.00 -4.35
CA ILE A 632 -45.15 31.67 -3.10
C ILE A 632 -44.96 30.74 -1.92
N MET A 633 -45.35 29.48 -2.09
CA MET A 633 -45.21 28.51 -1.02
C MET A 633 -43.76 28.30 -0.64
N ALA A 634 -42.88 28.22 -1.63
CA ALA A 634 -41.45 28.04 -1.33
C ALA A 634 -40.92 29.23 -0.56
N SER A 635 -41.22 30.45 -1.03
CA SER A 635 -40.78 31.63 -0.28
C SER A 635 -41.33 31.61 1.15
N LEU A 636 -42.56 31.14 1.32
CA LEU A 636 -43.18 31.17 2.64
C LEU A 636 -42.55 30.16 3.58
N VAL A 637 -42.30 28.94 3.10
CA VAL A 637 -41.70 27.94 3.97
C VAL A 637 -40.24 28.25 4.24
N LEU A 638 -39.62 29.09 3.40
CA LEU A 638 -38.31 29.61 3.78
C LEU A 638 -38.42 30.72 4.80
N ALA A 639 -39.41 31.59 4.68
CA ALA A 639 -39.60 32.69 5.62
C ALA A 639 -40.14 32.22 6.97
N ARG A 640 -40.56 30.97 7.08
CA ARG A 640 -41.08 30.46 8.35
C ARG A 640 -40.08 30.60 9.50
N LYS A 641 -38.78 30.66 9.23
CA LYS A 641 -37.79 30.68 10.29
C LYS A 641 -37.67 32.03 10.98
N HIS A 642 -38.66 32.91 10.82
CA HIS A 642 -38.63 34.24 11.40
C HIS A 642 -39.77 34.45 12.39
N THR A 643 -40.04 33.45 13.23
CA THR A 643 -41.11 33.58 14.23
C THR A 643 -40.74 34.54 15.35
N THR A 644 -39.47 34.94 15.45
CA THR A 644 -38.99 35.75 16.55
C THR A 644 -38.56 37.16 16.15
N CYS A 645 -37.75 37.27 15.10
CA CYS A 645 -37.06 38.51 14.78
C CYS A 645 -37.93 39.57 14.13
N CYS A 646 -39.14 39.23 13.67
CA CYS A 646 -39.95 40.17 12.93
C CYS A 646 -41.42 40.03 13.27
N SER A 647 -42.16 41.12 13.10
CA SER A 647 -43.61 41.11 13.23
C SER A 647 -44.24 40.55 11.96
N LEU A 648 -45.53 40.26 12.03
CA LEU A 648 -46.21 39.65 10.89
C LEU A 648 -46.21 40.56 9.67
N SER A 649 -46.46 41.86 9.87
CA SER A 649 -46.49 42.77 8.73
C SER A 649 -45.13 42.83 8.06
N HIS A 650 -44.06 42.73 8.84
CA HIS A 650 -42.72 42.70 8.24
C HIS A 650 -42.54 41.48 7.37
N ARG A 651 -42.98 40.31 7.83
CA ARG A 651 -42.93 39.11 7.00
C ARG A 651 -43.72 39.31 5.72
N PHE A 652 -44.93 39.86 5.83
CA PHE A 652 -45.75 40.03 4.64
C PHE A 652 -45.09 40.98 3.65
N TYR A 653 -44.44 42.03 4.15
CA TYR A 653 -43.81 42.96 3.22
C TYR A 653 -42.55 42.37 2.60
N ARG A 654 -41.81 41.55 3.34
CA ARG A 654 -40.68 40.85 2.72
C ARG A 654 -41.16 39.94 1.61
N LEU A 655 -42.23 39.19 1.86
CA LEU A 655 -42.78 38.33 0.82
C LEU A 655 -43.28 39.14 -0.37
N ALA A 656 -43.88 40.30 -0.10
CA ALA A 656 -44.34 41.14 -1.18
C ALA A 656 -43.19 41.62 -2.04
N ASN A 657 -42.09 42.02 -1.42
CA ASN A 657 -40.93 42.45 -2.21
C ASN A 657 -40.35 41.30 -3.01
N GLU A 658 -40.32 40.10 -2.42
CA GLU A 658 -39.82 38.94 -3.15
C GLU A 658 -40.66 38.68 -4.40
N CYS A 659 -41.98 38.61 -4.24
CA CYS A 659 -42.83 38.36 -5.40
C CYS A 659 -42.85 39.56 -6.34
N ALA A 660 -42.41 40.72 -5.87
CA ALA A 660 -42.39 41.89 -6.74
C ALA A 660 -41.13 41.98 -7.58
N GLN A 661 -40.01 41.43 -7.11
CA GLN A 661 -38.78 41.52 -7.89
C GLN A 661 -38.18 40.19 -8.34
N VAL A 662 -38.84 39.06 -8.07
CA VAL A 662 -38.27 37.80 -8.53
C VAL A 662 -39.33 36.98 -9.28
N LEU A 663 -40.60 37.25 -9.03
CA LEU A 663 -41.67 36.42 -9.58
C LEU A 663 -42.35 37.05 -10.79
N SER A 664 -42.86 38.27 -10.67
CA SER A 664 -43.59 38.89 -11.77
C SER A 664 -43.04 40.29 -12.04
N GLU A 665 -41.72 40.39 -12.11
CA GLU A 665 -41.05 41.66 -12.29
C GLU A 665 -40.98 41.99 -13.78
N MET A 666 -40.22 43.01 -14.14
CA MET A 666 -40.02 43.40 -15.53
C MET A 666 -38.61 43.01 -15.94
N VAL A 667 -38.46 42.44 -17.12
CA VAL A 667 -37.17 42.03 -17.65
C VAL A 667 -36.85 42.88 -18.87
N MET A 668 -35.60 43.31 -18.98
CA MET A 668 -35.14 44.07 -20.13
C MET A 668 -34.42 43.10 -21.06
N CYS A 669 -35.04 42.80 -22.18
CA CYS A 669 -34.49 41.89 -23.18
C CYS A 669 -34.28 42.67 -24.48
N GLY A 670 -33.03 42.92 -24.83
CA GLY A 670 -32.74 43.65 -26.06
C GLY A 670 -33.23 45.08 -26.05
N GLY A 671 -32.98 45.80 -24.96
CA GLY A 671 -33.36 47.20 -24.89
C GLY A 671 -34.84 47.45 -24.91
N SER A 672 -35.62 46.58 -24.28
CA SER A 672 -37.05 46.78 -24.17
C SER A 672 -37.53 46.06 -22.91
N LEU A 673 -38.65 46.53 -22.37
CA LEU A 673 -39.18 46.02 -21.11
C LEU A 673 -40.36 45.11 -21.38
N TYR A 674 -40.29 43.89 -20.85
CA TYR A 674 -41.38 42.93 -20.95
C TYR A 674 -41.75 42.46 -19.54
N VAL A 675 -42.99 42.02 -19.39
CA VAL A 675 -43.49 41.57 -18.10
C VAL A 675 -43.38 40.06 -18.03
N LYS A 676 -42.77 39.57 -16.96
CA LYS A 676 -42.57 38.14 -16.80
C LYS A 676 -43.85 37.52 -16.23
N PRO A 677 -44.55 36.67 -16.98
CA PRO A 677 -45.81 36.13 -16.46
C PRO A 677 -45.64 35.31 -15.20
N GLY A 678 -44.49 34.68 -15.02
CA GLY A 678 -44.28 33.86 -13.84
C GLY A 678 -42.95 33.13 -13.88
N GLY A 679 -42.97 31.85 -13.53
CA GLY A 679 -41.73 31.11 -13.53
C GLY A 679 -40.81 31.60 -12.42
N THR A 680 -39.53 31.29 -12.58
CA THR A 680 -38.53 31.67 -11.59
C THR A 680 -37.34 32.27 -12.31
N SER A 681 -36.60 33.13 -11.60
CA SER A 681 -35.49 33.87 -12.19
C SER A 681 -34.18 33.29 -11.65
N SER A 682 -33.60 32.37 -12.41
CA SER A 682 -32.30 31.81 -12.06
C SER A 682 -31.25 32.91 -12.12
N GLY A 683 -30.75 33.30 -10.95
CA GLY A 683 -29.84 34.43 -10.86
C GLY A 683 -30.10 35.21 -9.58
N ASP A 684 -31.14 34.81 -8.86
CA ASP A 684 -31.38 35.32 -7.53
C ASP A 684 -30.46 34.60 -6.55
N ALA A 685 -30.55 34.95 -5.26
CA ALA A 685 -29.74 34.28 -4.27
C ALA A 685 -30.35 32.97 -3.78
N THR A 686 -31.62 32.72 -4.09
CA THR A 686 -32.34 31.58 -3.52
C THR A 686 -33.09 30.80 -4.59
N THR A 687 -32.40 30.42 -5.66
CA THR A 687 -33.07 29.64 -6.69
C THR A 687 -32.94 28.14 -6.41
N ALA A 688 -31.73 27.69 -6.09
CA ALA A 688 -31.52 26.26 -5.88
C ALA A 688 -32.35 25.75 -4.70
N TYR A 689 -32.37 26.49 -3.61
CA TYR A 689 -33.09 26.02 -2.43
C TYR A 689 -34.60 26.09 -2.65
N ALA A 690 -35.08 27.11 -3.35
CA ALA A 690 -36.49 27.16 -3.69
C ALA A 690 -36.87 25.98 -4.56
N ASN A 691 -36.02 25.60 -5.51
CA ASN A 691 -36.31 24.43 -6.34
C ASN A 691 -36.28 23.16 -5.51
N SER A 692 -35.41 23.09 -4.50
CA SER A 692 -35.42 21.94 -3.61
C SER A 692 -36.76 21.83 -2.88
N VAL A 693 -37.26 22.96 -2.38
CA VAL A 693 -38.57 22.97 -1.71
C VAL A 693 -39.65 22.52 -2.68
N PHE A 694 -39.61 23.03 -3.91
CA PHE A 694 -40.56 22.61 -4.92
C PHE A 694 -40.53 21.11 -5.16
N ASN A 695 -39.33 20.54 -5.28
CA ASN A 695 -39.20 19.11 -5.53
C ASN A 695 -39.77 18.31 -4.37
N ILE A 696 -39.46 18.70 -3.14
CA ILE A 696 -39.98 18.00 -1.97
C ILE A 696 -41.50 18.04 -1.96
N CYS A 697 -42.06 19.23 -2.25
CA CYS A 697 -43.51 19.38 -2.26
C CYS A 697 -44.15 18.47 -3.30
N GLN A 698 -43.59 18.44 -4.51
CA GLN A 698 -44.17 17.59 -5.54
C GLN A 698 -44.10 16.12 -5.15
N ALA A 699 -42.99 15.70 -4.56
CA ALA A 699 -42.89 14.30 -4.14
C ALA A 699 -43.94 13.96 -3.09
N VAL A 700 -44.08 14.80 -2.07
CA VAL A 700 -45.02 14.48 -1.00
C VAL A 700 -46.46 14.50 -1.51
N THR A 701 -46.82 15.48 -2.33
CA THR A 701 -48.18 15.51 -2.83
C THR A 701 -48.45 14.33 -3.76
N ALA A 702 -47.42 13.88 -4.49
CA ALA A 702 -47.59 12.66 -5.29
C ALA A 702 -47.87 11.47 -4.39
N ASN A 703 -47.15 11.36 -3.28
CA ASN A 703 -47.38 10.26 -2.34
C ASN A 703 -48.81 10.30 -1.80
N VAL A 704 -49.28 11.47 -1.38
CA VAL A 704 -50.62 11.57 -0.81
C VAL A 704 -51.67 11.22 -1.87
N ASN A 705 -51.52 11.77 -3.07
CA ASN A 705 -52.47 11.49 -4.13
C ASN A 705 -52.49 10.01 -4.47
N ALA A 706 -51.33 9.36 -4.46
CA ALA A 706 -51.29 7.93 -4.68
C ALA A 706 -52.04 7.17 -3.59
N LEU A 707 -51.79 7.51 -2.33
CA LEU A 707 -52.35 6.73 -1.25
C LEU A 707 -53.87 6.90 -1.13
N LEU A 708 -54.39 8.08 -1.46
CA LEU A 708 -55.84 8.27 -1.38
C LEU A 708 -56.56 7.84 -2.65
N SER A 709 -55.83 7.45 -3.69
CA SER A 709 -56.44 6.89 -4.88
C SER A 709 -56.66 5.38 -4.76
N THR A 710 -56.14 4.75 -3.71
CA THR A 710 -56.26 3.32 -3.52
C THR A 710 -57.69 2.95 -3.11
N ASP A 711 -58.07 1.70 -3.38
CA ASP A 711 -59.41 1.22 -3.04
C ASP A 711 -59.69 1.38 -1.55
N GLY A 712 -58.81 0.88 -0.71
CA GLY A 712 -59.01 1.00 0.73
C GLY A 712 -59.72 -0.19 1.33
N ASN A 713 -60.36 -1.01 0.50
CA ASN A 713 -60.93 -2.25 1.01
C ASN A 713 -59.98 -3.42 0.79
N LYS A 714 -59.26 -3.43 -0.33
CA LYS A 714 -58.28 -4.49 -0.59
C LYS A 714 -57.03 -4.36 0.26
N ILE A 715 -56.82 -3.20 0.87
CA ILE A 715 -55.62 -2.93 1.65
C ILE A 715 -55.60 -3.83 2.87
N ALA A 716 -54.44 -4.41 3.17
CA ALA A 716 -54.34 -5.50 4.14
C ALA A 716 -53.90 -5.04 5.53
N ASP A 717 -53.09 -4.00 5.64
CA ASP A 717 -52.50 -3.61 6.91
C ASP A 717 -53.46 -2.66 7.62
N LYS A 718 -53.83 -3.02 8.86
CA LYS A 718 -54.75 -2.19 9.63
C LYS A 718 -54.15 -0.84 9.94
N TYR A 719 -52.86 -0.80 10.30
CA TYR A 719 -52.19 0.47 10.55
C TYR A 719 -52.28 1.40 9.35
N VAL A 720 -52.00 0.89 8.17
CA VAL A 720 -52.02 1.72 6.97
C VAL A 720 -53.45 2.16 6.65
N ARG A 721 -54.43 1.30 6.90
CA ARG A 721 -55.82 1.69 6.66
C ARG A 721 -56.25 2.80 7.61
N ASN A 722 -55.88 2.71 8.88
CA ASN A 722 -56.16 3.80 9.82
C ASN A 722 -55.45 5.07 9.38
N LEU A 723 -54.22 4.92 8.89
CA LEU A 723 -53.48 6.06 8.37
C LEU A 723 -54.25 6.72 7.23
N GLN A 724 -54.80 5.92 6.31
CA GLN A 724 -55.57 6.47 5.21
C GLN A 724 -56.80 7.22 5.69
N HIS A 725 -57.57 6.60 6.60
CA HIS A 725 -58.77 7.27 7.09
C HIS A 725 -58.44 8.56 7.79
N ARG A 726 -57.44 8.55 8.69
N ARG A 726 -57.43 8.54 8.67
CA ARG A 726 -57.09 9.78 9.38
CA ARG A 726 -57.02 9.73 9.40
C ARG A 726 -56.50 10.83 8.44
C ARG A 726 -56.51 10.80 8.45
N LEU A 727 -55.81 10.41 7.39
CA LEU A 727 -55.30 11.39 6.42
C LEU A 727 -56.44 12.08 5.72
N TYR A 728 -57.46 11.31 5.31
CA TYR A 728 -58.62 11.95 4.69
C TYR A 728 -59.29 12.93 5.66
N GLU A 729 -59.46 12.50 6.91
CA GLU A 729 -60.09 13.38 7.88
C GLU A 729 -59.29 14.66 8.09
N CYS A 730 -57.95 14.53 8.20
CA CYS A 730 -57.10 15.68 8.38
C CYS A 730 -57.07 16.61 7.17
N LEU A 731 -57.20 16.08 5.95
CA LEU A 731 -57.27 16.93 4.76
C LEU A 731 -58.60 17.64 4.64
N TYR A 732 -59.70 16.91 4.47
CA TYR A 732 -60.97 17.52 4.10
C TYR A 732 -61.93 17.65 5.27
N ARG A 733 -61.49 17.45 6.51
CA ARG A 733 -62.41 17.60 7.63
C ARG A 733 -61.78 18.30 8.84
N ASN A 734 -60.59 18.86 8.72
CA ASN A 734 -59.92 19.52 9.84
C ASN A 734 -59.47 20.90 9.42
N ARG A 735 -59.97 21.92 10.12
CA ARG A 735 -59.62 23.30 9.81
C ARG A 735 -58.31 23.74 10.43
N ASP A 736 -57.77 22.97 11.37
CA ASP A 736 -56.53 23.32 12.04
C ASP A 736 -55.44 22.30 11.74
N VAL A 737 -54.21 22.60 12.17
CA VAL A 737 -53.10 21.69 11.96
C VAL A 737 -53.08 20.65 13.08
N ASP A 738 -52.71 19.42 12.73
CA ASP A 738 -52.54 18.34 13.69
C ASP A 738 -51.06 17.94 13.71
N THR A 739 -50.36 18.33 14.78
CA THR A 739 -48.94 18.01 14.89
C THR A 739 -48.71 16.51 14.98
N ASP A 740 -49.55 15.80 15.74
CA ASP A 740 -49.35 14.37 15.94
C ASP A 740 -49.38 13.63 14.61
N PHE A 741 -50.42 13.85 13.81
CA PHE A 741 -50.56 13.08 12.59
C PHE A 741 -49.50 13.46 11.56
N VAL A 742 -49.11 14.74 11.49
CA VAL A 742 -48.07 15.10 10.53
C VAL A 742 -46.75 14.51 10.94
N ASN A 743 -46.46 14.45 12.24
CA ASN A 743 -45.26 13.76 12.69
C ASN A 743 -45.29 12.28 12.30
N GLU A 744 -46.44 11.62 12.52
CA GLU A 744 -46.53 10.21 12.19
C GLU A 744 -46.37 9.98 10.69
N PHE A 745 -46.99 10.84 9.88
CA PHE A 745 -46.92 10.69 8.43
C PHE A 745 -45.52 10.96 7.91
N TYR A 746 -44.85 11.96 8.49
CA TYR A 746 -43.44 12.20 8.16
C TYR A 746 -42.60 10.99 8.49
N ALA A 747 -42.82 10.39 9.66
CA ALA A 747 -42.10 9.17 10.01
C ALA A 747 -42.38 8.06 9.01
N TYR A 748 -43.64 7.96 8.57
CA TYR A 748 -44.01 6.93 7.60
C TYR A 748 -43.23 7.08 6.30
N LEU A 749 -43.24 8.28 5.73
CA LEU A 749 -42.49 8.48 4.48
C LEU A 749 -40.99 8.29 4.70
N ARG A 750 -40.45 8.82 5.78
CA ARG A 750 -39.02 8.66 6.03
C ARG A 750 -38.64 7.18 6.15
N LYS A 751 -39.55 6.37 6.69
CA LYS A 751 -39.31 4.93 6.76
C LYS A 751 -39.38 4.27 5.40
N HIS A 752 -40.39 4.62 4.60
CA HIS A 752 -40.70 3.85 3.40
C HIS A 752 -40.40 4.56 2.09
N PHE A 753 -40.05 5.84 2.13
CA PHE A 753 -39.94 6.62 0.88
C PHE A 753 -38.84 7.65 1.12
N SER A 754 -37.60 7.30 0.77
CA SER A 754 -36.43 8.07 1.18
C SER A 754 -35.91 8.88 -0.01
N MET A 755 -35.83 10.19 0.16
CA MET A 755 -35.44 11.09 -0.92
C MET A 755 -34.07 11.71 -0.64
N MET A 756 -33.40 12.10 -1.72
CA MET A 756 -32.19 12.90 -1.65
C MET A 756 -32.23 13.89 -2.81
N ILE A 757 -32.15 15.18 -2.48
CA ILE A 757 -32.59 16.28 -3.34
C ILE A 757 -31.46 17.27 -3.54
N LEU A 758 -31.26 17.71 -4.77
CA LEU A 758 -30.33 18.80 -5.05
C LEU A 758 -30.93 19.63 -6.19
N SER A 759 -31.40 20.83 -5.85
CA SER A 759 -32.02 21.75 -6.80
C SER A 759 -33.23 21.03 -7.41
N ASP A 760 -33.31 20.90 -8.73
CA ASP A 760 -34.43 20.20 -9.35
C ASP A 760 -34.15 18.73 -9.62
N ASP A 761 -33.01 18.22 -9.18
CA ASP A 761 -32.64 16.83 -9.43
C ASP A 761 -32.86 16.03 -8.16
N ALA A 762 -33.28 14.77 -8.32
CA ALA A 762 -33.74 13.98 -7.19
C ALA A 762 -33.34 12.51 -7.39
N VAL A 763 -33.10 11.83 -6.28
CA VAL A 763 -32.88 10.38 -6.26
C VAL A 763 -33.63 9.81 -5.08
N VAL A 764 -34.50 8.83 -5.33
CA VAL A 764 -35.33 8.29 -4.27
C VAL A 764 -35.19 6.77 -4.20
N CYS A 765 -35.10 6.25 -2.98
CA CYS A 765 -35.14 4.82 -2.72
C CYS A 765 -36.49 4.49 -2.08
N PHE A 766 -37.18 3.50 -2.65
CA PHE A 766 -38.56 3.22 -2.26
C PHE A 766 -38.79 1.72 -2.10
N ASN A 767 -39.80 1.41 -1.29
CA ASN A 767 -40.22 0.04 -1.00
C ASN A 767 -41.03 -0.50 -2.17
N SER A 768 -40.64 -1.67 -2.69
CA SER A 768 -41.31 -2.23 -3.85
C SER A 768 -42.73 -2.66 -3.53
N THR A 769 -42.94 -3.34 -2.40
CA THR A 769 -44.24 -3.88 -2.07
C THR A 769 -45.28 -2.78 -1.93
N TYR A 770 -44.93 -1.71 -1.20
CA TYR A 770 -45.86 -0.62 -1.01
C TYR A 770 -46.20 0.06 -2.33
N ALA A 771 -45.21 0.20 -3.20
CA ALA A 771 -45.46 0.80 -4.52
C ALA A 771 -46.38 -0.08 -5.35
N SER A 772 -46.14 -1.40 -5.33
CA SER A 772 -46.97 -2.32 -6.10
C SER A 772 -48.42 -2.32 -5.60
N GLN A 773 -48.59 -2.24 -4.28
CA GLN A 773 -49.93 -2.21 -3.70
C GLN A 773 -50.55 -0.82 -3.71
N GLY A 774 -49.86 0.17 -4.26
CA GLY A 774 -50.39 1.52 -4.27
C GLY A 774 -50.30 2.25 -2.95
N LEU A 775 -49.42 1.81 -2.04
CA LEU A 775 -49.27 2.46 -0.76
C LEU A 775 -48.33 3.66 -0.82
N VAL A 776 -47.39 3.69 -1.77
CA VAL A 776 -46.53 4.84 -1.99
C VAL A 776 -46.55 5.17 -3.48
N ALA A 777 -46.13 6.38 -3.81
CA ALA A 777 -46.24 6.89 -5.17
C ALA A 777 -45.29 6.15 -6.10
N SER A 778 -45.78 5.80 -7.28
CA SER A 778 -44.97 5.23 -8.35
C SER A 778 -44.75 6.29 -9.41
N ILE A 779 -44.16 5.89 -10.54
CA ILE A 779 -43.96 6.82 -11.65
C ILE A 779 -45.28 7.34 -12.19
N LYS A 780 -46.33 6.53 -12.19
CA LYS A 780 -47.63 6.92 -12.72
C LYS A 780 -48.25 8.07 -11.92
N ASN A 781 -48.31 7.93 -10.60
CA ASN A 781 -48.90 8.97 -9.77
C ASN A 781 -48.13 10.28 -9.90
N PHE A 782 -46.80 10.21 -9.86
CA PHE A 782 -45.93 11.37 -10.03
C PHE A 782 -46.19 12.06 -11.36
N LYS A 783 -46.31 11.30 -12.44
CA LYS A 783 -46.66 11.87 -13.73
C LYS A 783 -48.02 12.55 -13.69
N SER A 784 -49.00 11.91 -13.06
CA SER A 784 -50.32 12.53 -12.95
C SER A 784 -50.25 13.84 -12.17
N VAL A 785 -49.48 13.87 -11.09
CA VAL A 785 -49.37 15.07 -10.27
C VAL A 785 -48.77 16.21 -11.08
N LEU A 786 -47.67 15.93 -11.79
CA LEU A 786 -47.14 16.98 -12.65
C LEU A 786 -48.15 17.42 -13.69
N TYR A 787 -48.93 16.49 -14.23
CA TYR A 787 -49.89 16.88 -15.25
C TYR A 787 -50.94 17.85 -14.70
N TYR A 788 -51.48 17.57 -13.51
CA TYR A 788 -52.57 18.44 -13.09
C TYR A 788 -52.12 19.60 -12.20
N GLN A 789 -50.83 19.69 -11.86
CA GLN A 789 -50.38 20.78 -11.01
C GLN A 789 -49.12 21.48 -11.52
N ASN A 790 -48.69 21.20 -12.75
CA ASN A 790 -47.55 21.91 -13.31
C ASN A 790 -47.74 22.24 -14.78
N ASN A 791 -48.90 21.92 -15.36
CA ASN A 791 -49.21 22.24 -16.76
C ASN A 791 -48.13 21.73 -17.71
N VAL A 792 -47.68 20.50 -17.50
CA VAL A 792 -46.66 19.91 -18.36
C VAL A 792 -46.72 18.40 -18.24
N PHE A 793 -46.47 17.71 -19.35
CA PHE A 793 -46.45 16.25 -19.41
C PHE A 793 -45.00 15.77 -19.46
N MET A 794 -44.64 14.89 -18.54
CA MET A 794 -43.30 14.30 -18.50
C MET A 794 -43.29 13.00 -19.32
N SER A 795 -42.20 12.79 -20.04
CA SER A 795 -42.04 11.57 -20.82
C SER A 795 -41.05 10.62 -20.14
N GLU A 796 -40.88 9.44 -20.74
CA GLU A 796 -40.00 8.44 -20.15
C GLU A 796 -38.53 8.80 -20.29
N ALA A 797 -38.16 9.59 -21.29
CA ALA A 797 -36.77 9.99 -21.44
C ALA A 797 -36.26 10.83 -20.28
N LYS A 798 -37.17 11.41 -19.49
CA LYS A 798 -36.78 12.23 -18.35
C LYS A 798 -36.88 11.50 -17.02
N CYS A 799 -37.29 10.23 -17.01
CA CYS A 799 -37.42 9.46 -15.79
C CYS A 799 -36.79 8.09 -15.97
N TRP A 800 -36.24 7.55 -14.87
CA TRP A 800 -35.59 6.26 -14.89
C TRP A 800 -35.91 5.51 -13.60
N THR A 801 -35.84 4.18 -13.70
CA THR A 801 -36.00 3.30 -12.56
C THR A 801 -34.82 2.36 -12.49
N GLU A 802 -34.63 1.74 -11.32
CA GLU A 802 -33.53 0.81 -11.15
C GLU A 802 -33.91 -0.21 -10.08
N THR A 803 -33.89 -1.49 -10.44
CA THR A 803 -34.23 -2.56 -9.52
C THR A 803 -33.03 -3.08 -8.75
N ASP A 804 -31.81 -2.79 -9.21
CA ASP A 804 -30.58 -3.22 -8.54
C ASP A 804 -29.96 -2.02 -7.85
N LEU A 805 -29.96 -2.02 -6.53
CA LEU A 805 -29.42 -0.91 -5.75
C LEU A 805 -27.90 -0.94 -5.66
N THR A 806 -27.27 -2.06 -6.00
CA THR A 806 -25.82 -2.15 -5.93
C THR A 806 -25.13 -1.49 -7.12
N LYS A 807 -25.87 -1.13 -8.16
CA LYS A 807 -25.33 -0.37 -9.28
C LYS A 807 -25.36 1.13 -9.03
N GLY A 808 -26.07 1.59 -8.01
CA GLY A 808 -26.25 3.00 -7.78
C GLY A 808 -27.29 3.60 -8.69
N PRO A 809 -27.59 4.88 -8.51
CA PRO A 809 -28.55 5.54 -9.39
C PRO A 809 -27.97 5.70 -10.79
N HIS A 810 -28.86 5.73 -11.79
CA HIS A 810 -28.41 5.84 -13.17
C HIS A 810 -27.71 7.17 -13.43
N GLU A 811 -28.27 8.27 -12.94
CA GLU A 811 -27.71 9.58 -13.22
C GLU A 811 -28.08 10.54 -12.10
N PHE A 812 -27.14 11.42 -11.75
CA PHE A 812 -27.37 12.49 -10.78
C PHE A 812 -26.37 13.59 -11.01
N CYS A 813 -26.88 14.80 -11.26
CA CYS A 813 -26.06 15.96 -11.62
C CYS A 813 -25.13 15.63 -12.79
N SER A 814 -25.66 14.87 -13.75
CA SER A 814 -24.90 14.36 -14.90
C SER A 814 -23.66 13.60 -14.46
N GLN A 815 -23.77 12.83 -13.37
CA GLN A 815 -22.70 11.98 -12.89
C GLN A 815 -23.22 10.56 -12.76
N HIS A 816 -22.56 9.63 -13.44
CA HIS A 816 -22.92 8.22 -13.34
C HIS A 816 -22.18 7.59 -12.16
N THR A 817 -22.68 6.45 -11.70
CA THR A 817 -22.12 5.78 -10.54
C THR A 817 -21.56 4.42 -10.92
N MET A 818 -20.36 4.13 -10.42
CA MET A 818 -19.84 2.76 -10.51
C MET A 818 -19.49 2.27 -9.12
N LEU A 819 -19.82 1.01 -8.82
CA LEU A 819 -19.42 0.40 -7.55
C LEU A 819 -18.09 -0.30 -7.79
N VAL A 820 -17.04 0.18 -7.14
CA VAL A 820 -15.71 -0.39 -7.33
C VAL A 820 -15.06 -0.68 -5.98
N LYS A 821 -13.81 -1.13 -6.02
CA LYS A 821 -13.09 -1.64 -4.87
C LYS A 821 -11.86 -0.78 -4.60
N GLN A 822 -11.66 -0.40 -3.34
CA GLN A 822 -10.44 0.33 -2.96
C GLN A 822 -10.20 0.09 -1.47
N GLY A 823 -8.98 -0.35 -1.14
CA GLY A 823 -8.56 -0.46 0.24
C GLY A 823 -9.39 -1.41 1.09
N ASP A 824 -9.63 -2.62 0.58
CA ASP A 824 -10.38 -3.65 1.29
C ASP A 824 -11.81 -3.20 1.56
N ASP A 825 -12.34 -2.33 0.71
CA ASP A 825 -13.68 -1.80 0.87
C ASP A 825 -14.25 -1.47 -0.50
N TYR A 826 -15.56 -1.66 -0.63
CA TYR A 826 -16.29 -1.34 -1.86
C TYR A 826 -17.00 0.00 -1.68
N VAL A 827 -16.75 0.93 -2.59
CA VAL A 827 -17.38 2.25 -2.55
C VAL A 827 -17.88 2.61 -3.94
N TYR A 828 -18.79 3.56 -3.99
CA TYR A 828 -19.32 4.06 -5.24
C TYR A 828 -18.56 5.31 -5.65
N LEU A 829 -18.09 5.34 -6.90
CA LEU A 829 -17.35 6.45 -7.45
C LEU A 829 -18.13 7.11 -8.58
N PRO A 830 -18.18 8.43 -8.60
CA PRO A 830 -18.81 9.15 -9.71
C PRO A 830 -17.92 9.19 -10.92
N TYR A 831 -18.47 8.90 -12.09
CA TYR A 831 -17.75 9.07 -13.34
C TYR A 831 -18.61 9.80 -14.34
N PRO A 832 -18.02 10.73 -15.09
CA PRO A 832 -18.81 11.55 -16.00
C PRO A 832 -18.95 10.92 -17.38
N ASP A 833 -19.67 11.58 -18.26
CA ASP A 833 -19.67 11.18 -19.66
C ASP A 833 -18.31 11.51 -20.27
N PRO A 834 -17.58 10.53 -20.79
CA PRO A 834 -16.30 10.85 -21.43
C PRO A 834 -16.45 11.78 -22.61
N SER A 835 -17.62 11.80 -23.26
CA SER A 835 -17.84 12.74 -24.35
C SER A 835 -17.76 14.18 -23.87
N ARG A 836 -18.32 14.47 -22.69
CA ARG A 836 -18.23 15.82 -22.13
C ARG A 836 -16.77 16.20 -21.87
N ILE A 837 -16.00 15.27 -21.29
CA ILE A 837 -14.62 15.55 -20.98
C ILE A 837 -13.82 15.79 -22.26
N LEU A 838 -14.04 14.95 -23.27
CA LEU A 838 -13.34 15.12 -24.53
C LEU A 838 -13.72 16.42 -25.22
N GLY A 839 -15.00 16.78 -25.16
CA GLY A 839 -15.42 18.05 -25.73
C GLY A 839 -14.78 19.23 -25.02
N ALA A 840 -14.64 19.15 -23.70
CA ALA A 840 -13.93 20.18 -22.96
C ALA A 840 -12.48 20.26 -23.39
N GLY A 841 -11.85 19.10 -23.62
CA GLY A 841 -10.47 19.12 -24.08
C GLY A 841 -10.31 19.70 -25.48
N CYS A 842 -11.20 19.34 -26.40
CA CYS A 842 -11.09 19.72 -27.79
C CYS A 842 -11.43 21.19 -28.02
N PHE A 843 -12.37 21.73 -27.26
CA PHE A 843 -12.88 23.07 -27.47
C PHE A 843 -12.81 23.87 -26.17
N VAL A 844 -12.65 25.18 -26.29
CA VAL A 844 -12.44 26.05 -25.15
C VAL A 844 -13.28 27.31 -25.31
N ASP A 845 -13.11 28.23 -24.35
CA ASP A 845 -13.90 29.46 -24.33
C ASP A 845 -13.16 30.60 -25.03
N ASP A 846 -11.94 30.89 -24.58
CA ASP A 846 -11.17 32.00 -25.12
C ASP A 846 -10.15 31.51 -26.15
N ILE A 847 -9.67 32.45 -26.97
CA ILE A 847 -8.62 32.14 -27.92
C ILE A 847 -7.30 31.82 -27.24
N VAL A 848 -6.96 32.54 -26.17
CA VAL A 848 -5.74 32.22 -25.42
C VAL A 848 -5.83 30.81 -24.85
N LYS A 849 -7.05 30.31 -24.64
CA LYS A 849 -7.24 28.97 -24.08
C LYS A 849 -6.89 27.87 -25.06
N THR A 850 -6.42 28.19 -26.27
CA THR A 850 -6.07 27.15 -27.23
C THR A 850 -4.69 26.58 -26.98
N ASP A 851 -3.90 27.22 -26.13
CA ASP A 851 -2.54 26.78 -25.82
C ASP A 851 -2.57 26.07 -24.47
N GLY A 852 -2.20 24.79 -24.47
CA GLY A 852 -2.18 24.03 -23.23
C GLY A 852 -1.03 24.42 -22.31
N THR A 853 0.07 24.92 -22.89
CA THR A 853 1.25 25.24 -22.08
C THR A 853 0.95 26.30 -21.03
N LEU A 854 0.33 27.41 -21.43
CA LEU A 854 0.07 28.53 -20.54
C LEU A 854 -0.84 28.15 -19.40
N MET A 855 -1.61 27.06 -19.54
CA MET A 855 -2.64 26.69 -18.57
C MET A 855 -2.69 25.15 -18.47
N ILE A 856 -1.94 24.62 -17.51
CA ILE A 856 -1.89 23.18 -17.29
C ILE A 856 -2.95 22.74 -16.27
N GLU A 857 -3.22 23.59 -15.28
CA GLU A 857 -4.16 23.25 -14.21
C GLU A 857 -5.54 22.90 -14.76
N ARG A 858 -5.91 23.45 -15.92
CA ARG A 858 -7.16 23.07 -16.57
C ARG A 858 -7.18 21.58 -16.86
N PHE A 859 -6.09 21.07 -17.42
CA PHE A 859 -5.98 19.65 -17.65
C PHE A 859 -5.86 18.88 -16.34
N VAL A 860 -5.26 19.50 -15.32
CA VAL A 860 -5.16 18.83 -14.03
C VAL A 860 -6.55 18.56 -13.45
N SER A 861 -7.38 19.61 -13.36
CA SER A 861 -8.72 19.43 -12.80
C SER A 861 -9.54 18.47 -13.66
N LEU A 862 -9.42 18.57 -14.98
CA LEU A 862 -10.04 17.59 -15.86
C LEU A 862 -9.59 16.18 -15.51
N ALA A 863 -8.32 16.02 -15.14
CA ALA A 863 -7.82 14.71 -14.81
C ALA A 863 -8.41 14.19 -13.51
N ILE A 864 -8.54 15.05 -12.49
CA ILE A 864 -9.25 14.61 -11.28
C ILE A 864 -10.67 14.20 -11.62
N ASP A 865 -11.34 14.99 -12.46
CA ASP A 865 -12.75 14.71 -12.76
C ASP A 865 -12.92 13.44 -13.57
N ALA A 866 -11.94 13.10 -14.42
CA ALA A 866 -12.02 11.91 -15.26
C ALA A 866 -11.25 10.72 -14.71
N TYR A 867 -10.63 10.86 -13.53
CA TYR A 867 -9.89 9.74 -12.94
C TYR A 867 -10.75 8.51 -12.68
N PRO A 868 -11.95 8.60 -12.09
CA PRO A 868 -12.71 7.38 -11.82
C PRO A 868 -13.08 6.59 -13.07
N LEU A 869 -12.85 7.14 -14.27
CA LEU A 869 -13.02 6.36 -15.49
C LEU A 869 -12.05 5.18 -15.57
N THR A 870 -10.99 5.18 -14.77
CA THR A 870 -10.01 4.11 -14.81
C THR A 870 -10.62 2.76 -14.47
N LYS A 871 -11.48 2.72 -13.45
CA LYS A 871 -12.05 1.47 -12.96
C LYS A 871 -13.15 0.92 -13.86
N HIS A 872 -13.56 1.66 -14.88
CA HIS A 872 -14.67 1.20 -15.71
C HIS A 872 -14.21 0.00 -16.55
N PRO A 873 -15.06 -1.04 -16.66
CA PRO A 873 -14.65 -2.22 -17.45
C PRO A 873 -14.28 -1.93 -18.89
N ASN A 874 -14.98 -1.02 -19.56
CA ASN A 874 -14.64 -0.67 -20.94
C ASN A 874 -13.27 -0.01 -20.97
N GLN A 875 -12.52 -0.27 -22.05
CA GLN A 875 -11.14 0.21 -22.10
C GLN A 875 -11.07 1.70 -22.44
N GLU A 876 -11.97 2.19 -23.29
CA GLU A 876 -11.81 3.55 -23.82
C GLU A 876 -12.02 4.61 -22.74
N TYR A 877 -12.87 4.34 -21.75
CA TYR A 877 -13.11 5.34 -20.72
C TYR A 877 -11.85 5.57 -19.87
N ALA A 878 -11.16 4.50 -19.51
CA ALA A 878 -9.88 4.65 -18.84
C ALA A 878 -8.82 5.20 -19.79
N ASP A 879 -8.95 4.87 -21.09
CA ASP A 879 -8.02 5.38 -22.08
C ASP A 879 -8.08 6.89 -22.18
N VAL A 880 -9.26 7.48 -21.96
CA VAL A 880 -9.36 8.94 -21.94
C VAL A 880 -8.51 9.52 -20.80
N PHE A 881 -8.59 8.90 -19.63
CA PHE A 881 -7.79 9.36 -18.49
C PHE A 881 -6.30 9.20 -18.76
N HIS A 882 -5.90 8.08 -19.37
CA HIS A 882 -4.49 7.89 -19.70
C HIS A 882 -4.04 8.91 -20.75
N LEU A 883 -4.89 9.20 -21.74
CA LEU A 883 -4.63 10.27 -22.69
C LEU A 883 -4.35 11.57 -21.97
N TYR A 884 -5.21 11.92 -21.00
CA TYR A 884 -5.04 13.20 -20.32
C TYR A 884 -3.75 13.21 -19.51
N LEU A 885 -3.43 12.12 -18.83
CA LEU A 885 -2.17 12.07 -18.10
C LEU A 885 -0.98 12.29 -19.03
N GLN A 886 -0.95 11.55 -20.14
CA GLN A 886 0.13 11.67 -21.09
C GLN A 886 0.21 13.08 -21.66
N TYR A 887 -0.93 13.72 -21.91
CA TYR A 887 -0.91 15.01 -22.58
C TYR A 887 -0.54 16.12 -21.59
N ILE A 888 -0.90 15.94 -20.31
CA ILE A 888 -0.37 16.82 -19.27
C ILE A 888 1.15 16.72 -19.22
N ARG A 889 1.68 15.50 -19.27
CA ARG A 889 3.13 15.33 -19.27
C ARG A 889 3.74 16.00 -20.50
N LYS A 890 3.09 15.84 -21.65
CA LYS A 890 3.57 16.43 -22.90
C LYS A 890 3.62 17.94 -22.82
N LEU A 891 2.57 18.57 -22.30
CA LEU A 891 2.54 20.03 -22.18
C LEU A 891 3.53 20.54 -21.14
N HIS A 892 3.73 19.78 -20.05
CA HIS A 892 4.77 20.18 -19.11
C HIS A 892 6.14 20.16 -19.77
N ASP A 893 6.41 19.11 -20.56
CA ASP A 893 7.67 19.04 -21.29
C ASP A 893 7.80 20.19 -22.27
N GLU A 894 6.72 20.50 -22.99
CA GLU A 894 6.76 21.59 -23.95
C GLU A 894 7.03 22.92 -23.25
N LEU A 895 6.36 23.17 -22.13
CA LEU A 895 6.57 24.41 -21.39
C LEU A 895 8.01 24.51 -20.93
N THR A 896 8.56 23.42 -20.38
CA THR A 896 9.95 23.43 -19.96
C THR A 896 10.88 23.71 -21.14
N GLY A 897 10.63 23.07 -22.27
CA GLY A 897 11.47 23.29 -23.43
C GLY A 897 11.44 24.72 -23.92
N HIS A 898 10.23 25.28 -24.09
CA HIS A 898 10.14 26.66 -24.54
C HIS A 898 10.79 27.62 -23.56
N MET A 899 10.55 27.45 -22.26
CA MET A 899 11.10 28.41 -21.31
C MET A 899 12.62 28.30 -21.26
N LEU A 900 13.16 27.07 -21.28
CA LEU A 900 14.61 26.91 -21.23
C LEU A 900 15.28 27.43 -22.49
N ASP A 901 14.70 27.15 -23.66
CA ASP A 901 15.26 27.68 -24.90
C ASP A 901 15.16 29.19 -24.96
N MET A 902 14.03 29.74 -24.50
CA MET A 902 13.74 31.16 -24.57
C MET A 902 14.35 31.91 -23.39
N TYR A 903 14.46 31.25 -22.21
CA TYR A 903 15.16 31.79 -21.03
C TYR A 903 16.06 30.71 -20.44
N SER A 904 17.38 30.91 -20.54
CA SER A 904 18.28 29.82 -20.16
C SER A 904 18.35 29.62 -18.65
N VAL A 905 17.20 29.37 -18.03
CA VAL A 905 17.12 29.04 -16.60
C VAL A 905 16.13 27.89 -16.46
N MET A 906 16.26 27.09 -15.40
CA MET A 906 15.38 25.95 -15.19
C MET A 906 14.58 26.14 -13.91
N LEU A 907 13.27 25.82 -13.97
CA LEU A 907 12.42 25.83 -12.79
C LEU A 907 11.43 24.67 -12.78
N THR A 908 11.78 23.55 -13.42
CA THR A 908 10.79 22.48 -13.59
C THR A 908 10.40 21.84 -12.26
N ASN A 909 11.25 21.99 -11.24
CA ASN A 909 10.96 21.53 -9.88
C ASN A 909 10.69 20.04 -9.81
N ASP A 910 10.13 19.59 -8.68
CA ASP A 910 9.81 18.19 -8.46
C ASP A 910 8.33 17.94 -8.20
N ASN A 911 7.59 18.95 -7.71
CA ASN A 911 6.16 18.76 -7.47
C ASN A 911 5.36 18.60 -8.75
N THR A 912 5.84 19.17 -9.86
CA THR A 912 5.11 19.07 -11.12
C THR A 912 4.98 17.63 -11.60
N SER A 913 5.98 16.78 -11.31
CA SER A 913 5.93 15.40 -11.76
C SER A 913 4.71 14.66 -11.24
N ARG A 914 4.18 15.09 -10.09
CA ARG A 914 3.01 14.44 -9.52
C ARG A 914 1.76 14.68 -10.34
N TYR A 915 1.74 15.67 -11.22
CA TYR A 915 0.53 15.97 -11.99
C TYR A 915 0.22 14.88 -13.01
N TRP A 916 1.21 14.10 -13.44
CA TRP A 916 0.98 12.97 -14.32
C TRP A 916 1.12 11.63 -13.61
N GLU A 917 0.86 11.60 -12.30
CA GLU A 917 0.89 10.38 -11.52
C GLU A 917 -0.47 10.15 -10.89
N PRO A 918 -0.97 8.91 -10.91
CA PRO A 918 -2.36 8.66 -10.51
C PRO A 918 -2.64 8.74 -9.02
N GLU A 919 -1.61 8.68 -8.16
CA GLU A 919 -1.85 8.72 -6.72
C GLU A 919 -2.48 10.04 -6.30
N PHE A 920 -2.04 11.14 -6.93
CA PHE A 920 -2.64 12.44 -6.68
C PHE A 920 -4.15 12.41 -6.93
N TYR A 921 -4.58 11.60 -7.88
CA TYR A 921 -6.00 11.47 -8.19
C TYR A 921 -6.67 10.38 -7.37
N GLU A 922 -5.90 9.41 -6.87
CA GLU A 922 -6.49 8.39 -6.01
C GLU A 922 -6.83 8.96 -4.64
N ALA A 923 -5.96 9.82 -4.10
CA ALA A 923 -6.20 10.43 -2.80
C ALA A 923 -7.38 11.40 -2.83
N MET A 924 -7.73 11.92 -4.00
CA MET A 924 -8.81 12.91 -4.07
C MET A 924 -10.16 12.30 -3.74
N TYR A 925 -10.37 11.05 -4.11
CA TYR A 925 -11.65 10.37 -3.93
C TYR A 925 -11.62 9.42 -2.74
N THR A 926 -10.52 9.39 -1.99
CA THR A 926 -10.35 8.45 -0.90
C THR A 926 -10.76 9.09 0.42
N PRO A 927 -11.64 8.45 1.23
CA PRO A 927 -12.23 9.15 2.38
C PRO A 927 -11.31 9.37 3.57
N HIS A 928 -10.45 10.38 3.49
CA HIS A 928 -9.82 10.88 4.71
C HIS A 928 -9.81 12.40 4.82
N THR A 929 -10.47 13.13 3.93
CA THR A 929 -10.50 14.60 4.00
C THR A 929 -11.82 15.16 3.46
N PHE B 6 18.32 51.58 10.74
CA PHE B 6 18.40 51.59 12.20
C PHE B 6 19.80 51.94 12.66
N SER B 7 20.21 53.19 12.40
CA SER B 7 21.54 53.65 12.79
C SER B 7 21.46 54.99 13.51
N SER B 8 20.35 55.69 13.37
CA SER B 8 20.19 57.01 13.97
C SER B 8 19.52 56.90 15.33
N LEU B 9 19.35 55.69 15.82
CA LEU B 9 18.78 55.42 17.12
C LEU B 9 19.75 55.85 18.22
N PRO B 10 19.24 56.29 19.37
CA PRO B 10 20.14 56.76 20.44
C PRO B 10 21.09 55.70 20.96
N SER B 11 20.82 54.42 20.72
CA SER B 11 21.68 53.36 21.25
C SER B 11 22.85 53.03 20.33
N TYR B 12 22.85 53.56 19.10
CA TYR B 12 23.98 53.30 18.21
C TYR B 12 25.27 53.81 18.85
N ALA B 13 25.17 54.89 19.63
CA ALA B 13 26.29 55.34 20.44
C ALA B 13 26.66 54.29 21.50
N ALA B 14 25.66 53.58 22.04
CA ALA B 14 25.96 52.55 23.03
C ALA B 14 26.79 51.44 22.42
N PHE B 15 26.41 50.94 21.24
CA PHE B 15 27.30 50.02 20.54
C PHE B 15 28.65 50.65 20.20
N ALA B 16 28.66 51.89 19.74
CA ALA B 16 29.93 52.50 19.39
C ALA B 16 30.91 52.45 20.56
N THR B 17 30.47 52.94 21.72
CA THR B 17 31.36 52.96 22.89
C THR B 17 31.65 51.55 23.39
N ALA B 18 30.65 50.67 23.42
CA ALA B 18 30.86 49.33 23.96
C ALA B 18 31.86 48.55 23.13
N GLN B 19 31.65 48.50 21.81
CA GLN B 19 32.54 47.77 20.93
C GLN B 19 33.92 48.42 20.85
N GLU B 20 33.99 49.76 20.85
CA GLU B 20 35.29 50.42 20.82
C GLU B 20 36.10 50.04 22.05
N ALA B 21 35.51 50.17 23.24
CA ALA B 21 36.23 49.82 24.46
C ALA B 21 36.55 48.34 24.50
N TYR B 22 35.62 47.49 24.05
CA TYR B 22 35.83 46.05 24.07
C TYR B 22 37.04 45.67 23.21
N GLU B 23 37.07 46.13 21.96
CA GLU B 23 38.19 45.79 21.09
C GLU B 23 39.48 46.45 21.54
N GLN B 24 39.41 47.67 22.09
CA GLN B 24 40.61 48.33 22.58
C GLN B 24 41.26 47.53 23.71
N ALA B 25 40.47 47.09 24.69
CA ALA B 25 41.04 46.33 25.79
C ALA B 25 41.30 44.87 25.41
N VAL B 26 40.67 44.37 24.35
CA VAL B 26 41.00 43.04 23.87
C VAL B 26 42.36 43.04 23.20
N ALA B 27 42.62 44.05 22.36
CA ALA B 27 43.96 44.21 21.80
C ALA B 27 44.98 44.54 22.89
N ASN B 28 44.56 45.27 23.93
CA ASN B 28 45.42 45.48 25.08
C ASN B 28 45.71 44.16 25.79
N GLY B 29 44.69 43.31 25.91
CA GLY B 29 44.85 41.99 26.51
C GLY B 29 45.30 42.03 27.96
N ASP B 30 44.61 42.81 28.80
CA ASP B 30 45.02 42.97 30.19
C ASP B 30 44.86 41.69 30.99
N SER B 31 43.63 41.20 31.12
CA SER B 31 43.33 40.00 31.89
C SER B 31 41.86 39.67 31.71
N GLU B 32 41.49 38.45 32.06
CA GLU B 32 40.09 38.04 32.03
C GLU B 32 39.31 38.65 33.18
N VAL B 33 39.97 38.86 34.33
CA VAL B 33 39.28 39.40 35.50
C VAL B 33 38.74 40.80 35.20
N VAL B 34 39.49 41.58 34.43
CA VAL B 34 39.03 42.91 34.03
C VAL B 34 38.20 42.86 32.75
N LEU B 35 38.34 41.82 31.93
CA LEU B 35 37.57 41.67 30.71
C LEU B 35 36.18 41.09 30.95
N LYS B 36 35.91 40.58 32.15
CA LYS B 36 34.57 40.06 32.45
C LYS B 36 33.53 41.16 32.39
N LYS B 37 33.80 42.28 33.07
CA LYS B 37 32.88 43.41 33.03
C LYS B 37 32.77 43.96 31.61
N LEU B 38 33.88 43.95 30.86
CA LEU B 38 33.85 44.40 29.48
C LEU B 38 32.95 43.53 28.62
N LYS B 39 33.05 42.21 28.74
CA LYS B 39 32.26 41.28 27.95
C LYS B 39 30.81 41.21 28.42
N LYS B 40 30.54 41.67 29.64
CA LYS B 40 29.16 41.80 30.11
C LYS B 40 28.50 43.11 29.69
N SER B 41 29.27 44.19 29.61
CA SER B 41 28.71 45.46 29.16
C SER B 41 28.21 45.37 27.73
N LEU B 42 29.02 44.82 26.83
CA LEU B 42 28.56 44.61 25.45
C LEU B 42 27.46 43.55 25.39
N ASN B 43 27.46 42.62 26.34
CA ASN B 43 26.42 41.58 26.36
C ASN B 43 25.07 42.15 26.67
N VAL B 44 25.03 43.10 27.58
CA VAL B 44 23.75 43.77 27.84
C VAL B 44 23.47 44.86 26.83
N ALA B 45 24.49 45.43 26.20
CA ALA B 45 24.28 46.38 25.11
C ALA B 45 23.60 45.75 23.91
N LYS B 46 23.97 44.52 23.53
CA LYS B 46 23.34 43.85 22.41
C LYS B 46 21.91 43.43 22.72
N SER B 47 21.51 43.65 23.97
CA SER B 47 20.13 43.37 24.35
C SER B 47 19.40 44.70 24.32
N GLU B 48 20.06 45.77 24.73
CA GLU B 48 19.45 47.10 24.65
C GLU B 48 18.96 47.39 23.23
N PHE B 49 19.81 47.13 22.23
CA PHE B 49 19.37 47.22 20.84
C PHE B 49 18.21 46.31 20.57
N ASP B 50 18.26 45.09 21.10
CA ASP B 50 17.18 44.16 20.83
C ASP B 50 15.85 44.74 21.26
N ARG B 51 15.78 45.24 22.49
CA ARG B 51 14.55 45.88 22.97
C ARG B 51 14.17 47.07 22.08
N ASP B 52 15.03 48.10 22.03
CA ASP B 52 14.62 49.36 21.40
C ASP B 52 14.73 49.31 19.88
N ALA B 53 14.92 48.13 19.30
CA ALA B 53 14.91 47.98 17.85
C ALA B 53 13.75 47.08 17.44
N ALA B 54 13.46 46.04 18.24
CA ALA B 54 12.21 45.33 18.05
C ALA B 54 11.01 46.20 18.38
N MET B 55 11.22 47.27 19.15
CA MET B 55 10.17 48.25 19.36
C MET B 55 9.91 49.13 18.15
N GLN B 56 10.85 49.24 17.20
CA GLN B 56 10.68 50.13 16.06
C GLN B 56 10.41 49.37 14.76
N ARG B 57 11.22 48.37 14.42
CA ARG B 57 11.13 47.79 13.08
C ARG B 57 9.81 47.07 12.84
N LYS B 58 9.05 46.78 13.89
CA LYS B 58 7.72 46.23 13.73
C LYS B 58 6.66 47.32 13.60
N LEU B 59 7.03 48.59 13.70
CA LEU B 59 6.06 49.68 13.66
C LEU B 59 5.81 50.20 12.26
N GLU B 60 6.84 50.22 11.41
CA GLU B 60 6.64 50.70 10.04
C GLU B 60 5.70 49.81 9.24
N LYS B 61 5.62 48.52 9.58
CA LYS B 61 4.67 47.62 8.93
C LYS B 61 3.23 48.05 9.20
N MET B 62 2.89 48.25 10.47
CA MET B 62 1.53 48.66 10.80
C MET B 62 1.26 50.09 10.31
N ALA B 63 2.27 50.96 10.38
CA ALA B 63 2.09 52.30 9.84
C ALA B 63 1.86 52.27 8.34
N ASP B 64 2.62 51.45 7.61
CA ASP B 64 2.46 51.37 6.17
C ASP B 64 1.09 50.82 5.80
N GLN B 65 0.65 49.78 6.50
CA GLN B 65 -0.66 49.20 6.17
C GLN B 65 -1.79 50.15 6.53
N ALA B 66 -1.63 50.93 7.61
CA ALA B 66 -2.61 51.97 7.90
C ALA B 66 -2.66 53.01 6.80
N MET B 67 -1.48 53.44 6.32
CA MET B 67 -1.42 54.35 5.18
C MET B 67 -2.21 53.80 4.00
N THR B 68 -1.92 52.56 3.61
CA THR B 68 -2.61 51.97 2.48
C THR B 68 -4.11 51.90 2.72
N GLN B 69 -4.51 51.53 3.93
CA GLN B 69 -5.94 51.40 4.21
C GLN B 69 -6.64 52.73 4.06
N MET B 70 -6.16 53.78 4.73
CA MET B 70 -6.89 55.02 4.62
C MET B 70 -6.77 55.62 3.22
N TYR B 71 -5.73 55.27 2.47
CA TYR B 71 -5.69 55.66 1.07
C TYR B 71 -6.84 55.04 0.28
N LYS B 72 -7.02 53.72 0.40
CA LYS B 72 -8.07 53.10 -0.40
C LYS B 72 -9.44 53.51 0.10
N GLN B 73 -9.54 53.82 1.40
CA GLN B 73 -10.79 54.35 1.93
C GLN B 73 -11.12 55.71 1.33
N ALA B 74 -10.12 56.58 1.18
CA ALA B 74 -10.34 57.86 0.50
C ALA B 74 -10.76 57.64 -0.95
N ARG B 75 -10.10 56.71 -1.64
CA ARG B 75 -10.46 56.44 -3.03
C ARG B 75 -11.91 55.99 -3.14
N SER B 76 -12.33 55.06 -2.28
CA SER B 76 -13.70 54.58 -2.30
C SER B 76 -14.68 55.71 -2.00
N GLU B 77 -14.36 56.56 -1.02
CA GLU B 77 -15.22 57.69 -0.73
C GLU B 77 -15.36 58.64 -1.91
N ASP B 78 -14.28 58.87 -2.65
CA ASP B 78 -14.38 59.71 -3.85
C ASP B 78 -15.26 59.06 -4.92
N LYS B 79 -15.09 57.75 -5.14
CA LYS B 79 -15.97 57.05 -6.07
C LYS B 79 -17.43 57.17 -5.63
N ARG B 80 -17.67 57.23 -4.34
CA ARG B 80 -19.03 57.39 -3.83
C ARG B 80 -19.64 58.70 -4.32
N ALA B 81 -18.89 59.80 -4.20
CA ALA B 81 -19.38 61.07 -4.73
C ALA B 81 -19.57 61.03 -6.23
N LYS B 82 -18.64 60.36 -6.92
CA LYS B 82 -18.75 60.26 -8.38
C LYS B 82 -20.06 59.57 -8.79
N VAL B 83 -20.37 58.44 -8.17
CA VAL B 83 -21.60 57.74 -8.54
C VAL B 83 -22.82 58.52 -8.10
N THR B 84 -22.75 59.24 -6.98
CA THR B 84 -23.86 60.10 -6.60
C THR B 84 -24.17 61.11 -7.70
N SER B 85 -23.13 61.81 -8.17
CA SER B 85 -23.33 62.79 -9.23
C SER B 85 -23.88 62.14 -10.49
N ALA B 86 -23.33 60.99 -10.88
CA ALA B 86 -23.77 60.34 -12.11
C ALA B 86 -25.24 59.92 -12.02
N MET B 87 -25.63 59.34 -10.89
CA MET B 87 -27.01 58.91 -10.72
C MET B 87 -27.96 60.10 -10.76
N GLN B 88 -27.63 61.17 -10.04
CA GLN B 88 -28.52 62.32 -10.02
C GLN B 88 -28.64 62.95 -11.39
N THR B 89 -27.54 63.09 -12.12
CA THR B 89 -27.66 63.70 -13.45
C THR B 89 -28.40 62.79 -14.41
N MET B 90 -28.27 61.48 -14.27
CA MET B 90 -29.04 60.57 -15.12
C MET B 90 -30.53 60.73 -14.86
N LEU B 91 -30.93 60.79 -13.59
CA LEU B 91 -32.34 60.98 -13.28
C LEU B 91 -32.86 62.29 -13.84
N PHE B 92 -32.11 63.38 -13.65
CA PHE B 92 -32.59 64.68 -14.12
C PHE B 92 -32.57 64.79 -15.63
N THR B 93 -31.70 64.07 -16.33
CA THR B 93 -31.74 64.04 -17.79
C THR B 93 -32.88 63.20 -18.33
N MET B 94 -33.18 62.06 -17.70
CA MET B 94 -34.28 61.23 -18.14
C MET B 94 -35.64 61.82 -17.80
N LEU B 95 -35.73 62.65 -16.76
CA LEU B 95 -37.01 63.25 -16.43
C LEU B 95 -37.43 64.31 -17.46
N ARG B 96 -36.48 64.95 -18.12
CA ARG B 96 -36.77 66.06 -19.00
C ARG B 96 -37.52 65.62 -20.25
N LYS B 97 -37.53 64.31 -20.51
CA LYS B 97 -38.24 63.75 -21.66
C LYS B 97 -39.72 63.50 -21.37
N LEU B 98 -40.17 63.74 -20.14
CA LEU B 98 -41.47 63.28 -19.67
C LEU B 98 -42.64 63.81 -20.50
N ASP B 99 -42.45 64.92 -21.22
CA ASP B 99 -43.53 65.54 -21.98
C ASP B 99 -44.65 65.90 -21.00
N ASN B 100 -44.40 66.90 -20.16
CA ASN B 100 -45.06 67.05 -18.86
C ASN B 100 -46.47 67.62 -18.97
N ASP B 101 -47.10 67.52 -20.14
CA ASP B 101 -48.48 67.96 -20.28
C ASP B 101 -49.49 66.83 -20.39
N ALA B 102 -49.28 65.88 -21.32
CA ALA B 102 -50.25 64.82 -21.54
C ALA B 102 -50.38 63.89 -20.34
N LEU B 103 -49.32 63.73 -19.55
CA LEU B 103 -49.39 62.93 -18.34
C LEU B 103 -50.17 63.62 -17.24
N ASN B 104 -50.10 64.94 -17.15
CA ASN B 104 -50.84 65.69 -16.14
C ASN B 104 -52.34 65.54 -16.27
N ASN B 105 -52.88 65.59 -17.49
CA ASN B 105 -54.30 65.38 -17.69
C ASN B 105 -54.76 64.02 -17.16
N ILE B 106 -54.00 62.97 -17.44
CA ILE B 106 -54.37 61.64 -16.99
C ILE B 106 -54.25 61.52 -15.47
N ILE B 107 -53.16 62.02 -14.88
CA ILE B 107 -52.96 61.84 -13.45
C ILE B 107 -53.97 62.66 -12.66
N ASN B 108 -54.42 63.80 -13.21
CA ASN B 108 -55.46 64.55 -12.53
C ASN B 108 -56.80 63.83 -12.55
N ASN B 109 -56.97 62.85 -13.44
CA ASN B 109 -58.23 62.11 -13.50
C ASN B 109 -58.30 60.94 -12.53
N ALA B 110 -57.19 60.60 -11.89
CA ALA B 110 -57.21 59.51 -10.93
C ALA B 110 -57.89 59.94 -9.64
N ARG B 111 -58.61 59.00 -9.03
CA ARG B 111 -59.34 59.32 -7.80
C ARG B 111 -58.40 59.65 -6.67
N ASP B 112 -57.21 59.06 -6.66
CA ASP B 112 -56.21 59.33 -5.64
C ASP B 112 -54.87 59.73 -6.20
N GLY B 113 -54.72 59.84 -7.51
CA GLY B 113 -53.44 60.12 -8.14
C GLY B 113 -52.69 58.88 -8.59
N CYS B 114 -53.19 57.69 -8.25
CA CYS B 114 -52.50 56.45 -8.56
C CYS B 114 -53.06 55.86 -9.85
N VAL B 115 -52.18 55.63 -10.82
CA VAL B 115 -52.56 55.00 -12.08
C VAL B 115 -51.59 53.85 -12.36
N PRO B 116 -52.02 52.78 -13.02
CA PRO B 116 -51.09 51.70 -13.35
C PRO B 116 -50.04 52.15 -14.34
N LEU B 117 -48.81 51.72 -14.11
CA LEU B 117 -47.69 52.20 -14.90
C LEU B 117 -47.83 51.79 -16.36
N ASN B 118 -48.40 50.62 -16.63
CA ASN B 118 -48.42 50.08 -17.98
C ASN B 118 -49.19 50.96 -18.96
N ILE B 119 -50.03 51.86 -18.47
CA ILE B 119 -50.78 52.74 -19.36
C ILE B 119 -50.10 54.08 -19.60
N ILE B 120 -49.06 54.41 -18.86
CA ILE B 120 -48.36 55.67 -19.05
C ILE B 120 -47.75 55.74 -20.45
N PRO B 121 -47.00 54.73 -20.92
CA PRO B 121 -46.54 54.77 -22.31
C PRO B 121 -47.66 54.50 -23.31
N LEU B 122 -48.76 53.90 -22.87
CA LEU B 122 -49.84 53.56 -23.78
C LEU B 122 -50.64 54.79 -24.18
N THR B 123 -50.60 55.84 -23.35
CA THR B 123 -51.44 57.00 -23.56
C THR B 123 -50.67 58.31 -23.66
N THR B 124 -49.39 58.32 -23.30
CA THR B 124 -48.62 59.56 -23.26
C THR B 124 -47.38 59.54 -24.14
N ALA B 125 -46.80 58.37 -24.39
CA ALA B 125 -45.62 58.29 -25.23
C ALA B 125 -45.92 58.80 -26.63
N ALA B 126 -45.03 59.63 -27.16
CA ALA B 126 -45.24 60.28 -28.44
C ALA B 126 -44.63 59.53 -29.61
N LYS B 127 -44.03 58.37 -29.37
CA LYS B 127 -43.44 57.58 -30.44
C LYS B 127 -43.78 56.12 -30.23
N LEU B 128 -43.97 55.39 -31.32
CA LEU B 128 -44.22 53.96 -31.29
C LEU B 128 -43.25 53.25 -32.21
N MET B 129 -42.78 52.08 -31.80
CA MET B 129 -41.96 51.22 -32.66
C MET B 129 -42.54 49.82 -32.62
N VAL B 130 -42.67 49.22 -33.79
CA VAL B 130 -43.19 47.87 -33.92
C VAL B 130 -42.13 46.99 -34.58
N VAL B 131 -42.00 45.78 -34.07
CA VAL B 131 -41.10 44.77 -34.61
C VAL B 131 -41.96 43.69 -35.26
N ILE B 132 -41.68 43.40 -36.52
CA ILE B 132 -42.53 42.53 -37.33
C ILE B 132 -41.71 41.35 -37.81
N PRO B 133 -42.19 40.12 -37.63
CA PRO B 133 -41.42 38.94 -38.03
C PRO B 133 -41.51 38.61 -39.52
N ASP B 134 -42.65 38.86 -40.14
CA ASP B 134 -42.82 38.56 -41.55
C ASP B 134 -43.92 39.42 -42.17
N TYR B 135 -43.93 39.45 -43.50
CA TYR B 135 -44.83 40.33 -44.23
C TYR B 135 -46.29 40.03 -43.94
N ASN B 136 -46.62 38.76 -43.67
CA ASN B 136 -48.00 38.39 -43.43
C ASN B 136 -48.56 39.14 -42.22
N THR B 137 -47.84 39.14 -41.10
CA THR B 137 -48.29 39.89 -39.94
C THR B 137 -48.18 41.39 -40.16
N TYR B 138 -47.23 41.81 -40.99
CA TYR B 138 -47.13 43.22 -41.34
C TYR B 138 -48.40 43.71 -42.02
N LYS B 139 -49.01 42.89 -42.86
CA LYS B 139 -50.24 43.29 -43.54
C LYS B 139 -51.36 43.55 -42.55
N ASN B 140 -51.44 42.75 -41.49
CA ASN B 140 -52.53 42.86 -40.53
C ASN B 140 -52.37 44.02 -39.56
N THR B 141 -51.17 44.54 -39.38
CA THR B 141 -50.97 45.57 -38.36
C THR B 141 -50.56 46.92 -38.97
N CYS B 142 -49.48 46.93 -39.75
CA CYS B 142 -48.93 48.18 -40.26
C CYS B 142 -49.01 48.30 -41.77
N ASP B 143 -50.12 47.89 -42.37
CA ASP B 143 -50.33 48.14 -43.79
C ASP B 143 -50.62 49.62 -44.02
N GLY B 144 -50.14 50.13 -45.15
CA GLY B 144 -50.43 51.50 -45.54
C GLY B 144 -49.53 52.51 -44.85
N THR B 145 -49.77 53.78 -45.19
CA THR B 145 -48.98 54.87 -44.66
C THR B 145 -49.43 55.34 -43.28
N THR B 146 -50.54 54.82 -42.78
CA THR B 146 -50.97 55.12 -41.42
C THR B 146 -51.87 53.99 -40.93
N PHE B 147 -51.85 53.77 -39.62
CA PHE B 147 -52.63 52.69 -39.04
C PHE B 147 -53.15 53.12 -37.68
N THR B 148 -53.82 52.21 -37.00
CA THR B 148 -54.40 52.49 -35.69
C THR B 148 -53.97 51.43 -34.68
N TYR B 149 -53.85 51.85 -33.43
CA TYR B 149 -53.57 50.95 -32.33
C TYR B 149 -53.83 51.68 -31.02
N ALA B 150 -54.29 50.91 -30.02
CA ALA B 150 -54.47 51.42 -28.67
C ALA B 150 -55.38 52.64 -28.65
N SER B 151 -56.44 52.58 -29.46
CA SER B 151 -57.40 53.69 -29.58
C SER B 151 -56.70 54.99 -29.99
N ALA B 152 -55.76 54.87 -30.92
CA ALA B 152 -55.03 56.03 -31.42
C ALA B 152 -54.63 55.78 -32.86
N LEU B 153 -54.34 56.88 -33.57
CA LEU B 153 -53.93 56.86 -34.96
C LEU B 153 -52.44 57.19 -35.03
N TRP B 154 -51.69 56.36 -35.75
CA TRP B 154 -50.25 56.53 -35.87
C TRP B 154 -49.85 56.60 -37.33
N GLU B 155 -48.86 57.45 -37.62
CA GLU B 155 -48.38 57.73 -38.96
C GLU B 155 -46.93 57.28 -39.09
N ILE B 156 -46.64 56.55 -40.18
CA ILE B 156 -45.32 55.97 -40.37
C ILE B 156 -44.34 57.03 -40.85
N GLN B 157 -43.10 56.93 -40.38
CA GLN B 157 -42.04 57.76 -40.97
C GLN B 157 -40.81 56.96 -41.39
N GLN B 158 -40.41 55.97 -40.60
CA GLN B 158 -39.13 55.29 -40.82
C GLN B 158 -39.28 53.78 -40.69
N VAL B 159 -38.62 53.05 -41.59
CA VAL B 159 -38.64 51.59 -41.64
C VAL B 159 -37.21 51.11 -41.85
N VAL B 160 -36.73 50.23 -40.97
CA VAL B 160 -35.40 49.65 -41.08
C VAL B 160 -35.49 48.14 -40.87
N ASP B 161 -34.43 47.45 -41.27
CA ASP B 161 -34.33 46.01 -41.14
C ASP B 161 -33.39 45.66 -39.98
N ALA B 162 -33.05 44.38 -39.85
CA ALA B 162 -32.14 43.95 -38.80
C ALA B 162 -30.78 44.62 -38.93
N ASP B 163 -30.37 44.98 -40.14
CA ASP B 163 -29.08 45.60 -40.38
C ASP B 163 -29.13 47.11 -40.21
N SER B 164 -30.24 47.66 -39.70
CA SER B 164 -30.37 49.07 -39.35
C SER B 164 -30.17 49.99 -40.56
N LYS B 165 -30.58 49.52 -41.74
CA LYS B 165 -30.56 50.34 -42.94
C LYS B 165 -32.00 50.61 -43.39
N ILE B 166 -32.21 51.81 -43.92
CA ILE B 166 -33.57 52.25 -44.24
C ILE B 166 -34.17 51.38 -45.33
N VAL B 167 -35.46 51.11 -45.18
CA VAL B 167 -36.23 50.32 -46.15
C VAL B 167 -37.47 51.12 -46.54
N GLN B 168 -37.69 51.25 -47.85
CA GLN B 168 -38.82 52.03 -48.34
C GLN B 168 -40.10 51.21 -48.33
N LEU B 169 -41.22 51.89 -48.11
CA LEU B 169 -42.52 51.24 -48.00
C LEU B 169 -42.93 50.52 -49.28
N SER B 170 -42.42 50.95 -50.44
CA SER B 170 -42.70 50.23 -51.66
C SER B 170 -41.95 48.90 -51.74
N GLU B 171 -40.84 48.78 -51.02
CA GLU B 171 -40.02 47.58 -51.09
C GLU B 171 -40.64 46.38 -50.38
N ILE B 172 -41.58 46.61 -49.45
CA ILE B 172 -42.17 45.52 -48.70
C ILE B 172 -43.37 44.95 -49.46
N SER B 173 -43.11 44.04 -50.37
CA SER B 173 -44.15 43.31 -51.07
C SER B 173 -44.04 41.82 -50.70
N MET B 174 -44.93 40.99 -51.23
CA MET B 174 -44.88 39.56 -50.97
C MET B 174 -43.69 38.93 -51.67
N ASP B 175 -43.48 39.27 -52.95
CA ASP B 175 -42.41 38.70 -53.73
C ASP B 175 -41.04 39.28 -53.38
N ASN B 176 -40.97 40.57 -53.02
CA ASN B 176 -39.70 41.17 -52.65
C ASN B 176 -39.31 40.89 -51.20
N SER B 177 -40.23 40.35 -50.41
CA SER B 177 -39.93 40.12 -48.99
C SER B 177 -38.72 39.22 -48.74
N PRO B 178 -38.51 38.09 -49.46
CA PRO B 178 -37.40 37.20 -49.09
C PRO B 178 -36.01 37.82 -49.27
N ASN B 179 -35.97 39.08 -49.75
CA ASN B 179 -34.72 39.79 -49.94
C ASN B 179 -34.43 40.76 -48.81
N LEU B 180 -35.13 40.63 -47.68
CA LEU B 180 -35.02 41.56 -46.57
C LEU B 180 -34.80 40.78 -45.28
N ALA B 181 -33.97 41.33 -44.40
CA ALA B 181 -33.88 40.79 -43.04
C ALA B 181 -35.22 40.99 -42.34
N TRP B 182 -35.66 39.99 -41.60
CA TRP B 182 -37.06 40.08 -41.20
C TRP B 182 -37.33 40.07 -39.69
N PRO B 183 -36.54 40.74 -38.86
CA PRO B 183 -37.13 41.44 -37.72
C PRO B 183 -37.33 42.91 -38.05
N LEU B 184 -38.29 43.26 -38.91
CA LEU B 184 -38.37 44.65 -39.35
C LEU B 184 -38.78 45.57 -38.22
N ILE B 185 -38.12 46.73 -38.15
CA ILE B 185 -38.45 47.77 -37.19
C ILE B 185 -39.15 48.87 -37.96
N VAL B 186 -40.32 49.29 -37.48
CA VAL B 186 -41.06 50.39 -38.09
C VAL B 186 -41.45 51.35 -36.99
N THR B 187 -41.10 52.62 -37.13
CA THR B 187 -41.46 53.61 -36.14
C THR B 187 -42.52 54.56 -36.68
N ALA B 188 -43.44 54.95 -35.80
CA ALA B 188 -44.55 55.81 -36.14
C ALA B 188 -44.72 56.87 -35.07
N LEU B 189 -45.38 57.96 -35.45
CA LEU B 189 -45.62 59.09 -34.56
C LEU B 189 -47.10 59.20 -34.27
N ARG B 190 -47.44 59.61 -33.05
CA ARG B 190 -48.84 59.80 -32.70
C ARG B 190 -49.41 60.99 -33.46
N ALA B 191 -50.42 60.73 -34.27
CA ALA B 191 -51.04 61.77 -35.08
C ALA B 191 -52.12 62.50 -34.30
N ASN B 192 -52.28 63.77 -34.61
CA ASN B 192 -53.27 64.62 -33.95
C ASN B 192 -53.95 65.55 -34.94
N LYS C 2 -13.63 10.07 -39.10
CA LYS C 2 -13.46 11.15 -40.05
C LYS C 2 -14.43 12.30 -39.77
N MET C 3 -15.62 11.96 -39.27
CA MET C 3 -16.61 12.99 -38.98
C MET C 3 -16.13 13.94 -37.90
N SER C 4 -15.23 13.49 -37.02
CA SER C 4 -14.66 14.39 -36.03
C SER C 4 -13.86 15.50 -36.70
N ASP C 5 -13.06 15.16 -37.71
CA ASP C 5 -12.35 16.17 -38.48
C ASP C 5 -13.33 17.09 -39.18
N VAL C 6 -14.44 16.53 -39.66
CA VAL C 6 -15.51 17.33 -40.26
C VAL C 6 -16.00 18.40 -39.29
N LYS C 7 -16.33 18.00 -38.07
CA LYS C 7 -16.85 18.95 -37.11
C LYS C 7 -15.80 19.96 -36.71
N CYS C 8 -14.54 19.53 -36.58
CA CYS C 8 -13.47 20.47 -36.23
C CYS C 8 -13.29 21.53 -37.30
N THR C 9 -13.25 21.11 -38.57
CA THR C 9 -13.08 22.09 -39.63
C THR C 9 -14.30 22.99 -39.78
N SER C 10 -15.50 22.46 -39.52
CA SER C 10 -16.68 23.32 -39.52
C SER C 10 -16.57 24.38 -38.43
N VAL C 11 -16.13 23.99 -37.24
CA VAL C 11 -15.95 24.93 -36.15
C VAL C 11 -14.99 26.04 -36.56
N VAL C 12 -13.83 25.66 -37.08
CA VAL C 12 -12.83 26.65 -37.43
C VAL C 12 -13.33 27.54 -38.56
N LEU C 13 -14.07 26.96 -39.50
CA LEU C 13 -14.59 27.73 -40.63
C LEU C 13 -15.57 28.79 -40.16
N LEU C 14 -16.50 28.42 -39.27
CA LEU C 14 -17.42 29.43 -38.78
C LEU C 14 -16.70 30.48 -37.94
N SER C 15 -15.67 30.06 -37.19
CA SER C 15 -14.92 31.03 -36.40
C SER C 15 -14.28 32.09 -37.30
N VAL C 16 -13.63 31.65 -38.37
CA VAL C 16 -12.98 32.61 -39.25
C VAL C 16 -14.03 33.44 -39.98
N LEU C 17 -15.18 32.84 -40.31
CA LEU C 17 -16.24 33.62 -40.93
C LEU C 17 -16.70 34.74 -40.03
N GLN C 18 -16.93 34.45 -38.74
CA GLN C 18 -17.34 35.51 -37.83
C GLN C 18 -16.26 36.57 -37.70
N GLN C 19 -15.00 36.16 -37.53
CA GLN C 19 -13.97 37.17 -37.39
C GLN C 19 -13.80 37.99 -38.66
N LEU C 20 -14.28 37.51 -39.79
CA LEU C 20 -14.32 38.29 -41.02
C LEU C 20 -15.52 39.24 -41.07
N ARG C 21 -16.24 39.39 -39.96
CA ARG C 21 -17.36 40.33 -39.87
C ARG C 21 -18.46 40.01 -40.89
N VAL C 22 -18.73 38.72 -41.10
CA VAL C 22 -19.86 38.36 -41.95
C VAL C 22 -21.18 38.52 -41.21
N GLU C 23 -21.13 38.66 -39.89
CA GLU C 23 -22.32 38.78 -39.06
C GLU C 23 -23.11 40.05 -39.33
N SER C 24 -22.53 41.03 -40.01
CA SER C 24 -23.19 42.30 -40.29
C SER C 24 -24.35 42.15 -41.25
N SER C 25 -24.50 40.99 -41.88
CA SER C 25 -25.66 40.67 -42.70
C SER C 25 -26.43 39.59 -41.95
N SER C 26 -27.58 39.98 -41.40
CA SER C 26 -28.30 39.10 -40.47
C SER C 26 -28.66 37.77 -41.13
N LYS C 27 -29.18 37.81 -42.35
CA LYS C 27 -29.61 36.58 -43.00
C LYS C 27 -28.43 35.67 -43.32
N LEU C 28 -27.31 36.23 -43.79
CA LEU C 28 -26.16 35.42 -44.11
C LEU C 28 -25.62 34.71 -42.87
N TRP C 29 -25.46 35.46 -41.78
CA TRP C 29 -25.00 34.85 -40.54
C TRP C 29 -25.99 33.82 -40.02
N ALA C 30 -27.28 34.07 -40.17
CA ALA C 30 -28.28 33.09 -39.76
C ALA C 30 -28.12 31.79 -40.53
N GLN C 31 -27.97 31.89 -41.85
CA GLN C 31 -27.80 30.69 -42.65
C GLN C 31 -26.51 29.95 -42.28
N CYS C 32 -25.43 30.69 -42.06
CA CYS C 32 -24.17 30.05 -41.68
C CYS C 32 -24.30 29.33 -40.34
N VAL C 33 -24.97 29.96 -39.37
CA VAL C 33 -25.18 29.31 -38.08
C VAL C 33 -26.05 28.07 -38.24
N GLN C 34 -27.06 28.14 -39.10
CA GLN C 34 -27.87 26.96 -39.38
C GLN C 34 -27.01 25.84 -39.92
N LEU C 35 -26.15 26.14 -40.90
CA LEU C 35 -25.28 25.12 -41.46
C LEU C 35 -24.35 24.54 -40.40
N HIS C 36 -23.78 25.39 -39.56
CA HIS C 36 -22.86 24.92 -38.53
C HIS C 36 -23.57 23.98 -37.57
N ASN C 37 -24.63 24.46 -36.91
CA ASN C 37 -25.25 23.62 -35.90
C ASN C 37 -26.00 22.44 -36.50
N ASP C 38 -26.20 22.43 -37.82
CA ASP C 38 -26.58 21.18 -38.48
C ASP C 38 -25.41 20.21 -38.60
N ILE C 39 -24.23 20.71 -38.95
CA ILE C 39 -23.08 19.82 -39.13
C ILE C 39 -22.74 19.11 -37.82
N LEU C 40 -22.65 19.85 -36.72
CA LEU C 40 -22.29 19.27 -35.44
C LEU C 40 -23.29 18.23 -34.96
N LEU C 41 -24.55 18.34 -35.35
CA LEU C 41 -25.59 17.44 -34.87
C LEU C 41 -25.76 16.20 -35.75
N ALA C 42 -25.14 16.17 -36.92
CA ALA C 42 -25.32 15.04 -37.84
C ALA C 42 -24.63 13.79 -37.30
N LYS C 43 -25.07 12.64 -37.79
CA LYS C 43 -24.52 11.36 -37.39
C LYS C 43 -23.95 10.56 -38.55
N ASP C 44 -24.21 10.94 -39.79
CA ASP C 44 -23.74 10.25 -40.97
C ASP C 44 -22.99 11.22 -41.88
N THR C 45 -21.89 10.74 -42.47
CA THR C 45 -20.84 11.60 -43.01
C THR C 45 -21.14 12.19 -44.39
N THR C 46 -21.95 11.55 -45.24
CA THR C 46 -22.08 12.02 -46.61
C THR C 46 -22.75 13.38 -46.72
N GLU C 47 -23.78 13.67 -45.92
CA GLU C 47 -24.34 15.02 -45.88
C GLU C 47 -23.43 16.02 -45.19
N ALA C 48 -22.55 15.56 -44.31
CA ALA C 48 -21.59 16.47 -43.71
C ALA C 48 -20.75 17.16 -44.77
N PHE C 49 -20.35 16.41 -45.80
CA PHE C 49 -19.50 16.98 -46.84
C PHE C 49 -20.23 18.05 -47.64
N GLU C 50 -21.46 17.78 -48.06
CA GLU C 50 -22.22 18.77 -48.80
C GLU C 50 -22.49 20.00 -47.93
N LYS C 51 -22.72 19.79 -46.63
CA LYS C 51 -22.85 20.94 -45.75
C LYS C 51 -21.56 21.75 -45.63
N MET C 52 -20.38 21.12 -45.52
CA MET C 52 -19.17 21.93 -45.44
C MET C 52 -18.94 22.70 -46.73
N VAL C 53 -19.20 22.07 -47.88
CA VAL C 53 -18.96 22.79 -49.14
C VAL C 53 -19.95 23.93 -49.29
N SER C 54 -21.21 23.73 -48.88
CA SER C 54 -22.17 24.82 -48.91
C SER C 54 -21.75 25.95 -47.98
N LEU C 55 -21.26 25.61 -46.79
CA LEU C 55 -20.79 26.64 -45.86
C LEU C 55 -19.60 27.40 -46.40
N LEU C 56 -18.64 26.68 -47.00
CA LEU C 56 -17.42 27.31 -47.48
C LEU C 56 -17.66 28.13 -48.73
N SER C 57 -18.72 27.83 -49.48
CA SER C 57 -19.10 28.68 -50.59
C SER C 57 -19.34 30.11 -50.15
N VAL C 58 -19.87 30.30 -48.94
CA VAL C 58 -20.08 31.65 -48.42
C VAL C 58 -18.75 32.36 -48.24
N LEU C 59 -17.75 31.68 -47.68
CA LEU C 59 -16.43 32.28 -47.52
C LEU C 59 -15.80 32.60 -48.86
N LEU C 60 -15.90 31.68 -49.82
CA LEU C 60 -15.19 31.86 -51.08
C LEU C 60 -15.82 32.94 -51.96
N SER C 61 -17.08 33.29 -51.74
CA SER C 61 -17.70 34.37 -52.48
C SER C 61 -17.27 35.75 -51.98
N MET C 62 -16.61 35.82 -50.83
CA MET C 62 -16.11 37.08 -50.30
C MET C 62 -14.81 37.45 -51.00
N GLN C 63 -14.25 38.60 -50.64
CA GLN C 63 -13.00 39.09 -51.23
C GLN C 63 -12.09 39.66 -50.14
N GLY C 64 -12.18 39.11 -48.93
CA GLY C 64 -11.38 39.62 -47.84
C GLY C 64 -10.20 38.73 -47.50
N ALA C 65 -10.37 37.42 -47.62
CA ALA C 65 -9.32 36.45 -47.31
C ALA C 65 -8.65 36.05 -48.61
N VAL C 66 -7.37 36.41 -48.76
CA VAL C 66 -6.62 36.04 -49.95
C VAL C 66 -6.30 34.55 -49.89
N ASP C 67 -6.86 33.79 -50.82
CA ASP C 67 -6.76 32.34 -50.79
C ASP C 67 -5.52 31.82 -51.51
N ILE C 68 -5.09 32.49 -52.58
CA ILE C 68 -3.97 31.98 -53.36
C ILE C 68 -2.69 32.01 -52.53
N ASN C 69 -2.48 33.06 -51.72
CA ASN C 69 -1.30 33.09 -50.85
C ASN C 69 -1.43 32.11 -49.70
N LYS C 70 -2.64 31.91 -49.18
CA LYS C 70 -2.88 31.00 -48.07
C LYS C 70 -2.87 29.54 -48.52
N LEU C 71 -2.84 29.28 -49.82
CA LEU C 71 -2.71 27.94 -50.39
C LEU C 71 -1.28 27.64 -50.77
N CYS C 72 -0.32 28.08 -49.96
CA CYS C 72 1.10 27.99 -50.29
C CYS C 72 1.61 26.55 -50.37
N GLU C 73 0.83 25.58 -49.89
CA GLU C 73 1.24 24.17 -49.90
C GLU C 73 2.52 23.97 -49.08
N PHE D 6 24.93 26.97 -2.93
CA PHE D 6 25.41 28.21 -2.36
C PHE D 6 26.86 28.07 -1.90
N SER D 7 27.77 27.92 -2.86
CA SER D 7 29.18 27.71 -2.55
C SER D 7 30.01 28.99 -2.69
N SER D 8 29.60 29.92 -3.55
CA SER D 8 30.38 31.12 -3.83
C SER D 8 30.00 32.26 -2.91
N LEU D 9 30.12 32.05 -1.60
CA LEU D 9 29.85 33.09 -0.62
C LEU D 9 30.93 33.08 0.46
N PRO D 10 31.24 34.25 1.02
CA PRO D 10 32.27 34.31 2.08
C PRO D 10 31.91 33.49 3.30
N SER D 11 30.62 33.42 3.64
CA SER D 11 30.21 32.62 4.79
C SER D 11 30.50 31.15 4.57
N TYR D 12 30.53 30.70 3.32
CA TYR D 12 30.95 29.33 3.04
C TYR D 12 32.40 29.12 3.45
N ALA D 13 33.27 30.09 3.15
CA ALA D 13 34.67 30.00 3.57
C ALA D 13 34.79 30.03 5.09
N ALA D 14 34.01 30.89 5.74
CA ALA D 14 34.03 30.94 7.20
C ALA D 14 33.60 29.61 7.81
N PHE D 15 32.53 29.02 7.28
CA PHE D 15 32.06 27.73 7.75
C PHE D 15 33.10 26.65 7.50
N ALA D 16 33.78 26.70 6.36
CA ALA D 16 34.83 25.73 6.08
C ALA D 16 35.98 25.85 7.08
N THR D 17 36.37 27.08 7.41
CA THR D 17 37.42 27.28 8.42
C THR D 17 36.97 26.73 9.78
N ALA D 18 35.72 27.00 10.15
CA ALA D 18 35.21 26.50 11.43
C ALA D 18 35.19 24.98 11.45
N GLN D 19 34.75 24.36 10.36
CA GLN D 19 34.70 22.90 10.30
C GLN D 19 36.09 22.29 10.32
N GLU D 20 37.06 22.94 9.66
CA GLU D 20 38.43 22.44 9.71
C GLU D 20 39.00 22.52 11.12
N ALA D 21 38.75 23.64 11.82
CA ALA D 21 39.22 23.76 13.19
C ALA D 21 38.57 22.70 14.08
N TYR D 22 37.26 22.49 13.91
CA TYR D 22 36.58 21.45 14.69
C TYR D 22 37.11 20.06 14.38
N GLU D 23 37.37 19.77 13.10
CA GLU D 23 37.92 18.46 12.74
C GLU D 23 39.28 18.25 13.37
N GLN D 24 40.12 19.29 13.38
CA GLN D 24 41.41 19.20 14.05
C GLN D 24 41.25 18.96 15.54
N ALA D 25 40.30 19.67 16.17
CA ALA D 25 40.07 19.49 17.60
C ALA D 25 39.61 18.07 17.92
N VAL D 26 38.67 17.55 17.13
CA VAL D 26 38.17 16.20 17.35
C VAL D 26 39.25 15.15 17.12
N ALA D 27 40.02 15.26 16.04
CA ALA D 27 41.11 14.32 15.80
C ALA D 27 42.24 14.47 16.80
N ASN D 28 42.33 15.60 17.50
CA ASN D 28 43.36 15.81 18.50
C ASN D 28 42.88 15.57 19.92
N GLY D 29 41.61 15.83 20.22
CA GLY D 29 41.11 15.71 21.58
C GLY D 29 41.86 16.59 22.55
N ASP D 30 41.71 17.91 22.41
CA ASP D 30 42.56 18.85 23.15
C ASP D 30 42.07 19.05 24.57
N SER D 31 40.85 19.56 24.74
CA SER D 31 40.35 19.94 26.06
C SER D 31 38.83 19.79 26.04
N GLU D 32 38.16 20.42 26.99
CA GLU D 32 36.70 20.40 27.06
C GLU D 32 36.07 21.78 26.93
N VAL D 33 36.80 22.85 27.28
CA VAL D 33 36.31 24.20 27.01
C VAL D 33 36.98 24.75 25.76
N VAL D 34 38.20 24.31 25.48
CA VAL D 34 38.92 24.82 24.31
C VAL D 34 38.19 24.44 23.02
N LEU D 35 37.77 23.18 22.88
CA LEU D 35 36.96 22.80 21.73
C LEU D 35 35.54 23.35 21.82
N LYS D 36 35.06 23.68 23.01
CA LYS D 36 33.80 24.41 23.13
C LYS D 36 33.86 25.79 22.50
N LYS D 37 34.97 26.51 22.68
CA LYS D 37 35.20 27.73 21.92
C LYS D 37 35.25 27.48 20.42
N LEU D 38 35.62 26.28 20.00
CA LEU D 38 35.58 25.90 18.59
C LEU D 38 34.19 25.47 18.14
N LYS D 39 33.21 25.40 19.06
CA LYS D 39 31.81 25.33 18.68
C LYS D 39 31.00 26.47 19.25
N LYS D 40 31.60 27.38 20.02
CA LYS D 40 30.89 28.57 20.50
C LYS D 40 31.00 29.55 19.36
N SER D 41 31.98 29.34 18.50
CA SER D 41 32.17 30.21 17.34
C SER D 41 31.96 29.44 16.05
N LEU D 42 31.31 28.28 16.11
CA LEU D 42 31.09 27.45 14.94
C LEU D 42 29.61 27.38 14.58
N ASN D 43 28.77 26.97 15.52
CA ASN D 43 27.34 26.93 15.24
C ASN D 43 26.76 28.31 15.01
N VAL D 44 27.41 29.36 15.51
CA VAL D 44 27.06 30.70 15.07
C VAL D 44 27.51 30.93 13.64
N ALA D 45 28.66 30.37 13.25
CA ALA D 45 29.17 30.57 11.89
C ALA D 45 28.24 30.01 10.83
N LYS D 46 27.36 29.07 11.18
CA LYS D 46 26.27 28.67 10.30
C LYS D 46 25.00 29.43 10.60
N SER D 47 24.90 30.05 11.78
CA SER D 47 23.75 30.90 12.08
C SER D 47 23.75 32.16 11.22
N GLU D 48 24.92 32.57 10.70
CA GLU D 48 24.99 33.61 9.69
C GLU D 48 25.36 33.02 8.33
N PHE D 49 25.34 31.70 8.22
CA PHE D 49 25.47 30.99 6.95
C PHE D 49 24.19 30.35 6.47
N ASP D 50 23.38 29.80 7.38
CA ASP D 50 22.11 29.23 6.99
C ASP D 50 21.08 30.31 6.68
N ARG D 51 21.35 31.56 7.03
CA ARG D 51 20.43 32.66 6.73
C ARG D 51 20.83 33.44 5.49
N ASP D 52 22.11 33.81 5.33
CA ASP D 52 22.49 34.57 4.15
C ASP D 52 22.40 33.72 2.89
N ALA D 53 22.35 32.39 3.06
CA ALA D 53 22.02 31.47 1.98
C ALA D 53 20.53 31.17 1.91
N ALA D 54 19.73 31.82 2.75
CA ALA D 54 18.29 31.57 2.79
C ALA D 54 17.50 32.57 1.97
N MET D 55 17.62 33.88 2.25
CA MET D 55 16.81 34.82 1.48
C MET D 55 17.25 34.87 0.02
N GLN D 56 18.54 34.66 -0.26
CA GLN D 56 18.97 34.62 -1.65
C GLN D 56 18.45 33.36 -2.36
N ARG D 57 18.39 32.23 -1.65
CA ARG D 57 17.77 31.04 -2.20
C ARG D 57 16.29 31.21 -2.45
N LYS D 58 15.60 31.95 -1.58
CA LYS D 58 14.23 32.35 -1.89
C LYS D 58 14.18 33.24 -3.12
N LEU D 59 15.13 34.17 -3.23
CA LEU D 59 15.12 35.12 -4.34
C LEU D 59 15.32 34.46 -5.70
N GLU D 60 16.18 33.44 -5.78
CA GLU D 60 16.37 32.78 -7.07
C GLU D 60 15.06 32.18 -7.59
N LYS D 61 14.39 31.37 -6.77
CA LYS D 61 13.09 30.87 -7.20
C LYS D 61 12.04 31.97 -7.28
N MET D 62 12.23 33.10 -6.59
CA MET D 62 11.26 34.18 -6.69
C MET D 62 11.34 34.89 -8.03
N ALA D 63 12.58 35.18 -8.47
CA ALA D 63 12.80 35.65 -9.83
C ALA D 63 12.28 34.65 -10.84
N ASP D 64 12.48 33.36 -10.58
CA ASP D 64 11.97 32.36 -11.52
C ASP D 64 10.45 32.37 -11.61
N GLN D 65 9.75 32.28 -10.47
CA GLN D 65 8.29 32.29 -10.41
C GLN D 65 7.68 33.68 -10.52
N ALA D 66 8.47 34.67 -10.92
CA ALA D 66 7.88 35.88 -11.49
C ALA D 66 8.10 35.98 -13.00
N MET D 67 9.34 35.73 -13.43
CA MET D 67 9.70 35.80 -14.83
C MET D 67 8.92 34.77 -15.66
N THR D 68 8.56 33.63 -15.06
CA THR D 68 7.75 32.64 -15.78
C THR D 68 6.34 33.17 -16.09
N GLN D 69 5.63 33.74 -15.11
CA GLN D 69 4.34 34.35 -15.40
C GLN D 69 4.50 35.58 -16.27
N MET D 70 5.68 36.18 -16.26
CA MET D 70 5.94 37.27 -17.18
C MET D 70 5.99 36.76 -18.62
N TYR D 71 6.71 35.67 -18.86
CA TYR D 71 6.59 34.97 -20.13
C TYR D 71 5.14 34.64 -20.44
N LYS D 72 4.41 34.11 -19.46
CA LYS D 72 3.04 33.69 -19.74
C LYS D 72 2.18 34.88 -20.14
N GLN D 73 2.38 36.03 -19.50
CA GLN D 73 1.68 37.24 -19.88
C GLN D 73 2.04 37.65 -21.30
N ALA D 74 3.33 37.57 -21.65
CA ALA D 74 3.75 37.93 -23.00
C ALA D 74 3.08 37.04 -24.05
N ARG D 75 3.06 35.74 -23.79
CA ARG D 75 2.45 34.80 -24.72
C ARG D 75 0.95 35.02 -24.82
N SER D 76 0.30 35.32 -23.69
CA SER D 76 -1.13 35.58 -23.71
C SER D 76 -1.45 36.87 -24.47
N GLU D 77 -0.64 37.91 -24.29
CA GLU D 77 -0.93 39.18 -24.93
C GLU D 77 -0.59 39.20 -26.40
N ASP D 78 0.38 38.40 -26.85
CA ASP D 78 0.69 38.38 -28.28
C ASP D 78 -0.05 37.29 -29.03
N LYS D 79 -0.48 36.21 -28.36
CA LYS D 79 -1.26 35.16 -29.00
C LYS D 79 -2.61 35.67 -29.50
N ARG D 80 -3.28 36.51 -28.71
CA ARG D 80 -4.56 37.07 -29.07
C ARG D 80 -4.44 38.27 -30.00
N ALA D 81 -3.22 38.59 -30.45
CA ALA D 81 -2.99 39.67 -31.39
C ALA D 81 -2.81 39.18 -32.81
N LYS D 82 -2.65 37.88 -33.02
CA LYS D 82 -2.47 37.30 -34.34
C LYS D 82 -3.52 36.24 -34.65
N VAL D 83 -4.71 36.36 -34.06
CA VAL D 83 -5.73 35.33 -34.22
C VAL D 83 -6.24 35.28 -35.64
N THR D 84 -6.38 36.44 -36.29
CA THR D 84 -7.03 36.51 -37.59
C THR D 84 -6.27 35.71 -38.64
N SER D 85 -4.96 35.55 -38.47
CA SER D 85 -4.15 34.76 -39.38
C SER D 85 -3.94 33.34 -38.89
N ALA D 86 -3.77 33.16 -37.58
CA ALA D 86 -3.57 31.82 -37.04
C ALA D 86 -4.77 30.92 -37.32
N MET D 87 -5.99 31.43 -37.09
CA MET D 87 -7.17 30.62 -37.31
C MET D 87 -7.34 30.25 -38.79
N GLN D 88 -7.07 31.19 -39.70
CA GLN D 88 -7.28 30.91 -41.11
C GLN D 88 -6.22 29.94 -41.65
N THR D 89 -4.97 30.09 -41.20
CA THR D 89 -3.96 29.11 -41.57
C THR D 89 -4.32 27.73 -41.04
N MET D 90 -4.78 27.67 -39.79
CA MET D 90 -5.17 26.38 -39.21
C MET D 90 -6.32 25.78 -40.00
N LEU D 91 -7.28 26.62 -40.39
CA LEU D 91 -8.40 26.19 -41.21
C LEU D 91 -7.93 25.58 -42.52
N PHE D 92 -7.02 26.26 -43.21
CA PHE D 92 -6.60 25.74 -44.51
C PHE D 92 -5.76 24.48 -44.37
N THR D 93 -4.95 24.37 -43.32
CA THR D 93 -4.26 23.11 -43.07
C THR D 93 -5.26 21.97 -42.85
N MET D 94 -6.30 22.22 -42.04
CA MET D 94 -7.31 21.19 -41.83
C MET D 94 -8.05 20.87 -43.12
N LEU D 95 -8.35 21.89 -43.92
CA LEU D 95 -9.03 21.70 -45.20
C LEU D 95 -8.23 20.78 -46.11
N ARG D 96 -6.95 21.09 -46.28
CA ARG D 96 -6.09 20.27 -47.12
C ARG D 96 -5.91 18.87 -46.56
N LYS D 97 -5.89 18.71 -45.23
CA LYS D 97 -5.81 17.37 -44.66
C LYS D 97 -7.11 16.60 -44.87
N LEU D 98 -8.24 17.30 -45.02
CA LEU D 98 -9.52 16.61 -45.15
C LEU D 98 -9.57 15.72 -46.39
N ASP D 99 -9.08 16.23 -47.52
CA ASP D 99 -8.97 15.46 -48.77
C ASP D 99 -10.33 14.96 -49.25
N ASN D 100 -11.18 15.92 -49.61
CA ASN D 100 -12.46 15.63 -50.24
C ASN D 100 -12.48 16.22 -51.65
N ASP D 101 -12.96 15.43 -52.60
CA ASP D 101 -12.92 15.84 -54.01
C ASP D 101 -13.74 17.11 -54.24
N ALA D 102 -14.93 17.18 -53.66
CA ALA D 102 -15.79 18.33 -53.89
C ALA D 102 -15.18 19.61 -53.34
N LEU D 103 -14.63 19.56 -52.13
CA LEU D 103 -14.00 20.73 -51.55
C LEU D 103 -12.71 21.10 -52.29
N ASN D 104 -11.94 20.11 -52.72
CA ASN D 104 -10.71 20.40 -53.46
C ASN D 104 -11.02 21.06 -54.80
N ASN D 105 -12.04 20.57 -55.50
CA ASN D 105 -12.45 21.20 -56.76
C ASN D 105 -12.79 22.67 -56.54
N ILE D 106 -13.61 22.95 -55.53
CA ILE D 106 -14.04 24.31 -55.28
C ILE D 106 -12.88 25.19 -54.84
N ILE D 107 -11.96 24.66 -54.04
CA ILE D 107 -10.85 25.49 -53.56
C ILE D 107 -9.91 25.81 -54.71
N ASN D 108 -9.69 24.86 -55.63
CA ASN D 108 -8.89 25.16 -56.82
C ASN D 108 -9.60 26.18 -57.71
N ASN D 109 -10.91 26.03 -57.88
CA ASN D 109 -11.66 27.00 -58.68
C ASN D 109 -11.57 28.39 -58.08
N ALA D 110 -11.64 28.48 -56.75
CA ALA D 110 -11.51 29.76 -56.08
C ALA D 110 -10.10 30.33 -56.24
N ARG D 111 -9.09 29.46 -56.13
CA ARG D 111 -7.72 29.96 -56.23
C ARG D 111 -7.37 30.47 -57.61
N ASP D 112 -7.92 29.86 -58.68
CA ASP D 112 -7.55 30.41 -59.98
C ASP D 112 -8.58 31.40 -60.51
N GLY D 113 -9.79 30.94 -60.82
CA GLY D 113 -10.77 31.83 -61.42
C GLY D 113 -12.17 31.90 -60.85
N CYS D 114 -12.65 30.82 -60.24
CA CYS D 114 -14.08 30.66 -60.06
C CYS D 114 -14.53 30.74 -58.60
N VAL D 115 -15.29 31.79 -58.28
CA VAL D 115 -15.95 31.89 -56.98
C VAL D 115 -17.44 32.09 -57.22
N PRO D 116 -18.32 31.56 -56.38
CA PRO D 116 -19.76 31.76 -56.56
C PRO D 116 -20.16 33.18 -56.14
N LEU D 117 -21.45 33.47 -56.35
CA LEU D 117 -22.03 34.74 -55.95
C LEU D 117 -23.03 34.60 -54.82
N ASN D 118 -23.27 33.38 -54.34
CA ASN D 118 -24.15 33.14 -53.20
C ASN D 118 -23.78 31.79 -52.63
N ILE D 119 -24.46 31.42 -51.55
CA ILE D 119 -24.30 30.08 -50.98
C ILE D 119 -24.72 29.07 -52.04
N ILE D 120 -23.93 28.01 -52.20
CA ILE D 120 -24.28 26.97 -53.16
C ILE D 120 -25.39 26.14 -52.55
N PRO D 121 -26.55 26.04 -53.20
CA PRO D 121 -27.64 25.24 -52.64
C PRO D 121 -27.40 23.75 -52.82
N LEU D 122 -28.03 22.97 -51.95
CA LEU D 122 -27.92 21.52 -52.01
C LEU D 122 -29.17 20.87 -52.59
N THR D 123 -30.26 21.60 -52.71
CA THR D 123 -31.45 21.08 -53.36
C THR D 123 -31.25 21.01 -54.88
N THR D 124 -32.00 20.11 -55.51
CA THR D 124 -31.86 19.88 -56.95
C THR D 124 -32.71 20.85 -57.76
N ALA D 125 -33.15 21.94 -57.13
CA ALA D 125 -34.06 22.87 -57.80
C ALA D 125 -33.53 24.31 -57.80
N ALA D 126 -32.73 24.66 -56.80
CA ALA D 126 -32.32 26.05 -56.61
C ALA D 126 -31.26 26.50 -57.62
N LYS D 127 -30.91 27.78 -57.58
CA LYS D 127 -30.09 28.41 -58.60
C LYS D 127 -28.71 28.78 -58.05
N LEU D 128 -27.72 28.81 -58.93
CA LEU D 128 -26.37 29.22 -58.58
C LEU D 128 -25.80 30.16 -59.63
N MET D 129 -25.03 31.15 -59.19
CA MET D 129 -24.35 32.10 -60.07
C MET D 129 -22.86 31.98 -59.81
N VAL D 130 -22.08 31.67 -60.86
CA VAL D 130 -20.64 31.49 -60.74
C VAL D 130 -19.94 32.44 -61.71
N VAL D 131 -18.90 33.12 -61.22
CA VAL D 131 -18.15 34.04 -62.07
C VAL D 131 -17.02 33.27 -62.75
N ILE D 132 -16.92 33.42 -64.06
CA ILE D 132 -15.84 32.85 -64.86
C ILE D 132 -15.03 34.01 -65.42
N PRO D 133 -13.74 34.13 -65.08
CA PRO D 133 -13.00 35.34 -65.44
C PRO D 133 -12.50 35.34 -66.88
N ASP D 134 -12.36 34.16 -67.49
CA ASP D 134 -11.74 34.05 -68.79
C ASP D 134 -12.40 32.91 -69.55
N TYR D 135 -11.75 32.47 -70.62
CA TYR D 135 -12.22 31.32 -71.38
C TYR D 135 -11.50 30.04 -70.99
N ASN D 136 -10.28 30.15 -70.45
CA ASN D 136 -9.53 28.97 -70.04
C ASN D 136 -10.26 28.20 -68.96
N THR D 137 -10.73 28.90 -67.91
CA THR D 137 -11.51 28.24 -66.87
C THR D 137 -12.84 27.74 -67.43
N TYR D 138 -13.38 28.43 -68.42
CA TYR D 138 -14.59 27.97 -69.09
C TYR D 138 -14.36 26.62 -69.75
N LYS D 139 -13.19 26.42 -70.35
CA LYS D 139 -12.86 25.14 -70.98
C LYS D 139 -12.96 24.01 -69.96
N ASN D 140 -12.31 24.18 -68.80
CA ASN D 140 -12.30 23.13 -67.79
C ASN D 140 -13.68 22.91 -67.20
N THR D 141 -14.41 23.99 -66.94
CA THR D 141 -15.67 23.90 -66.21
C THR D 141 -16.87 23.68 -67.13
N CYS D 142 -17.10 24.62 -68.06
CA CYS D 142 -18.30 24.58 -68.89
C CYS D 142 -18.03 23.80 -70.17
N ASP D 143 -18.81 22.75 -70.39
CA ASP D 143 -18.71 21.92 -71.59
C ASP D 143 -20.12 21.78 -72.16
N GLY D 144 -20.52 22.72 -73.01
CA GLY D 144 -21.86 22.72 -73.57
C GLY D 144 -22.89 23.31 -72.64
N THR D 145 -23.97 22.58 -72.42
CA THR D 145 -25.04 23.02 -71.53
C THR D 145 -24.83 22.61 -70.08
N THR D 146 -23.79 21.83 -69.79
CA THR D 146 -23.52 21.33 -68.46
C THR D 146 -22.42 22.13 -67.81
N PHE D 147 -22.51 22.30 -66.50
CA PHE D 147 -21.51 22.99 -65.69
C PHE D 147 -21.13 22.07 -64.54
N THR D 148 -19.85 21.70 -64.47
CA THR D 148 -19.33 20.86 -63.41
C THR D 148 -18.74 21.75 -62.34
N TYR D 149 -19.22 21.60 -61.11
CA TYR D 149 -18.80 22.47 -60.01
C TYR D 149 -19.25 21.83 -58.71
N ALA D 150 -18.32 21.71 -57.76
CA ALA D 150 -18.58 21.04 -56.49
C ALA D 150 -19.00 19.58 -56.70
N SER D 151 -18.36 18.92 -57.66
CA SER D 151 -18.65 17.53 -57.99
C SER D 151 -20.13 17.33 -58.30
N ALA D 152 -20.70 18.30 -59.02
CA ALA D 152 -22.12 18.28 -59.34
C ALA D 152 -22.32 18.84 -60.74
N LEU D 153 -23.47 18.52 -61.33
CA LEU D 153 -23.84 18.97 -62.66
C LEU D 153 -24.94 20.00 -62.57
N TRP D 154 -24.79 21.09 -63.31
CA TRP D 154 -25.74 22.21 -63.27
C TRP D 154 -26.02 22.62 -64.70
N GLU D 155 -27.29 22.56 -65.11
CA GLU D 155 -27.63 22.93 -66.48
C GLU D 155 -27.56 24.44 -66.66
N ILE D 156 -26.93 24.88 -67.75
CA ILE D 156 -26.77 26.30 -68.00
C ILE D 156 -28.02 26.85 -68.66
N GLN D 157 -28.52 27.97 -68.14
CA GLN D 157 -29.67 28.63 -68.72
C GLN D 157 -29.44 30.11 -68.99
N GLN D 158 -28.35 30.68 -68.49
CA GLN D 158 -28.03 32.09 -68.61
C GLN D 158 -26.53 32.27 -68.43
N VAL D 159 -25.95 33.13 -69.27
CA VAL D 159 -24.59 33.62 -69.07
C VAL D 159 -24.53 35.05 -69.58
N VAL D 160 -24.00 35.95 -68.76
CA VAL D 160 -24.03 37.37 -69.04
C VAL D 160 -22.64 37.96 -68.78
N ASP D 161 -22.21 38.86 -69.65
CA ASP D 161 -20.93 39.54 -69.44
C ASP D 161 -21.10 40.62 -68.37
N ALA D 162 -20.00 41.33 -68.08
CA ALA D 162 -19.96 42.22 -66.93
C ALA D 162 -20.87 43.43 -67.09
N ASP D 163 -21.07 43.93 -68.32
CA ASP D 163 -21.89 45.12 -68.53
C ASP D 163 -23.37 44.78 -68.71
N SER D 164 -23.81 43.65 -68.15
CA SER D 164 -25.22 43.24 -68.06
C SER D 164 -25.86 43.00 -69.41
N LYS D 165 -25.12 42.51 -70.40
CA LYS D 165 -25.69 42.18 -71.70
C LYS D 165 -25.73 40.66 -71.85
N ILE D 166 -26.94 40.12 -72.08
CA ILE D 166 -27.09 38.68 -72.18
C ILE D 166 -26.36 38.16 -73.41
N VAL D 167 -25.69 37.01 -73.24
CA VAL D 167 -24.94 36.36 -74.30
C VAL D 167 -25.36 34.90 -74.32
N GLN D 168 -25.62 34.36 -75.52
CA GLN D 168 -26.04 32.98 -75.63
C GLN D 168 -24.86 32.03 -75.38
N LEU D 169 -25.17 30.74 -75.37
CA LEU D 169 -24.20 29.73 -74.98
C LEU D 169 -23.12 29.54 -76.05
N SER D 170 -23.53 29.20 -77.27
CA SER D 170 -22.60 28.82 -78.33
C SER D 170 -21.75 29.98 -78.84
N GLU D 171 -22.06 31.22 -78.43
CA GLU D 171 -21.29 32.37 -78.91
C GLU D 171 -19.82 32.29 -78.51
N ILE D 172 -19.53 31.64 -77.39
CA ILE D 172 -18.17 31.64 -76.84
C ILE D 172 -17.34 30.54 -77.50
N SER D 173 -16.13 30.90 -77.95
CA SER D 173 -15.17 29.93 -78.42
C SER D 173 -13.77 30.48 -78.17
N MET D 174 -12.77 29.93 -78.86
CA MET D 174 -11.38 30.33 -78.62
C MET D 174 -11.11 31.74 -79.10
N ASP D 175 -11.33 32.01 -80.39
CA ASP D 175 -10.86 33.25 -81.01
C ASP D 175 -11.87 34.39 -80.97
N ASN D 176 -13.16 34.10 -80.86
CA ASN D 176 -14.15 35.16 -80.73
C ASN D 176 -14.37 35.56 -79.28
N SER D 177 -13.62 34.97 -78.37
CA SER D 177 -13.74 35.27 -76.94
C SER D 177 -13.25 36.67 -76.57
N PRO D 178 -12.19 37.23 -77.23
CA PRO D 178 -11.81 38.61 -76.91
C PRO D 178 -12.76 39.64 -77.49
N ASN D 179 -14.07 39.48 -77.21
CA ASN D 179 -15.08 40.44 -77.63
C ASN D 179 -16.13 40.71 -76.57
N LEU D 180 -15.97 40.16 -75.36
CA LEU D 180 -16.97 40.25 -74.32
C LEU D 180 -16.33 40.74 -73.03
N ALA D 181 -17.13 41.36 -72.17
CA ALA D 181 -16.68 41.69 -70.83
C ALA D 181 -16.40 40.38 -70.08
N TRP D 182 -15.18 40.22 -69.59
CA TRP D 182 -14.69 38.90 -69.21
C TRP D 182 -15.25 38.31 -67.92
N PRO D 183 -15.48 39.08 -66.85
CA PRO D 183 -16.05 38.46 -65.64
C PRO D 183 -17.47 37.98 -65.87
N LEU D 184 -17.59 36.87 -66.60
CA LEU D 184 -18.89 36.33 -66.97
C LEU D 184 -19.61 35.77 -65.75
N ILE D 185 -20.93 35.88 -65.75
CA ILE D 185 -21.76 35.37 -64.67
C ILE D 185 -22.65 34.26 -65.22
N VAL D 186 -22.31 33.01 -64.89
CA VAL D 186 -23.07 31.86 -65.37
C VAL D 186 -24.12 31.49 -64.34
N THR D 187 -25.39 31.53 -64.77
CA THR D 187 -26.53 31.08 -63.98
C THR D 187 -26.82 29.63 -64.34
N ALA D 188 -27.01 28.80 -63.32
CA ALA D 188 -27.22 27.38 -63.54
C ALA D 188 -28.17 26.83 -62.50
N LEU D 189 -28.80 25.71 -62.83
CA LEU D 189 -29.75 25.04 -61.97
C LEU D 189 -29.27 23.61 -61.73
N ARG D 190 -29.39 23.14 -60.50
CA ARG D 190 -28.84 21.82 -60.16
C ARG D 190 -29.60 20.71 -60.87
N ALA D 191 -28.87 19.67 -61.24
CA ALA D 191 -29.46 18.52 -61.91
C ALA D 191 -30.08 17.55 -60.91
N VAL E 2 7.93 42.28 -26.63
CA VAL E 2 8.96 41.33 -27.04
C VAL E 2 9.56 41.78 -28.38
N GLY E 3 10.85 42.05 -28.39
CA GLY E 3 11.50 42.55 -29.59
C GLY E 3 12.98 42.29 -29.66
N ALA E 4 13.69 43.03 -30.51
CA ALA E 4 15.12 42.85 -30.72
C ALA E 4 15.84 44.15 -30.37
N CYS E 5 17.01 44.02 -29.76
CA CYS E 5 17.82 45.17 -29.38
C CYS E 5 18.16 46.00 -30.62
N VAL E 6 17.94 47.32 -30.54
CA VAL E 6 18.30 48.20 -31.64
C VAL E 6 19.80 48.37 -31.78
N LEU E 7 20.58 47.93 -30.78
CA LEU E 7 22.03 47.99 -30.82
C LEU E 7 22.68 46.62 -30.91
N CYS E 8 21.98 45.56 -30.50
CA CYS E 8 22.54 44.22 -30.50
C CYS E 8 21.75 43.22 -31.33
N ASN E 9 20.49 43.53 -31.64
CA ASN E 9 19.52 42.61 -32.25
C ASN E 9 19.25 41.40 -31.37
N SER E 10 19.77 41.38 -30.14
CA SER E 10 19.41 40.33 -29.21
C SER E 10 17.95 40.46 -28.83
N GLN E 11 17.26 39.33 -28.76
CA GLN E 11 15.85 39.34 -28.40
C GLN E 11 15.69 39.86 -26.98
N THR E 12 14.88 40.91 -26.82
CA THR E 12 14.64 41.49 -25.51
C THR E 12 13.31 42.22 -25.54
N SER E 13 12.58 42.10 -24.43
CA SER E 13 11.27 42.73 -24.28
C SER E 13 11.32 43.94 -23.37
N LEU E 14 12.42 44.70 -23.39
CA LEU E 14 12.56 45.90 -22.60
C LEU E 14 12.68 47.10 -23.54
N ARG E 15 11.77 48.06 -23.38
CA ARG E 15 11.76 49.27 -24.19
C ARG E 15 11.92 50.45 -23.24
N CYS E 16 12.74 51.43 -23.63
CA CYS E 16 12.93 52.60 -22.79
C CYS E 16 11.65 53.42 -22.78
N GLY E 17 11.15 53.74 -21.58
CA GLY E 17 9.93 54.49 -21.45
C GLY E 17 10.05 55.98 -21.68
N ALA E 18 11.23 56.55 -21.51
CA ALA E 18 11.42 57.97 -21.77
C ALA E 18 11.62 58.27 -23.24
N CYS E 19 12.09 57.29 -24.02
CA CYS E 19 12.18 57.46 -25.45
C CYS E 19 10.80 57.55 -26.07
N ILE E 20 10.63 58.50 -27.00
CA ILE E 20 9.34 58.66 -27.67
C ILE E 20 9.01 57.47 -28.55
N ARG E 21 10.01 56.86 -29.19
CA ARG E 21 9.78 55.69 -30.04
C ARG E 21 9.79 54.39 -29.26
N ARG E 22 10.25 54.40 -28.01
CA ARG E 22 10.31 53.23 -27.14
C ARG E 22 11.01 52.06 -27.83
N PRO E 23 12.29 52.19 -28.17
CA PRO E 23 12.97 51.08 -28.84
C PRO E 23 13.27 49.93 -27.90
N PHE E 24 13.20 48.72 -28.44
CA PHE E 24 13.61 47.55 -27.68
C PHE E 24 15.10 47.60 -27.40
N LEU E 25 15.47 47.31 -26.16
CA LEU E 25 16.85 47.41 -25.73
C LEU E 25 17.22 46.21 -24.86
N CYS E 26 18.33 45.56 -25.20
CA CYS E 26 18.80 44.43 -24.41
C CYS E 26 19.24 44.88 -23.02
N CYS E 27 19.38 43.91 -22.12
CA CYS E 27 19.66 44.21 -20.72
C CYS E 27 20.88 45.10 -20.57
N LYS E 28 21.99 44.73 -21.19
CA LYS E 28 23.20 45.54 -21.11
C LYS E 28 22.98 46.91 -21.76
N CYS E 29 22.42 46.91 -22.97
CA CYS E 29 22.23 48.19 -23.67
C CYS E 29 21.25 49.09 -22.95
N CYS E 30 20.15 48.54 -22.45
CA CYS E 30 19.19 49.37 -21.73
C CYS E 30 19.78 49.88 -20.42
N TYR E 31 20.62 49.05 -19.77
CA TYR E 31 21.30 49.49 -18.56
C TYR E 31 22.23 50.67 -18.87
N ASP E 32 23.03 50.55 -19.92
CA ASP E 32 23.92 51.65 -20.27
C ASP E 32 23.14 52.90 -20.65
N HIS E 33 22.03 52.74 -21.36
CA HIS E 33 21.22 53.89 -21.74
C HIS E 33 20.62 54.59 -20.53
N VAL E 34 20.12 53.81 -19.57
CA VAL E 34 19.51 54.44 -18.39
C VAL E 34 20.56 55.07 -17.49
N ILE E 35 21.72 54.44 -17.33
CA ILE E 35 22.73 55.00 -16.43
C ILE E 35 23.45 56.19 -17.05
N SER E 36 23.42 56.34 -18.37
CA SER E 36 24.17 57.39 -19.05
C SER E 36 23.31 58.58 -19.45
N THR E 37 21.99 58.44 -19.45
CA THR E 37 21.09 59.52 -19.83
C THR E 37 20.06 59.73 -18.73
N SER E 38 19.25 60.77 -18.88
CA SER E 38 18.16 61.03 -17.97
C SER E 38 17.00 60.08 -18.17
N HIS E 39 17.03 59.25 -19.21
CA HIS E 39 15.96 58.30 -19.48
C HIS E 39 15.99 57.21 -18.41
N LYS E 40 15.15 57.36 -17.39
CA LYS E 40 15.08 56.40 -16.30
C LYS E 40 13.84 55.52 -16.35
N LEU E 41 13.01 55.63 -17.38
CA LEU E 41 11.83 54.79 -17.53
C LEU E 41 12.12 53.72 -18.57
N VAL E 42 11.93 52.46 -18.21
CA VAL E 42 12.00 51.35 -19.14
C VAL E 42 10.69 50.58 -19.07
N LEU E 43 10.12 50.29 -20.23
CA LEU E 43 8.82 49.66 -20.33
C LEU E 43 9.00 48.24 -20.82
N SER E 44 8.20 47.34 -20.26
CA SER E 44 8.14 45.95 -20.69
C SER E 44 6.69 45.65 -21.02
N VAL E 45 6.32 44.37 -21.17
CA VAL E 45 4.93 44.03 -21.38
C VAL E 45 4.04 44.75 -20.38
N ASN E 46 4.47 44.83 -19.14
CA ASN E 46 3.94 45.79 -18.18
C ASN E 46 5.03 46.80 -17.83
N PRO E 47 4.64 48.02 -17.45
CA PRO E 47 5.65 49.04 -17.16
C PRO E 47 6.39 48.79 -15.86
N TYR E 48 7.69 49.04 -15.88
CA TYR E 48 8.53 48.95 -14.68
C TYR E 48 8.26 50.18 -13.84
N VAL E 49 7.20 50.11 -13.04
CA VAL E 49 6.79 51.21 -12.19
C VAL E 49 6.33 50.64 -10.85
N CYS E 50 6.53 51.42 -9.80
CA CYS E 50 6.14 51.00 -8.45
C CYS E 50 4.65 50.69 -8.41
N ASN E 51 4.30 49.56 -7.80
CA ASN E 51 2.91 49.14 -7.70
C ASN E 51 2.28 49.66 -6.41
N ALA E 52 2.91 50.61 -5.74
CA ALA E 52 2.35 51.15 -4.52
C ALA E 52 1.17 52.07 -4.84
N PRO E 53 0.09 51.96 -4.08
CA PRO E 53 -1.04 52.88 -4.27
C PRO E 53 -0.68 54.30 -3.86
N GLY E 54 -0.65 55.20 -4.84
CA GLY E 54 -0.33 56.59 -4.56
C GLY E 54 1.14 56.92 -4.54
N CYS E 55 1.98 56.11 -5.18
CA CYS E 55 3.40 56.40 -5.29
C CYS E 55 3.74 56.86 -6.71
N ASP E 56 4.82 57.63 -6.83
CA ASP E 56 5.22 58.21 -8.09
C ASP E 56 6.58 57.73 -8.58
N VAL E 57 7.20 56.76 -7.92
CA VAL E 57 8.53 56.32 -8.30
C VAL E 57 8.45 55.54 -9.60
N THR E 58 9.22 55.98 -10.60
CA THR E 58 9.31 55.30 -11.88
C THR E 58 10.75 55.08 -12.33
N ASP E 59 11.73 55.50 -11.54
CA ASP E 59 13.13 55.26 -11.87
C ASP E 59 13.47 53.80 -11.64
N VAL E 60 13.80 53.08 -12.72
CA VAL E 60 14.05 51.65 -12.61
C VAL E 60 15.23 51.38 -11.69
N THR E 61 16.17 52.32 -11.59
CA THR E 61 17.29 52.16 -10.67
C THR E 61 16.86 52.21 -9.21
N GLN E 62 15.63 52.64 -8.94
CA GLN E 62 15.11 52.76 -7.58
C GLN E 62 13.99 51.77 -7.30
N LEU E 63 13.85 50.73 -8.12
CA LEU E 63 12.73 49.81 -8.02
C LEU E 63 13.21 48.41 -7.72
N TYR E 64 12.35 47.65 -7.05
CA TYR E 64 12.64 46.30 -6.61
C TYR E 64 11.48 45.39 -6.97
N LEU E 65 11.82 44.15 -7.34
CA LEU E 65 10.82 43.15 -7.68
C LEU E 65 10.34 42.48 -6.40
N GLY E 66 9.16 42.88 -5.93
CA GLY E 66 8.58 42.31 -4.73
C GLY E 66 7.29 41.56 -5.01
N GLY E 67 7.17 40.36 -4.45
CA GLY E 67 6.04 39.49 -4.80
C GLY E 67 6.10 39.14 -6.27
N MET E 68 5.13 39.67 -7.03
CA MET E 68 5.13 39.58 -8.48
C MET E 68 4.92 40.96 -9.10
N SER E 69 5.30 41.99 -8.36
CA SER E 69 5.12 43.37 -8.79
C SER E 69 6.39 44.16 -8.52
N TYR E 70 6.31 45.47 -8.75
CA TYR E 70 7.44 46.37 -8.61
C TYR E 70 7.14 47.40 -7.53
N TYR E 71 8.14 47.69 -6.69
CA TYR E 71 7.93 48.59 -5.57
C TYR E 71 9.15 49.47 -5.35
N CYS E 72 8.93 50.61 -4.71
CA CYS E 72 10.02 51.46 -4.27
C CYS E 72 10.56 50.95 -2.93
N LYS E 73 11.60 51.62 -2.43
CA LYS E 73 12.23 51.17 -1.18
C LYS E 73 11.26 51.20 -0.01
N SER E 74 10.47 52.27 0.10
CA SER E 74 9.51 52.37 1.19
C SER E 74 8.42 51.31 1.08
N HIS E 75 7.95 51.03 -0.13
CA HIS E 75 6.83 50.13 -0.34
C HIS E 75 7.28 48.71 -0.66
N LYS E 76 8.56 48.40 -0.46
CA LYS E 76 8.84 47.05 -0.92
C LYS E 76 8.58 46.03 0.19
N PRO E 77 8.17 44.82 -0.18
CA PRO E 77 8.11 43.74 0.80
C PRO E 77 9.50 43.31 1.20
N PRO E 78 9.64 42.55 2.30
CA PRO E 78 11.00 42.28 2.81
C PRO E 78 11.89 41.53 1.83
N ILE E 79 11.32 40.73 0.93
CA ILE E 79 12.09 39.87 0.04
C ILE E 79 12.01 40.45 -1.36
N SER E 80 13.13 40.97 -1.86
CA SER E 80 13.18 41.56 -3.20
C SER E 80 14.64 41.73 -3.59
N PHE E 81 14.84 42.00 -4.88
CA PHE E 81 16.13 42.34 -5.44
C PHE E 81 15.93 43.48 -6.43
N PRO E 82 16.91 44.36 -6.59
CA PRO E 82 16.75 45.45 -7.56
C PRO E 82 16.68 44.92 -8.99
N LEU E 83 15.88 45.59 -9.81
CA LEU E 83 15.83 45.25 -11.23
C LEU E 83 17.07 45.75 -11.96
N CYS E 84 17.67 46.84 -11.48
CA CYS E 84 18.80 47.49 -12.12
C CYS E 84 20.05 47.15 -11.30
N ALA E 85 20.68 46.03 -11.63
CA ALA E 85 21.87 45.59 -10.89
C ALA E 85 22.71 44.70 -11.80
N ASN E 86 23.97 44.52 -11.41
CA ASN E 86 24.93 43.70 -12.15
C ASN E 86 25.13 44.22 -13.57
N GLY E 87 25.12 45.54 -13.73
CA GLY E 87 25.39 46.16 -15.01
C GLY E 87 24.31 45.91 -16.04
N GLN E 88 23.17 45.39 -15.59
CA GLN E 88 22.05 45.12 -16.48
C GLN E 88 20.75 45.45 -15.77
N VAL E 89 19.71 45.71 -16.55
CA VAL E 89 18.37 45.90 -16.02
C VAL E 89 17.64 44.58 -16.15
N PHE E 90 17.11 44.09 -15.04
CA PHE E 90 16.47 42.77 -15.06
C PHE E 90 15.27 42.78 -15.98
N GLY E 91 15.15 41.72 -16.75
CA GLY E 91 14.05 41.61 -17.67
C GLY E 91 14.06 40.25 -18.34
N LEU E 92 13.20 40.12 -19.33
CA LEU E 92 13.13 38.89 -20.08
C LEU E 92 14.35 38.76 -20.98
N TYR E 93 14.64 37.52 -21.37
CA TYR E 93 15.75 37.20 -22.27
C TYR E 93 17.07 37.70 -21.70
N LYS E 94 17.30 37.42 -20.41
CA LYS E 94 18.46 37.99 -19.73
C LYS E 94 19.75 37.30 -20.14
N ASN E 95 19.74 35.97 -20.26
CA ASN E 95 20.96 35.25 -20.61
C ASN E 95 21.39 35.54 -22.04
N THR E 96 20.43 35.61 -22.96
CA THR E 96 20.73 35.91 -24.36
C THR E 96 20.86 37.42 -24.54
N CYS E 97 22.07 37.93 -24.32
CA CYS E 97 22.34 39.36 -24.39
C CYS E 97 23.79 39.61 -24.72
N VAL E 98 24.05 40.48 -25.70
CA VAL E 98 25.40 40.76 -26.17
C VAL E 98 25.97 42.03 -25.54
N GLY E 99 25.21 43.12 -25.55
CA GLY E 99 25.70 44.38 -25.06
C GLY E 99 26.49 45.12 -26.12
N SER E 100 26.72 46.40 -25.85
CA SER E 100 27.44 47.26 -26.77
C SER E 100 28.61 47.92 -26.06
N ASP E 101 29.75 47.97 -26.74
CA ASP E 101 30.92 48.63 -26.18
C ASP E 101 30.67 50.12 -26.01
N ASN E 102 30.04 50.75 -27.01
CA ASN E 102 29.72 52.17 -26.96
C ASN E 102 28.27 52.38 -27.36
N VAL E 103 27.55 53.14 -26.54
CA VAL E 103 26.18 53.52 -26.82
C VAL E 103 26.03 55.02 -27.04
N THR E 104 27.13 55.70 -27.39
CA THR E 104 27.10 57.16 -27.50
C THR E 104 26.20 57.61 -28.63
N ASP E 105 26.23 56.92 -29.78
CA ASP E 105 25.39 57.32 -30.91
C ASP E 105 23.90 57.17 -30.57
N PHE E 106 23.52 56.04 -29.96
CA PHE E 106 22.14 55.83 -29.58
C PHE E 106 21.69 56.87 -28.55
N ASN E 107 22.56 57.17 -27.58
CA ASN E 107 22.23 58.18 -26.58
C ASN E 107 22.04 59.55 -27.22
N ALA E 108 22.94 59.92 -28.13
CA ALA E 108 22.84 61.22 -28.79
C ALA E 108 21.56 61.31 -29.61
N ILE E 109 21.23 60.25 -30.35
CA ILE E 109 20.01 60.26 -31.14
C ILE E 109 18.78 60.37 -30.25
N ALA E 110 18.76 59.62 -29.14
CA ALA E 110 17.58 59.59 -28.29
C ALA E 110 17.46 60.86 -27.44
N THR E 111 18.55 61.61 -27.28
CA THR E 111 18.54 62.81 -26.45
C THR E 111 18.60 64.11 -27.24
N CYS E 112 18.97 64.07 -28.51
CA CYS E 112 19.02 65.29 -29.31
C CYS E 112 17.62 65.80 -29.60
N ASP E 113 17.53 67.12 -29.81
CA ASP E 113 16.26 67.76 -30.13
C ASP E 113 16.09 68.04 -31.62
N TRP E 114 16.96 67.48 -32.47
CA TRP E 114 16.87 67.61 -33.92
C TRP E 114 16.96 69.05 -34.39
N THR E 115 17.74 69.88 -33.69
CA THR E 115 17.94 71.27 -34.07
C THR E 115 19.34 71.56 -34.58
N ASN E 116 20.23 70.58 -34.59
CA ASN E 116 21.60 70.76 -35.05
C ASN E 116 21.86 69.91 -36.28
N ALA E 117 22.71 70.42 -37.18
CA ALA E 117 23.08 69.66 -38.37
C ALA E 117 23.83 68.39 -37.98
N GLY E 118 24.54 68.42 -36.86
CA GLY E 118 25.23 67.24 -36.38
C GLY E 118 24.30 66.08 -36.07
N ASP E 119 23.09 66.37 -35.59
CA ASP E 119 22.11 65.32 -35.36
C ASP E 119 21.77 64.58 -36.64
N TYR E 120 21.46 65.32 -37.71
CA TYR E 120 21.16 64.68 -38.99
C TYR E 120 22.37 63.98 -39.58
N ILE E 121 23.57 64.55 -39.40
CA ILE E 121 24.77 63.89 -39.89
C ILE E 121 24.98 62.56 -39.20
N LEU E 122 24.82 62.53 -37.87
CA LEU E 122 24.94 61.28 -37.13
C LEU E 122 23.85 60.30 -37.54
N ALA E 123 22.64 60.79 -37.75
CA ALA E 123 21.54 59.94 -38.20
C ALA E 123 21.82 59.31 -39.56
N ASN E 124 22.42 60.04 -40.48
CA ASN E 124 22.75 59.53 -41.81
C ASN E 124 24.08 58.79 -41.85
N THR E 125 24.84 58.80 -40.76
CA THR E 125 26.11 58.09 -40.71
C THR E 125 26.18 57.00 -39.66
N CYS E 126 25.13 56.78 -38.87
CA CYS E 126 25.12 55.70 -37.89
C CYS E 126 24.79 54.37 -38.57
N THR E 127 24.56 53.35 -37.74
CA THR E 127 24.23 52.03 -38.27
C THR E 127 22.83 52.04 -38.87
N GLU E 128 22.57 51.07 -39.74
CA GLU E 128 21.29 51.02 -40.46
C GLU E 128 20.12 50.90 -39.50
N ARG E 129 20.25 50.04 -38.48
CA ARG E 129 19.24 49.97 -37.43
C ARG E 129 19.13 51.30 -36.70
N LEU E 130 20.27 51.91 -36.38
CA LEU E 130 20.27 53.25 -35.82
C LEU E 130 19.79 54.30 -36.81
N LYS E 131 20.02 54.11 -38.11
CA LYS E 131 19.43 55.01 -39.09
C LYS E 131 17.90 54.97 -39.02
N LEU E 132 17.32 53.77 -38.96
CA LEU E 132 15.88 53.65 -38.83
C LEU E 132 15.38 54.26 -37.52
N PHE E 133 16.10 54.01 -36.42
CA PHE E 133 15.71 54.58 -35.14
C PHE E 133 15.73 56.10 -35.18
N ALA E 134 16.78 56.68 -35.76
CA ALA E 134 16.89 58.12 -35.86
C ALA E 134 15.80 58.70 -36.76
N ALA E 135 15.50 58.02 -37.87
CA ALA E 135 14.43 58.48 -38.74
C ALA E 135 13.10 58.49 -38.03
N GLU E 136 12.80 57.41 -37.30
CA GLU E 136 11.55 57.36 -36.53
C GLU E 136 11.51 58.47 -35.48
N THR E 137 12.62 58.66 -34.78
CA THR E 137 12.67 59.69 -33.73
C THR E 137 12.47 61.08 -34.31
N LEU E 138 13.13 61.38 -35.43
CA LEU E 138 13.00 62.68 -36.06
C LEU E 138 11.58 62.92 -36.56
N LYS E 139 10.98 61.91 -37.20
CA LYS E 139 9.63 62.08 -37.71
C LYS E 139 8.62 62.24 -36.58
N ALA E 140 8.75 61.46 -35.52
CA ALA E 140 7.86 61.62 -34.38
C ALA E 140 8.05 62.98 -33.71
N THR E 141 9.30 63.45 -33.61
CA THR E 141 9.55 64.76 -33.03
C THR E 141 8.94 65.87 -33.87
N GLU E 142 9.04 65.75 -35.19
CA GLU E 142 8.41 66.73 -36.08
C GLU E 142 6.90 66.71 -35.92
N GLU E 143 6.31 65.52 -35.86
CA GLU E 143 4.86 65.42 -35.70
C GLU E 143 4.41 66.03 -34.38
N THR E 144 5.16 65.78 -33.30
CA THR E 144 4.82 66.36 -32.00
C THR E 144 4.99 67.88 -32.02
N PHE E 145 6.06 68.37 -32.64
CA PHE E 145 6.28 69.81 -32.70
C PHE E 145 5.18 70.50 -33.50
N LYS E 146 4.64 69.83 -34.51
CA LYS E 146 3.49 70.39 -35.23
C LYS E 146 2.32 70.65 -34.29
N LEU E 147 2.16 69.81 -33.27
CA LEU E 147 1.06 69.97 -32.33
C LEU E 147 1.24 71.17 -31.41
N SER E 148 2.47 71.66 -31.25
CA SER E 148 2.72 72.78 -30.34
C SER E 148 2.17 74.09 -30.87
N TYR E 149 1.83 74.16 -32.16
CA TYR E 149 1.32 75.40 -32.74
C TYR E 149 -0.13 75.62 -32.36
N GLY E 150 -0.53 76.89 -32.32
CA GLY E 150 -1.88 77.22 -31.92
C GLY E 150 -2.88 77.03 -33.05
N ILE E 151 -4.16 77.01 -32.68
CA ILE E 151 -5.23 76.86 -33.67
C ILE E 151 -5.65 78.23 -34.18
N ALA E 152 -5.73 78.35 -35.51
CA ALA E 152 -6.20 79.57 -36.15
C ALA E 152 -7.65 79.38 -36.55
N THR E 153 -8.52 80.27 -36.04
CA THR E 153 -9.96 80.16 -36.24
C THR E 153 -10.46 81.34 -37.06
N VAL E 154 -11.38 81.06 -37.99
CA VAL E 154 -11.96 82.09 -38.82
C VAL E 154 -12.81 83.00 -37.92
N ARG E 155 -12.35 84.23 -37.72
CA ARG E 155 -13.13 85.22 -36.99
C ARG E 155 -13.99 86.10 -37.90
N GLU E 156 -13.50 86.40 -39.10
CA GLU E 156 -14.23 87.26 -40.03
C GLU E 156 -13.86 86.85 -41.45
N VAL E 157 -14.87 86.79 -42.32
CA VAL E 157 -14.67 86.47 -43.73
C VAL E 157 -14.70 87.78 -44.49
N LEU E 158 -13.53 88.39 -44.70
CA LEU E 158 -13.47 89.68 -45.38
C LEU E 158 -13.94 89.57 -46.83
N SER E 159 -13.52 88.53 -47.53
CA SER E 159 -13.91 88.32 -48.92
C SER E 159 -13.61 86.86 -49.28
N ASP E 160 -13.68 86.53 -50.56
CA ASP E 160 -13.28 85.22 -51.04
C ASP E 160 -11.78 85.20 -51.23
N ARG E 161 -11.15 84.07 -50.88
CA ARG E 161 -9.71 83.86 -50.88
C ARG E 161 -8.99 84.75 -49.88
N GLU E 162 -9.72 85.50 -49.04
CA GLU E 162 -9.13 86.33 -48.01
C GLU E 162 -9.92 86.12 -46.71
N LEU E 163 -9.21 86.04 -45.59
CA LEU E 163 -9.83 85.70 -44.32
C LEU E 163 -9.26 86.55 -43.19
N HIS E 164 -9.85 86.40 -42.02
CA HIS E 164 -9.34 86.97 -40.78
C HIS E 164 -9.24 85.85 -39.77
N LEU E 165 -8.05 85.65 -39.20
CA LEU E 165 -7.80 84.53 -38.31
C LEU E 165 -7.46 85.02 -36.92
N SER E 166 -8.08 84.38 -35.92
CA SER E 166 -7.75 84.59 -34.52
C SER E 166 -6.96 83.40 -34.02
N TRP E 167 -5.86 83.68 -33.31
CA TRP E 167 -4.92 82.65 -32.89
C TRP E 167 -5.08 82.36 -31.42
N GLU E 168 -4.87 81.09 -31.05
CA GLU E 168 -4.97 80.68 -29.66
C GLU E 168 -3.86 81.32 -28.84
N VAL E 169 -4.19 81.75 -27.62
CA VAL E 169 -3.21 82.34 -26.73
C VAL E 169 -2.39 81.24 -26.08
N GLY E 170 -1.12 81.54 -25.82
CA GLY E 170 -0.22 80.60 -25.18
C GLY E 170 0.51 79.65 -26.12
N LYS E 171 0.21 79.68 -27.41
CA LYS E 171 0.90 78.82 -28.36
C LYS E 171 1.46 79.63 -29.51
N PRO E 172 2.62 79.25 -30.04
CA PRO E 172 3.20 79.99 -31.17
C PRO E 172 2.41 79.77 -32.45
N ARG E 173 2.55 80.74 -33.36
CA ARG E 173 1.90 80.70 -34.65
C ARG E 173 2.84 80.15 -35.71
N PRO E 174 2.44 79.10 -36.43
CA PRO E 174 3.33 78.55 -37.45
C PRO E 174 3.52 79.52 -38.59
N PRO E 175 4.64 79.45 -39.30
CA PRO E 175 4.86 80.34 -40.45
C PRO E 175 3.80 80.13 -41.52
N LEU E 176 3.42 81.23 -42.16
CA LEU E 176 2.38 81.20 -43.19
C LEU E 176 3.02 81.13 -44.57
N ASN E 177 3.40 79.91 -44.94
CA ASN E 177 4.00 79.63 -46.25
C ASN E 177 3.49 78.28 -46.74
N ARG E 178 3.99 77.88 -47.92
CA ARG E 178 3.53 76.64 -48.54
C ARG E 178 3.99 75.39 -47.79
N ASN E 179 5.07 75.49 -47.00
CA ASN E 179 5.58 74.33 -46.29
C ASN E 179 4.68 73.92 -45.12
N TYR E 180 3.72 74.75 -44.72
CA TYR E 180 2.79 74.42 -43.64
C TYR E 180 1.39 74.34 -44.23
N VAL E 181 0.90 73.11 -44.43
CA VAL E 181 -0.43 72.87 -44.99
C VAL E 181 -1.40 72.65 -43.84
N PHE E 182 -2.41 73.52 -43.75
CA PHE E 182 -3.42 73.42 -42.71
C PHE E 182 -4.59 72.56 -43.20
N THR E 183 -5.53 72.30 -42.30
CA THR E 183 -6.73 71.53 -42.61
C THR E 183 -7.89 72.14 -41.83
N GLY E 184 -9.02 72.33 -42.50
CA GLY E 184 -10.13 73.00 -41.88
C GLY E 184 -11.09 72.06 -41.19
N TYR E 185 -11.56 72.52 -40.03
CA TYR E 185 -12.57 71.81 -39.25
C TYR E 185 -13.78 72.71 -39.08
N ARG E 186 -14.96 72.11 -39.25
CA ARG E 186 -16.22 72.83 -39.22
C ARG E 186 -16.99 72.49 -37.95
N VAL E 187 -17.65 73.50 -37.36
CA VAL E 187 -18.33 73.33 -36.09
C VAL E 187 -19.60 72.51 -36.29
N THR E 188 -19.76 71.47 -35.46
CA THR E 188 -20.97 70.66 -35.45
C THR E 188 -21.49 70.52 -34.02
N LYS E 189 -22.49 69.66 -33.82
CA LYS E 189 -23.17 69.53 -32.54
C LYS E 189 -22.27 69.01 -31.42
N ASN E 190 -21.58 67.88 -31.66
CA ASN E 190 -20.81 67.23 -30.61
C ASN E 190 -19.47 66.72 -31.11
N SER E 191 -19.12 66.99 -32.38
CA SER E 191 -17.84 66.56 -32.91
C SER E 191 -17.34 67.56 -33.94
N LYS E 192 -16.35 67.18 -34.73
CA LYS E 192 -15.83 68.07 -35.76
C LYS E 192 -15.68 67.28 -37.05
N VAL E 193 -15.79 68.00 -38.17
CA VAL E 193 -15.68 67.38 -39.48
C VAL E 193 -14.64 68.14 -40.30
N GLN E 194 -13.79 67.37 -40.99
CA GLN E 194 -12.79 67.95 -41.87
C GLN E 194 -13.45 68.59 -43.08
N ILE E 195 -12.80 69.63 -43.59
CA ILE E 195 -13.34 70.35 -44.75
C ILE E 195 -12.24 70.44 -45.81
N GLY E 196 -11.16 69.71 -45.61
CA GLY E 196 -10.07 69.66 -46.57
C GLY E 196 -8.85 70.45 -46.11
N GLU E 197 -7.83 70.42 -46.96
CA GLU E 197 -6.52 70.97 -46.65
C GLU E 197 -6.37 72.38 -47.22
N TYR E 198 -5.68 73.24 -46.47
CA TYR E 198 -5.52 74.64 -46.84
C TYR E 198 -4.06 75.07 -46.67
N THR E 199 -3.72 76.17 -47.33
CA THR E 199 -2.47 76.89 -47.10
C THR E 199 -2.79 78.35 -46.89
N PHE E 200 -1.94 79.04 -46.12
CA PHE E 200 -2.20 80.41 -45.73
C PHE E 200 -0.99 81.30 -45.99
N GLU E 201 -1.28 82.54 -46.33
CA GLU E 201 -0.26 83.56 -46.55
C GLU E 201 -0.79 84.87 -45.99
N LYS E 202 0.13 85.81 -45.76
CA LYS E 202 -0.27 87.12 -45.27
C LYS E 202 -1.10 87.85 -46.33
N GLY E 203 -2.18 88.48 -45.90
CA GLY E 203 -3.06 89.19 -46.81
C GLY E 203 -2.54 90.55 -47.21
N ALA E 208 -5.33 90.58 -42.17
CA ALA E 208 -6.00 89.68 -43.10
C ALA E 208 -5.04 88.63 -43.64
N VAL E 209 -5.58 87.49 -44.06
CA VAL E 209 -4.79 86.39 -44.58
C VAL E 209 -5.44 85.85 -45.85
N VAL E 210 -4.61 85.54 -46.84
CA VAL E 210 -5.06 84.94 -48.09
C VAL E 210 -4.91 83.42 -47.97
N TYR E 211 -6.01 82.70 -48.20
CA TYR E 211 -6.02 81.25 -48.08
C TYR E 211 -6.15 80.61 -49.45
N ARG E 212 -5.33 79.60 -49.70
CA ARG E 212 -5.39 78.79 -50.93
C ARG E 212 -5.87 77.41 -50.51
N GLY E 213 -7.10 77.06 -50.91
CA GLY E 213 -7.67 75.78 -50.60
C GLY E 213 -7.75 74.88 -51.82
N THR E 214 -7.61 73.57 -51.57
CA THR E 214 -7.74 72.59 -52.65
C THR E 214 -9.15 72.64 -53.25
N THR E 215 -10.15 72.77 -52.40
CA THR E 215 -11.55 72.87 -52.82
C THR E 215 -12.17 74.13 -52.23
N THR E 216 -12.95 74.83 -53.06
CA THR E 216 -13.51 76.12 -52.69
C THR E 216 -14.88 75.97 -52.04
N TYR E 217 -15.11 76.75 -51.00
CA TYR E 217 -16.35 76.69 -50.23
C TYR E 217 -16.86 78.10 -49.97
N LYS E 218 -17.85 78.19 -49.08
CA LYS E 218 -18.35 79.45 -48.55
C LYS E 218 -18.15 79.45 -47.04
N LEU E 219 -16.95 79.06 -46.60
CA LEU E 219 -16.69 78.87 -45.18
C LEU E 219 -16.94 80.15 -44.39
N ASN E 220 -17.45 79.99 -43.17
CA ASN E 220 -17.92 81.09 -42.35
C ASN E 220 -17.16 81.11 -41.03
N VAL E 221 -17.59 81.98 -40.13
CA VAL E 221 -17.00 82.06 -38.80
C VAL E 221 -17.30 80.77 -38.03
N GLY E 222 -16.28 80.23 -37.38
CA GLY E 222 -16.37 78.96 -36.67
C GLY E 222 -15.42 77.91 -37.19
N ASP E 223 -15.26 77.82 -38.51
CA ASP E 223 -14.25 76.95 -39.08
C ASP E 223 -12.87 77.37 -38.59
N TYR E 224 -12.06 76.38 -38.21
CA TYR E 224 -10.69 76.69 -37.84
C TYR E 224 -9.75 75.78 -38.64
N PHE E 225 -8.45 76.01 -38.48
CA PHE E 225 -7.46 75.30 -39.27
C PHE E 225 -6.35 74.78 -38.38
N VAL E 226 -6.01 73.51 -38.56
CA VAL E 226 -4.96 72.85 -37.79
C VAL E 226 -4.07 72.07 -38.74
N LEU E 227 -2.76 72.11 -38.49
CA LEU E 227 -1.81 71.30 -39.26
C LEU E 227 -2.00 69.84 -38.89
N THR E 228 -2.60 69.05 -39.79
CA THR E 228 -2.92 67.67 -39.49
C THR E 228 -1.65 66.85 -39.29
N SER E 229 -1.62 66.06 -38.22
CA SER E 229 -0.55 65.13 -37.94
C SER E 229 -1.05 63.70 -38.10
N HIS E 230 -0.10 62.79 -38.34
CA HIS E 230 -0.44 61.39 -38.57
C HIS E 230 0.53 60.50 -37.79
N THR E 231 0.08 59.28 -37.51
CA THR E 231 0.88 58.36 -36.74
C THR E 231 2.14 57.95 -37.49
N VAL E 232 3.26 57.90 -36.78
CA VAL E 232 4.54 57.51 -37.37
C VAL E 232 4.76 56.04 -37.10
N MET E 233 4.62 55.23 -38.14
CA MET E 233 4.76 53.79 -38.00
C MET E 233 6.24 53.40 -37.86
N PRO E 234 6.53 52.37 -37.07
CA PRO E 234 7.93 51.97 -36.88
C PRO E 234 8.53 51.38 -38.15
N LEU E 235 9.84 51.53 -38.28
CA LEU E 235 10.56 51.13 -39.47
C LEU E 235 11.34 49.84 -39.22
N SER E 236 11.28 48.93 -40.19
CA SER E 236 12.00 47.67 -40.11
C SER E 236 12.95 47.50 -41.29
N ALA E 237 12.48 47.86 -42.48
CA ALA E 237 13.28 47.69 -43.68
C ALA E 237 14.41 48.72 -43.73
N PRO E 238 15.58 48.32 -44.23
CA PRO E 238 16.69 49.28 -44.35
C PRO E 238 16.41 50.34 -45.42
N THR E 239 17.10 51.46 -45.28
CA THR E 239 17.00 52.52 -46.29
C THR E 239 17.53 52.04 -47.63
N LEU E 240 18.51 51.15 -47.63
CA LEU E 240 19.02 50.55 -48.86
C LEU E 240 19.28 49.07 -48.64
N VAL E 241 18.71 48.25 -49.52
CA VAL E 241 18.96 46.81 -49.56
C VAL E 241 20.43 46.63 -49.96
N PRO E 242 21.15 45.67 -49.40
CA PRO E 242 22.56 45.51 -49.76
C PRO E 242 22.76 45.31 -51.26
N GLN E 243 23.82 45.91 -51.78
CA GLN E 243 24.03 45.96 -53.23
C GLN E 243 24.44 44.60 -53.77
N GLU E 244 23.88 44.24 -54.92
CA GLU E 244 24.28 43.04 -55.65
C GLU E 244 24.57 43.42 -57.09
N HIS E 245 25.78 43.15 -57.55
CA HIS E 245 26.18 43.39 -58.93
C HIS E 245 26.21 42.08 -59.69
N TYR E 246 25.77 42.13 -60.94
CA TYR E 246 25.56 40.94 -61.75
C TYR E 246 26.45 40.98 -62.99
N VAL E 247 26.63 39.82 -63.60
CA VAL E 247 27.37 39.71 -64.86
C VAL E 247 26.44 39.74 -66.08
N ARG E 248 25.19 39.33 -65.92
CA ARG E 248 24.21 39.40 -67.00
C ARG E 248 22.95 40.07 -66.47
N ILE E 249 22.14 40.58 -67.40
CA ILE E 249 20.88 41.20 -67.04
C ILE E 249 19.95 40.12 -66.48
N THR E 250 19.56 40.27 -65.22
CA THR E 250 18.75 39.27 -64.52
C THR E 250 17.33 39.79 -64.37
N GLY E 251 16.35 38.91 -64.57
CA GLY E 251 14.96 39.26 -64.40
C GLY E 251 14.39 40.18 -65.45
N LEU E 252 15.17 40.57 -66.46
CA LEU E 252 14.73 41.50 -67.48
C LEU E 252 15.05 40.96 -68.85
N TYR E 253 14.15 41.24 -69.80
CA TYR E 253 14.35 40.86 -71.20
C TYR E 253 14.30 42.12 -72.05
N PRO E 254 15.44 42.68 -72.44
CA PRO E 254 15.44 43.90 -73.24
C PRO E 254 14.75 43.71 -74.58
N THR E 255 14.04 44.75 -75.00
CA THR E 255 13.36 44.71 -76.29
C THR E 255 14.38 44.75 -77.43
N LEU E 256 14.04 44.08 -78.53
CA LEU E 256 14.91 44.03 -79.69
C LEU E 256 14.72 45.21 -80.64
N ASN E 257 13.73 46.05 -80.39
CA ASN E 257 13.47 47.23 -81.22
C ASN E 257 13.23 48.42 -80.30
N ILE E 258 14.09 49.43 -80.40
CA ILE E 258 13.96 50.65 -79.61
C ILE E 258 14.07 51.84 -80.56
N SER E 259 13.46 52.94 -80.16
CA SER E 259 13.47 54.17 -80.93
C SER E 259 14.66 55.04 -80.57
N ASP E 260 14.99 55.97 -81.46
CA ASP E 260 16.06 56.94 -81.23
C ASP E 260 15.76 57.86 -80.05
N GLU E 261 14.48 58.04 -79.71
CA GLU E 261 14.13 58.92 -78.59
C GLU E 261 14.68 58.41 -77.27
N PHE E 262 14.78 57.10 -77.10
CA PHE E 262 15.34 56.50 -75.90
C PHE E 262 16.66 55.79 -76.14
N SER E 263 17.24 55.93 -77.33
CA SER E 263 18.47 55.21 -77.65
C SER E 263 19.64 55.64 -76.77
N SER E 264 19.76 56.94 -76.51
CA SER E 264 20.90 57.44 -75.72
C SER E 264 20.93 56.88 -74.31
N ASN E 265 19.81 56.36 -73.82
CA ASN E 265 19.73 55.79 -72.50
C ASN E 265 19.90 54.27 -72.49
N VAL E 266 19.91 53.64 -73.66
CA VAL E 266 19.81 52.18 -73.75
C VAL E 266 20.92 51.51 -72.94
N ALA E 267 22.17 51.95 -73.15
CA ALA E 267 23.28 51.36 -72.40
C ALA E 267 23.05 51.48 -70.90
N ASN E 268 22.66 52.67 -70.45
CA ASN E 268 22.36 52.83 -69.03
C ASN E 268 21.26 51.89 -68.59
N TYR E 269 20.24 51.70 -69.43
CA TYR E 269 19.18 50.75 -69.12
C TYR E 269 19.76 49.36 -68.88
N GLN E 270 20.73 48.95 -69.68
CA GLN E 270 21.36 47.66 -69.47
C GLN E 270 22.03 47.60 -68.10
N LYS E 271 22.71 48.69 -67.70
CA LYS E 271 23.30 48.73 -66.38
C LYS E 271 22.22 48.58 -65.30
N VAL E 272 21.02 49.06 -65.58
CA VAL E 272 19.90 48.90 -64.65
C VAL E 272 19.67 47.42 -64.36
N GLY E 273 19.76 46.58 -65.39
CA GLY E 273 19.60 45.15 -65.19
C GLY E 273 20.84 44.44 -64.70
N MET E 274 21.96 45.15 -64.57
CA MET E 274 23.23 44.53 -64.24
C MET E 274 23.57 44.68 -62.75
N GLN E 275 22.75 45.39 -61.99
CA GLN E 275 23.00 45.58 -60.57
C GLN E 275 21.68 45.64 -59.83
N LYS E 276 21.74 45.34 -58.53
CA LYS E 276 20.51 45.16 -57.75
C LYS E 276 19.75 46.47 -57.63
N TYR E 277 20.44 47.54 -57.23
CA TYR E 277 19.84 48.87 -57.21
C TYR E 277 20.77 49.85 -57.92
N SER E 278 20.17 50.84 -58.57
CA SER E 278 20.91 51.81 -59.34
C SER E 278 20.46 53.21 -58.96
N THR E 279 21.41 54.14 -58.99
CA THR E 279 21.16 55.54 -58.64
C THR E 279 21.46 56.41 -59.85
N LEU E 280 20.54 57.32 -60.16
CA LEU E 280 20.66 58.20 -61.33
C LEU E 280 20.68 59.65 -60.87
N GLN E 281 21.60 60.43 -61.42
CA GLN E 281 21.61 61.88 -61.23
C GLN E 281 21.18 62.55 -62.53
N GLY E 282 20.00 63.18 -62.50
CA GLY E 282 19.52 63.93 -63.62
C GLY E 282 19.38 65.40 -63.29
N PRO E 283 20.26 66.23 -63.84
CA PRO E 283 20.13 67.68 -63.67
C PRO E 283 18.84 68.19 -64.30
N PRO E 284 18.46 69.43 -64.03
CA PRO E 284 17.21 69.96 -64.61
C PRO E 284 17.25 69.94 -66.13
N GLY E 285 16.12 69.56 -66.72
CA GLY E 285 16.01 69.51 -68.17
C GLY E 285 16.81 68.41 -68.83
N THR E 286 17.09 67.32 -68.12
CA THR E 286 17.85 66.21 -68.68
C THR E 286 17.00 65.01 -69.04
N GLY E 287 15.72 65.00 -68.67
CA GLY E 287 14.85 63.90 -69.05
C GLY E 287 14.83 62.77 -68.05
N LYS E 288 14.59 63.09 -66.77
CA LYS E 288 14.52 62.07 -65.74
C LYS E 288 13.31 61.16 -65.93
N SER E 289 12.14 61.77 -66.12
CA SER E 289 10.95 60.97 -66.40
C SER E 289 11.08 60.25 -67.75
N HIS E 290 11.79 60.88 -68.70
CA HIS E 290 12.07 60.23 -69.97
C HIS E 290 12.89 58.96 -69.76
N PHE E 291 13.90 59.04 -68.88
CA PHE E 291 14.67 57.86 -68.51
C PHE E 291 13.78 56.81 -67.86
N ALA E 292 12.93 57.24 -66.91
CA ALA E 292 12.10 56.29 -66.19
C ALA E 292 11.13 55.56 -67.11
N ILE E 293 10.65 56.24 -68.15
CA ILE E 293 9.67 55.62 -69.04
C ILE E 293 10.36 54.84 -70.14
N GLY E 294 11.55 55.26 -70.56
CA GLY E 294 12.32 54.46 -71.48
C GLY E 294 12.84 53.18 -70.86
N LEU E 295 12.99 53.17 -69.53
CA LEU E 295 13.28 51.92 -68.85
C LEU E 295 12.13 50.92 -69.02
N ALA E 296 10.89 51.41 -68.91
CA ALA E 296 9.74 50.56 -69.12
C ALA E 296 9.64 50.10 -70.58
N LEU E 297 9.83 51.03 -71.52
CA LEU E 297 9.74 50.68 -72.93
C LEU E 297 10.89 49.77 -73.36
N TYR E 298 12.02 49.84 -72.66
CA TYR E 298 13.15 48.97 -72.96
C TYR E 298 12.93 47.55 -72.46
N TYR E 299 12.13 47.39 -71.39
CA TYR E 299 11.75 46.09 -70.86
C TYR E 299 10.23 46.03 -70.85
N PRO E 300 9.60 45.75 -72.00
CA PRO E 300 8.13 45.80 -72.08
C PRO E 300 7.43 44.85 -71.13
N SER E 301 8.03 43.70 -70.81
CA SER E 301 7.38 42.73 -69.94
C SER E 301 7.66 42.99 -68.45
N ALA E 302 8.44 44.01 -68.14
CA ALA E 302 8.81 44.25 -66.75
C ALA E 302 7.65 44.80 -65.94
N ARG E 303 7.57 44.38 -64.67
CA ARG E 303 6.61 44.91 -63.72
C ARG E 303 7.24 46.06 -62.97
N ILE E 304 6.66 47.25 -63.07
CA ILE E 304 7.30 48.47 -62.58
C ILE E 304 6.38 49.22 -61.62
N VAL E 305 6.95 49.62 -60.49
CA VAL E 305 6.30 50.47 -59.50
C VAL E 305 6.99 51.83 -59.53
N TYR E 306 6.31 52.83 -60.07
CA TYR E 306 6.78 54.21 -60.00
C TYR E 306 6.26 54.83 -58.72
N THR E 307 7.17 55.34 -57.89
CA THR E 307 6.81 55.89 -56.59
C THR E 307 7.59 57.17 -56.32
N ALA E 308 6.99 58.03 -55.51
CA ALA E 308 7.60 59.29 -55.09
C ALA E 308 6.90 59.74 -53.81
N CYS E 309 7.54 60.67 -53.10
CA CYS E 309 6.99 61.16 -51.85
C CYS E 309 5.75 62.01 -52.08
N SER E 310 5.83 62.95 -53.01
CA SER E 310 4.75 63.89 -53.26
C SER E 310 3.87 63.41 -54.41
N HIS E 311 2.62 63.90 -54.43
CA HIS E 311 1.69 63.52 -55.49
C HIS E 311 2.13 64.11 -56.83
N ALA E 312 2.80 65.27 -56.80
CA ALA E 312 3.13 65.97 -58.05
C ALA E 312 4.11 65.17 -58.90
N ALA E 313 5.13 64.59 -58.29
CA ALA E 313 6.10 63.81 -59.06
C ALA E 313 5.46 62.57 -59.67
N VAL E 314 4.61 61.89 -58.91
CA VAL E 314 3.91 60.71 -59.43
C VAL E 314 2.98 61.12 -60.56
N ASP E 315 2.34 62.29 -60.44
CA ASP E 315 1.47 62.77 -61.50
C ASP E 315 2.27 63.11 -62.76
N ALA E 316 3.47 63.66 -62.60
CA ALA E 316 4.33 63.91 -63.76
C ALA E 316 4.74 62.61 -64.44
N LEU E 317 5.09 61.61 -63.64
CA LEU E 317 5.41 60.29 -64.20
C LEU E 317 4.22 59.71 -64.94
N CYS E 318 3.01 59.87 -64.37
CA CYS E 318 1.80 59.40 -65.03
C CYS E 318 1.53 60.15 -66.32
N GLU E 319 1.79 61.45 -66.33
CA GLU E 319 1.60 62.24 -67.56
C GLU E 319 2.55 61.76 -68.65
N LYS E 320 3.80 61.46 -68.29
CA LYS E 320 4.70 60.87 -69.28
C LYS E 320 4.22 59.49 -69.73
N ALA E 321 3.69 58.70 -68.79
CA ALA E 321 3.17 57.38 -69.11
C ALA E 321 2.02 57.46 -70.12
N LEU E 322 1.11 58.41 -69.93
CA LEU E 322 0.07 58.64 -70.93
C LEU E 322 0.68 58.89 -72.31
N LYS E 323 1.81 59.59 -72.36
CA LYS E 323 2.45 59.91 -73.64
C LYS E 323 3.07 58.68 -74.29
N TYR E 324 3.77 57.83 -73.53
CA TYR E 324 4.43 56.67 -74.13
C TYR E 324 3.88 55.32 -73.71
N LEU E 325 3.25 55.21 -72.55
CA LEU E 325 2.84 53.89 -72.07
C LEU E 325 1.37 53.64 -72.35
N PRO E 326 0.99 52.39 -72.60
CA PRO E 326 -0.44 52.07 -72.79
C PRO E 326 -1.24 52.41 -71.54
N ILE E 327 -2.44 52.95 -71.76
CA ILE E 327 -3.25 53.40 -70.64
C ILE E 327 -3.87 52.22 -69.89
N ASP E 328 -4.05 51.09 -70.58
CA ASP E 328 -4.66 49.93 -69.93
C ASP E 328 -3.72 49.24 -68.96
N LYS E 329 -2.41 49.42 -69.11
CA LYS E 329 -1.42 48.76 -68.26
C LYS E 329 -0.89 49.64 -67.14
N CYS E 330 -1.42 50.85 -66.99
CA CYS E 330 -1.00 51.76 -65.94
C CYS E 330 -2.16 52.07 -65.01
N SER E 331 -1.87 52.10 -63.70
CA SER E 331 -2.90 52.41 -62.72
C SER E 331 -2.32 53.27 -61.61
N ARG E 332 -3.12 54.22 -61.15
CA ARG E 332 -2.73 55.20 -60.13
C ARG E 332 -3.42 54.85 -58.81
N ILE E 333 -2.64 54.63 -57.77
CA ILE E 333 -3.17 54.35 -56.44
C ILE E 333 -3.44 55.67 -55.73
N ILE E 334 -4.68 55.84 -55.27
CA ILE E 334 -5.07 57.05 -54.54
C ILE E 334 -5.66 56.63 -53.20
N PRO E 335 -5.12 57.11 -52.08
CA PRO E 335 -5.67 56.74 -50.77
C PRO E 335 -7.05 57.35 -50.55
N ALA E 336 -7.84 56.66 -49.75
CA ALA E 336 -9.19 57.11 -49.42
C ALA E 336 -9.16 58.22 -48.38
N VAL E 340 -7.09 65.41 -51.88
CA VAL E 340 -6.17 66.07 -52.80
C VAL E 340 -6.36 65.54 -54.21
N GLU E 341 -6.57 66.44 -55.16
CA GLU E 341 -6.77 66.07 -56.56
C GLU E 341 -5.43 65.67 -57.16
N CYS E 342 -5.42 64.56 -57.89
CA CYS E 342 -4.21 64.02 -58.51
C CYS E 342 -4.55 63.44 -59.88
N PHE E 343 -3.62 62.65 -60.41
CA PHE E 343 -3.81 62.02 -61.72
C PHE E 343 -5.04 61.12 -61.71
N ASP E 344 -5.96 61.39 -62.62
CA ASP E 344 -7.26 60.71 -62.63
C ASP E 344 -7.68 60.30 -64.03
N LYS E 345 -6.76 59.71 -64.80
CA LYS E 345 -7.12 59.06 -66.05
C LYS E 345 -6.56 57.66 -66.17
N PHE E 346 -5.74 57.21 -65.23
CA PHE E 346 -5.46 55.79 -65.04
C PHE E 346 -6.48 55.21 -64.06
N LYS E 347 -6.72 53.90 -64.19
CA LYS E 347 -7.64 53.23 -63.29
C LYS E 347 -7.13 53.30 -61.86
N VAL E 348 -8.06 53.46 -60.92
CA VAL E 348 -7.74 53.83 -59.55
C VAL E 348 -7.76 52.59 -58.67
N ASN E 349 -6.72 52.46 -57.83
CA ASN E 349 -6.64 51.41 -56.81
C ASN E 349 -6.59 50.01 -57.43
N SER E 350 -5.73 49.84 -58.42
CA SER E 350 -5.47 48.54 -59.04
C SER E 350 -4.00 48.20 -58.78
N THR E 351 -3.76 46.99 -58.27
CA THR E 351 -2.40 46.62 -57.88
C THR E 351 -1.78 45.64 -58.89
N LEU E 352 -2.59 44.75 -59.46
CA LEU E 352 -2.08 43.64 -60.25
C LEU E 352 -1.89 43.98 -61.73
N GLU E 353 -1.88 45.27 -62.08
CA GLU E 353 -1.57 45.64 -63.46
C GLU E 353 -0.06 45.58 -63.69
N GLN E 354 0.37 46.07 -64.86
CA GLN E 354 1.78 45.99 -65.20
C GLN E 354 2.58 47.16 -64.63
N TYR E 355 2.01 48.36 -64.66
CA TYR E 355 2.69 49.57 -64.22
C TYR E 355 1.83 50.28 -63.18
N VAL E 356 2.36 50.43 -61.97
CA VAL E 356 1.61 51.02 -60.87
C VAL E 356 2.31 52.29 -60.41
N PHE E 357 1.55 53.38 -60.31
CA PHE E 357 2.05 54.68 -59.88
C PHE E 357 1.43 55.00 -58.53
N CYS E 358 2.28 55.24 -57.52
CA CYS E 358 1.75 55.46 -56.19
C CYS E 358 2.73 56.28 -55.37
N THR E 359 2.21 56.96 -54.35
CA THR E 359 3.07 57.66 -53.40
C THR E 359 3.65 56.68 -52.38
N VAL E 360 4.72 57.12 -51.73
CA VAL E 360 5.42 56.26 -50.77
C VAL E 360 4.50 55.90 -49.61
N ASN E 361 3.76 56.88 -49.10
CA ASN E 361 2.88 56.68 -47.96
C ASN E 361 1.70 55.77 -48.24
N ALA E 362 1.39 55.50 -49.50
CA ALA E 362 0.26 54.65 -49.86
C ALA E 362 0.68 53.40 -50.63
N LEU E 363 1.97 53.10 -50.67
CA LEU E 363 2.44 51.95 -51.43
C LEU E 363 1.94 50.65 -50.81
N PRO E 364 1.30 49.78 -51.59
CA PRO E 364 0.87 48.49 -51.07
C PRO E 364 2.02 47.51 -50.96
N GLU E 365 1.76 46.41 -50.24
CA GLU E 365 2.72 45.32 -50.12
C GLU E 365 2.67 44.47 -51.39
N THR E 366 3.73 44.52 -52.18
CA THR E 366 3.72 43.84 -53.47
C THR E 366 5.15 43.62 -53.95
N THR E 367 5.27 42.82 -54.99
CA THR E 367 6.54 42.57 -55.67
C THR E 367 6.49 43.15 -57.07
N ALA E 368 7.68 43.42 -57.61
CA ALA E 368 7.81 44.06 -58.91
C ALA E 368 9.13 43.67 -59.53
N ASP E 369 9.22 43.90 -60.84
CA ASP E 369 10.49 43.67 -61.54
C ASP E 369 11.40 44.88 -61.40
N ILE E 370 10.86 46.08 -61.53
CA ILE E 370 11.60 47.33 -61.37
C ILE E 370 10.78 48.28 -60.50
N VAL E 371 11.44 48.94 -59.57
CA VAL E 371 10.85 50.01 -58.78
C VAL E 371 11.62 51.29 -59.05
N VAL E 372 10.93 52.27 -59.63
CA VAL E 372 11.52 53.55 -59.98
C VAL E 372 11.05 54.59 -58.96
N PHE E 373 12.00 55.08 -58.16
CA PHE E 373 11.74 56.13 -57.17
C PHE E 373 12.28 57.44 -57.71
N ASP E 374 11.38 58.30 -58.18
CA ASP E 374 11.74 59.55 -58.83
C ASP E 374 11.98 60.67 -57.80
N GLU E 375 12.86 61.59 -58.18
CA GLU E 375 13.18 62.77 -57.37
C GLU E 375 13.67 62.38 -55.98
N ILE E 376 14.84 61.73 -55.96
CA ILE E 376 15.43 61.26 -54.71
C ILE E 376 15.77 62.42 -53.77
N SER E 377 15.86 63.64 -54.29
CA SER E 377 16.29 64.77 -53.47
C SER E 377 15.35 65.02 -52.30
N MET E 378 14.03 64.98 -52.53
CA MET E 378 13.09 65.23 -51.46
C MET E 378 12.96 64.06 -50.50
N ALA E 379 13.55 62.91 -50.81
CA ALA E 379 13.36 61.71 -50.01
C ALA E 379 14.09 61.81 -48.67
N THR E 380 13.51 61.14 -47.68
CA THR E 380 14.15 60.93 -46.38
C THR E 380 14.40 59.44 -46.19
N ASN E 381 15.20 59.11 -45.18
CA ASN E 381 15.46 57.72 -44.86
C ASN E 381 14.19 56.99 -44.46
N TYR E 382 13.21 57.71 -43.90
CA TYR E 382 11.91 57.13 -43.60
C TYR E 382 11.23 56.65 -44.88
N ASP E 383 11.26 57.48 -45.92
CA ASP E 383 10.67 57.09 -47.20
C ASP E 383 11.39 55.90 -47.81
N LEU E 384 12.73 55.88 -47.72
CA LEU E 384 13.48 54.76 -48.25
C LEU E 384 13.13 53.47 -47.52
N SER E 385 13.03 53.53 -46.19
CA SER E 385 12.66 52.35 -45.41
C SER E 385 11.26 51.87 -45.76
N VAL E 386 10.32 52.81 -45.93
CA VAL E 386 8.95 52.42 -46.27
C VAL E 386 8.92 51.77 -47.65
N VAL E 387 9.65 52.35 -48.61
CA VAL E 387 9.67 51.80 -49.97
C VAL E 387 10.26 50.40 -49.96
N ASN E 388 11.35 50.21 -49.21
CA ASN E 388 11.96 48.88 -49.13
C ASN E 388 11.04 47.88 -48.43
N ALA E 389 10.24 48.34 -47.46
CA ALA E 389 9.33 47.43 -46.78
C ALA E 389 8.17 47.02 -47.68
N ARG E 390 7.55 47.98 -48.37
CA ARG E 390 6.35 47.69 -49.16
C ARG E 390 6.66 46.99 -50.48
N LEU E 391 7.78 47.30 -51.11
CA LEU E 391 8.06 46.84 -52.47
C LEU E 391 9.22 45.86 -52.44
N ARG E 392 8.99 44.66 -52.98
CA ARG E 392 10.03 43.67 -53.17
C ARG E 392 10.33 43.59 -54.67
N ALA E 393 11.49 44.10 -55.07
CA ALA E 393 11.80 44.25 -56.48
C ALA E 393 13.14 43.63 -56.82
N LYS E 394 13.26 43.15 -58.06
CA LYS E 394 14.54 42.68 -58.56
C LYS E 394 15.51 43.84 -58.81
N HIS E 395 14.99 45.01 -59.14
CA HIS E 395 15.82 46.17 -59.43
C HIS E 395 15.15 47.43 -58.90
N TYR E 396 15.97 48.34 -58.38
CA TYR E 396 15.51 49.66 -57.92
C TYR E 396 16.32 50.73 -58.63
N VAL E 397 15.62 51.74 -59.14
CA VAL E 397 16.22 52.87 -59.85
C VAL E 397 15.85 54.14 -59.10
N TYR E 398 16.85 54.74 -58.45
CA TYR E 398 16.65 55.99 -57.71
C TYR E 398 17.04 57.15 -58.60
N ILE E 399 16.05 57.95 -58.98
CA ILE E 399 16.21 59.05 -59.92
C ILE E 399 16.03 60.35 -59.15
N GLY E 400 16.95 61.28 -59.34
CA GLY E 400 16.85 62.58 -58.68
C GLY E 400 18.16 63.33 -58.81
N ASP E 401 18.32 64.32 -57.94
CA ASP E 401 19.51 65.17 -57.98
C ASP E 401 19.86 65.68 -56.59
N PRO E 402 21.00 65.25 -56.03
CA PRO E 402 21.44 65.82 -54.75
C PRO E 402 21.75 67.30 -54.82
N ALA E 403 21.98 67.84 -56.02
CA ALA E 403 22.22 69.26 -56.22
C ALA E 403 20.94 70.08 -56.24
N GLN E 404 19.79 69.45 -56.05
CA GLN E 404 18.52 70.14 -55.97
C GLN E 404 18.02 70.15 -54.52
N LEU E 405 16.84 70.71 -54.32
CA LEU E 405 16.29 70.96 -53.00
C LEU E 405 15.88 69.66 -52.31
N PRO E 406 16.23 69.49 -51.05
CA PRO E 406 15.79 68.34 -50.28
C PRO E 406 14.44 68.60 -49.61
N ALA E 407 14.01 67.62 -48.83
CA ALA E 407 12.84 67.81 -47.99
C ALA E 407 13.15 68.86 -46.93
N PRO E 408 12.27 69.83 -46.71
CA PRO E 408 12.52 70.82 -45.67
C PRO E 408 12.57 70.18 -44.29
N ARG E 409 13.48 70.67 -43.45
CA ARG E 409 13.65 70.20 -42.08
C ARG E 409 13.30 71.37 -41.16
N THR E 410 12.06 71.37 -40.65
CA THR E 410 11.58 72.48 -39.85
C THR E 410 12.36 72.64 -38.55
N LEU E 411 12.63 71.53 -37.86
CA LEU E 411 13.28 71.61 -36.55
C LEU E 411 14.73 72.05 -36.62
N LEU E 412 15.37 71.94 -37.79
CA LEU E 412 16.77 72.30 -37.92
C LEU E 412 16.94 73.81 -37.81
N THR E 413 17.78 74.24 -36.86
CA THR E 413 18.00 75.66 -36.62
C THR E 413 19.48 75.99 -36.66
N LYS E 414 20.33 75.03 -36.29
CA LYS E 414 21.76 75.22 -36.19
C LYS E 414 22.45 74.34 -37.23
N GLY E 415 23.19 74.97 -38.14
CA GLY E 415 23.93 74.24 -39.16
C GLY E 415 23.12 74.06 -40.43
N THR E 416 23.84 73.72 -41.51
CA THR E 416 23.24 73.49 -42.82
C THR E 416 23.41 72.03 -43.21
N LEU E 417 22.35 71.46 -43.78
CA LEU E 417 22.35 70.06 -44.19
C LEU E 417 22.98 69.94 -45.57
N GLU E 418 24.08 69.20 -45.66
CA GLU E 418 24.77 68.99 -46.93
C GLU E 418 24.02 67.96 -47.77
N PRO E 419 24.21 67.99 -49.10
CA PRO E 419 23.53 67.01 -49.95
C PRO E 419 23.84 65.58 -49.60
N GLU E 420 25.05 65.29 -49.12
CA GLU E 420 25.42 63.94 -48.74
C GLU E 420 24.68 63.44 -47.51
N TYR E 421 23.98 64.32 -46.78
CA TYR E 421 23.22 63.94 -45.61
C TYR E 421 21.72 64.02 -45.82
N PHE E 422 21.27 64.24 -47.07
CA PHE E 422 19.84 64.26 -47.34
C PHE E 422 19.22 62.90 -47.06
N ASN E 423 19.84 61.83 -47.55
CA ASN E 423 19.38 60.46 -47.33
C ASN E 423 20.49 59.48 -47.72
N SER E 424 20.19 58.19 -47.64
CA SER E 424 21.21 57.18 -47.95
C SER E 424 21.58 57.19 -49.43
N VAL E 425 20.58 57.30 -50.31
CA VAL E 425 20.87 57.32 -51.75
C VAL E 425 21.66 58.58 -52.11
N CYS E 426 21.27 59.72 -51.54
CA CYS E 426 22.03 60.94 -51.77
C CYS E 426 23.44 60.82 -51.21
N ARG E 427 23.60 60.14 -50.08
CA ARG E 427 24.94 59.91 -49.53
C ARG E 427 25.80 59.10 -50.49
N LEU E 428 25.23 58.04 -51.07
CA LEU E 428 25.96 57.25 -52.05
C LEU E 428 26.31 58.09 -53.27
N MET E 429 25.36 58.90 -53.74
CA MET E 429 25.59 59.69 -54.94
C MET E 429 26.65 60.76 -54.71
N LYS E 430 26.76 61.28 -53.49
CA LYS E 430 27.74 62.32 -53.19
C LYS E 430 29.08 61.77 -52.71
N THR E 431 29.15 60.49 -52.34
CA THR E 431 30.40 59.89 -51.90
C THR E 431 31.07 59.06 -52.99
N ILE E 432 30.37 58.05 -53.53
CA ILE E 432 30.93 57.20 -54.57
C ILE E 432 30.54 57.65 -55.97
N GLY E 433 29.50 58.49 -56.09
CA GLY E 433 29.06 58.96 -57.37
C GLY E 433 27.85 58.20 -57.87
N PRO E 434 27.00 58.85 -58.67
CA PRO E 434 25.81 58.18 -59.19
C PRO E 434 26.17 57.07 -60.17
N ASP E 435 25.33 56.03 -60.16
CA ASP E 435 25.52 54.94 -61.11
C ASP E 435 25.32 55.41 -62.54
N MET E 436 24.31 56.25 -62.78
CA MET E 436 24.10 56.88 -64.07
C MET E 436 24.01 58.39 -63.91
N PHE E 437 24.41 59.10 -64.95
CA PHE E 437 24.37 60.56 -64.94
C PHE E 437 23.84 61.04 -66.28
N LEU E 438 22.90 61.98 -66.25
CA LEU E 438 22.37 62.58 -67.47
C LEU E 438 23.10 63.89 -67.72
N GLY E 439 24.13 63.84 -68.56
CA GLY E 439 25.04 64.95 -68.77
C GLY E 439 24.64 65.98 -69.80
N THR E 440 23.46 65.89 -70.39
CA THR E 440 23.01 66.82 -71.42
C THR E 440 21.76 67.53 -70.92
N CYS E 441 21.84 68.86 -70.79
CA CYS E 441 20.72 69.66 -70.33
C CYS E 441 20.02 70.30 -71.52
N ARG E 442 18.77 69.89 -71.76
CA ARG E 442 17.98 70.38 -72.89
C ARG E 442 17.14 71.60 -72.55
N ARG E 443 17.19 72.09 -71.31
CA ARG E 443 16.28 73.13 -70.86
C ARG E 443 16.91 74.52 -70.84
N CYS E 444 18.02 74.67 -70.13
CA CYS E 444 18.57 75.99 -69.85
C CYS E 444 19.48 76.47 -70.97
N PRO E 445 19.62 77.79 -71.12
CA PRO E 445 20.63 78.32 -72.05
C PRO E 445 22.03 77.96 -71.57
N ALA E 446 22.99 78.07 -72.48
CA ALA E 446 24.34 77.61 -72.20
C ALA E 446 24.96 78.33 -71.00
N GLU E 447 24.62 79.60 -70.79
CA GLU E 447 25.17 80.32 -69.64
C GLU E 447 24.73 79.69 -68.33
N ILE E 448 23.44 79.41 -68.19
CA ILE E 448 22.92 78.79 -66.98
C ILE E 448 23.52 77.41 -66.79
N VAL E 449 23.62 76.63 -67.87
CA VAL E 449 24.16 75.28 -67.77
C VAL E 449 25.62 75.31 -67.32
N ASP E 450 26.42 76.22 -67.89
CA ASP E 450 27.80 76.35 -67.47
C ASP E 450 27.90 76.77 -66.01
N THR E 451 27.07 77.72 -65.59
CA THR E 451 27.10 78.18 -64.21
C THR E 451 26.79 77.03 -63.24
N VAL E 452 25.70 76.30 -63.50
CA VAL E 452 25.31 75.23 -62.59
C VAL E 452 26.31 74.08 -62.64
N SER E 453 26.89 73.80 -63.81
CA SER E 453 27.86 72.71 -63.92
C SER E 453 29.13 73.04 -63.15
N ALA E 454 29.57 74.30 -63.22
CA ALA E 454 30.72 74.71 -62.41
C ALA E 454 30.36 74.79 -60.94
N LEU E 455 29.08 75.00 -60.61
CA LEU E 455 28.69 75.15 -59.21
C LEU E 455 28.58 73.81 -58.51
N VAL E 456 27.71 72.93 -58.99
CA VAL E 456 27.33 71.75 -58.21
C VAL E 456 27.55 70.46 -58.98
N TYR E 457 27.77 70.55 -60.28
CA TYR E 457 27.84 69.36 -61.13
C TYR E 457 29.27 69.00 -61.53
N ASP E 458 30.26 69.64 -60.91
CA ASP E 458 31.68 69.32 -61.14
C ASP E 458 32.05 69.43 -62.62
N ASN E 459 31.49 70.44 -63.27
CA ASN E 459 31.73 70.70 -64.70
C ASN E 459 31.42 69.47 -65.56
N LYS E 460 30.36 68.74 -65.22
CA LYS E 460 29.95 67.56 -65.96
C LYS E 460 28.66 67.77 -66.75
N LEU E 461 27.91 68.82 -66.46
CA LEU E 461 26.65 69.09 -67.16
C LEU E 461 26.94 69.89 -68.42
N LYS E 462 26.47 69.39 -69.56
CA LYS E 462 26.68 70.02 -70.85
C LYS E 462 25.38 70.64 -71.35
N ALA E 463 25.51 71.71 -72.12
CA ALA E 463 24.36 72.46 -72.61
C ALA E 463 23.97 71.99 -74.01
N HIS E 464 22.70 71.64 -74.17
CA HIS E 464 22.17 71.30 -75.48
C HIS E 464 21.91 72.54 -76.32
N LYS E 465 21.47 73.63 -75.69
CA LYS E 465 21.23 74.87 -76.41
C LYS E 465 22.47 75.75 -76.39
N ASP E 466 22.48 76.74 -77.27
CA ASP E 466 23.54 77.74 -77.32
C ASP E 466 23.20 78.89 -76.38
N LYS E 467 24.17 79.78 -76.18
CA LYS E 467 23.94 80.94 -75.33
C LYS E 467 22.85 81.83 -75.92
N SER E 468 21.89 82.20 -75.08
CA SER E 468 20.76 83.01 -75.52
C SER E 468 20.99 84.51 -75.38
N ALA E 469 22.10 84.91 -74.74
CA ALA E 469 22.44 86.32 -74.51
C ALA E 469 21.35 87.06 -73.75
N GLN E 470 20.48 86.34 -73.06
CA GLN E 470 19.37 86.92 -72.32
C GLN E 470 19.51 86.64 -70.82
N CYS E 471 20.68 86.16 -70.40
CA CYS E 471 20.97 85.87 -69.01
C CYS E 471 21.69 87.07 -68.41
N PHE E 472 21.04 87.75 -67.47
CA PHE E 472 21.56 88.97 -66.89
C PHE E 472 21.65 88.85 -65.38
N LYS E 473 22.63 89.53 -64.80
CA LYS E 473 22.82 89.56 -63.36
C LYS E 473 23.09 91.00 -62.92
N MET E 474 22.62 91.34 -61.73
CA MET E 474 22.86 92.66 -61.16
C MET E 474 23.18 92.54 -59.68
N PHE E 475 24.15 93.33 -59.23
CA PHE E 475 24.57 93.35 -57.83
C PHE E 475 23.89 94.54 -57.16
N TYR E 476 22.92 94.25 -56.29
CA TYR E 476 22.12 95.30 -55.66
C TYR E 476 21.66 94.80 -54.31
N LYS E 477 22.22 95.38 -53.24
CA LYS E 477 21.84 94.98 -51.88
C LYS E 477 20.40 95.35 -51.58
N GLY E 478 20.01 96.59 -51.88
CA GLY E 478 18.67 97.04 -51.55
C GLY E 478 18.49 97.21 -50.05
N VAL E 479 17.23 97.09 -49.62
CA VAL E 479 16.86 97.20 -48.21
C VAL E 479 16.09 95.94 -47.84
N ILE E 480 16.51 95.29 -46.76
CA ILE E 480 15.91 94.04 -46.31
C ILE E 480 14.98 94.34 -45.14
N THR E 481 13.70 93.97 -45.29
CA THR E 481 12.71 94.11 -44.24
C THR E 481 12.18 92.74 -43.87
N HIS E 482 11.87 92.56 -42.59
CA HIS E 482 11.48 91.27 -42.05
C HIS E 482 10.06 91.31 -41.51
N ASP E 483 9.27 90.32 -41.89
CA ASP E 483 7.93 90.06 -41.37
C ASP E 483 8.05 88.92 -40.35
N VAL E 484 6.91 88.40 -39.89
CA VAL E 484 6.93 87.38 -38.85
C VAL E 484 7.71 86.16 -39.30
N SER E 485 7.54 85.74 -40.56
CA SER E 485 8.20 84.52 -41.01
C SER E 485 8.77 84.61 -42.43
N SER E 486 9.13 85.79 -42.91
CA SER E 486 9.67 85.92 -44.27
C SER E 486 10.51 87.19 -44.34
N ALA E 487 11.05 87.47 -45.53
CA ALA E 487 11.86 88.65 -45.77
C ALA E 487 11.40 89.33 -47.04
N ILE E 488 11.50 90.65 -47.06
CA ILE E 488 11.06 91.46 -48.20
C ILE E 488 12.17 92.42 -48.57
N ASN E 489 12.45 92.53 -49.88
CA ASN E 489 13.42 93.48 -50.43
C ASN E 489 12.70 94.34 -51.46
N ARG E 490 12.06 95.41 -50.98
CA ARG E 490 11.35 96.32 -51.89
C ARG E 490 12.26 97.01 -52.91
N PRO E 491 13.45 97.50 -52.56
CA PRO E 491 14.30 98.12 -53.60
C PRO E 491 14.64 97.17 -54.74
N GLN E 492 14.79 95.87 -54.47
CA GLN E 492 14.97 94.93 -55.57
C GLN E 492 13.74 94.87 -56.46
N ILE E 493 12.55 94.92 -55.87
CA ILE E 493 11.33 94.97 -56.66
C ILE E 493 11.27 96.25 -57.49
N GLY E 494 11.76 97.37 -56.95
CA GLY E 494 11.82 98.60 -57.72
C GLY E 494 12.79 98.50 -58.88
N VAL E 495 13.93 97.84 -58.65
CA VAL E 495 14.89 97.61 -59.73
C VAL E 495 14.26 96.74 -60.81
N VAL E 496 13.53 95.70 -60.42
CA VAL E 496 12.82 94.87 -61.38
C VAL E 496 11.77 95.69 -62.12
N ARG E 497 11.12 96.63 -61.43
CA ARG E 497 10.15 97.51 -62.09
C ARG E 497 10.82 98.35 -63.16
N GLU E 498 11.97 98.94 -62.83
CA GLU E 498 12.68 99.76 -63.81
C GLU E 498 13.12 98.92 -65.00
N PHE E 499 13.60 97.70 -64.74
CA PHE E 499 14.01 96.80 -65.82
C PHE E 499 12.82 96.45 -66.70
N LEU E 500 11.66 96.17 -66.10
CA LEU E 500 10.47 95.84 -66.87
C LEU E 500 10.00 97.02 -67.71
N THR E 501 10.05 98.23 -67.16
CA THR E 501 9.69 99.42 -67.94
C THR E 501 10.65 99.61 -69.11
N ARG E 502 11.94 99.40 -68.88
CA ARG E 502 12.92 99.50 -69.97
C ARG E 502 12.93 98.25 -70.86
N ASN E 503 12.43 97.11 -70.38
CA ASN E 503 12.35 95.89 -71.16
C ASN E 503 10.95 95.30 -71.00
N PRO E 504 9.98 95.83 -71.74
CA PRO E 504 8.58 95.36 -71.57
C PRO E 504 8.39 93.88 -71.87
N ALA E 505 9.17 93.30 -72.80
CA ALA E 505 9.01 91.89 -73.13
C ALA E 505 9.18 90.99 -71.90
N TRP E 506 10.08 91.37 -71.00
CA TRP E 506 10.32 90.61 -69.77
C TRP E 506 9.09 90.55 -68.88
N ARG E 507 7.99 91.19 -69.26
CA ARG E 507 6.72 91.01 -68.57
C ARG E 507 6.10 89.64 -68.81
N LYS E 508 6.64 88.85 -69.74
CA LYS E 508 6.20 87.47 -69.86
C LYS E 508 6.93 86.54 -68.91
N ALA E 509 7.87 87.06 -68.12
CA ALA E 509 8.67 86.24 -67.22
C ALA E 509 7.87 85.85 -65.98
N VAL E 510 8.45 84.92 -65.21
CA VAL E 510 7.88 84.48 -63.95
C VAL E 510 8.85 84.84 -62.83
N PHE E 511 8.35 85.56 -61.83
CA PHE E 511 9.17 86.01 -60.70
C PHE E 511 9.36 84.84 -59.74
N ILE E 512 10.60 84.61 -59.33
CA ILE E 512 10.95 83.55 -58.39
C ILE E 512 11.78 84.13 -57.27
N SER E 513 11.39 83.85 -56.04
CA SER E 513 12.13 84.36 -54.89
C SER E 513 12.13 83.29 -53.80
N PRO E 514 13.14 83.29 -52.94
CA PRO E 514 13.18 82.32 -51.82
C PRO E 514 12.25 82.66 -50.66
N TYR E 515 11.52 83.78 -50.73
CA TYR E 515 10.67 84.21 -49.64
C TYR E 515 9.24 84.43 -50.14
N ASN E 516 8.27 83.97 -49.35
CA ASN E 516 6.88 84.02 -49.77
C ASN E 516 6.32 85.45 -49.70
N SER E 517 6.72 86.21 -48.68
CA SER E 517 6.29 87.61 -48.61
C SER E 517 6.89 88.41 -49.75
N GLN E 518 8.13 88.10 -50.14
CA GLN E 518 8.73 88.71 -51.31
C GLN E 518 7.90 88.42 -52.55
N ASN E 519 7.44 87.17 -52.69
CA ASN E 519 6.57 86.83 -53.81
C ASN E 519 5.26 87.59 -53.75
N ALA E 520 4.68 87.74 -52.55
CA ALA E 520 3.41 88.46 -52.44
C ALA E 520 3.56 89.91 -52.85
N VAL E 521 4.62 90.58 -52.39
CA VAL E 521 4.84 91.97 -52.75
C VAL E 521 5.16 92.10 -54.24
N ALA E 522 5.92 91.16 -54.78
CA ALA E 522 6.22 91.18 -56.21
C ALA E 522 4.97 90.98 -57.06
N SER E 523 4.05 90.12 -56.62
CA SER E 523 2.80 89.94 -57.35
C SER E 523 1.91 91.18 -57.21
N LYS E 524 1.92 91.82 -56.04
CA LYS E 524 1.11 93.00 -55.83
C LYS E 524 1.62 94.20 -56.64
N ILE E 525 2.92 94.31 -56.85
CA ILE E 525 3.46 95.50 -57.51
C ILE E 525 3.76 95.26 -58.99
N LEU E 526 4.35 94.11 -59.34
CA LEU E 526 4.71 93.79 -60.71
C LEU E 526 3.56 93.19 -61.51
N GLY E 527 2.79 92.28 -60.91
CA GLY E 527 1.77 91.55 -61.62
C GLY E 527 2.22 90.25 -62.23
N LEU E 528 3.52 89.93 -62.17
CA LEU E 528 4.05 88.68 -62.70
C LEU E 528 3.67 87.51 -61.79
N PRO E 529 3.54 86.31 -62.35
CA PRO E 529 3.37 85.12 -61.51
C PRO E 529 4.58 84.91 -60.62
N THR E 530 4.34 84.47 -59.39
CA THR E 530 5.36 84.37 -58.37
C THR E 530 5.50 82.94 -57.87
N GLN E 531 6.75 82.53 -57.67
CA GLN E 531 7.05 81.17 -57.23
C GLN E 531 8.20 81.20 -56.22
N THR E 532 8.03 80.43 -55.15
CA THR E 532 9.16 80.10 -54.30
C THR E 532 10.03 79.06 -54.99
N VAL E 533 11.32 79.04 -54.61
CA VAL E 533 12.24 78.07 -55.23
C VAL E 533 11.82 76.65 -54.88
N ASP E 534 11.33 76.45 -53.64
CA ASP E 534 10.90 75.12 -53.23
C ASP E 534 9.74 74.61 -54.08
N SER E 535 8.76 75.47 -54.35
CA SER E 535 7.63 75.08 -55.18
C SER E 535 7.97 75.10 -56.67
N SER E 536 9.06 75.74 -57.06
CA SER E 536 9.44 75.84 -58.47
C SER E 536 10.14 74.59 -58.99
N GLN E 537 10.54 73.68 -58.11
CA GLN E 537 11.22 72.46 -58.54
C GLN E 537 10.28 71.61 -59.38
N GLY E 538 10.79 71.11 -60.51
CA GLY E 538 9.99 70.33 -61.42
C GLY E 538 9.28 71.15 -62.49
N SER E 539 9.36 72.47 -62.43
CA SER E 539 8.72 73.36 -63.39
C SER E 539 9.75 74.00 -64.31
N GLU E 540 9.26 74.63 -65.36
CA GLU E 540 10.11 75.28 -66.33
C GLU E 540 9.37 76.46 -66.95
N TYR E 541 10.11 77.54 -67.21
CA TYR E 541 9.54 78.75 -67.78
C TYR E 541 10.53 79.34 -68.79
N ASP E 542 9.98 80.12 -69.73
CA ASP E 542 10.81 80.72 -70.76
C ASP E 542 11.71 81.81 -70.19
N TYR E 543 11.15 82.71 -69.40
CA TYR E 543 11.90 83.82 -68.82
C TYR E 543 11.70 83.85 -67.32
N VAL E 544 12.79 84.07 -66.58
CA VAL E 544 12.77 84.05 -65.12
C VAL E 544 13.41 85.32 -64.58
N ILE E 545 12.78 85.91 -63.58
CA ILE E 545 13.33 87.02 -62.82
C ILE E 545 13.46 86.59 -61.37
N PHE E 546 14.69 86.49 -60.89
CA PHE E 546 14.97 86.00 -59.54
C PHE E 546 15.66 87.09 -58.72
N THR E 547 15.15 87.31 -57.52
CA THR E 547 15.77 88.22 -56.55
C THR E 547 16.12 87.43 -55.29
N GLN E 548 17.38 87.52 -54.87
CA GLN E 548 17.82 86.78 -53.69
C GLN E 548 17.16 87.29 -52.42
N THR E 549 16.96 88.61 -52.31
CA THR E 549 16.20 89.29 -51.27
C THR E 549 16.95 89.32 -49.94
N THR E 550 18.04 88.55 -49.81
CA THR E 550 18.85 88.47 -48.61
C THR E 550 20.24 87.97 -48.99
N GLU E 551 21.11 87.83 -47.99
CA GLU E 551 22.36 87.10 -48.11
C GLU E 551 22.45 85.95 -47.10
N THR E 552 21.30 85.51 -46.58
CA THR E 552 21.28 84.41 -45.62
C THR E 552 21.61 83.09 -46.30
N ALA E 553 21.90 82.08 -45.47
CA ALA E 553 22.24 80.77 -46.00
C ALA E 553 21.08 80.15 -46.76
N HIS E 554 19.85 80.47 -46.37
CA HIS E 554 18.68 79.98 -47.10
C HIS E 554 18.70 80.45 -48.54
N SER E 555 18.90 81.74 -48.76
CA SER E 555 18.94 82.30 -50.10
C SER E 555 20.24 82.01 -50.83
N CYS E 556 21.34 81.82 -50.09
CA CYS E 556 22.64 81.57 -50.68
C CYS E 556 22.95 80.09 -50.84
N ASN E 557 22.00 79.22 -50.52
CA ASN E 557 22.22 77.78 -50.66
C ASN E 557 22.50 77.43 -52.12
N VAL E 558 23.52 76.59 -52.33
CA VAL E 558 23.91 76.24 -53.70
C VAL E 558 22.82 75.44 -54.40
N ASN E 559 22.20 74.48 -53.72
CA ASN E 559 21.14 73.70 -54.34
C ASN E 559 19.93 74.57 -54.66
N ARG E 560 19.54 75.44 -53.72
CA ARG E 560 18.40 76.32 -53.95
C ARG E 560 18.65 77.28 -55.10
N PHE E 561 19.85 77.88 -55.14
CA PHE E 561 20.17 78.80 -56.22
C PHE E 561 20.22 78.07 -57.57
N ASN E 562 20.77 76.86 -57.58
CA ASN E 562 20.79 76.04 -58.79
C ASN E 562 19.37 75.79 -59.29
N VAL E 563 18.48 75.36 -58.40
CA VAL E 563 17.11 75.08 -58.79
C VAL E 563 16.43 76.35 -59.30
N ALA E 564 16.65 77.48 -58.59
CA ALA E 564 16.00 78.73 -58.99
C ALA E 564 16.44 79.18 -60.36
N ILE E 565 17.74 79.07 -60.66
CA ILE E 565 18.23 79.59 -61.94
C ILE E 565 18.08 78.58 -63.06
N THR E 566 17.80 77.31 -62.77
CA THR E 566 17.55 76.32 -63.81
C THR E 566 16.09 76.28 -64.25
N ARG E 567 15.28 77.26 -63.84
CA ARG E 567 13.89 77.32 -64.28
C ARG E 567 13.71 78.07 -65.58
N ALA E 568 14.77 78.62 -66.16
CA ALA E 568 14.66 79.49 -67.32
C ALA E 568 14.98 78.72 -68.61
N LYS E 569 14.06 78.76 -69.55
CA LYS E 569 14.28 78.22 -70.89
C LYS E 569 15.12 79.13 -71.77
N VAL E 570 14.89 80.45 -71.69
CA VAL E 570 15.52 81.39 -72.61
C VAL E 570 16.39 82.39 -71.85
N GLY E 571 15.78 83.18 -70.96
CA GLY E 571 16.48 84.25 -70.31
C GLY E 571 16.15 84.32 -68.83
N ILE E 572 17.08 84.89 -68.08
CA ILE E 572 16.91 85.06 -66.64
C ILE E 572 17.64 86.34 -66.22
N LEU E 573 17.01 87.07 -65.31
CA LEU E 573 17.61 88.26 -64.70
C LEU E 573 17.69 88.05 -63.20
N CYS E 574 18.90 88.13 -62.65
CA CYS E 574 19.15 87.88 -61.24
C CYS E 574 19.55 89.16 -60.55
N ILE E 575 18.65 89.70 -59.73
CA ILE E 575 18.96 90.81 -58.84
C ILE E 575 19.52 90.19 -57.57
N MET E 576 20.84 90.19 -57.42
CA MET E 576 21.53 89.36 -56.45
C MET E 576 22.11 90.21 -55.33
N SER E 577 22.04 89.69 -54.11
CA SER E 577 22.59 90.35 -52.94
C SER E 577 23.91 89.73 -52.47
N ASP E 578 24.15 88.47 -52.81
CA ASP E 578 25.38 87.79 -52.41
C ASP E 578 26.44 88.01 -53.49
N ARG E 579 27.62 88.48 -53.06
CA ARG E 579 28.70 88.74 -54.01
C ARG E 579 29.29 87.46 -54.58
N ASP E 580 29.35 86.41 -53.75
CA ASP E 580 29.98 85.15 -54.14
C ASP E 580 29.28 84.52 -55.33
N LEU E 581 28.01 84.18 -55.17
CA LEU E 581 27.27 83.55 -56.27
C LEU E 581 27.08 84.50 -57.44
N TYR E 582 27.01 85.81 -57.17
CA TYR E 582 26.94 86.78 -58.27
C TYR E 582 28.18 86.70 -59.14
N ASP E 583 29.36 86.61 -58.53
CA ASP E 583 30.58 86.41 -59.30
C ASP E 583 30.59 85.03 -59.96
N LYS E 584 30.03 84.02 -59.29
CA LYS E 584 29.90 82.70 -59.89
C LYS E 584 28.94 82.68 -61.07
N LEU E 585 28.02 83.64 -61.15
CA LEU E 585 27.06 83.68 -62.24
C LEU E 585 27.77 84.09 -63.53
N GLN E 586 27.68 83.22 -64.54
CA GLN E 586 28.23 83.51 -65.86
C GLN E 586 27.22 84.26 -66.73
N PHE E 587 26.69 85.35 -66.20
CA PHE E 587 25.67 86.14 -66.86
C PHE E 587 26.21 87.50 -67.25
N THR E 588 25.44 88.22 -68.06
CA THR E 588 25.82 89.57 -68.46
C THR E 588 25.47 90.54 -67.36
N SER E 589 26.49 91.17 -66.77
CA SER E 589 26.28 92.10 -65.68
C SER E 589 25.62 93.38 -66.19
N LEU E 590 24.68 93.89 -65.41
CA LEU E 590 23.97 95.13 -65.72
C LEU E 590 24.17 96.15 -64.60
N GLU E 591 24.05 97.41 -64.96
CA GLU E 591 24.28 98.52 -64.03
C GLU E 591 22.97 98.97 -63.41
N ILE E 592 23.05 99.43 -62.17
CA ILE E 592 21.87 99.94 -61.47
C ILE E 592 21.50 101.30 -62.02
N PRO E 593 20.26 101.52 -62.47
CA PRO E 593 19.83 102.82 -63.01
C PRO E 593 19.84 103.93 -61.96
N VAL F 2 -9.09 65.35 0.45
CA VAL F 2 -7.78 65.54 -0.16
C VAL F 2 -7.69 66.91 -0.81
N GLY F 3 -6.54 67.55 -0.67
CA GLY F 3 -6.35 68.90 -1.20
C GLY F 3 -4.92 69.39 -1.12
N ALA F 4 -4.74 70.70 -1.18
CA ALA F 4 -3.42 71.32 -1.20
C ALA F 4 -3.26 72.25 -0.01
N CYS F 5 -2.09 72.21 0.62
CA CYS F 5 -1.81 73.06 1.78
C CYS F 5 -1.95 74.52 1.40
N VAL F 6 -2.92 75.20 2.01
CA VAL F 6 -3.16 76.61 1.71
C VAL F 6 -1.93 77.47 1.97
N LEU F 7 -0.99 76.98 2.76
CA LEU F 7 0.28 77.68 2.99
C LEU F 7 1.43 77.16 2.15
N CYS F 8 1.35 75.91 1.67
CA CYS F 8 2.43 75.30 0.91
C CYS F 8 2.03 74.82 -0.47
N ASN F 9 0.73 74.67 -0.74
CA ASN F 9 0.16 74.10 -1.96
C ASN F 9 0.50 72.62 -2.11
N SER F 10 1.22 72.03 -1.15
CA SER F 10 1.53 70.62 -1.23
C SER F 10 0.26 69.79 -1.10
N GLN F 11 0.17 68.72 -1.88
CA GLN F 11 -0.99 67.84 -1.84
C GLN F 11 -1.12 67.23 -0.44
N THR F 12 -2.26 67.46 0.19
CA THR F 12 -2.45 67.04 1.57
C THR F 12 -3.85 66.48 1.77
N SER F 13 -3.96 65.59 2.75
CA SER F 13 -5.24 65.03 3.18
C SER F 13 -5.61 65.46 4.59
N LEU F 14 -5.03 66.56 5.06
CA LEU F 14 -5.22 67.03 6.43
C LEU F 14 -5.97 68.35 6.43
N ARG F 15 -6.98 68.45 7.28
CA ARG F 15 -7.74 69.68 7.46
C ARG F 15 -7.88 69.94 8.96
N CYS F 16 -7.84 71.20 9.35
CA CYS F 16 -7.99 71.54 10.76
C CYS F 16 -9.46 71.51 11.15
N GLY F 17 -9.79 70.68 12.15
CA GLY F 17 -11.17 70.56 12.59
C GLY F 17 -11.68 71.67 13.47
N ALA F 18 -10.80 72.46 14.07
CA ALA F 18 -11.22 73.58 14.90
C ALA F 18 -11.42 74.86 14.09
N CYS F 19 -10.71 75.00 12.98
CA CYS F 19 -10.98 76.10 12.06
C CYS F 19 -12.35 75.90 11.41
N ILE F 20 -13.12 76.98 11.30
CA ILE F 20 -14.48 76.88 10.79
C ILE F 20 -14.51 76.52 9.30
N ARG F 21 -13.51 76.91 8.53
CA ARG F 21 -13.48 76.64 7.10
C ARG F 21 -12.75 75.35 6.74
N ARG F 22 -12.21 74.65 7.73
CA ARG F 22 -11.50 73.39 7.54
C ARG F 22 -10.48 73.48 6.40
N PRO F 23 -9.51 74.39 6.48
CA PRO F 23 -8.57 74.54 5.37
C PRO F 23 -7.60 73.38 5.29
N PHE F 24 -7.11 73.13 4.08
CA PHE F 24 -6.13 72.08 3.88
C PHE F 24 -4.76 72.55 4.34
N LEU F 25 -4.05 71.67 5.06
CA LEU F 25 -2.76 72.03 5.65
C LEU F 25 -1.79 70.87 5.49
N CYS F 26 -0.54 71.19 5.16
CA CYS F 26 0.49 70.17 5.10
C CYS F 26 0.84 69.70 6.51
N CYS F 27 1.57 68.59 6.58
CA CYS F 27 1.92 67.99 7.86
C CYS F 27 2.64 68.98 8.76
N LYS F 28 3.67 69.65 8.22
CA LYS F 28 4.43 70.62 9.00
C LYS F 28 3.56 71.81 9.39
N CYS F 29 2.83 72.36 8.43
CA CYS F 29 1.97 73.51 8.72
C CYS F 29 0.89 73.15 9.73
N CYS F 30 0.28 71.98 9.57
CA CYS F 30 -0.73 71.55 10.53
C CYS F 30 -0.13 71.40 11.92
N TYR F 31 1.07 70.82 12.00
CA TYR F 31 1.75 70.66 13.29
C TYR F 31 1.98 72.01 13.94
N ASP F 32 2.56 72.95 13.20
CA ASP F 32 2.86 74.27 13.77
C ASP F 32 1.60 75.00 14.17
N HIS F 33 0.53 74.88 13.38
CA HIS F 33 -0.72 75.55 13.74
C HIS F 33 -1.33 74.95 15.00
N VAL F 34 -1.37 73.62 15.11
CA VAL F 34 -2.02 73.02 16.26
C VAL F 34 -1.21 73.27 17.53
N ILE F 35 0.12 73.29 17.44
CA ILE F 35 0.91 73.51 18.64
C ILE F 35 0.99 74.98 19.02
N SER F 36 0.56 75.89 18.15
CA SER F 36 0.64 77.32 18.41
C SER F 36 -0.69 77.95 18.79
N THR F 37 -1.80 77.23 18.63
CA THR F 37 -3.12 77.75 18.98
C THR F 37 -3.84 76.71 19.82
N SER F 38 -5.09 77.02 20.15
CA SER F 38 -5.95 76.07 20.85
C SER F 38 -6.59 75.06 19.91
N HIS F 39 -6.36 75.19 18.60
CA HIS F 39 -6.91 74.26 17.63
C HIS F 39 -6.23 72.90 17.79
N LYS F 40 -6.95 71.94 18.35
CA LYS F 40 -6.41 70.59 18.54
C LYS F 40 -7.18 69.52 17.78
N LEU F 41 -8.34 69.84 17.20
CA LEU F 41 -9.08 68.89 16.38
C LEU F 41 -8.61 69.01 14.94
N VAL F 42 -8.21 67.88 14.36
CA VAL F 42 -7.69 67.84 12.99
C VAL F 42 -8.52 66.82 12.21
N LEU F 43 -8.85 67.17 10.97
CA LEU F 43 -9.64 66.31 10.11
C LEU F 43 -8.77 65.73 9.01
N SER F 44 -8.93 64.42 8.79
CA SER F 44 -8.34 63.74 7.65
C SER F 44 -9.51 63.08 6.91
N VAL F 45 -9.21 62.15 6.00
CA VAL F 45 -10.29 61.41 5.38
C VAL F 45 -11.17 60.77 6.46
N ASN F 46 -10.59 60.45 7.60
CA ASN F 46 -11.29 60.19 8.84
C ASN F 46 -10.85 61.21 9.89
N PRO F 47 -11.78 61.73 10.69
CA PRO F 47 -11.41 62.71 11.72
C PRO F 47 -10.50 62.12 12.78
N TYR F 48 -9.57 62.94 13.25
CA TYR F 48 -8.59 62.53 14.27
C TYR F 48 -9.24 62.63 15.64
N VAL F 49 -9.96 61.58 16.02
CA VAL F 49 -10.67 61.52 17.29
C VAL F 49 -10.56 60.10 17.83
N CYS F 50 -10.44 60.00 19.15
CA CYS F 50 -10.36 58.69 19.79
C CYS F 50 -11.64 57.92 19.54
N ASN F 51 -11.51 56.68 19.06
CA ASN F 51 -12.65 55.86 18.69
C ASN F 51 -13.10 54.94 19.82
N ALA F 52 -12.55 55.11 21.02
CA ALA F 52 -12.95 54.29 22.15
C ALA F 52 -14.41 54.55 22.50
N PRO F 53 -15.12 53.52 22.97
CA PRO F 53 -16.54 53.70 23.32
C PRO F 53 -16.72 54.62 24.51
N GLY F 54 -17.33 55.79 24.28
CA GLY F 54 -17.58 56.74 25.34
C GLY F 54 -16.36 57.51 25.80
N CYS F 55 -15.43 57.81 24.90
CA CYS F 55 -14.26 58.61 25.20
C CYS F 55 -14.33 59.93 24.44
N ASP F 56 -13.85 61.00 25.08
CA ASP F 56 -13.95 62.34 24.54
C ASP F 56 -12.61 62.96 24.14
N VAL F 57 -11.54 62.16 24.07
CA VAL F 57 -10.23 62.72 23.72
C VAL F 57 -10.19 63.00 22.23
N THR F 58 -10.03 64.28 21.87
CA THR F 58 -9.98 64.71 20.49
C THR F 58 -8.69 65.42 20.13
N ASP F 59 -7.83 65.71 21.09
CA ASP F 59 -6.59 66.45 20.83
C ASP F 59 -5.66 65.59 20.00
N VAL F 60 -5.09 66.18 18.95
CA VAL F 60 -4.21 65.44 18.06
C VAL F 60 -2.92 65.02 18.78
N THR F 61 -2.44 65.85 19.72
CA THR F 61 -1.22 65.52 20.44
C THR F 61 -1.42 64.40 21.45
N GLN F 62 -2.67 63.98 21.69
CA GLN F 62 -2.97 62.96 22.68
C GLN F 62 -3.55 61.70 22.04
N LEU F 63 -3.29 61.48 20.76
CA LEU F 63 -3.86 60.34 20.05
C LEU F 63 -2.74 59.56 19.37
N TYR F 64 -2.98 58.27 19.23
CA TYR F 64 -2.02 57.33 18.66
C TYR F 64 -2.74 56.41 17.69
N LEU F 65 -2.00 55.89 16.72
CA LEU F 65 -2.54 54.90 15.79
C LEU F 65 -2.51 53.54 16.48
N GLY F 66 -3.63 53.14 17.05
CA GLY F 66 -3.75 51.83 17.65
C GLY F 66 -4.41 50.85 16.72
N GLY F 67 -3.66 49.86 16.26
CA GLY F 67 -4.19 48.90 15.31
C GLY F 67 -4.65 49.57 14.03
N MET F 68 -5.97 49.69 13.88
CA MET F 68 -6.61 50.28 12.71
C MET F 68 -7.43 51.52 13.08
N SER F 69 -7.11 52.17 14.19
CA SER F 69 -7.94 53.25 14.71
C SER F 69 -7.10 54.29 15.44
N TYR F 70 -7.77 55.36 15.87
CA TYR F 70 -7.15 56.40 16.70
C TYR F 70 -7.60 56.22 18.15
N TYR F 71 -6.63 56.14 19.05
CA TYR F 71 -6.93 55.94 20.46
C TYR F 71 -6.16 56.94 21.30
N CYS F 72 -6.77 57.39 22.38
CA CYS F 72 -6.05 58.18 23.36
C CYS F 72 -5.01 57.31 24.07
N LYS F 73 -4.22 57.95 24.93
CA LYS F 73 -3.23 57.20 25.70
C LYS F 73 -3.91 56.19 26.61
N SER F 74 -5.08 56.54 27.16
CA SER F 74 -5.79 55.63 28.04
C SER F 74 -6.25 54.38 27.31
N HIS F 75 -6.77 54.52 26.10
CA HIS F 75 -7.36 53.40 25.37
C HIS F 75 -6.47 52.89 24.24
N LYS F 76 -5.16 53.13 24.34
CA LYS F 76 -4.40 52.64 23.20
C LYS F 76 -3.90 51.22 23.44
N PRO F 77 -3.73 50.45 22.36
CA PRO F 77 -3.08 49.14 22.49
C PRO F 77 -1.59 49.30 22.69
N PRO F 78 -0.88 48.22 23.06
CA PRO F 78 0.57 48.37 23.27
C PRO F 78 1.33 48.83 22.05
N ILE F 79 0.89 48.45 20.86
CA ILE F 79 1.53 48.85 19.61
C ILE F 79 0.83 50.10 19.09
N SER F 80 1.52 51.23 19.15
CA SER F 80 0.94 52.50 18.72
C SER F 80 2.05 53.52 18.53
N PHE F 81 1.78 54.47 17.64
CA PHE F 81 2.64 55.65 17.47
C PHE F 81 1.76 56.88 17.43
N PRO F 82 2.20 57.99 18.03
CA PRO F 82 1.32 59.15 18.17
C PRO F 82 1.03 59.83 16.83
N LEU F 83 -0.15 60.43 16.75
CA LEU F 83 -0.51 61.23 15.58
C LEU F 83 0.40 62.44 15.42
N CYS F 84 0.70 63.12 16.52
CA CYS F 84 1.43 64.39 16.50
C CYS F 84 2.83 64.14 17.02
N ALA F 85 3.79 64.00 16.09
CA ALA F 85 5.16 63.73 16.47
C ALA F 85 6.09 64.12 15.32
N ASN F 86 7.37 64.25 15.66
CA ASN F 86 8.44 64.51 14.69
C ASN F 86 8.24 65.84 13.96
N GLY F 87 7.59 66.79 14.62
CA GLY F 87 7.41 68.11 14.04
C GLY F 87 6.45 68.14 12.88
N GLN F 88 5.69 67.06 12.70
CA GLN F 88 4.73 66.94 11.62
C GLN F 88 3.48 66.25 12.12
N VAL F 89 2.44 66.28 11.31
CA VAL F 89 1.20 65.56 11.59
C VAL F 89 1.12 64.37 10.65
N PHE F 90 0.94 63.19 11.22
CA PHE F 90 0.88 61.96 10.45
C PHE F 90 -0.33 61.98 9.51
N GLY F 91 -0.09 61.64 8.25
CA GLY F 91 -1.16 61.69 7.26
C GLY F 91 -0.62 61.36 5.89
N LEU F 92 -1.50 61.52 4.90
CA LEU F 92 -1.15 61.19 3.53
C LEU F 92 -0.09 62.14 3.00
N TYR F 93 0.71 61.64 2.06
CA TYR F 93 1.74 62.44 1.38
C TYR F 93 2.71 63.05 2.39
N LYS F 94 3.09 62.26 3.40
CA LYS F 94 4.01 62.75 4.41
C LYS F 94 5.36 63.11 3.84
N ASN F 95 5.87 62.31 2.89
CA ASN F 95 7.16 62.60 2.29
C ASN F 95 7.15 63.93 1.54
N THR F 96 6.07 64.20 0.82
CA THR F 96 5.93 65.45 0.07
C THR F 96 5.37 66.51 1.01
N CYS F 97 6.26 67.32 1.59
CA CYS F 97 5.86 68.38 2.51
C CYS F 97 6.95 69.43 2.61
N VAL F 98 6.58 70.69 2.46
CA VAL F 98 7.53 71.79 2.49
C VAL F 98 7.52 72.51 3.84
N GLY F 99 6.34 72.83 4.36
CA GLY F 99 6.24 73.60 5.58
C GLY F 99 6.45 75.08 5.32
N SER F 100 6.22 75.87 6.37
CA SER F 100 6.38 77.31 6.29
C SER F 100 7.19 77.80 7.49
N ASP F 101 8.05 78.79 7.22
CA ASP F 101 8.86 79.35 8.30
C ASP F 101 7.99 80.04 9.34
N ASN F 102 6.96 80.76 8.92
CA ASN F 102 6.08 81.47 9.82
C ASN F 102 4.63 81.07 9.54
N VAL F 103 3.93 80.69 10.60
CA VAL F 103 2.50 80.42 10.56
C VAL F 103 1.71 81.48 11.30
N THR F 104 2.32 82.65 11.56
CA THR F 104 1.66 83.68 12.36
C THR F 104 0.43 84.24 11.66
N ASP F 105 0.53 84.53 10.36
CA ASP F 105 -0.60 85.09 9.64
C ASP F 105 -1.77 84.13 9.62
N PHE F 106 -1.52 82.86 9.32
CA PHE F 106 -2.60 81.88 9.30
C PHE F 106 -3.22 81.71 10.68
N ASN F 107 -2.39 81.66 11.72
CA ASN F 107 -2.91 81.50 13.08
C ASN F 107 -3.77 82.70 13.47
N ALA F 108 -3.31 83.90 13.13
CA ALA F 108 -4.08 85.11 13.45
C ALA F 108 -5.40 85.12 12.71
N ILE F 109 -5.38 84.81 11.41
CA ILE F 109 -6.61 84.81 10.63
C ILE F 109 -7.58 83.76 11.15
N ALA F 110 -7.08 82.56 11.46
CA ALA F 110 -7.95 81.48 11.88
C ALA F 110 -8.52 81.70 13.27
N THR F 111 -7.75 82.31 14.17
CA THR F 111 -8.19 82.50 15.54
C THR F 111 -8.79 83.86 15.82
N CYS F 112 -8.73 84.80 14.88
CA CYS F 112 -9.33 86.10 15.10
C CYS F 112 -10.84 86.02 15.05
N ASP F 113 -11.49 86.88 15.82
CA ASP F 113 -12.95 87.01 15.82
C ASP F 113 -13.44 88.11 14.89
N TRP F 114 -12.53 88.73 14.13
CA TRP F 114 -12.87 89.74 13.13
C TRP F 114 -13.52 90.97 13.76
N THR F 115 -13.23 91.24 15.03
CA THR F 115 -13.74 92.41 15.71
C THR F 115 -12.75 93.57 15.74
N ASN F 116 -11.58 93.42 15.13
CA ASN F 116 -10.57 94.46 15.08
C ASN F 116 -10.25 94.80 13.63
N ALA F 117 -9.92 96.07 13.38
CA ALA F 117 -9.55 96.49 12.03
C ALA F 117 -8.28 95.78 11.57
N GLY F 118 -7.41 95.41 12.51
CA GLY F 118 -6.20 94.68 12.16
C GLY F 118 -6.46 93.36 11.48
N ASP F 119 -7.54 92.67 11.86
CA ASP F 119 -7.88 91.42 11.18
C ASP F 119 -8.16 91.66 9.70
N TYR F 120 -8.94 92.69 9.38
CA TYR F 120 -9.23 93.00 7.99
C TYR F 120 -7.98 93.50 7.26
N ILE F 121 -7.12 94.25 7.94
CA ILE F 121 -5.87 94.69 7.34
C ILE F 121 -5.01 93.49 6.96
N LEU F 122 -4.88 92.54 7.89
CA LEU F 122 -4.11 91.33 7.60
C LEU F 122 -4.75 90.53 6.47
N ALA F 123 -6.09 90.45 6.46
CA ALA F 123 -6.78 89.76 5.38
C ALA F 123 -6.52 90.39 4.02
N ASN F 124 -6.47 91.72 3.95
CA ASN F 124 -6.18 92.41 2.70
C ASN F 124 -4.69 92.49 2.39
N THR F 125 -3.82 92.11 3.33
CA THR F 125 -2.38 92.22 3.12
C THR F 125 -1.63 90.90 3.21
N CYS F 126 -2.32 89.78 3.41
CA CYS F 126 -1.64 88.49 3.49
C CYS F 126 -1.42 87.91 2.10
N THR F 127 -1.01 86.65 2.05
CA THR F 127 -0.83 85.97 0.77
C THR F 127 -2.19 85.74 0.12
N GLU F 128 -2.15 85.58 -1.21
CA GLU F 128 -3.39 85.50 -1.98
C GLU F 128 -4.24 84.32 -1.55
N ARG F 129 -3.62 83.15 -1.36
CA ARG F 129 -4.35 82.01 -0.84
C ARG F 129 -4.86 82.30 0.57
N LEU F 130 -4.03 82.92 1.40
CA LEU F 130 -4.51 83.36 2.71
C LEU F 130 -5.56 84.47 2.60
N LYS F 131 -5.52 85.30 1.56
CA LYS F 131 -6.60 86.25 1.35
C LYS F 131 -7.91 85.52 1.08
N LEU F 132 -7.88 84.49 0.24
CA LEU F 132 -9.08 83.70 0.00
C LEU F 132 -9.56 83.04 1.27
N PHE F 133 -8.64 82.47 2.05
CA PHE F 133 -9.02 81.80 3.30
C PHE F 133 -9.62 82.79 4.28
N ALA F 134 -9.05 83.99 4.37
CA ALA F 134 -9.57 85.01 5.28
C ALA F 134 -10.94 85.48 4.84
N ALA F 135 -11.15 85.67 3.53
CA ALA F 135 -12.47 86.04 3.05
C ALA F 135 -13.50 84.97 3.37
N GLU F 136 -13.14 83.70 3.15
CA GLU F 136 -14.02 82.60 3.50
C GLU F 136 -14.36 82.61 4.99
N THR F 137 -13.34 82.74 5.83
CA THR F 137 -13.55 82.72 7.28
C THR F 137 -14.42 83.88 7.73
N LEU F 138 -14.17 85.08 7.19
CA LEU F 138 -14.94 86.25 7.60
C LEU F 138 -16.40 86.13 7.17
N LYS F 139 -16.63 85.69 5.92
CA LYS F 139 -18.01 85.53 5.47
C LYS F 139 -18.74 84.45 6.25
N ALA F 140 -18.07 83.32 6.53
CA ALA F 140 -18.69 82.27 7.32
C ALA F 140 -18.99 82.74 8.74
N THR F 141 -18.08 83.52 9.32
CA THR F 141 -18.30 84.05 10.66
C THR F 141 -19.49 85.00 10.67
N GLU F 142 -19.62 85.84 9.64
CA GLU F 142 -20.78 86.72 9.53
C GLU F 142 -22.07 85.91 9.42
N GLU F 143 -22.05 84.85 8.59
CA GLU F 143 -23.24 84.03 8.43
C GLU F 143 -23.63 83.36 9.73
N THR F 144 -22.65 82.84 10.48
CA THR F 144 -22.94 82.22 11.76
C THR F 144 -23.45 83.24 12.77
N PHE F 145 -22.84 84.43 12.79
CA PHE F 145 -23.28 85.49 13.70
C PHE F 145 -24.70 85.93 13.38
N LYS F 146 -25.12 85.81 12.12
CA LYS F 146 -26.51 86.07 11.79
C LYS F 146 -27.45 85.10 12.48
N LEU F 147 -27.05 83.83 12.63
CA LEU F 147 -27.88 82.85 13.32
C LEU F 147 -27.97 83.11 14.81
N SER F 148 -27.04 83.89 15.38
CA SER F 148 -27.08 84.17 16.81
C SER F 148 -28.25 85.05 17.20
N TYR F 149 -28.94 85.66 16.24
CA TYR F 149 -30.01 86.59 16.53
C TYR F 149 -31.31 85.86 16.82
N GLY F 150 -32.13 86.44 17.70
CA GLY F 150 -33.37 85.80 18.09
C GLY F 150 -34.45 85.95 17.04
N ILE F 151 -35.45 85.06 17.11
CA ILE F 151 -36.56 85.09 16.18
C ILE F 151 -37.56 86.15 16.58
N ALA F 152 -37.98 86.96 15.60
CA ALA F 152 -39.02 87.95 15.79
C ALA F 152 -40.31 87.46 15.15
N THR F 153 -41.36 87.31 15.95
CA THR F 153 -42.63 86.75 15.51
C THR F 153 -43.71 87.81 15.56
N VAL F 154 -44.61 87.80 14.59
CA VAL F 154 -45.74 88.73 14.57
C VAL F 154 -46.64 88.37 15.75
N ARG F 155 -46.68 89.24 16.76
CA ARG F 155 -47.55 89.05 17.91
C ARG F 155 -48.93 89.66 17.70
N GLU F 156 -49.01 90.81 17.03
CA GLU F 156 -50.28 91.44 16.72
C GLU F 156 -50.04 92.45 15.60
N VAL F 157 -51.01 92.61 14.71
CA VAL F 157 -50.88 93.50 13.57
C VAL F 157 -51.61 94.79 13.90
N LEU F 158 -50.86 95.86 14.16
CA LEU F 158 -51.47 97.15 14.43
C LEU F 158 -52.24 97.66 13.21
N SER F 159 -51.59 97.70 12.06
CA SER F 159 -52.20 98.15 10.81
C SER F 159 -51.33 97.68 9.66
N ASP F 160 -51.59 98.19 8.46
CA ASP F 160 -50.74 97.91 7.32
C ASP F 160 -49.45 98.72 7.45
N ARG F 161 -48.33 98.09 7.07
CA ARG F 161 -46.97 98.64 7.13
C ARG F 161 -46.47 98.85 8.55
N GLU F 162 -47.21 98.41 9.57
CA GLU F 162 -46.78 98.53 10.96
C GLU F 162 -47.14 97.23 11.68
N LEU F 163 -46.20 96.74 12.48
CA LEU F 163 -46.32 95.43 13.12
C LEU F 163 -45.96 95.52 14.60
N HIS F 164 -46.17 94.41 15.30
CA HIS F 164 -45.73 94.22 16.68
C HIS F 164 -44.98 92.90 16.75
N LEU F 165 -43.76 92.92 17.26
CA LEU F 165 -42.90 91.75 17.24
C LEU F 165 -42.60 91.26 18.65
N SER F 166 -42.69 89.95 18.83
CA SER F 166 -42.22 89.28 20.03
C SER F 166 -40.91 88.57 19.70
N TRP F 167 -39.88 88.85 20.48
CA TRP F 167 -38.53 88.38 20.18
C TRP F 167 -38.21 87.15 21.02
N GLU F 168 -37.31 86.32 20.48
CA GLU F 168 -36.91 85.10 21.18
C GLU F 168 -36.14 85.45 22.45
N VAL F 169 -36.42 84.72 23.52
CA VAL F 169 -35.72 84.92 24.78
C VAL F 169 -34.38 84.20 24.73
N GLY F 170 -33.38 84.76 25.42
CA GLY F 170 -32.06 84.18 25.47
C GLY F 170 -31.16 84.49 24.29
N LYS F 171 -31.63 85.30 23.34
CA LYS F 171 -30.83 85.64 22.17
C LYS F 171 -30.90 87.14 21.90
N PRO F 172 -29.84 87.73 21.36
CA PRO F 172 -29.86 89.17 21.09
C PRO F 172 -30.75 89.52 19.90
N ARG F 173 -31.19 90.77 19.87
CA ARG F 173 -32.00 91.29 18.80
C ARG F 173 -31.15 92.08 17.82
N PRO F 174 -31.17 91.73 16.53
CA PRO F 174 -30.38 92.48 15.56
C PRO F 174 -30.93 93.88 15.38
N PRO F 175 -30.08 94.84 15.00
CA PRO F 175 -30.58 96.20 14.74
C PRO F 175 -31.59 96.21 13.60
N LEU F 176 -32.61 97.06 13.75
CA LEU F 176 -33.69 97.16 12.79
C LEU F 176 -33.42 98.30 11.80
N ASN F 177 -32.60 97.99 10.80
CA ASN F 177 -32.25 98.95 9.77
C ASN F 177 -32.17 98.22 8.42
N ARG F 178 -31.72 98.95 7.40
CA ARG F 178 -31.64 98.39 6.06
C ARG F 178 -30.54 97.35 5.91
N ASN F 179 -29.49 97.42 6.74
CA ASN F 179 -28.40 96.46 6.65
C ASN F 179 -28.78 95.07 7.12
N TYR F 180 -29.90 94.92 7.81
CA TYR F 180 -30.37 93.62 8.31
C TYR F 180 -31.72 93.32 7.67
N VAL F 181 -31.69 92.72 6.49
CA VAL F 181 -32.89 92.35 5.76
C VAL F 181 -33.38 91.00 6.26
N PHE F 182 -34.57 90.98 6.83
CA PHE F 182 -35.16 89.76 7.36
C PHE F 182 -35.90 89.01 6.27
N THR F 183 -36.49 87.86 6.64
CA THR F 183 -37.32 87.08 5.75
C THR F 183 -38.48 86.51 6.56
N GLY F 184 -39.69 86.66 6.02
CA GLY F 184 -40.87 86.18 6.72
C GLY F 184 -41.12 84.71 6.49
N TYR F 185 -41.68 84.07 7.51
CA TYR F 185 -41.94 82.64 7.47
C TYR F 185 -43.33 82.40 8.03
N ARG F 186 -44.09 81.54 7.36
CA ARG F 186 -45.45 81.24 7.76
C ARG F 186 -45.51 79.88 8.43
N VAL F 187 -46.49 79.71 9.33
CA VAL F 187 -46.63 78.45 10.05
C VAL F 187 -47.59 77.54 9.30
N THR F 188 -47.17 76.30 9.08
CA THR F 188 -48.03 75.29 8.44
C THR F 188 -48.13 74.07 9.34
N LYS F 189 -48.69 72.98 8.81
CA LYS F 189 -48.93 71.77 9.59
C LYS F 189 -47.66 71.21 10.20
N ASN F 190 -46.70 70.78 9.37
CA ASN F 190 -45.46 70.19 9.85
C ASN F 190 -44.25 70.78 9.15
N SER F 191 -44.40 71.96 8.54
CA SER F 191 -43.30 72.58 7.81
C SER F 191 -43.38 74.10 7.87
N LYS F 192 -42.65 74.77 6.99
CA LYS F 192 -42.52 76.22 7.01
C LYS F 192 -42.32 76.73 5.58
N VAL F 193 -42.97 77.86 5.28
CA VAL F 193 -42.95 78.41 3.93
C VAL F 193 -42.49 79.86 3.97
N GLN F 194 -41.70 80.23 2.95
CA GLN F 194 -41.14 81.56 2.82
C GLN F 194 -42.16 82.50 2.17
N ILE F 195 -42.31 83.68 2.78
CA ILE F 195 -43.42 84.57 2.43
C ILE F 195 -42.91 85.93 1.96
N GLY F 196 -41.60 86.09 1.89
CA GLY F 196 -41.01 87.33 1.42
C GLY F 196 -39.86 87.80 2.31
N GLU F 197 -39.07 88.71 1.76
CA GLU F 197 -37.96 89.33 2.45
C GLU F 197 -38.38 90.70 2.96
N TYR F 198 -38.06 91.00 4.22
CA TYR F 198 -38.55 92.19 4.88
C TYR F 198 -37.40 92.94 5.56
N THR F 199 -37.62 94.23 5.78
CA THR F 199 -36.77 95.06 6.61
C THR F 199 -37.64 95.75 7.65
N PHE F 200 -37.05 96.02 8.81
CA PHE F 200 -37.81 96.55 9.94
C PHE F 200 -37.20 97.84 10.45
N GLU F 201 -38.05 98.67 11.03
CA GLU F 201 -37.62 99.89 11.70
C GLU F 201 -38.55 100.12 12.88
N LYS F 202 -38.09 100.91 13.84
CA LYS F 202 -38.92 101.23 14.99
C LYS F 202 -40.06 102.15 14.59
N GLY F 203 -41.24 101.89 15.13
CA GLY F 203 -42.41 102.68 14.81
C GLY F 203 -42.43 104.05 15.47
N ALA F 208 -44.00 98.66 18.54
CA ALA F 208 -44.47 98.82 17.16
C ALA F 208 -43.30 98.94 16.20
N VAL F 209 -43.36 98.21 15.09
CA VAL F 209 -42.31 98.22 14.09
C VAL F 209 -42.92 98.44 12.72
N VAL F 210 -42.37 99.39 11.97
CA VAL F 210 -42.73 99.62 10.59
C VAL F 210 -41.92 98.68 9.72
N TYR F 211 -42.61 97.89 8.90
CA TYR F 211 -41.97 96.87 8.06
C TYR F 211 -42.09 97.26 6.60
N ARG F 212 -41.02 97.05 5.85
CA ARG F 212 -40.98 97.26 4.40
C ARG F 212 -40.62 95.92 3.77
N GLY F 213 -41.59 95.33 3.06
CA GLY F 213 -41.39 94.06 2.41
C GLY F 213 -41.27 94.19 0.90
N THR F 214 -40.55 93.23 0.31
CA THR F 214 -40.43 93.20 -1.15
C THR F 214 -41.80 92.98 -1.80
N THR F 215 -42.60 92.09 -1.22
CA THR F 215 -43.95 91.82 -1.69
C THR F 215 -44.94 92.12 -0.56
N THR F 216 -46.12 92.62 -0.93
CA THR F 216 -47.15 92.93 0.04
C THR F 216 -47.96 91.68 0.39
N TYR F 217 -48.48 91.66 1.61
CA TYR F 217 -49.24 90.51 2.10
C TYR F 217 -50.27 90.99 3.11
N LYS F 218 -51.07 90.05 3.60
CA LYS F 218 -52.01 90.31 4.69
C LYS F 218 -51.59 89.50 5.90
N LEU F 219 -50.29 89.52 6.20
CA LEU F 219 -49.73 88.64 7.23
C LEU F 219 -50.35 88.92 8.59
N ASN F 220 -50.52 87.84 9.35
CA ASN F 220 -51.18 87.88 10.65
C ASN F 220 -50.26 87.24 11.70
N VAL F 221 -50.82 86.99 12.88
CA VAL F 221 -50.06 86.38 13.96
C VAL F 221 -49.60 84.99 13.54
N GLY F 222 -48.33 84.68 13.85
CA GLY F 222 -47.72 83.41 13.51
C GLY F 222 -46.52 83.54 12.60
N ASP F 223 -46.60 84.42 11.59
CA ASP F 223 -45.45 84.67 10.75
C ASP F 223 -44.30 85.24 11.56
N TYR F 224 -43.11 84.70 11.35
CA TYR F 224 -41.93 85.18 12.07
C TYR F 224 -40.78 85.40 11.11
N PHE F 225 -39.93 86.36 11.46
CA PHE F 225 -38.92 86.87 10.53
C PHE F 225 -37.54 86.51 11.02
N VAL F 226 -36.74 85.95 10.12
CA VAL F 226 -35.37 85.52 10.41
C VAL F 226 -34.46 86.04 9.29
N LEU F 227 -33.29 86.55 9.68
CA LEU F 227 -32.27 86.92 8.70
C LEU F 227 -31.75 85.67 7.99
N THR F 228 -32.01 85.57 6.69
CA THR F 228 -31.63 84.39 5.94
C THR F 228 -30.12 84.31 5.78
N SER F 229 -29.57 83.12 6.04
CA SER F 229 -28.15 82.84 5.81
C SER F 229 -28.01 81.81 4.70
N HIS F 230 -26.87 81.86 4.02
CA HIS F 230 -26.60 80.96 2.91
C HIS F 230 -25.25 80.30 3.11
N THR F 231 -25.08 79.14 2.48
CA THR F 231 -23.83 78.42 2.55
C THR F 231 -22.71 79.22 1.89
N VAL F 232 -21.54 79.19 2.50
CA VAL F 232 -20.38 79.90 1.98
C VAL F 232 -19.55 78.91 1.17
N MET F 233 -19.57 79.05 -0.16
CA MET F 233 -18.79 78.18 -1.01
C MET F 233 -17.30 78.53 -0.91
N PRO F 234 -16.41 77.55 -1.11
CA PRO F 234 -14.99 77.83 -0.93
C PRO F 234 -14.29 78.38 -2.17
N LEU F 235 -13.46 79.39 -1.93
CA LEU F 235 -12.82 80.17 -2.97
C LEU F 235 -11.62 79.43 -3.55
N SER F 236 -11.44 79.56 -4.86
CA SER F 236 -10.34 78.88 -5.54
C SER F 236 -9.51 79.86 -6.36
N ALA F 237 -10.16 80.82 -7.00
CA ALA F 237 -9.45 81.78 -7.82
C ALA F 237 -8.96 82.96 -6.99
N PRO F 238 -7.88 83.61 -7.41
CA PRO F 238 -7.40 84.80 -6.69
C PRO F 238 -8.37 85.97 -6.86
N THR F 239 -8.30 86.90 -5.90
CA THR F 239 -9.12 88.10 -5.99
C THR F 239 -8.80 88.91 -7.24
N LEU F 240 -7.58 88.80 -7.75
CA LEU F 240 -7.19 89.43 -9.00
C LEU F 240 -6.34 88.47 -9.81
N VAL F 241 -6.55 88.47 -11.12
CA VAL F 241 -5.73 87.68 -12.04
C VAL F 241 -4.35 88.33 -12.09
N PRO F 242 -3.29 87.59 -12.41
CA PRO F 242 -1.97 88.21 -12.54
C PRO F 242 -1.97 89.30 -13.60
N GLN F 243 -1.24 90.37 -13.33
CA GLN F 243 -1.28 91.53 -14.20
C GLN F 243 -0.42 91.31 -15.44
N GLU F 244 -1.00 91.60 -16.60
CA GLU F 244 -0.31 91.52 -17.88
C GLU F 244 -0.52 92.82 -18.62
N HIS F 245 0.56 93.38 -19.16
CA HIS F 245 0.51 94.59 -19.95
C HIS F 245 0.91 94.30 -21.39
N TYR F 246 0.17 94.87 -22.33
CA TYR F 246 0.32 94.54 -23.75
C TYR F 246 0.82 95.76 -24.51
N VAL F 247 1.33 95.49 -25.72
CA VAL F 247 1.78 96.55 -26.61
C VAL F 247 0.73 96.92 -27.65
N ARG F 248 -0.28 96.07 -27.87
CA ARG F 248 -1.35 96.34 -28.82
C ARG F 248 -2.67 95.92 -28.18
N ILE F 249 -3.76 96.46 -28.74
CA ILE F 249 -5.09 96.05 -28.31
C ILE F 249 -5.23 94.54 -28.52
N THR F 250 -5.37 93.81 -27.41
CA THR F 250 -5.40 92.35 -27.43
C THR F 250 -6.82 91.88 -27.20
N GLY F 251 -7.34 91.08 -28.14
CA GLY F 251 -8.66 90.52 -28.02
C GLY F 251 -9.80 91.47 -28.28
N LEU F 252 -9.51 92.72 -28.65
CA LEU F 252 -10.53 93.72 -28.90
C LEU F 252 -10.26 94.39 -30.23
N TYR F 253 -11.33 94.88 -30.86
CA TYR F 253 -11.25 95.55 -32.16
C TYR F 253 -12.10 96.82 -32.12
N PRO F 254 -11.48 97.98 -31.96
CA PRO F 254 -12.26 99.21 -31.78
C PRO F 254 -13.07 99.56 -33.03
N THR F 255 -14.23 100.18 -32.78
CA THR F 255 -15.03 100.71 -33.87
C THR F 255 -14.32 101.93 -34.48
N LEU F 256 -14.50 102.10 -35.78
CA LEU F 256 -13.89 103.23 -36.49
C LEU F 256 -14.73 104.49 -36.39
N ASN F 257 -15.96 104.40 -35.89
CA ASN F 257 -16.85 105.55 -35.74
C ASN F 257 -17.38 105.56 -34.31
N ILE F 258 -17.15 106.67 -33.60
CA ILE F 258 -17.65 106.85 -32.24
C ILE F 258 -18.27 108.24 -32.14
N SER F 259 -19.20 108.38 -31.19
CA SER F 259 -19.90 109.63 -30.97
C SER F 259 -19.16 110.49 -29.96
N ASP F 260 -19.54 111.77 -29.91
CA ASP F 260 -18.96 112.71 -28.95
C ASP F 260 -19.39 112.43 -27.52
N GLU F 261 -20.43 111.60 -27.32
CA GLU F 261 -20.85 111.26 -25.97
C GLU F 261 -19.82 110.40 -25.27
N PHE F 262 -19.05 109.60 -26.01
CA PHE F 262 -18.08 108.70 -25.43
C PHE F 262 -16.66 108.98 -25.91
N SER F 263 -16.43 110.12 -26.57
CA SER F 263 -15.09 110.42 -27.10
C SER F 263 -14.08 110.62 -25.98
N SER F 264 -14.47 111.31 -24.90
CA SER F 264 -13.53 111.64 -23.84
C SER F 264 -12.91 110.40 -23.19
N ASN F 265 -13.61 109.26 -23.24
CA ASN F 265 -13.12 108.03 -22.65
C ASN F 265 -12.38 107.14 -23.64
N VAL F 266 -12.32 107.54 -24.91
CA VAL F 266 -11.80 106.66 -25.96
C VAL F 266 -10.39 106.19 -25.62
N ALA F 267 -9.52 107.12 -25.25
CA ALA F 267 -8.16 106.74 -24.87
C ALA F 267 -8.17 105.72 -23.73
N ASN F 268 -8.97 105.99 -22.69
CA ASN F 268 -9.08 105.04 -21.59
C ASN F 268 -9.59 103.68 -22.10
N TYR F 269 -10.49 103.70 -23.08
CA TYR F 269 -10.96 102.46 -23.67
C TYR F 269 -9.81 101.68 -24.26
N GLN F 270 -8.88 102.37 -24.94
CA GLN F 270 -7.69 101.71 -25.46
C GLN F 270 -6.86 101.14 -24.34
N LYS F 271 -6.79 101.83 -23.20
CA LYS F 271 -6.06 101.28 -22.05
C LYS F 271 -6.66 99.95 -21.61
N VAL F 272 -7.96 99.76 -21.84
CA VAL F 272 -8.59 98.48 -21.52
C VAL F 272 -7.92 97.35 -22.29
N GLY F 273 -7.52 97.62 -23.53
CA GLY F 273 -6.77 96.65 -24.32
C GLY F 273 -5.29 96.58 -24.03
N MET F 274 -4.75 97.54 -23.27
CA MET F 274 -3.34 97.56 -22.92
C MET F 274 -2.99 96.60 -21.79
N GLN F 275 -3.98 96.08 -21.07
CA GLN F 275 -3.67 95.27 -19.90
C GLN F 275 -4.74 94.23 -19.64
N LYS F 276 -4.37 93.23 -18.86
CA LYS F 276 -5.28 92.14 -18.51
C LYS F 276 -6.46 92.65 -17.70
N TYR F 277 -6.22 93.54 -16.75
CA TYR F 277 -7.28 94.16 -15.98
C TYR F 277 -6.95 95.63 -15.73
N SER F 278 -8.00 96.43 -15.56
CA SER F 278 -7.85 97.86 -15.34
C SER F 278 -8.76 98.29 -14.19
N THR F 279 -8.31 99.32 -13.46
CA THR F 279 -9.06 99.88 -12.35
C THR F 279 -9.49 101.30 -12.70
N LEU F 280 -10.77 101.59 -12.49
CA LEU F 280 -11.34 102.90 -12.79
C LEU F 280 -11.81 103.54 -11.50
N GLN F 281 -11.38 104.77 -11.24
CA GLN F 281 -11.88 105.53 -10.11
C GLN F 281 -12.83 106.61 -10.62
N GLY F 282 -14.11 106.43 -10.33
CA GLY F 282 -15.12 107.39 -10.73
C GLY F 282 -15.81 108.02 -9.53
N PRO F 283 -15.52 109.28 -9.28
CA PRO F 283 -16.23 110.02 -8.23
C PRO F 283 -17.71 110.13 -8.55
N PRO F 284 -18.52 110.59 -7.58
CA PRO F 284 -19.96 110.75 -7.85
C PRO F 284 -20.20 111.73 -9.00
N GLY F 285 -21.19 111.40 -9.84
CA GLY F 285 -21.54 112.25 -10.95
C GLY F 285 -20.46 112.43 -11.99
N THR F 286 -19.74 111.36 -12.33
CA THR F 286 -18.66 111.43 -13.32
C THR F 286 -18.94 110.60 -14.56
N GLY F 287 -19.91 109.69 -14.52
CA GLY F 287 -20.26 108.91 -15.69
C GLY F 287 -19.60 107.55 -15.73
N LYS F 288 -19.63 106.83 -14.60
CA LYS F 288 -19.10 105.46 -14.57
C LYS F 288 -19.91 104.55 -15.48
N SER F 289 -21.23 104.67 -15.45
CA SER F 289 -22.07 103.90 -16.37
C SER F 289 -21.83 104.34 -17.81
N HIS F 290 -21.65 105.64 -18.03
CA HIS F 290 -21.37 106.15 -19.37
C HIS F 290 -20.08 105.55 -19.91
N PHE F 291 -19.03 105.52 -19.08
CA PHE F 291 -17.77 104.87 -19.47
C PHE F 291 -17.97 103.38 -19.73
N ALA F 292 -18.72 102.70 -18.85
CA ALA F 292 -18.89 101.26 -18.99
C ALA F 292 -19.63 100.91 -20.28
N ILE F 293 -20.57 101.75 -20.70
CA ILE F 293 -21.34 101.42 -21.89
C ILE F 293 -20.64 101.93 -23.15
N GLY F 294 -19.86 103.00 -23.04
CA GLY F 294 -19.01 103.40 -24.15
C GLY F 294 -17.89 102.43 -24.40
N LEU F 295 -17.51 101.64 -23.40
CA LEU F 295 -16.59 100.53 -23.63
C LEU F 295 -17.19 99.53 -24.62
N ALA F 296 -18.46 99.17 -24.43
CA ALA F 296 -19.11 98.24 -25.35
C ALA F 296 -19.33 98.88 -26.71
N LEU F 297 -19.76 100.15 -26.74
CA LEU F 297 -19.98 100.82 -28.01
C LEU F 297 -18.68 101.04 -28.77
N TYR F 298 -17.56 101.14 -28.04
CA TYR F 298 -16.25 101.29 -28.67
C TYR F 298 -15.73 99.96 -29.22
N TYR F 299 -16.16 98.84 -28.65
CA TYR F 299 -15.83 97.50 -29.12
C TYR F 299 -17.14 96.77 -29.37
N PRO F 300 -17.82 97.05 -30.49
CA PRO F 300 -19.15 96.47 -30.72
C PRO F 300 -19.16 94.94 -30.78
N SER F 301 -18.08 94.32 -31.24
CA SER F 301 -18.06 92.86 -31.39
C SER F 301 -17.70 92.14 -30.10
N ALA F 302 -17.26 92.85 -29.07
CA ALA F 302 -16.82 92.21 -27.84
C ALA F 302 -18.01 91.78 -26.98
N ARG F 303 -17.95 90.55 -26.48
CA ARG F 303 -18.93 90.05 -25.54
C ARG F 303 -18.53 90.46 -24.13
N ILE F 304 -19.42 91.18 -23.45
CA ILE F 304 -19.09 91.83 -22.18
C ILE F 304 -20.06 91.38 -21.11
N VAL F 305 -19.53 91.10 -19.93
CA VAL F 305 -20.33 90.70 -18.77
C VAL F 305 -20.26 91.82 -17.73
N TYR F 306 -21.41 92.42 -17.46
CA TYR F 306 -21.52 93.51 -16.48
C TYR F 306 -22.01 92.94 -15.15
N THR F 307 -21.20 93.12 -14.11
CA THR F 307 -21.46 92.53 -12.80
C THR F 307 -21.39 93.58 -11.70
N ALA F 308 -22.12 93.32 -10.63
CA ALA F 308 -22.08 94.13 -9.42
C ALA F 308 -22.64 93.30 -8.28
N CYS F 309 -22.20 93.63 -7.06
CA CYS F 309 -22.59 92.86 -5.88
C CYS F 309 -24.09 92.97 -5.62
N SER F 310 -24.64 94.18 -5.74
CA SER F 310 -26.03 94.42 -5.45
C SER F 310 -26.87 94.42 -6.73
N HIS F 311 -28.14 94.05 -6.57
CA HIS F 311 -29.04 94.04 -7.72
C HIS F 311 -29.27 95.46 -8.25
N ALA F 312 -29.14 96.46 -7.39
CA ALA F 312 -29.43 97.83 -7.79
C ALA F 312 -28.44 98.33 -8.84
N ALA F 313 -27.15 98.07 -8.64
CA ALA F 313 -26.15 98.54 -9.60
C ALA F 313 -26.27 97.80 -10.93
N VAL F 314 -26.56 96.49 -10.87
CA VAL F 314 -26.77 95.74 -12.11
C VAL F 314 -28.00 96.27 -12.85
N ASP F 315 -29.05 96.62 -12.10
CA ASP F 315 -30.23 97.21 -12.72
C ASP F 315 -29.93 98.56 -13.35
N ALA F 316 -29.08 99.37 -12.69
CA ALA F 316 -28.68 100.64 -13.28
C ALA F 316 -27.88 100.44 -14.56
N LEU F 317 -26.98 99.45 -14.56
CA LEU F 317 -26.24 99.12 -15.78
C LEU F 317 -27.20 98.68 -16.89
N CYS F 318 -28.20 97.88 -16.54
CA CYS F 318 -29.22 97.48 -17.51
C CYS F 318 -30.00 98.67 -18.03
N GLU F 319 -30.30 99.63 -17.16
CA GLU F 319 -31.01 100.83 -17.57
C GLU F 319 -30.19 101.63 -18.59
N LYS F 320 -28.88 101.76 -18.34
CA LYS F 320 -28.02 102.44 -19.30
C LYS F 320 -27.95 101.66 -20.61
N ALA F 321 -27.85 100.33 -20.53
CA ALA F 321 -27.81 99.50 -21.73
C ALA F 321 -29.07 99.65 -22.57
N LEU F 322 -30.24 99.69 -21.93
CA LEU F 322 -31.46 99.96 -22.66
C LEU F 322 -31.39 101.30 -23.38
N LYS F 323 -30.66 102.27 -22.82
CA LYS F 323 -30.53 103.57 -23.45
C LYS F 323 -29.61 103.55 -24.66
N TYR F 324 -28.47 102.86 -24.58
CA TYR F 324 -27.53 102.86 -25.70
C TYR F 324 -27.35 101.52 -26.39
N LEU F 325 -27.52 100.39 -25.71
CA LEU F 325 -27.18 99.11 -26.33
C LEU F 325 -28.42 98.45 -26.93
N PRO F 326 -28.25 97.61 -27.96
CA PRO F 326 -29.38 96.85 -28.50
C PRO F 326 -29.99 95.96 -27.44
N ILE F 327 -31.33 95.89 -27.42
CA ILE F 327 -32.03 95.12 -26.41
C ILE F 327 -31.88 93.63 -26.65
N ASP F 328 -31.78 93.20 -27.91
CA ASP F 328 -31.69 91.78 -28.21
C ASP F 328 -30.30 91.21 -27.93
N LYS F 329 -29.29 92.05 -27.82
CA LYS F 329 -27.94 91.61 -27.49
C LYS F 329 -27.67 91.64 -25.99
N CYS F 330 -28.64 92.05 -25.18
CA CYS F 330 -28.48 92.13 -23.74
C CYS F 330 -29.38 91.10 -23.06
N SER F 331 -28.84 90.46 -22.03
CA SER F 331 -29.59 89.48 -21.27
C SER F 331 -29.30 89.65 -19.78
N ARG F 332 -30.36 89.70 -18.99
CA ARG F 332 -30.26 89.82 -17.54
C ARG F 332 -30.44 88.44 -16.92
N ILE F 333 -29.44 88.00 -16.17
CA ILE F 333 -29.47 86.69 -15.52
C ILE F 333 -30.08 86.85 -14.14
N ILE F 334 -31.19 86.15 -13.90
CA ILE F 334 -31.89 86.22 -12.62
C ILE F 334 -31.99 84.82 -12.02
N PRO F 335 -31.47 84.60 -10.82
CA PRO F 335 -31.59 83.27 -10.21
C PRO F 335 -33.01 82.98 -9.77
N ALA F 336 -33.29 81.70 -9.60
CA ALA F 336 -34.61 81.26 -9.16
C ALA F 336 -34.85 81.61 -7.69
N VAL F 340 -36.98 89.18 -5.08
CA VAL F 340 -36.54 90.54 -5.39
C VAL F 340 -36.80 90.87 -6.85
N GLU F 341 -37.49 91.98 -7.09
CA GLU F 341 -37.81 92.42 -8.44
C GLU F 341 -36.66 93.26 -8.98
N CYS F 342 -36.12 92.86 -10.13
CA CYS F 342 -34.99 93.51 -10.76
C CYS F 342 -35.36 93.86 -12.20
N PHE F 343 -34.35 94.24 -12.98
CA PHE F 343 -34.55 94.58 -14.38
C PHE F 343 -35.22 93.43 -15.13
N ASP F 344 -36.26 93.74 -15.88
CA ASP F 344 -37.09 92.74 -16.54
C ASP F 344 -37.42 93.17 -17.96
N LYS F 345 -36.51 93.92 -18.59
CA LYS F 345 -36.68 94.33 -19.98
C LYS F 345 -35.74 93.60 -20.93
N PHE F 346 -34.74 92.91 -20.40
CA PHE F 346 -33.89 92.01 -21.19
C PHE F 346 -34.42 90.59 -21.07
N LYS F 347 -34.00 89.75 -22.01
CA LYS F 347 -34.34 88.34 -21.93
C LYS F 347 -33.67 87.71 -20.72
N VAL F 348 -34.42 86.85 -20.03
CA VAL F 348 -34.06 86.35 -18.70
C VAL F 348 -33.34 85.01 -18.86
N ASN F 349 -32.17 84.90 -18.24
CA ASN F 349 -31.36 83.67 -18.24
C ASN F 349 -30.97 83.25 -19.66
N SER F 350 -30.18 84.09 -20.33
CA SER F 350 -29.56 83.75 -21.60
C SER F 350 -28.05 83.96 -21.45
N THR F 351 -27.34 82.87 -21.16
CA THR F 351 -25.90 82.97 -20.90
C THR F 351 -25.13 83.35 -22.16
N LEU F 352 -25.53 82.81 -23.32
CA LEU F 352 -24.77 82.96 -24.55
C LEU F 352 -24.98 84.31 -25.23
N GLU F 353 -25.72 85.23 -24.61
CA GLU F 353 -25.93 86.54 -25.21
C GLU F 353 -24.63 87.35 -25.18
N GLN F 354 -24.52 88.29 -26.12
CA GLN F 354 -23.31 89.09 -26.24
C GLN F 354 -23.07 89.95 -25.00
N TYR F 355 -24.11 90.58 -24.48
CA TYR F 355 -24.02 91.38 -23.26
C TYR F 355 -24.77 90.65 -22.16
N VAL F 356 -24.06 90.34 -21.07
CA VAL F 356 -24.61 89.54 -19.98
C VAL F 356 -24.54 90.36 -18.69
N PHE F 357 -25.70 90.75 -18.17
CA PHE F 357 -25.78 91.54 -16.95
C PHE F 357 -26.22 90.63 -15.82
N CYS F 358 -25.38 90.51 -14.79
CA CYS F 358 -25.70 89.59 -13.70
C CYS F 358 -25.00 90.03 -12.42
N THR F 359 -25.61 89.71 -11.29
CA THR F 359 -24.98 89.94 -10.00
C THR F 359 -23.88 88.90 -9.75
N VAL F 360 -23.11 89.14 -8.69
CA VAL F 360 -21.95 88.29 -8.41
C VAL F 360 -22.39 86.87 -8.09
N ASN F 361 -23.35 86.73 -7.18
CA ASN F 361 -23.72 85.42 -6.65
C ASN F 361 -24.50 84.55 -7.63
N ALA F 362 -24.99 85.12 -8.73
CA ALA F 362 -25.78 84.37 -9.70
C ALA F 362 -25.07 84.20 -11.04
N LEU F 363 -23.77 84.48 -11.10
CA LEU F 363 -23.06 84.44 -12.36
C LEU F 363 -22.94 83.00 -12.87
N PRO F 364 -22.97 82.79 -14.17
CA PRO F 364 -22.66 81.47 -14.73
C PRO F 364 -21.18 81.35 -15.05
N GLU F 365 -20.72 80.10 -15.09
CA GLU F 365 -19.34 79.80 -15.47
C GLU F 365 -19.21 80.01 -16.98
N THR F 366 -18.56 81.10 -17.37
CA THR F 366 -18.56 81.48 -18.79
C THR F 366 -17.32 82.33 -19.07
N THR F 367 -17.09 82.56 -20.37
CA THR F 367 -16.02 83.40 -20.86
C THR F 367 -16.61 84.63 -21.54
N ALA F 368 -15.78 85.66 -21.64
CA ALA F 368 -16.18 86.91 -22.28
C ALA F 368 -14.93 87.66 -22.72
N ASP F 369 -15.13 88.62 -23.62
CA ASP F 369 -14.03 89.48 -24.03
C ASP F 369 -13.69 90.49 -22.95
N ILE F 370 -14.70 91.07 -22.31
CA ILE F 370 -14.51 92.04 -21.24
C ILE F 370 -15.49 91.72 -20.12
N VAL F 371 -15.00 91.77 -18.88
CA VAL F 371 -15.83 91.70 -17.69
C VAL F 371 -15.73 93.02 -16.94
N VAL F 372 -16.84 93.75 -16.90
CA VAL F 372 -16.92 95.04 -16.25
C VAL F 372 -17.60 94.85 -14.89
N PHE F 373 -16.82 94.97 -13.83
CA PHE F 373 -17.32 94.85 -12.46
C PHE F 373 -17.47 96.25 -11.90
N ASP F 374 -18.72 96.69 -11.72
CA ASP F 374 -19.02 98.03 -11.24
C ASP F 374 -19.12 98.06 -9.72
N GLU F 375 -18.92 99.26 -9.17
CA GLU F 375 -19.03 99.52 -7.74
C GLU F 375 -18.08 98.62 -6.93
N ILE F 376 -16.79 98.81 -7.19
CA ILE F 376 -15.76 98.02 -6.54
C ILE F 376 -15.69 98.28 -5.03
N SER F 377 -16.10 99.47 -4.57
CA SER F 377 -16.01 99.78 -3.16
C SER F 377 -16.89 98.86 -2.30
N MET F 378 -18.11 98.59 -2.75
CA MET F 378 -19.00 97.68 -2.05
C MET F 378 -18.52 96.22 -2.08
N ALA F 379 -17.54 95.90 -2.92
CA ALA F 379 -17.13 94.52 -3.11
C ALA F 379 -16.22 94.06 -1.98
N THR F 380 -16.23 92.75 -1.76
CA THR F 380 -15.29 92.08 -0.88
C THR F 380 -14.36 91.20 -1.69
N ASN F 381 -13.29 90.73 -1.04
CA ASN F 381 -12.37 89.81 -1.70
C ASN F 381 -13.06 88.52 -2.09
N TYR F 382 -14.09 88.12 -1.34
CA TYR F 382 -14.88 86.95 -1.71
C TYR F 382 -15.52 87.13 -3.08
N ASP F 383 -16.16 88.29 -3.29
CA ASP F 383 -16.82 88.54 -4.57
C ASP F 383 -15.81 88.59 -5.71
N LEU F 384 -14.67 89.26 -5.50
CA LEU F 384 -13.65 89.35 -6.54
C LEU F 384 -13.12 87.97 -6.89
N SER F 385 -12.81 87.16 -5.87
CA SER F 385 -12.28 85.81 -6.11
C SER F 385 -13.30 84.95 -6.85
N VAL F 386 -14.56 85.00 -6.45
CA VAL F 386 -15.55 84.14 -7.09
C VAL F 386 -15.86 84.61 -8.51
N VAL F 387 -15.79 85.93 -8.74
CA VAL F 387 -15.95 86.46 -10.09
C VAL F 387 -14.82 85.97 -10.98
N ASN F 388 -13.59 86.02 -10.48
CA ASN F 388 -12.46 85.49 -11.25
C ASN F 388 -12.58 83.99 -11.46
N ALA F 389 -13.20 83.28 -10.50
CA ALA F 389 -13.38 81.84 -10.66
C ALA F 389 -14.40 81.52 -11.74
N ARG F 390 -15.53 82.23 -11.78
CA ARG F 390 -16.58 81.90 -12.74
C ARG F 390 -16.36 82.51 -14.11
N LEU F 391 -15.79 83.71 -14.19
CA LEU F 391 -15.69 84.44 -15.45
C LEU F 391 -14.26 84.37 -15.95
N ARG F 392 -14.09 83.98 -17.22
CA ARG F 392 -12.80 83.99 -17.89
C ARG F 392 -12.83 85.08 -18.95
N ALA F 393 -12.04 86.13 -18.74
CA ALA F 393 -12.09 87.30 -19.61
C ALA F 393 -10.70 87.69 -20.07
N LYS F 394 -10.62 88.19 -21.31
CA LYS F 394 -9.38 88.78 -21.79
C LYS F 394 -9.07 90.09 -21.08
N HIS F 395 -10.10 90.85 -20.70
CA HIS F 395 -9.90 92.12 -20.03
C HIS F 395 -10.92 92.27 -18.91
N TYR F 396 -10.45 92.81 -17.78
CA TYR F 396 -11.29 93.10 -16.63
C TYR F 396 -11.27 94.61 -16.40
N VAL F 397 -12.45 95.19 -16.18
CA VAL F 397 -12.58 96.62 -15.92
C VAL F 397 -13.28 96.79 -14.58
N TYR F 398 -12.52 97.19 -13.57
CA TYR F 398 -13.06 97.41 -12.23
C TYR F 398 -13.41 98.89 -12.09
N ILE F 399 -14.68 99.17 -11.79
CA ILE F 399 -15.21 100.52 -11.77
C ILE F 399 -15.80 100.80 -10.41
N GLY F 400 -15.45 101.95 -9.85
CA GLY F 400 -15.96 102.33 -8.54
C GLY F 400 -15.26 103.57 -8.03
N ASP F 401 -15.25 103.70 -6.70
CA ASP F 401 -14.63 104.85 -6.05
C ASP F 401 -14.19 104.46 -4.65
N PRO F 402 -12.89 104.48 -4.35
CA PRO F 402 -12.45 104.18 -2.98
C PRO F 402 -12.89 105.22 -1.96
N ALA F 403 -13.31 106.39 -2.42
CA ALA F 403 -13.77 107.46 -1.55
C ALA F 403 -15.24 107.32 -1.16
N GLN F 404 -15.91 106.25 -1.58
CA GLN F 404 -17.29 106.00 -1.24
C GLN F 404 -17.40 104.84 -0.25
N LEU F 405 -18.64 104.46 0.05
CA LEU F 405 -18.95 103.47 1.08
C LEU F 405 -18.42 102.09 0.69
N PRO F 406 -17.87 101.36 1.65
CA PRO F 406 -17.59 99.93 1.46
C PRO F 406 -18.75 99.08 1.95
N ALA F 407 -18.57 97.77 1.81
CA ALA F 407 -19.54 96.85 2.40
C ALA F 407 -19.53 97.00 3.91
N PRO F 408 -20.68 97.05 4.56
CA PRO F 408 -20.72 97.19 6.03
C PRO F 408 -20.07 95.99 6.71
N ARG F 409 -19.39 96.25 7.82
CA ARG F 409 -18.68 95.23 8.59
C ARG F 409 -19.36 95.13 9.96
N THR F 410 -20.30 94.19 10.08
CA THR F 410 -21.04 94.04 11.33
C THR F 410 -20.13 93.60 12.47
N LEU F 411 -19.20 92.68 12.22
CA LEU F 411 -18.33 92.17 13.26
C LEU F 411 -17.26 93.17 13.67
N LEU F 412 -16.93 94.13 12.81
CA LEU F 412 -15.90 95.11 13.13
C LEU F 412 -16.42 96.11 14.15
N THR F 413 -15.75 96.20 15.29
CA THR F 413 -16.15 97.13 16.34
C THR F 413 -14.96 97.97 16.78
N LYS F 414 -13.76 97.39 16.74
CA LYS F 414 -12.53 98.05 17.17
C LYS F 414 -11.76 98.49 15.93
N GLY F 415 -11.61 99.80 15.77
CA GLY F 415 -10.89 100.35 14.65
C GLY F 415 -11.79 100.60 13.44
N THR F 416 -11.30 101.43 12.53
CA THR F 416 -12.01 101.77 11.31
C THR F 416 -11.25 101.24 10.10
N LEU F 417 -12.00 100.83 9.08
CA LEU F 417 -11.43 100.20 7.90
C LEU F 417 -11.12 101.26 6.85
N GLU F 418 -9.85 101.38 6.49
CA GLU F 418 -9.41 102.36 5.50
C GLU F 418 -9.79 101.91 4.09
N PRO F 419 -9.89 102.86 3.16
CA PRO F 419 -10.26 102.49 1.78
C PRO F 419 -9.32 101.49 1.14
N GLU F 420 -8.03 101.50 1.48
CA GLU F 420 -7.12 100.53 0.91
C GLU F 420 -7.42 99.11 1.35
N TYR F 421 -8.15 98.93 2.45
CA TYR F 421 -8.46 97.60 2.97
C TYR F 421 -9.87 97.16 2.63
N PHE F 422 -10.57 97.88 1.75
CA PHE F 422 -11.90 97.44 1.32
C PHE F 422 -11.80 96.16 0.51
N ASN F 423 -10.88 96.11 -0.45
CA ASN F 423 -10.63 94.91 -1.25
C ASN F 423 -9.28 95.02 -1.95
N SER F 424 -8.91 93.99 -2.72
CA SER F 424 -7.63 93.99 -3.41
C SER F 424 -7.56 95.11 -4.46
N VAL F 425 -8.63 95.30 -5.23
CA VAL F 425 -8.67 96.39 -6.19
C VAL F 425 -8.60 97.73 -5.48
N CYS F 426 -9.30 97.84 -4.35
CA CYS F 426 -9.21 99.05 -3.53
C CYS F 426 -7.79 99.26 -3.04
N ARG F 427 -7.12 98.17 -2.64
CA ARG F 427 -5.72 98.28 -2.22
C ARG F 427 -4.85 98.81 -3.35
N LEU F 428 -5.05 98.29 -4.57
CA LEU F 428 -4.28 98.76 -5.71
C LEU F 428 -4.52 100.24 -5.98
N MET F 429 -5.80 100.63 -6.06
CA MET F 429 -6.11 102.00 -6.46
C MET F 429 -5.92 102.99 -5.31
N LYS F 430 -5.63 102.50 -4.10
CA LYS F 430 -5.24 103.38 -3.01
C LYS F 430 -3.73 103.44 -2.81
N THR F 431 -2.99 102.42 -3.24
CA THR F 431 -1.55 102.39 -3.09
C THR F 431 -0.82 102.83 -4.37
N ILE F 432 -1.05 102.13 -5.48
CA ILE F 432 -0.43 102.50 -6.76
C ILE F 432 -1.32 103.41 -7.59
N GLY F 433 -2.55 103.66 -7.17
CA GLY F 433 -3.44 104.53 -7.89
C GLY F 433 -4.28 103.77 -8.89
N PRO F 434 -5.44 104.33 -9.24
CA PRO F 434 -6.29 103.69 -10.24
C PRO F 434 -5.65 103.74 -11.63
N ASP F 435 -6.00 102.74 -12.44
CA ASP F 435 -5.49 102.71 -13.81
C ASP F 435 -5.96 103.92 -14.60
N MET F 436 -7.23 104.30 -14.47
CA MET F 436 -7.70 105.57 -15.01
C MET F 436 -8.79 106.16 -14.11
N PHE F 437 -8.97 107.47 -14.26
CA PHE F 437 -9.74 108.28 -13.32
C PHE F 437 -10.72 109.15 -14.10
N LEU F 438 -11.93 109.33 -13.56
CA LEU F 438 -12.92 110.24 -14.14
C LEU F 438 -12.84 111.57 -13.39
N GLY F 439 -12.18 112.55 -14.00
CA GLY F 439 -11.86 113.80 -13.34
C GLY F 439 -12.88 114.91 -13.42
N THR F 440 -14.04 114.69 -14.05
CA THR F 440 -15.04 115.72 -14.21
C THR F 440 -16.32 115.30 -13.51
N CYS F 441 -16.75 116.10 -12.53
CA CYS F 441 -17.99 115.82 -11.81
C CYS F 441 -19.12 116.66 -12.39
N ARG F 442 -20.08 116.01 -13.03
CA ARG F 442 -21.17 116.69 -13.71
C ARG F 442 -22.40 116.88 -12.84
N ARG F 443 -22.39 116.41 -11.60
CA ARG F 443 -23.57 116.43 -10.76
C ARG F 443 -23.58 117.59 -9.76
N CYS F 444 -22.55 117.67 -8.92
CA CYS F 444 -22.56 118.57 -7.76
C CYS F 444 -22.13 119.97 -8.16
N PRO F 445 -22.56 120.97 -7.38
CA PRO F 445 -22.06 122.34 -7.61
C PRO F 445 -20.58 122.45 -7.31
N ALA F 446 -20.00 123.60 -7.67
CA ALA F 446 -18.56 123.79 -7.54
C ALA F 446 -18.09 123.66 -6.10
N GLU F 447 -18.88 124.17 -5.14
CA GLU F 447 -18.47 124.10 -3.74
C GLU F 447 -18.31 122.66 -3.28
N ILE F 448 -19.30 121.82 -3.57
CA ILE F 448 -19.25 120.41 -3.16
C ILE F 448 -18.10 119.69 -3.85
N VAL F 449 -17.90 119.96 -5.14
CA VAL F 449 -16.84 119.29 -5.88
C VAL F 449 -15.47 119.65 -5.31
N ASP F 450 -15.26 120.95 -5.04
CA ASP F 450 -14.00 121.38 -4.43
C ASP F 450 -13.82 120.74 -3.06
N THR F 451 -14.89 120.70 -2.26
CA THR F 451 -14.80 120.11 -0.92
C THR F 451 -14.39 118.64 -1.00
N VAL F 452 -15.07 117.85 -1.83
CA VAL F 452 -14.76 116.43 -1.91
C VAL F 452 -13.40 116.20 -2.54
N SER F 453 -12.99 117.05 -3.50
CA SER F 453 -11.70 116.88 -4.15
C SER F 453 -10.57 117.16 -3.17
N ALA F 454 -10.74 118.18 -2.32
CA ALA F 454 -9.75 118.45 -1.28
C ALA F 454 -9.77 117.38 -0.19
N LEU F 455 -10.93 116.78 0.06
CA LEU F 455 -11.04 115.80 1.14
C LEU F 455 -10.43 114.45 0.73
N VAL F 456 -10.95 113.83 -0.32
CA VAL F 456 -10.66 112.43 -0.60
C VAL F 456 -10.15 112.21 -2.02
N TYR F 457 -10.02 113.28 -2.81
CA TYR F 457 -9.62 113.14 -4.20
C TYR F 457 -8.32 113.87 -4.51
N ASP F 458 -7.58 114.31 -3.49
CA ASP F 458 -6.26 114.91 -3.66
C ASP F 458 -6.31 116.13 -4.60
N ASN F 459 -7.40 116.88 -4.52
CA ASN F 459 -7.62 118.06 -5.36
C ASN F 459 -7.50 117.72 -6.86
N LYS F 460 -8.00 116.56 -7.25
CA LYS F 460 -7.99 116.14 -8.65
C LYS F 460 -9.36 116.23 -9.31
N LEU F 461 -10.43 115.93 -8.57
CA LEU F 461 -11.78 116.02 -9.10
C LEU F 461 -12.10 117.48 -9.41
N LYS F 462 -12.60 117.74 -10.61
CA LYS F 462 -12.90 119.09 -11.07
C LYS F 462 -14.40 119.27 -11.24
N ALA F 463 -14.84 120.52 -11.17
CA ALA F 463 -16.26 120.84 -11.19
C ALA F 463 -16.70 121.25 -12.58
N HIS F 464 -17.72 120.56 -13.10
CA HIS F 464 -18.35 120.94 -14.35
C HIS F 464 -19.27 122.15 -14.18
N LYS F 465 -20.04 122.18 -13.10
CA LYS F 465 -20.93 123.30 -12.82
C LYS F 465 -20.17 124.39 -12.08
N ASP F 466 -20.75 125.59 -12.09
CA ASP F 466 -20.21 126.71 -11.32
C ASP F 466 -20.73 126.65 -9.89
N LYS F 467 -20.33 127.65 -9.09
CA LYS F 467 -20.85 127.75 -7.73
C LYS F 467 -22.34 128.06 -7.77
N SER F 468 -23.13 127.30 -7.02
CA SER F 468 -24.57 127.48 -6.98
C SER F 468 -25.02 128.45 -5.91
N ALA F 469 -24.13 128.86 -5.00
CA ALA F 469 -24.43 129.78 -3.91
C ALA F 469 -25.55 129.29 -3.01
N GLN F 470 -25.86 127.99 -3.07
CA GLN F 470 -26.92 127.38 -2.28
C GLN F 470 -26.38 126.28 -1.37
N CYS F 471 -25.07 126.28 -1.16
CA CYS F 471 -24.43 125.33 -0.26
C CYS F 471 -24.19 126.03 1.07
N PHE F 472 -24.79 125.49 2.13
CA PHE F 472 -24.74 126.10 3.44
C PHE F 472 -24.30 125.10 4.48
N LYS F 473 -23.63 125.60 5.53
CA LYS F 473 -23.18 124.78 6.64
C LYS F 473 -23.47 125.50 7.95
N MET F 474 -23.84 124.73 8.97
N MET F 474 -23.85 124.72 8.97
CA MET F 474 -24.10 125.29 10.30
CA MET F 474 -24.13 125.24 10.30
C MET F 474 -23.48 124.38 11.35
C MET F 474 -23.44 124.37 11.32
N PHE F 475 -22.82 125.00 12.32
CA PHE F 475 -22.16 124.29 13.41
C PHE F 475 -23.12 124.27 14.60
N TYR F 476 -23.65 123.10 14.93
CA TYR F 476 -24.67 122.99 15.96
C TYR F 476 -24.60 121.59 16.56
N LYS F 477 -24.15 121.51 17.81
CA LYS F 477 -24.05 120.21 18.48
C LYS F 477 -25.42 119.62 18.77
N GLY F 478 -26.33 120.42 19.32
CA GLY F 478 -27.65 119.93 19.67
C GLY F 478 -27.61 118.96 20.83
N VAL F 479 -28.64 118.13 20.92
CA VAL F 479 -28.77 117.12 21.96
C VAL F 479 -28.86 115.75 21.29
N ILE F 480 -28.01 114.83 21.72
CA ILE F 480 -27.94 113.50 21.13
C ILE F 480 -28.58 112.50 22.09
N THR F 481 -29.59 111.79 21.60
CA THR F 481 -30.26 110.74 22.36
C THR F 481 -30.07 109.41 21.64
N HIS F 482 -29.91 108.34 22.42
CA HIS F 482 -29.60 107.03 21.89
C HIS F 482 -30.71 106.04 22.22
N ASP F 483 -31.17 105.34 21.19
CA ASP F 483 -32.08 104.21 21.29
C ASP F 483 -31.28 102.91 21.16
N VAL F 484 -31.98 101.80 20.97
CA VAL F 484 -31.34 100.49 21.02
C VAL F 484 -30.17 100.40 20.04
N SER F 485 -30.35 100.89 18.80
CA SER F 485 -29.30 100.71 17.81
C SER F 485 -29.08 101.92 16.90
N SER F 486 -29.32 103.14 17.36
CA SER F 486 -29.14 104.31 16.52
C SER F 486 -28.95 105.53 17.42
N ALA F 487 -29.00 106.72 16.81
CA ALA F 487 -28.87 107.98 17.53
C ALA F 487 -29.85 108.99 16.96
N ILE F 488 -30.31 109.90 17.82
CA ILE F 488 -31.30 110.90 17.46
C ILE F 488 -30.80 112.27 17.93
N ASN F 489 -30.91 113.28 17.05
CA ASN F 489 -30.56 114.66 17.38
C ASN F 489 -31.77 115.53 17.07
N ARG F 490 -32.67 115.65 18.05
CA ARG F 490 -33.87 116.48 17.88
C ARG F 490 -33.56 117.95 17.65
N PRO F 491 -32.65 118.60 18.39
CA PRO F 491 -32.40 120.03 18.11
C PRO F 491 -31.93 120.32 16.69
N GLN F 492 -31.16 119.42 16.08
CA GLN F 492 -30.79 119.60 14.68
C GLN F 492 -32.01 119.56 13.77
N ILE F 493 -32.95 118.66 14.07
CA ILE F 493 -34.19 118.60 13.29
C ILE F 493 -35.00 119.87 13.50
N GLY F 494 -34.98 120.43 14.71
CA GLY F 494 -35.64 121.71 14.94
C GLY F 494 -35.00 122.85 14.17
N VAL F 495 -33.67 122.83 14.07
CA VAL F 495 -32.97 123.82 13.25
C VAL F 495 -33.37 123.67 11.79
N VAL F 496 -33.48 122.42 11.31
CA VAL F 496 -33.95 122.17 9.95
C VAL F 496 -35.37 122.69 9.78
N ARG F 497 -36.22 122.53 10.81
CA ARG F 497 -37.57 123.05 10.76
C ARG F 497 -37.57 124.58 10.61
N GLU F 498 -36.74 125.26 11.40
CA GLU F 498 -36.65 126.70 11.31
C GLU F 498 -36.15 127.14 9.93
N PHE F 499 -35.17 126.43 9.40
CA PHE F 499 -34.67 126.74 8.06
C PHE F 499 -35.76 126.55 7.01
N LEU F 500 -36.55 125.48 7.14
CA LEU F 500 -37.65 125.25 6.20
C LEU F 500 -38.71 126.34 6.29
N THR F 501 -39.03 126.77 7.51
CA THR F 501 -39.99 127.87 7.66
C THR F 501 -39.46 129.15 7.03
N ARG F 502 -38.18 129.45 7.24
CA ARG F 502 -37.59 130.64 6.62
C ARG F 502 -37.27 130.44 5.15
N ASN F 503 -37.08 129.19 4.70
CA ASN F 503 -36.79 128.88 3.31
C ASN F 503 -37.72 127.78 2.84
N PRO F 504 -38.97 128.12 2.51
CA PRO F 504 -39.94 127.09 2.10
C PRO F 504 -39.52 126.30 0.87
N ALA F 505 -38.76 126.90 -0.05
CA ALA F 505 -38.36 126.19 -1.25
C ALA F 505 -37.57 124.93 -0.92
N TRP F 506 -36.69 125.00 0.08
CA TRP F 506 -35.91 123.85 0.52
C TRP F 506 -36.78 122.71 1.04
N ARG F 507 -38.10 122.87 1.07
CA ARG F 507 -39.00 121.75 1.33
C ARG F 507 -39.02 120.75 0.20
N LYS F 508 -38.43 121.06 -0.96
CA LYS F 508 -38.25 120.08 -2.01
C LYS F 508 -37.01 119.22 -1.79
N ALA F 509 -36.21 119.51 -0.77
CA ALA F 509 -34.98 118.78 -0.52
C ALA F 509 -35.27 117.41 0.07
N VAL F 510 -34.25 116.55 0.04
CA VAL F 510 -34.30 115.23 0.63
C VAL F 510 -33.39 115.19 1.84
N PHE F 511 -33.96 114.85 2.99
CA PHE F 511 -33.21 114.77 4.24
C PHE F 511 -32.32 113.53 4.22
N ILE F 512 -31.05 113.70 4.58
CA ILE F 512 -30.10 112.61 4.62
C ILE F 512 -29.43 112.60 5.99
N SER F 513 -29.38 111.44 6.62
CA SER F 513 -28.69 111.30 7.90
C SER F 513 -28.04 109.94 7.96
N PRO F 514 -26.93 109.81 8.69
CA PRO F 514 -26.26 108.51 8.83
C PRO F 514 -26.97 107.55 9.77
N TYR F 515 -28.06 107.96 10.39
CA TYR F 515 -28.78 107.12 11.34
C TYR F 515 -30.23 106.95 10.90
N ASN F 516 -30.74 105.72 11.04
CA ASN F 516 -32.10 105.42 10.59
C ASN F 516 -33.14 106.05 11.51
N SER F 517 -32.85 106.10 12.81
CA SER F 517 -33.79 106.73 13.74
C SER F 517 -33.93 108.23 13.47
N GLN F 518 -32.82 108.90 13.18
CA GLN F 518 -32.89 110.31 12.81
C GLN F 518 -33.71 110.50 11.54
N ASN F 519 -33.55 109.59 10.58
CA ASN F 519 -34.36 109.63 9.37
C ASN F 519 -35.84 109.46 9.67
N ALA F 520 -36.18 108.51 10.56
CA ALA F 520 -37.58 108.31 10.90
C ALA F 520 -38.18 109.54 11.57
N VAL F 521 -37.44 110.14 12.51
CA VAL F 521 -37.93 111.33 13.19
C VAL F 521 -38.06 112.50 12.22
N ALA F 522 -37.09 112.65 11.32
CA ALA F 522 -37.16 113.72 10.32
C ALA F 522 -38.32 113.52 9.35
N SER F 523 -38.60 112.29 8.95
CA SER F 523 -39.76 112.04 8.11
C SER F 523 -41.05 112.34 8.85
N LYS F 524 -41.12 111.96 10.13
CA LYS F 524 -42.32 112.22 10.92
C LYS F 524 -42.57 113.72 11.13
N ILE F 525 -41.52 114.49 11.38
CA ILE F 525 -41.72 115.89 11.76
C ILE F 525 -41.64 116.85 10.57
N LEU F 526 -40.68 116.65 9.66
CA LEU F 526 -40.47 117.52 8.52
C LEU F 526 -41.38 117.22 7.34
N GLY F 527 -41.63 115.94 7.05
CA GLY F 527 -42.33 115.56 5.86
C GLY F 527 -41.45 115.32 4.64
N LEU F 528 -40.15 115.57 4.75
CA LEU F 528 -39.22 115.35 3.66
C LEU F 528 -38.94 113.85 3.50
N PRO F 529 -38.63 113.41 2.28
CA PRO F 529 -38.09 112.06 2.12
C PRO F 529 -36.74 111.94 2.82
N THR F 530 -36.51 110.78 3.43
CA THR F 530 -35.34 110.57 4.26
C THR F 530 -34.50 109.40 3.74
N GLN F 531 -33.19 109.60 3.76
CA GLN F 531 -32.25 108.60 3.27
C GLN F 531 -31.07 108.48 4.22
N THR F 532 -30.68 107.24 4.47
CA THR F 532 -29.38 106.97 5.07
C THR F 532 -28.31 107.25 4.02
N VAL F 533 -27.11 107.63 4.50
CA VAL F 533 -26.00 107.83 3.59
C VAL F 533 -25.65 106.52 2.88
N ASP F 534 -25.79 105.40 3.59
CA ASP F 534 -25.50 104.10 3.01
C ASP F 534 -26.43 103.80 1.84
N SER F 535 -27.73 104.08 1.99
CA SER F 535 -28.69 103.81 0.93
C SER F 535 -28.76 104.92 -0.10
N SER F 536 -28.19 106.09 0.18
CA SER F 536 -28.23 107.19 -0.77
C SER F 536 -27.18 107.06 -1.86
N GLN F 537 -26.21 106.15 -1.71
CA GLN F 537 -25.17 105.97 -2.70
C GLN F 537 -25.75 105.53 -4.03
N GLY F 538 -25.32 106.17 -5.11
CA GLY F 538 -25.80 105.89 -6.44
C GLY F 538 -26.99 106.75 -6.87
N SER F 539 -27.57 107.52 -5.95
CA SER F 539 -28.69 108.39 -6.25
C SER F 539 -28.23 109.85 -6.23
N GLU F 540 -29.15 110.72 -6.65
CA GLU F 540 -28.86 112.16 -6.70
C GLU F 540 -30.17 112.93 -6.56
N TYR F 541 -30.06 114.10 -5.93
CA TYR F 541 -31.22 114.96 -5.71
C TYR F 541 -30.80 116.41 -5.93
N ASP F 542 -31.79 117.25 -6.25
CA ASP F 542 -31.51 118.67 -6.48
C ASP F 542 -31.03 119.35 -5.21
N TYR F 543 -31.74 119.16 -4.10
CA TYR F 543 -31.41 119.79 -2.84
C TYR F 543 -31.31 118.73 -1.75
N VAL F 544 -30.32 118.87 -0.88
CA VAL F 544 -30.07 117.90 0.17
C VAL F 544 -29.89 118.64 1.50
N ILE F 545 -30.57 118.14 2.54
CA ILE F 545 -30.38 118.61 3.90
C ILE F 545 -29.80 117.46 4.71
N PHE F 546 -28.60 117.65 5.25
CA PHE F 546 -27.88 116.58 5.93
C PHE F 546 -27.52 117.01 7.35
N THR F 547 -27.86 116.17 8.31
CA THR F 547 -27.50 116.36 9.72
C THR F 547 -26.57 115.24 10.13
N GLN F 548 -25.43 115.60 10.73
CA GLN F 548 -24.47 114.58 11.15
C GLN F 548 -25.00 113.77 12.33
N THR F 549 -25.74 114.41 13.23
CA THR F 549 -26.51 113.79 14.32
C THR F 549 -25.61 113.26 15.44
N THR F 550 -24.30 113.21 15.21
CA THR F 550 -23.31 112.74 16.18
C THR F 550 -21.94 113.29 15.78
N GLU F 551 -20.92 112.89 16.55
CA GLU F 551 -19.52 113.06 16.18
C GLU F 551 -18.77 111.73 16.20
N THR F 552 -19.49 110.61 16.15
CA THR F 552 -18.87 109.30 16.20
C THR F 552 -18.12 109.01 14.90
N ALA F 553 -17.34 107.92 14.93
CA ALA F 553 -16.57 107.54 13.75
C ALA F 553 -17.48 107.19 12.58
N HIS F 554 -18.69 106.69 12.87
CA HIS F 554 -19.62 106.34 11.81
C HIS F 554 -20.05 107.59 11.02
N SER F 555 -20.47 108.63 11.73
CA SER F 555 -20.92 109.86 11.07
C SER F 555 -19.76 110.71 10.55
N CYS F 556 -18.59 110.63 11.18
CA CYS F 556 -17.43 111.43 10.78
C CYS F 556 -16.56 110.74 9.73
N ASN F 557 -16.98 109.58 9.25
CA ASN F 557 -16.22 108.89 8.20
C ASN F 557 -16.13 109.75 6.95
N VAL F 558 -14.93 109.85 6.39
CA VAL F 558 -14.72 110.72 5.24
C VAL F 558 -15.44 110.17 4.01
N ASN F 559 -15.42 108.86 3.81
CA ASN F 559 -16.16 108.28 2.67
C ASN F 559 -17.66 108.49 2.83
N ARG F 560 -18.18 108.26 4.04
CA ARG F 560 -19.60 108.46 4.28
C ARG F 560 -19.98 109.93 4.11
N PHE F 561 -19.17 110.84 4.63
CA PHE F 561 -19.46 112.26 4.47
C PHE F 561 -19.43 112.67 3.00
N ASN F 562 -18.46 112.14 2.25
CA ASN F 562 -18.38 112.39 0.81
C ASN F 562 -19.64 111.91 0.11
N VAL F 563 -20.07 110.69 0.40
CA VAL F 563 -21.27 110.15 -0.23
C VAL F 563 -22.48 110.99 0.12
N ALA F 564 -22.60 111.38 1.39
CA ALA F 564 -23.74 112.17 1.83
C ALA F 564 -23.79 113.52 1.12
N ILE F 565 -22.65 114.20 1.01
CA ILE F 565 -22.66 115.55 0.46
C ILE F 565 -22.60 115.57 -1.06
N THR F 566 -22.31 114.44 -1.71
CA THR F 566 -22.33 114.37 -3.16
C THR F 566 -23.70 114.00 -3.73
N ARG F 567 -24.73 113.86 -2.90
CA ARG F 567 -26.07 113.59 -3.39
C ARG F 567 -26.79 114.83 -3.89
N ALA F 568 -26.27 116.02 -3.59
CA ALA F 568 -26.92 117.26 -3.98
C ALA F 568 -26.48 117.69 -5.37
N LYS F 569 -27.42 118.11 -6.19
CA LYS F 569 -27.11 118.62 -7.53
C LYS F 569 -27.11 120.14 -7.58
N VAL F 570 -27.89 120.80 -6.73
CA VAL F 570 -27.99 122.25 -6.75
C VAL F 570 -27.54 122.83 -5.41
N GLY F 571 -28.24 122.47 -4.33
CA GLY F 571 -27.98 123.07 -3.04
C GLY F 571 -27.97 122.04 -1.93
N ILE F 572 -27.21 122.36 -0.88
CA ILE F 572 -27.12 121.49 0.27
C ILE F 572 -27.04 122.35 1.53
N LEU F 573 -27.76 121.93 2.56
CA LEU F 573 -27.64 122.48 3.90
C LEU F 573 -27.03 121.42 4.80
N CYS F 574 -26.07 121.82 5.62
CA CYS F 574 -25.29 120.89 6.42
C CYS F 574 -25.31 121.33 7.88
N ILE F 575 -25.98 120.55 8.73
CA ILE F 575 -25.96 120.76 10.17
C ILE F 575 -24.85 119.89 10.74
N MET F 576 -23.73 120.51 11.08
CA MET F 576 -22.52 119.80 11.48
C MET F 576 -22.35 119.80 12.99
N SER F 577 -22.09 118.61 13.55
CA SER F 577 -21.70 118.45 14.94
C SER F 577 -20.21 118.29 15.10
N ASP F 578 -19.52 117.79 14.07
CA ASP F 578 -18.06 117.67 14.09
C ASP F 578 -17.45 118.96 13.58
N ARG F 579 -16.51 119.53 14.35
CA ARG F 579 -15.88 120.77 13.95
C ARG F 579 -14.94 120.57 12.77
N ASP F 580 -14.29 119.41 12.69
CA ASP F 580 -13.33 119.13 11.63
C ASP F 580 -14.01 119.16 10.27
N LEU F 581 -15.11 118.41 10.12
CA LEU F 581 -15.81 118.38 8.84
C LEU F 581 -16.48 119.71 8.54
N TYR F 582 -16.97 120.40 9.57
CA TYR F 582 -17.60 121.71 9.36
C TYR F 582 -16.59 122.71 8.81
N ASP F 583 -15.39 122.74 9.38
CA ASP F 583 -14.35 123.63 8.87
C ASP F 583 -13.86 123.19 7.51
N LYS F 584 -13.80 121.88 7.27
CA LYS F 584 -13.43 121.37 5.96
C LYS F 584 -14.43 121.76 4.88
N LEU F 585 -15.70 121.89 5.22
CA LEU F 585 -16.75 122.23 4.26
C LEU F 585 -16.49 123.61 3.68
N GLN F 586 -16.50 123.71 2.35
CA GLN F 586 -16.37 124.99 1.66
C GLN F 586 -17.74 125.59 1.35
N PHE F 587 -18.56 125.68 2.38
CA PHE F 587 -19.94 126.14 2.26
C PHE F 587 -20.12 127.48 2.97
N THR F 588 -21.23 128.15 2.66
CA THR F 588 -21.54 129.42 3.30
C THR F 588 -22.05 129.17 4.72
N SER F 589 -21.33 129.68 5.70
CA SER F 589 -21.68 129.48 7.10
C SER F 589 -22.97 130.24 7.43
N LEU F 590 -23.83 129.57 8.20
CA LEU F 590 -25.08 130.17 8.67
C LEU F 590 -25.11 130.18 10.19
N GLU F 591 -25.81 131.16 10.74
CA GLU F 591 -25.93 131.32 12.18
C GLU F 591 -27.15 130.56 12.70
N ILE F 592 -27.06 130.13 13.94
CA ILE F 592 -28.18 129.43 14.59
C ILE F 592 -29.22 130.46 15.02
N PRO F 593 -30.48 130.33 14.59
CA PRO F 593 -31.54 131.29 14.96
C PRO F 593 -31.86 131.28 16.45
N ASN G 1 -70.91 7.28 -0.90
CA ASN G 1 -71.41 6.98 0.44
C ASN G 1 -70.65 7.79 1.48
N ASN G 2 -70.71 9.10 1.39
CA ASN G 2 -70.08 9.94 2.40
C ASN G 2 -71.04 10.14 3.57
N GLU G 3 -70.79 9.42 4.66
CA GLU G 3 -71.62 9.51 5.85
C GLU G 3 -71.26 10.78 6.61
N LEU G 4 -72.27 11.42 7.19
CA LEU G 4 -72.11 12.74 7.78
C LEU G 4 -71.10 12.73 8.91
N SER G 5 -71.36 11.94 9.95
CA SER G 5 -70.49 11.90 11.13
C SER G 5 -70.67 10.58 11.86
N PRO G 6 -69.83 9.59 11.56
CA PRO G 6 -69.82 8.38 12.39
C PRO G 6 -69.43 8.72 13.81
N VAL G 7 -70.10 8.07 14.77
CA VAL G 7 -69.91 8.27 16.20
C VAL G 7 -70.44 9.65 16.58
N ALA G 8 -71.06 9.74 17.76
CA ALA G 8 -71.63 10.98 18.25
C ALA G 8 -70.85 11.46 19.46
N LEU G 9 -70.85 12.76 19.67
CA LEU G 9 -70.14 13.39 20.79
C LEU G 9 -71.15 13.69 21.88
N ARG G 10 -70.87 13.20 23.09
CA ARG G 10 -71.78 13.43 24.21
C ARG G 10 -71.59 14.83 24.78
N GLN G 11 -72.25 15.13 25.89
CA GLN G 11 -72.40 16.51 26.33
C GLN G 11 -71.80 16.70 27.71
N MET G 12 -71.88 17.95 28.17
CA MET G 12 -71.43 18.36 29.50
C MET G 12 -72.31 19.55 29.89
N SER G 13 -72.23 19.96 31.14
CA SER G 13 -72.97 21.12 31.63
C SER G 13 -71.99 22.24 31.94
N CYS G 14 -72.23 23.42 31.35
CA CYS G 14 -71.30 24.54 31.45
C CYS G 14 -72.07 25.83 31.73
N ALA G 15 -71.34 26.92 31.88
CA ALA G 15 -71.91 28.20 32.28
C ALA G 15 -71.97 29.18 31.12
N ALA G 16 -73.01 30.00 31.11
CA ALA G 16 -73.20 31.02 30.08
C ALA G 16 -73.95 32.20 30.70
N GLY G 17 -74.01 33.30 29.96
CA GLY G 17 -74.62 34.52 30.43
C GLY G 17 -74.66 35.53 29.31
N THR G 18 -75.39 36.63 29.57
CA THR G 18 -75.64 37.62 28.53
C THR G 18 -74.44 38.52 28.24
N THR G 19 -73.64 38.90 29.24
CA THR G 19 -72.55 39.84 29.00
C THR G 19 -71.54 39.86 30.15
N GLN G 20 -70.25 39.91 29.79
CA GLN G 20 -69.11 39.87 30.73
C GLN G 20 -69.35 38.74 31.74
N THR G 21 -69.45 39.05 33.04
CA THR G 21 -69.54 38.04 34.09
C THR G 21 -70.96 37.52 34.30
N ALA G 22 -71.85 37.71 33.32
CA ALA G 22 -73.22 37.25 33.46
C ALA G 22 -73.34 35.73 33.56
N CYS G 23 -72.30 34.99 33.16
CA CYS G 23 -72.26 33.56 33.42
C CYS G 23 -72.30 33.31 34.92
N THR G 24 -73.40 32.72 35.40
CA THR G 24 -73.60 32.72 36.84
C THR G 24 -73.01 31.49 37.52
N ASP G 25 -73.59 30.31 37.31
CA ASP G 25 -72.91 29.09 37.74
C ASP G 25 -72.88 28.06 36.61
N ASP G 26 -74.06 27.72 36.11
CA ASP G 26 -74.24 26.62 35.18
C ASP G 26 -75.62 26.73 34.53
N ASN G 27 -75.65 26.96 33.21
CA ASN G 27 -76.94 27.13 32.55
C ASN G 27 -77.02 26.54 31.15
N ALA G 28 -75.99 25.81 30.72
CA ALA G 28 -75.87 25.46 29.31
C ALA G 28 -75.53 24.00 29.13
N LEU G 29 -76.14 23.39 28.10
CA LEU G 29 -75.78 22.05 27.64
C LEU G 29 -74.69 22.22 26.59
N ALA G 30 -73.45 21.98 26.98
CA ALA G 30 -72.30 22.16 26.10
C ALA G 30 -72.05 20.85 25.37
N TYR G 31 -72.25 20.85 24.06
CA TYR G 31 -71.88 19.72 23.22
C TYR G 31 -70.48 19.95 22.69
N TYR G 32 -69.55 19.09 23.10
CA TYR G 32 -68.12 19.34 22.95
C TYR G 32 -67.48 18.36 21.99
N ASN G 33 -66.18 18.56 21.76
CA ASN G 33 -65.34 17.62 21.03
C ASN G 33 -64.02 17.48 21.79
N THR G 34 -63.81 16.33 22.43
CA THR G 34 -62.60 16.07 23.21
C THR G 34 -61.48 15.65 22.28
N THR G 35 -60.50 16.54 22.11
CA THR G 35 -59.23 16.22 21.49
C THR G 35 -58.14 16.32 22.56
N LYS G 36 -57.24 15.34 22.58
CA LYS G 36 -56.25 15.30 23.65
C LYS G 36 -55.25 16.44 23.60
N GLY G 37 -55.41 17.36 22.65
CA GLY G 37 -54.72 18.64 22.69
C GLY G 37 -55.61 19.71 23.29
N GLY G 38 -56.56 19.29 24.12
CA GLY G 38 -57.48 20.20 24.77
C GLY G 38 -58.93 19.99 24.39
N ARG G 39 -59.82 19.95 25.38
CA ARG G 39 -61.24 19.78 25.14
C ARG G 39 -61.79 21.02 24.44
N PHE G 40 -62.30 20.85 23.23
CA PHE G 40 -62.78 21.97 22.41
C PHE G 40 -64.28 21.81 22.24
N VAL G 41 -65.04 22.65 22.95
CA VAL G 41 -66.50 22.57 22.88
C VAL G 41 -66.98 23.10 21.54
N LEU G 42 -68.06 22.49 21.04
CA LEU G 42 -68.60 22.83 19.73
C LEU G 42 -69.82 23.73 19.82
N ALA G 43 -70.88 23.31 20.52
CA ALA G 43 -72.15 24.01 20.52
C ALA G 43 -72.67 24.17 21.95
N LEU G 44 -73.62 25.09 22.10
CA LEU G 44 -74.29 25.36 23.37
C LEU G 44 -75.79 25.22 23.19
N LEU G 45 -76.46 24.68 24.19
CA LEU G 45 -77.91 24.51 24.15
C LEU G 45 -78.53 25.09 25.40
N SER G 46 -79.66 25.79 25.24
CA SER G 46 -80.20 26.50 26.39
C SER G 46 -81.72 26.67 26.26
N ASP G 47 -82.33 26.91 27.41
CA ASP G 47 -83.70 27.42 27.50
C ASP G 47 -83.71 28.93 27.73
N LEU G 48 -82.52 29.52 27.87
CA LEU G 48 -82.34 30.95 28.04
C LEU G 48 -82.35 31.60 26.66
N GLN G 49 -83.15 32.66 26.52
CA GLN G 49 -83.49 33.15 25.18
C GLN G 49 -82.27 33.74 24.48
N ASP G 50 -81.49 34.58 25.16
CA ASP G 50 -80.37 35.28 24.55
C ASP G 50 -79.13 35.17 25.45
N LEU G 51 -78.30 34.17 25.18
CA LEU G 51 -76.98 34.07 25.79
C LEU G 51 -75.91 34.30 24.73
N LYS G 52 -75.20 35.42 24.85
CA LYS G 52 -74.14 35.75 23.90
C LYS G 52 -72.75 35.44 24.43
N TRP G 53 -72.62 35.15 25.72
CA TRP G 53 -71.33 34.85 26.33
C TRP G 53 -71.43 33.53 27.06
N ALA G 54 -70.32 32.80 27.14
CA ALA G 54 -70.23 31.61 27.96
C ALA G 54 -68.84 31.55 28.57
N ARG G 55 -68.67 30.70 29.58
CA ARG G 55 -67.45 30.73 30.37
C ARG G 55 -67.01 29.32 30.71
N PHE G 56 -65.72 29.05 30.59
CA PHE G 56 -65.16 27.77 31.01
C PHE G 56 -63.73 27.93 31.50
N PRO G 57 -63.40 27.49 32.71
CA PRO G 57 -62.01 27.55 33.17
C PRO G 57 -61.14 26.54 32.45
N LYS G 58 -59.83 26.80 32.42
CA LYS G 58 -58.89 25.85 31.88
C LYS G 58 -58.79 24.62 32.77
N SER G 59 -57.93 23.68 32.36
CA SER G 59 -57.60 22.56 33.23
C SER G 59 -56.77 22.99 34.42
N ASP G 60 -55.91 24.00 34.27
CA ASP G 60 -55.06 24.45 35.36
C ASP G 60 -55.81 25.28 36.39
N GLY G 61 -57.00 25.79 36.04
CA GLY G 61 -57.84 26.52 36.96
C GLY G 61 -57.59 28.02 36.99
N THR G 62 -56.34 28.46 36.89
CA THR G 62 -56.02 29.87 37.00
C THR G 62 -56.62 30.71 35.89
N GLY G 63 -56.78 30.15 34.69
CA GLY G 63 -57.36 30.88 33.58
C GLY G 63 -58.79 30.48 33.31
N THR G 64 -59.52 31.28 32.53
CA THR G 64 -60.90 30.98 32.19
C THR G 64 -61.26 31.71 30.90
N ILE G 65 -61.79 30.98 29.92
CA ILE G 65 -62.12 31.53 28.61
C ILE G 65 -63.56 31.98 28.57
N TYR G 66 -63.79 33.11 27.92
CA TYR G 66 -65.12 33.55 27.49
C TYR G 66 -65.31 33.17 26.03
N THR G 67 -66.45 32.55 25.73
CA THR G 67 -66.75 32.07 24.39
C THR G 67 -67.98 32.80 23.87
N GLU G 68 -67.89 33.29 22.63
CA GLU G 68 -68.96 34.04 22.01
C GLU G 68 -69.85 33.10 21.20
N LEU G 69 -71.03 33.59 20.81
CA LEU G 69 -72.04 32.74 20.21
C LEU G 69 -72.76 33.44 19.06
N GLU G 70 -73.28 32.64 18.12
CA GLU G 70 -74.20 33.06 17.07
C GLU G 70 -75.54 33.49 17.67
N PRO G 71 -76.40 34.18 16.90
CA PRO G 71 -77.78 34.39 17.34
C PRO G 71 -78.51 33.07 17.51
N PRO G 72 -79.60 33.06 18.28
CA PRO G 72 -80.22 31.79 18.66
C PRO G 72 -80.81 31.03 17.49
N CYS G 73 -80.88 29.71 17.66
CA CYS G 73 -81.49 28.78 16.71
C CYS G 73 -82.69 28.14 17.39
N ARG G 74 -83.88 28.53 16.96
CA ARG G 74 -85.12 28.06 17.55
C ARG G 74 -85.43 26.63 17.11
N PHE G 75 -85.84 25.79 18.07
CA PHE G 75 -86.55 24.56 17.72
C PHE G 75 -87.37 24.13 18.92
N VAL G 76 -88.07 23.01 18.77
CA VAL G 76 -88.88 22.42 19.83
C VAL G 76 -88.60 20.92 19.88
N THR G 77 -88.46 20.38 21.08
CA THR G 77 -88.18 18.96 21.29
C THR G 77 -89.23 18.36 22.22
N ASP G 78 -89.68 17.16 21.89
CA ASP G 78 -90.69 16.46 22.68
C ASP G 78 -90.02 15.51 23.67
N THR G 79 -90.36 15.65 24.95
CA THR G 79 -89.80 14.83 26.01
C THR G 79 -90.91 14.51 27.01
N PRO G 80 -90.65 13.70 28.08
CA PRO G 80 -91.73 13.45 29.05
C PRO G 80 -92.32 14.72 29.63
N LYS G 81 -91.50 15.76 29.73
CA LYS G 81 -91.99 17.02 30.29
C LYS G 81 -92.85 17.78 29.31
N GLY G 82 -93.23 17.18 28.19
CA GLY G 82 -94.02 17.84 27.18
C GLY G 82 -93.19 18.37 26.04
N PRO G 83 -93.67 19.42 25.38
CA PRO G 83 -92.85 20.12 24.40
C PRO G 83 -92.02 21.22 25.08
N LYS G 84 -90.71 21.13 24.88
CA LYS G 84 -89.78 22.13 25.40
C LYS G 84 -89.13 22.84 24.21
N VAL G 85 -89.31 24.15 24.18
CA VAL G 85 -88.93 24.98 23.03
C VAL G 85 -87.62 25.67 23.39
N LYS G 86 -86.55 25.30 22.67
CA LYS G 86 -85.20 25.62 23.11
C LYS G 86 -84.42 26.35 22.01
N TYR G 87 -83.33 26.98 22.46
CA TYR G 87 -82.44 27.75 21.60
C TYR G 87 -81.07 27.10 21.58
N LEU G 88 -80.57 26.87 20.38
CA LEU G 88 -79.21 26.38 20.16
C LEU G 88 -78.32 27.55 19.80
N TYR G 89 -77.03 27.45 20.15
CA TYR G 89 -76.09 28.52 19.96
C TYR G 89 -74.76 27.95 19.48
N PHE G 90 -74.13 28.64 18.53
CA PHE G 90 -72.86 28.21 17.98
C PHE G 90 -71.81 29.28 18.26
N ILE G 91 -70.62 28.84 18.67
CA ILE G 91 -69.50 29.76 18.84
C ILE G 91 -69.15 30.33 17.47
N LYS G 92 -69.03 31.66 17.37
CA LYS G 92 -68.66 32.25 16.09
C LYS G 92 -67.30 31.73 15.62
N GLY G 93 -67.17 31.60 14.31
CA GLY G 93 -66.03 30.95 13.70
C GLY G 93 -66.21 29.46 13.48
N LEU G 94 -67.35 28.88 13.87
CA LEU G 94 -67.57 27.46 13.69
C LEU G 94 -67.76 27.13 12.22
N ASN G 95 -66.97 26.18 11.72
CA ASN G 95 -67.09 25.77 10.34
C ASN G 95 -68.40 25.00 10.13
N ASN G 96 -68.74 24.80 8.86
CA ASN G 96 -70.01 24.15 8.53
C ASN G 96 -70.02 22.68 8.93
N LEU G 97 -68.85 22.04 8.97
CA LEU G 97 -68.80 20.62 9.30
C LEU G 97 -69.18 20.37 10.76
N ASN G 98 -68.70 21.20 11.69
CA ASN G 98 -69.09 21.02 13.09
C ASN G 98 -70.58 21.24 13.28
N ARG G 99 -71.14 22.25 12.62
CA ARG G 99 -72.57 22.47 12.66
C ARG G 99 -73.31 21.26 12.11
N GLY G 100 -72.82 20.71 11.00
CA GLY G 100 -73.47 19.54 10.42
C GLY G 100 -73.47 18.35 11.36
N MET G 101 -72.32 18.06 11.97
CA MET G 101 -72.27 16.90 12.85
C MET G 101 -73.11 17.12 14.11
N VAL G 102 -73.10 18.34 14.67
CA VAL G 102 -73.85 18.55 15.90
C VAL G 102 -75.35 18.48 15.61
N LEU G 103 -75.80 19.02 14.47
CA LEU G 103 -77.21 18.88 14.12
C LEU G 103 -77.57 17.44 13.76
N GLY G 104 -76.64 16.69 13.17
CA GLY G 104 -76.90 15.30 12.90
C GLY G 104 -77.10 14.54 14.19
N SER G 105 -76.22 14.80 15.17
CA SER G 105 -76.36 14.17 16.47
C SER G 105 -77.66 14.58 17.15
N LEU G 106 -78.03 15.85 17.05
CA LEU G 106 -79.27 16.34 17.65
C LEU G 106 -80.47 15.66 17.02
N ALA G 107 -80.58 15.69 15.70
CA ALA G 107 -81.73 15.13 15.00
C ALA G 107 -81.77 13.61 15.02
N ALA G 108 -80.64 12.94 15.30
CA ALA G 108 -80.67 11.49 15.38
C ALA G 108 -80.91 11.01 16.81
N THR G 109 -80.11 11.49 17.76
CA THR G 109 -80.14 11.01 19.13
C THR G 109 -81.13 11.78 20.00
N VAL G 110 -81.73 12.84 19.48
CA VAL G 110 -82.77 13.59 20.19
C VAL G 110 -83.97 13.70 19.26
N ARG G 111 -85.14 13.33 19.77
CA ARG G 111 -86.37 13.43 19.00
C ARG G 111 -86.88 14.87 18.99
N LEU G 112 -87.28 15.34 17.81
CA LEU G 112 -87.74 16.70 17.61
C LEU G 112 -89.07 16.69 16.88
N GLN G 113 -89.75 17.83 16.90
CA GLN G 113 -91.02 17.95 16.19
C GLN G 113 -90.91 18.93 15.04
N ALA J 4 73.60 12.94 54.92
CA ALA J 4 73.45 12.01 53.81
C ALA J 4 74.30 10.76 54.03
N GLN J 5 75.61 10.95 54.09
CA GLN J 5 76.53 9.83 54.32
C GLN J 5 76.26 9.16 55.66
N SER J 6 76.08 9.95 56.71
CA SER J 6 75.72 9.39 58.01
C SER J 6 74.37 8.69 57.97
N PHE J 7 73.41 9.21 57.21
CA PHE J 7 72.13 8.54 57.07
C PHE J 7 72.31 7.15 56.45
N LEU J 8 73.10 7.06 55.38
CA LEU J 8 73.38 5.76 54.78
C LEU J 8 74.12 4.84 55.74
N ASN J 9 75.07 5.37 56.51
CA ASN J 9 75.84 4.56 57.43
C ASN J 9 74.98 4.06 58.57
N ARG J 10 73.93 4.81 58.91
CA ARG J 10 73.04 4.40 59.99
C ARG J 10 72.01 3.39 59.50
N VAL J 11 71.50 3.57 58.28
CA VAL J 11 70.55 2.61 57.73
C VAL J 11 71.19 1.24 57.63
N CYS J 12 72.43 1.17 57.13
CA CYS J 12 73.16 -0.07 57.08
C CYS J 12 73.38 -0.61 58.49
N GLY J 13 73.70 0.29 59.42
CA GLY J 13 73.82 -0.06 60.82
C GLY J 13 74.82 -1.15 61.13
N VAL J 14 74.41 -2.11 61.95
CA VAL J 14 75.30 -3.20 62.37
C VAL J 14 75.37 -4.28 61.29
N SER J 15 74.41 -4.28 60.37
CA SER J 15 74.37 -5.28 59.30
C SER J 15 75.65 -5.30 58.47
N ALA J 16 76.27 -4.14 58.26
CA ALA J 16 77.50 -4.03 57.47
C ALA J 16 77.28 -4.54 56.05
N ALA J 17 76.33 -3.95 55.33
CA ALA J 17 76.07 -4.31 53.95
C ALA J 17 76.71 -3.25 53.06
N ARG J 18 76.40 -3.35 51.77
CA ARG J 18 76.98 -2.44 50.78
C ARG J 18 75.88 -1.59 50.13
N LEU J 19 74.99 -1.06 50.97
CA LEU J 19 73.82 -0.33 50.52
C LEU J 19 74.16 0.68 49.43
N THR J 20 73.55 0.50 48.27
CA THR J 20 73.65 1.48 47.18
C THR J 20 72.37 2.30 47.17
N PRO J 21 72.46 3.62 47.31
CA PRO J 21 71.24 4.42 47.42
C PRO J 21 70.45 4.54 46.14
N CYS J 22 69.54 3.60 45.88
CA CYS J 22 68.64 3.78 44.74
C CYS J 22 67.57 4.81 45.03
N GLY J 23 68.00 6.00 45.45
CA GLY J 23 67.12 7.14 45.68
C GLY J 23 68.02 8.29 46.11
N THR J 24 67.88 9.42 45.44
CA THR J 24 68.88 10.48 45.55
C THR J 24 68.76 11.20 46.89
N GLY J 25 69.84 11.13 47.67
CA GLY J 25 69.89 11.81 48.95
C GLY J 25 69.02 11.20 50.01
N THR J 26 68.51 12.03 50.93
CA THR J 26 67.61 11.59 51.99
C THR J 26 66.14 11.74 51.59
N SER J 27 65.85 11.71 50.30
CA SER J 27 64.51 11.83 49.78
C SER J 27 63.90 10.44 49.60
N THR J 28 62.57 10.37 49.70
CA THR J 28 61.85 9.13 49.53
C THR J 28 61.87 8.73 48.05
N ASP J 29 61.28 7.58 47.75
CA ASP J 29 61.14 7.15 46.36
C ASP J 29 59.68 6.76 46.16
N VAL J 30 58.94 7.62 45.46
CA VAL J 30 57.54 7.35 45.16
C VAL J 30 57.48 6.19 44.17
N VAL J 31 56.82 5.11 44.57
CA VAL J 31 56.66 3.94 43.70
C VAL J 31 55.19 3.78 43.38
N TYR J 32 54.89 2.90 42.43
CA TYR J 32 53.53 2.76 41.92
C TYR J 32 53.13 1.31 42.14
N ARG J 33 52.46 1.04 43.25
CA ARG J 33 52.28 -0.31 43.77
C ARG J 33 50.82 -0.54 44.15
N ALA J 34 50.40 -1.79 44.07
CA ALA J 34 49.02 -2.18 44.34
C ALA J 34 48.81 -2.37 45.83
N PHE J 35 47.61 -2.00 46.31
CA PHE J 35 47.26 -2.12 47.72
C PHE J 35 45.84 -2.65 47.87
N ASP J 36 45.62 -3.26 49.03
CA ASP J 36 44.30 -3.70 49.49
C ASP J 36 43.89 -2.75 50.60
N ILE J 37 42.98 -1.83 50.30
CA ILE J 37 42.62 -0.75 51.21
C ILE J 37 41.19 -0.93 51.66
N TYR J 38 40.93 -0.71 52.94
CA TYR J 38 39.58 -0.61 53.47
C TYR J 38 39.61 0.36 54.64
N ASN J 39 39.32 1.63 54.34
CA ASN J 39 39.07 2.64 55.34
C ASN J 39 37.56 2.82 55.49
N ASP J 40 37.16 3.76 56.33
CA ASP J 40 35.75 4.10 56.43
C ASP J 40 35.29 4.99 55.27
N LYS J 41 36.18 5.32 54.35
CA LYS J 41 35.87 6.16 53.20
C LYS J 41 36.01 5.41 51.88
N VAL J 42 37.12 4.70 51.69
CA VAL J 42 37.44 4.08 50.43
C VAL J 42 37.86 2.63 50.68
N ALA J 43 37.44 1.76 49.77
CA ALA J 43 37.82 0.35 49.85
C ALA J 43 38.08 -0.14 48.43
N GLY J 44 38.89 -1.19 48.34
CA GLY J 44 39.17 -1.84 47.08
C GLY J 44 40.59 -2.37 47.01
N PHE J 45 40.80 -3.23 46.03
CA PHE J 45 42.12 -3.74 45.68
C PHE J 45 42.53 -2.99 44.43
N ALA J 46 43.37 -1.98 44.59
CA ALA J 46 43.69 -1.08 43.48
C ALA J 46 45.11 -0.56 43.66
N LYS J 47 45.69 -0.06 42.59
CA LYS J 47 47.10 0.30 42.57
C LYS J 47 47.26 1.81 42.72
N PHE J 48 48.06 2.22 43.71
CA PHE J 48 48.25 3.60 44.07
C PHE J 48 49.71 4.03 43.98
N LEU J 49 50.00 5.24 44.44
CA LEU J 49 51.34 5.79 44.48
C LEU J 49 51.79 5.89 45.94
N LYS J 50 52.91 5.26 46.25
CA LYS J 50 53.42 5.11 47.61
C LYS J 50 54.59 6.06 47.82
N THR J 51 54.40 7.01 48.73
CA THR J 51 55.46 7.83 49.31
C THR J 51 55.96 7.18 50.59
N ASN J 52 56.72 7.94 51.39
CA ASN J 52 56.99 7.64 52.79
C ASN J 52 58.09 6.61 52.99
N CYS J 53 58.82 6.27 51.93
CA CYS J 53 59.85 5.25 52.04
C CYS J 53 61.04 5.58 51.17
N CYS J 54 62.23 5.35 51.72
CA CYS J 54 63.49 5.49 50.99
C CYS J 54 64.11 4.10 50.89
N ARG J 55 64.62 3.77 49.71
CA ARG J 55 65.05 2.41 49.41
C ARG J 55 66.54 2.35 49.14
N PHE J 56 67.14 1.20 49.48
CA PHE J 56 68.58 1.02 49.38
C PHE J 56 68.86 -0.41 48.95
N GLN J 57 69.22 -0.60 47.69
CA GLN J 57 69.54 -1.94 47.22
C GLN J 57 70.92 -2.35 47.70
N GLU J 58 71.03 -3.61 48.11
CA GLU J 58 72.29 -4.16 48.61
C GLU J 58 73.18 -4.56 47.44
N LYS J 59 74.49 -4.49 47.67
CA LYS J 59 75.49 -4.84 46.67
C LYS J 59 76.25 -6.08 47.10
N ASP J 60 76.68 -6.87 46.11
CA ASP J 60 77.32 -8.15 46.36
C ASP J 60 78.77 -8.12 45.92
N GLU J 61 79.67 -8.33 46.88
CA GLU J 61 81.08 -8.69 46.73
C GLU J 61 81.71 -8.16 45.44
N ASP J 62 81.50 -8.83 44.30
CA ASP J 62 81.92 -8.27 43.02
C ASP J 62 80.93 -7.26 42.46
N ASP J 63 80.56 -6.27 43.27
CA ASP J 63 79.79 -5.12 42.83
C ASP J 63 78.50 -5.56 42.13
N ASN J 64 77.98 -6.72 42.53
CA ASN J 64 76.74 -7.22 41.97
C ASN J 64 75.57 -6.77 42.83
N LEU J 65 74.44 -6.49 42.17
CA LEU J 65 73.26 -5.99 42.83
C LEU J 65 72.26 -7.12 43.03
N ILE J 66 71.82 -7.32 44.26
CA ILE J 66 70.91 -8.40 44.61
C ILE J 66 69.60 -7.79 45.08
N ASP J 67 68.49 -8.50 44.85
CA ASP J 67 67.16 -8.01 45.23
C ASP J 67 67.05 -8.11 46.75
N SER J 68 67.72 -7.19 47.44
CA SER J 68 67.68 -7.14 48.89
C SER J 68 67.65 -5.66 49.28
N TYR J 69 66.52 -5.22 49.83
CA TYR J 69 66.26 -3.79 50.01
C TYR J 69 66.02 -3.47 51.47
N PHE J 70 66.56 -2.32 51.88
CA PHE J 70 66.46 -1.80 53.25
C PHE J 70 65.47 -0.65 53.19
N VAL J 71 64.17 -0.95 53.34
CA VAL J 71 63.15 0.08 53.23
C VAL J 71 63.05 0.79 54.57
N VAL J 72 63.15 2.12 54.55
CA VAL J 72 62.99 2.90 55.76
C VAL J 72 61.74 3.76 55.64
N LYS J 73 60.96 3.78 56.72
CA LYS J 73 59.65 4.44 56.70
C LYS J 73 59.70 5.65 57.63
N ARG J 74 59.22 6.79 57.13
CA ARG J 74 59.16 8.00 57.93
C ARG J 74 57.71 8.32 58.26
N HIS J 75 57.41 8.41 59.55
CA HIS J 75 56.05 8.71 60.01
C HIS J 75 56.16 9.35 61.39
N THR J 76 55.01 9.62 62.00
CA THR J 76 54.98 10.34 63.26
C THR J 76 55.53 9.48 64.40
N PHE J 77 55.54 10.08 65.60
CA PHE J 77 56.06 9.40 66.77
C PHE J 77 55.06 8.36 67.30
N SER J 78 53.77 8.65 67.15
CA SER J 78 52.74 7.74 67.66
C SER J 78 52.87 6.35 67.02
N ASN J 79 52.95 6.30 65.69
CA ASN J 79 53.12 5.02 65.01
C ASN J 79 54.45 4.38 65.37
N TYR J 80 55.49 5.19 65.54
CA TYR J 80 56.78 4.63 65.92
C TYR J 80 56.68 3.87 67.23
N GLN J 81 56.09 4.50 68.25
CA GLN J 81 55.92 3.83 69.54
C GLN J 81 55.00 2.62 69.41
N HIS J 82 53.91 2.78 68.67
CA HIS J 82 52.92 1.71 68.54
C HIS J 82 53.54 0.47 67.92
N GLU J 83 54.33 0.64 66.86
CA GLU J 83 55.00 -0.48 66.23
C GLU J 83 56.17 -1.01 67.06
N GLU J 84 56.89 -0.15 67.78
CA GLU J 84 57.97 -0.62 68.63
C GLU J 84 57.46 -1.51 69.75
N THR J 85 56.38 -1.10 70.41
CA THR J 85 55.88 -1.88 71.54
C THR J 85 55.26 -3.21 71.13
N ILE J 86 54.97 -3.40 69.85
CA ILE J 86 54.38 -4.65 69.39
C ILE J 86 55.34 -5.44 68.50
N TYR J 87 56.40 -4.80 68.03
CA TYR J 87 57.48 -5.53 67.39
C TYR J 87 58.31 -6.34 68.38
N ASN J 88 58.52 -5.81 69.58
CA ASN J 88 59.22 -6.55 70.63
C ASN J 88 58.22 -7.39 71.42
N LEU J 89 57.36 -8.08 70.67
CA LEU J 89 56.46 -9.07 71.24
C LEU J 89 56.52 -10.35 70.41
N LEU J 90 56.69 -10.17 69.11
CA LEU J 90 56.70 -11.26 68.13
C LEU J 90 58.01 -11.30 67.35
N LYS J 91 59.07 -10.77 67.97
CA LYS J 91 60.38 -10.67 67.32
C LYS J 91 61.00 -12.02 67.01
N ASP J 92 60.54 -13.09 67.66
CA ASP J 92 61.15 -14.41 67.55
C ASP J 92 60.49 -15.26 66.47
N CYS J 93 59.49 -14.71 65.79
CA CYS J 93 58.88 -15.55 64.76
C CYS J 93 59.64 -15.40 63.45
N PRO J 94 60.08 -16.53 62.87
CA PRO J 94 60.87 -16.47 61.63
C PRO J 94 60.14 -15.75 60.50
N ALA J 95 58.83 -15.73 60.51
CA ALA J 95 58.07 -15.04 59.48
C ALA J 95 58.18 -13.54 59.57
N VAL J 96 58.87 -13.00 60.57
CA VAL J 96 58.91 -11.56 60.83
C VAL J 96 60.25 -11.02 60.37
N ALA J 97 60.22 -9.99 59.54
CA ALA J 97 61.44 -9.31 59.15
C ALA J 97 62.00 -8.52 60.33
N LYS J 98 63.33 -8.45 60.39
CA LYS J 98 63.99 -7.73 61.47
C LYS J 98 63.83 -6.23 61.28
N HIS J 99 63.49 -5.53 62.37
CA HIS J 99 63.27 -4.10 62.36
C HIS J 99 64.44 -3.38 63.04
N ASP J 100 64.47 -2.06 62.90
CA ASP J 100 65.52 -1.27 63.53
C ASP J 100 64.96 -0.27 64.53
N PHE J 101 64.00 0.55 64.10
CA PHE J 101 63.38 1.56 64.94
C PHE J 101 64.40 2.56 65.49
N PHE J 102 65.04 3.33 64.61
CA PHE J 102 66.02 4.31 65.06
C PHE J 102 65.41 5.71 64.93
N LYS J 103 66.22 6.70 65.24
CA LYS J 103 65.84 8.10 65.16
C LYS J 103 67.01 8.84 64.52
N PHE J 104 66.72 9.79 63.64
CA PHE J 104 67.77 10.52 62.95
C PHE J 104 67.45 12.01 62.86
N ARG J 105 68.52 12.82 62.79
CA ARG J 105 68.43 14.28 62.80
C ARG J 105 68.28 14.76 61.36
N ILE J 106 67.14 14.46 60.76
CA ILE J 106 66.87 14.88 59.39
C ILE J 106 66.61 16.38 59.39
N ASP J 107 67.40 17.11 58.62
CA ASP J 107 67.39 18.58 58.64
C ASP J 107 67.67 19.03 60.08
N GLY J 108 66.94 20.01 60.60
CA GLY J 108 67.22 20.50 61.93
C GLY J 108 66.45 19.86 63.07
N ASP J 109 65.55 18.92 62.77
CA ASP J 109 64.69 18.33 63.80
C ASP J 109 64.86 16.82 63.80
N MET J 110 64.46 16.21 64.92
CA MET J 110 64.61 14.78 65.13
C MET J 110 63.38 14.08 64.59
N VAL J 111 63.61 13.09 63.73
CA VAL J 111 62.49 12.33 63.15
C VAL J 111 62.75 10.85 63.43
N PRO J 112 61.74 10.11 63.88
CA PRO J 112 61.92 8.67 64.03
C PRO J 112 61.78 7.97 62.69
N HIS J 113 62.62 6.97 62.44
CA HIS J 113 62.56 6.17 61.23
C HIS J 113 62.58 4.69 61.61
N ILE J 114 61.82 3.90 60.86
CA ILE J 114 61.74 2.46 61.09
C ILE J 114 62.36 1.80 59.87
N SER J 115 63.51 1.19 60.05
CA SER J 115 64.25 0.57 58.95
C SER J 115 63.89 -0.91 58.88
N ARG J 116 63.19 -1.29 57.81
CA ARG J 116 62.90 -2.69 57.54
C ARG J 116 63.95 -3.20 56.56
N GLN J 117 64.59 -4.31 56.90
CA GLN J 117 65.80 -4.74 56.23
C GLN J 117 65.59 -6.05 55.49
N ARG J 118 66.21 -6.16 54.31
CA ARG J 118 66.13 -7.35 53.47
C ARG J 118 64.71 -7.71 53.06
N LEU J 119 64.06 -6.82 52.31
CA LEU J 119 62.84 -7.18 51.60
C LEU J 119 63.17 -7.38 50.12
N THR J 120 62.15 -7.65 49.31
CA THR J 120 62.31 -7.76 47.88
C THR J 120 61.67 -6.56 47.19
N LYS J 121 61.94 -6.43 45.89
CA LYS J 121 61.45 -5.25 45.16
C LYS J 121 59.93 -5.23 45.11
N TYR J 122 59.30 -6.40 44.93
CA TYR J 122 57.85 -6.49 44.84
C TYR J 122 57.32 -7.40 45.94
N THR J 123 56.18 -7.01 46.50
CA THR J 123 55.45 -7.87 47.44
C THR J 123 54.44 -8.69 46.66
N MET J 124 53.83 -9.69 47.29
CA MET J 124 52.88 -10.55 46.61
C MET J 124 51.67 -9.80 46.10
N ALA J 125 51.40 -8.61 46.62
CA ALA J 125 50.34 -7.79 46.07
C ALA J 125 50.60 -7.47 44.60
N ASP J 126 51.85 -7.15 44.27
CA ASP J 126 52.20 -6.89 42.88
C ASP J 126 51.97 -8.12 42.01
N LEU J 127 52.37 -9.30 42.51
CA LEU J 127 52.16 -10.54 41.76
C LEU J 127 50.68 -10.80 41.52
N VAL J 128 49.88 -10.64 42.57
CA VAL J 128 48.45 -10.90 42.46
C VAL J 128 47.81 -9.94 41.47
N TYR J 129 48.14 -8.65 41.58
CA TYR J 129 47.53 -7.69 40.68
C TYR J 129 48.00 -7.88 39.25
N ALA J 130 49.23 -8.34 39.07
CA ALA J 130 49.72 -8.58 37.72
C ALA J 130 49.04 -9.80 37.08
N LEU J 131 48.94 -10.90 37.82
CA LEU J 131 48.35 -12.12 37.27
C LEU J 131 46.84 -12.09 37.21
N ARG J 132 46.18 -11.18 37.92
CA ARG J 132 44.73 -11.02 37.80
C ARG J 132 44.41 -9.98 36.73
N HIS J 133 44.86 -8.75 36.92
CA HIS J 133 44.62 -7.69 35.95
C HIS J 133 45.80 -7.64 34.98
N PHE J 134 45.71 -8.48 33.95
CA PHE J 134 46.75 -8.59 32.94
C PHE J 134 46.45 -7.70 31.73
N ASP J 135 47.51 -7.22 31.09
CA ASP J 135 47.43 -6.50 29.82
C ASP J 135 48.54 -7.04 28.92
N GLU J 136 48.23 -7.23 27.64
CA GLU J 136 49.24 -7.73 26.71
C GLU J 136 50.38 -6.74 26.55
N GLY J 137 50.09 -5.45 26.66
CA GLY J 137 51.10 -4.44 26.41
C GLY J 137 51.46 -3.58 27.61
N ASN J 138 51.20 -4.09 28.81
CA ASN J 138 51.55 -3.36 30.03
C ASN J 138 52.07 -4.33 31.07
N CYS J 139 52.76 -5.38 30.64
CA CYS J 139 53.24 -6.41 31.54
C CYS J 139 54.23 -5.85 32.55
N ASP J 140 55.40 -5.44 32.07
CA ASP J 140 56.43 -4.80 32.90
C ASP J 140 56.72 -5.57 34.18
N THR J 141 55.92 -5.31 35.22
CA THR J 141 56.18 -5.90 36.52
C THR J 141 56.11 -7.42 36.50
N LEU J 142 55.14 -7.99 35.77
CA LEU J 142 55.10 -9.43 35.61
C LEU J 142 56.37 -9.96 34.97
N LYS J 143 56.84 -9.31 33.91
CA LYS J 143 58.09 -9.72 33.28
C LYS J 143 59.25 -9.66 34.26
N GLU J 144 59.34 -8.57 35.02
CA GLU J 144 60.44 -8.40 35.96
C GLU J 144 60.44 -9.48 37.03
N ILE J 145 59.27 -9.76 37.61
CA ILE J 145 59.19 -10.82 38.63
C ILE J 145 59.54 -12.16 38.01
N LEU J 146 59.03 -12.41 36.81
CA LEU J 146 59.15 -13.73 36.20
C LEU J 146 60.60 -14.00 35.78
N VAL J 147 61.35 -12.95 35.49
CA VAL J 147 62.74 -13.14 35.08
C VAL J 147 63.66 -13.06 36.29
N THR J 148 63.24 -12.35 37.33
CA THR J 148 64.11 -12.13 38.48
C THR J 148 64.43 -13.43 39.21
N TYR J 149 63.43 -14.31 39.33
CA TYR J 149 63.57 -15.54 40.11
C TYR J 149 63.90 -16.74 39.25
N ASN J 150 64.52 -16.52 38.10
CA ASN J 150 65.10 -17.58 37.28
C ASN J 150 64.05 -18.60 36.84
N CYS J 151 62.83 -18.11 36.67
CA CYS J 151 61.78 -18.93 36.05
C CYS J 151 61.98 -19.05 34.54
N CYS J 152 62.33 -17.96 33.87
CA CYS J 152 62.56 -17.95 32.44
C CYS J 152 63.75 -17.04 32.14
N ASP J 153 63.92 -16.70 30.87
CA ASP J 153 64.91 -15.74 30.44
C ASP J 153 64.20 -14.58 29.71
N ASP J 154 64.92 -13.49 29.48
CA ASP J 154 64.36 -12.32 28.83
C ASP J 154 64.09 -12.55 27.35
N ASP J 155 64.90 -13.37 26.68
CA ASP J 155 64.70 -13.67 25.27
C ASP J 155 63.43 -14.49 25.04
N TYR J 156 62.93 -15.14 26.09
CA TYR J 156 61.64 -15.82 26.01
C TYR J 156 60.50 -14.85 25.75
N PHE J 157 60.57 -13.65 26.33
CA PHE J 157 59.54 -12.64 26.12
C PHE J 157 59.53 -12.10 24.70
N ASN J 158 60.56 -12.41 23.90
CA ASN J 158 60.59 -12.05 22.49
C ASN J 158 59.81 -13.05 21.64
N LYS J 159 59.30 -14.11 22.24
CA LYS J 159 58.51 -15.10 21.52
C LYS J 159 57.19 -14.45 21.08
N LYS J 160 56.57 -15.02 20.05
CA LYS J 160 55.28 -14.54 19.56
C LYS J 160 54.17 -15.19 20.37
N ASP J 161 53.31 -14.35 20.96
CA ASP J 161 52.17 -14.79 21.75
C ASP J 161 52.62 -15.70 22.90
N TRP J 162 53.75 -15.31 23.49
CA TRP J 162 54.30 -16.01 24.64
C TRP J 162 53.31 -16.10 25.79
N TYR J 163 52.41 -15.12 25.90
CA TYR J 163 51.52 -14.99 27.03
C TYR J 163 50.21 -15.75 26.89
N ASP J 164 50.02 -16.48 25.80
CA ASP J 164 48.74 -17.14 25.57
C ASP J 164 48.83 -18.65 25.78
N PHE J 165 47.89 -19.18 26.56
CA PHE J 165 47.83 -20.60 26.90
C PHE J 165 47.53 -21.49 25.71
N VAL J 166 46.78 -20.99 24.73
CA VAL J 166 46.24 -21.82 23.66
C VAL J 166 47.32 -22.23 22.67
N GLU J 167 47.95 -21.27 22.00
CA GLU J 167 48.93 -21.57 20.97
C GLU J 167 50.35 -21.65 21.51
N ASN J 168 50.54 -21.39 22.80
CA ASN J 168 51.83 -21.56 23.46
C ASN J 168 51.57 -22.39 24.71
N PRO J 169 51.60 -23.72 24.60
CA PRO J 169 51.29 -24.56 25.76
C PRO J 169 52.45 -24.68 26.72
N ASP J 170 53.50 -23.89 26.51
CA ASP J 170 54.64 -23.87 27.41
C ASP J 170 54.53 -22.82 28.51
N ILE J 171 53.65 -21.83 28.35
CA ILE J 171 53.54 -20.77 29.34
C ILE J 171 53.13 -21.33 30.69
N LEU J 172 52.36 -22.42 30.71
CA LEU J 172 52.05 -23.08 31.96
C LEU J 172 53.30 -23.58 32.67
N ARG J 173 54.26 -24.11 31.91
CA ARG J 173 55.51 -24.53 32.51
C ARG J 173 56.25 -23.36 33.14
N VAL J 174 56.28 -22.21 32.47
CA VAL J 174 57.01 -21.05 32.99
C VAL J 174 56.42 -20.62 34.32
N TYR J 175 55.11 -20.45 34.38
CA TYR J 175 54.48 -20.04 35.64
C TYR J 175 54.73 -21.06 36.75
N ALA J 176 54.90 -22.32 36.38
CA ALA J 176 55.10 -23.37 37.37
C ALA J 176 56.43 -23.27 38.09
N ASN J 177 57.38 -22.51 37.56
CA ASN J 177 58.68 -22.35 38.19
C ASN J 177 58.64 -21.35 39.34
N LEU J 178 57.59 -20.55 39.43
CA LEU J 178 57.38 -19.61 40.52
C LEU J 178 56.61 -20.26 41.65
N GLY J 179 56.20 -21.52 41.43
CA GLY J 179 55.22 -22.14 42.30
C GLY J 179 55.66 -22.43 43.72
N GLU J 180 56.89 -22.90 43.90
CA GLU J 180 57.27 -23.33 45.24
C GLU J 180 57.39 -22.14 46.19
N ARG J 181 57.64 -20.95 45.65
CA ARG J 181 57.70 -19.76 46.48
C ARG J 181 56.37 -19.47 47.18
N VAL J 182 55.25 -19.62 46.48
CA VAL J 182 53.96 -19.35 47.11
C VAL J 182 53.66 -20.40 48.17
N ARG J 183 54.01 -21.66 47.91
CA ARG J 183 53.89 -22.69 48.94
C ARG J 183 54.70 -22.33 50.17
N GLN J 184 55.94 -21.90 49.98
CA GLN J 184 56.76 -21.45 51.09
C GLN J 184 56.15 -20.26 51.81
N ALA J 185 55.58 -19.31 51.08
CA ALA J 185 54.91 -18.18 51.71
C ALA J 185 53.75 -18.59 52.59
N LEU J 186 52.90 -19.50 52.13
CA LEU J 186 51.83 -19.99 52.99
C LEU J 186 52.38 -20.74 54.20
N LEU J 187 53.34 -21.62 53.95
CA LEU J 187 53.91 -22.44 55.02
C LEU J 187 54.60 -21.56 56.06
N LYS J 188 55.00 -20.36 55.66
CA LYS J 188 55.63 -19.44 56.61
C LYS J 188 54.62 -18.52 57.29
N THR J 189 53.57 -18.08 56.58
CA THR J 189 52.54 -17.25 57.19
C THR J 189 51.69 -18.02 58.19
N VAL J 190 51.66 -19.35 58.10
CA VAL J 190 50.97 -20.10 59.15
C VAL J 190 51.64 -19.90 60.52
N GLN J 191 52.98 -19.90 60.58
CA GLN J 191 53.64 -19.62 61.84
C GLN J 191 53.44 -18.18 62.29
N PHE J 192 53.37 -17.24 61.34
CA PHE J 192 53.02 -15.87 61.70
C PHE J 192 51.67 -15.82 62.41
N CYS J 193 50.68 -16.50 61.84
CA CYS J 193 49.36 -16.55 62.47
C CYS J 193 49.44 -17.19 63.85
N ASP J 194 50.19 -18.28 63.97
CA ASP J 194 50.30 -18.98 65.24
C ASP J 194 50.95 -18.11 66.31
N ALA J 195 52.02 -17.41 65.96
CA ALA J 195 52.69 -16.52 66.91
C ALA J 195 51.80 -15.36 67.28
N MET J 196 51.07 -14.81 66.31
CA MET J 196 50.14 -13.73 66.63
C MET J 196 49.08 -14.20 67.60
N ARG J 197 48.63 -15.46 67.46
CA ARG J 197 47.72 -16.06 68.42
C ARG J 197 48.37 -16.18 69.80
N ASN J 198 49.60 -16.69 69.83
CA ASN J 198 50.27 -16.97 71.10
C ASN J 198 50.53 -15.69 71.89
N ALA J 199 50.84 -14.60 71.19
CA ALA J 199 51.16 -13.35 71.86
C ALA J 199 50.01 -12.36 71.91
N GLY J 200 48.83 -12.74 71.44
CA GLY J 200 47.66 -11.88 71.57
C GLY J 200 47.69 -10.62 70.72
N ILE J 201 47.62 -10.78 69.40
CA ILE J 201 47.53 -9.65 68.49
C ILE J 201 46.31 -9.82 67.61
N VAL J 202 45.57 -8.74 67.43
CA VAL J 202 44.33 -8.76 66.66
C VAL J 202 44.44 -7.74 65.53
N GLY J 203 44.13 -8.17 64.32
CA GLY J 203 44.18 -7.26 63.18
C GLY J 203 43.92 -8.01 61.89
N VAL J 204 44.01 -7.27 60.80
CA VAL J 204 43.72 -7.80 59.46
C VAL J 204 45.03 -7.96 58.70
N LEU J 205 45.41 -9.21 58.45
CA LEU J 205 46.55 -9.51 57.58
C LEU J 205 46.17 -9.15 56.15
N THR J 206 47.03 -8.41 55.48
CA THR J 206 46.86 -8.13 54.07
C THR J 206 48.08 -8.56 53.29
N LEU J 207 47.85 -9.02 52.08
CA LEU J 207 48.91 -9.45 51.18
C LEU J 207 49.68 -8.28 50.59
N ASP J 208 49.49 -7.07 51.12
CA ASP J 208 50.35 -5.94 50.82
C ASP J 208 51.66 -5.97 51.59
N ASN J 209 51.67 -6.48 52.81
CA ASN J 209 52.82 -6.36 53.70
C ASN J 209 53.63 -7.65 53.79
N GLN J 210 53.52 -8.52 52.80
CA GLN J 210 54.25 -9.77 52.78
C GLN J 210 55.12 -9.83 51.54
N ASP J 211 56.43 -10.00 51.74
CA ASP J 211 57.38 -10.00 50.65
C ASP J 211 57.26 -11.30 49.86
N LEU J 212 57.96 -11.38 48.73
CA LEU J 212 58.02 -12.59 47.94
C LEU J 212 58.86 -13.67 48.60
N ASN J 213 59.54 -13.36 49.69
CA ASN J 213 60.18 -14.38 50.53
C ASN J 213 59.20 -14.98 51.51
N GLY J 214 58.21 -14.19 51.96
CA GLY J 214 57.22 -14.68 52.89
C GLY J 214 57.29 -13.96 54.22
N ASN J 215 58.31 -13.12 54.38
CA ASN J 215 58.49 -12.38 55.62
C ASN J 215 57.48 -11.24 55.72
N TRP J 216 56.94 -11.06 56.92
CA TRP J 216 55.97 -10.02 57.20
C TRP J 216 56.64 -8.84 57.89
N TYR J 217 56.30 -7.63 57.46
CA TYR J 217 57.07 -6.48 57.90
C TYR J 217 56.26 -5.22 58.25
N ASP J 218 54.95 -5.30 58.47
CA ASP J 218 54.18 -4.12 58.79
C ASP J 218 53.17 -4.41 59.89
N PHE J 219 53.12 -3.55 60.90
CA PHE J 219 52.22 -3.68 62.03
C PHE J 219 51.57 -2.34 62.36
N GLY J 220 51.32 -1.52 61.33
CA GLY J 220 50.88 -0.17 61.57
C GLY J 220 49.38 0.01 61.81
N ASP J 221 48.64 -1.09 61.84
CA ASP J 221 47.19 -1.05 62.05
C ASP J 221 46.74 -2.08 63.07
N PHE J 222 47.66 -2.61 63.86
CA PHE J 222 47.40 -3.77 64.69
C PHE J 222 47.11 -3.36 66.13
N ILE J 223 46.38 -4.22 66.83
CA ILE J 223 46.05 -4.01 68.24
C ILE J 223 46.40 -5.28 69.00
N GLN J 224 46.59 -5.17 70.31
CA GLN J 224 47.05 -6.30 71.12
C GLN J 224 46.11 -6.58 72.28
N THR J 225 46.06 -7.84 72.70
CA THR J 225 45.22 -8.30 73.80
C THR J 225 46.00 -9.31 74.64
N THR J 226 45.28 -10.05 75.48
CA THR J 226 45.91 -11.07 76.30
C THR J 226 46.58 -12.13 75.42
N PRO J 227 47.75 -12.61 75.81
CA PRO J 227 48.43 -13.62 75.00
C PRO J 227 47.69 -14.95 75.02
N GLY J 228 47.87 -15.72 73.94
CA GLY J 228 47.24 -17.02 73.80
C GLY J 228 45.93 -17.00 73.06
N SER J 229 45.31 -15.83 72.88
CA SER J 229 44.05 -15.71 72.15
C SER J 229 44.21 -14.59 71.12
N GLY J 230 44.76 -14.94 69.96
CA GLY J 230 44.86 -13.99 68.86
C GLY J 230 43.99 -14.42 67.70
N VAL J 231 43.43 -13.47 66.97
CA VAL J 231 42.49 -13.79 65.89
C VAL J 231 42.92 -13.11 64.60
N PRO J 232 43.96 -13.61 63.94
CA PRO J 232 44.35 -13.03 62.65
C PRO J 232 43.21 -13.13 61.65
N VAL J 233 42.81 -12.01 61.07
CA VAL J 233 41.67 -12.00 60.16
C VAL J 233 42.21 -12.33 58.77
N VAL J 234 42.37 -13.61 58.49
CA VAL J 234 42.76 -14.04 57.16
C VAL J 234 41.50 -14.28 56.34
N ASP J 235 40.95 -13.21 55.80
CA ASP J 235 39.76 -13.32 54.97
C ASP J 235 39.97 -12.73 53.58
N SER J 236 40.44 -11.49 53.50
CA SER J 236 40.79 -10.93 52.20
C SER J 236 42.03 -11.59 51.64
N TYR J 237 42.98 -11.95 52.51
CA TYR J 237 44.25 -12.51 52.08
C TYR J 237 44.04 -13.77 51.24
N TYR J 238 43.50 -14.82 51.87
CA TYR J 238 43.31 -16.07 51.15
C TYR J 238 42.36 -15.91 49.98
N SER J 239 41.30 -15.10 50.16
CA SER J 239 40.32 -14.95 49.11
C SER J 239 40.95 -14.35 47.85
N LEU J 240 41.81 -13.35 48.01
CA LEU J 240 42.45 -12.76 46.83
C LEU J 240 43.60 -13.63 46.34
N LEU J 241 44.13 -14.51 47.19
CA LEU J 241 45.24 -15.34 46.76
C LEU J 241 44.81 -16.64 46.11
N MET J 242 43.52 -17.00 46.20
CA MET J 242 43.10 -18.30 45.68
C MET J 242 43.58 -18.60 44.27
N PRO J 243 43.22 -17.83 43.22
CA PRO J 243 43.44 -18.33 41.85
C PRO J 243 44.90 -18.64 41.53
N ILE J 244 45.83 -17.94 42.16
CA ILE J 244 47.24 -18.12 41.84
C ILE J 244 47.71 -19.51 42.23
N LEU J 245 47.10 -20.11 43.27
CA LEU J 245 47.54 -21.42 43.71
C LEU J 245 47.37 -22.47 42.63
N THR J 246 46.26 -22.45 41.91
CA THR J 246 46.07 -23.41 40.83
C THR J 246 46.61 -22.93 39.50
N LEU J 247 46.72 -21.61 39.30
CA LEU J 247 47.35 -21.13 38.08
C LEU J 247 48.84 -21.42 38.07
N THR J 248 49.48 -21.37 39.23
CA THR J 248 50.90 -21.66 39.35
C THR J 248 51.19 -23.10 39.79
N ARG J 249 50.16 -23.89 40.05
CA ARG J 249 50.34 -25.26 40.52
C ARG J 249 51.26 -25.30 41.73
N ALA J 250 50.84 -24.67 42.82
CA ALA J 250 51.73 -24.45 43.94
C ALA J 250 51.73 -25.58 44.96
N LEU J 251 51.03 -26.68 44.68
CA LEU J 251 50.98 -27.79 45.61
C LEU J 251 51.72 -29.01 45.10
N THR J 252 52.46 -28.88 43.99
CA THR J 252 53.07 -30.03 43.35
C THR J 252 54.04 -30.76 44.27
N ALA J 253 54.66 -30.06 45.23
CA ALA J 253 55.62 -30.68 46.12
C ALA J 253 55.02 -31.84 46.91
N GLU J 254 53.71 -31.81 47.17
CA GLU J 254 53.07 -32.90 47.89
C GLU J 254 53.05 -34.21 47.11
N SER J 255 53.14 -34.15 45.79
CA SER J 255 53.20 -35.37 44.98
C SER J 255 54.48 -36.16 45.21
N HIS J 256 55.54 -35.50 45.70
CA HIS J 256 56.81 -36.16 45.97
C HIS J 256 56.83 -36.63 47.41
N VAL J 257 57.70 -37.60 47.70
CA VAL J 257 57.87 -38.08 49.07
C VAL J 257 58.55 -36.98 49.88
N ASP J 258 58.15 -36.86 51.14
CA ASP J 258 58.77 -35.98 52.13
C ASP J 258 58.66 -34.50 51.77
N THR J 259 57.78 -34.15 50.83
CA THR J 259 57.52 -32.75 50.47
C THR J 259 58.78 -32.02 50.02
N ASP J 260 59.43 -32.54 48.98
CA ASP J 260 60.51 -31.85 48.30
C ASP J 260 60.60 -32.33 46.86
N LEU J 261 60.75 -31.38 45.93
CA LEU J 261 60.69 -31.70 44.51
C LEU J 261 61.84 -32.60 44.05
N THR J 262 62.94 -32.65 44.79
CA THR J 262 64.08 -33.49 44.39
C THR J 262 63.76 -34.98 44.46
N LYS J 263 63.03 -35.40 45.48
CA LYS J 263 62.75 -36.81 45.69
C LYS J 263 61.65 -37.30 44.75
N PRO J 264 61.60 -38.60 44.48
CA PRO J 264 60.57 -39.13 43.57
C PRO J 264 59.17 -39.01 44.14
N TYR J 265 58.20 -39.29 43.29
CA TYR J 265 56.79 -39.20 43.67
C TYR J 265 56.45 -40.28 44.69
N ILE J 266 55.38 -40.03 45.44
CA ILE J 266 54.84 -41.01 46.38
C ILE J 266 54.10 -42.08 45.59
N LYS J 267 54.43 -43.33 45.83
CA LYS J 267 53.74 -44.44 45.17
C LYS J 267 52.55 -44.81 46.05
N TRP J 268 51.38 -44.30 45.68
CA TRP J 268 50.17 -44.63 46.40
C TRP J 268 49.72 -46.05 46.07
N ASP J 269 48.92 -46.63 46.97
CA ASP J 269 48.29 -47.90 46.67
C ASP J 269 47.22 -47.71 45.59
N LEU J 270 47.20 -48.64 44.63
CA LEU J 270 46.23 -48.52 43.55
C LEU J 270 44.80 -48.63 44.06
N LEU J 271 44.56 -49.48 45.05
CA LEU J 271 43.21 -49.77 45.51
C LEU J 271 42.69 -48.78 46.53
N LYS J 272 43.48 -47.78 46.92
CA LYS J 272 43.01 -46.76 47.85
C LYS J 272 42.14 -45.75 47.13
N TYR J 273 40.89 -45.66 47.52
CA TYR J 273 39.94 -44.76 46.88
C TYR J 273 39.51 -43.59 47.75
N ASP J 274 39.52 -43.72 49.07
CA ASP J 274 39.10 -42.65 49.97
C ASP J 274 40.34 -41.93 50.48
N PHE J 275 40.52 -40.69 50.03
CA PHE J 275 41.62 -39.85 50.48
C PHE J 275 41.15 -38.74 51.42
N THR J 276 40.16 -39.04 52.27
CA THR J 276 39.64 -38.03 53.18
C THR J 276 40.71 -37.51 54.14
N GLU J 277 41.49 -38.43 54.71
CA GLU J 277 42.47 -38.03 55.71
C GLU J 277 43.52 -37.10 55.11
N GLU J 278 43.95 -37.38 53.88
CA GLU J 278 44.90 -36.49 53.23
C GLU J 278 44.30 -35.11 52.98
N ARG J 279 43.02 -35.07 52.60
CA ARG J 279 42.38 -33.77 52.39
C ARG J 279 42.37 -32.96 53.67
N LEU J 280 41.99 -33.56 54.78
CA LEU J 280 42.02 -32.84 56.05
C LEU J 280 43.44 -32.45 56.42
N LYS J 281 44.42 -33.33 56.15
CA LYS J 281 45.80 -33.03 56.48
C LYS J 281 46.29 -31.79 55.75
N LEU J 282 46.06 -31.73 54.43
CA LEU J 282 46.47 -30.55 53.67
C LEU J 282 45.74 -29.30 54.13
N PHE J 283 44.43 -29.41 54.39
CA PHE J 283 43.70 -28.23 54.86
C PHE J 283 44.27 -27.72 56.17
N ASP J 284 44.61 -28.64 57.07
CA ASP J 284 45.25 -28.23 58.32
C ASP J 284 46.60 -27.59 58.06
N ARG J 285 47.38 -28.15 57.14
CA ARG J 285 48.74 -27.66 56.91
C ARG J 285 48.75 -26.24 56.36
N TYR J 286 47.89 -25.94 55.38
CA TYR J 286 48.05 -24.68 54.65
C TYR J 286 47.02 -23.61 54.97
N PHE J 287 45.80 -23.97 55.35
CA PHE J 287 44.77 -22.98 55.63
C PHE J 287 44.25 -23.15 57.05
N LYS J 288 45.17 -23.30 58.01
CA LYS J 288 44.80 -23.72 59.35
C LYS J 288 43.81 -22.76 59.99
N TYR J 289 43.91 -21.46 59.68
CA TYR J 289 43.12 -20.44 60.36
C TYR J 289 41.97 -19.93 59.51
N TRP J 290 41.51 -20.71 58.55
CA TRP J 290 40.36 -20.34 57.72
C TRP J 290 39.10 -20.71 58.50
N ASP J 291 38.28 -19.70 58.81
CA ASP J 291 37.26 -19.85 59.84
C ASP J 291 36.19 -20.86 59.43
N GLN J 292 35.75 -20.82 58.18
CA GLN J 292 34.63 -21.67 57.75
C GLN J 292 35.00 -23.15 57.87
N THR J 293 34.00 -23.97 58.21
CA THR J 293 34.21 -25.40 58.31
C THR J 293 34.41 -26.03 56.95
N TYR J 294 35.03 -27.20 56.93
CA TYR J 294 35.34 -27.91 55.70
C TYR J 294 34.82 -29.35 55.76
N HIS J 295 34.11 -29.75 54.72
CA HIS J 295 33.62 -31.13 54.60
C HIS J 295 34.38 -31.84 53.49
N PRO J 296 35.17 -32.85 53.79
CA PRO J 296 35.92 -33.54 52.72
C PRO J 296 35.03 -34.16 51.68
N ASN J 297 33.87 -34.69 52.06
CA ASN J 297 32.91 -35.23 51.12
C ASN J 297 31.70 -34.30 51.09
N CYS J 298 31.32 -33.88 49.89
CA CYS J 298 30.30 -32.84 49.77
C CYS J 298 28.91 -33.34 50.11
N VAL J 299 28.75 -34.58 50.58
CA VAL J 299 27.44 -35.07 50.95
C VAL J 299 26.92 -34.37 52.19
N ASN J 300 27.80 -34.07 53.14
CA ASN J 300 27.40 -33.52 54.43
C ASN J 300 27.24 -32.01 54.41
N CYS J 301 27.10 -31.40 53.24
CA CYS J 301 26.96 -29.96 53.19
C CYS J 301 25.58 -29.52 53.68
N LEU J 302 25.51 -28.28 54.15
CA LEU J 302 24.28 -27.75 54.74
C LEU J 302 23.33 -27.19 53.71
N ASP J 303 23.84 -26.63 52.63
CA ASP J 303 23.04 -26.14 51.50
C ASP J 303 23.99 -25.87 50.35
N ASP J 304 23.50 -25.21 49.30
CA ASP J 304 24.27 -25.06 48.07
C ASP J 304 25.55 -24.28 48.30
N ARG J 305 25.49 -23.22 49.10
CA ARG J 305 26.67 -22.39 49.30
C ARG J 305 27.81 -23.18 49.94
N CYS J 306 27.51 -24.00 50.95
CA CYS J 306 28.54 -24.85 51.51
C CYS J 306 29.02 -25.89 50.51
N ILE J 307 28.17 -26.32 49.58
CA ILE J 307 28.61 -27.20 48.51
C ILE J 307 29.70 -26.54 47.69
N LEU J 308 29.46 -25.30 47.25
CA LEU J 308 30.48 -24.57 46.50
C LEU J 308 31.75 -24.40 47.34
N HIS J 309 31.59 -24.03 48.60
CA HIS J 309 32.75 -23.66 49.41
C HIS J 309 33.62 -24.87 49.69
N CYS J 310 33.02 -26.05 49.80
CA CYS J 310 33.82 -27.26 49.95
C CYS J 310 34.38 -27.74 48.62
N ALA J 311 33.61 -27.57 47.54
CA ALA J 311 34.07 -28.01 46.24
C ALA J 311 35.32 -27.27 45.80
N ASN J 312 35.46 -26.01 46.19
CA ASN J 312 36.66 -25.26 45.81
C ASN J 312 37.92 -25.92 46.36
N PHE J 313 37.94 -26.17 47.66
CA PHE J 313 39.11 -26.78 48.26
C PHE J 313 39.33 -28.19 47.74
N ASN J 314 38.24 -28.90 47.41
CA ASN J 314 38.42 -30.21 46.80
C ASN J 314 39.06 -30.09 45.42
N VAL J 315 38.69 -29.07 44.64
CA VAL J 315 39.31 -28.88 43.33
C VAL J 315 40.80 -28.65 43.50
N LEU J 316 41.18 -27.87 44.51
CA LEU J 316 42.60 -27.68 44.75
C LEU J 316 43.28 -28.99 45.11
N PHE J 317 42.75 -29.72 46.08
CA PHE J 317 43.43 -30.90 46.60
C PHE J 317 43.41 -32.08 45.63
N SER J 318 42.53 -32.08 44.63
CA SER J 318 42.50 -33.19 43.69
C SER J 318 43.68 -33.22 42.74
N THR J 319 44.53 -32.19 42.72
CA THR J 319 45.73 -32.25 41.91
C THR J 319 46.85 -33.06 42.56
N VAL J 320 46.62 -33.56 43.77
CA VAL J 320 47.65 -34.30 44.49
C VAL J 320 47.58 -35.81 44.25
N PHE J 321 46.40 -36.39 44.26
CA PHE J 321 46.17 -37.82 44.24
C PHE J 321 46.27 -38.39 42.84
N PRO J 322 46.58 -39.67 42.69
CA PRO J 322 46.80 -40.24 41.36
C PRO J 322 45.54 -40.19 40.52
N PRO J 323 45.68 -40.06 39.20
CA PRO J 323 44.48 -39.96 38.35
C PRO J 323 43.63 -41.21 38.32
N THR J 324 44.17 -42.37 38.70
CA THR J 324 43.42 -43.61 38.59
C THR J 324 42.31 -43.75 39.62
N SER J 325 42.45 -43.11 40.79
CA SER J 325 41.46 -43.28 41.84
C SER J 325 40.26 -42.37 41.68
N PHE J 326 40.01 -41.83 40.50
CA PHE J 326 38.85 -41.00 40.24
C PHE J 326 37.94 -41.69 39.24
N GLY J 327 36.67 -41.84 39.59
CA GLY J 327 35.71 -42.41 38.68
C GLY J 327 34.65 -43.26 39.36
N PRO J 328 34.09 -44.21 38.61
CA PRO J 328 33.09 -45.10 39.19
C PRO J 328 33.72 -46.07 40.17
N LEU J 329 32.98 -46.42 41.21
CA LEU J 329 33.39 -47.41 42.20
C LEU J 329 32.60 -48.69 41.94
N VAL J 330 33.31 -49.79 41.70
CA VAL J 330 32.67 -51.04 41.32
C VAL J 330 32.62 -51.97 42.51
N ARG J 331 31.57 -52.79 42.56
CA ARG J 331 31.41 -53.82 43.57
C ARG J 331 30.79 -55.04 42.90
N LYS J 332 31.12 -56.22 43.42
CA LYS J 332 30.60 -57.47 42.86
C LYS J 332 29.30 -57.84 43.56
N ILE J 333 28.25 -58.05 42.76
CA ILE J 333 26.95 -58.47 43.25
C ILE J 333 26.48 -59.68 42.47
N PHE J 334 25.97 -60.68 43.18
CA PHE J 334 25.44 -61.89 42.57
C PHE J 334 23.95 -61.72 42.33
N VAL J 335 23.50 -62.04 41.13
CA VAL J 335 22.07 -62.12 40.82
C VAL J 335 21.81 -63.52 40.28
N ASP J 336 20.84 -64.22 40.88
CA ASP J 336 20.55 -65.60 40.55
C ASP J 336 21.81 -66.45 40.54
N GLY J 337 22.70 -66.21 41.51
CA GLY J 337 23.93 -66.94 41.61
C GLY J 337 25.01 -66.53 40.62
N VAL J 338 24.80 -65.46 39.87
CA VAL J 338 25.74 -65.01 38.84
C VAL J 338 26.45 -63.76 39.36
N PRO J 339 27.78 -63.80 39.53
CA PRO J 339 28.51 -62.61 40.01
C PRO J 339 28.59 -61.56 38.91
N PHE J 340 28.18 -60.33 39.24
CA PHE J 340 28.22 -59.22 38.31
C PHE J 340 29.32 -58.24 38.70
N VAL J 341 29.48 -57.20 37.87
CA VAL J 341 30.33 -56.07 38.19
C VAL J 341 29.52 -54.82 37.91
N VAL J 342 29.08 -54.13 38.96
CA VAL J 342 28.13 -53.03 38.81
C VAL J 342 28.62 -51.82 39.61
N SER J 343 28.41 -50.65 39.01
CA SER J 343 28.75 -49.40 39.67
C SER J 343 27.89 -49.21 40.92
N THR J 344 28.53 -48.79 42.01
CA THR J 344 27.85 -48.64 43.28
C THR J 344 28.19 -47.31 43.94
N GLY J 345 29.19 -46.61 43.41
CA GLY J 345 29.60 -45.35 43.99
C GLY J 345 30.55 -44.63 43.06
N TYR J 346 30.81 -43.36 43.40
CA TYR J 346 31.61 -42.54 42.51
C TYR J 346 32.52 -41.64 43.34
N HIS J 347 33.65 -41.27 42.73
CA HIS J 347 34.67 -40.44 43.34
C HIS J 347 34.88 -39.20 42.46
N PHE J 348 34.11 -38.16 42.74
CA PHE J 348 34.25 -36.91 42.01
C PHE J 348 35.46 -36.14 42.50
N ARG J 349 36.21 -35.57 41.54
CA ARG J 349 37.32 -34.70 41.89
C ARG J 349 36.87 -33.54 42.77
N GLU J 350 35.68 -33.00 42.50
CA GLU J 350 35.19 -31.82 43.19
C GLU J 350 34.24 -32.11 44.33
N LEU J 351 33.53 -33.24 44.31
CA LEU J 351 32.54 -33.54 45.32
C LEU J 351 32.99 -34.61 46.31
N GLY J 352 34.03 -35.36 46.00
CA GLY J 352 34.51 -36.30 47.00
C GLY J 352 34.07 -37.73 46.70
N VAL J 353 33.52 -38.38 47.71
CA VAL J 353 33.06 -39.76 47.59
C VAL J 353 31.57 -39.81 47.84
N VAL J 354 30.83 -40.44 46.92
CA VAL J 354 29.39 -40.62 47.08
C VAL J 354 29.07 -42.10 46.88
N HIS J 355 28.39 -42.69 47.87
CA HIS J 355 27.98 -44.09 47.85
C HIS J 355 26.48 -44.16 47.56
N ASN J 356 26.08 -45.16 46.77
CA ASN J 356 24.66 -45.38 46.54
C ASN J 356 23.99 -45.85 47.82
N GLN J 357 22.71 -45.51 47.96
CA GLN J 357 21.95 -45.92 49.14
C GLN J 357 21.12 -47.17 48.93
N ASP J 358 20.67 -47.44 47.72
CA ASP J 358 19.78 -48.56 47.43
C ASP J 358 20.50 -49.66 46.66
N VAL J 359 21.76 -49.91 46.97
CA VAL J 359 22.48 -51.00 46.33
C VAL J 359 21.89 -52.32 46.81
N ASN J 360 21.60 -53.21 45.88
CA ASN J 360 20.99 -54.50 46.18
C ASN J 360 22.03 -55.60 45.99
N LEU J 361 22.31 -56.35 47.04
CA LEU J 361 23.24 -57.47 46.99
C LEU J 361 22.46 -58.77 47.05
N HIS J 362 22.87 -59.73 46.23
CA HIS J 362 22.20 -61.04 46.13
C HIS J 362 20.73 -60.87 45.76
N SER J 363 20.50 -60.30 44.58
CA SER J 363 19.15 -60.12 44.07
C SER J 363 18.68 -61.42 43.41
N SER J 364 17.46 -61.42 42.92
CA SER J 364 16.89 -62.65 42.35
C SER J 364 16.54 -62.52 40.88
N ARG J 365 15.93 -61.42 40.47
CA ARG J 365 15.53 -61.23 39.08
C ARG J 365 15.69 -59.77 38.72
N LEU J 366 15.97 -59.53 37.44
CA LEU J 366 16.26 -58.19 36.93
C LEU J 366 15.08 -57.72 36.09
N SER J 367 14.29 -56.80 36.65
CA SER J 367 13.22 -56.18 35.88
C SER J 367 13.82 -55.33 34.76
N PHE J 368 12.93 -54.73 33.96
CA PHE J 368 13.40 -53.98 32.80
C PHE J 368 14.24 -52.79 33.22
N LYS J 369 13.85 -52.09 34.28
CA LYS J 369 14.64 -50.95 34.72
C LYS J 369 16.02 -51.38 35.23
N GLU J 370 16.08 -52.52 35.93
CA GLU J 370 17.37 -52.99 36.43
C GLU J 370 18.30 -53.36 35.28
N LEU J 371 17.77 -54.05 34.27
CA LEU J 371 18.57 -54.36 33.09
C LEU J 371 18.99 -53.09 32.38
N LEU J 372 18.08 -52.10 32.31
CA LEU J 372 18.40 -50.85 31.65
C LEU J 372 19.57 -50.16 32.32
N VAL J 373 19.55 -50.10 33.65
CA VAL J 373 20.64 -49.44 34.37
C VAL J 373 21.93 -50.22 34.24
N TYR J 374 21.88 -51.54 34.46
CA TYR J 374 23.12 -52.32 34.46
C TYR J 374 23.70 -52.47 33.06
N ALA J 375 22.95 -52.10 32.04
CA ALA J 375 23.49 -52.09 30.68
C ALA J 375 23.95 -50.71 30.25
N ALA J 376 23.73 -49.68 31.07
CA ALA J 376 24.11 -48.32 30.71
C ALA J 376 25.45 -47.89 31.27
N ASP J 377 25.75 -48.21 32.53
CA ASP J 377 26.97 -47.72 33.12
C ASP J 377 28.19 -48.41 32.49
N PRO J 378 29.33 -47.71 32.43
CA PRO J 378 30.51 -48.29 31.79
C PRO J 378 31.25 -49.31 32.65
N ALA J 379 30.71 -49.65 33.83
CA ALA J 379 31.43 -50.54 34.72
C ALA J 379 31.66 -51.91 34.10
N MET J 380 30.59 -52.53 33.61
CA MET J 380 30.73 -53.88 33.07
C MET J 380 31.48 -53.87 31.74
N HIS J 381 31.17 -52.91 30.87
CA HIS J 381 31.87 -52.81 29.59
C HIS J 381 33.36 -52.60 29.82
N ALA J 382 33.72 -51.86 30.86
CA ALA J 382 35.14 -51.65 31.14
C ALA J 382 35.77 -52.91 31.73
N ALA J 383 35.07 -53.58 32.64
CA ALA J 383 35.62 -54.79 33.25
C ALA J 383 35.76 -55.93 32.26
N SER J 384 35.05 -55.88 31.13
CA SER J 384 35.17 -56.93 30.13
C SER J 384 36.21 -56.63 29.06
N GLY J 385 36.55 -55.37 28.83
CA GLY J 385 37.41 -55.02 27.73
C GLY J 385 38.88 -55.30 28.00
N ASN J 386 39.70 -54.94 27.03
CA ASN J 386 41.15 -55.08 27.14
C ASN J 386 41.80 -53.71 27.29
N LEU J 387 42.95 -53.71 27.99
CA LEU J 387 43.62 -52.47 28.34
C LEU J 387 44.11 -51.74 27.10
N LEU J 388 43.99 -50.41 27.13
CA LEU J 388 44.39 -49.57 26.01
C LEU J 388 45.48 -48.59 26.45
N LEU J 389 46.34 -48.24 25.51
CA LEU J 389 47.40 -47.24 25.68
C LEU J 389 47.49 -46.51 24.34
N ASP J 390 47.07 -45.25 24.31
CA ASP J 390 47.10 -44.46 23.09
C ASP J 390 48.07 -43.29 23.26
N LYS J 391 48.98 -43.15 22.31
CA LYS J 391 49.96 -42.07 22.30
C LYS J 391 49.55 -40.87 21.47
N ARG J 392 48.35 -40.89 20.89
CA ARG J 392 47.87 -39.78 20.08
C ARG J 392 47.37 -38.60 20.89
N THR J 393 47.11 -38.78 22.19
CA THR J 393 46.63 -37.69 23.01
C THR J 393 47.20 -37.83 24.41
N THR J 394 46.87 -36.88 25.28
CA THR J 394 47.41 -36.81 26.63
C THR J 394 46.41 -37.17 27.71
N CYS J 395 45.12 -37.10 27.41
CA CYS J 395 44.10 -37.37 28.41
C CYS J 395 44.00 -38.86 28.72
N PHE J 396 43.75 -39.16 30.00
CA PHE J 396 43.72 -40.54 30.46
C PHE J 396 42.74 -41.39 29.67
N SER J 397 43.16 -42.60 29.35
CA SER J 397 42.36 -43.55 28.57
C SER J 397 42.03 -44.76 29.42
N VAL J 398 40.91 -45.42 29.10
CA VAL J 398 40.43 -46.52 29.93
C VAL J 398 40.69 -47.86 29.29
N ALA J 399 40.03 -48.14 28.17
CA ALA J 399 40.12 -49.46 27.55
C ALA J 399 39.57 -49.39 26.13
N ALA J 400 39.55 -50.55 25.48
CA ALA J 400 38.99 -50.69 24.13
C ALA J 400 37.95 -51.81 24.16
N LEU J 401 36.76 -51.53 23.62
CA LEU J 401 35.72 -52.54 23.61
C LEU J 401 35.92 -53.56 22.50
N THR J 402 36.47 -53.17 21.36
CA THR J 402 36.64 -54.05 20.23
C THR J 402 38.11 -54.44 20.08
N ASN J 403 38.37 -55.28 19.09
CA ASN J 403 39.72 -55.72 18.78
C ASN J 403 40.41 -54.88 17.72
N ASN J 404 39.72 -53.87 17.18
CA ASN J 404 40.30 -53.01 16.16
C ASN J 404 39.86 -51.57 16.43
N VAL J 405 40.67 -50.62 15.98
CA VAL J 405 40.33 -49.21 16.12
C VAL J 405 39.78 -48.70 14.79
N ALA J 406 38.49 -48.39 14.77
CA ALA J 406 37.81 -47.94 13.57
C ALA J 406 38.18 -46.48 13.29
N PHE J 407 38.32 -46.14 12.03
CA PHE J 407 38.70 -44.80 11.61
C PHE J 407 37.58 -44.20 10.78
N GLN J 408 37.11 -43.02 11.16
CA GLN J 408 36.00 -42.37 10.49
C GLN J 408 36.50 -41.12 9.77
N THR J 409 35.91 -40.84 8.61
CA THR J 409 36.28 -39.68 7.82
C THR J 409 35.03 -38.90 7.42
N VAL J 410 35.23 -37.83 6.66
CA VAL J 410 34.16 -36.95 6.22
C VAL J 410 34.11 -36.98 4.69
N LYS J 411 32.94 -36.72 4.13
CA LYS J 411 32.76 -36.74 2.69
C LYS J 411 32.84 -35.32 2.12
N PRO J 412 33.24 -35.19 0.86
CA PRO J 412 33.52 -33.86 0.30
C PRO J 412 32.34 -32.93 0.24
N GLY J 413 31.13 -33.46 0.19
CA GLY J 413 29.97 -32.62 -0.06
C GLY J 413 29.76 -32.40 -1.55
N ASN J 414 28.49 -32.41 -1.94
CA ASN J 414 28.12 -32.44 -3.34
C ASN J 414 27.90 -31.05 -3.90
N PHE J 415 28.02 -30.94 -5.22
CA PHE J 415 28.04 -29.67 -5.94
C PHE J 415 26.81 -29.56 -6.83
N ASN J 416 26.10 -28.45 -6.72
CA ASN J 416 24.94 -28.17 -7.56
C ASN J 416 25.40 -27.32 -8.74
N LYS J 417 25.78 -27.99 -9.84
CA LYS J 417 26.32 -27.27 -10.99
C LYS J 417 25.24 -26.45 -11.70
N ASP J 418 23.98 -26.89 -11.63
CA ASP J 418 22.92 -26.17 -12.33
C ASP J 418 22.77 -24.75 -11.78
N PHE J 419 22.60 -24.63 -10.47
CA PHE J 419 22.48 -23.32 -9.85
C PHE J 419 23.75 -22.51 -10.02
N TYR J 420 24.91 -23.18 -9.98
CA TYR J 420 26.16 -22.47 -10.18
C TYR J 420 26.24 -21.85 -11.57
N ASP J 421 25.87 -22.61 -12.60
CA ASP J 421 25.90 -22.08 -13.96
C ASP J 421 24.89 -20.95 -14.12
N PHE J 422 23.69 -21.11 -13.55
CA PHE J 422 22.70 -20.06 -13.64
C PHE J 422 23.18 -18.79 -12.95
N ALA J 423 23.92 -18.95 -11.85
CA ALA J 423 24.48 -17.79 -11.16
C ALA J 423 25.57 -17.12 -11.98
N VAL J 424 26.47 -17.93 -12.57
CA VAL J 424 27.55 -17.37 -13.37
C VAL J 424 27.00 -16.64 -14.58
N SER J 425 25.93 -17.15 -15.18
CA SER J 425 25.32 -16.47 -16.32
C SER J 425 24.68 -15.15 -15.89
N LYS J 426 24.52 -14.93 -14.58
CA LYS J 426 23.90 -13.71 -14.07
C LYS J 426 24.91 -12.71 -13.52
N GLY J 427 26.15 -12.75 -14.00
CA GLY J 427 27.16 -11.82 -13.56
C GLY J 427 27.57 -11.98 -12.11
N PHE J 428 27.76 -13.22 -11.68
CA PHE J 428 28.21 -13.52 -10.34
C PHE J 428 29.51 -14.32 -10.37
N PHE J 429 30.21 -14.33 -9.24
CA PHE J 429 31.43 -15.09 -9.03
C PHE J 429 32.55 -14.66 -9.97
N LYS J 430 32.47 -13.42 -10.46
CA LYS J 430 33.50 -12.86 -11.31
C LYS J 430 34.61 -12.23 -10.47
N GLU J 431 35.69 -11.83 -11.14
CA GLU J 431 36.82 -11.22 -10.45
C GLU J 431 36.44 -9.84 -9.94
N GLY J 432 37.01 -9.47 -8.80
CA GLY J 432 36.72 -8.17 -8.20
C GLY J 432 35.30 -8.00 -7.73
N SER J 433 34.73 -9.00 -7.07
CA SER J 433 33.37 -8.95 -6.57
C SER J 433 33.37 -8.98 -5.05
N SER J 434 32.47 -8.20 -4.45
CA SER J 434 32.35 -8.19 -2.99
C SER J 434 31.67 -9.46 -2.49
N VAL J 435 31.13 -10.27 -3.40
CA VAL J 435 30.54 -11.57 -3.05
C VAL J 435 31.46 -12.65 -3.61
N GLU J 436 31.84 -13.60 -2.76
CA GLU J 436 32.75 -14.67 -3.15
C GLU J 436 32.50 -15.87 -2.26
N LEU J 437 32.73 -17.06 -2.80
CA LEU J 437 32.51 -18.30 -2.06
C LEU J 437 33.46 -18.39 -0.87
N LYS J 438 32.90 -18.35 0.34
CA LYS J 438 33.69 -18.54 1.55
C LYS J 438 33.14 -19.64 2.45
N HIS J 439 32.14 -20.40 2.00
CA HIS J 439 31.56 -21.48 2.78
C HIS J 439 31.59 -22.75 1.94
N PHE J 440 32.10 -23.84 2.52
CA PHE J 440 32.39 -25.05 1.77
C PHE J 440 32.16 -26.27 2.67
N PHE J 441 32.11 -27.43 2.05
CA PHE J 441 32.08 -28.70 2.76
C PHE J 441 33.49 -29.29 2.74
N PHE J 442 34.27 -29.00 3.78
CA PHE J 442 35.63 -29.47 3.87
C PHE J 442 35.65 -30.97 4.16
N ALA J 443 36.79 -31.60 3.96
CA ALA J 443 36.95 -33.02 4.24
C ALA J 443 37.98 -33.21 5.35
N GLN J 444 38.00 -34.41 5.92
CA GLN J 444 38.93 -34.75 6.98
C GLN J 444 39.56 -36.11 6.73
N ASP J 445 40.71 -36.33 7.35
CA ASP J 445 41.45 -37.57 7.20
C ASP J 445 40.87 -38.63 8.15
N GLY J 446 41.59 -39.74 8.31
CA GLY J 446 41.13 -40.78 9.20
C GLY J 446 41.30 -40.43 10.66
N ASN J 447 41.90 -39.27 10.95
CA ASN J 447 42.09 -38.82 12.33
C ASN J 447 41.44 -37.46 12.49
N ALA J 448 40.15 -37.48 12.84
CA ALA J 448 39.40 -36.26 13.07
C ALA J 448 38.96 -36.13 14.53
N ALA J 449 38.19 -37.08 15.03
CA ALA J 449 37.72 -37.00 16.40
C ALA J 449 38.88 -37.08 17.38
N ILE J 450 39.84 -37.98 17.13
CA ILE J 450 41.01 -38.06 17.98
C ILE J 450 41.86 -36.81 17.86
N SER J 451 41.65 -36.02 16.81
CA SER J 451 42.31 -34.71 16.72
C SER J 451 41.42 -33.61 17.27
N ASP J 452 40.21 -33.96 17.72
CA ASP J 452 39.33 -33.01 18.39
C ASP J 452 39.31 -33.22 19.89
N TYR J 453 39.74 -34.37 20.36
CA TYR J 453 39.70 -34.62 21.79
C TYR J 453 40.87 -33.92 22.48
N ASP J 454 41.98 -33.73 21.76
CA ASP J 454 43.06 -32.93 22.30
C ASP J 454 42.66 -31.46 22.36
N TYR J 455 41.39 -31.16 22.09
CA TYR J 455 40.87 -29.83 22.42
C TYR J 455 40.18 -29.83 23.78
N TYR J 456 39.65 -30.97 24.22
CA TYR J 456 39.35 -31.12 25.63
C TYR J 456 40.63 -31.20 26.44
N ARG J 457 41.76 -31.43 25.76
CA ARG J 457 43.05 -31.28 26.43
C ARG J 457 43.23 -29.89 27.05
N TYR J 458 42.69 -28.84 26.44
CA TYR J 458 42.96 -27.47 26.86
C TYR J 458 42.30 -27.08 28.18
N ASN J 459 41.71 -28.02 28.91
CA ASN J 459 41.04 -27.68 30.16
C ASN J 459 41.90 -28.08 31.35
N LEU J 460 41.93 -27.23 32.37
CA LEU J 460 42.83 -27.36 33.50
C LEU J 460 42.08 -27.29 34.81
N PRO J 461 42.57 -27.98 35.85
CA PRO J 461 41.99 -27.81 37.19
C PRO J 461 42.09 -26.35 37.61
N THR J 462 40.95 -25.74 37.89
CA THR J 462 40.88 -24.31 38.14
C THR J 462 40.17 -24.04 39.46
N MET J 463 40.76 -23.16 40.27
CA MET J 463 40.10 -22.59 41.43
C MET J 463 39.54 -21.24 41.06
N CYS J 464 38.41 -20.88 41.66
CA CYS J 464 37.86 -19.55 41.51
C CYS J 464 37.86 -18.83 42.86
N ASP J 465 37.96 -17.50 42.79
CA ASP J 465 37.95 -16.68 44.00
C ASP J 465 36.62 -16.89 44.68
N ILE J 466 36.64 -17.55 45.85
CA ILE J 466 35.45 -18.21 46.36
C ILE J 466 34.40 -17.21 46.83
N ARG J 467 34.80 -16.17 47.57
CA ARG J 467 33.82 -15.22 48.09
C ARG J 467 33.21 -14.41 46.97
N GLN J 468 34.04 -13.95 46.04
CA GLN J 468 33.53 -13.27 44.86
C GLN J 468 32.57 -14.16 44.10
N LEU J 469 32.90 -15.46 43.99
CA LEU J 469 32.03 -16.37 43.27
C LEU J 469 30.69 -16.53 43.97
N LEU J 470 30.70 -16.60 45.30
CA LEU J 470 29.44 -16.72 46.04
C LEU J 470 28.56 -15.50 45.80
N PHE J 471 29.15 -14.31 45.89
CA PHE J 471 28.34 -13.11 45.64
C PHE J 471 27.84 -13.07 44.21
N VAL J 472 28.66 -13.54 43.26
CA VAL J 472 28.21 -13.58 41.88
C VAL J 472 27.05 -14.54 41.71
N VAL J 473 27.08 -15.66 42.43
CA VAL J 473 25.94 -16.58 42.38
C VAL J 473 24.69 -15.88 42.89
N GLU J 474 24.81 -15.17 44.01
CA GLU J 474 23.66 -14.47 44.57
C GLU J 474 23.09 -13.47 43.58
N VAL J 475 23.94 -12.67 42.95
CA VAL J 475 23.43 -11.64 42.05
C VAL J 475 22.85 -12.27 40.78
N VAL J 476 23.49 -13.31 40.26
CA VAL J 476 22.99 -13.95 39.05
C VAL J 476 21.64 -14.61 39.31
N ASP J 477 21.41 -15.05 40.56
CA ASP J 477 20.15 -15.72 40.87
C ASP J 477 18.94 -14.84 40.56
N LYS J 478 19.10 -13.52 40.54
CA LYS J 478 17.98 -12.64 40.27
C LYS J 478 17.58 -12.58 38.80
N TYR J 479 18.54 -12.77 37.88
CA TYR J 479 18.19 -12.75 36.46
C TYR J 479 17.27 -13.89 36.06
N PHE J 480 17.10 -14.89 36.92
CA PHE J 480 16.16 -15.98 36.70
C PHE J 480 15.07 -15.96 37.75
N ASP J 481 14.56 -14.78 38.08
CA ASP J 481 13.54 -14.67 39.10
C ASP J 481 12.12 -14.72 38.55
N CYS J 482 11.91 -14.18 37.35
CA CYS J 482 10.59 -14.20 36.74
C CYS J 482 10.16 -15.58 36.28
N TYR J 483 11.09 -16.52 36.16
CA TYR J 483 10.82 -17.86 35.66
C TYR J 483 10.27 -18.75 36.77
N ASP J 484 9.74 -19.89 36.37
CA ASP J 484 9.16 -20.86 37.30
C ASP J 484 9.38 -22.27 36.77
N GLY J 485 9.49 -23.24 37.69
CA GLY J 485 9.69 -24.61 37.30
C GLY J 485 9.59 -25.54 38.50
N GLY J 486 9.90 -26.80 38.25
CA GLY J 486 9.82 -27.82 39.28
C GLY J 486 9.63 -29.17 38.63
N CYS J 487 9.59 -30.20 39.46
CA CYS J 487 9.47 -31.56 38.97
C CYS J 487 8.12 -31.78 38.31
N ILE J 488 8.10 -32.66 37.32
CA ILE J 488 6.88 -33.06 36.64
C ILE J 488 6.84 -34.57 36.59
N ASN J 489 5.63 -35.11 36.54
CA ASN J 489 5.46 -36.54 36.45
C ASN J 489 5.73 -37.01 35.02
N ALA J 490 5.66 -38.33 34.83
CA ALA J 490 6.02 -38.89 33.53
C ALA J 490 4.99 -38.55 32.46
N ASN J 491 3.83 -38.02 32.85
CA ASN J 491 2.78 -37.78 31.86
C ASN J 491 2.92 -36.41 31.21
N GLN J 492 3.73 -35.53 31.78
CA GLN J 492 3.81 -34.15 31.32
C GLN J 492 5.03 -33.87 30.46
N VAL J 493 5.85 -34.87 30.16
CA VAL J 493 7.01 -34.66 29.30
C VAL J 493 6.53 -34.48 27.87
N ILE J 494 7.23 -33.64 27.12
CA ILE J 494 6.96 -33.43 25.71
C ILE J 494 8.28 -33.57 24.96
N VAL J 495 8.32 -34.48 23.99
CA VAL J 495 9.53 -34.79 23.25
C VAL J 495 9.37 -34.32 21.81
N ASN J 496 10.39 -33.63 21.30
CA ASN J 496 10.30 -33.06 19.96
C ASN J 496 10.28 -34.14 18.90
N ASN J 497 11.31 -34.97 18.84
CA ASN J 497 11.41 -36.04 17.86
C ASN J 497 11.83 -37.32 18.55
N LEU J 498 11.09 -38.40 18.28
CA LEU J 498 11.40 -39.69 18.89
C LEU J 498 12.37 -40.52 18.07
N ASP J 499 12.61 -40.15 16.81
CA ASP J 499 13.50 -40.90 15.94
C ASP J 499 14.94 -40.41 16.03
N LYS J 500 15.48 -40.32 17.24
CA LYS J 500 16.86 -39.91 17.45
C LYS J 500 17.61 -40.97 18.23
N SER J 501 18.91 -41.04 17.99
CA SER J 501 19.72 -42.11 18.56
C SER J 501 19.73 -42.04 20.07
N ALA J 502 19.92 -43.22 20.66
CA ALA J 502 19.99 -43.32 22.10
C ALA J 502 21.39 -43.35 22.62
N GLY J 503 22.31 -44.17 22.12
CA GLY J 503 23.64 -44.16 22.73
C GLY J 503 24.44 -45.44 22.63
N PHE J 504 25.57 -45.58 23.32
CA PHE J 504 26.34 -46.80 23.11
C PHE J 504 25.63 -47.99 23.63
N PRO J 505 25.03 -47.87 24.80
CA PRO J 505 24.73 -49.29 24.73
C PRO J 505 23.31 -49.55 24.36
N PHE J 506 22.70 -48.63 23.64
CA PHE J 506 21.33 -48.78 23.25
C PHE J 506 21.10 -48.66 21.74
N ASN J 507 21.81 -47.79 21.05
CA ASN J 507 21.53 -47.58 19.64
C ASN J 507 21.53 -48.86 18.85
N LYS J 508 22.27 -49.86 19.28
CA LYS J 508 22.40 -51.15 18.61
C LYS J 508 21.05 -51.81 18.33
N TRP J 509 20.01 -51.44 19.07
CA TRP J 509 18.75 -52.17 19.05
C TRP J 509 17.54 -51.35 18.63
N GLY J 510 17.62 -50.02 18.69
CA GLY J 510 16.45 -49.22 18.36
C GLY J 510 16.74 -47.75 18.57
N LYS J 511 15.66 -46.98 18.54
CA LYS J 511 15.73 -45.53 18.68
C LYS J 511 14.88 -45.13 19.89
N ALA J 512 14.95 -43.85 20.27
CA ALA J 512 14.35 -43.42 21.53
C ALA J 512 12.84 -43.65 21.56
N ARG J 513 12.20 -43.70 20.39
CA ARG J 513 10.79 -44.06 20.34
C ARG J 513 10.54 -45.38 21.04
N LEU J 514 11.38 -46.38 20.76
CA LEU J 514 11.18 -47.71 21.30
C LEU J 514 11.24 -47.70 22.82
N TYR J 515 12.19 -46.96 23.39
CA TYR J 515 12.33 -46.95 24.84
C TYR J 515 11.26 -46.12 25.53
N TYR J 516 10.89 -44.96 24.98
CA TYR J 516 9.77 -44.23 25.58
C TYR J 516 8.47 -45.03 25.50
N ASP J 517 8.28 -45.84 24.46
CA ASP J 517 7.00 -46.50 24.28
C ASP J 517 6.99 -47.95 24.75
N SER J 518 8.12 -48.47 25.23
CA SER J 518 8.13 -49.82 25.79
C SER J 518 7.85 -49.80 27.27
N MET J 519 8.53 -48.93 28.02
CA MET J 519 8.35 -48.83 29.45
C MET J 519 7.17 -47.91 29.76
N SER J 520 6.40 -48.25 30.79
CA SER J 520 5.20 -47.50 31.12
C SER J 520 5.56 -46.20 31.84
N TYR J 521 4.52 -45.41 32.13
CA TYR J 521 4.73 -44.20 32.93
C TYR J 521 5.19 -44.52 34.34
N GLU J 522 4.65 -45.58 34.93
CA GLU J 522 5.08 -45.96 36.27
C GLU J 522 6.56 -46.31 36.30
N ASP J 523 7.05 -47.03 35.29
CA ASP J 523 8.47 -47.36 35.25
C ASP J 523 9.33 -46.10 35.12
N GLN J 524 8.90 -45.15 34.30
CA GLN J 524 9.63 -43.90 34.17
C GLN J 524 9.68 -43.17 35.51
N ASP J 525 8.56 -43.11 36.21
CA ASP J 525 8.55 -42.46 37.52
C ASP J 525 9.46 -43.20 38.50
N ALA J 526 9.47 -44.53 38.43
CA ALA J 526 10.33 -45.30 39.31
C ALA J 526 11.80 -45.01 39.04
N LEU J 527 12.18 -44.92 37.77
CA LEU J 527 13.56 -44.58 37.43
C LEU J 527 13.90 -43.17 37.89
N PHE J 528 12.97 -42.24 37.71
CA PHE J 528 13.22 -40.87 38.16
C PHE J 528 13.43 -40.81 39.66
N ALA J 529 12.63 -41.55 40.42
CA ALA J 529 12.80 -41.57 41.88
C ALA J 529 14.06 -42.31 42.28
N TYR J 530 14.45 -43.33 41.53
CA TYR J 530 15.71 -44.03 41.79
C TYR J 530 16.90 -43.10 41.62
N THR J 531 16.87 -42.26 40.59
CA THR J 531 17.99 -41.35 40.38
C THR J 531 18.11 -40.28 41.45
N LYS J 532 17.09 -40.12 42.30
CA LYS J 532 17.20 -39.12 43.36
C LYS J 532 17.90 -39.63 44.60
N ARG J 533 18.29 -40.91 44.65
CA ARG J 533 19.14 -41.37 45.74
C ARG J 533 20.23 -42.32 45.28
N ASN J 534 20.73 -42.17 44.05
CA ASN J 534 21.87 -42.94 43.58
C ASN J 534 22.65 -42.13 42.56
N VAL J 535 23.64 -42.77 41.95
CA VAL J 535 24.40 -42.21 40.85
C VAL J 535 24.45 -43.24 39.72
N ILE J 536 24.31 -42.77 38.50
CA ILE J 536 24.25 -43.63 37.32
C ILE J 536 25.25 -43.13 36.29
N PRO J 537 26.46 -43.65 36.28
CA PRO J 537 27.41 -43.27 35.22
C PRO J 537 26.90 -43.72 33.87
N THR J 538 27.23 -42.95 32.83
CA THR J 538 26.78 -43.25 31.49
C THR J 538 27.94 -43.10 30.52
N ILE J 539 27.70 -43.48 29.27
CA ILE J 539 28.65 -43.30 28.19
C ILE J 539 28.00 -42.44 27.13
N THR J 540 28.67 -41.37 26.71
CA THR J 540 28.20 -40.51 25.65
C THR J 540 29.03 -40.79 24.41
N GLN J 541 28.37 -41.10 23.30
CA GLN J 541 29.11 -41.32 22.07
C GLN J 541 29.53 -39.99 21.46
N MET J 542 30.68 -40.01 20.78
CA MET J 542 31.23 -38.83 20.12
C MET J 542 31.07 -39.04 18.63
N ASN J 543 30.62 -38.00 17.93
CA ASN J 543 30.16 -38.11 16.57
C ASN J 543 30.76 -37.01 15.71
N LEU J 544 31.05 -37.34 14.46
CA LEU J 544 31.71 -36.44 13.52
C LEU J 544 30.66 -35.76 12.65
N LYS J 545 30.48 -34.45 12.86
CA LYS J 545 29.45 -33.71 12.16
C LYS J 545 29.76 -33.62 10.67
N TYR J 546 28.71 -33.38 9.88
CA TYR J 546 28.81 -33.30 8.42
C TYR J 546 27.96 -32.11 7.96
N ALA J 547 28.60 -30.95 7.84
CA ALA J 547 27.88 -29.73 7.48
C ALA J 547 28.86 -28.71 6.94
N ILE J 548 28.32 -27.61 6.45
CA ILE J 548 29.10 -26.57 5.79
C ILE J 548 29.69 -25.66 6.86
N SER J 549 30.87 -25.10 6.57
CA SER J 549 31.57 -24.24 7.52
C SER J 549 32.56 -23.36 6.78
N ALA J 550 33.03 -22.32 7.46
CA ALA J 550 33.97 -21.37 6.89
C ALA J 550 35.41 -21.66 7.25
N LYS J 551 35.69 -22.74 7.97
CA LYS J 551 37.05 -23.09 8.35
C LYS J 551 37.16 -24.61 8.47
N ASN J 552 38.31 -25.14 8.07
CA ASN J 552 38.51 -26.58 8.02
C ASN J 552 38.70 -27.11 9.44
N ARG J 553 37.61 -27.12 10.19
CA ARG J 553 37.60 -27.65 11.55
C ARG J 553 36.59 -28.78 11.61
N ALA J 554 37.02 -29.92 12.16
CA ALA J 554 36.17 -31.10 12.26
C ALA J 554 35.35 -30.99 13.54
N ARG J 555 34.31 -30.17 13.50
CA ARG J 555 33.44 -30.00 14.67
C ARG J 555 32.69 -31.30 14.94
N THR J 556 32.57 -31.65 16.21
CA THR J 556 31.91 -32.89 16.62
C THR J 556 30.70 -32.60 17.49
N VAL J 557 29.88 -33.62 17.66
CA VAL J 557 28.70 -33.57 18.51
C VAL J 557 28.72 -34.76 19.45
N ALA J 558 27.91 -34.70 20.49
CA ALA J 558 27.86 -35.75 21.50
C ALA J 558 26.46 -36.31 21.57
N GLY J 559 26.32 -37.61 21.33
CA GLY J 559 25.06 -38.30 21.53
C GLY J 559 25.02 -38.93 22.89
N VAL J 560 24.23 -38.35 23.80
CA VAL J 560 24.24 -38.83 25.17
C VAL J 560 23.28 -40.02 25.31
N SER J 561 23.51 -40.83 26.34
CA SER J 561 22.69 -42.01 26.56
C SER J 561 21.29 -41.60 27.00
N ILE J 562 20.41 -42.58 27.12
CA ILE J 562 18.99 -42.26 27.22
C ILE J 562 18.53 -42.12 28.67
N CYS J 563 19.20 -42.77 29.62
CA CYS J 563 18.85 -42.61 31.02
C CYS J 563 19.02 -41.16 31.44
N SER J 564 20.15 -40.56 31.06
CA SER J 564 20.34 -39.13 31.29
C SER J 564 19.26 -38.32 30.61
N THR J 565 18.83 -38.75 29.42
CA THR J 565 17.80 -38.00 28.71
C THR J 565 16.52 -37.93 29.51
N MET J 566 16.00 -39.08 29.96
CA MET J 566 14.76 -39.03 30.76
C MET J 566 14.97 -38.29 32.06
N THR J 567 16.06 -38.59 32.77
CA THR J 567 16.20 -38.09 34.13
C THR J 567 16.71 -36.66 34.17
N ASN J 568 17.01 -36.06 33.03
CA ASN J 568 17.19 -34.62 32.97
C ASN J 568 16.01 -33.93 32.33
N ARG J 569 15.28 -34.65 31.48
CA ARG J 569 14.09 -34.07 30.87
C ARG J 569 13.03 -33.81 31.92
N GLN J 570 12.75 -34.80 32.77
CA GLN J 570 11.65 -34.68 33.72
C GLN J 570 11.83 -33.52 34.70
N PHE J 571 12.97 -32.84 34.62
CA PHE J 571 13.35 -31.81 35.58
C PHE J 571 13.52 -30.47 34.89
N HIS J 572 14.42 -30.44 33.91
CA HIS J 572 14.63 -29.19 33.21
C HIS J 572 13.57 -28.90 32.16
N GLN J 573 12.67 -29.84 31.86
CA GLN J 573 11.58 -29.50 30.94
C GLN J 573 10.70 -28.41 31.53
N LYS J 574 10.22 -28.63 32.76
CA LYS J 574 9.46 -27.56 33.39
C LYS J 574 10.35 -26.41 33.78
N LEU J 575 11.63 -26.65 34.09
CA LEU J 575 12.47 -25.47 34.36
C LEU J 575 12.57 -24.55 33.14
N LEU J 576 12.68 -25.11 31.94
CA LEU J 576 13.07 -24.33 30.78
C LEU J 576 11.91 -23.89 29.90
N LYS J 577 10.78 -24.61 29.90
CA LYS J 577 9.67 -24.18 29.06
C LYS J 577 9.15 -22.81 29.50
N SER J 578 9.36 -22.44 30.76
CA SER J 578 9.05 -21.08 31.18
C SER J 578 10.01 -20.07 30.55
N ILE J 579 11.30 -20.41 30.50
CA ILE J 579 12.28 -19.48 29.94
C ILE J 579 12.03 -19.28 28.45
N ALA J 580 11.75 -20.37 27.74
CA ALA J 580 11.66 -20.28 26.28
C ALA J 580 10.42 -19.53 25.81
N ALA J 581 9.43 -19.32 26.68
CA ALA J 581 8.18 -18.69 26.30
C ALA J 581 8.01 -17.28 26.86
N THR J 582 9.05 -16.72 27.48
CA THR J 582 8.96 -15.41 28.11
C THR J 582 9.66 -14.37 27.25
N ARG J 583 9.01 -13.22 27.07
CA ARG J 583 9.53 -12.14 26.24
C ARG J 583 9.95 -10.96 27.12
N GLY J 584 10.98 -10.25 26.67
CA GLY J 584 11.43 -9.05 27.36
C GLY J 584 12.46 -9.26 28.45
N ALA J 585 13.06 -10.44 28.53
CA ALA J 585 14.08 -10.71 29.53
C ALA J 585 15.47 -10.71 28.90
N THR J 586 16.50 -10.70 29.76
CA THR J 586 17.87 -10.68 29.27
C THR J 586 18.18 -11.92 28.43
N VAL J 587 17.73 -13.09 28.88
CA VAL J 587 17.85 -14.29 28.08
C VAL J 587 16.81 -14.21 26.97
N VAL J 588 17.25 -14.43 25.73
CA VAL J 588 16.40 -14.15 24.57
C VAL J 588 16.09 -15.45 23.85
N ILE J 589 16.54 -16.57 24.41
CA ILE J 589 16.35 -17.86 23.75
C ILE J 589 14.87 -18.16 23.61
N GLY J 590 14.51 -18.75 22.48
CA GLY J 590 13.13 -19.11 22.20
C GLY J 590 12.27 -18.02 21.61
N THR J 591 12.86 -16.91 21.17
CA THR J 591 12.10 -15.84 20.55
C THR J 591 12.55 -15.66 19.10
N SER J 592 11.59 -15.67 18.18
CA SER J 592 11.91 -15.56 16.78
C SER J 592 12.26 -14.13 16.40
N LYS J 593 13.12 -14.00 15.40
CA LYS J 593 13.49 -12.71 14.86
C LYS J 593 12.49 -12.19 13.85
N PHE J 594 11.58 -13.04 13.38
CA PHE J 594 10.60 -12.67 12.37
C PHE J 594 9.47 -11.86 12.98
N TYR J 595 8.67 -11.26 12.10
CA TYR J 595 7.51 -10.47 12.50
C TYR J 595 7.90 -9.36 13.47
N GLY J 596 9.04 -8.72 13.20
CA GLY J 596 9.51 -7.63 14.02
C GLY J 596 10.16 -8.03 15.33
N GLY J 597 10.45 -9.32 15.53
CA GLY J 597 11.05 -9.74 16.78
C GLY J 597 12.43 -9.17 16.99
N TRP J 598 13.23 -9.09 15.93
CA TRP J 598 14.60 -8.57 16.04
C TRP J 598 14.58 -7.10 16.47
N HIS J 599 13.68 -6.31 15.89
CA HIS J 599 13.54 -4.91 16.28
C HIS J 599 13.12 -4.79 17.73
N ASN J 600 12.19 -5.64 18.18
CA ASN J 600 11.77 -5.61 19.57
C ASN J 600 12.93 -5.95 20.50
N MET J 601 13.73 -6.94 20.10
CA MET J 601 14.92 -7.28 20.88
C MET J 601 15.84 -6.08 21.03
N LEU J 602 16.14 -5.41 19.91
CA LEU J 602 17.04 -4.26 19.97
C LEU J 602 16.47 -3.14 20.81
N LYS J 603 15.17 -2.87 20.67
CA LYS J 603 14.55 -1.83 21.50
C LYS J 603 14.64 -2.18 22.98
N THR J 604 14.52 -3.47 23.31
CA THR J 604 14.70 -3.88 24.69
C THR J 604 16.14 -3.68 25.16
N VAL J 605 17.12 -3.93 24.28
CA VAL J 605 18.51 -3.74 24.66
C VAL J 605 18.80 -2.28 24.96
N TYR J 606 18.16 -1.35 24.24
CA TYR J 606 18.43 0.07 24.38
C TYR J 606 17.54 0.67 25.45
N SER J 607 17.12 -0.15 26.41
CA SER J 607 16.20 0.30 27.45
C SER J 607 16.85 1.29 28.40
N ASP J 608 16.65 2.58 28.14
CA ASP J 608 17.02 3.65 29.06
C ASP J 608 18.52 3.70 29.33
N VAL J 609 19.33 3.43 28.32
CA VAL J 609 20.77 3.57 28.45
C VAL J 609 21.14 5.03 28.26
N GLU J 610 21.87 5.59 29.23
CA GLU J 610 22.12 7.03 29.24
C GLU J 610 23.07 7.43 28.13
N ASN J 611 24.29 6.92 28.15
CA ASN J 611 25.24 7.17 27.06
C ASN J 611 25.48 5.86 26.34
N PRO J 612 24.66 5.52 25.36
CA PRO J 612 24.62 4.13 24.86
C PRO J 612 25.72 3.83 23.86
N HIS J 613 26.43 2.74 24.10
CA HIS J 613 27.31 2.14 23.11
C HIS J 613 27.18 0.63 23.14
N LEU J 614 27.43 -0.01 22.01
CA LEU J 614 27.25 -1.45 21.87
C LEU J 614 28.60 -2.16 21.94
N MET J 615 28.60 -3.34 22.54
CA MET J 615 29.80 -4.14 22.69
C MET J 615 29.44 -5.61 22.54
N GLY J 616 30.30 -6.34 21.84
CA GLY J 616 30.13 -7.77 21.68
C GLY J 616 31.46 -8.48 21.84
N TRP J 617 31.37 -9.75 22.21
CA TRP J 617 32.57 -10.57 22.39
C TRP J 617 32.24 -11.98 21.95
N ASP J 618 33.28 -12.82 21.92
CA ASP J 618 33.08 -14.24 21.69
C ASP J 618 34.23 -14.98 22.36
N TYR J 619 33.88 -16.00 23.14
CA TYR J 619 34.87 -16.71 23.94
C TYR J 619 35.74 -17.58 23.02
N PRO J 620 37.02 -17.73 23.33
CA PRO J 620 37.91 -18.50 22.45
C PRO J 620 37.42 -19.91 22.18
N LYS J 621 37.23 -20.70 23.25
CA LYS J 621 36.65 -22.04 23.15
C LYS J 621 35.69 -22.19 24.33
N CYS J 622 34.43 -21.83 24.10
CA CYS J 622 33.46 -21.81 25.19
C CYS J 622 33.23 -23.20 25.75
N ASP J 623 33.13 -24.21 24.87
CA ASP J 623 32.69 -25.52 25.31
C ASP J 623 33.81 -26.39 25.86
N ARG J 624 35.05 -26.14 25.45
CA ARG J 624 36.14 -27.03 25.86
C ARG J 624 37.11 -26.40 26.84
N ALA J 625 36.77 -25.25 27.43
CA ALA J 625 37.63 -24.61 28.41
C ALA J 625 36.89 -24.20 29.67
N MET J 626 35.56 -24.25 29.67
CA MET J 626 34.76 -23.86 30.83
C MET J 626 35.21 -24.60 32.07
N PRO J 627 35.73 -23.92 33.08
CA PRO J 627 36.24 -24.62 34.26
C PRO J 627 35.11 -25.36 34.98
N ASN J 628 35.49 -26.36 35.75
CA ASN J 628 34.51 -27.22 36.39
C ASN J 628 33.58 -26.43 37.33
N MET J 629 34.15 -25.52 38.10
CA MET J 629 33.35 -24.80 39.09
C MET J 629 32.23 -24.02 38.44
N LEU J 630 32.48 -23.37 37.31
CA LEU J 630 31.41 -22.58 36.72
C LEU J 630 30.29 -23.46 36.17
N ARG J 631 30.61 -24.66 35.68
CA ARG J 631 29.54 -25.58 35.29
C ARG J 631 28.73 -26.04 36.49
N ILE J 632 29.41 -26.34 37.61
CA ILE J 632 28.66 -26.69 38.82
C ILE J 632 27.76 -25.53 39.24
N MET J 633 28.27 -24.31 39.12
CA MET J 633 27.47 -23.14 39.45
C MET J 633 26.25 -23.02 38.56
N ALA J 634 26.41 -23.28 37.26
CA ALA J 634 25.27 -23.23 36.36
C ALA J 634 24.22 -24.26 36.75
N SER J 635 24.65 -25.50 36.99
CA SER J 635 23.69 -26.52 37.43
C SER J 635 23.00 -26.12 38.72
N LEU J 636 23.74 -25.52 39.65
CA LEU J 636 23.15 -25.12 40.92
C LEU J 636 22.11 -24.02 40.75
N VAL J 637 22.42 -22.99 39.96
CA VAL J 637 21.47 -21.90 39.82
C VAL J 637 20.31 -22.32 38.95
N LEU J 638 20.44 -23.40 38.19
CA LEU J 638 19.25 -23.96 37.53
C LEU J 638 18.43 -24.81 38.49
N ALA J 639 19.08 -25.52 39.40
CA ALA J 639 18.37 -26.37 40.36
C ALA J 639 17.80 -25.57 41.53
N ARG J 640 18.11 -24.28 41.63
CA ARG J 640 17.55 -23.47 42.70
C ARG J 640 16.03 -23.47 42.72
N LYS J 641 15.37 -23.71 41.59
CA LYS J 641 13.92 -23.61 41.53
C LYS J 641 13.20 -24.79 42.17
N HIS J 642 13.90 -25.58 42.99
CA HIS J 642 13.33 -26.75 43.64
C HIS J 642 13.33 -26.62 45.15
N THR J 643 12.97 -25.44 45.67
CA THR J 643 12.91 -25.25 47.11
C THR J 643 11.74 -26.00 47.75
N THR J 644 10.78 -26.45 46.97
CA THR J 644 9.57 -27.07 47.50
C THR J 644 9.45 -28.56 47.18
N CYS J 645 9.71 -28.94 45.93
CA CYS J 645 9.40 -30.29 45.46
C CYS J 645 10.30 -31.37 46.03
N CYS J 646 11.48 -31.03 46.54
CA CYS J 646 12.44 -32.04 46.98
C CYS J 646 13.20 -31.58 48.21
N SER J 647 13.77 -32.54 48.93
CA SER J 647 14.62 -32.26 50.07
C SER J 647 16.04 -32.01 49.62
N LEU J 648 16.90 -31.64 50.56
CA LEU J 648 18.28 -31.29 50.22
C LEU J 648 19.02 -32.48 49.61
N SER J 649 18.85 -33.67 50.19
CA SER J 649 19.58 -34.83 49.70
C SER J 649 19.20 -35.15 48.27
N HIS J 650 17.91 -34.98 47.93
CA HIS J 650 17.49 -35.21 46.56
C HIS J 650 18.15 -34.23 45.60
N ARG J 651 18.22 -32.95 45.98
CA ARG J 651 18.92 -31.99 45.15
C ARG J 651 20.37 -32.37 44.97
N PHE J 652 21.04 -32.75 46.06
CA PHE J 652 22.45 -33.08 45.97
C PHE J 652 22.66 -34.29 45.08
N TYR J 653 21.76 -35.27 45.14
CA TYR J 653 21.96 -36.45 44.30
C TYR J 653 21.64 -36.14 42.84
N ARG J 654 20.67 -35.27 42.58
CA ARG J 654 20.45 -34.85 41.20
C ARG J 654 21.68 -34.16 40.64
N LEU J 655 22.28 -33.25 41.42
CA LEU J 655 23.49 -32.59 40.97
C LEU J 655 24.63 -33.59 40.78
N ALA J 656 24.71 -34.59 41.66
CA ALA J 656 25.74 -35.59 41.51
C ALA J 656 25.59 -36.37 40.21
N ASN J 657 24.36 -36.73 39.86
CA ASN J 657 24.15 -37.43 38.59
C ASN J 657 24.45 -36.53 37.40
N GLU J 658 24.10 -35.25 37.50
CA GLU J 658 24.43 -34.33 36.41
C GLU J 658 25.93 -34.26 36.19
N CYS J 659 26.69 -34.06 37.26
CA CYS J 659 28.14 -33.96 37.10
C CYS J 659 28.77 -35.32 36.84
N ALA J 660 28.01 -36.39 37.03
CA ALA J 660 28.56 -37.71 36.75
C ALA J 660 28.33 -38.15 35.32
N GLN J 661 27.33 -37.61 34.63
CA GLN J 661 27.13 -38.00 33.25
C GLN J 661 27.20 -36.85 32.25
N VAL J 662 27.54 -35.64 32.67
CA VAL J 662 27.70 -34.56 31.71
C VAL J 662 29.06 -33.87 31.88
N LEU J 663 29.60 -33.89 33.09
CA LEU J 663 30.87 -33.23 33.30
C LEU J 663 32.06 -34.14 33.10
N SER J 664 32.24 -35.15 33.94
CA SER J 664 33.42 -35.99 33.85
C SER J 664 33.00 -37.44 33.70
N GLU J 665 32.66 -37.80 32.47
CA GLU J 665 32.13 -39.12 32.17
C GLU J 665 33.08 -39.80 31.20
N MET J 666 32.69 -40.96 30.69
CA MET J 666 33.50 -41.69 29.73
C MET J 666 32.89 -41.53 28.35
N VAL J 667 33.71 -41.13 27.39
CA VAL J 667 33.29 -40.99 26.00
C VAL J 667 33.96 -42.11 25.22
N MET J 668 33.19 -42.77 24.36
CA MET J 668 33.76 -43.84 23.54
C MET J 668 33.96 -43.26 22.16
N CYS J 669 35.22 -43.03 21.81
CA CYS J 669 35.60 -42.38 20.55
C CYS J 669 36.39 -43.38 19.72
N GLY J 670 35.79 -43.85 18.63
CA GLY J 670 36.44 -44.85 17.81
C GLY J 670 36.63 -46.17 18.53
N GLY J 671 35.59 -46.64 19.20
CA GLY J 671 35.66 -47.91 19.90
C GLY J 671 36.65 -47.96 21.03
N SER J 672 36.72 -46.90 21.84
CA SER J 672 37.63 -46.87 22.98
C SER J 672 37.12 -45.86 23.98
N LEU J 673 37.29 -46.18 25.25
CA LEU J 673 36.78 -45.35 26.34
C LEU J 673 37.86 -44.41 26.83
N TYR J 674 37.57 -43.11 26.81
CA TYR J 674 38.44 -42.08 27.35
C TYR J 674 37.68 -41.27 28.38
N VAL J 675 38.41 -40.74 29.36
CA VAL J 675 37.83 -39.94 30.43
C VAL J 675 37.86 -38.48 30.01
N LYS J 676 36.75 -37.79 30.18
CA LYS J 676 36.66 -36.39 29.81
C LYS J 676 37.14 -35.52 30.96
N PRO J 677 38.24 -34.79 30.80
CA PRO J 677 38.74 -34.00 31.95
C PRO J 677 37.74 -32.99 32.46
N GLY J 678 36.93 -32.43 31.59
CA GLY J 678 35.97 -31.43 32.01
C GLY J 678 35.22 -30.82 30.84
N GLY J 679 35.08 -29.51 30.84
CA GLY J 679 34.35 -28.89 29.76
C GLY J 679 32.89 -29.26 29.82
N THR J 680 32.21 -29.07 28.69
CA THR J 680 30.78 -29.35 28.60
C THR J 680 30.53 -30.13 27.31
N SER J 681 29.44 -30.91 27.30
CA SER J 681 29.09 -31.71 26.14
C SER J 681 27.85 -31.09 25.51
N SER J 682 27.95 -30.76 24.23
CA SER J 682 26.79 -30.26 23.49
C SER J 682 25.98 -31.45 23.00
N GLY J 683 24.78 -31.60 23.55
CA GLY J 683 23.97 -32.76 23.23
C GLY J 683 23.17 -33.26 24.41
N ASP J 684 23.34 -32.65 25.57
CA ASP J 684 22.41 -32.90 26.66
C ASP J 684 21.19 -32.00 26.48
N ALA J 685 20.35 -31.95 27.51
CA ALA J 685 19.15 -31.13 27.40
C ALA J 685 19.37 -29.68 27.80
N THR J 686 20.49 -29.36 28.43
CA THR J 686 20.68 -28.05 29.03
C THR J 686 22.07 -27.49 28.70
N THR J 687 22.43 -27.46 27.42
CA THR J 687 23.70 -26.85 27.07
C THR J 687 23.55 -25.36 26.84
N ALA J 688 22.57 -24.95 26.03
CA ALA J 688 22.42 -23.54 25.70
C ALA J 688 22.12 -22.70 26.93
N TYR J 689 21.25 -23.19 27.81
CA TYR J 689 20.89 -22.40 28.98
C TYR J 689 22.04 -22.35 29.97
N ALA J 690 22.78 -23.45 30.12
CA ALA J 690 23.95 -23.42 30.98
C ALA J 690 24.98 -22.42 30.46
N ASN J 691 25.16 -22.36 29.14
CA ASN J 691 26.08 -21.36 28.58
C ASN J 691 25.56 -19.95 28.79
N SER J 692 24.25 -19.77 28.74
CA SER J 692 23.69 -18.45 29.07
C SER J 692 24.02 -18.05 30.50
N VAL J 693 23.86 -18.98 31.43
CA VAL J 693 24.21 -18.71 32.83
C VAL J 693 25.68 -18.37 32.95
N PHE J 694 26.54 -19.14 32.28
CA PHE J 694 27.97 -18.86 32.34
C PHE J 694 28.29 -17.48 31.79
N ASN J 695 27.65 -17.09 30.68
CA ASN J 695 27.88 -15.77 30.11
C ASN J 695 27.49 -14.67 31.09
N ILE J 696 26.32 -14.81 31.71
CA ILE J 696 25.88 -13.83 32.69
C ILE J 696 26.87 -13.73 33.85
N CYS J 697 27.34 -14.89 34.32
CA CYS J 697 28.29 -14.90 35.43
C CYS J 697 29.58 -14.18 35.05
N GLN J 698 30.11 -14.44 33.86
CA GLN J 698 31.33 -13.77 33.45
C GLN J 698 31.12 -12.27 33.34
N ALA J 699 29.98 -11.84 32.79
CA ALA J 699 29.72 -10.42 32.67
C ALA J 699 29.69 -9.74 34.03
N VAL J 700 28.95 -10.32 34.98
CA VAL J 700 28.81 -9.67 36.28
C VAL J 700 30.14 -9.68 37.04
N THR J 701 30.90 -10.78 36.97
CA THR J 701 32.17 -10.78 37.68
C THR J 701 33.14 -9.80 37.05
N ALA J 702 33.06 -9.62 35.72
CA ALA J 702 33.87 -8.58 35.09
C ALA J 702 33.49 -7.20 35.59
N ASN J 703 32.18 -6.95 35.74
CA ASN J 703 31.74 -5.67 36.27
C ASN J 703 32.29 -5.43 37.68
N VAL J 704 32.19 -6.42 38.56
CA VAL J 704 32.66 -6.25 39.93
C VAL J 704 34.17 -6.03 39.96
N ASN J 705 34.90 -6.85 39.20
CA ASN J 705 36.36 -6.73 39.16
C ASN J 705 36.77 -5.37 38.62
N ALA J 706 36.01 -4.83 37.68
CA ALA J 706 36.29 -3.49 37.18
C ALA J 706 36.05 -2.44 38.26
N LEU J 707 34.92 -2.52 38.96
CA LEU J 707 34.57 -1.47 39.90
C LEU J 707 35.47 -1.47 41.12
N LEU J 708 36.01 -2.63 41.51
CA LEU J 708 36.92 -2.64 42.65
C LEU J 708 38.37 -2.37 42.25
N SER J 709 38.68 -2.36 40.97
CA SER J 709 40.01 -1.97 40.52
C SER J 709 40.20 -0.46 40.48
N THR J 710 39.12 0.31 40.59
CA THR J 710 39.19 1.76 40.55
C THR J 710 39.87 2.31 41.79
N ASP J 711 40.44 3.51 41.66
CA ASP J 711 41.16 4.13 42.77
C ASP J 711 40.23 4.35 43.97
N GLY J 712 39.03 4.86 43.71
CA GLY J 712 38.08 5.07 44.79
C GLY J 712 38.23 6.39 45.49
N ASN J 713 39.25 7.17 45.10
CA ASN J 713 39.36 8.53 45.63
C ASN J 713 39.06 9.57 44.57
N LYS J 714 39.45 9.31 43.32
CA LYS J 714 39.09 10.19 42.21
C LYS J 714 37.63 10.06 41.83
N ILE J 715 36.94 9.03 42.33
CA ILE J 715 35.54 8.80 42.01
C ILE J 715 34.71 9.96 42.55
N ALA J 716 33.78 10.45 41.73
CA ALA J 716 33.08 11.70 42.03
C ALA J 716 31.76 11.49 42.74
N ASP J 717 30.86 10.68 42.20
CA ASP J 717 29.50 10.55 42.72
C ASP J 717 29.55 9.85 44.07
N LYS J 718 28.88 10.43 45.07
CA LYS J 718 28.85 9.84 46.40
C LYS J 718 28.13 8.50 46.40
N TYR J 719 27.08 8.37 45.59
CA TYR J 719 26.35 7.11 45.52
C TYR J 719 27.27 5.98 45.06
N VAL J 720 28.07 6.21 44.03
CA VAL J 720 28.95 5.16 43.53
C VAL J 720 30.03 4.83 44.55
N ARG J 721 30.53 5.83 45.27
CA ARG J 721 31.55 5.56 46.29
C ARG J 721 30.97 4.72 47.43
N ASN J 722 29.76 5.06 47.88
CA ASN J 722 29.10 4.24 48.89
C ASN J 722 28.87 2.83 48.38
N LEU J 723 28.48 2.71 47.11
CA LEU J 723 28.31 1.40 46.48
C LEU J 723 29.60 0.61 46.52
N GLN J 724 30.72 1.25 46.20
CA GLN J 724 32.01 0.57 46.23
C GLN J 724 32.36 0.09 47.63
N HIS J 725 32.24 0.97 48.63
CA HIS J 725 32.55 0.56 49.99
C HIS J 725 31.67 -0.60 50.44
N ARG J 726 30.35 -0.48 50.24
N ARG J 726 30.36 -0.47 50.20
CA ARG J 726 29.48 -1.56 50.69
CA ARG J 726 29.41 -1.49 50.62
C ARG J 726 29.69 -2.84 49.91
C ARG J 726 29.67 -2.81 49.90
N LEU J 727 30.07 -2.75 48.64
CA LEU J 727 30.33 -3.96 47.86
C LEU J 727 31.56 -4.68 48.40
N TYR J 728 32.63 -3.95 48.70
CA TYR J 728 33.78 -4.60 49.33
C TYR J 728 33.39 -5.22 50.66
N GLU J 729 32.62 -4.49 51.47
CA GLU J 729 32.20 -5.02 52.76
C GLU J 729 31.41 -6.31 52.61
N CYS J 730 30.50 -6.36 51.64
CA CYS J 730 29.68 -7.55 51.42
C CYS J 730 30.46 -8.72 50.84
N LEU J 731 31.49 -8.47 50.04
CA LEU J 731 32.32 -9.55 49.53
C LEU J 731 33.25 -10.13 50.59
N TYR J 732 34.13 -9.31 51.16
CA TYR J 732 35.16 -9.85 52.04
C TYR J 732 34.88 -9.65 53.52
N ARG J 733 33.66 -9.25 53.90
CA ARG J 733 33.39 -9.07 55.33
C ARG J 733 32.00 -9.53 55.76
N ASN J 734 31.28 -10.28 54.93
CA ASN J 734 29.97 -10.81 55.30
C ASN J 734 29.90 -12.31 55.02
N ARG J 735 29.53 -13.08 56.04
CA ARG J 735 29.38 -14.52 55.92
C ARG J 735 28.02 -14.92 55.39
N ASP J 736 27.06 -13.99 55.39
CA ASP J 736 25.70 -14.27 54.95
C ASP J 736 25.33 -13.44 53.73
N VAL J 737 24.16 -13.71 53.17
CA VAL J 737 23.69 -12.95 52.01
C VAL J 737 22.95 -11.72 52.48
N ASP J 738 23.07 -10.64 51.71
CA ASP J 738 22.33 -9.41 51.94
C ASP J 738 21.39 -9.16 50.77
N THR J 739 20.10 -9.37 50.99
CA THR J 739 19.12 -9.18 49.92
C THR J 739 19.05 -7.73 49.47
N ASP J 740 19.13 -6.80 50.42
CA ASP J 740 19.00 -5.39 50.08
C ASP J 740 20.07 -4.94 49.11
N PHE J 741 21.34 -5.22 49.44
CA PHE J 741 22.42 -4.73 48.61
C PHE J 741 22.47 -5.42 47.26
N VAL J 742 22.12 -6.71 47.20
CA VAL J 742 22.11 -7.37 45.90
C VAL J 742 20.97 -6.82 45.04
N ASN J 743 19.83 -6.52 45.66
CA ASN J 743 18.77 -5.83 44.93
C ASN J 743 19.27 -4.51 44.35
N GLU J 744 19.93 -3.71 45.17
CA GLU J 744 20.41 -2.41 44.72
C GLU J 744 21.44 -2.56 43.60
N PHE J 745 22.35 -3.52 43.74
CA PHE J 745 23.41 -3.71 42.77
C PHE J 745 22.86 -4.23 41.44
N TYR J 746 21.88 -5.15 41.51
CA TYR J 746 21.22 -5.61 40.30
C TYR J 746 20.51 -4.46 39.61
N ALA J 747 19.85 -3.60 40.38
CA ALA J 747 19.22 -2.42 39.79
C ALA J 747 20.26 -1.54 39.12
N TYR J 748 21.43 -1.37 39.76
CA TYR J 748 22.50 -0.56 39.21
C TYR J 748 22.95 -1.07 37.85
N LEU J 749 23.30 -2.36 37.76
CA LEU J 749 23.74 -2.90 36.49
C LEU J 749 22.63 -2.85 35.44
N ARG J 750 21.40 -3.22 35.82
CA ARG J 750 20.32 -3.22 34.85
C ARG J 750 20.06 -1.81 34.32
N LYS J 751 20.30 -0.79 35.15
CA LYS J 751 20.18 0.59 34.68
C LYS J 751 21.31 0.97 33.74
N HIS J 752 22.55 0.61 34.10
CA HIS J 752 23.71 1.16 33.40
C HIS J 752 24.41 0.18 32.48
N PHE J 753 24.06 -1.12 32.52
CA PHE J 753 24.84 -2.10 31.77
C PHE J 753 23.86 -3.23 31.39
N SER J 754 23.28 -3.10 30.19
CA SER J 754 22.17 -3.96 29.78
C SER J 754 22.68 -5.04 28.84
N MET J 755 22.29 -6.28 29.08
CA MET J 755 22.76 -7.42 28.30
C MET J 755 21.60 -8.12 27.60
N MET J 756 21.92 -8.73 26.47
CA MET J 756 21.02 -9.64 25.77
C MET J 756 21.83 -10.85 25.35
N ILE J 757 21.41 -12.03 25.80
CA ILE J 757 22.24 -13.23 25.85
C ILE J 757 21.55 -14.34 25.09
N LEU J 758 22.31 -15.06 24.27
CA LEU J 758 21.81 -16.27 23.60
C LEU J 758 22.96 -17.26 23.57
N SER J 759 22.84 -18.33 24.37
CA SER J 759 23.86 -19.38 24.47
C SER J 759 25.19 -18.72 24.83
N ASP J 760 26.26 -18.91 24.06
CA ASP J 760 27.55 -18.33 24.38
C ASP J 760 27.76 -16.96 23.77
N ASP J 761 26.76 -16.41 23.07
CA ASP J 761 26.91 -15.12 22.40
C ASP J 761 26.14 -14.04 23.14
N ALA J 762 26.65 -12.81 23.08
CA ALA J 762 26.13 -11.75 23.92
C ALA J 762 26.19 -10.42 23.18
N VAL J 763 25.28 -9.52 23.53
CA VAL J 763 25.30 -8.13 23.07
C VAL J 763 24.99 -7.24 24.26
N VAL J 764 25.85 -6.26 24.53
CA VAL J 764 25.68 -5.41 25.70
C VAL J 764 25.64 -3.94 25.27
N CYS J 765 24.70 -3.19 25.83
CA CYS J 765 24.65 -1.74 25.69
C CYS J 765 25.08 -1.13 27.01
N PHE J 766 26.02 -0.21 26.95
CA PHE J 766 26.67 0.31 28.16
C PHE J 766 26.83 1.81 28.09
N ASN J 767 26.91 2.41 29.29
CA ASN J 767 27.13 3.83 29.49
C ASN J 767 28.60 4.17 29.25
N SER J 768 28.85 5.13 28.35
CA SER J 768 30.23 5.47 28.00
C SER J 768 30.96 6.13 29.16
N THR J 769 30.32 7.05 29.86
CA THR J 769 30.99 7.80 30.91
C THR J 769 31.45 6.88 32.03
N TYR J 770 30.58 5.96 32.44
CA TYR J 770 30.92 5.05 33.53
C TYR J 770 32.07 4.13 33.11
N ALA J 771 32.09 3.71 31.85
CA ALA J 771 33.18 2.86 31.36
C ALA J 771 34.49 3.62 31.31
N SER J 772 34.45 4.87 30.83
CA SER J 772 35.66 5.69 30.77
C SER J 772 36.21 5.97 32.16
N GLN J 773 35.32 6.17 33.13
CA GLN J 773 35.75 6.42 34.51
C GLN J 773 36.02 5.14 35.28
N GLY J 774 35.85 3.97 34.65
CA GLY J 774 36.07 2.72 35.32
C GLY J 774 34.94 2.27 36.23
N LEU J 775 33.78 2.90 36.14
CA LEU J 775 32.64 2.52 36.98
C LEU J 775 31.97 1.25 36.51
N VAL J 776 32.04 0.91 35.23
CA VAL J 776 31.52 -0.34 34.69
C VAL J 776 32.60 -1.00 33.85
N ALA J 777 32.40 -2.28 33.57
CA ALA J 777 33.40 -3.07 32.89
C ALA J 777 33.57 -2.62 31.44
N SER J 778 34.77 -2.79 30.92
CA SER J 778 35.07 -2.51 29.52
C SER J 778 35.74 -3.74 28.91
N ILE J 779 36.25 -3.60 27.68
CA ILE J 779 36.94 -4.72 27.04
C ILE J 779 38.15 -5.19 27.83
N LYS J 780 38.87 -4.28 28.46
CA LYS J 780 40.07 -4.61 29.22
C LYS J 780 39.76 -5.49 30.43
N ASN J 781 38.83 -5.07 31.28
CA ASN J 781 38.50 -5.84 32.47
C ASN J 781 37.95 -7.22 32.10
N PHE J 782 37.06 -7.28 31.12
CA PHE J 782 36.50 -8.51 30.61
C PHE J 782 37.58 -9.45 30.10
N LYS J 783 38.55 -8.93 29.35
CA LYS J 783 39.66 -9.77 28.90
C LYS J 783 40.47 -10.28 30.09
N SER J 784 40.68 -9.42 31.09
CA SER J 784 41.40 -9.87 32.28
C SER J 784 40.65 -11.01 32.98
N VAL J 785 39.32 -10.89 33.08
CA VAL J 785 38.53 -11.91 33.75
C VAL J 785 38.63 -13.23 33.00
N LEU J 786 38.47 -13.18 31.68
CA LEU J 786 38.66 -14.40 30.90
C LEU J 786 40.04 -14.99 31.12
N TYR J 787 41.06 -14.15 31.21
CA TYR J 787 42.41 -14.68 31.41
C TYR J 787 42.54 -15.42 32.72
N TYR J 788 42.08 -14.82 33.83
CA TYR J 788 42.39 -15.50 35.08
C TYR J 788 41.27 -16.42 35.56
N GLN J 789 40.20 -16.62 34.77
CA GLN J 789 39.17 -17.54 35.18
C GLN J 789 38.76 -18.52 34.09
N ASN J 790 39.37 -18.48 32.91
CA ASN J 790 39.11 -19.49 31.89
C ASN J 790 40.36 -20.05 31.23
N ASN J 791 41.55 -19.60 31.62
CA ASN J 791 42.80 -20.11 31.06
C ASN J 791 42.90 -19.87 29.55
N VAL J 792 42.21 -18.83 29.07
CA VAL J 792 42.23 -18.49 27.65
C VAL J 792 42.40 -16.99 27.50
N PHE J 793 43.17 -16.59 26.50
CA PHE J 793 43.35 -15.18 26.16
C PHE J 793 42.51 -14.86 24.93
N MET J 794 41.55 -13.95 25.09
CA MET J 794 40.71 -13.51 23.98
C MET J 794 41.45 -12.43 23.21
N SER J 795 41.42 -12.51 21.88
CA SER J 795 42.05 -11.52 21.04
C SER J 795 41.02 -10.49 20.57
N GLU J 796 41.46 -9.60 19.69
CA GLU J 796 40.58 -8.55 19.18
C GLU J 796 39.68 -9.05 18.06
N ALA J 797 40.04 -10.15 17.40
CA ALA J 797 39.25 -10.66 16.30
C ALA J 797 37.96 -11.32 16.77
N LYS J 798 37.78 -11.50 18.07
CA LYS J 798 36.58 -12.12 18.62
C LYS J 798 35.70 -11.13 19.37
N CYS J 799 36.08 -9.87 19.45
CA CYS J 799 35.32 -8.85 20.15
C CYS J 799 35.23 -7.59 19.31
N TRP J 800 34.08 -6.91 19.39
CA TRP J 800 33.83 -5.72 18.62
C TRP J 800 33.17 -4.67 19.51
N THR J 801 33.35 -3.40 19.11
CA THR J 801 32.69 -2.29 19.77
C THR J 801 31.93 -1.49 18.71
N GLU J 802 31.02 -0.64 19.16
CA GLU J 802 30.24 0.19 18.26
C GLU J 802 29.79 1.44 19.00
N THR J 803 30.19 2.60 18.48
CA THR J 803 29.81 3.89 19.07
C THR J 803 28.50 4.43 18.52
N ASP J 804 28.03 3.92 17.39
CA ASP J 804 26.78 4.37 16.77
C ASP J 804 25.73 3.30 16.99
N LEU J 805 24.80 3.56 17.90
CA LEU J 805 23.76 2.60 18.23
C LEU J 805 22.69 2.48 17.16
N THR J 806 22.58 3.47 16.28
CA THR J 806 21.58 3.41 15.21
C THR J 806 21.94 2.42 14.11
N LYS J 807 23.18 1.96 14.06
CA LYS J 807 23.59 0.91 13.13
C LYS J 807 23.28 -0.48 13.64
N GLY J 808 22.98 -0.63 14.93
CA GLY J 808 22.79 -1.92 15.53
C GLY J 808 24.11 -2.59 15.85
N PRO J 809 24.05 -3.79 16.41
CA PRO J 809 25.29 -4.53 16.68
C PRO J 809 25.94 -4.98 15.38
N HIS J 810 27.26 -5.17 15.44
CA HIS J 810 27.98 -5.61 14.24
C HIS J 810 27.60 -7.03 13.86
N GLU J 811 27.37 -7.89 14.85
CA GLU J 811 27.06 -9.29 14.58
C GLU J 811 26.35 -9.89 15.77
N PHE J 812 25.37 -10.74 15.49
CA PHE J 812 24.66 -11.49 16.52
C PHE J 812 24.10 -12.76 15.89
N CYS J 813 24.51 -13.91 16.42
CA CYS J 813 24.11 -15.21 15.88
C CYS J 813 24.41 -15.31 14.39
N SER J 814 25.56 -14.77 13.98
CA SER J 814 25.97 -14.68 12.58
C SER J 814 24.93 -13.98 11.72
N GLN J 815 24.28 -12.94 12.26
CA GLN J 815 23.33 -12.13 11.54
C GLN J 815 23.71 -10.67 11.70
N HIS J 816 23.79 -9.94 10.59
CA HIS J 816 24.15 -8.53 10.65
C HIS J 816 22.89 -7.67 10.73
N THR J 817 22.99 -6.58 11.47
CA THR J 817 21.86 -5.68 11.69
C THR J 817 21.96 -4.48 10.77
N MET J 818 20.83 -4.13 10.14
CA MET J 818 20.82 -2.98 9.24
C MET J 818 19.46 -2.29 9.31
N LEU J 819 19.47 -0.97 9.36
CA LEU J 819 18.26 -0.18 9.65
C LEU J 819 17.63 0.32 8.35
N VAL J 820 16.35 0.04 8.18
CA VAL J 820 15.62 0.53 7.01
C VAL J 820 14.23 1.02 7.37
N LYS J 821 13.47 1.39 6.34
CA LYS J 821 12.16 2.03 6.43
C LYS J 821 11.12 1.09 5.85
N GLN J 822 10.02 0.88 6.58
CA GLN J 822 8.91 0.09 6.05
C GLN J 822 7.62 0.53 6.76
N GLY J 823 6.65 1.00 5.98
CA GLY J 823 5.37 1.36 6.54
C GLY J 823 5.41 2.57 7.46
N ASP J 824 6.06 3.64 7.00
CA ASP J 824 6.16 4.89 7.75
C ASP J 824 6.88 4.67 9.10
N ASP J 825 7.78 3.70 9.14
CA ASP J 825 8.49 3.36 10.36
C ASP J 825 9.87 2.83 10.03
N TYR J 826 10.84 3.15 10.87
CA TYR J 826 12.20 2.64 10.74
C TYR J 826 12.40 1.48 11.70
N VAL J 827 12.83 0.34 11.15
CA VAL J 827 13.11 -0.85 11.94
C VAL J 827 14.44 -1.44 11.52
N TYR J 828 15.00 -2.26 12.40
CA TYR J 828 16.24 -2.98 12.12
C TYR J 828 15.90 -4.36 11.59
N LEU J 829 16.60 -4.78 10.54
CA LEU J 829 16.42 -6.11 9.97
C LEU J 829 17.75 -6.86 9.96
N PRO J 830 17.72 -8.15 10.22
CA PRO J 830 18.94 -8.95 10.12
C PRO J 830 19.12 -9.56 8.73
N TYR J 831 20.33 -9.41 8.19
CA TYR J 831 20.67 -10.03 6.92
C TYR J 831 21.87 -10.94 7.13
N PRO J 832 21.93 -12.05 6.42
CA PRO J 832 23.04 -12.98 6.61
C PRO J 832 24.25 -12.60 5.77
N ASP J 833 25.29 -13.41 5.83
CA ASP J 833 26.39 -13.28 4.90
C ASP J 833 25.98 -13.86 3.56
N PRO J 834 25.99 -13.08 2.48
CA PRO J 834 25.64 -13.64 1.17
C PRO J 834 26.51 -14.80 0.77
N SER J 835 27.76 -14.86 1.25
CA SER J 835 28.62 -16.00 0.95
C SER J 835 28.03 -17.28 1.49
N ARG J 836 27.46 -17.24 2.71
CA ARG J 836 26.82 -18.41 3.29
C ARG J 836 25.65 -18.88 2.44
N ILE J 837 24.82 -17.93 2.00
CA ILE J 837 23.65 -18.28 1.19
C ILE J 837 24.10 -18.88 -0.14
N LEU J 838 25.10 -18.28 -0.77
CA LEU J 838 25.57 -18.79 -2.06
C LEU J 838 26.21 -20.15 -1.91
N GLY J 839 26.94 -20.38 -0.82
CA GLY J 839 27.49 -21.70 -0.58
C GLY J 839 26.42 -22.74 -0.37
N ALA J 840 25.34 -22.36 0.34
CA ALA J 840 24.22 -23.27 0.50
C ALA J 840 23.57 -23.58 -0.84
N GLY J 841 23.46 -22.58 -1.71
CA GLY J 841 22.90 -22.82 -3.03
C GLY J 841 23.78 -23.72 -3.89
N CYS J 842 25.09 -23.49 -3.87
CA CYS J 842 26.02 -24.19 -4.74
C CYS J 842 26.29 -25.62 -4.28
N PHE J 843 26.22 -25.86 -2.97
CA PHE J 843 26.60 -27.14 -2.39
C PHE J 843 25.50 -27.61 -1.44
N VAL J 844 25.34 -28.93 -1.37
CA VAL J 844 24.25 -29.55 -0.62
C VAL J 844 24.79 -30.76 0.12
N ASP J 845 23.88 -31.46 0.81
CA ASP J 845 24.27 -32.58 1.65
C ASP J 845 24.19 -33.89 0.89
N ASP J 846 23.01 -34.21 0.35
CA ASP J 846 22.79 -35.48 -0.33
C ASP J 846 22.98 -35.34 -1.83
N ILE J 847 23.16 -36.49 -2.50
CA ILE J 847 23.27 -36.50 -3.95
C ILE J 847 21.95 -36.13 -4.64
N VAL J 848 20.81 -36.63 -4.14
CA VAL J 848 19.53 -36.22 -4.70
C VAL J 848 19.31 -34.74 -4.47
N LYS J 849 19.99 -34.17 -3.48
CA LYS J 849 19.93 -32.74 -3.22
C LYS J 849 20.60 -31.88 -4.29
N THR J 850 21.11 -32.47 -5.37
CA THR J 850 21.66 -31.67 -6.46
C THR J 850 20.60 -31.19 -7.44
N ASP J 851 19.38 -31.74 -7.38
CA ASP J 851 18.30 -31.36 -8.28
C ASP J 851 17.32 -30.48 -7.52
N GLY J 852 17.07 -29.27 -8.04
CA GLY J 852 16.17 -28.35 -7.36
C GLY J 852 14.71 -28.58 -7.71
N THR J 853 14.44 -29.42 -8.71
CA THR J 853 13.04 -29.69 -9.07
C THR J 853 12.33 -30.50 -8.00
N LEU J 854 12.94 -31.59 -7.53
CA LEU J 854 12.30 -32.43 -6.53
C LEU J 854 12.18 -31.73 -5.20
N MET J 855 12.83 -30.57 -5.06
CA MET J 855 13.00 -29.88 -3.79
C MET J 855 13.11 -28.37 -4.07
N ILE J 856 11.98 -27.68 -3.89
CA ILE J 856 11.88 -26.25 -4.18
C ILE J 856 11.76 -25.44 -2.90
N GLU J 857 11.17 -26.02 -1.86
CA GLU J 857 11.00 -25.31 -0.61
C GLU J 857 12.33 -24.91 0.02
N ARG J 858 13.42 -25.62 -0.29
CA ARG J 858 14.71 -25.12 0.19
C ARG J 858 15.00 -23.74 -0.37
N PHE J 859 14.83 -23.56 -1.68
CA PHE J 859 15.03 -22.25 -2.27
C PHE J 859 14.05 -21.23 -1.73
N VAL J 860 12.83 -21.65 -1.40
CA VAL J 860 11.89 -20.74 -0.74
C VAL J 860 12.47 -20.23 0.57
N SER J 861 12.80 -21.14 1.48
CA SER J 861 13.29 -20.72 2.79
C SER J 861 14.58 -19.92 2.66
N LEU J 862 15.47 -20.34 1.75
CA LEU J 862 16.66 -19.54 1.47
C LEU J 862 16.28 -18.14 1.02
N ALA J 863 15.20 -18.00 0.26
CA ALA J 863 14.77 -16.69 -0.18
C ALA J 863 14.25 -15.85 0.98
N ILE J 864 13.50 -16.46 1.91
CA ILE J 864 13.09 -15.71 3.09
C ILE J 864 14.31 -15.25 3.87
N ASP J 865 15.30 -16.13 4.00
CA ASP J 865 16.49 -15.78 4.79
C ASP J 865 17.33 -14.71 4.12
N ALA J 866 17.37 -14.67 2.78
CA ALA J 866 18.16 -13.69 2.04
C ALA J 866 17.35 -12.48 1.59
N TYR J 867 16.06 -12.41 1.92
CA TYR J 867 15.24 -11.27 1.50
C TYR J 867 15.74 -9.94 2.05
N PRO J 868 16.09 -9.78 3.33
CA PRO J 868 16.53 -8.47 3.81
C PRO J 868 17.78 -7.95 3.12
N LEU J 869 18.46 -8.76 2.29
CA LEU J 869 19.53 -8.25 1.46
C LEU J 869 19.04 -7.25 0.42
N THR J 870 17.74 -7.23 0.14
CA THR J 870 17.22 -6.33 -0.88
C THR J 870 17.42 -4.87 -0.52
N LYS J 871 17.33 -4.53 0.77
CA LYS J 871 17.41 -3.14 1.21
C LYS J 871 18.84 -2.63 1.37
N HIS J 872 19.84 -3.48 1.14
CA HIS J 872 21.21 -3.07 1.38
C HIS J 872 21.65 -2.11 0.27
N PRO J 873 22.39 -1.05 0.61
CA PRO J 873 22.84 -0.10 -0.43
C PRO J 873 23.67 -0.76 -1.54
N ASN J 874 24.55 -1.70 -1.20
CA ASN J 874 25.29 -2.40 -2.24
C ASN J 874 24.35 -3.24 -3.09
N GLN J 875 24.66 -3.36 -4.37
CA GLN J 875 23.71 -3.97 -5.30
C GLN J 875 23.81 -5.49 -5.29
N GLU J 876 25.02 -6.04 -5.17
CA GLU J 876 25.19 -7.49 -5.33
C GLU J 876 24.41 -8.27 -4.28
N TYR J 877 24.24 -7.72 -3.08
CA TYR J 877 23.53 -8.46 -2.05
C TYR J 877 22.05 -8.63 -2.39
N ALA J 878 21.42 -7.57 -2.91
CA ALA J 878 20.06 -7.71 -3.42
C ALA J 878 20.03 -8.53 -4.70
N ASP J 879 21.13 -8.51 -5.45
CA ASP J 879 21.23 -9.32 -6.66
C ASP J 879 21.18 -10.80 -6.33
N VAL J 880 21.73 -11.20 -5.19
CA VAL J 880 21.65 -12.59 -4.76
C VAL J 880 20.18 -12.99 -4.55
N PHE J 881 19.42 -12.12 -3.88
CA PHE J 881 18.00 -12.38 -3.66
C PHE J 881 17.24 -12.47 -4.99
N HIS J 882 17.55 -11.57 -5.92
CA HIS J 882 16.90 -11.60 -7.22
C HIS J 882 17.27 -12.86 -7.98
N LEU J 883 18.54 -13.28 -7.88
CA LEU J 883 18.97 -14.55 -8.42
C LEU J 883 18.13 -15.69 -7.89
N TYR J 884 17.92 -15.73 -6.57
CA TYR J 884 17.16 -16.82 -6.00
C TYR J 884 15.70 -16.78 -6.45
N LEU J 885 15.11 -15.59 -6.54
CA LEU J 885 13.74 -15.50 -7.04
C LEU J 885 13.64 -16.03 -8.46
N GLN J 886 14.57 -15.61 -9.33
CA GLN J 886 14.56 -16.08 -10.71
C GLN J 886 14.81 -17.59 -10.79
N TYR J 887 15.61 -18.14 -9.87
CA TYR J 887 15.88 -19.56 -9.91
C TYR J 887 14.69 -20.36 -9.40
N ILE J 888 13.93 -19.79 -8.45
CA ILE J 888 12.65 -20.39 -8.09
C ILE J 888 11.73 -20.44 -9.31
N ARG J 889 11.65 -19.32 -10.03
CA ARG J 889 10.89 -19.29 -11.28
C ARG J 889 11.34 -20.40 -12.23
N LYS J 890 12.65 -20.48 -12.47
CA LYS J 890 13.17 -21.43 -13.46
C LYS J 890 12.91 -22.87 -13.04
N LEU J 891 13.09 -23.18 -11.76
CA LEU J 891 12.87 -24.55 -11.29
C LEU J 891 11.39 -24.92 -11.32
N HIS J 892 10.51 -23.98 -10.98
CA HIS J 892 9.09 -24.28 -11.10
C HIS J 892 8.71 -24.54 -12.56
N ASP J 893 9.26 -23.73 -13.46
CA ASP J 893 9.01 -23.94 -14.88
C ASP J 893 9.53 -25.31 -15.35
N GLU J 894 10.73 -25.66 -14.89
CA GLU J 894 11.29 -26.96 -15.26
C GLU J 894 10.44 -28.10 -14.75
N LEU J 895 9.99 -28.00 -13.49
CA LEU J 895 9.13 -29.04 -12.93
C LEU J 895 7.83 -29.17 -13.73
N THR J 896 7.22 -28.02 -14.06
CA THR J 896 6.00 -28.06 -14.85
C THR J 896 6.25 -28.72 -16.20
N GLY J 897 7.35 -28.38 -16.86
CA GLY J 897 7.64 -28.98 -18.15
C GLY J 897 7.86 -30.47 -18.07
N HIS J 898 8.68 -30.91 -17.12
CA HIS J 898 8.94 -32.35 -16.99
C HIS J 898 7.67 -33.10 -16.64
N MET J 899 6.85 -32.58 -15.73
CA MET J 899 5.63 -33.30 -15.37
C MET J 899 4.66 -33.36 -16.54
N LEU J 900 4.49 -32.24 -17.26
CA LEU J 900 3.53 -32.22 -18.37
C LEU J 900 3.96 -33.15 -19.50
N ASP J 901 5.25 -33.08 -19.88
CA ASP J 901 5.74 -33.97 -20.93
C ASP J 901 5.69 -35.42 -20.49
N MET J 902 5.99 -35.68 -19.22
CA MET J 902 6.06 -37.05 -18.70
C MET J 902 4.65 -37.59 -18.44
N TYR J 903 3.85 -36.83 -17.72
CA TYR J 903 2.48 -37.21 -17.33
C TYR J 903 1.55 -36.11 -17.84
N SER J 904 0.80 -36.41 -18.89
CA SER J 904 0.10 -35.32 -19.58
C SER J 904 -1.04 -34.78 -18.74
N VAL J 905 -0.69 -34.12 -17.63
CA VAL J 905 -1.63 -33.45 -16.74
C VAL J 905 -0.95 -32.17 -16.28
N MET J 906 -1.72 -31.24 -15.71
CA MET J 906 -1.17 -29.99 -15.20
C MET J 906 -1.52 -29.84 -13.72
N LEU J 907 -0.57 -29.29 -12.94
CA LEU J 907 -0.83 -29.01 -11.53
C LEU J 907 -0.20 -27.69 -11.08
N THR J 908 0.09 -26.77 -12.01
CA THR J 908 0.85 -25.57 -11.66
C THR J 908 0.10 -24.70 -10.67
N ASN J 909 -1.23 -24.81 -10.64
CA ASN J 909 -2.06 -24.12 -9.65
C ASN J 909 -1.87 -22.61 -9.67
N ASP J 910 -2.24 -21.95 -8.57
CA ASP J 910 -2.10 -20.51 -8.44
C ASP J 910 -1.33 -20.09 -7.20
N ASN J 911 -1.33 -20.89 -6.13
CA ASN J 911 -0.58 -20.55 -4.93
C ASN J 911 0.92 -20.55 -5.17
N THR J 912 1.42 -21.40 -6.07
CA THR J 912 2.85 -21.45 -6.34
C THR J 912 3.38 -20.13 -6.89
N SER J 913 2.51 -19.33 -7.53
CA SER J 913 2.95 -18.07 -8.10
C SER J 913 3.54 -17.14 -7.05
N ARG J 914 3.21 -17.37 -5.78
CA ARG J 914 3.70 -16.51 -4.71
C ARG J 914 5.14 -16.83 -4.30
N TYR J 915 5.72 -17.93 -4.79
CA TYR J 915 7.07 -18.29 -4.36
C TYR J 915 8.14 -17.45 -5.02
N TRP J 916 7.79 -16.69 -6.07
CA TRP J 916 8.70 -15.77 -6.72
C TRP J 916 8.23 -14.32 -6.66
N GLU J 917 7.47 -13.96 -5.63
CA GLU J 917 6.97 -12.61 -5.45
C GLU J 917 7.40 -12.08 -4.09
N PRO J 918 8.00 -10.88 -4.05
CA PRO J 918 8.62 -10.37 -2.82
C PRO J 918 7.66 -10.18 -1.65
N GLU J 919 6.37 -9.92 -1.88
CA GLU J 919 5.46 -9.62 -0.78
C GLU J 919 5.34 -10.79 0.18
N PHE J 920 5.40 -12.01 -0.34
CA PHE J 920 5.47 -13.19 0.52
C PHE J 920 6.63 -13.10 1.51
N TYR J 921 7.73 -12.50 1.08
CA TYR J 921 8.90 -12.34 1.93
C TYR J 921 8.86 -11.03 2.70
N GLU J 922 8.09 -10.04 2.23
CA GLU J 922 7.93 -8.81 2.98
C GLU J 922 7.06 -9.03 4.21
N ALA J 923 5.96 -9.77 4.06
CA ALA J 923 5.08 -10.02 5.20
C ALA J 923 5.74 -10.89 6.25
N MET J 924 6.78 -11.64 5.90
CA MET J 924 7.44 -12.51 6.86
C MET J 924 8.25 -11.74 7.90
N TYR J 925 8.69 -10.52 7.57
CA TYR J 925 9.42 -9.71 8.53
C TYR J 925 8.58 -8.55 9.04
N THR J 926 7.28 -8.58 8.80
CA THR J 926 6.37 -7.50 9.13
C THR J 926 5.72 -7.75 10.48
N PRO J 927 5.82 -6.83 11.44
CA PRO J 927 5.34 -7.09 12.79
C PRO J 927 3.82 -7.19 12.90
N HIS J 928 3.25 -8.31 12.43
CA HIS J 928 1.84 -8.55 12.63
C HIS J 928 1.52 -10.01 12.96
N THR J 929 2.52 -10.84 13.21
CA THR J 929 2.31 -12.24 13.57
C THR J 929 3.48 -12.78 14.38
N PHE K 6 -25.31 -49.34 4.40
CA PHE K 6 -26.49 -49.15 5.23
C PHE K 6 -27.75 -49.62 4.50
N SER K 7 -27.91 -50.94 4.39
CA SER K 7 -29.06 -51.52 3.72
C SER K 7 -29.67 -52.66 4.54
N SER K 8 -28.93 -53.14 5.53
CA SER K 8 -29.40 -54.25 6.35
C SER K 8 -29.89 -53.74 7.71
N LEU K 9 -30.25 -52.47 7.77
CA LEU K 9 -30.79 -51.85 8.97
C LEU K 9 -32.29 -52.14 9.05
N PRO K 10 -32.84 -52.28 10.25
CA PRO K 10 -34.28 -52.64 10.37
C PRO K 10 -35.21 -51.65 9.69
N SER K 11 -34.82 -50.40 9.53
CA SER K 11 -35.71 -49.41 8.94
C SER K 11 -35.70 -49.42 7.42
N TYR K 12 -34.73 -50.08 6.79
CA TYR K 12 -34.72 -50.09 5.33
C TYR K 12 -36.06 -50.61 4.81
N ALA K 13 -36.72 -51.47 5.60
CA ALA K 13 -38.12 -51.79 5.33
C ALA K 13 -39.03 -50.58 5.49
N ALA K 14 -38.66 -49.64 6.38
CA ALA K 14 -39.48 -48.43 6.51
C ALA K 14 -39.40 -47.59 5.24
N PHE K 15 -38.20 -47.41 4.66
CA PHE K 15 -38.19 -46.86 3.30
C PHE K 15 -39.04 -47.68 2.35
N ALA K 16 -38.86 -49.01 2.35
CA ALA K 16 -39.60 -49.84 1.41
C ALA K 16 -41.09 -49.52 1.45
N THR K 17 -41.70 -49.62 2.64
CA THR K 17 -43.14 -49.39 2.75
C THR K 17 -43.51 -47.93 2.49
N ALA K 18 -42.74 -46.98 3.04
CA ALA K 18 -43.13 -45.59 2.93
C ALA K 18 -43.11 -45.12 1.48
N GLN K 19 -41.99 -45.32 0.79
CA GLN K 19 -41.94 -44.90 -0.61
C GLN K 19 -42.79 -45.77 -1.53
N GLU K 20 -43.00 -47.06 -1.20
CA GLU K 20 -43.91 -47.85 -2.01
C GLU K 20 -45.33 -47.29 -1.95
N ALA K 21 -45.82 -47.02 -0.73
CA ALA K 21 -47.15 -46.42 -0.59
C ALA K 21 -47.19 -45.04 -1.21
N TYR K 22 -46.10 -44.27 -1.07
CA TYR K 22 -46.05 -42.94 -1.64
C TYR K 22 -46.21 -42.97 -3.15
N GLU K 23 -45.41 -43.78 -3.84
CA GLU K 23 -45.52 -43.88 -5.28
C GLU K 23 -46.85 -44.47 -5.70
N GLN K 24 -47.39 -45.44 -4.95
CA GLN K 24 -48.66 -46.04 -5.31
C GLN K 24 -49.78 -44.99 -5.27
N ALA K 25 -49.89 -44.26 -4.17
CA ALA K 25 -50.96 -43.27 -4.04
C ALA K 25 -50.67 -42.00 -4.84
N VAL K 26 -49.43 -41.79 -5.28
CA VAL K 26 -49.14 -40.66 -6.13
C VAL K 26 -49.52 -40.96 -7.58
N ALA K 27 -49.16 -42.14 -8.07
CA ALA K 27 -49.61 -42.55 -9.40
C ALA K 27 -51.12 -42.75 -9.43
N ASN K 28 -51.72 -43.16 -8.31
CA ASN K 28 -53.17 -43.21 -8.21
C ASN K 28 -53.76 -41.81 -8.29
N GLY K 29 -53.13 -40.85 -7.64
CA GLY K 29 -53.57 -39.46 -7.66
C GLY K 29 -54.98 -39.28 -7.12
N ASP K 30 -55.19 -39.57 -5.85
CA ASP K 30 -56.51 -39.46 -5.25
C ASP K 30 -56.84 -38.01 -4.91
N SER K 31 -56.09 -37.41 -3.99
CA SER K 31 -56.32 -36.04 -3.54
C SER K 31 -55.20 -35.66 -2.58
N GLU K 32 -55.08 -34.36 -2.33
CA GLU K 32 -54.13 -33.89 -1.33
C GLU K 32 -54.62 -34.16 0.09
N VAL K 33 -55.95 -34.24 0.26
CA VAL K 33 -56.51 -34.48 1.59
C VAL K 33 -56.08 -35.84 2.12
N VAL K 34 -55.82 -36.78 1.21
CA VAL K 34 -55.27 -38.08 1.59
C VAL K 34 -53.77 -38.15 1.37
N LEU K 35 -53.20 -37.24 0.56
CA LEU K 35 -51.76 -37.20 0.33
C LEU K 35 -51.00 -36.50 1.46
N LYS K 36 -51.70 -35.78 2.34
CA LYS K 36 -51.03 -35.14 3.47
C LYS K 36 -50.39 -36.19 4.38
N LYS K 37 -51.18 -37.17 4.81
CA LYS K 37 -50.64 -38.26 5.63
C LYS K 37 -49.58 -39.03 4.86
N LEU K 38 -49.79 -39.20 3.55
CA LEU K 38 -48.81 -39.94 2.74
C LEU K 38 -47.46 -39.25 2.72
N LYS K 39 -47.43 -37.92 2.55
CA LYS K 39 -46.19 -37.17 2.45
C LYS K 39 -45.68 -36.73 3.82
N LYS K 40 -46.41 -37.04 4.88
CA LYS K 40 -45.90 -36.86 6.24
C LYS K 40 -45.34 -38.15 6.83
N SER K 41 -45.88 -39.31 6.45
CA SER K 41 -45.33 -40.57 6.91
C SER K 41 -43.91 -40.76 6.38
N LEU K 42 -43.70 -40.53 5.08
CA LEU K 42 -42.35 -40.62 4.54
C LEU K 42 -41.45 -39.53 5.09
N ASN K 43 -42.04 -38.39 5.45
CA ASN K 43 -41.25 -37.29 5.99
C ASN K 43 -40.70 -37.63 7.34
N VAL K 44 -41.53 -38.20 8.21
CA VAL K 44 -41.01 -38.67 9.50
C VAL K 44 -40.13 -39.91 9.35
N ALA K 45 -40.40 -40.75 8.35
CA ALA K 45 -39.53 -41.88 8.07
C ALA K 45 -38.10 -41.47 7.75
N LYS K 46 -37.91 -40.55 6.81
CA LYS K 46 -36.57 -40.15 6.41
C LYS K 46 -35.79 -39.51 7.55
N SER K 47 -36.51 -39.17 8.62
CA SER K 47 -35.86 -38.64 9.80
C SER K 47 -35.49 -39.81 10.68
N GLU K 48 -36.37 -40.79 10.78
CA GLU K 48 -36.05 -42.00 11.54
C GLU K 48 -34.71 -42.58 11.07
N PHE K 49 -34.51 -42.61 9.74
CA PHE K 49 -33.27 -43.12 9.18
C PHE K 49 -32.11 -42.22 9.54
N ASP K 50 -32.37 -40.91 9.53
CA ASP K 50 -31.33 -39.99 9.94
C ASP K 50 -30.84 -40.32 11.33
N ARG K 51 -31.76 -40.51 12.27
CA ARG K 51 -31.38 -40.92 13.63
C ARG K 51 -30.58 -42.23 13.62
N ASP K 52 -31.20 -43.31 13.15
CA ASP K 52 -30.61 -44.63 13.31
C ASP K 52 -29.48 -44.91 12.31
N ALA K 53 -29.13 -43.93 11.49
CA ALA K 53 -28.00 -44.06 10.58
C ALA K 53 -26.84 -43.20 11.07
N ALA K 54 -27.13 -41.99 11.54
CA ALA K 54 -26.10 -41.22 12.22
C ALA K 54 -25.68 -41.86 13.53
N MET K 55 -26.49 -42.75 14.07
CA MET K 55 -26.08 -43.51 15.25
C MET K 55 -25.14 -44.66 14.91
N GLN K 56 -25.06 -45.07 13.64
CA GLN K 56 -24.20 -46.20 13.27
C GLN K 56 -22.96 -45.75 12.51
N ARG K 57 -23.09 -44.91 11.48
CA ARG K 57 -21.96 -44.68 10.58
C ARG K 57 -20.83 -43.92 11.26
N LYS K 58 -21.08 -43.33 12.44
CA LYS K 58 -20.00 -42.71 13.18
C LYS K 58 -19.31 -43.67 14.14
N LEU K 59 -19.81 -44.90 14.25
CA LEU K 59 -19.22 -45.89 15.15
C LEU K 59 -18.06 -46.65 14.51
N GLU K 60 -18.13 -46.89 13.20
CA GLU K 60 -17.07 -47.63 12.54
C GLU K 60 -15.72 -46.92 12.57
N LYS K 61 -15.71 -45.59 12.43
CA LYS K 61 -14.44 -44.87 12.49
C LYS K 61 -13.80 -45.00 13.87
N MET K 62 -14.59 -44.89 14.93
CA MET K 62 -14.02 -44.98 16.27
C MET K 62 -13.58 -46.41 16.59
N ALA K 63 -14.35 -47.41 16.15
CA ALA K 63 -13.90 -48.79 16.33
C ALA K 63 -12.63 -49.06 15.53
N ASP K 64 -12.56 -48.54 14.30
CA ASP K 64 -11.37 -48.75 13.47
C ASP K 64 -10.15 -48.10 14.10
N GLN K 65 -10.29 -46.88 14.61
CA GLN K 65 -9.12 -46.22 15.20
C GLN K 65 -8.73 -46.88 16.50
N ALA K 66 -9.70 -47.43 17.23
CA ALA K 66 -9.36 -48.19 18.43
C ALA K 66 -8.57 -49.45 18.09
N MET K 67 -8.97 -50.17 17.04
CA MET K 67 -8.16 -51.30 16.58
C MET K 67 -6.76 -50.87 16.15
N THR K 68 -6.64 -49.77 15.42
CA THR K 68 -5.31 -49.30 15.06
C THR K 68 -4.46 -49.03 16.30
N GLN K 69 -5.00 -48.26 17.25
CA GLN K 69 -4.22 -47.90 18.43
C GLN K 69 -3.85 -49.13 19.25
N MET K 70 -4.78 -50.05 19.44
CA MET K 70 -4.49 -51.18 20.28
C MET K 70 -3.61 -52.20 19.56
N TYR K 71 -3.68 -52.29 18.23
CA TYR K 71 -2.73 -53.12 17.49
C TYR K 71 -1.31 -52.56 17.61
N LYS K 72 -1.14 -51.24 17.47
CA LYS K 72 0.21 -50.72 17.57
C LYS K 72 0.70 -50.82 19.01
N GLN K 73 -0.22 -50.77 19.97
CA GLN K 73 0.15 -51.04 21.35
C GLN K 73 0.67 -52.47 21.52
N ALA K 74 0.01 -53.44 20.88
CA ALA K 74 0.51 -54.81 20.92
C ALA K 74 1.89 -54.92 20.28
N ARG K 75 2.09 -54.24 19.16
CA ARG K 75 3.39 -54.28 18.50
C ARG K 75 4.48 -53.72 19.42
N SER K 76 4.20 -52.58 20.06
CA SER K 76 5.16 -52.00 20.98
C SER K 76 5.46 -52.95 22.14
N GLU K 77 4.43 -53.59 22.68
CA GLU K 77 4.64 -54.56 23.74
C GLU K 77 5.53 -55.71 23.31
N ASP K 78 5.34 -56.23 22.09
CA ASP K 78 6.21 -57.30 21.60
C ASP K 78 7.65 -56.82 21.44
N LYS K 79 7.84 -55.62 20.89
CA LYS K 79 9.19 -55.06 20.79
C LYS K 79 9.84 -54.92 22.15
N ARG K 80 9.03 -54.65 23.19
CA ARG K 80 9.57 -54.55 24.53
C ARG K 80 10.18 -55.87 24.98
N ALA K 81 9.48 -56.98 24.73
CA ALA K 81 10.03 -58.28 25.07
C ALA K 81 11.28 -58.56 24.25
N LYS K 82 11.27 -58.18 22.97
CA LYS K 82 12.45 -58.37 22.13
C LYS K 82 13.68 -57.67 22.71
N VAL K 83 13.53 -56.40 23.07
CA VAL K 83 14.69 -55.67 23.58
C VAL K 83 15.09 -56.21 24.94
N THR K 84 14.14 -56.65 25.76
CA THR K 84 14.49 -57.27 27.03
C THR K 84 15.39 -58.48 26.81
N SER K 85 14.99 -59.37 25.92
CA SER K 85 15.79 -60.55 25.64
C SER K 85 17.17 -60.17 25.11
N ALA K 86 17.22 -59.23 24.16
CA ALA K 86 18.50 -58.85 23.58
C ALA K 86 19.44 -58.26 24.62
N MET K 87 18.91 -57.38 25.47
CA MET K 87 19.75 -56.75 26.48
C MET K 87 20.27 -57.77 27.47
N GLN K 88 19.40 -58.66 27.96
CA GLN K 88 19.87 -59.63 28.94
C GLN K 88 20.89 -60.59 28.34
N THR K 89 20.68 -61.04 27.11
CA THR K 89 21.65 -61.95 26.52
C THR K 89 22.97 -61.23 26.23
N MET K 90 22.92 -59.93 25.88
CA MET K 90 24.17 -59.21 25.68
C MET K 90 24.95 -59.11 26.98
N LEU K 91 24.27 -58.81 28.09
CA LEU K 91 24.95 -58.77 29.38
C LEU K 91 25.58 -60.12 29.71
N PHE K 92 24.82 -61.20 29.53
CA PHE K 92 25.36 -62.50 29.91
C PHE K 92 26.50 -62.96 29.00
N THR K 93 26.45 -62.66 27.71
CA THR K 93 27.56 -62.99 26.84
C THR K 93 28.80 -62.15 27.10
N MET K 94 28.64 -60.86 27.40
CA MET K 94 29.81 -60.03 27.69
C MET K 94 30.42 -60.34 29.05
N LEU K 95 29.62 -60.82 30.01
CA LEU K 95 30.19 -61.13 31.32
C LEU K 95 31.09 -62.37 31.27
N ARG K 96 30.88 -63.24 30.28
CA ARG K 96 31.59 -64.51 30.23
C ARG K 96 33.08 -64.31 29.93
N LYS K 97 33.45 -63.11 29.50
CA LYS K 97 34.83 -62.77 29.22
C LYS K 97 35.59 -62.30 30.46
N LEU K 98 34.92 -62.22 31.60
CA LEU K 98 35.43 -61.52 32.77
C LEU K 98 36.73 -62.12 33.31
N ASP K 99 37.03 -63.37 32.94
CA ASP K 99 38.26 -64.03 33.38
C ASP K 99 38.28 -64.08 34.91
N ASN K 100 37.43 -64.94 35.48
CA ASN K 100 36.95 -64.79 36.86
C ASN K 100 37.98 -65.20 37.90
N ASP K 101 39.25 -65.31 37.54
CA ASP K 101 40.27 -65.66 38.51
C ASP K 101 41.01 -64.45 39.08
N ALA K 102 41.60 -63.61 38.23
CA ALA K 102 42.38 -62.47 38.71
C ALA K 102 41.53 -61.45 39.44
N LEU K 103 40.43 -60.99 38.84
CA LEU K 103 39.59 -59.97 39.42
C LEU K 103 39.14 -60.33 40.82
N ASN K 104 38.90 -61.62 41.10
CA ASN K 104 38.61 -62.06 42.45
C ASN K 104 39.74 -61.77 43.42
N ASN K 105 41.00 -61.98 43.02
CA ASN K 105 42.13 -61.69 43.88
C ASN K 105 42.14 -60.21 44.31
N ILE K 106 41.98 -59.29 43.36
CA ILE K 106 42.00 -57.88 43.71
C ILE K 106 40.81 -57.50 44.59
N ILE K 107 39.61 -57.96 44.26
CA ILE K 107 38.45 -57.54 45.02
C ILE K 107 38.48 -58.12 46.43
N ASN K 108 39.10 -59.28 46.60
CA ASN K 108 39.29 -59.80 47.95
C ASN K 108 40.20 -58.90 48.78
N ASN K 109 41.05 -58.10 48.13
CA ASN K 109 42.01 -57.27 48.85
C ASN K 109 41.47 -55.90 49.22
N ALA K 110 40.27 -55.56 48.77
CA ALA K 110 39.70 -54.27 49.12
C ALA K 110 39.15 -54.29 50.54
N ARG K 111 39.16 -53.13 51.19
CA ARG K 111 38.70 -53.04 52.57
C ARG K 111 37.21 -53.37 52.66
N ASP K 112 36.43 -52.93 51.70
CA ASP K 112 34.99 -53.15 51.69
C ASP K 112 34.52 -53.84 50.41
N GLY K 113 35.39 -54.01 49.43
CA GLY K 113 35.04 -54.56 48.14
C GLY K 113 35.04 -53.56 47.02
N CYS K 114 35.09 -52.26 47.32
CA CYS K 114 35.05 -51.23 46.31
C CYS K 114 36.46 -50.94 45.81
N VAL K 115 36.65 -50.98 44.50
CA VAL K 115 37.92 -50.63 43.87
C VAL K 115 37.64 -49.68 42.72
N PRO K 116 38.47 -48.67 42.51
CA PRO K 116 38.29 -47.79 41.34
C PRO K 116 38.28 -48.59 40.05
N LEU K 117 37.35 -48.24 39.17
CA LEU K 117 37.15 -49.00 37.94
C LEU K 117 38.39 -48.96 37.06
N ASN K 118 39.10 -47.83 37.04
CA ASN K 118 40.18 -47.63 36.08
C ASN K 118 41.31 -48.64 36.22
N ILE K 119 41.42 -49.33 37.36
CA ILE K 119 42.48 -50.32 37.56
C ILE K 119 42.04 -51.73 37.23
N ILE K 120 40.76 -51.97 37.00
CA ILE K 120 40.27 -53.29 36.61
C ILE K 120 40.90 -53.73 35.29
N PRO K 121 40.92 -52.91 34.23
CA PRO K 121 41.65 -53.34 33.03
C PRO K 121 43.13 -53.12 33.13
N LEU K 122 43.60 -52.46 34.18
CA LEU K 122 45.03 -52.20 34.33
C LEU K 122 45.73 -53.39 34.98
N THR K 123 44.98 -54.22 35.70
CA THR K 123 45.57 -55.34 36.43
C THR K 123 45.04 -56.69 36.00
N THR K 124 43.85 -56.75 35.39
CA THR K 124 43.20 -58.02 35.11
C THR K 124 43.06 -58.29 33.62
N ALA K 125 42.98 -57.26 32.79
CA ALA K 125 42.83 -57.46 31.35
C ALA K 125 44.03 -58.22 30.80
N ALA K 126 43.75 -59.23 29.97
CA ALA K 126 44.77 -60.12 29.45
C ALA K 126 45.32 -59.69 28.11
N LYS K 127 44.85 -58.56 27.56
CA LYS K 127 45.36 -58.09 26.27
C LYS K 127 45.60 -56.59 26.36
N LEU K 128 46.57 -56.11 25.60
CA LEU K 128 46.87 -54.70 25.49
C LEU K 128 46.99 -54.33 24.02
N MET K 129 46.46 -53.17 23.65
CA MET K 129 46.66 -52.62 22.30
C MET K 129 47.17 -51.20 22.44
N VAL K 130 48.19 -50.88 21.69
CA VAL K 130 48.81 -49.56 21.71
C VAL K 130 48.76 -48.96 20.32
N VAL K 131 48.40 -47.69 20.25
CA VAL K 131 48.33 -46.93 19.01
C VAL K 131 49.49 -45.94 19.02
N ILE K 132 50.29 -45.95 17.96
CA ILE K 132 51.52 -45.18 17.89
C ILE K 132 51.41 -44.22 16.71
N PRO K 133 51.74 -42.93 16.88
CA PRO K 133 51.61 -41.97 15.78
C PRO K 133 52.82 -41.93 14.86
N ASP K 134 54.01 -42.25 15.36
CA ASP K 134 55.21 -42.23 14.54
C ASP K 134 56.28 -43.12 15.15
N TYR K 135 57.27 -43.45 14.32
CA TYR K 135 58.32 -44.39 14.72
C TYR K 135 59.08 -43.91 15.94
N ASN K 136 59.23 -42.59 16.08
CA ASN K 136 60.00 -42.05 17.20
C ASN K 136 59.40 -42.46 18.53
N THR K 137 58.11 -42.23 18.72
CA THR K 137 57.46 -42.63 19.97
C THR K 137 57.40 -44.14 20.09
N TYR K 138 57.32 -44.85 18.96
CA TYR K 138 57.37 -46.31 18.99
C TYR K 138 58.67 -46.80 19.60
N LYS K 139 59.78 -46.12 19.31
CA LYS K 139 61.06 -46.53 19.89
C LYS K 139 61.04 -46.43 21.40
N ASN K 140 60.40 -45.41 21.95
CA ASN K 140 60.40 -45.19 23.39
C ASN K 140 59.48 -46.14 24.15
N THR K 141 58.47 -46.72 23.49
CA THR K 141 57.50 -47.53 24.21
C THR K 141 57.55 -49.00 23.80
N CYS K 142 57.40 -49.27 22.50
CA CYS K 142 57.26 -50.64 22.03
C CYS K 142 58.44 -51.11 21.19
N ASP K 143 59.66 -50.71 21.55
CA ASP K 143 60.83 -51.24 20.88
C ASP K 143 61.08 -52.68 21.30
N GLY K 144 61.54 -53.50 20.34
CA GLY K 144 61.89 -54.87 20.63
C GLY K 144 60.68 -55.79 20.63
N THR K 145 60.96 -57.07 20.89
CA THR K 145 59.94 -58.11 20.87
C THR K 145 59.16 -58.20 22.17
N THR K 146 59.54 -57.46 23.20
CA THR K 146 58.77 -57.39 24.43
C THR K 146 59.11 -56.09 25.14
N PHE K 147 58.15 -55.60 25.93
CA PHE K 147 58.33 -54.33 26.64
C PHE K 147 57.62 -54.43 27.98
N THR K 148 57.64 -53.32 28.71
CA THR K 148 57.02 -53.26 30.02
C THR K 148 56.09 -52.07 30.10
N TYR K 149 55.02 -52.23 30.90
CA TYR K 149 54.09 -51.15 31.18
C TYR K 149 53.19 -51.59 32.33
N ALA K 150 52.73 -50.62 33.11
CA ALA K 150 51.79 -50.85 34.20
C ALA K 150 52.32 -51.89 35.17
N SER K 151 53.62 -51.84 35.44
CA SER K 151 54.28 -52.80 36.33
C SER K 151 54.06 -54.24 35.86
N ALA K 152 54.13 -54.44 34.54
CA ALA K 152 53.93 -55.76 33.96
C ALA K 152 54.76 -55.86 32.68
N LEU K 153 54.98 -57.10 32.25
CA LEU K 153 55.75 -57.40 31.05
C LEU K 153 54.79 -57.89 29.98
N TRP K 154 54.88 -57.30 28.79
CA TRP K 154 54.02 -57.64 27.67
C TRP K 154 54.85 -58.06 26.47
N GLU K 155 54.34 -59.04 25.73
CA GLU K 155 55.03 -59.67 24.62
C GLU K 155 54.24 -59.43 23.33
N ILE K 156 54.95 -59.05 22.27
CA ILE K 156 54.31 -58.70 21.01
C ILE K 156 53.88 -59.95 20.25
N GLN K 157 52.73 -59.86 19.57
CA GLN K 157 52.31 -60.93 18.68
C GLN K 157 51.84 -60.42 17.32
N GLN K 158 51.31 -59.20 17.26
CA GLN K 158 50.63 -58.72 16.08
C GLN K 158 50.75 -57.20 15.94
N VAL K 159 51.00 -56.74 14.72
CA VAL K 159 51.10 -55.33 14.39
C VAL K 159 50.37 -55.09 13.08
N VAL K 160 49.54 -54.05 13.03
CA VAL K 160 48.86 -53.63 11.82
C VAL K 160 48.93 -52.12 11.71
N ASP K 161 48.45 -51.60 10.57
CA ASP K 161 48.44 -50.18 10.28
C ASP K 161 47.00 -49.69 10.13
N ALA K 162 46.84 -48.45 9.66
CA ALA K 162 45.51 -47.89 9.47
C ALA K 162 44.69 -48.71 8.48
N ASP K 163 45.35 -49.47 7.61
CA ASP K 163 44.66 -50.28 6.63
C ASP K 163 44.42 -51.71 7.12
N SER K 164 44.72 -51.99 8.38
CA SER K 164 44.44 -53.29 9.01
C SER K 164 45.10 -54.44 8.25
N LYS K 165 46.34 -54.24 7.79
CA LYS K 165 47.09 -55.28 7.10
C LYS K 165 48.36 -55.59 7.89
N ILE K 166 48.85 -56.82 7.72
CA ILE K 166 50.02 -57.27 8.47
C ILE K 166 51.25 -56.46 8.08
N VAL K 167 52.03 -56.10 9.09
CA VAL K 167 53.34 -55.48 8.91
C VAL K 167 54.30 -56.10 9.91
N GLN K 168 55.48 -56.49 9.44
CA GLN K 168 56.42 -57.21 10.27
C GLN K 168 57.29 -56.25 11.08
N LEU K 169 57.81 -56.76 12.21
CA LEU K 169 58.63 -55.96 13.10
C LEU K 169 59.91 -55.46 12.43
N SER K 170 60.43 -56.19 11.45
CA SER K 170 61.60 -55.71 10.72
C SER K 170 61.26 -54.53 9.82
N GLU K 171 60.00 -54.39 9.42
CA GLU K 171 59.60 -53.33 8.50
C GLU K 171 59.60 -51.95 9.13
N ILE K 172 59.48 -51.86 10.46
CA ILE K 172 59.42 -50.57 11.11
C ILE K 172 60.83 -50.08 11.41
N SER K 173 61.45 -49.43 10.43
CA SER K 173 62.75 -48.82 10.60
C SER K 173 62.61 -47.30 10.36
N MET K 174 63.68 -46.54 10.55
CA MET K 174 63.64 -45.10 10.32
C MET K 174 63.45 -44.82 8.83
N ASP K 175 64.21 -45.51 7.98
CA ASP K 175 64.16 -45.27 6.54
C ASP K 175 62.92 -45.85 5.88
N ASN K 176 62.44 -47.02 6.34
CA ASN K 176 61.23 -47.62 5.78
C ASN K 176 59.97 -47.00 6.36
N SER K 177 60.08 -46.17 7.39
CA SER K 177 58.90 -45.61 8.03
C SER K 177 57.97 -44.84 7.09
N PRO K 178 58.44 -43.97 6.18
CA PRO K 178 57.49 -43.15 5.39
C PRO K 178 56.63 -43.96 4.43
N ASN K 179 56.82 -45.28 4.41
CA ASN K 179 56.06 -46.16 3.53
C ASN K 179 54.93 -46.88 4.26
N LEU K 180 54.55 -46.40 5.44
CA LEU K 180 53.56 -47.06 6.27
C LEU K 180 52.51 -46.06 6.72
N ALA K 181 51.29 -46.53 6.95
CA ALA K 181 50.27 -45.71 7.60
C ALA K 181 50.66 -45.54 9.07
N TRP K 182 50.43 -44.36 9.63
CA TRP K 182 51.00 -44.19 10.97
C TRP K 182 50.01 -43.82 12.07
N PRO K 183 48.82 -44.38 12.12
CA PRO K 183 48.25 -44.77 13.42
C PRO K 183 48.50 -46.24 13.71
N LEU K 184 49.75 -46.67 13.90
CA LEU K 184 50.00 -48.10 13.98
C LEU K 184 49.36 -48.72 15.21
N ILE K 185 48.82 -49.92 15.04
CA ILE K 185 48.20 -50.68 16.12
C ILE K 185 49.13 -51.85 16.42
N VAL K 186 49.46 -52.04 17.69
CA VAL K 186 50.26 -53.20 18.11
C VAL K 186 49.53 -53.84 19.30
N THR K 187 49.33 -55.15 19.24
CA THR K 187 48.71 -55.84 20.37
C THR K 187 49.71 -56.76 21.05
N ALA K 188 49.62 -56.81 22.38
CA ALA K 188 50.54 -57.58 23.21
C ALA K 188 49.73 -58.36 24.23
N LEU K 189 50.33 -59.45 24.70
CA LEU K 189 49.72 -60.34 25.67
C LEU K 189 50.47 -60.24 26.99
N ARG K 190 49.73 -60.33 28.09
CA ARG K 190 50.36 -60.28 29.40
C ARG K 190 51.18 -61.54 29.64
N ALA K 191 52.50 -61.37 29.66
CA ALA K 191 53.42 -62.48 29.86
C ALA K 191 53.46 -62.89 31.32
N ASN K 192 53.67 -64.19 31.54
CA ASN K 192 53.74 -64.74 32.89
C ASN K 192 54.83 -65.80 32.99
N LYS L 2 37.18 -16.82 -11.86
CA LYS L 2 37.56 -18.09 -12.49
C LYS L 2 37.91 -19.13 -11.43
N MET L 3 38.42 -18.67 -10.29
CA MET L 3 38.78 -19.60 -9.23
C MET L 3 37.56 -20.35 -8.71
N SER L 4 36.36 -19.78 -8.88
CA SER L 4 35.15 -20.49 -8.48
C SER L 4 34.99 -21.80 -9.24
N ASP L 5 35.24 -21.77 -10.56
CA ASP L 5 35.21 -22.99 -11.35
C ASP L 5 36.27 -23.97 -10.85
N VAL L 6 37.44 -23.47 -10.49
CA VAL L 6 38.50 -24.30 -9.96
C VAL L 6 38.04 -25.04 -8.71
N LYS L 7 37.44 -24.30 -7.77
CA LYS L 7 37.00 -24.94 -6.54
C LYS L 7 35.88 -25.94 -6.79
N CYS L 8 34.94 -25.60 -7.68
CA CYS L 8 33.85 -26.52 -7.99
C CYS L 8 34.37 -27.82 -8.58
N THR L 9 35.27 -27.73 -9.56
CA THR L 9 35.80 -28.96 -10.16
C THR L 9 36.68 -29.73 -9.18
N SER L 10 37.38 -29.04 -8.27
CA SER L 10 38.10 -29.75 -7.22
C SER L 10 37.15 -30.54 -6.35
N VAL L 11 36.01 -29.93 -5.99
CA VAL L 11 35.01 -30.61 -5.18
C VAL L 11 34.54 -31.87 -5.89
N VAL L 12 34.17 -31.73 -7.17
CA VAL L 12 33.64 -32.88 -7.90
C VAL L 12 34.70 -33.96 -8.05
N LEU L 13 35.96 -33.54 -8.25
CA LEU L 13 37.03 -34.51 -8.44
C LEU L 13 37.30 -35.30 -7.17
N LEU L 14 37.32 -34.63 -6.01
CA LEU L 14 37.49 -35.40 -4.78
C LEU L 14 36.28 -36.28 -4.52
N SER L 15 35.08 -35.83 -4.92
CA SER L 15 33.90 -36.66 -4.75
C SER L 15 34.04 -37.96 -5.53
N VAL L 16 34.43 -37.87 -6.79
CA VAL L 16 34.57 -39.08 -7.59
C VAL L 16 35.74 -39.93 -7.09
N LEU L 17 36.78 -39.29 -6.58
CA LEU L 17 37.88 -40.06 -6.00
C LEU L 17 37.40 -40.89 -4.82
N GLN L 18 36.62 -40.29 -3.92
CA GLN L 18 36.08 -41.07 -2.81
C GLN L 18 35.18 -42.19 -3.29
N GLN L 19 34.28 -41.89 -4.23
CA GLN L 19 33.41 -42.97 -4.69
C GLN L 19 34.19 -44.05 -5.43
N LEU L 20 35.44 -43.79 -5.81
CA LEU L 20 36.30 -44.84 -6.33
C LEU L 20 37.02 -45.60 -5.23
N ARG L 21 36.60 -45.44 -3.98
CA ARG L 21 37.17 -46.14 -2.83
C ARG L 21 38.69 -45.94 -2.74
N VAL L 22 39.15 -44.71 -3.02
CA VAL L 22 40.55 -44.40 -2.77
C VAL L 22 40.82 -44.28 -1.27
N GLU L 23 39.76 -44.10 -0.48
CA GLU L 23 39.86 -43.93 0.97
C GLU L 23 40.45 -45.16 1.65
N SER L 24 40.42 -46.33 1.02
CA SER L 24 40.97 -47.55 1.58
C SER L 24 42.48 -47.49 1.70
N SER L 25 43.13 -46.51 1.09
CA SER L 25 44.55 -46.24 1.30
C SER L 25 44.62 -44.98 2.16
N SER L 26 44.93 -45.16 3.43
CA SER L 26 44.84 -44.06 4.39
C SER L 26 45.68 -42.87 3.97
N LYS L 27 46.95 -43.12 3.62
CA LYS L 27 47.83 -42.02 3.28
C LYS L 27 47.40 -41.31 2.00
N LEU L 28 46.96 -42.07 0.99
CA LEU L 28 46.52 -41.46 -0.26
C LEU L 28 45.32 -40.56 -0.02
N TRP L 29 44.31 -41.06 0.70
CA TRP L 29 43.15 -40.25 1.00
C TRP L 29 43.52 -39.04 1.85
N ALA L 30 44.45 -39.21 2.78
CA ALA L 30 44.89 -38.07 3.60
C ALA L 30 45.50 -36.99 2.73
N GLN L 31 46.37 -37.37 1.80
CA GLN L 31 46.98 -36.37 0.92
C GLN L 31 45.95 -35.69 0.05
N CYS L 32 44.99 -36.47 -0.49
CA CYS L 32 43.97 -35.87 -1.33
C CYS L 32 43.11 -34.89 -0.54
N VAL L 33 42.76 -35.24 0.69
CA VAL L 33 42.00 -34.33 1.55
C VAL L 33 42.81 -33.07 1.85
N GLN L 34 44.11 -33.23 2.09
CA GLN L 34 44.96 -32.08 2.29
C GLN L 34 44.92 -31.15 1.08
N LEU L 35 45.04 -31.72 -0.11
CA LEU L 35 45.02 -30.92 -1.33
C LEU L 35 43.68 -30.21 -1.51
N HIS L 36 42.58 -30.91 -1.26
CA HIS L 36 41.27 -30.30 -1.39
C HIS L 36 41.12 -29.13 -0.42
N ASN L 37 41.46 -29.36 0.86
CA ASN L 37 41.35 -28.27 1.83
C ASN L 37 42.25 -27.11 1.49
N ASP L 38 43.41 -27.37 0.89
CA ASP L 38 44.27 -26.28 0.42
C ASP L 38 43.62 -25.49 -0.71
N ILE L 39 43.00 -26.15 -1.68
CA ILE L 39 42.43 -25.44 -2.82
C ILE L 39 41.29 -24.52 -2.38
N LEU L 40 40.34 -25.05 -1.61
CA LEU L 40 39.19 -24.25 -1.18
C LEU L 40 39.59 -23.04 -0.36
N LEU L 41 40.68 -23.12 0.39
CA LEU L 41 41.12 -22.01 1.23
C LEU L 41 42.06 -21.05 0.50
N ALA L 42 42.52 -21.40 -0.69
CA ALA L 42 43.47 -20.57 -1.41
C ALA L 42 42.80 -19.27 -1.88
N LYS L 43 43.64 -18.27 -2.15
CA LYS L 43 43.16 -16.97 -2.63
C LYS L 43 43.74 -16.55 -3.97
N ASP L 44 44.79 -17.22 -4.45
CA ASP L 44 45.40 -16.92 -5.74
C ASP L 44 45.12 -18.05 -6.73
N THR L 45 44.91 -17.69 -7.99
CA THR L 45 44.48 -18.67 -8.98
C THR L 45 45.61 -19.59 -9.45
N THR L 46 46.85 -19.10 -9.56
CA THR L 46 47.95 -19.90 -10.07
C THR L 46 48.28 -21.11 -9.19
N GLU L 47 48.30 -20.94 -7.88
CA GLU L 47 48.53 -22.03 -6.94
C GLU L 47 47.44 -23.10 -7.03
N ALA L 48 46.21 -22.65 -7.25
CA ALA L 48 45.09 -23.59 -7.35
C ALA L 48 45.26 -24.54 -8.51
N PHE L 49 45.76 -24.04 -9.65
CA PHE L 49 45.94 -24.90 -10.81
C PHE L 49 46.95 -26.00 -10.54
N GLU L 50 48.09 -25.67 -9.93
CA GLU L 50 49.09 -26.69 -9.69
C GLU L 50 48.62 -27.68 -8.62
N LYS L 51 47.91 -27.20 -7.60
CA LYS L 51 47.32 -28.15 -6.66
C LYS L 51 46.29 -29.07 -7.30
N MET L 52 45.42 -28.56 -8.17
CA MET L 52 44.37 -29.41 -8.72
C MET L 52 44.97 -30.43 -9.67
N VAL L 53 45.97 -30.04 -10.47
CA VAL L 53 46.61 -31.02 -11.34
C VAL L 53 47.36 -32.05 -10.50
N SER L 54 47.95 -31.62 -9.37
CA SER L 54 48.61 -32.56 -8.50
C SER L 54 47.63 -33.61 -7.97
N LEU L 55 46.44 -33.19 -7.55
CA LEU L 55 45.51 -34.18 -7.02
C LEU L 55 44.80 -34.95 -8.12
N LEU L 56 44.77 -34.40 -9.33
CA LEU L 56 44.18 -35.14 -10.46
C LEU L 56 45.12 -36.23 -10.95
N SER L 57 46.44 -36.03 -10.79
CA SER L 57 47.38 -37.10 -11.10
C SER L 57 47.07 -38.35 -10.29
N VAL L 58 46.52 -38.19 -9.08
CA VAL L 58 46.12 -39.35 -8.28
C VAL L 58 45.01 -40.13 -8.99
N LEU L 59 44.00 -39.43 -9.51
CA LEU L 59 42.97 -40.11 -10.28
C LEU L 59 43.53 -40.77 -11.52
N LEU L 60 44.40 -40.07 -12.25
CA LEU L 60 44.89 -40.58 -13.51
C LEU L 60 45.88 -41.73 -13.35
N SER L 61 46.39 -41.96 -12.15
CA SER L 61 47.27 -43.09 -11.89
C SER L 61 46.53 -44.40 -11.69
N MET L 62 45.21 -44.35 -11.55
CA MET L 62 44.41 -45.55 -11.31
C MET L 62 43.97 -46.15 -12.64
N GLN L 63 43.22 -47.25 -12.57
CA GLN L 63 42.72 -47.94 -13.76
C GLN L 63 41.26 -48.32 -13.57
N GLY L 64 40.51 -47.49 -12.86
CA GLY L 64 39.10 -47.78 -12.60
C GLY L 64 38.16 -46.83 -13.31
N ALA L 65 38.70 -45.90 -14.07
CA ALA L 65 37.92 -44.92 -14.80
C ALA L 65 38.45 -44.86 -16.23
N VAL L 66 37.68 -45.42 -17.17
CA VAL L 66 38.09 -45.43 -18.56
C VAL L 66 38.03 -44.01 -19.12
N ASP L 67 39.20 -43.41 -19.30
CA ASP L 67 39.31 -42.03 -19.76
C ASP L 67 38.95 -41.85 -21.22
N ILE L 68 39.35 -42.79 -22.09
CA ILE L 68 39.18 -42.59 -23.52
C ILE L 68 37.71 -42.63 -23.91
N ASN L 69 36.92 -43.53 -23.31
CA ASN L 69 35.48 -43.53 -23.57
C ASN L 69 34.82 -42.28 -23.01
N LYS L 70 35.25 -41.85 -21.82
CA LYS L 70 34.66 -40.70 -21.14
C LYS L 70 34.98 -39.38 -21.83
N LEU L 71 36.08 -39.31 -22.59
CA LEU L 71 36.45 -38.14 -23.36
C LEU L 71 35.79 -38.13 -24.73
N CYS L 72 34.45 -38.13 -24.77
CA CYS L 72 33.74 -38.23 -26.03
C CYS L 72 33.73 -36.92 -26.81
N GLU L 73 34.11 -35.81 -26.20
CA GLU L 73 34.05 -34.50 -26.84
C GLU L 73 32.63 -34.18 -27.31
N PHE M 6 -16.83 -29.41 -14.53
CA PHE M 6 -17.78 -30.48 -14.23
C PHE M 6 -19.08 -30.30 -15.01
N SER M 7 -19.02 -30.58 -16.31
CA SER M 7 -20.18 -30.42 -17.17
C SER M 7 -20.62 -31.72 -17.83
N SER M 8 -19.97 -32.82 -17.52
CA SER M 8 -20.28 -34.13 -18.12
C SER M 8 -20.95 -35.06 -17.12
N LEU M 9 -21.82 -34.51 -16.27
CA LEU M 9 -22.50 -35.29 -15.26
C LEU M 9 -24.01 -35.16 -15.41
N PRO M 10 -24.77 -36.20 -15.07
CA PRO M 10 -26.23 -36.11 -15.17
C PRO M 10 -26.82 -34.97 -14.35
N SER M 11 -26.25 -34.70 -13.18
CA SER M 11 -26.75 -33.60 -12.35
C SER M 11 -26.59 -32.26 -13.05
N TYR M 12 -25.64 -32.14 -13.98
CA TYR M 12 -25.57 -30.95 -14.81
C TYR M 12 -26.82 -30.81 -15.67
N ALA M 13 -27.30 -31.93 -16.23
CA ALA M 13 -28.54 -31.89 -17.00
C ALA M 13 -29.73 -31.55 -16.11
N ALA M 14 -29.74 -32.09 -14.87
CA ALA M 14 -30.80 -31.74 -13.94
C ALA M 14 -30.79 -30.25 -13.62
N PHE M 15 -29.59 -29.70 -13.40
CA PHE M 15 -29.43 -28.25 -13.22
C PHE M 15 -29.96 -27.48 -14.41
N ALA M 16 -29.63 -27.92 -15.62
CA ALA M 16 -30.10 -27.22 -16.81
C ALA M 16 -31.62 -27.22 -16.90
N THR M 17 -32.24 -28.37 -16.63
CA THR M 17 -33.70 -28.45 -16.66
C THR M 17 -34.32 -27.53 -15.62
N ALA M 18 -33.77 -27.56 -14.40
CA ALA M 18 -34.31 -26.71 -13.33
C ALA M 18 -34.17 -25.24 -13.68
N GLN M 19 -33.01 -24.83 -14.20
CA GLN M 19 -32.78 -23.44 -14.54
C GLN M 19 -33.68 -22.99 -15.68
N GLU M 20 -33.90 -23.85 -16.67
CA GLU M 20 -34.82 -23.51 -17.76
C GLU M 20 -36.23 -23.33 -17.24
N ALA M 21 -36.68 -24.22 -16.34
CA ALA M 21 -38.01 -24.07 -15.76
C ALA M 21 -38.11 -22.77 -14.97
N TYR M 22 -37.07 -22.45 -14.20
CA TYR M 22 -37.11 -21.23 -13.39
C TYR M 22 -37.12 -19.98 -14.27
N GLU M 23 -36.34 -19.99 -15.37
CA GLU M 23 -36.34 -18.87 -16.30
C GLU M 23 -37.70 -18.70 -16.96
N GLN M 24 -38.35 -19.82 -17.31
CA GLN M 24 -39.70 -19.74 -17.86
C GLN M 24 -40.66 -19.16 -16.84
N ALA M 25 -40.52 -19.56 -15.57
CA ALA M 25 -41.37 -19.01 -14.51
C ALA M 25 -41.17 -17.50 -14.37
N VAL M 26 -39.91 -17.06 -14.37
CA VAL M 26 -39.62 -15.63 -14.24
C VAL M 26 -40.13 -14.83 -15.43
N ALA M 27 -39.90 -15.29 -16.66
CA ALA M 27 -40.40 -14.59 -17.83
C ALA M 27 -41.91 -14.70 -17.96
N ASN M 28 -42.54 -15.60 -17.22
CA ASN M 28 -44.00 -15.73 -17.23
C ASN M 28 -44.67 -15.05 -16.05
N GLY M 29 -44.10 -15.15 -14.85
CA GLY M 29 -44.73 -14.58 -13.66
C GLY M 29 -46.09 -15.18 -13.40
N ASP M 30 -46.17 -16.50 -13.34
CA ASP M 30 -47.47 -17.19 -13.34
C ASP M 30 -48.14 -17.13 -11.97
N SER M 31 -47.50 -17.69 -10.94
CA SER M 31 -48.13 -17.82 -9.64
C SER M 31 -47.08 -17.50 -8.57
N GLU M 32 -47.40 -17.83 -7.32
CA GLU M 32 -46.48 -17.62 -6.21
C GLU M 32 -46.17 -18.89 -5.42
N VAL M 33 -46.98 -19.93 -5.59
CA VAL M 33 -46.65 -21.24 -5.02
C VAL M 33 -46.08 -22.13 -6.11
N VAL M 34 -46.55 -21.95 -7.35
CA VAL M 34 -46.09 -22.79 -8.44
C VAL M 34 -44.60 -22.58 -8.70
N LEU M 35 -44.12 -21.34 -8.70
CA LEU M 35 -42.68 -21.11 -8.80
C LEU M 35 -41.94 -21.50 -7.54
N LYS M 36 -42.61 -21.56 -6.39
CA LYS M 36 -41.99 -22.17 -5.21
C LYS M 36 -41.70 -23.64 -5.42
N LYS M 37 -42.64 -24.40 -6.01
CA LYS M 37 -42.34 -25.75 -6.45
C LYS M 37 -41.26 -25.78 -7.53
N LEU M 38 -41.09 -24.68 -8.25
CA LEU M 38 -39.99 -24.53 -9.19
C LEU M 38 -38.72 -24.01 -8.52
N LYS M 39 -38.74 -23.82 -7.19
CA LYS M 39 -37.53 -23.66 -6.42
C LYS M 39 -37.47 -24.57 -5.19
N LYS M 40 -38.50 -25.37 -4.94
CA LYS M 40 -38.46 -26.34 -3.85
C LYS M 40 -37.77 -27.53 -4.45
N SER M 41 -37.90 -27.67 -5.75
CA SER M 41 -37.24 -28.78 -6.44
C SER M 41 -36.08 -28.27 -7.29
N LEU M 42 -35.63 -27.04 -7.02
CA LEU M 42 -34.56 -26.42 -7.79
C LEU M 42 -33.34 -26.12 -6.94
N ASN M 43 -33.53 -25.42 -5.82
CA ASN M 43 -32.37 -25.18 -4.97
C ASN M 43 -31.80 -26.50 -4.44
N VAL M 44 -32.63 -27.52 -4.29
CA VAL M 44 -32.10 -28.85 -4.01
C VAL M 44 -31.31 -29.37 -5.20
N ALA M 45 -31.69 -29.02 -6.43
CA ALA M 45 -30.97 -29.52 -7.59
C ALA M 45 -29.48 -29.18 -7.56
N LYS M 46 -29.07 -28.23 -6.72
CA LYS M 46 -27.67 -28.07 -6.34
C LYS M 46 -27.28 -28.97 -5.18
N SER M 47 -28.22 -29.27 -4.28
CA SER M 47 -27.92 -30.15 -3.14
C SER M 47 -27.63 -31.57 -3.59
N GLU M 48 -27.98 -31.93 -4.83
CA GLU M 48 -27.45 -33.13 -5.47
C GLU M 48 -26.66 -32.77 -6.73
N PHE M 49 -26.13 -31.56 -6.78
CA PHE M 49 -25.15 -31.16 -7.79
C PHE M 49 -23.88 -30.55 -7.21
N ASP M 50 -23.96 -29.94 -6.04
CA ASP M 50 -22.79 -29.29 -5.47
C ASP M 50 -21.89 -30.28 -4.73
N ARG M 51 -22.32 -31.51 -4.51
CA ARG M 51 -21.46 -32.49 -3.84
C ARG M 51 -20.95 -33.57 -4.77
N ASP M 52 -21.75 -34.09 -5.70
CA ASP M 52 -21.18 -35.01 -6.69
C ASP M 52 -20.14 -34.31 -7.55
N ALA M 53 -20.19 -32.98 -7.62
CA ALA M 53 -19.13 -32.18 -8.23
C ALA M 53 -18.08 -31.76 -7.22
N ALA M 54 -18.13 -32.30 -6.00
CA ALA M 54 -17.21 -31.92 -4.94
C ALA M 54 -16.21 -33.03 -4.61
N MET M 55 -16.66 -34.25 -4.32
CA MET M 55 -15.69 -35.28 -3.98
C MET M 55 -14.89 -35.70 -5.20
N GLN M 56 -15.48 -35.66 -6.39
CA GLN M 56 -14.71 -35.95 -7.59
C GLN M 56 -13.69 -34.86 -7.88
N ARG M 57 -14.06 -33.60 -7.63
CA ARG M 57 -13.09 -32.51 -7.75
C ARG M 57 -11.97 -32.66 -6.74
N LYS M 58 -12.27 -33.07 -5.51
CA LYS M 58 -11.23 -33.39 -4.55
C LYS M 58 -10.34 -34.52 -5.06
N LEU M 59 -10.95 -35.57 -5.62
CA LEU M 59 -10.21 -36.72 -6.13
C LEU M 59 -9.26 -36.32 -7.24
N GLU M 60 -9.68 -35.42 -8.13
CA GLU M 60 -8.83 -34.97 -9.22
C GLU M 60 -7.46 -34.50 -8.69
N LYS M 61 -7.47 -33.43 -7.90
CA LYS M 61 -6.23 -32.89 -7.36
C LYS M 61 -5.57 -33.82 -6.35
N MET M 62 -6.32 -34.66 -5.66
CA MET M 62 -5.71 -35.56 -4.67
C MET M 62 -4.92 -36.68 -5.33
N ALA M 63 -5.52 -37.30 -6.35
CA ALA M 63 -4.77 -38.22 -7.21
C ALA M 63 -3.58 -37.52 -7.83
N ASP M 64 -3.77 -36.28 -8.29
CA ASP M 64 -2.65 -35.54 -8.87
C ASP M 64 -1.51 -35.37 -7.88
N GLN M 65 -1.80 -34.94 -6.65
CA GLN M 65 -0.77 -34.78 -5.65
C GLN M 65 -0.13 -36.10 -5.27
N ALA M 66 -0.88 -37.20 -5.27
CA ALA M 66 -0.24 -38.47 -4.98
C ALA M 66 0.72 -38.91 -6.08
N MET M 67 0.28 -38.81 -7.34
CA MET M 67 1.11 -39.30 -8.43
C MET M 67 2.32 -38.41 -8.63
N THR M 68 2.19 -37.09 -8.40
CA THR M 68 3.38 -36.25 -8.54
C THR M 68 4.39 -36.51 -7.43
N GLN M 69 3.93 -36.75 -6.20
CA GLN M 69 4.86 -37.08 -5.12
C GLN M 69 5.55 -38.41 -5.36
N MET M 70 4.83 -39.39 -5.90
CA MET M 70 5.49 -40.67 -6.13
C MET M 70 6.37 -40.59 -7.38
N TYR M 71 6.06 -39.70 -8.32
CA TYR M 71 7.06 -39.28 -9.30
C TYR M 71 8.31 -38.74 -8.63
N LYS M 72 8.13 -37.87 -7.65
CA LYS M 72 9.30 -37.27 -7.00
C LYS M 72 10.14 -38.33 -6.32
N GLN M 73 9.51 -39.32 -5.67
CA GLN M 73 10.30 -40.38 -5.05
C GLN M 73 10.93 -41.27 -6.11
N ALA M 74 10.27 -41.44 -7.26
CA ALA M 74 10.88 -42.18 -8.36
C ALA M 74 12.15 -41.49 -8.86
N ARG M 75 12.10 -40.18 -9.01
CA ARG M 75 13.26 -39.42 -9.43
C ARG M 75 14.35 -39.45 -8.37
N SER M 76 13.95 -39.44 -7.09
CA SER M 76 14.94 -39.51 -6.03
C SER M 76 15.56 -40.89 -5.92
N GLU M 77 14.85 -41.94 -6.35
CA GLU M 77 15.38 -43.29 -6.23
C GLU M 77 16.19 -43.72 -7.44
N ASP M 78 15.89 -43.20 -8.64
CA ASP M 78 16.74 -43.47 -9.78
C ASP M 78 17.88 -42.47 -9.91
N LYS M 79 17.74 -41.28 -9.32
CA LYS M 79 18.81 -40.29 -9.28
C LYS M 79 20.04 -40.79 -8.52
N ARG M 80 19.83 -41.45 -7.39
CA ARG M 80 20.92 -41.96 -6.57
C ARG M 80 21.43 -43.31 -7.05
N ALA M 81 20.81 -43.88 -8.09
CA ALA M 81 21.22 -45.18 -8.62
C ALA M 81 22.23 -45.04 -9.75
N LYS M 82 22.54 -43.82 -10.20
CA LYS M 82 23.47 -43.61 -11.30
C LYS M 82 24.51 -42.56 -10.96
N VAL M 83 24.86 -42.42 -9.69
CA VAL M 83 25.74 -41.33 -9.26
C VAL M 83 27.15 -41.51 -9.81
N THR M 84 27.64 -42.75 -9.86
CA THR M 84 29.03 -43.01 -10.21
C THR M 84 29.36 -42.53 -11.62
N SER M 85 28.36 -42.49 -12.49
CA SER M 85 28.54 -41.95 -13.84
C SER M 85 28.18 -40.48 -13.94
N ALA M 86 27.13 -40.06 -13.23
CA ALA M 86 26.71 -38.66 -13.30
C ALA M 86 27.82 -37.73 -12.83
N MET M 87 28.40 -38.01 -11.67
CA MET M 87 29.44 -37.13 -11.14
C MET M 87 30.67 -37.12 -12.04
N GLN M 88 31.06 -38.27 -12.59
CA GLN M 88 32.27 -38.32 -13.40
C GLN M 88 32.09 -37.61 -14.74
N THR M 89 30.93 -37.76 -15.37
CA THR M 89 30.67 -36.98 -16.58
C THR M 89 30.62 -35.48 -16.26
N MET M 90 30.00 -35.11 -15.14
CA MET M 90 29.95 -33.71 -14.77
C MET M 90 31.35 -33.16 -14.55
N LEU M 91 32.19 -33.96 -13.88
CA LEU M 91 33.59 -33.61 -13.65
C LEU M 91 34.32 -33.35 -14.95
N PHE M 92 34.21 -34.27 -15.91
CA PHE M 92 34.99 -34.11 -17.13
C PHE M 92 34.46 -32.99 -18.00
N THR M 93 33.15 -32.75 -17.99
CA THR M 93 32.62 -31.56 -18.65
C THR M 93 33.22 -30.30 -18.04
N MET M 94 33.25 -30.23 -16.70
CA MET M 94 33.85 -29.07 -16.05
C MET M 94 35.33 -28.94 -16.38
N LEU M 95 36.06 -30.06 -16.39
CA LEU M 95 37.48 -30.06 -16.73
C LEU M 95 37.70 -29.48 -18.11
N ARG M 96 37.00 -30.00 -19.11
CA ARG M 96 37.12 -29.50 -20.46
C ARG M 96 36.67 -28.05 -20.58
N LYS M 97 35.73 -27.62 -19.74
CA LYS M 97 35.31 -26.22 -19.77
C LYS M 97 36.37 -25.30 -19.17
N LEU M 98 37.17 -25.79 -18.22
CA LEU M 98 38.11 -24.91 -17.53
C LEU M 98 39.18 -24.38 -18.47
N ASP M 99 39.65 -25.20 -19.41
CA ASP M 99 40.57 -24.79 -20.46
C ASP M 99 41.89 -24.26 -19.89
N ASN M 100 42.62 -25.17 -19.28
CA ASN M 100 43.97 -24.90 -18.79
C ASN M 100 44.96 -25.85 -19.46
N ASP M 101 46.08 -25.29 -19.90
CA ASP M 101 47.07 -26.10 -20.61
C ASP M 101 47.63 -27.21 -19.73
N ALA M 102 47.84 -26.91 -18.45
CA ALA M 102 48.43 -27.89 -17.55
C ALA M 102 47.58 -29.15 -17.46
N LEU M 103 46.27 -29.01 -17.24
CA LEU M 103 45.43 -30.21 -17.16
C LEU M 103 45.25 -30.86 -18.51
N ASN M 104 45.23 -30.06 -19.59
CA ASN M 104 45.05 -30.61 -20.92
C ASN M 104 46.22 -31.51 -21.32
N ASN M 105 47.45 -31.10 -21.01
CA ASN M 105 48.60 -31.93 -21.34
C ASN M 105 48.47 -33.32 -20.75
N ILE M 106 48.23 -33.40 -19.44
CA ILE M 106 48.16 -34.71 -18.80
C ILE M 106 46.89 -35.46 -19.20
N ILE M 107 45.79 -34.76 -19.50
CA ILE M 107 44.60 -35.50 -19.88
C ILE M 107 44.80 -36.18 -21.23
N ASN M 108 45.47 -35.49 -22.17
CA ASN M 108 45.81 -36.14 -23.44
C ASN M 108 46.83 -37.26 -23.23
N ASN M 109 47.81 -37.02 -22.36
CA ASN M 109 48.81 -38.05 -22.08
C ASN M 109 48.17 -39.29 -21.49
N ALA M 110 47.17 -39.11 -20.64
CA ALA M 110 46.48 -40.24 -20.03
C ALA M 110 45.59 -40.94 -21.04
N ARG M 111 44.88 -40.17 -21.89
CA ARG M 111 44.01 -40.80 -22.86
C ARG M 111 44.80 -41.60 -23.89
N ASP M 112 46.04 -41.20 -24.20
CA ASP M 112 46.78 -42.02 -25.15
C ASP M 112 47.68 -43.06 -24.49
N GLY M 113 48.72 -42.63 -23.77
CA GLY M 113 49.60 -43.62 -23.16
C GLY M 113 50.23 -43.33 -21.81
N CYS M 114 50.09 -42.11 -21.29
CA CYS M 114 50.96 -41.69 -20.20
C CYS M 114 50.22 -41.40 -18.90
N VAL M 115 50.45 -42.22 -17.88
CA VAL M 115 49.89 -41.98 -16.55
C VAL M 115 51.00 -42.12 -15.51
N PRO M 116 51.10 -41.20 -14.55
CA PRO M 116 52.07 -41.35 -13.47
C PRO M 116 51.72 -42.53 -12.56
N LEU M 117 52.67 -42.89 -11.71
CA LEU M 117 52.45 -43.91 -10.69
C LEU M 117 52.30 -43.36 -9.29
N ASN M 118 52.30 -42.04 -9.14
CA ASN M 118 52.10 -41.40 -7.84
C ASN M 118 51.62 -39.99 -8.06
N ILE M 119 51.33 -39.30 -6.96
CA ILE M 119 50.97 -37.88 -7.03
C ILE M 119 52.13 -37.12 -7.64
N ILE M 120 51.82 -36.22 -8.57
CA ILE M 120 52.87 -35.38 -9.15
C ILE M 120 53.23 -34.32 -8.12
N PRO M 121 54.49 -34.20 -7.73
CA PRO M 121 54.87 -33.22 -6.72
C PRO M 121 55.09 -31.85 -7.32
N LEU M 122 54.86 -30.83 -6.50
CA LEU M 122 55.03 -29.45 -6.93
C LEU M 122 56.34 -28.84 -6.46
N THR M 123 57.06 -29.52 -5.57
CA THR M 123 58.39 -29.07 -5.18
C THR M 123 59.39 -29.31 -6.30
N THR M 124 60.46 -28.54 -6.29
CA THR M 124 61.46 -28.60 -7.35
C THR M 124 62.49 -29.69 -7.10
N ALA M 125 62.25 -30.52 -6.08
CA ALA M 125 63.23 -31.52 -5.67
C ALA M 125 62.72 -32.94 -5.80
N ALA M 126 61.41 -33.14 -5.63
CA ALA M 126 60.84 -34.48 -5.52
C ALA M 126 60.87 -35.25 -6.84
N LYS M 127 60.42 -36.50 -6.80
CA LYS M 127 60.60 -37.44 -7.90
C LYS M 127 59.26 -37.84 -8.51
N LEU M 128 59.29 -38.19 -9.80
CA LEU M 128 58.11 -38.70 -10.50
C LEU M 128 58.48 -39.91 -11.34
N MET M 129 57.53 -40.84 -11.48
CA MET M 129 57.66 -42.00 -12.36
C MET M 129 56.48 -41.97 -13.32
N VAL M 130 56.76 -41.87 -14.63
CA VAL M 130 55.73 -41.80 -15.65
C VAL M 130 55.92 -42.95 -16.63
N VAL M 131 54.84 -43.67 -16.92
CA VAL M 131 54.92 -44.85 -17.79
C VAL M 131 54.77 -44.41 -19.24
N ILE M 132 55.71 -44.83 -20.07
CA ILE M 132 55.68 -44.60 -21.52
C ILE M 132 55.40 -45.94 -22.18
N PRO M 133 54.27 -46.11 -22.87
CA PRO M 133 53.93 -47.42 -23.43
C PRO M 133 54.76 -47.79 -24.64
N ASP M 134 54.98 -46.83 -25.54
CA ASP M 134 55.63 -47.09 -26.81
C ASP M 134 56.74 -46.06 -27.02
N TYR M 135 57.28 -46.04 -28.22
CA TYR M 135 58.28 -45.03 -28.58
C TYR M 135 57.63 -43.77 -29.16
N ASN M 136 56.42 -43.90 -29.71
CA ASN M 136 55.75 -42.74 -30.30
C ASN M 136 55.47 -41.67 -29.25
N THR M 137 54.92 -42.07 -28.10
CA THR M 137 54.69 -41.11 -27.03
C THR M 137 56.01 -40.60 -26.48
N TYR M 138 57.05 -41.44 -26.52
CA TYR M 138 58.38 -40.99 -26.12
C TYR M 138 58.88 -39.85 -27.00
N LYS M 139 58.58 -39.93 -28.30
CA LYS M 139 58.98 -38.86 -29.22
C LYS M 139 58.39 -37.53 -28.78
N ASN M 140 57.09 -37.50 -28.52
CA ASN M 140 56.43 -36.25 -28.13
C ASN M 140 56.92 -35.78 -26.77
N THR M 141 57.01 -36.69 -25.80
CA THR M 141 57.33 -36.31 -24.43
C THR M 141 58.82 -36.16 -24.18
N CYS M 142 59.59 -37.24 -24.35
CA CYS M 142 60.99 -37.25 -23.99
C CYS M 142 61.85 -36.81 -25.16
N ASP M 143 62.60 -35.73 -24.98
CA ASP M 143 63.53 -35.19 -25.98
C ASP M 143 64.89 -35.06 -25.30
N GLY M 144 65.67 -36.13 -25.34
CA GLY M 144 66.98 -36.13 -24.71
C GLY M 144 66.90 -36.40 -23.22
N THR M 145 67.59 -35.57 -22.43
CA THR M 145 67.58 -35.70 -20.97
C THR M 145 66.38 -35.01 -20.32
N THR M 146 65.62 -34.23 -21.08
CA THR M 146 64.48 -33.48 -20.55
C THR M 146 63.20 -34.26 -20.78
N PHE M 147 62.26 -34.10 -19.86
CA PHE M 147 60.92 -34.69 -19.95
C PHE M 147 59.91 -33.57 -19.76
N THR M 148 59.12 -33.29 -20.79
CA THR M 148 58.09 -32.26 -20.72
C THR M 148 56.79 -32.92 -20.25
N TYR M 149 56.31 -32.49 -19.10
CA TYR M 149 55.12 -33.07 -18.49
C TYR M 149 54.67 -32.15 -17.38
N ALA M 150 53.35 -32.05 -17.19
CA ALA M 150 52.76 -31.11 -16.21
C ALA M 150 53.16 -29.68 -16.53
N SER M 151 53.35 -29.39 -17.82
CA SER M 151 53.78 -28.07 -18.28
C SER M 151 55.07 -27.66 -17.60
N ALA M 152 55.96 -28.62 -17.39
CA ALA M 152 57.20 -28.41 -16.66
C ALA M 152 58.26 -29.37 -17.20
N LEU M 153 59.51 -29.10 -16.82
CA LEU M 153 60.64 -29.88 -17.27
C LEU M 153 61.16 -30.75 -16.13
N TRP M 154 61.45 -32.01 -16.44
CA TRP M 154 61.92 -32.97 -15.45
C TRP M 154 63.15 -33.66 -16.03
N GLU M 155 64.29 -33.56 -15.34
CA GLU M 155 65.51 -34.18 -15.83
C GLU M 155 65.42 -35.70 -15.68
N ILE M 156 65.80 -36.42 -16.74
CA ILE M 156 65.75 -37.88 -16.70
C ILE M 156 67.02 -38.41 -16.04
N GLN M 157 66.83 -39.24 -15.01
CA GLN M 157 67.93 -39.91 -14.36
C GLN M 157 67.83 -41.42 -14.40
N GLN M 158 66.73 -41.97 -14.93
CA GLN M 158 66.50 -43.39 -14.91
C GLN M 158 65.32 -43.72 -15.83
N VAL M 159 65.48 -44.77 -16.62
CA VAL M 159 64.38 -45.35 -17.38
C VAL M 159 64.59 -46.86 -17.43
N VAL M 160 63.56 -47.62 -17.06
CA VAL M 160 63.66 -49.07 -16.96
C VAL M 160 62.42 -49.70 -17.57
N ASP M 161 62.62 -50.79 -18.30
CA ASP M 161 61.55 -51.49 -18.98
C ASP M 161 60.74 -52.32 -17.98
N ALA M 162 59.76 -53.06 -18.50
CA ALA M 162 58.76 -53.67 -17.63
C ALA M 162 59.28 -54.91 -16.90
N ASP M 163 60.44 -55.45 -17.29
CA ASP M 163 61.03 -56.58 -16.58
C ASP M 163 62.23 -56.18 -15.74
N SER M 164 62.23 -54.94 -15.21
CA SER M 164 63.13 -54.46 -14.17
C SER M 164 64.58 -54.35 -14.60
N LYS M 165 64.86 -54.40 -15.90
CA LYS M 165 66.23 -54.29 -16.40
C LYS M 165 66.50 -52.86 -16.83
N ILE M 166 67.47 -52.21 -16.18
CA ILE M 166 67.75 -50.81 -16.45
C ILE M 166 68.24 -50.64 -17.88
N VAL M 167 67.83 -49.55 -18.51
CA VAL M 167 68.21 -49.22 -19.88
C VAL M 167 68.64 -47.76 -19.88
N GLN M 168 69.76 -47.46 -20.55
CA GLN M 168 70.26 -46.10 -20.60
C GLN M 168 69.39 -45.23 -21.51
N LEU M 169 69.70 -43.94 -21.54
CA LEU M 169 68.88 -42.96 -22.25
C LEU M 169 69.01 -43.13 -23.77
N SER M 170 70.23 -43.04 -24.29
CA SER M 170 70.45 -43.01 -25.73
C SER M 170 70.16 -44.34 -26.41
N GLU M 171 69.93 -45.42 -25.66
CA GLU M 171 69.67 -46.71 -26.27
C GLU M 171 68.42 -46.69 -27.14
N ILE M 172 67.44 -45.85 -26.80
CA ILE M 172 66.15 -45.87 -27.48
C ILE M 172 66.23 -45.05 -28.78
N SER M 173 65.70 -45.62 -29.87
CA SER M 173 65.53 -44.87 -31.11
C SER M 173 64.43 -45.56 -31.91
N MET M 174 64.36 -45.26 -33.21
CA MET M 174 63.25 -45.74 -34.03
C MET M 174 63.28 -47.26 -34.21
N ASP M 175 64.32 -47.78 -34.83
CA ASP M 175 64.32 -49.17 -35.28
C ASP M 175 64.80 -50.17 -34.23
N ASN M 176 65.52 -49.73 -33.20
CA ASN M 176 65.91 -50.63 -32.13
C ASN M 176 64.93 -50.64 -30.97
N SER M 177 63.87 -49.83 -31.04
CA SER M 177 62.83 -49.83 -30.04
C SER M 177 62.16 -51.21 -29.86
N PRO M 178 61.88 -51.98 -30.94
CA PRO M 178 61.29 -53.31 -30.73
C PRO M 178 62.27 -54.32 -30.18
N ASN M 179 62.91 -54.00 -29.05
CA ASN M 179 63.79 -54.91 -28.35
C ASN M 179 63.62 -54.87 -26.84
N LEU M 180 62.65 -54.12 -26.33
CA LEU M 180 62.51 -53.87 -24.90
C LEU M 180 61.08 -54.13 -24.48
N ALA M 181 60.89 -54.44 -23.19
CA ALA M 181 59.55 -54.49 -22.61
C ALA M 181 58.93 -53.10 -22.66
N TRP M 182 57.89 -52.94 -23.48
CA TRP M 182 57.37 -51.65 -23.89
C TRP M 182 56.91 -50.71 -22.77
N PRO M 183 56.15 -51.16 -21.76
CA PRO M 183 55.69 -50.19 -20.75
C PRO M 183 56.85 -49.71 -19.88
N LEU M 184 57.66 -48.83 -20.46
CA LEU M 184 58.79 -48.25 -19.74
C LEU M 184 58.29 -47.39 -18.59
N ILE M 185 59.08 -47.30 -17.53
CA ILE M 185 58.78 -46.35 -16.47
C ILE M 185 59.95 -45.40 -16.30
N VAL M 186 59.71 -44.12 -16.55
CA VAL M 186 60.76 -43.11 -16.53
C VAL M 186 60.73 -42.39 -15.19
N THR M 187 61.85 -42.43 -14.48
CA THR M 187 62.09 -41.66 -13.27
C THR M 187 62.68 -40.31 -13.64
N ALA M 188 62.13 -39.26 -13.05
CA ALA M 188 62.56 -37.90 -13.38
C ALA M 188 62.45 -37.04 -12.13
N LEU M 189 63.22 -35.95 -12.13
CA LEU M 189 63.28 -35.00 -11.02
C LEU M 189 62.93 -33.62 -11.56
N ARG M 190 62.13 -32.88 -10.80
CA ARG M 190 61.65 -31.58 -11.28
C ARG M 190 62.80 -30.59 -11.39
N ALA M 191 62.71 -29.71 -12.37
CA ALA M 191 63.73 -28.68 -12.60
C ALA M 191 63.48 -27.47 -11.70
N VAL N 2 10.25 -47.80 -13.23
CA VAL N 2 10.15 -47.06 -14.47
C VAL N 2 10.73 -47.90 -15.61
N GLY N 3 9.87 -48.28 -16.55
CA GLY N 3 10.29 -49.11 -17.67
C GLY N 3 9.40 -48.98 -18.89
N ALA N 4 9.45 -49.96 -19.77
CA ALA N 4 8.69 -49.96 -21.01
C ALA N 4 7.82 -51.21 -21.07
N CYS N 5 6.63 -51.07 -21.65
CA CYS N 5 5.71 -52.19 -21.80
C CYS N 5 6.36 -53.30 -22.61
N VAL N 6 6.25 -54.54 -22.12
CA VAL N 6 6.74 -55.68 -22.88
C VAL N 6 5.86 -56.00 -24.08
N LEU N 7 4.63 -55.50 -24.08
CA LEU N 7 3.70 -55.70 -25.19
C LEU N 7 3.51 -54.47 -26.06
N CYS N 8 3.64 -53.27 -25.48
CA CYS N 8 3.42 -52.03 -26.20
C CYS N 8 4.67 -51.21 -26.42
N ASN N 9 5.72 -51.45 -25.64
CA ASN N 9 6.91 -50.62 -25.55
C ASN N 9 6.60 -49.22 -25.05
N SER N 10 5.36 -48.96 -24.65
CA SER N 10 5.03 -47.69 -24.02
C SER N 10 5.70 -47.60 -22.67
N GLN N 11 6.23 -46.43 -22.34
CA GLN N 11 6.87 -46.22 -21.06
C GLN N 11 5.85 -46.44 -19.94
N THR N 12 6.22 -47.24 -18.94
CA THR N 12 5.34 -47.50 -17.82
C THR N 12 6.15 -47.99 -16.64
N SER N 13 5.74 -47.57 -15.43
CA SER N 13 6.40 -47.98 -14.20
C SER N 13 5.55 -48.94 -13.38
N LEU N 14 4.83 -49.84 -14.04
CA LEU N 14 3.98 -50.80 -13.35
C LEU N 14 4.44 -52.20 -13.73
N ARG N 15 4.79 -53.00 -12.72
CA ARG N 15 5.24 -54.36 -12.93
C ARG N 15 4.30 -55.30 -12.19
N CYS N 16 3.99 -56.43 -12.81
CA CYS N 16 3.15 -57.43 -12.17
C CYS N 16 3.91 -58.06 -11.01
N GLY N 17 3.30 -58.03 -9.82
CA GLY N 17 3.93 -58.60 -8.64
C GLY N 17 3.80 -60.10 -8.50
N ALA N 18 2.97 -60.74 -9.32
CA ALA N 18 2.88 -62.19 -9.30
C ALA N 18 3.79 -62.85 -10.33
N CYS N 19 4.16 -62.12 -11.37
CA CYS N 19 5.15 -62.61 -12.31
C CYS N 19 6.51 -62.70 -11.64
N ILE N 20 7.20 -63.82 -11.86
CA ILE N 20 8.52 -63.99 -11.27
C ILE N 20 9.54 -63.01 -11.84
N ARG N 21 9.43 -62.66 -13.12
CA ARG N 21 10.33 -61.71 -13.75
C ARG N 21 9.90 -60.26 -13.55
N ARG N 22 8.66 -60.02 -13.12
CA ARG N 22 8.11 -58.69 -12.88
C ARG N 22 8.32 -57.79 -14.10
N PRO N 23 7.61 -58.02 -15.20
CA PRO N 23 7.80 -57.18 -16.37
C PRO N 23 6.96 -55.91 -16.30
N PHE N 24 7.50 -54.84 -16.86
CA PHE N 24 6.77 -53.59 -16.95
C PHE N 24 5.57 -53.74 -17.89
N LEU N 25 4.41 -53.28 -17.43
CA LEU N 25 3.17 -53.46 -18.17
C LEU N 25 2.38 -52.15 -18.14
N CYS N 26 2.02 -51.66 -19.33
CA CYS N 26 1.25 -50.43 -19.43
C CYS N 26 -0.13 -50.60 -18.78
N CYS N 27 -0.78 -49.47 -18.53
CA CYS N 27 -2.05 -49.47 -17.80
C CYS N 27 -3.05 -50.43 -18.44
N LYS N 28 -3.23 -50.33 -19.75
CA LYS N 28 -4.15 -51.23 -20.44
C LYS N 28 -3.64 -52.67 -20.37
N CYS N 29 -2.37 -52.88 -20.70
CA CYS N 29 -1.83 -54.25 -20.70
C CYS N 29 -1.84 -54.85 -19.30
N CYS N 30 -1.44 -54.07 -18.29
CA CYS N 30 -1.44 -54.61 -16.93
C CYS N 30 -2.85 -54.90 -16.47
N TYR N 31 -3.81 -54.05 -16.87
CA TYR N 31 -5.21 -54.30 -16.54
C TYR N 31 -5.69 -55.60 -17.16
N ASP N 32 -5.40 -55.80 -18.45
CA ASP N 32 -5.82 -57.04 -19.09
C ASP N 32 -5.15 -58.26 -18.47
N HIS N 33 -3.88 -58.14 -18.11
CA HIS N 33 -3.19 -59.25 -17.48
C HIS N 33 -3.77 -59.59 -16.12
N VAL N 34 -4.09 -58.56 -15.32
CA VAL N 34 -4.62 -58.82 -13.98
C VAL N 34 -6.04 -59.37 -14.05
N ILE N 35 -6.86 -58.88 -14.99
CA ILE N 35 -8.23 -59.37 -15.05
C ILE N 35 -8.34 -60.74 -15.69
N SER N 36 -7.42 -61.11 -16.58
CA SER N 36 -7.49 -62.37 -17.30
C SER N 36 -6.72 -63.49 -16.66
N THR N 37 -5.88 -63.20 -15.65
CA THR N 37 -5.08 -64.21 -14.99
C THR N 37 -5.27 -64.09 -13.49
N SER N 38 -4.78 -65.08 -12.76
CA SER N 38 -4.76 -65.04 -11.29
C SER N 38 -3.75 -64.05 -10.75
N HIS N 39 -2.89 -63.49 -11.61
CA HIS N 39 -1.90 -62.52 -11.18
C HIS N 39 -2.60 -61.24 -10.77
N LYS N 40 -2.76 -61.02 -9.47
CA LYS N 40 -3.41 -59.83 -8.94
C LYS N 40 -2.47 -58.87 -8.23
N LEU N 41 -1.16 -59.07 -8.33
CA LEU N 41 -0.21 -58.19 -7.67
C LEU N 41 0.46 -57.29 -8.71
N VAL N 42 0.41 -55.98 -8.50
CA VAL N 42 1.10 -55.02 -9.35
C VAL N 42 2.04 -54.20 -8.48
N LEU N 43 3.29 -54.10 -8.92
CA LEU N 43 4.31 -53.35 -8.19
C LEU N 43 4.62 -52.07 -8.94
N SER N 44 4.79 -50.99 -8.18
CA SER N 44 5.15 -49.68 -8.71
C SER N 44 6.40 -49.21 -7.99
N VAL N 45 6.73 -47.92 -8.11
CA VAL N 45 7.81 -47.34 -7.32
C VAL N 45 7.71 -47.80 -5.87
N ASN N 46 6.49 -47.91 -5.36
CA ASN N 46 6.16 -48.67 -4.17
C ASN N 46 5.05 -49.65 -4.48
N PRO N 47 5.01 -50.80 -3.80
CA PRO N 47 4.02 -51.84 -4.15
C PRO N 47 2.59 -51.39 -3.93
N TYR N 48 1.71 -51.84 -4.84
CA TYR N 48 0.27 -51.63 -4.70
C TYR N 48 -0.26 -52.65 -3.69
N VAL N 49 -0.07 -52.33 -2.42
CA VAL N 49 -0.52 -53.18 -1.32
C VAL N 49 -1.19 -52.29 -0.29
N CYS N 50 -2.10 -52.88 0.48
CA CYS N 50 -2.77 -52.13 1.53
C CYS N 50 -1.79 -51.72 2.61
N ASN N 51 -1.75 -50.43 2.93
CA ASN N 51 -0.89 -49.91 3.97
C ASN N 51 -1.55 -49.96 5.34
N ALA N 52 -2.65 -50.71 5.47
CA ALA N 52 -3.31 -50.83 6.76
C ALA N 52 -2.46 -51.68 7.70
N PRO N 53 -2.30 -51.24 8.93
CA PRO N 53 -1.61 -52.08 9.93
C PRO N 53 -2.31 -53.41 10.13
N GLY N 54 -1.60 -54.50 9.88
CA GLY N 54 -2.18 -55.83 10.03
C GLY N 54 -3.24 -56.18 9.02
N CYS N 55 -3.04 -55.84 7.75
CA CYS N 55 -3.95 -56.23 6.69
C CYS N 55 -3.20 -56.99 5.61
N ASP N 56 -3.89 -57.92 4.96
CA ASP N 56 -3.28 -58.80 3.97
C ASP N 56 -3.76 -58.54 2.54
N VAL N 57 -4.57 -57.51 2.32
CA VAL N 57 -5.12 -57.29 0.98
C VAL N 57 -4.01 -56.79 0.06
N THR N 58 -3.83 -57.47 -1.07
CA THR N 58 -2.85 -57.10 -2.07
C THR N 58 -3.40 -57.18 -3.50
N ASP N 59 -4.68 -57.50 -3.67
CA ASP N 59 -5.28 -57.52 -4.99
C ASP N 59 -5.54 -56.09 -5.44
N VAL N 60 -4.95 -55.70 -6.58
CA VAL N 60 -5.05 -54.32 -7.03
C VAL N 60 -6.48 -53.98 -7.43
N THR N 61 -7.27 -54.99 -7.80
CA THR N 61 -8.68 -54.76 -8.10
C THR N 61 -9.50 -54.42 -6.86
N GLN N 62 -8.90 -54.56 -5.67
CA GLN N 62 -9.60 -54.33 -4.41
C GLN N 62 -8.99 -53.19 -3.61
N LEU N 63 -8.18 -52.35 -4.24
CA LEU N 63 -7.43 -51.32 -3.52
C LEU N 63 -7.80 -49.93 -4.04
N TYR N 64 -7.62 -48.95 -3.17
CA TYR N 64 -7.95 -47.56 -3.43
C TYR N 64 -6.79 -46.68 -3.02
N LEU N 65 -6.59 -45.59 -3.77
CA LEU N 65 -5.57 -44.60 -3.45
C LEU N 65 -6.16 -43.58 -2.49
N GLY N 66 -5.94 -43.80 -1.19
CA GLY N 66 -6.42 -42.91 -0.16
C GLY N 66 -5.31 -42.18 0.56
N GLY N 67 -5.50 -40.90 0.79
CA GLY N 67 -4.39 -40.05 1.24
C GLY N 67 -3.28 -40.07 0.20
N MET N 68 -2.07 -40.43 0.66
CA MET N 68 -0.92 -40.71 -0.19
C MET N 68 -0.54 -42.17 -0.09
N SER N 69 -1.53 -43.03 0.09
CA SER N 69 -1.31 -44.42 0.39
C SER N 69 -2.36 -45.29 -0.30
N TYR N 70 -2.24 -46.60 -0.11
CA TYR N 70 -3.18 -47.57 -0.65
C TYR N 70 -3.90 -48.30 0.47
N TYR N 71 -5.20 -48.52 0.29
CA TYR N 71 -6.01 -49.18 1.31
C TYR N 71 -7.05 -50.10 0.68
N CYS N 72 -7.56 -51.02 1.48
CA CYS N 72 -8.69 -51.85 1.07
C CYS N 72 -10.00 -51.10 1.35
N LYS N 73 -11.12 -51.80 1.14
CA LYS N 73 -12.42 -51.17 1.38
C LYS N 73 -12.59 -50.79 2.85
N SER N 74 -12.29 -51.73 3.76
CA SER N 74 -12.44 -51.47 5.19
C SER N 74 -11.59 -50.29 5.65
N HIS N 75 -10.30 -50.29 5.31
CA HIS N 75 -9.36 -49.30 5.83
C HIS N 75 -9.30 -48.05 4.97
N LYS N 76 -10.23 -47.87 4.05
CA LYS N 76 -9.97 -46.70 3.23
C LYS N 76 -10.47 -45.43 3.91
N PRO N 77 -9.78 -44.32 3.70
CA PRO N 77 -10.30 -43.02 4.13
C PRO N 77 -11.47 -42.62 3.25
N PRO N 78 -12.28 -41.66 3.69
CA PRO N 78 -13.56 -41.41 2.98
C PRO N 78 -13.39 -41.03 1.52
N ILE N 79 -12.29 -40.36 1.18
CA ILE N 79 -12.08 -39.81 -0.16
C ILE N 79 -11.02 -40.64 -0.88
N SER N 80 -11.44 -41.39 -1.90
CA SER N 80 -10.52 -42.28 -2.61
C SER N 80 -11.17 -42.70 -3.91
N PHE N 81 -10.37 -43.28 -4.80
CA PHE N 81 -10.84 -43.84 -6.04
C PHE N 81 -10.16 -45.18 -6.25
N PRO N 82 -10.81 -46.12 -6.94
CA PRO N 82 -10.16 -47.40 -7.21
C PRO N 82 -8.93 -47.24 -8.08
N LEU N 83 -7.90 -48.05 -7.78
CA LEU N 83 -6.71 -48.07 -8.61
C LEU N 83 -6.98 -48.75 -9.95
N CYS N 84 -7.83 -49.78 -9.94
CA CYS N 84 -8.10 -50.62 -11.11
C CYS N 84 -9.49 -50.27 -11.62
N ALA N 85 -9.56 -49.31 -12.54
CA ALA N 85 -10.85 -48.86 -13.07
C ALA N 85 -10.64 -48.29 -14.46
N ASN N 86 -11.76 -48.15 -15.18
CA ASN N 86 -11.75 -47.63 -16.55
C ASN N 86 -10.89 -48.48 -17.47
N GLY N 87 -10.94 -49.80 -17.28
CA GLY N 87 -10.22 -50.72 -18.13
C GLY N 87 -8.71 -50.59 -18.02
N GLN N 88 -8.25 -49.88 -16.99
CA GLN N 88 -6.83 -49.68 -16.77
C GLN N 88 -6.55 -49.73 -15.27
N VAL N 89 -5.30 -49.93 -14.92
CA VAL N 89 -4.84 -49.82 -13.54
C VAL N 89 -4.12 -48.50 -13.40
N PHE N 90 -4.54 -47.69 -12.44
CA PHE N 90 -3.97 -46.36 -12.27
C PHE N 90 -2.47 -46.45 -12.04
N GLY N 91 -1.73 -45.60 -12.72
CA GLY N 91 -0.28 -45.70 -12.69
C GLY N 91 0.36 -44.50 -13.34
N LEU N 92 1.55 -44.74 -13.88
CA LEU N 92 2.39 -43.67 -14.39
C LEU N 92 2.45 -43.76 -15.91
N TYR N 93 2.67 -42.61 -16.56
CA TYR N 93 2.55 -42.51 -18.01
C TYR N 93 1.16 -42.95 -18.47
N LYS N 94 0.15 -42.63 -17.67
CA LYS N 94 -1.19 -43.13 -17.95
C LYS N 94 -1.75 -42.56 -19.25
N ASN N 95 -1.50 -41.28 -19.52
CA ASN N 95 -1.96 -40.70 -20.78
C ASN N 95 -1.28 -41.34 -21.98
N THR N 96 0.03 -41.59 -21.86
CA THR N 96 0.79 -42.22 -22.93
C THR N 96 0.65 -43.74 -22.78
N CYS N 97 -0.40 -44.29 -23.39
CA CYS N 97 -0.67 -45.72 -23.30
C CYS N 97 -1.31 -46.22 -24.58
N VAL N 98 -0.90 -47.39 -25.05
CA VAL N 98 -1.39 -47.95 -26.30
C VAL N 98 -2.33 -49.13 -26.07
N GLY N 99 -1.92 -50.08 -25.25
CA GLY N 99 -2.71 -51.28 -25.04
C GLY N 99 -2.50 -52.29 -26.16
N SER N 100 -3.01 -53.50 -25.91
CA SER N 100 -2.87 -54.59 -26.87
C SER N 100 -4.23 -55.21 -27.12
N ASP N 101 -4.49 -55.53 -28.39
CA ASP N 101 -5.74 -56.19 -28.74
C ASP N 101 -5.80 -57.59 -28.14
N ASN N 102 -4.69 -58.31 -28.17
CA ASN N 102 -4.61 -59.65 -27.61
C ASN N 102 -3.41 -59.75 -26.68
N VAL N 103 -3.66 -60.20 -25.46
CA VAL N 103 -2.62 -60.48 -24.47
C VAL N 103 -2.53 -61.96 -24.14
N THR N 104 -3.09 -62.82 -25.01
CA THR N 104 -3.14 -64.24 -24.71
C THR N 104 -1.76 -64.86 -24.66
N ASP N 105 -0.86 -64.46 -25.57
CA ASP N 105 0.49 -65.03 -25.60
C ASP N 105 1.25 -64.67 -24.34
N PHE N 106 1.17 -63.41 -23.91
CA PHE N 106 1.85 -62.98 -22.69
C PHE N 106 1.28 -63.72 -21.48
N ASN N 107 -0.05 -63.87 -21.43
CA ASN N 107 -0.68 -64.60 -20.33
C ASN N 107 -0.21 -66.05 -20.30
N ALA N 108 -0.17 -66.70 -21.45
CA ALA N 108 0.25 -68.09 -21.51
C ALA N 108 1.70 -68.24 -21.07
N ILE N 109 2.58 -67.34 -21.52
CA ILE N 109 3.98 -67.41 -21.14
C ILE N 109 4.14 -67.16 -19.65
N ALA N 110 3.38 -66.21 -19.09
CA ALA N 110 3.54 -65.89 -17.68
C ALA N 110 2.79 -66.85 -16.77
N THR N 111 1.99 -67.75 -17.35
CA THR N 111 1.23 -68.71 -16.56
C THR N 111 1.66 -70.15 -16.77
N CYS N 112 2.35 -70.46 -17.86
CA CYS N 112 2.79 -71.83 -18.10
C CYS N 112 3.85 -72.24 -17.09
N ASP N 113 3.90 -73.55 -16.83
CA ASP N 113 4.90 -74.12 -15.94
C ASP N 113 6.12 -74.67 -16.68
N TRP N 114 6.23 -74.40 -17.98
CA TRP N 114 7.36 -74.83 -18.80
C TRP N 114 7.53 -76.35 -18.84
N THR N 115 6.41 -77.07 -18.81
CA THR N 115 6.43 -78.53 -18.90
C THR N 115 5.85 -79.06 -20.21
N ASN N 116 5.41 -78.19 -21.11
CA ASN N 116 4.83 -78.61 -22.39
C ASN N 116 5.68 -78.08 -23.54
N ALA N 117 5.71 -78.85 -24.63
CA ALA N 117 6.45 -78.41 -25.82
C ALA N 117 5.81 -77.17 -26.43
N GLY N 118 4.49 -77.04 -26.28
CA GLY N 118 3.82 -75.84 -26.77
C GLY N 118 4.31 -74.57 -26.11
N ASP N 119 4.74 -74.66 -24.85
CA ASP N 119 5.30 -73.49 -24.19
C ASP N 119 6.55 -72.98 -24.91
N TYR N 120 7.50 -73.88 -25.20
CA TYR N 120 8.70 -73.48 -25.93
C TYR N 120 8.38 -73.06 -27.36
N ILE N 121 7.41 -73.72 -27.99
CA ILE N 121 7.01 -73.35 -29.34
C ILE N 121 6.49 -71.92 -29.37
N LEU N 122 5.61 -71.59 -28.41
CA LEU N 122 5.11 -70.23 -28.32
C LEU N 122 6.23 -69.25 -27.99
N ALA N 123 7.15 -69.65 -27.10
CA ALA N 123 8.26 -68.79 -26.73
C ALA N 123 9.15 -68.45 -27.92
N ASN N 124 9.39 -69.40 -28.81
CA ASN N 124 10.21 -69.15 -29.99
C ASN N 124 9.41 -68.54 -31.13
N THR N 125 8.08 -68.63 -31.09
CA THR N 125 7.25 -68.05 -32.14
C THR N 125 6.56 -66.75 -31.75
N CYS N 126 6.71 -66.28 -30.52
CA CYS N 126 6.12 -65.01 -30.11
C CYS N 126 7.02 -63.85 -30.55
N THR N 127 6.65 -62.65 -30.11
CA THR N 127 7.39 -61.45 -30.48
C THR N 127 8.76 -61.44 -29.80
N GLU N 128 9.68 -60.67 -30.38
CA GLU N 128 11.06 -60.65 -29.89
C GLU N 128 11.13 -60.19 -28.44
N ARG N 129 10.39 -59.13 -28.09
CA ARG N 129 10.29 -58.72 -26.69
C ARG N 129 9.69 -59.84 -25.85
N LEU N 130 8.62 -60.46 -26.36
CA LEU N 130 8.07 -61.63 -25.70
C LEU N 130 9.01 -62.84 -25.75
N LYS N 131 9.85 -62.95 -26.78
CA LYS N 131 10.88 -63.98 -26.75
C LYS N 131 11.83 -63.79 -25.57
N LEU N 132 12.28 -62.56 -25.37
CA LEU N 132 13.16 -62.27 -24.22
C LEU N 132 12.44 -62.53 -22.90
N PHE N 133 11.17 -62.10 -22.81
CA PHE N 133 10.41 -62.33 -21.59
C PHE N 133 10.25 -63.82 -21.31
N ALA N 134 9.95 -64.61 -22.34
CA ALA N 134 9.79 -66.05 -22.16
C ALA N 134 11.11 -66.71 -21.79
N ALA N 135 12.21 -66.27 -22.40
CA ALA N 135 13.51 -66.82 -22.04
C ALA N 135 13.85 -66.53 -20.59
N GLU N 136 13.62 -65.29 -20.14
CA GLU N 136 13.86 -64.93 -18.75
C GLU N 136 12.99 -65.77 -17.82
N THR N 137 11.71 -65.92 -18.16
CA THR N 137 10.80 -66.70 -17.32
C THR N 137 11.24 -68.16 -17.25
N LEU N 138 11.61 -68.75 -18.39
CA LEU N 138 12.03 -70.14 -18.43
C LEU N 138 13.28 -70.36 -17.60
N LYS N 139 14.29 -69.50 -17.76
CA LYS N 139 15.53 -69.70 -17.02
C LYS N 139 15.35 -69.43 -15.53
N ALA N 140 14.53 -68.43 -15.17
CA ALA N 140 14.24 -68.20 -13.74
C ALA N 140 13.49 -69.38 -13.15
N THR N 141 12.53 -69.94 -13.90
CA THR N 141 11.80 -71.12 -13.43
C THR N 141 12.73 -72.30 -13.25
N GLU N 142 13.67 -72.49 -14.19
CA GLU N 142 14.65 -73.57 -14.06
C GLU N 142 15.51 -73.38 -12.82
N GLU N 143 15.99 -72.16 -12.60
CA GLU N 143 16.83 -71.89 -11.43
C GLU N 143 16.05 -72.14 -10.15
N THR N 144 14.79 -71.72 -10.10
CA THR N 144 13.96 -71.94 -8.92
C THR N 144 13.72 -73.43 -8.70
N PHE N 145 13.44 -74.18 -9.77
CA PHE N 145 13.20 -75.61 -9.66
C PHE N 145 14.45 -76.33 -9.17
N LYS N 146 15.64 -75.86 -9.56
CA LYS N 146 16.86 -76.45 -9.03
C LYS N 146 16.92 -76.34 -7.51
N LEU N 147 16.30 -75.30 -6.94
CA LEU N 147 16.30 -75.12 -5.50
C LEU N 147 15.36 -76.08 -4.78
N SER N 148 14.38 -76.65 -5.50
CA SER N 148 13.41 -77.54 -4.87
C SER N 148 14.02 -78.89 -4.49
N TYR N 149 15.20 -79.20 -4.99
CA TYR N 149 15.84 -80.49 -4.70
C TYR N 149 16.44 -80.49 -3.31
N GLY N 150 16.73 -81.70 -2.81
CA GLY N 150 17.24 -81.82 -1.45
C GLY N 150 18.75 -81.88 -1.40
N ILE N 151 19.30 -81.39 -0.29
CA ILE N 151 20.75 -81.40 -0.10
C ILE N 151 21.23 -82.81 0.19
N ALA N 152 22.28 -83.22 -0.51
CA ALA N 152 22.92 -84.52 -0.29
C ALA N 152 24.22 -84.29 0.48
N THR N 153 24.32 -84.92 1.66
CA THR N 153 25.44 -84.71 2.56
C THR N 153 26.28 -85.98 2.66
N VAL N 154 27.60 -85.79 2.74
CA VAL N 154 28.52 -86.94 2.86
C VAL N 154 28.33 -87.55 4.24
N ARG N 155 27.70 -88.72 4.29
CA ARG N 155 27.63 -89.49 5.53
C ARG N 155 28.89 -90.29 5.81
N GLU N 156 29.45 -90.93 4.78
CA GLU N 156 30.54 -91.87 4.95
C GLU N 156 31.39 -91.88 3.69
N VAL N 157 32.70 -91.99 3.85
CA VAL N 157 33.63 -92.06 2.74
C VAL N 157 34.06 -93.53 2.61
N LEU N 158 33.36 -94.28 1.75
CA LEU N 158 33.68 -95.68 1.57
C LEU N 158 35.07 -95.86 0.98
N SER N 159 35.44 -95.04 0.00
CA SER N 159 36.74 -95.11 -0.64
C SER N 159 36.94 -93.80 -1.41
N ASP N 160 38.00 -93.74 -2.22
CA ASP N 160 38.20 -92.61 -3.11
C ASP N 160 37.36 -92.80 -4.37
N ARG N 161 36.80 -91.69 -4.86
CA ARG N 161 35.89 -91.64 -6.00
C ARG N 161 34.55 -92.32 -5.70
N GLU N 162 34.34 -92.83 -4.49
CA GLU N 162 33.07 -93.44 -4.09
C GLU N 162 32.66 -92.84 -2.76
N LEU N 163 31.37 -92.63 -2.57
CA LEU N 163 30.87 -91.93 -1.40
C LEU N 163 29.56 -92.56 -0.92
N HIS N 164 29.11 -92.09 0.24
CA HIS N 164 27.80 -92.42 0.78
C HIS N 164 27.09 -91.11 1.09
N LEU N 165 25.91 -90.92 0.52
CA LEU N 165 25.17 -89.66 0.64
C LEU N 165 23.87 -89.87 1.38
N SER N 166 23.57 -88.96 2.30
CA SER N 166 22.29 -88.89 2.99
C SER N 166 21.51 -87.71 2.44
N TRP N 167 20.25 -87.97 2.09
CA TRP N 167 19.41 -86.99 1.42
C TRP N 167 18.44 -86.35 2.39
N GLU N 168 18.14 -85.08 2.16
CA GLU N 168 17.23 -84.34 3.02
C GLU N 168 15.81 -84.90 2.86
N VAL N 169 15.09 -84.97 3.97
CA VAL N 169 13.70 -85.44 3.95
C VAL N 169 12.79 -84.32 3.48
N GLY N 170 11.75 -84.69 2.75
CA GLY N 170 10.77 -83.75 2.26
C GLY N 170 11.08 -83.10 0.93
N LYS N 171 12.24 -83.38 0.34
CA LYS N 171 12.58 -82.81 -0.96
C LYS N 171 12.99 -83.90 -1.94
N PRO N 172 12.64 -83.76 -3.21
CA PRO N 172 13.02 -84.76 -4.21
C PRO N 172 14.54 -84.80 -4.41
N ARG N 173 15.02 -85.96 -4.84
CA ARG N 173 16.42 -86.17 -5.13
C ARG N 173 16.69 -85.94 -6.62
N PRO N 174 17.59 -85.02 -6.96
CA PRO N 174 17.89 -84.78 -8.38
C PRO N 174 18.50 -86.02 -9.01
N PRO N 175 18.30 -86.22 -10.31
CA PRO N 175 18.88 -87.39 -10.98
C PRO N 175 20.40 -87.33 -10.97
N LEU N 176 21.01 -88.51 -10.89
CA LEU N 176 22.47 -88.62 -10.80
C LEU N 176 23.05 -88.92 -12.18
N ASN N 177 23.18 -87.85 -12.96
CA ASN N 177 23.76 -87.94 -14.30
C ASN N 177 24.66 -86.73 -14.52
N ARG N 178 25.11 -86.56 -15.77
CA ARG N 178 26.03 -85.48 -16.09
C ARG N 178 25.33 -84.14 -16.31
N ASN N 179 24.00 -84.13 -16.37
CA ASN N 179 23.27 -82.89 -16.57
C ASN N 179 22.98 -82.13 -15.29
N TYR N 180 23.35 -82.68 -14.14
CA TYR N 180 23.16 -82.02 -12.85
C TYR N 180 24.52 -81.96 -12.15
N VAL N 181 25.16 -80.80 -12.21
CA VAL N 181 26.47 -80.59 -11.60
C VAL N 181 26.28 -80.03 -10.20
N PHE N 182 26.81 -80.74 -9.21
CA PHE N 182 26.75 -80.30 -7.82
C PHE N 182 27.99 -79.51 -7.46
N THR N 183 27.92 -78.82 -6.32
CA THR N 183 29.05 -78.10 -5.75
C THR N 183 29.12 -78.43 -4.28
N GLY N 184 30.33 -78.67 -3.78
CA GLY N 184 30.48 -79.11 -2.41
C GLY N 184 30.76 -77.97 -1.46
N TYR N 185 30.10 -78.03 -0.31
CA TYR N 185 30.29 -77.08 0.78
C TYR N 185 30.84 -77.83 1.99
N ARG N 186 31.80 -77.19 2.66
CA ARG N 186 32.51 -77.78 3.79
C ARG N 186 32.08 -77.10 5.09
N VAL N 187 32.11 -77.85 6.18
CA VAL N 187 31.62 -77.34 7.46
C VAL N 187 32.66 -76.44 8.09
N THR N 188 32.25 -75.23 8.47
CA THR N 188 33.11 -74.30 9.19
C THR N 188 32.38 -73.75 10.41
N LYS N 189 32.97 -72.74 11.07
CA LYS N 189 32.44 -72.20 12.31
C LYS N 189 31.06 -71.57 12.15
N ASN N 190 30.97 -70.49 11.36
CA ASN N 190 29.74 -69.72 11.25
C ASN N 190 29.35 -69.46 9.80
N SER N 191 30.04 -70.08 8.85
CA SER N 191 29.71 -69.90 7.43
C SER N 191 30.02 -71.17 6.66
N LYS N 192 30.03 -71.08 5.33
CA LYS N 192 30.31 -72.24 4.50
C LYS N 192 31.27 -71.84 3.40
N VAL N 193 32.04 -72.83 2.93
CA VAL N 193 33.03 -72.61 1.88
C VAL N 193 32.87 -73.68 0.81
N GLN N 194 32.97 -73.26 -0.44
CA GLN N 194 32.93 -74.18 -1.57
C GLN N 194 34.20 -75.03 -1.61
N ILE N 195 34.06 -76.24 -2.15
CA ILE N 195 35.20 -77.14 -2.29
C ILE N 195 35.23 -77.62 -3.74
N GLY N 196 34.63 -76.84 -4.65
CA GLY N 196 34.62 -77.15 -6.06
C GLY N 196 33.33 -77.80 -6.50
N GLU N 197 33.24 -78.03 -7.81
CA GLU N 197 32.05 -78.59 -8.43
C GLU N 197 32.20 -80.09 -8.64
N TYR N 198 31.09 -80.81 -8.50
CA TYR N 198 31.09 -82.26 -8.57
C TYR N 198 29.92 -82.77 -9.40
N THR N 199 30.05 -84.00 -9.88
CA THR N 199 28.96 -84.74 -10.49
C THR N 199 28.86 -86.11 -9.83
N PHE N 200 27.68 -86.70 -9.85
CA PHE N 200 27.42 -87.91 -9.10
C PHE N 200 26.73 -88.95 -9.97
N GLU N 201 27.03 -90.21 -9.67
CA GLU N 201 26.42 -91.36 -10.32
C GLU N 201 26.23 -92.44 -9.27
N LYS N 202 25.40 -93.43 -9.60
CA LYS N 202 25.20 -94.55 -8.68
C LYS N 202 26.48 -95.38 -8.58
N GLY N 203 26.82 -95.77 -7.35
CA GLY N 203 28.03 -96.54 -7.11
C GLY N 203 27.86 -98.02 -7.40
N ALA N 208 25.80 -96.70 -2.31
CA ALA N 208 27.01 -95.93 -2.56
C ALA N 208 26.89 -95.14 -3.85
N VAL N 209 27.68 -94.07 -3.97
CA VAL N 209 27.65 -93.20 -5.14
C VAL N 209 29.09 -92.90 -5.57
N VAL N 210 29.32 -92.90 -6.88
CA VAL N 210 30.61 -92.54 -7.45
C VAL N 210 30.58 -91.06 -7.83
N TYR N 211 31.54 -90.29 -7.31
CA TYR N 211 31.59 -88.86 -7.55
C TYR N 211 32.77 -88.54 -8.47
N ARG N 212 32.52 -87.68 -9.46
CA ARG N 212 33.55 -87.17 -10.37
C ARG N 212 33.72 -85.69 -10.06
N GLY N 213 34.88 -85.33 -9.53
CA GLY N 213 35.18 -83.96 -9.19
C GLY N 213 36.27 -83.37 -10.06
N THR N 214 36.09 -82.09 -10.41
CA THR N 214 37.10 -81.39 -11.20
C THR N 214 38.42 -81.30 -10.43
N THR N 215 38.36 -80.98 -9.14
CA THR N 215 39.52 -80.94 -8.27
C THR N 215 39.38 -82.00 -7.19
N THR N 216 40.43 -82.81 -7.02
CA THR N 216 40.39 -83.91 -6.08
C THR N 216 40.78 -83.45 -4.68
N TYR N 217 40.00 -83.89 -3.70
CA TYR N 217 40.24 -83.55 -2.30
C TYR N 217 40.22 -84.83 -1.46
N LYS N 218 40.26 -84.64 -0.15
CA LYS N 218 40.10 -85.72 0.81
C LYS N 218 38.87 -85.43 1.66
N LEU N 219 37.76 -85.10 1.00
CA LEU N 219 36.56 -84.66 1.70
C LEU N 219 36.10 -85.71 2.71
N ASN N 220 35.50 -85.23 3.80
CA ASN N 220 35.15 -86.06 4.93
C ASN N 220 33.66 -85.92 5.23
N VAL N 221 33.25 -86.46 6.38
CA VAL N 221 31.87 -86.38 6.80
C VAL N 221 31.53 -84.94 7.18
N GLY N 222 30.39 -84.45 6.69
CA GLY N 222 29.95 -83.09 6.90
C GLY N 222 29.86 -82.27 5.63
N ASP N 223 30.73 -82.55 4.65
CA ASP N 223 30.61 -81.91 3.36
C ASP N 223 29.30 -82.32 2.69
N TYR N 224 28.64 -81.36 2.06
CA TYR N 224 27.44 -81.69 1.29
C TYR N 224 27.55 -81.09 -0.10
N PHE N 225 26.54 -81.35 -0.93
CA PHE N 225 26.57 -80.92 -2.32
C PHE N 225 25.23 -80.32 -2.70
N VAL N 226 25.27 -79.19 -3.38
CA VAL N 226 24.07 -78.49 -3.83
C VAL N 226 24.27 -78.05 -5.28
N LEU N 227 23.21 -78.16 -6.08
CA LEU N 227 23.25 -77.64 -7.44
C LEU N 227 23.26 -76.12 -7.39
N THR N 228 24.40 -75.53 -7.73
CA THR N 228 24.56 -74.08 -7.60
C THR N 228 23.65 -73.35 -8.57
N SER N 229 22.94 -72.34 -8.07
CA SER N 229 22.11 -71.47 -8.87
C SER N 229 22.71 -70.07 -8.90
N HIS N 230 22.29 -69.29 -9.90
CA HIS N 230 22.79 -67.93 -10.08
C HIS N 230 21.64 -67.02 -10.44
N THR N 231 21.91 -65.72 -10.40
CA THR N 231 20.90 -64.73 -10.74
C THR N 231 20.69 -64.67 -12.25
N VAL N 232 19.43 -64.65 -12.66
CA VAL N 232 19.07 -64.55 -14.06
C VAL N 232 18.84 -63.08 -14.39
N MET N 233 19.76 -62.49 -15.15
CA MET N 233 19.70 -61.08 -15.45
C MET N 233 18.67 -60.80 -16.55
N PRO N 234 17.95 -59.68 -16.44
CA PRO N 234 16.96 -59.34 -17.48
C PRO N 234 17.61 -59.10 -18.83
N LEU N 235 16.89 -59.50 -19.87
CA LEU N 235 17.39 -59.41 -21.24
C LEU N 235 16.82 -58.19 -21.95
N SER N 236 17.67 -57.53 -22.72
CA SER N 236 17.25 -56.36 -23.49
C SER N 236 17.55 -56.56 -24.97
N ALA N 237 18.69 -57.16 -25.29
CA ALA N 237 19.09 -57.34 -26.67
C ALA N 237 18.27 -58.44 -27.34
N PRO N 238 17.86 -58.24 -28.58
CA PRO N 238 17.13 -59.29 -29.30
C PRO N 238 18.00 -60.51 -29.54
N THR N 239 17.34 -61.66 -29.68
CA THR N 239 18.06 -62.89 -29.99
C THR N 239 18.76 -62.80 -31.34
N LEU N 240 18.25 -61.98 -32.25
CA LEU N 240 18.89 -61.74 -33.54
C LEU N 240 18.76 -60.28 -33.92
N VAL N 241 19.88 -59.68 -34.32
CA VAL N 241 19.91 -58.32 -34.83
C VAL N 241 19.27 -58.34 -36.22
N PRO N 242 18.53 -57.30 -36.61
CA PRO N 242 17.88 -57.31 -37.92
C PRO N 242 18.88 -57.54 -39.06
N GLN N 243 18.47 -58.35 -40.03
CA GLN N 243 19.36 -58.78 -41.09
C GLN N 243 19.61 -57.66 -42.10
N GLU N 244 20.86 -57.51 -42.51
CA GLU N 244 21.25 -56.60 -43.57
C GLU N 244 22.12 -57.33 -44.57
N HIS N 245 21.75 -57.29 -45.84
CA HIS N 245 22.53 -57.88 -46.91
C HIS N 245 23.22 -56.77 -47.71
N TYR N 246 24.48 -56.99 -48.04
CA TYR N 246 25.32 -56.00 -48.68
C TYR N 246 25.68 -56.43 -50.10
N VAL N 247 26.04 -55.44 -50.92
CA VAL N 247 26.50 -55.72 -52.27
C VAL N 247 28.01 -55.90 -52.35
N ARG N 248 28.75 -55.37 -51.38
CA ARG N 248 30.19 -55.56 -51.30
C ARG N 248 30.56 -55.99 -49.89
N ILE N 249 31.77 -56.53 -49.74
CA ILE N 249 32.24 -56.94 -48.42
C ILE N 249 32.47 -55.70 -47.57
N THR N 250 31.77 -55.61 -46.45
CA THR N 250 31.79 -54.42 -45.59
C THR N 250 32.59 -54.72 -44.34
N GLY N 251 33.52 -53.83 -44.01
CA GLY N 251 34.31 -53.96 -42.80
C GLY N 251 35.35 -55.05 -42.82
N LEU N 252 35.58 -55.70 -43.96
CA LEU N 252 36.54 -56.78 -44.07
C LEU N 252 37.44 -56.56 -45.27
N TYR N 253 38.70 -56.93 -45.12
CA TYR N 253 39.68 -56.89 -46.20
C TYR N 253 40.26 -58.28 -46.38
N PRO N 254 39.75 -59.06 -47.34
CA PRO N 254 40.23 -60.43 -47.51
C PRO N 254 41.68 -60.48 -47.94
N THR N 255 42.38 -61.51 -47.48
CA THR N 255 43.78 -61.68 -47.82
C THR N 255 43.93 -62.06 -49.29
N LEU N 256 45.04 -61.64 -49.89
CA LEU N 256 45.31 -61.94 -51.29
C LEU N 256 46.04 -63.27 -51.48
N ASN N 257 46.42 -63.94 -50.39
CA ASN N 257 47.10 -65.22 -50.45
C ASN N 257 46.47 -66.15 -49.42
N ILE N 258 45.85 -67.23 -49.88
CA ILE N 258 45.23 -68.21 -49.02
C ILE N 258 45.71 -69.60 -49.42
N SER N 259 45.71 -70.50 -48.45
CA SER N 259 46.14 -71.88 -48.66
C SER N 259 44.98 -72.74 -49.14
N ASP N 260 45.32 -73.85 -49.79
CA ASP N 260 44.32 -74.81 -50.26
C ASP N 260 43.54 -75.45 -49.13
N GLU N 261 44.12 -75.54 -47.93
CA GLU N 261 43.43 -76.13 -46.80
C GLU N 261 42.15 -75.38 -46.45
N PHE N 262 42.11 -74.07 -46.72
CA PHE N 262 40.93 -73.27 -46.51
C PHE N 262 40.29 -72.80 -47.81
N SER N 263 40.76 -73.30 -48.96
CA SER N 263 40.26 -72.83 -50.25
C SER N 263 38.77 -73.12 -50.42
N SER N 264 38.32 -74.33 -50.05
CA SER N 264 36.93 -74.72 -50.25
C SER N 264 35.95 -73.81 -49.51
N ASN N 265 36.45 -72.86 -48.73
CA ASN N 265 35.63 -71.97 -47.94
C ASN N 265 35.74 -70.51 -48.38
N VAL N 266 36.70 -70.19 -49.25
CA VAL N 266 37.04 -68.81 -49.55
C VAL N 266 35.81 -68.02 -49.98
N ALA N 267 35.19 -68.42 -51.09
CA ALA N 267 33.99 -67.73 -51.56
C ALA N 267 32.91 -67.74 -50.49
N ASN N 268 32.78 -68.86 -49.77
CA ASN N 268 31.85 -68.93 -48.65
C ASN N 268 32.16 -67.87 -47.62
N TYR N 269 33.45 -67.74 -47.26
CA TYR N 269 33.87 -66.67 -46.36
C TYR N 269 33.43 -65.30 -46.86
N GLN N 270 33.45 -65.12 -48.19
CA GLN N 270 33.03 -63.85 -48.77
C GLN N 270 31.59 -63.54 -48.42
N LYS N 271 30.71 -64.55 -48.47
CA LYS N 271 29.32 -64.33 -48.12
C LYS N 271 29.18 -63.93 -46.65
N VAL N 272 30.14 -64.34 -45.83
CA VAL N 272 30.16 -63.91 -44.43
C VAL N 272 30.23 -62.40 -44.35
N GLY N 273 31.03 -61.78 -45.22
CA GLY N 273 31.08 -60.33 -45.29
C GLY N 273 30.01 -59.69 -46.15
N MET N 274 29.15 -60.48 -46.76
CA MET N 274 28.12 -59.97 -47.66
C MET N 274 26.79 -59.73 -46.95
N GLN N 275 26.63 -60.25 -45.73
CA GLN N 275 25.39 -60.09 -45.00
C GLN N 275 25.71 -59.82 -43.53
N LYS N 276 24.75 -59.19 -42.84
CA LYS N 276 25.00 -58.71 -41.49
C LYS N 276 25.30 -59.87 -40.54
N TYR N 277 24.51 -60.94 -40.62
CA TYR N 277 24.79 -62.16 -39.87
C TYR N 277 24.64 -63.36 -40.78
N SER N 278 25.44 -64.39 -40.49
CA SER N 278 25.44 -65.61 -41.28
C SER N 278 25.31 -66.80 -40.36
N THR N 279 24.65 -67.85 -40.85
CA THR N 279 24.40 -69.06 -40.09
C THR N 279 25.00 -70.25 -40.84
N LEU N 280 25.72 -71.10 -40.12
CA LEU N 280 26.41 -72.25 -40.70
C LEU N 280 25.82 -73.54 -40.12
N GLN N 281 25.52 -74.49 -41.00
CA GLN N 281 25.21 -75.86 -40.60
C GLN N 281 26.41 -76.74 -40.92
N GLY N 282 27.10 -77.21 -39.88
CA GLY N 282 28.19 -78.13 -40.05
C GLY N 282 27.87 -79.49 -39.46
N PRO N 283 27.63 -80.46 -40.34
CA PRO N 283 27.47 -81.84 -39.89
C PRO N 283 28.73 -82.35 -39.21
N PRO N 284 28.65 -83.44 -38.46
CA PRO N 284 29.85 -83.92 -37.74
C PRO N 284 30.97 -84.28 -38.71
N GLY N 285 32.18 -83.90 -38.34
CA GLY N 285 33.33 -84.18 -39.16
C GLY N 285 33.45 -83.35 -40.42
N THR N 286 32.82 -82.18 -40.46
CA THR N 286 32.87 -81.31 -41.63
C THR N 286 33.83 -80.14 -41.49
N GLY N 287 34.37 -79.90 -40.30
CA GLY N 287 35.33 -78.84 -40.12
C GLY N 287 34.72 -77.50 -39.74
N LYS N 288 33.89 -77.50 -38.69
CA LYS N 288 33.27 -76.26 -38.24
C LYS N 288 34.30 -75.31 -37.65
N SER N 289 35.14 -75.81 -36.75
CA SER N 289 36.22 -74.99 -36.21
C SER N 289 37.21 -74.59 -37.29
N HIS N 290 37.39 -75.47 -38.29
CA HIS N 290 38.24 -75.13 -39.43
C HIS N 290 37.67 -73.95 -40.20
N PHE N 291 36.35 -73.94 -40.39
CA PHE N 291 35.68 -72.79 -40.98
C PHE N 291 35.89 -71.53 -40.13
N ALA N 292 35.69 -71.67 -38.81
CA ALA N 292 35.78 -70.51 -37.93
C ALA N 292 37.17 -69.90 -37.94
N ILE N 293 38.20 -70.73 -38.09
CA ILE N 293 39.57 -70.21 -38.05
C ILE N 293 40.04 -69.78 -39.42
N GLY N 294 39.53 -70.40 -40.49
CA GLY N 294 39.81 -69.91 -41.82
C GLY N 294 39.13 -68.59 -42.11
N LEU N 295 38.04 -68.30 -41.40
CA LEU N 295 37.46 -66.96 -41.46
C LEU N 295 38.45 -65.92 -40.93
N ALA N 296 39.13 -66.24 -39.83
CA ALA N 296 40.14 -65.32 -39.30
C ALA N 296 41.35 -65.23 -40.22
N LEU N 297 41.81 -66.36 -40.74
CA LEU N 297 42.99 -66.33 -41.62
C LEU N 297 42.69 -65.63 -42.93
N TYR N 298 41.45 -65.75 -43.44
CA TYR N 298 41.05 -65.07 -44.66
C TYR N 298 40.99 -63.56 -44.48
N TYR N 299 40.57 -63.09 -43.31
CA TYR N 299 40.55 -61.67 -42.95
C TYR N 299 41.55 -61.47 -41.81
N PRO N 300 42.84 -61.35 -42.13
CA PRO N 300 43.84 -61.32 -41.05
C PRO N 300 43.83 -60.05 -40.22
N SER N 301 43.17 -58.99 -40.69
CA SER N 301 43.08 -57.76 -39.91
C SER N 301 41.77 -57.66 -39.14
N ALA N 302 40.91 -58.66 -39.22
CA ALA N 302 39.61 -58.59 -38.57
C ALA N 302 39.72 -58.85 -37.08
N ARG N 303 38.90 -58.14 -36.30
CA ARG N 303 38.77 -58.37 -34.87
C ARG N 303 37.66 -59.38 -34.63
N ILE N 304 37.96 -60.47 -33.94
CA ILE N 304 37.04 -61.59 -33.84
C ILE N 304 36.86 -62.03 -32.39
N VAL N 305 35.60 -62.21 -32.02
CA VAL N 305 35.20 -62.78 -30.73
C VAL N 305 34.64 -64.16 -30.98
N TYR N 306 35.38 -65.19 -30.61
CA TYR N 306 34.87 -66.56 -30.60
C TYR N 306 34.20 -66.82 -29.27
N THR N 307 32.94 -67.24 -29.30
CA THR N 307 32.17 -67.46 -28.09
C THR N 307 31.30 -68.70 -28.23
N ALA N 308 30.99 -69.29 -27.08
CA ALA N 308 30.14 -70.48 -27.00
C ALA N 308 29.60 -70.58 -25.58
N CYS N 309 28.56 -71.38 -25.41
CA CYS N 309 27.92 -71.52 -24.11
C CYS N 309 28.81 -72.27 -23.13
N SER N 310 29.37 -73.39 -23.56
CA SER N 310 30.17 -74.26 -22.71
C SER N 310 31.65 -73.95 -22.86
N HIS N 311 32.42 -74.31 -21.83
CA HIS N 311 33.87 -74.09 -21.86
C HIS N 311 34.54 -75.00 -22.88
N ALA N 312 33.96 -76.18 -23.13
CA ALA N 312 34.62 -77.17 -23.99
C ALA N 312 34.70 -76.69 -25.44
N ALA N 313 33.62 -76.08 -25.95
CA ALA N 313 33.65 -75.59 -27.33
C ALA N 313 34.66 -74.46 -27.49
N VAL N 314 34.73 -73.55 -26.53
CA VAL N 314 35.70 -72.47 -26.59
C VAL N 314 37.11 -73.03 -26.51
N ASP N 315 37.31 -74.07 -25.69
CA ASP N 315 38.62 -74.70 -25.60
C ASP N 315 39.01 -75.36 -26.91
N ALA N 316 38.05 -75.99 -27.59
CA ALA N 316 38.34 -76.56 -28.91
C ALA N 316 38.70 -75.48 -29.92
N LEU N 317 37.98 -74.36 -29.88
CA LEU N 317 38.32 -73.24 -30.76
C LEU N 317 39.72 -72.72 -30.46
N CYS N 318 40.08 -72.64 -29.18
CA CYS N 318 41.42 -72.20 -28.81
C CYS N 318 42.48 -73.20 -29.25
N GLU N 319 42.17 -74.49 -29.17
CA GLU N 319 43.11 -75.51 -29.63
C GLU N 319 43.37 -75.38 -31.13
N LYS N 320 42.32 -75.13 -31.90
CA LYS N 320 42.51 -74.88 -33.33
C LYS N 320 43.29 -73.59 -33.56
N ALA N 321 43.01 -72.56 -32.75
CA ALA N 321 43.71 -71.28 -32.89
C ALA N 321 45.21 -71.43 -32.64
N LEU N 322 45.59 -72.20 -31.62
CA LEU N 322 46.99 -72.47 -31.39
C LEU N 322 47.62 -73.15 -32.60
N LYS N 323 46.85 -73.96 -33.33
CA LYS N 323 47.35 -74.61 -34.52
C LYS N 323 47.56 -73.65 -35.67
N TYR N 324 46.61 -72.75 -35.93
CA TYR N 324 46.74 -71.83 -37.06
C TYR N 324 46.92 -70.37 -36.69
N LEU N 325 46.39 -69.90 -35.56
CA LEU N 325 46.49 -68.46 -35.29
C LEU N 325 47.71 -68.16 -34.43
N PRO N 326 48.33 -67.00 -34.62
CA PRO N 326 49.43 -66.58 -33.74
C PRO N 326 48.99 -66.53 -32.29
N ILE N 327 49.88 -66.97 -31.40
CA ILE N 327 49.54 -67.07 -29.98
C ILE N 327 49.49 -65.69 -29.32
N ASP N 328 50.22 -64.71 -29.87
CA ASP N 328 50.27 -63.39 -29.27
C ASP N 328 48.98 -62.61 -29.48
N LYS N 329 48.21 -62.94 -30.51
CA LYS N 329 46.99 -62.22 -30.83
C LYS N 329 45.73 -62.93 -30.34
N CYS N 330 45.87 -63.96 -29.53
CA CYS N 330 44.75 -64.71 -29.00
C CYS N 330 44.74 -64.67 -27.48
N SER N 331 43.57 -64.50 -26.90
CA SER N 331 43.44 -64.47 -25.44
C SER N 331 42.14 -65.12 -25.01
N ARG N 332 42.21 -65.84 -23.90
CA ARG N 332 41.08 -66.58 -23.35
C ARG N 332 40.58 -65.90 -22.09
N ILE N 333 39.30 -65.53 -22.07
CA ILE N 333 38.69 -64.92 -20.90
C ILE N 333 38.22 -66.01 -19.95
N ILE N 334 38.65 -65.91 -18.70
CA ILE N 334 38.26 -66.88 -17.67
C ILE N 334 37.68 -66.12 -16.47
N PRO N 335 36.44 -66.41 -16.07
CA PRO N 335 35.87 -65.72 -14.91
C PRO N 335 36.56 -66.12 -13.62
N ALA N 336 36.53 -65.20 -12.66
CA ALA N 336 37.13 -65.42 -11.35
C ALA N 336 36.22 -66.26 -10.47
N VAL N 340 36.71 -74.48 -12.53
CA VAL N 340 36.75 -75.24 -13.77
C VAL N 340 38.03 -74.94 -14.53
N GLU N 341 38.77 -75.99 -14.90
CA GLU N 341 39.99 -75.85 -15.67
C GLU N 341 39.65 -75.85 -17.16
N CYS N 342 40.19 -74.88 -17.88
CA CYS N 342 39.95 -74.70 -19.31
C CYS N 342 41.26 -74.36 -20.01
N PHE N 343 41.13 -73.91 -21.26
CA PHE N 343 42.30 -73.55 -22.06
C PHE N 343 43.12 -72.46 -21.37
N ASP N 344 44.40 -72.77 -21.12
CA ASP N 344 45.30 -71.85 -20.45
C ASP N 344 46.61 -71.71 -21.22
N LYS N 345 46.54 -71.81 -22.55
CA LYS N 345 47.69 -71.55 -23.39
C LYS N 345 47.61 -70.21 -24.12
N PHE N 346 46.53 -69.47 -23.94
CA PHE N 346 46.46 -68.07 -24.31
C PHE N 346 46.47 -67.20 -23.05
N LYS N 347 46.85 -65.93 -23.23
CA LYS N 347 46.87 -65.02 -22.10
C LYS N 347 45.47 -64.80 -21.57
N VAL N 348 45.38 -64.61 -20.25
CA VAL N 348 44.11 -64.69 -19.52
C VAL N 348 43.59 -63.28 -19.27
N ASN N 349 42.30 -63.07 -19.54
CA ASN N 349 41.59 -61.84 -19.20
C ASN N 349 42.16 -60.63 -19.93
N SER N 350 42.31 -60.75 -21.24
CA SER N 350 42.74 -59.63 -22.10
C SER N 350 41.59 -59.37 -23.08
N THR N 351 41.23 -58.09 -23.23
CA THR N 351 40.07 -57.76 -24.05
C THR N 351 40.48 -57.13 -25.38
N LEU N 352 41.60 -56.42 -25.40
CA LEU N 352 41.98 -55.61 -26.55
C LEU N 352 42.94 -56.31 -27.50
N GLU N 353 42.97 -57.64 -27.52
CA GLU N 353 43.76 -58.36 -28.51
C GLU N 353 42.97 -58.47 -29.82
N GLN N 354 43.48 -59.30 -30.73
CA GLN N 354 42.85 -59.42 -32.04
C GLN N 354 41.86 -60.58 -32.09
N TYR N 355 42.03 -61.57 -31.22
CA TYR N 355 41.16 -62.74 -31.19
C TYR N 355 40.86 -63.09 -29.74
N VAL N 356 39.62 -62.89 -29.32
CA VAL N 356 39.22 -63.15 -27.94
C VAL N 356 38.28 -64.35 -27.91
N PHE N 357 38.59 -65.32 -27.05
CA PHE N 357 37.80 -66.52 -26.87
C PHE N 357 37.16 -66.47 -25.49
N CYS N 358 35.83 -66.59 -25.45
CA CYS N 358 35.13 -66.42 -24.18
C CYS N 358 33.84 -67.23 -24.19
N THR N 359 33.30 -67.47 -22.99
CA THR N 359 31.98 -68.06 -22.88
C THR N 359 30.92 -66.97 -22.94
N VAL N 360 29.67 -67.40 -23.19
CA VAL N 360 28.56 -66.45 -23.31
C VAL N 360 28.35 -65.70 -22.01
N ASN N 361 28.39 -66.42 -20.88
CA ASN N 361 28.12 -65.83 -19.58
C ASN N 361 29.22 -64.89 -19.10
N ALA N 362 30.42 -64.94 -19.68
CA ALA N 362 31.53 -64.11 -19.26
C ALA N 362 31.95 -63.10 -20.32
N LEU N 363 31.15 -62.92 -21.37
CA LEU N 363 31.54 -62.04 -22.46
C LEU N 363 31.56 -60.58 -22.00
N PRO N 364 32.67 -59.88 -22.16
CA PRO N 364 32.70 -58.45 -21.82
C PRO N 364 31.99 -57.61 -22.86
N GLU N 365 31.65 -56.39 -22.45
CA GLU N 365 31.04 -55.42 -23.34
C GLU N 365 32.11 -54.88 -24.27
N THR N 366 32.01 -55.19 -25.56
CA THR N 366 33.05 -54.79 -26.50
C THR N 366 32.49 -54.84 -27.92
N THR N 367 33.29 -54.32 -28.85
CA THR N 367 32.99 -54.35 -30.28
C THR N 367 33.99 -55.21 -31.00
N ALA N 368 33.50 -55.88 -32.05
CA ALA N 368 34.31 -56.78 -32.85
C ALA N 368 34.00 -56.57 -34.32
N ASP N 369 34.95 -56.94 -35.17
CA ASP N 369 34.68 -56.95 -36.60
C ASP N 369 33.89 -58.20 -36.98
N ILE N 370 34.21 -59.34 -36.34
CA ILE N 370 33.49 -60.59 -36.56
C ILE N 370 33.28 -61.25 -35.21
N VAL N 371 32.08 -61.79 -35.00
CA VAL N 371 31.76 -62.61 -33.83
C VAL N 371 31.33 -63.99 -34.30
N VAL N 372 32.05 -65.02 -33.89
CA VAL N 372 31.79 -66.39 -34.27
C VAL N 372 31.23 -67.13 -33.06
N PHE N 373 29.99 -67.57 -33.17
CA PHE N 373 29.30 -68.31 -32.12
C PHE N 373 29.22 -69.77 -32.53
N ASP N 374 30.08 -70.61 -31.95
CA ASP N 374 30.21 -72.00 -32.33
C ASP N 374 29.15 -72.86 -31.67
N GLU N 375 28.73 -73.92 -32.37
CA GLU N 375 27.81 -74.93 -31.86
C GLU N 375 26.49 -74.29 -31.41
N ILE N 376 25.77 -73.73 -32.39
CA ILE N 376 24.50 -73.07 -32.11
C ILE N 376 23.46 -74.02 -31.53
N SER N 377 23.66 -75.34 -31.68
CA SER N 377 22.66 -76.29 -31.23
C SER N 377 22.41 -76.21 -29.73
N MET N 378 23.48 -76.10 -28.93
CA MET N 378 23.30 -76.04 -27.48
C MET N 378 22.77 -74.70 -27.01
N ALA N 379 22.69 -73.70 -27.88
CA ALA N 379 22.34 -72.36 -27.47
C ALA N 379 20.84 -72.23 -27.20
N THR N 380 20.51 -71.27 -26.34
CA THR N 380 19.14 -70.85 -26.09
C THR N 380 19.01 -69.38 -26.48
N ASN N 381 17.75 -68.91 -26.51
CA ASN N 381 17.50 -67.51 -26.83
C ASN N 381 18.12 -66.60 -25.78
N TYR N 382 18.26 -67.08 -24.54
CA TYR N 382 18.95 -66.31 -23.51
C TYR N 382 20.40 -66.06 -23.91
N ASP N 383 21.08 -67.11 -24.40
CA ASP N 383 22.46 -66.95 -24.85
C ASP N 383 22.55 -65.99 -26.03
N LEU N 384 21.60 -66.09 -26.97
CA LEU N 384 21.60 -65.19 -28.12
C LEU N 384 21.45 -63.74 -27.67
N SER N 385 20.52 -63.50 -26.73
CA SER N 385 20.32 -62.15 -26.21
C SER N 385 21.57 -61.64 -25.50
N VAL N 386 22.21 -62.50 -24.70
CA VAL N 386 23.43 -62.08 -23.99
C VAL N 386 24.53 -61.74 -24.98
N VAL N 387 24.71 -62.56 -26.01
CA VAL N 387 25.76 -62.31 -27.00
C VAL N 387 25.47 -61.00 -27.73
N ASN N 388 24.22 -60.78 -28.12
CA ASN N 388 23.88 -59.55 -28.83
C ASN N 388 24.00 -58.33 -27.93
N ALA N 389 23.87 -58.51 -26.61
CA ALA N 389 24.03 -57.37 -25.71
C ALA N 389 25.51 -57.05 -25.46
N ARG N 390 26.34 -58.07 -25.23
CA ARG N 390 27.74 -57.84 -24.90
C ARG N 390 28.59 -57.47 -26.11
N LEU N 391 28.29 -58.02 -27.28
CA LEU N 391 29.14 -57.91 -28.45
C LEU N 391 28.45 -57.06 -29.51
N ARG N 392 29.11 -55.99 -29.94
CA ARG N 392 28.66 -55.16 -31.06
C ARG N 392 29.57 -55.46 -32.24
N ALA N 393 29.05 -56.13 -33.26
CA ALA N 393 29.88 -56.62 -34.34
C ALA N 393 29.32 -56.22 -35.70
N LYS N 394 30.24 -56.07 -36.66
CA LYS N 394 29.84 -55.85 -38.04
C LYS N 394 29.27 -57.11 -38.67
N HIS N 395 29.75 -58.28 -38.23
CA HIS N 395 29.30 -59.54 -38.79
C HIS N 395 29.25 -60.60 -37.69
N TYR N 396 28.25 -61.47 -37.77
CA TYR N 396 28.10 -62.60 -36.87
C TYR N 396 28.00 -63.88 -37.69
N VAL N 397 28.69 -64.92 -37.24
CA VAL N 397 28.70 -66.22 -37.88
C VAL N 397 28.25 -67.25 -36.85
N TYR N 398 27.05 -67.76 -37.02
CA TYR N 398 26.48 -68.77 -36.12
C TYR N 398 26.77 -70.15 -36.69
N ILE N 399 27.63 -70.89 -36.00
CA ILE N 399 28.10 -72.20 -36.43
C ILE N 399 27.45 -73.25 -35.53
N GLY N 400 26.90 -74.29 -36.14
CA GLY N 400 26.32 -75.37 -35.36
C GLY N 400 25.33 -76.16 -36.20
N ASP N 401 24.87 -77.27 -35.64
CA ASP N 401 23.99 -78.16 -36.38
C ASP N 401 22.69 -78.37 -35.64
N PRO N 402 21.55 -77.92 -36.20
CA PRO N 402 20.25 -78.26 -35.61
C PRO N 402 19.99 -79.76 -35.58
N ALA N 403 20.62 -80.52 -36.46
CA ALA N 403 20.54 -81.98 -36.44
C ALA N 403 21.26 -82.59 -35.25
N GLN N 404 22.01 -81.81 -34.49
CA GLN N 404 22.70 -82.27 -33.30
C GLN N 404 21.90 -81.92 -32.06
N LEU N 405 22.42 -82.31 -30.90
CA LEU N 405 21.71 -82.22 -29.64
C LEU N 405 21.56 -80.78 -29.17
N PRO N 406 20.38 -80.41 -28.66
CA PRO N 406 20.19 -79.08 -28.11
C PRO N 406 20.61 -79.03 -26.64
N ALA N 407 20.37 -77.88 -26.02
CA ALA N 407 20.51 -77.77 -24.59
C ALA N 407 19.41 -78.59 -23.91
N PRO N 408 19.75 -79.41 -22.92
CA PRO N 408 18.70 -80.15 -22.19
C PRO N 408 17.71 -79.21 -21.53
N ARG N 409 16.43 -79.58 -21.59
CA ARG N 409 15.35 -78.84 -20.97
C ARG N 409 14.77 -79.71 -19.85
N THR N 410 15.20 -79.44 -18.61
CA THR N 410 14.82 -80.29 -17.50
C THR N 410 13.31 -80.23 -17.23
N LEU N 411 12.73 -79.04 -17.26
CA LEU N 411 11.31 -78.89 -16.90
C LEU N 411 10.37 -79.50 -17.93
N LEU N 412 10.84 -79.74 -19.15
CA LEU N 412 9.98 -80.28 -20.20
C LEU N 412 9.62 -81.72 -19.89
N THR N 413 8.32 -82.00 -19.85
CA THR N 413 7.83 -83.35 -19.55
C THR N 413 6.86 -83.83 -20.62
N LYS N 414 6.15 -82.90 -21.24
CA LYS N 414 5.12 -83.23 -22.24
C LYS N 414 5.54 -82.66 -23.58
N GLY N 415 5.64 -83.54 -24.58
CA GLY N 415 5.99 -83.14 -25.93
C GLY N 415 7.50 -83.17 -26.16
N THR N 416 7.86 -83.13 -27.44
CA THR N 416 9.25 -83.14 -27.87
C THR N 416 9.58 -81.83 -28.57
N LEU N 417 10.78 -81.33 -28.30
CA LEU N 417 11.24 -80.07 -28.86
C LEU N 417 11.88 -80.32 -30.23
N GLU N 418 11.27 -79.77 -31.27
CA GLU N 418 11.78 -79.91 -32.62
C GLU N 418 13.01 -79.03 -32.82
N PRO N 419 13.88 -79.36 -33.79
CA PRO N 419 15.08 -78.54 -34.00
C PRO N 419 14.77 -77.10 -34.38
N GLU N 420 13.62 -76.85 -35.01
CA GLU N 420 13.24 -75.49 -35.36
C GLU N 420 12.83 -74.67 -34.14
N TYR N 421 12.67 -75.29 -32.98
CA TYR N 421 12.30 -74.58 -31.76
C TYR N 421 13.44 -74.53 -30.74
N PHE N 422 14.65 -74.96 -31.11
CA PHE N 422 15.78 -74.87 -30.20
C PHE N 422 16.09 -73.42 -29.86
N ASN N 423 16.16 -72.56 -30.87
CA ASN N 423 16.44 -71.14 -30.69
C ASN N 423 16.11 -70.37 -31.98
N SER N 424 16.36 -69.07 -31.99
CA SER N 424 16.04 -68.25 -33.15
C SER N 424 16.91 -68.65 -34.35
N VAL N 425 18.21 -68.85 -34.13
CA VAL N 425 19.10 -69.21 -35.23
C VAL N 425 18.75 -70.59 -35.78
N CYS N 426 18.47 -71.54 -34.88
CA CYS N 426 18.03 -72.86 -35.34
C CYS N 426 16.70 -72.76 -36.08
N ARG N 427 15.81 -71.88 -35.64
CA ARG N 427 14.55 -71.69 -36.35
C ARG N 427 14.78 -71.18 -37.77
N LEU N 428 15.66 -70.20 -37.92
CA LEU N 428 16.00 -69.71 -39.25
C LEU N 428 16.61 -70.81 -40.10
N MET N 429 17.52 -71.60 -39.51
CA MET N 429 18.19 -72.66 -40.26
C MET N 429 17.22 -73.74 -40.69
N LYS N 430 16.16 -73.98 -39.91
CA LYS N 430 15.23 -75.06 -40.23
C LYS N 430 14.00 -74.59 -41.00
N THR N 431 13.77 -73.28 -41.12
CA THR N 431 12.65 -72.79 -41.91
C THR N 431 13.08 -72.23 -43.28
N ILE N 432 13.98 -71.24 -43.30
CA ILE N 432 14.46 -70.68 -44.55
C ILE N 432 15.69 -71.40 -45.07
N GLY N 433 16.37 -72.18 -44.25
CA GLY N 433 17.55 -72.88 -44.66
C GLY N 433 18.81 -72.11 -44.29
N PRO N 434 19.87 -72.83 -43.95
CA PRO N 434 21.12 -72.17 -43.56
C PRO N 434 21.72 -71.37 -44.70
N ASP N 435 22.31 -70.23 -44.34
CA ASP N 435 23.03 -69.43 -45.33
C ASP N 435 24.28 -70.16 -45.81
N MET N 436 24.92 -70.91 -44.91
CA MET N 436 26.09 -71.70 -45.26
C MET N 436 25.93 -73.13 -44.73
N PHE N 437 26.41 -74.09 -45.54
CA PHE N 437 26.30 -75.51 -45.23
C PHE N 437 27.61 -76.19 -45.59
N LEU N 438 28.12 -77.04 -44.69
CA LEU N 438 29.28 -77.86 -44.97
C LEU N 438 28.82 -79.23 -45.45
N GLY N 439 28.93 -79.48 -46.76
CA GLY N 439 28.39 -80.67 -47.36
C GLY N 439 29.30 -81.87 -47.49
N THR N 440 30.50 -81.84 -46.90
CA THR N 440 31.45 -82.94 -47.02
C THR N 440 31.82 -83.44 -45.64
N CYS N 441 31.51 -84.70 -45.36
CA CYS N 441 31.82 -85.30 -44.07
C CYS N 441 33.12 -86.09 -44.17
N ARG N 442 34.15 -85.62 -43.47
CA ARG N 442 35.47 -86.26 -43.47
C ARG N 442 35.64 -87.30 -42.37
N ARG N 443 34.65 -87.46 -41.49
CA ARG N 443 34.81 -88.29 -40.30
C ARG N 443 34.27 -89.71 -40.49
N CYS N 444 32.99 -89.84 -40.80
CA CYS N 444 32.31 -91.12 -40.73
C CYS N 444 32.47 -91.91 -42.02
N PRO N 445 32.38 -93.24 -41.94
CA PRO N 445 32.32 -94.05 -43.15
C PRO N 445 31.07 -93.73 -43.96
N ALA N 446 31.08 -94.16 -45.23
CA ALA N 446 30.02 -93.76 -46.15
C ALA N 446 28.66 -94.27 -45.72
N GLU N 447 28.60 -95.42 -45.03
CA GLU N 447 27.31 -95.92 -44.56
C GLU N 447 26.68 -94.97 -43.56
N ILE N 448 27.45 -94.54 -42.55
CA ILE N 448 26.93 -93.62 -41.54
C ILE N 448 26.55 -92.30 -42.18
N VAL N 449 27.37 -91.79 -43.10
CA VAL N 449 27.09 -90.51 -43.74
C VAL N 449 25.80 -90.60 -44.55
N ASP N 450 25.63 -91.68 -45.30
CA ASP N 450 24.39 -91.87 -46.06
C ASP N 450 23.18 -91.95 -45.13
N THR N 451 23.32 -92.69 -44.02
CA THR N 451 22.21 -92.81 -43.08
C THR N 451 21.80 -91.45 -42.52
N VAL N 452 22.77 -90.68 -42.03
CA VAL N 452 22.43 -89.40 -41.42
C VAL N 452 21.93 -88.41 -42.48
N SER N 453 22.48 -88.47 -43.69
CA SER N 453 22.04 -87.57 -44.75
C SER N 453 20.60 -87.84 -45.14
N ALA N 454 20.23 -89.13 -45.22
CA ALA N 454 18.84 -89.46 -45.51
C ALA N 454 17.94 -89.23 -44.30
N LEU N 455 18.53 -89.17 -43.10
CA LEU N 455 17.73 -88.99 -41.90
C LEU N 455 17.36 -87.52 -41.69
N VAL N 456 18.36 -86.65 -41.53
CA VAL N 456 18.11 -85.29 -41.05
C VAL N 456 18.70 -84.24 -41.98
N TYR N 457 19.59 -84.64 -42.89
CA TYR N 457 20.31 -83.69 -43.72
C TYR N 457 19.71 -83.55 -45.12
N ASP N 458 18.54 -84.14 -45.34
CA ASP N 458 17.82 -84.02 -46.62
C ASP N 458 18.68 -84.49 -47.78
N ASN N 459 19.44 -85.56 -47.55
CA ASN N 459 20.32 -86.16 -48.56
C ASN N 459 21.29 -85.13 -49.13
N LYS N 460 21.81 -84.23 -48.28
CA LYS N 460 22.76 -83.22 -48.70
C LYS N 460 24.17 -83.47 -48.17
N LEU N 461 24.33 -84.34 -47.18
CA LEU N 461 25.63 -84.64 -46.60
C LEU N 461 26.32 -85.71 -47.44
N LYS N 462 27.54 -85.42 -47.88
CA LYS N 462 28.31 -86.33 -48.71
C LYS N 462 29.47 -86.90 -47.91
N ALA N 463 29.86 -88.13 -48.25
CA ALA N 463 30.90 -88.84 -47.53
C ALA N 463 32.25 -88.67 -48.24
N HIS N 464 33.24 -88.21 -47.47
CA HIS N 464 34.61 -88.13 -47.98
C HIS N 464 35.26 -89.51 -48.04
N LYS N 465 34.95 -90.38 -47.09
CA LYS N 465 35.51 -91.72 -47.06
C LYS N 465 34.61 -92.70 -47.80
N ASP N 466 35.19 -93.84 -48.17
CA ASP N 466 34.44 -94.92 -48.78
C ASP N 466 33.81 -95.79 -47.69
N LYS N 467 32.96 -96.73 -48.10
CA LYS N 467 32.34 -97.64 -47.16
C LYS N 467 33.41 -98.53 -46.51
N SER N 468 33.40 -98.56 -45.18
CA SER N 468 34.39 -99.33 -44.43
C SER N 468 34.00 -100.79 -44.21
N ALA N 469 32.76 -101.16 -44.55
CA ALA N 469 32.24 -102.51 -44.35
C ALA N 469 32.36 -102.97 -42.90
N GLN N 470 32.32 -102.04 -41.96
CA GLN N 470 32.46 -102.33 -40.54
C GLN N 470 31.30 -101.74 -39.74
N CYS N 471 30.28 -101.26 -40.45
CA CYS N 471 29.09 -100.70 -39.82
C CYS N 471 28.04 -101.80 -39.74
N PHE N 472 27.68 -102.20 -38.53
CA PHE N 472 26.78 -103.32 -38.31
C PHE N 472 25.62 -102.88 -37.42
N LYS N 473 24.48 -103.54 -37.60
CA LYS N 473 23.28 -103.27 -36.82
C LYS N 473 22.63 -104.58 -36.42
N MET N 474 22.01 -104.59 -35.25
CA MET N 474 21.30 -105.76 -34.75
C MET N 474 19.99 -105.34 -34.12
N PHE N 475 18.95 -106.13 -34.37
CA PHE N 475 17.62 -105.88 -33.82
C PHE N 475 17.42 -106.81 -32.63
N TYR N 476 17.41 -106.24 -31.42
CA TYR N 476 17.35 -107.04 -30.20
C TYR N 476 16.66 -106.21 -29.12
N LYS N 477 15.45 -106.62 -28.75
CA LYS N 477 14.72 -105.90 -27.70
C LYS N 477 15.41 -106.03 -26.35
N GLY N 478 15.80 -107.25 -25.97
CA GLY N 478 16.39 -107.47 -24.66
C GLY N 478 15.37 -107.28 -23.55
N VAL N 479 15.88 -106.95 -22.37
CA VAL N 479 15.04 -106.69 -21.19
C VAL N 479 15.39 -105.31 -20.66
N ILE N 480 14.37 -104.48 -20.45
CA ILE N 480 14.55 -103.11 -20.00
C ILE N 480 14.26 -103.03 -18.51
N THR N 481 15.24 -102.60 -17.73
CA THR N 481 15.09 -102.39 -16.31
C THR N 481 15.35 -100.92 -15.99
N HIS N 482 14.63 -100.40 -15.00
CA HIS N 482 14.64 -98.99 -14.67
C HIS N 482 15.18 -98.77 -13.27
N ASP N 483 16.05 -97.76 -13.14
CA ASP N 483 16.54 -97.26 -11.87
C ASP N 483 15.76 -95.99 -11.53
N VAL N 484 16.21 -95.27 -10.50
CA VAL N 484 15.51 -94.06 -10.08
C VAL N 484 15.44 -93.05 -11.22
N SER N 485 16.53 -92.92 -12.01
CA SER N 485 16.54 -91.91 -13.06
C SER N 485 17.23 -92.37 -14.34
N SER N 486 17.24 -93.67 -14.66
CA SER N 486 17.90 -94.14 -15.87
C SER N 486 17.28 -95.48 -16.27
N ALA N 487 17.82 -96.07 -17.34
CA ALA N 487 17.35 -97.35 -17.84
C ALA N 487 18.54 -98.25 -18.14
N ILE N 488 18.35 -99.55 -17.95
CA ILE N 488 19.41 -100.54 -18.15
C ILE N 488 18.86 -101.67 -19.00
N ASN N 489 19.65 -102.10 -20.00
CA ASN N 489 19.32 -103.24 -20.85
C ASN N 489 20.48 -104.22 -20.76
N ARG N 490 20.44 -105.09 -19.75
CA ARG N 490 21.48 -106.09 -19.58
C ARG N 490 21.58 -107.09 -20.73
N PRO N 491 20.48 -107.62 -21.30
CA PRO N 491 20.65 -108.54 -22.44
C PRO N 491 21.37 -107.91 -23.63
N GLN N 492 21.21 -106.60 -23.87
CA GLN N 492 22.00 -105.95 -24.90
C GLN N 492 23.48 -105.96 -24.55
N ILE N 493 23.80 -105.76 -23.27
CA ILE N 493 25.19 -105.85 -22.83
C ILE N 493 25.72 -107.27 -23.03
N GLY N 494 24.88 -108.29 -22.81
CA GLY N 494 25.31 -109.65 -23.08
C GLY N 494 25.54 -109.91 -24.55
N VAL N 495 24.69 -109.32 -25.41
CA VAL N 495 24.89 -109.43 -26.86
C VAL N 495 26.21 -108.79 -27.25
N VAL N 496 26.51 -107.62 -26.68
CA VAL N 496 27.80 -106.97 -26.93
C VAL N 496 28.95 -107.83 -26.42
N ARG N 497 28.74 -108.50 -25.29
CA ARG N 497 29.75 -109.42 -24.77
C ARG N 497 30.05 -110.54 -25.77
N GLU N 498 28.99 -111.15 -26.29
CA GLU N 498 29.18 -112.24 -27.25
C GLU N 498 29.86 -111.73 -28.52
N PHE N 499 29.49 -110.53 -28.98
CA PHE N 499 30.12 -109.95 -30.15
C PHE N 499 31.60 -109.68 -29.91
N LEU N 500 31.94 -109.17 -28.72
CA LEU N 500 33.34 -108.91 -28.38
C LEU N 500 34.14 -110.20 -28.30
N THR N 501 33.56 -111.25 -27.73
CA THR N 501 34.24 -112.55 -27.69
C THR N 501 34.45 -113.09 -29.10
N ARG N 502 33.47 -112.91 -29.98
CA ARG N 502 33.62 -113.33 -31.36
C ARG N 502 34.36 -112.31 -32.23
N ASN N 503 34.56 -111.10 -31.73
CA ASN N 503 35.30 -110.05 -32.45
C ASN N 503 36.12 -109.27 -31.43
N PRO N 504 37.31 -109.76 -31.08
CA PRO N 504 38.08 -109.11 -30.02
C PRO N 504 38.65 -107.75 -30.40
N ALA N 505 38.82 -107.47 -31.70
CA ALA N 505 39.32 -106.16 -32.10
C ALA N 505 38.41 -105.04 -31.65
N TRP N 506 37.10 -105.29 -31.66
CA TRP N 506 36.11 -104.32 -31.18
C TRP N 506 36.30 -103.97 -29.71
N ARG N 507 37.23 -104.60 -29.02
CA ARG N 507 37.59 -104.18 -27.67
C ARG N 507 38.33 -102.86 -27.64
N LYS N 508 38.72 -102.31 -28.80
CA LYS N 508 39.23 -100.95 -28.85
C LYS N 508 38.14 -99.92 -29.04
N ALA N 509 36.88 -100.33 -29.10
CA ALA N 509 35.77 -99.42 -29.34
C ALA N 509 35.39 -98.67 -28.08
N VAL N 510 34.51 -97.69 -28.25
CA VAL N 510 33.96 -96.90 -27.15
C VAL N 510 32.46 -97.15 -27.09
N PHE N 511 31.96 -97.54 -25.92
CA PHE N 511 30.55 -97.83 -25.73
C PHE N 511 29.81 -96.51 -25.49
N ILE N 512 28.77 -96.28 -26.28
CA ILE N 512 27.95 -95.07 -26.20
C ILE N 512 26.50 -95.48 -25.97
N SER N 513 25.87 -94.89 -24.96
CA SER N 513 24.48 -95.21 -24.66
C SER N 513 23.77 -93.94 -24.25
N PRO N 514 22.45 -93.87 -24.44
CA PRO N 514 21.69 -92.69 -24.01
C PRO N 514 21.35 -92.69 -22.52
N TYR N 515 21.82 -93.65 -21.75
CA TYR N 515 21.51 -93.75 -20.33
C TYR N 515 22.79 -93.93 -19.53
N ASN N 516 22.90 -93.21 -18.42
CA ASN N 516 24.13 -93.23 -17.63
C ASN N 516 24.29 -94.53 -16.86
N SER N 517 23.18 -95.09 -16.37
CA SER N 517 23.24 -96.39 -15.71
C SER N 517 23.64 -97.48 -16.69
N GLN N 518 23.14 -97.40 -17.93
CA GLN N 518 23.57 -98.32 -18.96
C GLN N 518 25.08 -98.23 -19.17
N ASN N 519 25.62 -97.01 -19.19
CA ASN N 519 27.05 -96.82 -19.30
C ASN N 519 27.79 -97.42 -18.10
N ALA N 520 27.24 -97.25 -16.89
CA ALA N 520 27.88 -97.80 -15.71
C ALA N 520 27.95 -99.32 -15.77
N VAL N 521 26.85 -99.97 -16.15
CA VAL N 521 26.85 -101.42 -16.24
C VAL N 521 27.77 -101.89 -17.37
N ALA N 522 27.78 -101.15 -18.48
CA ALA N 522 28.67 -101.52 -19.59
C ALA N 522 30.13 -101.37 -19.22
N SER N 523 30.47 -100.37 -18.40
CA SER N 523 31.85 -100.23 -17.96
C SER N 523 32.21 -101.29 -16.93
N LYS N 524 31.25 -101.67 -16.08
CA LYS N 524 31.50 -102.71 -15.09
C LYS N 524 31.63 -104.09 -15.70
N ILE N 525 30.97 -104.34 -16.83
CA ILE N 525 30.98 -105.67 -17.42
C ILE N 525 31.95 -105.78 -18.60
N LEU N 526 31.85 -104.88 -19.57
CA LEU N 526 32.71 -104.90 -20.75
C LEU N 526 34.10 -104.34 -20.51
N GLY N 527 34.22 -103.25 -19.76
CA GLY N 527 35.48 -102.57 -19.57
C GLY N 527 35.79 -101.50 -20.60
N LEU N 528 34.94 -101.31 -21.61
CA LEU N 528 35.14 -100.29 -22.62
C LEU N 528 34.83 -98.91 -22.05
N PRO N 529 35.48 -97.86 -22.57
CA PRO N 529 35.10 -96.50 -22.20
C PRO N 529 33.63 -96.24 -22.54
N THR N 530 32.95 -95.52 -21.66
CA THR N 530 31.53 -95.31 -21.76
C THR N 530 31.21 -93.82 -21.88
N GLN N 531 30.28 -93.51 -22.78
CA GLN N 531 29.89 -92.14 -23.05
C GLN N 531 28.39 -92.06 -23.26
N THR N 532 27.77 -91.06 -22.64
CA THR N 532 26.42 -90.67 -23.01
C THR N 532 26.45 -89.93 -24.34
N VAL N 533 25.33 -89.97 -25.06
CA VAL N 533 25.27 -89.30 -26.36
C VAL N 533 25.43 -87.80 -26.18
N ASP N 534 24.88 -87.26 -25.10
CA ASP N 534 24.99 -85.82 -24.83
C ASP N 534 26.45 -85.41 -24.65
N SER N 535 27.22 -86.20 -23.90
CA SER N 535 28.63 -85.90 -23.70
C SER N 535 29.48 -86.19 -24.92
N SER N 536 29.10 -87.17 -25.74
CA SER N 536 29.89 -87.56 -26.91
C SER N 536 29.94 -86.47 -27.98
N GLN N 537 29.02 -85.51 -27.96
CA GLN N 537 29.02 -84.44 -28.95
C GLN N 537 30.31 -83.64 -28.85
N GLY N 538 30.98 -83.46 -29.99
CA GLY N 538 32.27 -82.81 -30.02
C GLY N 538 33.45 -83.77 -29.96
N SER N 539 33.21 -85.08 -30.00
CA SER N 539 34.26 -86.08 -29.91
C SER N 539 34.15 -87.05 -31.08
N GLU N 540 35.23 -87.80 -31.30
CA GLU N 540 35.29 -88.77 -32.38
C GLU N 540 36.11 -89.97 -31.94
N TYR N 541 35.70 -91.15 -32.41
CA TYR N 541 36.39 -92.39 -32.08
C TYR N 541 36.43 -93.30 -33.30
N ASP N 542 37.40 -94.21 -33.32
CA ASP N 542 37.56 -95.10 -34.46
C ASP N 542 36.44 -96.13 -34.52
N TYR N 543 36.14 -96.78 -33.40
CA TYR N 543 35.11 -97.80 -33.33
C TYR N 543 34.10 -97.44 -32.23
N VAL N 544 32.82 -97.63 -32.53
CA VAL N 544 31.74 -97.26 -31.62
C VAL N 544 30.77 -98.43 -31.48
N ILE N 545 30.36 -98.70 -30.24
CA ILE N 545 29.31 -99.67 -29.95
C ILE N 545 28.20 -98.93 -29.23
N PHE N 546 27.03 -98.85 -29.87
CA PHE N 546 25.90 -98.10 -29.34
C PHE N 546 24.73 -99.05 -29.11
N THR N 547 24.13 -98.96 -27.92
CA THR N 547 22.92 -99.70 -27.59
C THR N 547 21.82 -98.69 -27.24
N GLN N 548 20.67 -98.82 -27.89
CA GLN N 548 19.58 -97.88 -27.64
C GLN N 548 19.02 -98.03 -26.23
N THR N 549 18.94 -99.26 -25.73
CA THR N 549 18.59 -99.60 -24.34
C THR N 549 17.11 -99.41 -24.05
N THR N 550 16.38 -98.75 -24.94
CA THR N 550 14.94 -98.51 -24.83
C THR N 550 14.37 -98.25 -26.22
N GLU N 551 13.08 -97.94 -26.26
CA GLU N 551 12.42 -97.40 -27.45
C GLU N 551 11.71 -96.08 -27.14
N THR N 552 12.11 -95.40 -26.08
CA THR N 552 11.50 -94.13 -25.71
C THR N 552 11.93 -93.03 -26.67
N ALA N 553 11.23 -91.90 -26.59
CA ALA N 553 11.53 -90.77 -27.47
C ALA N 553 12.94 -90.25 -27.23
N HIS N 554 13.43 -90.36 -25.98
CA HIS N 554 14.79 -89.93 -25.68
C HIS N 554 15.81 -90.71 -26.49
N SER N 555 15.69 -92.04 -26.50
CA SER N 555 16.63 -92.88 -27.23
C SER N 555 16.30 -92.98 -28.71
N CYS N 556 15.07 -92.66 -29.10
CA CYS N 556 14.67 -92.70 -30.50
C CYS N 556 14.74 -91.33 -31.17
N ASN N 557 15.21 -90.32 -30.46
CA ASN N 557 15.29 -88.97 -31.04
C ASN N 557 16.25 -88.97 -32.23
N VAL N 558 15.83 -88.30 -33.30
CA VAL N 558 16.62 -88.27 -34.52
C VAL N 558 17.96 -87.55 -34.30
N ASN N 559 17.94 -86.42 -33.59
CA ASN N 559 19.18 -85.68 -33.36
C ASN N 559 20.13 -86.48 -32.48
N ARG N 560 19.62 -87.11 -31.42
CA ARG N 560 20.46 -87.90 -30.54
C ARG N 560 21.04 -89.11 -31.26
N PHE N 561 20.23 -89.78 -32.08
CA PHE N 561 20.73 -90.92 -32.84
C PHE N 561 21.79 -90.48 -33.84
N ASN N 562 21.57 -89.33 -34.50
CA ASN N 562 22.57 -88.76 -35.38
C ASN N 562 23.90 -88.55 -34.66
N VAL N 563 23.85 -87.88 -33.51
CA VAL N 563 25.07 -87.60 -32.76
C VAL N 563 25.75 -88.90 -32.33
N ALA N 564 24.95 -89.86 -31.85
CA ALA N 564 25.52 -91.13 -31.37
C ALA N 564 26.21 -91.89 -32.49
N ILE N 565 25.60 -91.95 -33.67
CA ILE N 565 26.18 -92.78 -34.73
C ILE N 565 27.23 -92.02 -35.53
N THR N 566 27.34 -90.71 -35.39
CA THR N 566 28.38 -89.96 -36.08
C THR N 566 29.67 -89.86 -35.28
N ARG N 567 29.79 -90.60 -34.17
CA ARG N 567 31.04 -90.62 -33.41
C ARG N 567 32.06 -91.61 -33.96
N ALA N 568 31.66 -92.45 -34.91
CA ALA N 568 32.52 -93.52 -35.40
C ALA N 568 33.36 -93.06 -36.59
N LYS N 569 34.65 -93.39 -36.56
CA LYS N 569 35.54 -93.12 -37.67
C LYS N 569 35.65 -94.30 -38.64
N VAL N 570 35.57 -95.53 -38.14
CA VAL N 570 35.80 -96.70 -38.97
C VAL N 570 34.60 -97.63 -38.92
N GLY N 571 34.23 -98.07 -37.71
CA GLY N 571 33.19 -99.07 -37.57
C GLY N 571 32.28 -98.77 -36.39
N ILE N 572 31.02 -99.20 -36.54
CA ILE N 572 30.04 -99.02 -35.48
C ILE N 572 29.14 -100.25 -35.45
N LEU N 573 28.79 -100.67 -34.24
CA LEU N 573 27.82 -101.73 -34.00
C LEU N 573 26.65 -101.17 -33.21
N CYS N 574 25.46 -101.25 -33.78
CA CYS N 574 24.26 -100.68 -33.18
C CYS N 574 23.33 -101.82 -32.75
N ILE N 575 23.27 -102.06 -31.45
CA ILE N 575 22.27 -102.97 -30.88
C ILE N 575 21.00 -102.15 -30.69
N MET N 576 20.06 -102.29 -31.63
CA MET N 576 18.95 -101.37 -31.77
C MET N 576 17.66 -102.00 -31.24
N SER N 577 16.88 -101.22 -30.51
CA SER N 577 15.59 -101.64 -30.00
C SER N 577 14.42 -101.08 -30.79
N ASP N 578 14.61 -99.96 -31.48
CA ASP N 578 13.55 -99.37 -32.29
C ASP N 578 13.63 -99.92 -33.71
N ARG N 579 12.50 -100.40 -34.22
CA ARG N 579 12.48 -100.98 -35.56
C ARG N 579 12.64 -99.91 -36.64
N ASP N 580 12.09 -98.72 -36.40
CA ASP N 580 12.11 -97.65 -37.39
C ASP N 580 13.54 -97.24 -37.73
N LEU N 581 14.29 -96.77 -36.73
CA LEU N 581 15.66 -96.34 -36.99
C LEU N 581 16.56 -97.51 -37.39
N TYR N 582 16.25 -98.71 -36.91
CA TYR N 582 17.01 -99.89 -37.32
C TYR N 582 16.87 -100.12 -38.83
N ASP N 583 15.64 -100.01 -39.34
CA ASP N 583 15.44 -100.10 -40.78
C ASP N 583 16.06 -98.92 -41.50
N LYS N 584 16.05 -97.74 -40.88
CA LYS N 584 16.71 -96.58 -41.46
C LYS N 584 18.23 -96.72 -41.49
N LEU N 585 18.80 -97.56 -40.62
CA LEU N 585 20.24 -97.74 -40.57
C LEU N 585 20.71 -98.48 -41.82
N GLN N 586 21.58 -97.85 -42.59
CA GLN N 586 22.18 -98.48 -43.77
C GLN N 586 23.41 -99.29 -43.41
N PHE N 587 23.25 -100.20 -42.45
CA PHE N 587 24.33 -101.01 -41.93
C PHE N 587 24.13 -102.47 -42.31
N THR N 588 25.15 -103.28 -42.03
CA THR N 588 25.07 -104.71 -42.29
C THR N 588 24.41 -105.40 -41.11
N SER N 589 23.19 -105.91 -41.32
CA SER N 589 22.44 -106.55 -40.25
C SER N 589 23.11 -107.84 -39.80
N LEU N 590 23.11 -108.08 -38.50
CA LEU N 590 23.67 -109.29 -37.91
C LEU N 590 22.59 -110.04 -37.14
N GLU N 591 22.79 -111.34 -37.02
CA GLU N 591 21.84 -112.22 -36.35
C GLU N 591 22.21 -112.40 -34.89
N ILE N 592 21.18 -112.57 -34.06
CA ILE N 592 21.40 -112.79 -32.62
C ILE N 592 21.91 -114.20 -32.40
N PRO N 593 23.03 -114.39 -31.68
CA PRO N 593 23.58 -115.72 -31.42
C PRO N 593 22.66 -116.58 -30.54
N VAL O 2 -1.00 -62.38 21.68
CA VAL O 2 -1.47 -62.79 20.37
C VAL O 2 -1.16 -64.28 20.13
N GLY O 3 -2.12 -64.99 19.55
CA GLY O 3 -1.95 -66.41 19.30
C GLY O 3 -2.99 -67.00 18.38
N ALA O 4 -3.28 -68.29 18.55
CA ALA O 4 -4.19 -69.01 17.67
C ALA O 4 -5.25 -69.72 18.50
N CYS O 5 -6.49 -69.73 18.00
CA CYS O 5 -7.59 -70.37 18.70
C CYS O 5 -7.30 -71.85 18.90
N VAL O 6 -7.27 -72.29 20.16
CA VAL O 6 -7.04 -73.70 20.46
C VAL O 6 -8.11 -74.59 19.85
N LEU O 7 -9.28 -74.04 19.53
CA LEU O 7 -10.35 -74.77 18.88
C LEU O 7 -10.39 -74.57 17.37
N CYS O 8 -9.83 -73.47 16.86
CA CYS O 8 -9.91 -73.15 15.44
C CYS O 8 -8.57 -72.96 14.77
N ASN O 9 -7.50 -72.72 15.54
CA ASN O 9 -6.18 -72.36 15.06
C ASN O 9 -6.15 -70.99 14.40
N SER O 10 -7.30 -70.31 14.31
CA SER O 10 -7.33 -68.98 13.74
C SER O 10 -6.54 -68.01 14.60
N GLN O 11 -5.80 -67.12 13.95
CA GLN O 11 -5.01 -66.13 14.67
C GLN O 11 -5.91 -65.25 15.51
N THR O 12 -5.61 -65.16 16.81
CA THR O 12 -6.48 -64.44 17.73
C THR O 12 -5.65 -63.73 18.79
N SER O 13 -6.22 -62.65 19.32
CA SER O 13 -5.66 -61.90 20.42
C SER O 13 -6.55 -61.92 21.65
N LEU O 14 -7.36 -62.96 21.80
CA LEU O 14 -8.32 -63.06 22.90
C LEU O 14 -7.97 -64.27 23.75
N ARG O 15 -7.90 -64.06 25.06
CA ARG O 15 -7.68 -65.14 26.02
C ARG O 15 -8.72 -65.02 27.12
N CYS O 16 -9.28 -66.16 27.53
CA CYS O 16 -10.27 -66.15 28.59
C CYS O 16 -9.59 -65.86 29.93
N GLY O 17 -10.01 -64.80 30.59
CA GLY O 17 -9.40 -64.39 31.85
C GLY O 17 -9.83 -65.18 33.07
N ALA O 18 -10.82 -66.05 32.93
CA ALA O 18 -11.22 -66.90 34.04
C ALA O 18 -10.64 -68.31 33.93
N CYS O 19 -10.21 -68.72 32.74
CA CYS O 19 -9.50 -69.97 32.60
C CYS O 19 -8.09 -69.84 33.16
N ILE O 20 -7.68 -70.83 33.97
CA ILE O 20 -6.41 -70.73 34.67
C ILE O 20 -5.22 -70.76 33.71
N ARG O 21 -5.33 -71.46 32.58
CA ARG O 21 -4.26 -71.51 31.60
C ARG O 21 -4.32 -70.39 30.58
N ARG O 22 -5.39 -69.59 30.59
CA ARG O 22 -5.53 -68.42 29.73
C ARG O 22 -5.33 -68.81 28.27
N PRO O 23 -6.17 -69.67 27.70
CA PRO O 23 -5.92 -70.13 26.33
C PRO O 23 -6.41 -69.14 25.30
N PHE O 24 -5.84 -69.24 24.10
CA PHE O 24 -6.24 -68.37 23.01
C PHE O 24 -7.52 -68.87 22.37
N LEU O 25 -8.43 -67.95 22.09
CA LEU O 25 -9.75 -68.30 21.54
C LEU O 25 -10.13 -67.30 20.46
N CYS O 26 -10.74 -67.80 19.39
CA CYS O 26 -11.24 -66.91 18.34
C CYS O 26 -12.47 -66.16 18.85
N CYS O 27 -12.95 -65.22 18.03
CA CYS O 27 -14.10 -64.42 18.41
C CYS O 27 -15.31 -65.29 18.73
N LYS O 28 -15.68 -66.17 17.80
CA LYS O 28 -16.86 -67.01 17.98
C LYS O 28 -16.69 -67.97 19.15
N CYS O 29 -15.54 -68.64 19.21
CA CYS O 29 -15.33 -69.61 20.28
C CYS O 29 -15.34 -68.95 21.65
N CYS O 30 -14.68 -67.80 21.78
CA CYS O 30 -14.69 -67.09 23.05
C CYS O 30 -16.09 -66.63 23.42
N TYR O 31 -16.86 -66.15 22.44
CA TYR O 31 -18.24 -65.76 22.69
C TYR O 31 -19.05 -66.93 23.23
N ASP O 32 -18.98 -68.07 22.54
CA ASP O 32 -19.76 -69.23 22.96
C ASP O 32 -19.31 -69.76 24.31
N HIS O 33 -18.01 -69.68 24.60
CA HIS O 33 -17.53 -70.13 25.91
C HIS O 33 -18.01 -69.21 27.03
N VAL O 34 -17.91 -67.90 26.84
CA VAL O 34 -18.27 -67.00 27.92
C VAL O 34 -19.77 -67.00 28.14
N ILE O 35 -20.58 -67.19 27.09
CA ILE O 35 -22.02 -67.22 27.29
C ILE O 35 -22.50 -68.56 27.86
N SER O 36 -21.69 -69.61 27.75
CA SER O 36 -22.11 -70.94 28.20
C SER O 36 -21.53 -71.33 29.55
N THR O 37 -20.67 -70.52 30.14
CA THR O 37 -20.08 -70.82 31.44
C THR O 37 -20.11 -69.56 32.29
N SER O 38 -19.64 -69.68 33.53
CA SER O 38 -19.48 -68.53 34.41
C SER O 38 -18.24 -67.70 34.07
N HIS O 39 -17.42 -68.16 33.13
CA HIS O 39 -16.23 -67.42 32.71
C HIS O 39 -16.66 -66.15 32.00
N LYS O 40 -16.55 -65.01 32.67
CA LYS O 40 -16.92 -63.72 32.08
C LYS O 40 -15.74 -62.78 31.89
N LEU O 41 -14.60 -63.04 32.51
CA LEU O 41 -13.42 -62.21 32.31
C LEU O 41 -12.65 -62.72 31.09
N VAL O 42 -12.33 -61.81 30.17
CA VAL O 42 -11.60 -62.13 28.95
C VAL O 42 -10.41 -61.20 28.86
N LEU O 43 -9.29 -61.72 28.36
CA LEU O 43 -8.06 -60.94 28.24
C LEU O 43 -7.69 -60.74 26.79
N SER O 44 -7.07 -59.59 26.52
CA SER O 44 -6.45 -59.28 25.24
C SER O 44 -5.09 -58.69 25.57
N VAL O 45 -4.45 -58.04 24.60
CA VAL O 45 -3.23 -57.30 24.91
C VAL O 45 -3.49 -56.33 26.06
N ASN O 46 -4.73 -55.89 26.21
CA ASN O 46 -5.26 -55.27 27.42
C ASN O 46 -6.44 -56.07 27.94
N PRO O 47 -6.56 -56.24 29.26
CA PRO O 47 -7.68 -57.00 29.81
C PRO O 47 -9.02 -56.31 29.59
N TYR O 48 -10.06 -57.12 29.41
CA TYR O 48 -11.42 -56.62 29.21
C TYR O 48 -12.04 -56.34 30.58
N VAL O 49 -11.70 -55.18 31.13
CA VAL O 49 -12.17 -54.77 32.44
C VAL O 49 -12.51 -53.27 32.40
N CYS O 50 -13.45 -52.86 33.24
CA CYS O 50 -13.81 -51.45 33.32
C CYS O 50 -12.67 -50.66 33.94
N ASN O 51 -12.29 -49.56 33.28
CA ASN O 51 -11.21 -48.70 33.75
C ASN O 51 -11.66 -47.66 34.77
N ALA O 52 -12.96 -47.60 35.05
CA ALA O 52 -13.50 -46.50 35.83
C ALA O 52 -12.94 -46.51 37.24
N PRO O 53 -12.65 -45.33 37.79
CA PRO O 53 -12.10 -45.25 39.15
C PRO O 53 -13.01 -45.90 40.18
N GLY O 54 -12.51 -46.95 40.85
CA GLY O 54 -13.31 -47.65 41.84
C GLY O 54 -14.52 -48.37 41.29
N CYS O 55 -14.38 -49.03 40.15
CA CYS O 55 -15.45 -49.81 39.56
C CYS O 55 -14.99 -51.24 39.36
N ASP O 56 -15.89 -52.19 39.64
CA ASP O 56 -15.55 -53.60 39.66
C ASP O 56 -16.20 -54.41 38.54
N VAL O 57 -16.82 -53.75 37.55
CA VAL O 57 -17.47 -54.50 36.48
C VAL O 57 -16.41 -55.11 35.57
N THR O 58 -16.39 -56.45 35.52
CA THR O 58 -15.42 -57.18 34.72
C THR O 58 -16.06 -58.07 33.67
N ASP O 59 -17.38 -58.24 33.68
CA ASP O 59 -18.04 -59.14 32.75
C ASP O 59 -17.94 -58.58 31.33
N VAL O 60 -17.58 -59.45 30.39
CA VAL O 60 -17.41 -59.01 29.00
C VAL O 60 -18.75 -58.57 28.41
N THR O 61 -19.85 -59.21 28.79
CA THR O 61 -21.15 -58.85 28.25
C THR O 61 -21.68 -57.53 28.78
N GLN O 62 -21.03 -56.95 29.79
CA GLN O 62 -21.49 -55.72 30.42
C GLN O 62 -20.54 -54.56 30.21
N LEU O 63 -19.73 -54.60 29.16
CA LEU O 63 -18.74 -53.58 28.89
C LEU O 63 -18.90 -53.05 27.47
N TYR O 64 -18.44 -51.82 27.26
CA TYR O 64 -18.56 -51.12 25.99
C TYR O 64 -17.26 -50.38 25.70
N LEU O 65 -16.96 -50.22 24.41
CA LEU O 65 -15.77 -49.49 23.97
C LEU O 65 -16.05 -48.00 24.02
N GLY O 66 -15.66 -47.36 25.11
CA GLY O 66 -15.72 -45.92 25.19
C GLY O 66 -14.38 -45.30 24.87
N GLY O 67 -14.33 -44.54 23.78
CA GLY O 67 -13.12 -43.83 23.44
C GLY O 67 -11.95 -44.77 23.20
N MET O 68 -11.03 -44.80 24.16
CA MET O 68 -9.79 -45.55 24.04
C MET O 68 -9.78 -46.79 24.92
N SER O 69 -10.87 -47.04 25.66
CA SER O 69 -10.85 -48.10 26.67
C SER O 69 -12.25 -48.65 26.90
N TYR O 70 -12.36 -49.47 27.95
CA TYR O 70 -13.58 -50.20 28.27
C TYR O 70 -14.29 -49.57 29.46
N TYR O 71 -15.61 -49.40 29.34
CA TYR O 71 -16.41 -48.91 30.45
C TYR O 71 -17.60 -49.84 30.66
N CYS O 72 -18.10 -49.85 31.90
CA CYS O 72 -19.36 -50.53 32.15
C CYS O 72 -20.50 -49.71 31.55
N LYS O 73 -21.73 -50.24 31.66
CA LYS O 73 -22.88 -49.49 31.18
C LYS O 73 -23.06 -48.21 32.00
N SER O 74 -22.76 -48.28 33.30
CA SER O 74 -22.90 -47.11 34.16
C SER O 74 -21.88 -46.03 33.82
N HIS O 75 -20.66 -46.41 33.44
CA HIS O 75 -19.57 -45.47 33.22
C HIS O 75 -19.29 -45.25 31.73
N LYS O 76 -20.21 -45.68 30.85
CA LYS O 76 -19.85 -45.52 29.45
C LYS O 76 -20.18 -44.13 28.94
N PRO O 77 -19.46 -43.66 27.93
CA PRO O 77 -19.83 -42.40 27.27
C PRO O 77 -21.03 -42.62 26.38
N PRO O 78 -21.64 -41.54 25.86
CA PRO O 78 -22.81 -41.73 24.99
C PRO O 78 -22.50 -42.43 23.68
N ILE O 79 -21.23 -42.52 23.31
CA ILE O 79 -20.82 -43.17 22.08
C ILE O 79 -19.99 -44.41 22.44
N SER O 80 -20.62 -45.57 22.37
CA SER O 80 -19.94 -46.82 22.69
C SER O 80 -20.73 -47.97 22.08
N PHE O 81 -20.06 -49.11 21.95
CA PHE O 81 -20.64 -50.35 21.47
C PHE O 81 -20.14 -51.50 22.32
N PRO O 82 -20.97 -52.50 22.58
CA PRO O 82 -20.60 -53.56 23.52
C PRO O 82 -19.47 -54.42 23.01
N LEU O 83 -18.64 -54.89 23.93
CA LEU O 83 -17.59 -55.84 23.59
C LEU O 83 -18.17 -57.18 23.15
N CYS O 84 -19.22 -57.63 23.81
CA CYS O 84 -19.83 -58.95 23.56
C CYS O 84 -21.12 -58.72 22.78
N ALA O 85 -21.02 -58.86 21.46
CA ALA O 85 -22.18 -58.68 20.60
C ALA O 85 -21.97 -59.43 19.29
N ASN O 86 -23.07 -59.65 18.57
CA ASN O 86 -23.05 -60.22 17.22
C ASN O 86 -22.48 -61.64 17.22
N GLY O 87 -22.67 -62.36 18.32
CA GLY O 87 -22.26 -63.74 18.39
C GLY O 87 -20.76 -63.94 18.38
N GLN O 88 -20.03 -62.85 18.59
CA GLN O 88 -18.57 -62.88 18.61
C GLN O 88 -18.07 -61.99 19.72
N VAL O 89 -16.79 -62.13 20.06
CA VAL O 89 -16.13 -61.22 20.99
C VAL O 89 -15.24 -60.29 20.18
N PHE O 90 -15.33 -59.01 20.50
CA PHE O 90 -14.72 -57.99 19.68
C PHE O 90 -13.22 -57.93 19.92
N GLY O 91 -12.44 -58.08 18.84
CA GLY O 91 -11.00 -58.18 18.98
C GLY O 91 -10.33 -58.25 17.63
N LEU O 92 -9.05 -58.67 17.66
CA LEU O 92 -8.26 -58.75 16.44
C LEU O 92 -8.82 -59.77 15.49
N TYR O 93 -8.55 -59.55 14.20
CA TYR O 93 -8.79 -60.55 13.16
C TYR O 93 -10.23 -61.03 13.16
N LYS O 94 -11.16 -60.10 13.39
CA LYS O 94 -12.58 -60.45 13.46
C LYS O 94 -13.07 -60.98 12.12
N ASN O 95 -12.47 -60.53 11.01
CA ASN O 95 -12.81 -61.08 9.71
C ASN O 95 -12.36 -62.52 9.59
N THR O 96 -11.18 -62.84 10.12
CA THR O 96 -10.66 -64.20 10.09
C THR O 96 -11.13 -64.94 11.34
N CYS O 97 -12.28 -65.60 11.23
CA CYS O 97 -12.85 -66.33 12.35
C CYS O 97 -13.72 -67.47 11.85
N VAL O 98 -13.46 -68.69 12.31
CA VAL O 98 -14.20 -69.87 11.88
C VAL O 98 -15.22 -70.29 12.92
N GLY O 99 -14.83 -70.34 14.19
CA GLY O 99 -15.72 -70.83 15.23
C GLY O 99 -15.80 -72.34 15.22
N SER O 100 -16.58 -72.86 16.16
CA SER O 100 -16.80 -74.30 16.28
C SER O 100 -18.28 -74.57 16.53
N ASP O 101 -18.77 -75.68 15.98
CA ASP O 101 -20.16 -76.05 16.19
C ASP O 101 -20.41 -76.40 17.66
N ASN O 102 -19.47 -77.08 18.29
CA ASN O 102 -19.61 -77.49 19.68
C ASN O 102 -18.44 -76.99 20.50
N VAL O 103 -18.75 -76.29 21.59
CA VAL O 103 -17.75 -75.86 22.56
C VAL O 103 -17.91 -76.62 23.87
N THR O 104 -18.65 -77.73 23.87
CA THR O 104 -18.92 -78.46 25.09
C THR O 104 -17.66 -79.06 25.69
N ASP O 105 -16.80 -79.65 24.86
CA ASP O 105 -15.59 -80.27 25.37
C ASP O 105 -14.67 -79.24 26.01
N PHE O 106 -14.47 -78.10 25.36
CA PHE O 106 -13.65 -77.05 25.93
C PHE O 106 -14.24 -76.53 27.23
N ASN O 107 -15.56 -76.32 27.26
CA ASN O 107 -16.20 -75.82 28.47
C ASN O 107 -16.04 -76.80 29.62
N ALA O 108 -16.23 -78.09 29.35
CA ALA O 108 -16.08 -79.10 30.37
C ALA O 108 -14.65 -79.16 30.88
N ILE O 109 -13.68 -79.14 29.96
CA ILE O 109 -12.27 -79.22 30.37
C ILE O 109 -11.87 -77.99 31.18
N ALA O 110 -12.33 -76.82 30.76
CA ALA O 110 -11.90 -75.59 31.41
C ALA O 110 -12.67 -75.30 32.68
N THR O 111 -13.79 -76.00 32.91
CA THR O 111 -14.59 -75.79 34.10
C THR O 111 -14.55 -76.95 35.08
N CYS O 112 -14.05 -78.12 34.66
CA CYS O 112 -14.01 -79.25 35.57
C CYS O 112 -12.94 -79.03 36.64
N ASP O 113 -13.19 -79.59 37.82
CA ASP O 113 -12.24 -79.56 38.93
C ASP O 113 -11.33 -80.76 38.95
N TRP O 114 -11.40 -81.62 37.93
CA TRP O 114 -10.53 -82.79 37.79
C TRP O 114 -10.69 -83.78 38.94
N THR O 115 -11.86 -83.78 39.57
CA THR O 115 -12.16 -84.73 40.64
C THR O 115 -12.95 -85.94 40.18
N ASN O 116 -13.23 -86.05 38.88
CA ASN O 116 -13.96 -87.18 38.32
C ASN O 116 -13.11 -87.87 37.26
N ALA O 117 -13.31 -89.18 37.11
CA ALA O 117 -12.57 -89.94 36.11
C ALA O 117 -12.97 -89.50 34.71
N GLY O 118 -14.21 -89.03 34.54
CA GLY O 118 -14.66 -88.54 33.25
C GLY O 118 -13.87 -87.36 32.75
N ASP O 119 -13.34 -86.53 33.66
CA ASP O 119 -12.49 -85.42 33.23
C ASP O 119 -11.23 -85.93 32.53
N TYR O 120 -10.57 -86.93 33.11
CA TYR O 120 -9.39 -87.51 32.48
C TYR O 120 -9.75 -88.28 31.21
N ILE O 121 -10.90 -88.93 31.21
CA ILE O 121 -11.37 -89.62 30.00
C ILE O 121 -11.53 -88.63 28.85
N LEU O 122 -12.17 -87.50 29.14
CA LEU O 122 -12.32 -86.45 28.12
C LEU O 122 -10.96 -85.89 27.71
N ALA O 123 -10.07 -85.69 28.68
CA ALA O 123 -8.74 -85.16 28.39
C ALA O 123 -7.97 -86.06 27.43
N ASN O 124 -8.09 -87.39 27.58
CA ASN O 124 -7.43 -88.32 26.67
C ASN O 124 -8.21 -88.51 25.37
N THR O 125 -9.52 -88.28 25.37
CA THR O 125 -10.34 -88.53 24.20
C THR O 125 -10.70 -87.28 23.39
N CYS O 126 -10.25 -86.09 23.80
CA CYS O 126 -10.58 -84.87 23.10
C CYS O 126 -9.60 -84.63 21.94
N THR O 127 -9.70 -83.46 21.33
CA THR O 127 -8.81 -83.10 20.24
C THR O 127 -7.41 -82.85 20.78
N GLU O 128 -6.42 -83.00 19.88
CA GLU O 128 -5.02 -82.98 20.30
C GLU O 128 -4.65 -81.63 20.92
N ARG O 129 -5.07 -80.53 20.31
CA ARG O 129 -4.86 -79.23 20.94
C ARG O 129 -5.61 -79.14 22.27
N LEU O 130 -6.84 -79.64 22.32
CA LEU O 130 -7.54 -79.74 23.58
C LEU O 130 -6.88 -80.74 24.53
N LYS O 131 -6.22 -81.77 24.00
CA LYS O 131 -5.43 -82.63 24.88
C LYS O 131 -4.31 -81.86 25.57
N LEU O 132 -3.60 -81.02 24.81
CA LEU O 132 -2.55 -80.19 25.39
C LEU O 132 -3.14 -79.22 26.41
N PHE O 133 -4.27 -78.59 26.07
CA PHE O 133 -4.90 -77.65 26.99
C PHE O 133 -5.35 -78.34 28.27
N ALA O 134 -5.91 -79.54 28.15
CA ALA O 134 -6.36 -80.28 29.32
C ALA O 134 -5.18 -80.70 30.19
N ALA O 135 -4.08 -81.14 29.57
CA ALA O 135 -2.90 -81.49 30.34
C ALA O 135 -2.35 -80.29 31.08
N GLU O 136 -2.29 -79.14 30.40
CA GLU O 136 -1.84 -77.91 31.05
C GLU O 136 -2.74 -77.55 32.22
N THR O 137 -4.05 -77.60 32.02
CA THR O 137 -5.00 -77.23 33.06
C THR O 137 -4.89 -78.17 34.25
N LEU O 138 -4.77 -79.47 33.99
CA LEU O 138 -4.69 -80.45 35.06
C LEU O 138 -3.41 -80.27 35.87
N LYS O 139 -2.28 -80.11 35.18
CA LYS O 139 -1.02 -79.93 35.89
C LYS O 139 -1.01 -78.62 36.68
N ALA O 140 -1.54 -77.54 36.12
CA ALA O 140 -1.60 -76.28 36.85
C ALA O 140 -2.53 -76.40 38.05
N THR O 141 -3.64 -77.11 37.90
CA THR O 141 -4.55 -77.31 39.03
C THR O 141 -3.87 -78.10 40.13
N GLU O 142 -3.10 -79.13 39.76
CA GLU O 142 -2.36 -79.89 40.76
C GLU O 142 -1.34 -79.01 41.47
N GLU O 143 -0.63 -78.17 40.72
CA GLU O 143 0.37 -77.29 41.33
C GLU O 143 -0.29 -76.30 42.29
N THR O 144 -1.42 -75.73 41.89
CA THR O 144 -2.14 -74.81 42.76
C THR O 144 -2.67 -75.51 44.00
N PHE O 145 -3.20 -76.74 43.84
CA PHE O 145 -3.68 -77.50 44.97
C PHE O 145 -2.56 -77.84 45.94
N LYS O 146 -1.33 -77.96 45.43
CA LYS O 146 -0.18 -78.13 46.31
C LYS O 146 0.02 -76.92 47.21
N LEU O 147 -0.26 -75.72 46.71
CA LEU O 147 -0.12 -74.51 47.52
C LEU O 147 -1.22 -74.39 48.58
N SER O 148 -2.32 -75.11 48.42
CA SER O 148 -3.40 -75.05 49.40
C SER O 148 -2.99 -75.66 50.75
N TYR O 149 -1.93 -76.46 50.77
CA TYR O 149 -1.56 -77.20 51.96
C TYR O 149 -0.87 -76.28 52.97
N GLY O 150 -0.96 -76.65 54.25
CA GLY O 150 -0.41 -75.83 55.30
C GLY O 150 1.06 -76.11 55.55
N ILE O 151 1.77 -75.06 55.98
CA ILE O 151 3.21 -75.18 56.24
C ILE O 151 3.44 -75.99 57.51
N ALA O 152 4.37 -76.94 57.44
CA ALA O 152 4.79 -77.73 58.58
C ALA O 152 6.19 -77.28 59.01
N THR O 153 6.30 -76.82 60.25
CA THR O 153 7.54 -76.28 60.79
C THR O 153 8.08 -77.20 61.88
N VAL O 154 9.41 -77.34 61.94
CA VAL O 154 10.04 -78.12 62.99
C VAL O 154 9.83 -77.40 64.31
N ARG O 155 9.15 -78.06 65.25
CA ARG O 155 8.96 -77.50 66.59
C ARG O 155 9.94 -78.10 67.61
N GLU O 156 10.24 -79.39 67.49
CA GLU O 156 11.21 -80.03 68.39
C GLU O 156 11.79 -81.24 67.68
N VAL O 157 13.11 -81.37 67.73
CA VAL O 157 13.82 -82.48 67.11
C VAL O 157 13.98 -83.55 68.18
N LEU O 158 13.11 -84.56 68.15
CA LEU O 158 13.19 -85.64 69.15
C LEU O 158 14.50 -86.41 69.03
N SER O 159 14.92 -86.73 67.82
CA SER O 159 16.17 -87.46 67.58
C SER O 159 16.50 -87.33 66.09
N ASP O 160 17.48 -88.10 65.64
CA ASP O 160 17.81 -88.16 64.23
C ASP O 160 16.80 -89.05 63.52
N ARG O 161 16.41 -88.64 62.31
CA ARG O 161 15.42 -89.29 61.45
C ARG O 161 14.01 -89.22 62.01
N GLU O 162 13.79 -88.53 63.14
CA GLU O 162 12.47 -88.35 63.70
C GLU O 162 12.29 -86.89 64.11
N LEU O 163 11.11 -86.33 63.84
CA LEU O 163 10.87 -84.92 64.04
C LEU O 163 9.50 -84.70 64.69
N HIS O 164 9.23 -83.44 65.05
CA HIS O 164 7.94 -83.01 65.55
C HIS O 164 7.54 -81.76 64.77
N LEU O 165 6.36 -81.77 64.17
CA LEU O 165 5.94 -80.71 63.26
C LEU O 165 4.72 -79.97 63.81
N SER O 166 4.76 -78.65 63.67
CA SER O 166 3.61 -77.79 63.91
C SER O 166 3.07 -77.32 62.58
N TRP O 167 1.78 -77.53 62.36
CA TRP O 167 1.17 -77.28 61.06
C TRP O 167 0.45 -75.94 61.04
N GLU O 168 0.34 -75.38 59.84
CA GLU O 168 -0.33 -74.09 59.68
C GLU O 168 -1.82 -74.24 59.93
N VAL O 169 -2.41 -73.26 60.59
CA VAL O 169 -3.84 -73.24 60.87
C VAL O 169 -4.59 -72.60 59.72
N GLY O 170 -5.87 -72.91 59.66
CA GLY O 170 -6.71 -72.42 58.62
C GLY O 170 -6.51 -73.11 57.29
N LYS O 171 -5.54 -74.05 57.22
CA LYS O 171 -5.21 -74.77 55.98
C LYS O 171 -5.13 -76.28 56.23
N PRO O 172 -5.28 -77.11 55.17
CA PRO O 172 -5.27 -78.58 55.35
C PRO O 172 -3.92 -79.25 55.54
N ARG O 173 -3.93 -80.57 55.72
CA ARG O 173 -2.69 -81.31 55.92
C ARG O 173 -2.40 -82.27 54.74
N PRO O 174 -1.20 -82.16 54.07
CA PRO O 174 -1.03 -83.14 52.99
C PRO O 174 -0.64 -84.49 53.57
N PRO O 175 -1.02 -85.59 52.90
CA PRO O 175 -0.68 -86.92 53.43
C PRO O 175 0.82 -87.14 53.48
N LEU O 176 1.26 -87.81 54.55
CA LEU O 176 2.67 -88.04 54.79
C LEU O 176 3.10 -89.39 54.21
N ASN O 177 3.32 -89.39 52.90
CA ASN O 177 3.72 -90.58 52.17
C ASN O 177 4.79 -90.18 51.15
N ARG O 178 5.10 -91.11 50.25
CA ARG O 178 6.13 -90.87 49.25
C ARG O 178 5.64 -90.06 48.06
N ASN O 179 4.32 -89.87 47.93
CA ASN O 179 3.79 -89.09 46.81
C ASN O 179 3.81 -87.60 47.05
N TYR O 180 4.14 -87.16 48.27
CA TYR O 180 4.19 -85.73 48.62
C TYR O 180 5.58 -85.44 49.17
N VAL O 181 6.51 -85.08 48.30
CA VAL O 181 7.88 -84.77 48.67
C VAL O 181 7.94 -83.31 49.10
N PHE O 182 8.27 -83.07 50.36
CA PHE O 182 8.41 -81.73 50.90
C PHE O 182 9.82 -81.21 50.61
N THR O 183 10.02 -79.92 50.89
CA THR O 183 11.34 -79.31 50.79
C THR O 183 11.55 -78.47 52.03
N GLY O 184 12.71 -78.63 52.67
CA GLY O 184 13.01 -77.91 53.88
C GLY O 184 13.62 -76.55 53.62
N TYR O 185 13.20 -75.58 54.43
CA TYR O 185 13.55 -74.18 54.31
C TYR O 185 14.01 -73.67 55.67
N ARG O 186 15.10 -72.92 55.68
CA ARG O 186 15.70 -72.40 56.90
C ARG O 186 15.36 -70.92 57.05
N VAL O 187 15.45 -70.42 58.28
CA VAL O 187 15.13 -69.02 58.55
C VAL O 187 16.41 -68.20 58.59
N THR O 188 16.41 -67.08 57.87
CA THR O 188 17.54 -66.15 57.88
C THR O 188 17.06 -64.76 58.27
N LYS O 189 17.93 -63.76 58.14
CA LYS O 189 17.62 -62.40 58.58
C LYS O 189 16.40 -61.82 57.87
N ASN O 190 16.38 -61.86 56.53
CA ASN O 190 15.28 -61.31 55.76
C ASN O 190 14.94 -62.17 54.55
N SER O 191 15.37 -63.44 54.54
CA SER O 191 15.12 -64.29 53.39
C SER O 191 14.95 -65.75 53.81
N LYS O 192 15.05 -66.66 52.85
CA LYS O 192 14.80 -68.07 53.09
C LYS O 192 15.71 -68.89 52.18
N VAL O 193 16.28 -69.95 52.74
CA VAL O 193 17.24 -70.78 52.02
C VAL O 193 16.78 -72.23 52.02
N GLN O 194 17.03 -72.91 50.91
CA GLN O 194 16.62 -74.28 50.70
C GLN O 194 17.66 -75.24 51.28
N ILE O 195 17.17 -76.24 52.00
CA ILE O 195 18.05 -77.11 52.79
C ILE O 195 17.95 -78.57 52.34
N GLY O 196 17.10 -78.85 51.37
CA GLY O 196 16.93 -80.19 50.86
C GLY O 196 15.47 -80.58 50.70
N GLU O 197 15.27 -81.68 49.98
CA GLU O 197 13.94 -82.24 49.74
C GLU O 197 13.70 -83.40 50.69
N TYR O 198 12.52 -83.43 51.30
CA TYR O 198 12.21 -84.37 52.35
C TYR O 198 10.88 -85.06 52.10
N THR O 199 10.72 -86.23 52.70
CA THR O 199 9.45 -86.93 52.77
C THR O 199 9.18 -87.28 54.23
N PHE O 200 7.91 -87.35 54.59
CA PHE O 200 7.51 -87.53 55.98
C PHE O 200 6.58 -88.73 56.12
N GLU O 201 6.65 -89.34 57.30
CA GLU O 201 5.73 -90.41 57.67
C GLU O 201 5.44 -90.28 59.15
N LYS O 202 4.33 -90.89 59.58
CA LYS O 202 3.98 -90.86 60.99
C LYS O 202 4.94 -91.73 61.79
N GLY O 203 5.33 -91.24 62.97
CA GLY O 203 6.27 -91.96 63.81
C GLY O 203 5.64 -93.12 64.55
N ALA O 208 4.97 -87.40 66.58
CA ALA O 208 6.30 -87.44 65.98
C ALA O 208 6.23 -87.92 64.54
N VAL O 209 7.16 -87.44 63.71
CA VAL O 209 7.21 -87.80 62.30
C VAL O 209 8.61 -88.26 61.94
N VAL O 210 8.70 -89.40 61.26
CA VAL O 210 9.95 -89.89 60.72
C VAL O 210 10.16 -89.26 59.35
N TYR O 211 11.31 -88.59 59.18
CA TYR O 211 11.61 -87.87 57.95
C TYR O 211 12.74 -88.57 57.20
N ARG O 212 12.60 -88.66 55.89
CA ARG O 212 13.63 -89.19 55.00
C ARG O 212 14.03 -88.05 54.06
N GLY O 213 15.29 -87.62 54.16
CA GLY O 213 15.79 -86.56 53.32
C GLY O 213 16.88 -87.02 52.38
N THR O 214 16.95 -86.38 51.21
CA THR O 214 18.01 -86.68 50.25
C THR O 214 19.38 -86.38 50.83
N THR O 215 19.52 -85.23 51.49
CA THR O 215 20.75 -84.83 52.16
C THR O 215 20.54 -84.81 53.67
N THR O 216 21.54 -85.27 54.40
CA THR O 216 21.46 -85.28 55.85
C THR O 216 21.87 -83.92 56.42
N TYR O 217 21.30 -83.59 57.58
CA TYR O 217 21.53 -82.30 58.22
C TYR O 217 21.41 -82.46 59.72
N LYS O 218 21.62 -81.36 60.44
CA LYS O 218 21.39 -81.29 61.87
C LYS O 218 20.32 -80.25 62.15
N LEU O 219 19.22 -80.31 61.40
CA LEU O 219 18.20 -79.27 61.43
C LEU O 219 17.57 -79.15 62.82
N ASN O 220 17.22 -77.94 63.19
CA ASN O 220 16.66 -77.61 64.50
C ASN O 220 15.34 -76.86 64.30
N VAL O 221 14.84 -76.28 65.39
CA VAL O 221 13.60 -75.52 65.34
C VAL O 221 13.76 -74.33 64.40
N GLY O 222 12.69 -74.02 63.66
CA GLY O 222 12.67 -72.94 62.71
C GLY O 222 12.55 -73.38 61.28
N ASP O 223 13.18 -74.49 60.91
CA ASP O 223 13.07 -75.02 59.57
C ASP O 223 11.66 -75.50 59.32
N TYR O 224 11.11 -75.16 58.14
CA TYR O 224 9.76 -75.57 57.79
C TYR O 224 9.75 -76.14 56.38
N PHE O 225 8.80 -77.05 56.14
CA PHE O 225 8.79 -77.86 54.92
C PHE O 225 7.57 -77.50 54.08
N VAL O 226 7.81 -77.25 52.81
CA VAL O 226 6.76 -76.90 51.85
C VAL O 226 6.94 -77.74 50.60
N LEU O 227 5.83 -78.27 50.07
CA LEU O 227 5.84 -78.95 48.78
C LEU O 227 6.17 -77.96 47.67
N THR O 228 7.31 -78.16 47.01
CA THR O 228 7.76 -77.22 45.99
C THR O 228 6.88 -77.31 44.75
N SER O 229 6.45 -76.17 44.25
CA SER O 229 5.72 -76.08 43.00
C SER O 229 6.55 -75.33 41.96
N HIS O 230 6.30 -75.65 40.69
CA HIS O 230 7.06 -75.06 39.59
C HIS O 230 6.09 -74.55 38.55
N THR O 231 6.58 -73.59 37.74
CA THR O 231 5.78 -73.03 36.68
C THR O 231 5.46 -74.08 35.62
N VAL O 232 4.23 -74.07 35.14
CA VAL O 232 3.79 -75.01 34.11
C VAL O 232 3.90 -74.30 32.76
N MET O 233 4.77 -74.82 31.89
CA MET O 233 4.95 -74.19 30.59
C MET O 233 3.84 -74.60 29.62
N PRO O 234 3.44 -73.71 28.73
CA PRO O 234 2.36 -74.04 27.78
C PRO O 234 2.83 -75.00 26.71
N LEU O 235 2.10 -76.11 26.57
CA LEU O 235 2.42 -77.14 25.60
C LEU O 235 2.18 -76.63 24.18
N SER O 236 3.02 -77.11 23.25
CA SER O 236 2.92 -76.68 21.86
C SER O 236 2.82 -77.85 20.91
N ALA O 237 3.55 -78.93 21.20
CA ALA O 237 3.59 -80.07 20.31
C ALA O 237 2.55 -81.12 20.71
N PRO O 238 2.07 -81.90 19.75
CA PRO O 238 1.13 -82.98 20.08
C PRO O 238 1.78 -84.04 20.96
N THR O 239 0.94 -84.71 21.75
CA THR O 239 1.42 -85.80 22.59
C THR O 239 2.04 -86.91 21.78
N LEU O 240 1.65 -87.02 20.51
CA LEU O 240 2.25 -87.98 19.58
C LEU O 240 2.37 -87.33 18.21
N VAL O 241 3.50 -87.56 17.55
CA VAL O 241 3.73 -87.07 16.20
C VAL O 241 2.82 -87.83 15.26
N PRO O 242 2.47 -87.28 14.10
CA PRO O 242 1.67 -88.04 13.12
C PRO O 242 2.35 -89.35 12.75
N GLN O 243 1.56 -90.40 12.66
CA GLN O 243 2.12 -91.73 12.42
C GLN O 243 2.48 -91.91 10.95
N GLU O 244 3.69 -92.43 10.73
CA GLU O 244 4.18 -92.69 9.38
C GLU O 244 4.77 -94.10 9.35
N HIS O 245 4.35 -94.90 8.38
CA HIS O 245 4.88 -96.23 8.18
C HIS O 245 5.65 -96.28 6.87
N TYR O 246 6.87 -96.80 6.92
CA TYR O 246 7.78 -96.81 5.79
C TYR O 246 7.83 -98.21 5.17
N VAL O 247 8.65 -98.33 4.12
CA VAL O 247 8.83 -99.61 3.43
C VAL O 247 10.21 -100.21 3.67
N ARG O 248 11.21 -99.40 4.02
CA ARG O 248 12.55 -99.89 4.31
C ARG O 248 13.06 -99.12 5.51
N ILE O 249 14.07 -99.68 6.19
CA ILE O 249 14.59 -99.05 7.39
C ILE O 249 15.05 -97.64 7.07
N THR O 250 14.41 -96.65 7.67
CA THR O 250 14.60 -95.25 7.33
C THR O 250 15.33 -94.56 8.47
N GLY O 251 16.44 -93.91 8.15
CA GLY O 251 17.23 -93.21 9.15
C GLY O 251 18.05 -94.09 10.06
N LEU O 252 17.95 -95.41 9.92
CA LEU O 252 18.71 -96.35 10.70
C LEU O 252 19.43 -97.32 9.77
N TYR O 253 20.56 -97.84 10.24
CA TYR O 253 21.39 -98.74 9.46
C TYR O 253 21.93 -99.82 10.38
N PRO O 254 21.33 -101.01 10.36
CA PRO O 254 21.67 -102.03 11.38
C PRO O 254 23.08 -102.56 11.22
N THR O 255 23.65 -102.98 12.35
CA THR O 255 24.93 -103.66 12.34
C THR O 255 24.79 -105.05 11.74
N LEU O 256 25.84 -105.50 11.06
CA LEU O 256 25.83 -106.81 10.43
C LEU O 256 26.20 -107.93 11.39
N ASN O 257 26.71 -107.61 12.58
CA ASN O 257 27.06 -108.60 13.60
C ASN O 257 26.34 -108.23 14.89
N ILE O 258 25.58 -109.19 15.44
CA ILE O 258 24.85 -109.00 16.67
C ILE O 258 25.02 -110.23 17.55
N SER O 259 24.93 -110.03 18.86
CA SER O 259 25.07 -111.10 19.83
C SER O 259 23.73 -111.78 20.09
N ASP O 260 23.81 -112.99 20.64
CA ASP O 260 22.61 -113.74 21.01
C ASP O 260 21.83 -113.10 22.16
N GLU O 261 22.46 -112.21 22.92
CA GLU O 261 21.76 -111.55 24.02
C GLU O 261 20.62 -110.67 23.51
N PHE O 262 20.74 -110.16 22.28
CA PHE O 262 19.74 -109.25 21.71
C PHE O 262 19.13 -109.78 20.43
N SER O 263 19.34 -111.06 20.10
CA SER O 263 18.81 -111.60 18.85
C SER O 263 17.29 -111.62 18.83
N SER O 264 16.66 -112.01 19.95
CA SER O 264 15.21 -112.17 19.98
C SER O 264 14.48 -110.87 19.68
N ASN O 265 15.13 -109.72 19.86
CA ASN O 265 14.52 -108.43 19.62
C ASN O 265 14.83 -107.86 18.24
N VAL O 266 15.72 -108.50 17.47
CA VAL O 266 16.20 -107.92 16.22
C VAL O 266 15.04 -107.56 15.30
N ALA O 267 14.09 -108.50 15.13
CA ALA O 267 12.93 -108.21 14.30
C ALA O 267 12.22 -106.96 14.78
N ASN O 268 11.92 -106.88 16.08
CA ASN O 268 11.28 -105.69 16.62
C ASN O 268 12.14 -104.45 16.38
N TYR O 269 13.47 -104.62 16.45
CA TYR O 269 14.36 -103.51 16.16
C TYR O 269 14.14 -102.98 14.75
N GLN O 270 13.97 -103.89 13.79
CA GLN O 270 13.68 -103.46 12.42
C GLN O 270 12.35 -102.73 12.35
N LYS O 271 11.37 -103.16 13.16
CA LYS O 271 10.10 -102.44 13.21
C LYS O 271 10.29 -101.02 13.67
N VAL O 272 11.32 -100.77 14.50
CA VAL O 272 11.63 -99.41 14.92
C VAL O 272 11.92 -98.54 13.69
N GLY O 273 12.63 -99.10 12.71
CA GLY O 273 12.88 -98.38 11.47
C GLY O 273 11.75 -98.41 10.48
N MET O 274 10.67 -99.15 10.77
CA MET O 274 9.52 -99.25 9.89
C MET O 274 8.53 -98.12 10.07
N GLN O 275 8.53 -97.45 11.22
CA GLN O 275 7.51 -96.47 11.51
C GLN O 275 8.11 -95.27 12.24
N LYS O 276 7.37 -94.16 12.18
CA LYS O 276 7.83 -92.93 12.81
C LYS O 276 7.94 -93.10 14.32
N TYR O 277 6.95 -93.72 14.94
CA TYR O 277 7.01 -94.04 16.36
C TYR O 277 6.45 -95.44 16.59
N SER O 278 6.99 -96.13 17.58
CA SER O 278 6.60 -97.49 17.88
C SER O 278 6.41 -97.64 19.37
N THR O 279 5.45 -98.50 19.75
CA THR O 279 5.08 -98.72 21.14
C THR O 279 5.45 -100.15 21.55
N LEU O 280 6.13 -100.27 22.68
CA LEU O 280 6.56 -101.56 23.22
C LEU O 280 5.84 -101.80 24.54
N GLN O 281 5.20 -102.96 24.66
CA GLN O 281 4.62 -103.40 25.92
C GLN O 281 5.55 -104.43 26.56
N GLY O 282 6.22 -104.02 27.63
CA GLY O 282 7.07 -104.91 28.38
C GLY O 282 6.53 -105.18 29.77
N PRO O 283 6.01 -106.38 29.98
CA PRO O 283 5.61 -106.80 31.33
C PRO O 283 6.79 -106.86 32.26
N PRO O 284 6.56 -106.98 33.58
CA PRO O 284 7.69 -107.04 34.51
C PRO O 284 8.57 -108.25 34.25
N GLY O 285 9.88 -108.06 34.39
CA GLY O 285 10.83 -109.13 34.19
C GLY O 285 10.95 -109.62 32.77
N THR O 286 10.71 -108.76 31.79
CA THR O 286 10.78 -109.15 30.39
C THR O 286 11.99 -108.60 29.66
N GLY O 287 12.67 -107.59 30.22
CA GLY O 287 13.86 -107.05 29.60
C GLY O 287 13.62 -105.81 28.76
N LYS O 288 12.86 -104.86 29.31
CA LYS O 288 12.66 -103.60 28.61
C LYS O 288 13.97 -102.84 28.43
N SER O 289 14.80 -102.82 29.47
CA SER O 289 16.12 -102.20 29.36
C SER O 289 16.98 -102.95 28.36
N HIS O 290 16.88 -104.28 28.36
CA HIS O 290 17.65 -105.09 27.41
C HIS O 290 17.28 -104.74 25.97
N PHE O 291 15.97 -104.61 25.71
CA PHE O 291 15.52 -104.17 24.39
C PHE O 291 16.02 -102.78 24.06
N ALA O 292 15.91 -101.86 25.03
CA ALA O 292 16.29 -100.47 24.78
C ALA O 292 17.77 -100.33 24.47
N ILE O 293 18.60 -101.20 25.04
CA ILE O 293 20.04 -101.07 24.81
C ILE O 293 20.47 -101.88 23.60
N GLY O 294 19.78 -102.99 23.31
CA GLY O 294 20.02 -103.69 22.07
C GLY O 294 19.55 -102.93 20.86
N LEU O 295 18.64 -101.97 21.04
CA LEU O 295 18.30 -101.06 19.96
C LEU O 295 19.51 -100.22 19.56
N ALA O 296 20.26 -99.72 20.55
CA ALA O 296 21.47 -98.95 20.26
C ALA O 296 22.58 -99.84 19.74
N LEU O 297 22.73 -101.04 20.30
CA LEU O 297 23.77 -101.94 19.83
C LEU O 297 23.49 -102.44 18.41
N TYR O 298 22.21 -102.57 18.07
CA TYR O 298 21.82 -102.99 16.72
C TYR O 298 22.03 -101.88 15.69
N TYR O 299 21.93 -100.62 16.12
CA TYR O 299 22.20 -99.46 15.27
C TYR O 299 23.31 -98.67 15.95
N PRO O 300 24.57 -99.04 15.73
CA PRO O 300 25.66 -98.44 16.51
C PRO O 300 26.03 -97.03 16.08
N SER O 301 25.49 -96.54 14.96
CA SER O 301 25.80 -95.19 14.52
C SER O 301 24.72 -94.19 14.91
N ALA O 302 23.52 -94.67 15.26
CA ALA O 302 22.42 -93.76 15.55
C ALA O 302 22.62 -93.06 16.89
N ARG O 303 22.34 -91.76 16.90
CA ARG O 303 22.34 -90.97 18.14
C ARG O 303 20.97 -91.12 18.81
N ILE O 304 20.97 -91.57 20.05
CA ILE O 304 19.76 -92.00 20.73
C ILE O 304 19.63 -91.26 22.05
N VAL O 305 18.41 -90.81 22.34
CA VAL O 305 18.09 -90.08 23.57
C VAL O 305 17.16 -90.94 24.42
N TYR O 306 17.64 -91.35 25.59
CA TYR O 306 16.87 -92.16 26.53
C TYR O 306 16.25 -91.26 27.59
N THR O 307 14.92 -91.30 27.69
CA THR O 307 14.17 -90.40 28.54
C THR O 307 13.20 -91.17 29.42
N ALA O 308 12.92 -90.61 30.59
CA ALA O 308 11.92 -91.12 31.51
C ALA O 308 11.54 -90.01 32.47
N CYS O 309 10.30 -90.08 32.98
CA CYS O 309 9.79 -89.02 33.85
C CYS O 309 10.56 -88.96 35.16
N SER O 310 10.84 -90.11 35.77
CA SER O 310 11.52 -90.16 37.05
C SER O 310 13.02 -90.32 36.85
N HIS O 311 13.78 -89.80 37.82
CA HIS O 311 15.23 -89.96 37.79
C HIS O 311 15.64 -91.42 37.93
N ALA O 312 14.81 -92.22 38.60
CA ALA O 312 15.18 -93.61 38.86
C ALA O 312 15.25 -94.43 37.57
N ALA O 313 14.26 -94.26 36.69
CA ALA O 313 14.27 -95.02 35.44
C ALA O 313 15.43 -94.59 34.54
N VAL O 314 15.72 -93.28 34.48
CA VAL O 314 16.85 -92.82 33.70
C VAL O 314 18.15 -93.36 34.28
N ASP O 315 18.25 -93.43 35.61
CA ASP O 315 19.43 -94.01 36.25
C ASP O 315 19.56 -95.49 35.92
N ALA O 316 18.45 -96.22 35.87
CA ALA O 316 18.49 -97.62 35.49
C ALA O 316 18.95 -97.78 34.04
N LEU O 317 18.45 -96.93 33.14
CA LEU O 317 18.91 -96.95 31.76
C LEU O 317 20.41 -96.67 31.68
N CYS O 318 20.89 -95.71 32.47
CA CYS O 318 22.32 -95.43 32.52
C CYS O 318 23.10 -96.63 33.06
N GLU O 319 22.54 -97.33 34.05
CA GLU O 319 23.19 -98.53 34.58
C GLU O 319 23.34 -99.60 33.52
N LYS O 320 22.29 -99.81 32.72
CA LYS O 320 22.39 -100.77 31.62
C LYS O 320 23.39 -100.31 30.56
N ALA O 321 23.40 -99.01 30.26
CA ALA O 321 24.34 -98.48 29.29
C ALA O 321 25.78 -98.66 29.73
N LEU O 322 26.06 -98.47 31.02
CA LEU O 322 27.38 -98.77 31.55
C LEU O 322 27.74 -100.23 31.30
N LYS O 323 26.76 -101.12 31.35
CA LYS O 323 27.02 -102.54 31.13
C LYS O 323 27.32 -102.85 29.67
N TYR O 324 26.56 -102.30 28.71
CA TYR O 324 26.79 -102.63 27.31
C TYR O 324 27.33 -101.49 26.45
N LEU O 325 27.07 -100.23 26.78
CA LEU O 325 27.47 -99.16 25.85
C LEU O 325 28.78 -98.53 26.28
N PRO O 326 29.54 -97.98 25.34
CA PRO O 326 30.76 -97.24 25.69
C PRO O 326 30.45 -96.11 26.66
N ILE O 327 31.31 -95.98 27.68
CA ILE O 327 31.09 -94.93 28.69
C ILE O 327 31.33 -93.54 28.10
N ASP O 328 32.31 -93.41 27.22
CA ASP O 328 32.59 -92.11 26.62
C ASP O 328 31.57 -91.73 25.55
N LYS O 329 30.75 -92.68 25.10
CA LYS O 329 29.67 -92.41 24.16
C LYS O 329 28.35 -92.09 24.87
N CYS O 330 28.33 -92.11 26.19
CA CYS O 330 27.12 -91.84 26.97
C CYS O 330 27.29 -90.56 27.77
N SER O 331 26.18 -89.81 27.88
CA SER O 331 26.18 -88.58 28.65
C SER O 331 24.87 -88.43 29.39
N ARG O 332 24.95 -88.16 30.68
CA ARG O 332 23.79 -87.96 31.53
C ARG O 332 23.59 -86.46 31.76
N ILE O 333 22.41 -85.97 31.40
CA ILE O 333 22.09 -84.55 31.54
C ILE O 333 21.45 -84.33 32.91
N ILE O 334 22.03 -83.43 33.69
CA ILE O 334 21.55 -83.15 35.04
C ILE O 334 21.31 -81.64 35.18
N PRO O 335 20.10 -81.21 35.50
CA PRO O 335 19.84 -79.78 35.69
C PRO O 335 20.49 -79.28 36.97
N ALA O 336 20.68 -77.96 37.02
CA ALA O 336 21.26 -77.31 38.19
C ALA O 336 20.27 -77.32 39.36
N VAL O 340 18.92 -83.87 44.35
CA VAL O 340 18.74 -85.28 44.06
C VAL O 340 20.00 -85.88 43.45
N GLU O 341 20.46 -86.98 44.02
CA GLU O 341 21.65 -87.66 43.53
C GLU O 341 21.23 -88.72 42.52
N CYS O 342 21.78 -88.63 41.32
CA CYS O 342 21.45 -89.51 40.20
C CYS O 342 22.74 -90.14 39.66
N PHE O 343 22.61 -90.77 38.49
CA PHE O 343 23.77 -91.38 37.84
C PHE O 343 24.88 -90.36 37.62
N ASP O 344 26.09 -90.73 38.00
CA ASP O 344 27.23 -89.81 37.97
C ASP O 344 28.47 -90.51 37.43
N LYS O 345 28.28 -91.45 36.52
CA LYS O 345 29.38 -92.15 35.88
C LYS O 345 29.57 -91.75 34.42
N PHE O 346 28.59 -91.07 33.82
CA PHE O 346 28.72 -90.48 32.51
C PHE O 346 29.13 -89.02 32.63
N LYS O 347 29.62 -88.46 31.52
CA LYS O 347 29.91 -87.03 31.49
C LYS O 347 28.62 -86.23 31.64
N VAL O 348 28.69 -85.18 32.44
CA VAL O 348 27.50 -84.45 32.89
C VAL O 348 27.28 -83.26 31.96
N ASN O 349 26.06 -83.13 31.45
CA ASN O 349 25.66 -82.01 30.58
C ASN O 349 26.51 -81.95 29.30
N SER O 350 26.40 -82.98 28.47
CA SER O 350 26.98 -82.97 27.12
C SER O 350 25.85 -83.28 26.14
N THR O 351 25.25 -82.21 25.59
CA THR O 351 24.09 -82.38 24.72
C THR O 351 24.46 -83.08 23.41
N LEU O 352 25.61 -82.74 22.84
CA LEU O 352 26.00 -83.21 21.52
C LEU O 352 26.47 -84.67 21.53
N GLU O 353 26.42 -85.34 22.67
CA GLU O 353 26.97 -86.69 22.73
C GLU O 353 26.01 -87.67 22.04
N GLN O 354 26.57 -88.78 21.56
CA GLN O 354 25.78 -89.73 20.76
C GLN O 354 24.63 -90.33 21.56
N TYR O 355 24.90 -90.76 22.79
CA TYR O 355 23.85 -91.30 23.66
C TYR O 355 23.58 -90.30 24.76
N VAL O 356 22.33 -89.83 24.84
CA VAL O 356 21.94 -88.77 25.77
C VAL O 356 20.85 -89.29 26.68
N PHE O 357 21.16 -89.44 27.97
CA PHE O 357 20.20 -89.90 28.98
C PHE O 357 19.73 -88.69 29.77
N CYS O 358 18.42 -88.42 29.72
CA CYS O 358 17.90 -87.25 30.40
C CYS O 358 16.47 -87.49 30.85
N THR O 359 16.10 -86.87 31.96
CA THR O 359 14.71 -86.88 32.40
C THR O 359 13.89 -85.95 31.51
N VAL O 360 12.57 -86.02 31.69
CA VAL O 360 11.66 -85.23 30.85
C VAL O 360 11.90 -83.74 31.06
N ASN O 361 11.78 -83.28 32.31
CA ASN O 361 11.77 -81.84 32.61
C ASN O 361 13.11 -81.16 32.33
N ALA O 362 14.19 -81.89 32.14
CA ALA O 362 15.50 -81.30 31.92
C ALA O 362 16.02 -81.51 30.50
N LEU O 363 15.16 -81.92 29.57
CA LEU O 363 15.62 -82.25 28.23
C LEU O 363 16.04 -80.99 27.48
N PRO O 364 17.23 -80.99 26.88
CA PRO O 364 17.59 -79.90 25.96
C PRO O 364 16.86 -80.05 24.63
N GLU O 365 16.70 -78.92 23.95
CA GLU O 365 16.10 -78.90 22.62
C GLU O 365 17.13 -79.44 21.63
N THR O 366 16.87 -80.63 21.09
CA THR O 366 17.89 -81.32 20.32
C THR O 366 17.22 -82.30 19.35
N THR O 367 18.03 -82.79 18.42
CA THR O 367 17.63 -83.81 17.47
C THR O 367 18.38 -85.11 17.75
N ALA O 368 17.83 -86.20 17.24
CA ALA O 368 18.41 -87.52 17.43
C ALA O 368 17.88 -88.45 16.36
N ASP O 369 18.51 -89.61 16.24
CA ASP O 369 18.01 -90.63 15.33
C ASP O 369 16.88 -91.43 15.96
N ILE O 370 17.00 -91.76 17.24
CA ILE O 370 15.98 -92.47 17.98
C ILE O 370 15.81 -91.80 19.34
N VAL O 371 14.55 -91.64 19.75
CA VAL O 371 14.22 -91.21 21.10
C VAL O 371 13.45 -92.35 21.78
N VAL O 372 14.06 -92.94 22.80
CA VAL O 372 13.47 -94.04 23.54
C VAL O 372 12.98 -93.50 24.87
N PHE O 373 11.66 -93.48 25.03
CA PHE O 373 11.01 -93.02 26.25
C PHE O 373 10.53 -94.25 27.02
N ASP O 374 11.18 -94.53 28.15
CA ASP O 374 10.89 -95.70 28.95
C ASP O 374 9.80 -95.41 29.97
N GLU O 375 9.11 -96.48 30.39
CA GLU O 375 8.10 -96.43 31.43
C GLU O 375 6.99 -95.44 31.09
N ILE O 376 6.29 -95.74 29.99
CA ILE O 376 5.22 -94.88 29.49
C ILE O 376 4.05 -94.80 30.47
N SER O 377 3.87 -95.79 31.33
CA SER O 377 2.75 -95.78 32.26
C SER O 377 2.82 -94.61 33.23
N MET O 378 4.01 -94.31 33.74
CA MET O 378 4.20 -93.16 34.63
C MET O 378 3.97 -91.83 33.93
N ALA O 379 3.96 -91.80 32.60
CA ALA O 379 3.94 -90.55 31.87
C ALA O 379 2.54 -89.97 31.79
N THR O 380 2.48 -88.65 31.63
CA THR O 380 1.26 -87.92 31.33
C THR O 380 1.37 -87.33 29.93
N ASN O 381 0.23 -86.82 29.44
CA ASN O 381 0.22 -86.18 28.13
C ASN O 381 1.09 -84.93 28.13
N TYR O 382 1.26 -84.29 29.28
CA TYR O 382 2.16 -83.15 29.39
C TYR O 382 3.59 -83.55 29.04
N ASP O 383 4.06 -84.67 29.62
CA ASP O 383 5.41 -85.13 29.35
C ASP O 383 5.59 -85.51 27.89
N LEU O 384 4.60 -86.23 27.32
CA LEU O 384 4.68 -86.60 25.92
C LEU O 384 4.74 -85.37 25.02
N SER O 385 3.89 -84.39 25.29
CA SER O 385 3.86 -83.17 24.49
C SER O 385 5.19 -82.42 24.58
N VAL O 386 5.75 -82.30 25.79
CA VAL O 386 6.98 -81.51 25.91
C VAL O 386 8.16 -82.26 25.30
N VAL O 387 8.18 -83.60 25.41
CA VAL O 387 9.22 -84.38 24.75
C VAL O 387 9.14 -84.21 23.23
N ASN O 388 7.91 -84.25 22.69
CA ASN O 388 7.77 -84.00 21.26
C ASN O 388 8.14 -82.57 20.88
N ALA O 389 7.94 -81.62 21.80
CA ALA O 389 8.27 -80.22 21.49
C ALA O 389 9.77 -79.97 21.57
N ARG O 390 10.51 -80.81 22.29
CA ARG O 390 11.94 -80.57 22.45
C ARG O 390 12.81 -81.48 21.60
N LEU O 391 12.43 -82.74 21.44
CA LEU O 391 13.26 -83.73 20.76
C LEU O 391 12.71 -83.97 19.37
N ARG O 392 13.58 -83.82 18.37
CA ARG O 392 13.23 -84.10 16.97
C ARG O 392 13.96 -85.37 16.56
N ALA O 393 13.21 -86.45 16.35
CA ALA O 393 13.80 -87.75 16.07
C ALA O 393 13.15 -88.40 14.86
N LYS O 394 13.93 -89.19 14.14
CA LYS O 394 13.39 -89.97 13.03
C LYS O 394 12.51 -91.11 13.54
N HIS O 395 12.82 -91.65 14.72
CA HIS O 395 12.05 -92.74 15.29
C HIS O 395 11.85 -92.52 16.78
N TYR O 396 10.65 -92.84 17.26
CA TYR O 396 10.33 -92.82 18.67
C TYR O 396 10.03 -94.25 19.11
N VAL O 397 10.51 -94.62 20.29
CA VAL O 397 10.28 -95.94 20.87
C VAL O 397 9.73 -95.74 22.27
N TYR O 398 8.43 -95.95 22.42
CA TYR O 398 7.75 -95.83 23.71
C TYR O 398 7.71 -97.20 24.37
N ILE O 399 8.35 -97.30 25.54
CA ILE O 399 8.52 -98.57 26.24
C ILE O 399 7.84 -98.48 27.59
N GLY O 400 7.01 -99.46 27.91
CA GLY O 400 6.33 -99.48 29.19
C GLY O 400 5.22 -100.51 29.19
N ASP O 401 4.57 -100.64 30.34
CA ASP O 401 3.51 -101.62 30.50
C ASP O 401 2.23 -100.94 30.95
N PRO O 402 1.15 -101.00 30.16
CA PRO O 402 -0.13 -100.45 30.61
C PRO O 402 -0.68 -101.17 31.82
N ALA O 403 -0.24 -102.40 32.08
CA ALA O 403 -0.67 -103.19 33.22
C ALA O 403 0.01 -102.78 34.53
N GLN O 404 0.81 -101.72 34.51
CA GLN O 404 1.52 -101.25 35.69
C GLN O 404 0.91 -99.93 36.18
N LEU O 405 1.53 -99.36 37.21
CA LEU O 405 1.05 -98.19 37.90
C LEU O 405 1.09 -96.94 37.00
N PRO O 406 0.03 -96.15 36.98
CA PRO O 406 0.07 -94.86 36.30
C PRO O 406 0.61 -93.76 37.22
N ALA O 407 0.65 -92.55 36.68
CA ALA O 407 0.98 -91.41 37.51
C ALA O 407 -0.13 -91.21 38.55
N PRO O 408 0.22 -90.97 39.82
CA PRO O 408 -0.80 -90.73 40.84
C PRO O 408 -1.64 -89.51 40.49
N ARG O 409 -2.95 -89.61 40.74
CA ARG O 409 -3.89 -88.53 40.48
C ARG O 409 -4.45 -88.07 41.82
N THR O 410 -3.83 -87.02 42.39
CA THR O 410 -4.25 -86.51 43.69
C THR O 410 -5.65 -85.93 43.64
N LEU O 411 -5.99 -85.19 42.58
CA LEU O 411 -7.30 -84.56 42.47
C LEU O 411 -8.40 -85.56 42.16
N LEU O 412 -8.08 -86.71 41.58
CA LEU O 412 -9.09 -87.71 41.25
C LEU O 412 -9.60 -88.37 42.51
N THR O 413 -10.91 -88.28 42.73
CA THR O 413 -11.54 -88.90 43.90
C THR O 413 -12.75 -89.73 43.47
N LYS O 414 -13.41 -89.33 42.40
CA LYS O 414 -14.60 -90.01 41.89
C LYS O 414 -14.22 -90.78 40.64
N GLY O 415 -14.35 -92.10 40.69
CA GLY O 415 -14.03 -92.95 39.57
C GLY O 415 -12.57 -93.38 39.57
N THR O 416 -12.30 -94.43 38.80
CA THR O 416 -10.96 -94.97 38.65
C THR O 416 -10.49 -94.80 37.21
N LEU O 417 -9.19 -94.61 37.04
CA LEU O 417 -8.62 -94.32 35.74
C LEU O 417 -8.16 -95.62 35.08
N GLU O 418 -8.76 -95.94 33.93
CA GLU O 418 -8.42 -97.15 33.20
C GLU O 418 -7.08 -96.98 32.48
N PRO O 419 -6.42 -98.10 32.16
CA PRO O 419 -5.09 -98.00 31.53
C PRO O 419 -5.11 -97.33 30.16
N GLU O 420 -6.26 -97.32 29.48
CA GLU O 420 -6.34 -96.60 28.21
C GLU O 420 -6.35 -95.08 28.42
N TYR O 421 -6.60 -94.61 29.64
CA TYR O 421 -6.68 -93.18 29.92
C TYR O 421 -5.46 -92.66 30.66
N PHE O 422 -4.40 -93.47 30.76
CA PHE O 422 -3.18 -92.98 31.39
C PHE O 422 -2.50 -91.92 30.53
N ASN O 423 -2.37 -92.19 29.22
CA ASN O 423 -1.83 -91.22 28.28
C ASN O 423 -2.18 -91.62 26.85
N SER O 424 -1.75 -90.81 25.87
CA SER O 424 -2.08 -91.11 24.48
C SER O 424 -1.45 -92.41 24.01
N VAL O 425 -0.19 -92.65 24.36
CA VAL O 425 0.47 -93.91 24.02
C VAL O 425 -0.25 -95.06 24.72
N CYS O 426 -0.66 -94.84 25.97
CA CYS O 426 -1.45 -95.84 26.69
C CYS O 426 -2.76 -96.09 25.98
N ARG O 427 -3.40 -95.03 25.49
CA ARG O 427 -4.65 -95.19 24.73
C ARG O 427 -4.41 -96.04 23.50
N LEU O 428 -3.32 -95.79 22.77
CA LEU O 428 -3.03 -96.58 21.58
C LEU O 428 -2.80 -98.04 21.93
N MET O 429 -1.92 -98.30 22.89
CA MET O 429 -1.54 -99.68 23.19
C MET O 429 -2.62 -100.42 23.96
N LYS O 430 -3.66 -99.71 24.41
CA LYS O 430 -4.84 -100.38 24.97
C LYS O 430 -5.95 -100.58 23.96
N THR O 431 -6.07 -99.71 22.96
CA THR O 431 -7.12 -99.81 21.96
C THR O 431 -6.69 -100.59 20.72
N ILE O 432 -5.66 -100.11 20.01
CA ILE O 432 -5.17 -100.82 18.83
C ILE O 432 -4.09 -101.82 19.16
N GLY O 433 -3.60 -101.85 20.40
CA GLY O 433 -2.57 -102.77 20.78
C GLY O 433 -1.18 -102.21 20.58
N PRO O 434 -0.23 -102.66 21.40
CA PRO O 434 1.16 -102.20 21.24
C PRO O 434 1.78 -102.70 19.96
N ASP O 435 2.72 -101.91 19.44
CA ASP O 435 3.41 -102.29 18.21
C ASP O 435 4.22 -103.58 18.40
N MET O 436 4.88 -103.71 19.55
CA MET O 436 5.62 -104.91 19.87
C MET O 436 5.40 -105.28 21.33
N PHE O 437 5.58 -106.55 21.64
CA PHE O 437 5.28 -107.09 22.96
C PHE O 437 6.43 -107.99 23.41
N LEU O 438 6.84 -107.87 24.67
CA LEU O 438 7.80 -108.78 25.26
C LEU O 438 7.06 -109.90 25.98
N GLY O 439 6.98 -111.06 25.35
CA GLY O 439 6.15 -112.15 25.83
C GLY O 439 6.79 -113.16 26.76
N THR O 440 8.02 -112.94 27.19
CA THR O 440 8.72 -113.88 28.07
C THR O 440 9.06 -113.18 29.38
N CYS O 441 8.52 -113.71 30.48
CA CYS O 441 8.80 -113.16 31.81
C CYS O 441 9.90 -113.98 32.47
N ARG O 442 11.06 -113.36 32.64
CA ARG O 442 12.23 -114.03 33.17
C ARG O 442 12.38 -113.88 34.68
N ARG O 443 11.46 -113.20 35.35
CA ARG O 443 11.61 -112.90 36.76
C ARG O 443 10.75 -113.80 37.65
N CYS O 444 9.45 -113.86 37.37
CA CYS O 444 8.52 -114.46 38.32
C CYS O 444 8.34 -115.95 38.07
N PRO O 445 7.99 -116.71 39.11
CA PRO O 445 7.66 -118.13 38.93
C PRO O 445 6.44 -118.29 38.02
N ALA O 446 6.21 -119.53 37.61
CA ALA O 446 5.16 -119.82 36.63
C ALA O 446 3.78 -119.46 37.17
N GLU O 447 3.53 -119.65 38.47
CA GLU O 447 2.23 -119.32 39.04
C GLU O 447 1.94 -117.83 38.90
N ILE O 448 2.89 -116.97 39.27
CA ILE O 448 2.69 -115.53 39.18
C ILE O 448 2.52 -115.10 37.74
N VAL O 449 3.33 -115.66 36.83
CA VAL O 449 3.26 -115.27 35.43
C VAL O 449 1.91 -115.65 34.85
N ASP O 450 1.43 -116.86 35.14
CA ASP O 450 0.11 -117.27 34.67
C ASP O 450 -0.98 -116.37 35.25
N THR O 451 -0.85 -116.03 36.53
CA THR O 451 -1.84 -115.16 37.17
C THR O 451 -1.91 -113.80 36.47
N VAL O 452 -0.77 -113.15 36.28
CA VAL O 452 -0.79 -111.83 35.66
C VAL O 452 -1.20 -111.92 34.19
N SER O 453 -0.80 -112.99 33.49
CA SER O 453 -1.16 -113.13 32.08
C SER O 453 -2.67 -113.31 31.91
N ALA O 454 -3.29 -114.09 32.81
CA ALA O 454 -4.74 -114.23 32.76
C ALA O 454 -5.44 -112.98 33.27
N LEU O 455 -4.77 -112.17 34.09
CA LEU O 455 -5.41 -110.98 34.63
C LEU O 455 -5.41 -109.83 33.60
N VAL O 456 -4.23 -109.39 33.18
CA VAL O 456 -4.11 -108.14 32.43
C VAL O 456 -3.31 -108.30 31.14
N TYR O 457 -2.92 -109.52 30.80
CA TYR O 457 -2.09 -109.74 29.62
C TYR O 457 -2.77 -110.66 28.60
N ASP O 458 -4.04 -110.99 28.80
CA ASP O 458 -4.83 -111.78 27.84
C ASP O 458 -4.17 -113.11 27.52
N ASN O 459 -3.56 -113.72 28.55
CA ASN O 459 -2.89 -115.01 28.44
C ASN O 459 -1.84 -115.00 27.33
N LYS O 460 -1.04 -113.93 27.27
CA LYS O 460 0.05 -113.82 26.31
C LYS O 460 1.41 -113.85 26.98
N LEU O 461 1.54 -113.31 28.19
CA LEU O 461 2.78 -113.36 28.94
C LEU O 461 3.08 -114.80 29.33
N LYS O 462 4.24 -115.29 28.92
CA LYS O 462 4.64 -116.66 29.16
C LYS O 462 5.73 -116.71 30.23
N ALA O 463 5.82 -117.85 30.91
CA ALA O 463 6.74 -118.01 32.03
C ALA O 463 8.03 -118.68 31.58
N HIS O 464 9.15 -117.99 31.80
CA HIS O 464 10.46 -118.58 31.57
C HIS O 464 10.80 -119.63 32.63
N LYS O 465 10.48 -119.35 33.88
CA LYS O 465 10.72 -120.29 34.96
C LYS O 465 9.57 -121.27 35.10
N ASP O 466 9.81 -122.34 35.83
CA ASP O 466 8.76 -123.29 36.15
C ASP O 466 8.04 -122.87 37.42
N LYS O 467 7.08 -123.67 37.85
CA LYS O 467 6.42 -123.41 39.13
C LYS O 467 7.40 -123.60 40.27
N SER O 468 7.45 -122.61 41.16
CA SER O 468 8.37 -122.65 42.29
C SER O 468 7.77 -123.32 43.52
N ALA O 469 6.47 -123.61 43.51
CA ALA O 469 5.77 -124.24 44.63
C ALA O 469 5.91 -123.44 45.92
N GLN O 470 6.20 -122.15 45.82
CA GLN O 470 6.38 -121.29 46.98
C GLN O 470 5.47 -120.07 46.90
N CYS O 471 4.48 -120.11 46.03
CA CYS O 471 3.47 -119.06 45.91
C CYS O 471 2.23 -119.49 46.69
N PHE O 472 1.85 -118.68 47.68
CA PHE O 472 0.75 -119.02 48.57
C PHE O 472 -0.21 -117.86 48.68
N LYS O 473 -1.45 -118.17 49.04
CA LYS O 473 -2.50 -117.18 49.21
C LYS O 473 -3.37 -117.55 50.40
N MET O 474 -3.78 -116.54 51.16
N MET O 474 -3.78 -116.53 51.16
CA MET O 474 -4.65 -116.74 52.31
CA MET O 474 -4.64 -116.70 52.32
C MET O 474 -5.76 -115.69 52.30
C MET O 474 -5.77 -115.68 52.27
N PHE O 475 -6.98 -116.14 52.56
CA PHE O 475 -8.15 -115.27 52.59
C PHE O 475 -8.43 -114.89 54.05
N TYR O 476 -8.22 -113.63 54.38
CA TYR O 476 -8.31 -113.18 55.77
C TYR O 476 -8.68 -111.70 55.78
N LYS O 477 -9.91 -111.41 56.21
CA LYS O 477 -10.35 -110.01 56.28
C LYS O 477 -9.58 -109.25 57.34
N GLY O 478 -9.46 -109.82 58.54
CA GLY O 478 -8.78 -109.13 59.62
C GLY O 478 -9.59 -107.94 60.13
N VAL O 479 -8.89 -107.00 60.77
CA VAL O 479 -9.49 -105.78 61.29
C VAL O 479 -8.81 -104.59 60.62
N ILE O 480 -9.61 -103.71 60.03
CA ILE O 480 -9.10 -102.56 59.31
C ILE O 480 -9.27 -101.32 60.17
N THR O 481 -8.17 -100.64 60.47
CA THR O 481 -8.17 -99.40 61.22
C THR O 481 -7.58 -98.29 60.36
N HIS O 482 -8.12 -97.09 60.50
CA HIS O 482 -7.76 -95.97 59.65
C HIS O 482 -7.14 -94.84 60.48
N ASP O 483 -6.18 -94.16 59.88
CA ASP O 483 -5.53 -92.97 60.40
C ASP O 483 -5.79 -91.82 59.42
N VAL O 484 -5.06 -90.72 59.59
CA VAL O 484 -5.35 -89.49 58.86
C VAL O 484 -5.38 -89.73 57.35
N SER O 485 -4.41 -90.51 56.83
CA SER O 485 -4.35 -90.67 55.38
C SER O 485 -3.96 -92.08 54.92
N SER O 486 -4.27 -93.12 55.66
CA SER O 486 -3.88 -94.48 55.27
C SER O 486 -4.81 -95.48 55.96
N ALA O 487 -4.44 -96.75 55.90
CA ALA O 487 -5.20 -97.82 56.54
C ALA O 487 -4.23 -98.84 57.16
N ILE O 488 -4.69 -99.50 58.21
CA ILE O 488 -3.88 -100.45 58.96
C ILE O 488 -4.68 -101.73 59.17
N ASN O 489 -4.06 -102.87 58.93
CA ASN O 489 -4.67 -104.19 59.17
C ASN O 489 -3.72 -104.98 60.07
N ARG O 490 -3.85 -104.78 61.39
CA ARG O 490 -3.01 -105.48 62.34
C ARG O 490 -3.18 -107.00 62.32
N PRO O 491 -4.40 -107.57 62.27
CA PRO O 491 -4.50 -109.04 62.24
C PRO O 491 -3.80 -109.69 61.07
N GLN O 492 -3.75 -109.03 59.91
CA GLN O 492 -2.97 -109.55 58.79
C GLN O 492 -1.48 -109.61 59.14
N ILE O 493 -0.99 -108.56 59.82
CA ILE O 493 0.40 -108.57 60.26
C ILE O 493 0.64 -109.67 61.28
N GLY O 494 -0.34 -109.95 62.13
CA GLY O 494 -0.21 -111.07 63.05
C GLY O 494 -0.17 -112.41 62.34
N VAL O 495 -0.97 -112.55 61.27
CA VAL O 495 -0.91 -113.76 60.45
C VAL O 495 0.46 -113.91 59.82
N VAL O 496 1.03 -112.79 59.34
CA VAL O 496 2.37 -112.82 58.79
C VAL O 496 3.39 -113.21 59.86
N ARG O 497 3.18 -112.73 61.10
CA ARG O 497 4.04 -113.13 62.20
C ARG O 497 3.99 -114.63 62.43
N GLU O 498 2.78 -115.20 62.44
CA GLU O 498 2.63 -116.64 62.64
C GLU O 498 3.28 -117.42 61.52
N PHE O 499 3.14 -116.94 60.28
CA PHE O 499 3.78 -117.59 59.14
C PHE O 499 5.30 -117.53 59.28
N LEU O 500 5.83 -116.39 59.70
CA LEU O 500 7.28 -116.25 59.88
C LEU O 500 7.79 -117.19 60.98
N THR O 501 7.04 -117.31 62.08
CA THR O 501 7.43 -118.25 63.13
C THR O 501 7.40 -119.69 62.61
N ARG O 502 6.39 -120.04 61.82
CA ARG O 502 6.32 -121.38 61.24
C ARG O 502 7.19 -121.53 59.99
N ASN O 503 7.65 -120.43 59.40
CA ASN O 503 8.51 -120.47 58.21
C ASN O 503 9.56 -119.38 58.36
N PRO O 504 10.65 -119.67 59.09
CA PRO O 504 11.66 -118.63 59.33
C PRO O 504 12.43 -118.21 58.09
N ALA O 505 12.51 -119.07 57.07
CA ALA O 505 13.22 -118.68 55.85
C ALA O 505 12.59 -117.46 55.20
N TRP O 506 11.27 -117.39 55.18
CA TRP O 506 10.54 -116.24 54.66
C TRP O 506 10.85 -114.95 55.40
N ARG O 507 11.66 -115.00 56.47
CA ARG O 507 12.19 -113.79 57.07
C ARG O 507 13.15 -113.04 56.18
N LYS O 508 13.59 -113.65 55.08
CA LYS O 508 14.37 -112.93 54.08
C LYS O 508 13.50 -112.20 53.07
N ALA O 509 12.17 -112.33 53.18
CA ALA O 509 11.26 -111.72 52.23
C ALA O 509 11.14 -110.22 52.49
N VAL O 510 10.55 -109.53 51.53
CA VAL O 510 10.29 -108.10 51.62
C VAL O 510 8.78 -107.89 51.70
N PHE O 511 8.33 -107.24 52.77
CA PHE O 511 6.91 -106.96 52.97
C PHE O 511 6.49 -105.85 52.01
N ILE O 512 5.37 -106.06 51.32
CA ILE O 512 4.82 -105.09 50.39
C ILE O 512 3.37 -104.83 50.76
N SER O 513 2.99 -103.57 50.83
CA SER O 513 1.60 -103.21 51.11
C SER O 513 1.25 -101.97 50.33
N PRO O 514 -0.04 -101.80 49.97
CA PRO O 514 -0.46 -100.59 49.26
C PRO O 514 -0.62 -99.37 50.16
N TYR O 515 -0.37 -99.49 51.46
CA TYR O 515 -0.51 -98.39 52.40
C TYR O 515 0.79 -98.18 53.16
N ASN O 516 1.13 -96.91 53.38
CA ASN O 516 2.39 -96.60 54.06
C ASN O 516 2.30 -96.88 55.56
N SER O 517 1.13 -96.68 56.16
CA SER O 517 0.96 -96.99 57.57
C SER O 517 1.11 -98.49 57.84
N GLN O 518 0.54 -99.31 56.95
CA GLN O 518 0.71 -100.75 57.09
C GLN O 518 2.19 -101.14 56.96
N ASN O 519 2.91 -100.47 56.05
CA ASN O 519 4.34 -100.72 55.93
C ASN O 519 5.08 -100.32 57.20
N ALA O 520 4.72 -99.19 57.80
CA ALA O 520 5.38 -98.77 59.03
C ALA O 520 5.14 -99.76 60.15
N VAL O 521 3.89 -100.22 60.31
CA VAL O 521 3.59 -101.20 61.35
C VAL O 521 4.30 -102.52 61.08
N ALA O 522 4.35 -102.95 59.82
CA ALA O 522 5.03 -104.19 59.47
C ALA O 522 6.53 -104.09 59.71
N SER O 523 7.13 -102.93 59.44
CA SER O 523 8.55 -102.76 59.72
C SER O 523 8.82 -102.75 61.22
N LYS O 524 7.93 -102.11 61.99
CA LYS O 524 8.11 -102.06 63.44
C LYS O 524 7.93 -103.43 64.09
N ILE O 525 7.03 -104.25 63.56
CA ILE O 525 6.72 -105.52 64.23
C ILE O 525 7.50 -106.70 63.63
N LEU O 526 7.49 -106.85 62.31
CA LEU O 526 8.15 -107.98 61.64
C LEU O 526 9.66 -107.81 61.52
N GLY O 527 10.14 -106.60 61.22
CA GLY O 527 11.53 -106.39 60.91
C GLY O 527 11.88 -106.53 59.44
N LEU O 528 10.93 -106.91 58.60
CA LEU O 528 11.17 -107.04 57.16
C LEU O 528 11.26 -105.67 56.51
N PRO O 529 12.07 -105.53 55.45
CA PRO O 529 11.98 -104.33 54.62
C PRO O 529 10.57 -104.17 54.07
N THR O 530 10.09 -102.92 54.05
CA THR O 530 8.72 -102.64 53.68
C THR O 530 8.68 -101.70 52.46
N GLN O 531 7.81 -102.04 51.53
CA GLN O 531 7.68 -101.30 50.28
C GLN O 531 6.21 -101.08 49.96
N THR O 532 5.89 -99.86 49.57
CA THR O 532 4.62 -99.61 48.91
C THR O 532 4.65 -100.23 47.52
N VAL O 533 3.47 -100.60 47.03
CA VAL O 533 3.39 -101.14 45.67
C VAL O 533 3.85 -100.09 44.66
N ASP O 534 3.54 -98.82 44.93
CA ASP O 534 3.95 -97.75 44.04
C ASP O 534 5.47 -97.65 43.95
N SER O 535 6.16 -97.76 45.08
CA SER O 535 7.61 -97.69 45.10
C SER O 535 8.27 -98.97 44.60
N SER O 536 7.67 -100.13 44.84
CA SER O 536 8.25 -101.40 44.44
C SER O 536 8.40 -101.56 42.93
N GLN O 537 7.66 -100.77 42.14
CA GLN O 537 7.75 -100.85 40.68
C GLN O 537 9.17 -100.55 40.23
N GLY O 538 9.71 -101.40 39.36
CA GLY O 538 11.08 -101.29 38.90
C GLY O 538 12.08 -102.09 39.70
N SER O 539 11.65 -102.78 40.75
CA SER O 539 12.51 -103.56 41.61
C SER O 539 12.02 -105.01 41.68
N GLU O 540 12.90 -105.89 42.14
CA GLU O 540 12.57 -107.31 42.25
C GLU O 540 13.22 -107.88 43.50
N TYR O 541 12.55 -108.88 44.08
CA TYR O 541 13.04 -109.55 45.28
C TYR O 541 12.78 -111.05 45.16
N ASP O 542 13.58 -111.84 45.87
CA ASP O 542 13.43 -113.28 45.84
C ASP O 542 12.08 -113.71 46.44
N TYR O 543 11.77 -113.22 47.63
CA TYR O 543 10.54 -113.58 48.33
C TYR O 543 9.79 -112.32 48.71
N VAL O 544 8.48 -112.34 48.53
CA VAL O 544 7.62 -111.19 48.78
C VAL O 544 6.43 -111.62 49.62
N ILE O 545 6.14 -110.85 50.67
CA ILE O 545 4.94 -111.03 51.48
C ILE O 545 4.08 -109.78 51.29
N PHE O 546 2.87 -109.96 50.79
CA PHE O 546 1.99 -108.86 50.44
C PHE O 546 0.65 -109.00 51.15
N THR O 547 0.22 -107.93 51.82
CA THR O 547 -1.08 -107.86 52.47
C THR O 547 -1.90 -106.77 51.80
N GLN O 548 -3.12 -107.10 51.39
CA GLN O 548 -3.99 -106.12 50.73
C GLN O 548 -4.43 -105.03 51.70
N THR O 549 -4.71 -105.40 52.95
CA THR O 549 -4.96 -104.49 54.08
C THR O 549 -6.33 -103.82 53.98
N THR O 550 -6.98 -103.91 52.82
CA THR O 550 -8.30 -103.34 52.58
C THR O 550 -8.96 -104.10 51.43
N GLU O 551 -10.16 -103.63 51.06
CA GLU O 551 -10.81 -104.02 49.82
C GLU O 551 -11.21 -102.81 48.98
N THR O 552 -10.59 -101.66 49.23
CA THR O 552 -10.92 -100.45 48.49
C THR O 552 -10.40 -100.53 47.06
N ALA O 553 -10.79 -99.55 46.24
CA ALA O 553 -10.36 -99.52 44.85
C ALA O 553 -8.85 -99.36 44.74
N HIS O 554 -8.23 -98.73 45.74
CA HIS O 554 -6.78 -98.54 45.72
C HIS O 554 -6.05 -99.87 45.82
N SER O 555 -6.42 -100.70 46.79
CA SER O 555 -5.75 -101.98 46.98
C SER O 555 -6.25 -103.07 46.03
N CYS O 556 -7.46 -102.91 45.47
CA CYS O 556 -8.02 -103.89 44.55
C CYS O 556 -7.73 -103.54 43.09
N ASN O 557 -6.97 -102.48 42.84
CA ASN O 557 -6.64 -102.10 41.47
C ASN O 557 -5.83 -103.20 40.79
N VAL O 558 -6.22 -103.54 39.56
CA VAL O 558 -5.56 -104.62 38.85
C VAL O 558 -4.11 -104.26 38.52
N ASN O 559 -3.85 -103.03 38.11
CA ASN O 559 -2.48 -102.60 37.81
C ASN O 559 -1.63 -102.67 39.07
N ARG O 560 -2.15 -102.17 40.19
CA ARG O 560 -1.41 -102.19 41.44
C ARG O 560 -1.18 -103.62 41.92
N PHE O 561 -2.19 -104.48 41.81
CA PHE O 561 -2.01 -105.87 42.21
C PHE O 561 -0.96 -106.56 41.35
N ASN O 562 -0.98 -106.29 40.04
CA ASN O 562 0.04 -106.80 39.14
C ASN O 562 1.44 -106.38 39.59
N VAL O 563 1.60 -105.08 39.85
CA VAL O 563 2.91 -104.57 40.26
C VAL O 563 3.34 -105.23 41.57
N ALA O 564 2.42 -105.36 42.53
CA ALA O 564 2.75 -105.93 43.82
C ALA O 564 3.18 -107.39 43.69
N ILE O 565 2.46 -108.18 42.89
CA ILE O 565 2.74 -109.60 42.84
C ILE O 565 3.83 -109.97 41.84
N THR O 566 4.26 -109.03 40.99
CA THR O 566 5.37 -109.30 40.10
C THR O 566 6.73 -108.91 40.69
N ARG O 567 6.78 -108.51 41.96
CA ARG O 567 8.05 -108.21 42.60
C ARG O 567 8.77 -109.46 43.09
N ALA O 568 8.09 -110.60 43.17
CA ALA O 568 8.69 -111.81 43.70
C ALA O 568 9.37 -112.59 42.58
N LYS O 569 10.57 -113.10 42.87
CA LYS O 569 11.30 -113.92 41.91
C LYS O 569 11.18 -115.41 42.20
N VAL O 570 10.97 -115.79 43.46
CA VAL O 570 10.91 -117.19 43.83
C VAL O 570 9.58 -117.51 44.51
N GLY O 571 9.30 -116.85 45.63
CA GLY O 571 8.13 -117.17 46.42
C GLY O 571 7.38 -115.92 46.86
N ILE O 572 6.07 -116.07 46.97
CA ILE O 572 5.22 -114.98 47.40
C ILE O 572 4.16 -115.54 48.34
N LEU O 573 3.91 -114.80 49.42
CA LEU O 573 2.78 -115.02 50.31
C LEU O 573 1.81 -113.86 50.14
N CYS O 574 0.53 -114.18 50.03
CA CYS O 574 -0.51 -113.19 49.76
C CYS O 574 -1.61 -113.31 50.80
N ILE O 575 -1.79 -112.26 51.61
CA ILE O 575 -2.87 -112.19 52.57
C ILE O 575 -3.97 -111.32 51.94
N MET O 576 -5.01 -111.96 51.44
CA MET O 576 -6.02 -111.30 50.62
C MET O 576 -7.28 -111.01 51.43
N SER O 577 -7.75 -109.77 51.35
CA SER O 577 -9.03 -109.37 51.91
C SER O 577 -10.13 -109.33 50.84
N ASP O 578 -9.77 -109.07 49.60
CA ASP O 578 -10.73 -109.11 48.50
C ASP O 578 -10.87 -110.55 48.01
N ARG O 579 -12.11 -111.02 47.89
CA ARG O 579 -12.34 -112.39 47.45
C ARG O 579 -12.05 -112.56 45.97
N ASP O 580 -12.31 -111.53 45.17
CA ASP O 580 -12.12 -111.59 43.73
C ASP O 580 -10.66 -111.86 43.38
N LEU O 581 -9.75 -111.06 43.92
CA LEU O 581 -8.32 -111.25 43.64
C LEU O 581 -7.79 -112.53 44.26
N TYR O 582 -8.31 -112.92 45.44
CA TYR O 582 -7.88 -114.15 46.06
C TYR O 582 -8.24 -115.35 45.20
N ASP O 583 -9.46 -115.38 44.68
CA ASP O 583 -9.86 -116.47 43.79
C ASP O 583 -9.12 -116.41 42.47
N LYS O 584 -8.85 -115.21 41.95
CA LYS O 584 -8.09 -115.05 40.73
C LYS O 584 -6.67 -115.58 40.88
N LEU O 585 -6.07 -115.45 42.06
CA LEU O 585 -4.69 -115.86 42.30
C LEU O 585 -4.56 -117.36 42.06
N GLN O 586 -3.57 -117.75 41.28
CA GLN O 586 -3.28 -119.17 41.03
C GLN O 586 -2.21 -119.68 41.99
N PHE O 587 -2.45 -119.47 43.28
CA PHE O 587 -1.50 -119.81 44.33
C PHE O 587 -2.04 -120.95 45.17
N THR O 588 -1.18 -121.51 46.02
CA THR O 588 -1.58 -122.58 46.92
C THR O 588 -2.25 -121.98 48.15
N SER O 589 -3.53 -122.28 48.32
CA SER O 589 -4.30 -121.73 49.43
C SER O 589 -3.80 -122.27 50.76
N LEU O 590 -3.73 -121.40 51.75
CA LEU O 590 -3.33 -121.76 53.10
C LEU O 590 -4.44 -121.42 54.08
N GLU O 591 -4.52 -122.19 55.16
CA GLU O 591 -5.53 -122.02 56.18
C GLU O 591 -5.03 -121.06 57.26
N ILE O 592 -5.97 -120.35 57.87
CA ILE O 592 -5.62 -119.43 58.95
C ILE O 592 -5.40 -120.22 60.24
N PRO O 593 -4.24 -120.09 60.89
CA PRO O 593 -3.93 -120.84 62.12
C PRO O 593 -4.83 -120.47 63.29
N ASN P 1 46.34 0.15 54.11
CA ASN P 1 45.68 0.73 55.27
C ASN P 1 44.35 0.04 55.54
N ASN P 2 44.40 -1.28 55.72
CA ASN P 2 43.19 -2.01 56.06
C ASN P 2 42.90 -1.88 57.55
N GLU P 3 42.02 -0.95 57.90
CA GLU P 3 41.69 -0.69 59.29
C GLU P 3 40.73 -1.76 59.79
N LEU P 4 40.89 -2.14 61.06
CA LEU P 4 40.19 -3.30 61.61
C LEU P 4 38.68 -3.11 61.58
N SER P 5 38.18 -2.08 62.26
CA SER P 5 36.74 -1.84 62.35
C SER P 5 36.47 -0.37 62.60
N PRO P 6 36.21 0.41 61.55
CA PRO P 6 35.72 1.77 61.77
C PRO P 6 34.37 1.75 62.45
N VAL P 7 34.13 2.77 63.28
CA VAL P 7 32.93 2.90 64.11
C VAL P 7 32.91 1.81 65.17
N ALA P 8 32.43 2.14 66.37
CA ALA P 8 32.45 1.24 67.50
C ALA P 8 31.09 0.56 67.63
N LEU P 9 31.05 -0.53 68.39
CA LEU P 9 29.83 -1.27 68.62
C LEU P 9 29.46 -1.16 70.10
N ARG P 10 28.26 -0.66 70.38
CA ARG P 10 27.80 -0.41 71.74
C ARG P 10 27.22 -1.68 72.36
N GLN P 11 26.74 -1.58 73.60
CA GLN P 11 26.33 -2.75 74.37
C GLN P 11 24.89 -2.59 74.84
N MET P 12 24.34 -3.70 75.34
CA MET P 12 23.04 -3.73 75.98
C MET P 12 23.00 -4.96 76.87
N SER P 13 22.31 -4.88 77.99
CA SER P 13 22.26 -5.95 78.96
C SER P 13 21.34 -7.06 78.46
N CYS P 14 21.59 -8.29 78.90
CA CYS P 14 20.85 -9.46 78.45
C CYS P 14 20.99 -10.58 79.48
N ALA P 15 20.35 -11.70 79.19
CA ALA P 15 20.25 -12.80 80.15
C ALA P 15 21.06 -14.02 79.69
N ALA P 16 21.68 -14.69 80.65
CA ALA P 16 22.44 -15.90 80.37
C ALA P 16 22.35 -16.83 81.58
N GLY P 17 22.88 -18.03 81.43
CA GLY P 17 22.79 -19.05 82.45
C GLY P 17 23.53 -20.30 82.01
N THR P 18 23.67 -21.24 82.95
CA THR P 18 24.47 -22.42 82.71
C THR P 18 23.81 -23.45 81.80
N THR P 19 22.50 -23.71 81.96
CA THR P 19 21.87 -24.75 81.17
C THR P 19 20.35 -24.60 81.15
N GLN P 20 19.71 -25.11 80.09
CA GLN P 20 18.25 -25.09 79.88
C GLN P 20 17.70 -23.73 80.34
N THR P 21 16.73 -23.67 81.26
CA THR P 21 16.24 -22.38 81.72
C THR P 21 17.00 -21.85 82.95
N ALA P 22 18.33 -21.77 82.88
CA ALA P 22 19.09 -21.17 83.96
C ALA P 22 19.30 -19.68 83.78
N CYS P 23 18.95 -19.13 82.62
CA CYS P 23 18.98 -17.69 82.43
C CYS P 23 17.97 -17.02 83.36
N THR P 24 18.48 -16.34 84.38
CA THR P 24 17.59 -15.99 85.48
C THR P 24 16.74 -14.77 85.18
N ASP P 25 17.33 -13.57 85.18
CA ASP P 25 16.63 -12.42 84.61
C ASP P 25 17.56 -11.68 83.65
N ASP P 26 18.72 -11.29 84.15
CA ASP P 26 19.62 -10.37 83.46
C ASP P 26 21.01 -10.45 84.09
N ASN P 27 21.98 -11.00 83.35
CA ASN P 27 23.29 -11.20 83.96
C ASN P 27 24.48 -10.90 83.05
N ALA P 28 24.23 -10.50 81.80
CA ALA P 28 25.30 -10.45 80.81
C ALA P 28 25.32 -9.11 80.11
N LEU P 29 26.52 -8.71 79.68
CA LEU P 29 26.75 -7.52 78.86
C LEU P 29 26.83 -8.02 77.43
N ALA P 30 25.72 -7.94 76.69
CA ALA P 30 25.68 -8.40 75.30
C ALA P 30 26.12 -7.26 74.40
N TYR P 31 27.22 -7.47 73.69
CA TYR P 31 27.65 -6.57 72.64
C TYR P 31 27.01 -7.01 71.33
N TYR P 32 26.15 -6.14 70.80
CA TYR P 32 25.20 -6.49 69.75
C TYR P 32 25.43 -5.64 68.50
N ASN P 33 25.34 -6.27 67.34
CA ASN P 33 25.42 -5.59 66.05
C ASN P 33 24.00 -5.48 65.50
N THR P 34 23.51 -4.25 65.38
CA THR P 34 22.15 -3.99 64.93
C THR P 34 22.12 -3.94 63.40
N THR P 35 21.47 -4.92 62.80
CA THR P 35 21.12 -4.89 61.40
C THR P 35 19.61 -4.83 61.27
N LYS P 36 19.12 -4.02 60.33
CA LYS P 36 17.68 -3.84 60.19
C LYS P 36 16.96 -5.11 59.71
N GLY P 37 17.70 -6.18 59.47
CA GLY P 37 17.09 -7.48 59.27
C GLY P 37 17.04 -8.24 60.59
N GLY P 38 17.08 -7.50 61.70
CA GLY P 38 17.06 -8.09 63.03
C GLY P 38 18.32 -7.85 63.82
N ARG P 39 18.17 -7.47 65.09
CA ARG P 39 19.31 -7.28 65.98
C ARG P 39 20.05 -8.60 66.14
N PHE P 40 21.35 -8.59 65.87
CA PHE P 40 22.16 -9.81 65.89
C PHE P 40 23.35 -9.56 66.82
N VAL P 41 23.27 -10.12 68.02
CA VAL P 41 24.31 -9.90 69.03
C VAL P 41 25.57 -10.64 68.62
N LEU P 42 26.72 -10.10 69.04
CA LEU P 42 28.00 -10.73 68.76
C LEU P 42 28.61 -11.39 69.99
N ALA P 43 28.80 -10.65 71.07
CA ALA P 43 29.60 -11.11 72.19
C ALA P 43 28.82 -11.04 73.48
N LEU P 44 29.26 -11.84 74.46
CA LEU P 44 28.70 -11.82 75.81
C LEU P 44 29.83 -11.54 76.79
N LEU P 45 29.57 -10.72 77.80
CA LEU P 45 30.56 -10.43 78.81
C LEU P 45 29.96 -10.66 80.19
N SER P 46 30.74 -11.27 81.08
CA SER P 46 30.16 -11.67 82.36
C SER P 46 31.22 -11.69 83.45
N ASP P 47 30.75 -11.61 84.68
CA ASP P 47 31.51 -11.93 85.88
C ASP P 47 31.25 -13.35 86.34
N LEU P 48 30.28 -14.01 85.70
CA LEU P 48 29.93 -15.39 86.00
C LEU P 48 30.91 -16.30 85.27
N GLN P 49 31.44 -17.29 86.00
CA GLN P 49 32.54 -18.09 85.48
C GLN P 49 32.14 -18.87 84.24
N ASP P 50 31.14 -19.74 84.35
CA ASP P 50 30.76 -20.66 83.27
C ASP P 50 29.30 -20.43 82.89
N LEU P 51 29.08 -19.67 81.82
CA LEU P 51 27.78 -19.56 81.19
C LEU P 51 27.88 -20.10 79.76
N LYS P 52 27.08 -21.13 79.46
CA LYS P 52 27.04 -21.70 78.14
C LYS P 52 25.75 -21.45 77.39
N TRP P 53 24.71 -21.00 78.09
CA TRP P 53 23.42 -20.72 77.47
C TRP P 53 23.09 -19.24 77.69
N ALA P 54 22.47 -18.63 76.70
CA ALA P 54 21.99 -17.25 76.84
C ALA P 54 20.61 -17.16 76.20
N ARG P 55 19.84 -16.17 76.63
CA ARG P 55 18.43 -16.11 76.27
C ARG P 55 18.07 -14.70 75.84
N PHE P 56 17.26 -14.58 74.77
CA PHE P 56 16.74 -13.29 74.38
C PHE P 56 15.40 -13.46 73.68
N PRO P 57 14.34 -12.80 74.14
CA PRO P 57 13.05 -12.89 73.43
C PRO P 57 13.14 -12.26 72.04
N LYS P 58 12.38 -12.81 71.11
CA LYS P 58 12.26 -12.21 69.79
C LYS P 58 11.47 -10.91 69.86
N SER P 59 11.44 -10.20 68.73
CA SER P 59 10.72 -8.93 68.66
C SER P 59 9.23 -9.10 68.92
N ASP P 60 8.61 -10.13 68.36
CA ASP P 60 7.18 -10.38 68.60
C ASP P 60 6.89 -10.72 70.06
N GLY P 61 7.85 -11.33 70.77
CA GLY P 61 7.70 -11.66 72.16
C GLY P 61 7.10 -13.02 72.44
N THR P 62 6.52 -13.67 71.42
CA THR P 62 5.95 -15.00 71.60
C THR P 62 7.02 -16.08 71.66
N GLY P 63 8.18 -15.85 71.04
CA GLY P 63 9.28 -16.78 71.10
C GLY P 63 10.47 -16.20 71.84
N THR P 64 11.44 -17.03 72.17
CA THR P 64 12.62 -16.57 72.90
C THR P 64 13.79 -17.48 72.54
N ILE P 65 14.80 -16.92 71.87
CA ILE P 65 15.90 -17.68 71.31
C ILE P 65 16.94 -17.97 72.38
N TYR P 66 17.53 -19.16 72.29
CA TYR P 66 18.68 -19.58 73.09
C TYR P 66 19.93 -19.51 72.22
N THR P 67 21.05 -19.12 72.83
CA THR P 67 22.32 -19.01 72.14
C THR P 67 23.38 -19.74 72.95
N GLU P 68 24.34 -20.35 72.26
CA GLU P 68 25.41 -21.10 72.91
C GLU P 68 26.68 -20.26 72.95
N LEU P 69 27.58 -20.60 73.86
CA LEU P 69 28.78 -19.81 74.11
C LEU P 69 30.01 -20.69 74.11
N GLU P 70 31.17 -20.03 73.92
CA GLU P 70 32.48 -20.67 73.93
C GLU P 70 32.93 -20.96 75.35
N PRO P 71 34.03 -21.67 75.52
CA PRO P 71 34.71 -21.68 76.81
C PRO P 71 35.09 -20.26 77.20
N PRO P 72 35.08 -19.95 78.50
CA PRO P 72 35.34 -18.57 78.93
C PRO P 72 36.71 -18.09 78.47
N CYS P 73 36.79 -16.79 78.18
CA CYS P 73 38.06 -16.16 77.85
C CYS P 73 38.35 -15.13 78.94
N ARG P 74 39.45 -15.35 79.67
CA ARG P 74 39.84 -14.54 80.80
C ARG P 74 40.38 -13.19 80.35
N PHE P 75 40.06 -12.15 81.13
CA PHE P 75 40.83 -10.91 81.09
C PHE P 75 40.58 -10.17 82.40
N VAL P 76 41.34 -9.10 82.61
CA VAL P 76 41.18 -8.23 83.77
C VAL P 76 41.26 -6.78 83.31
N THR P 77 40.38 -5.94 83.83
CA THR P 77 40.31 -4.53 83.46
C THR P 77 40.36 -3.64 84.69
N ASP P 78 40.96 -2.47 84.52
CA ASP P 78 41.04 -1.46 85.56
C ASP P 78 39.89 -0.48 85.40
N THR P 79 39.18 -0.24 86.50
CA THR P 79 38.04 0.66 86.54
C THR P 79 38.03 1.37 87.89
N PRO P 80 37.10 2.31 88.13
CA PRO P 80 36.98 2.90 89.47
C PRO P 80 36.89 1.88 90.59
N LYS P 81 36.20 0.76 90.35
CA LYS P 81 36.08 -0.27 91.38
C LYS P 81 37.36 -1.07 91.56
N GLY P 82 38.46 -0.65 90.96
CA GLY P 82 39.72 -1.35 91.06
C GLY P 82 39.92 -2.30 89.91
N PRO P 83 40.60 -3.42 90.16
CA PRO P 83 40.68 -4.47 89.15
C PRO P 83 39.43 -5.34 89.18
N LYS P 84 38.88 -5.59 88.00
CA LYS P 84 37.73 -6.47 87.85
C LYS P 84 38.09 -7.52 86.80
N VAL P 85 37.98 -8.78 87.19
CA VAL P 85 38.45 -9.89 86.37
C VAL P 85 37.25 -10.57 85.74
N LYS P 86 37.12 -10.46 84.43
CA LYS P 86 35.90 -10.85 83.73
C LYS P 86 36.17 -11.93 82.70
N TYR P 87 35.08 -12.58 82.27
CA TYR P 87 35.10 -13.62 81.26
C TYR P 87 34.27 -13.15 80.08
N LEU P 88 34.84 -13.20 78.88
CA LEU P 88 34.06 -12.95 77.68
C LEU P 88 33.77 -14.27 76.98
N TYR P 89 32.66 -14.27 76.24
CA TYR P 89 32.11 -15.46 75.59
C TYR P 89 31.67 -15.08 74.19
N PHE P 90 31.79 -16.03 73.27
CA PHE P 90 31.37 -15.84 71.89
C PHE P 90 30.41 -16.94 71.49
N ILE P 91 29.40 -16.58 70.71
CA ILE P 91 28.44 -17.55 70.19
C ILE P 91 29.14 -18.45 69.20
N LYS P 92 28.93 -19.76 69.31
CA LYS P 92 29.52 -20.68 68.35
C LYS P 92 29.03 -20.40 66.94
N GLY P 93 29.93 -20.61 65.97
CA GLY P 93 29.71 -20.18 64.61
C GLY P 93 30.24 -18.80 64.30
N LEU P 94 30.75 -18.09 65.31
CA LEU P 94 31.21 -16.71 65.12
C LEU P 94 32.48 -16.70 64.30
N ASN P 95 32.48 -15.93 63.21
CA ASN P 95 33.67 -15.83 62.37
C ASN P 95 34.76 -15.03 63.07
N ASN P 96 35.96 -15.08 62.49
CA ASN P 96 37.09 -14.38 63.09
C ASN P 96 36.94 -12.87 63.02
N LEU P 97 36.23 -12.37 62.00
CA LEU P 97 36.08 -10.93 61.85
C LEU P 97 35.29 -10.31 62.98
N ASN P 98 34.19 -10.94 63.40
CA ASN P 98 33.40 -10.40 64.50
C ASN P 98 34.21 -10.39 65.79
N ARG P 99 34.96 -11.46 66.05
CA ARG P 99 35.84 -11.49 67.20
C ARG P 99 36.86 -10.36 67.13
N GLY P 100 37.43 -10.14 65.94
CA GLY P 100 38.39 -9.07 65.78
C GLY P 100 37.82 -7.71 66.09
N MET P 101 36.63 -7.42 65.54
CA MET P 101 36.04 -6.10 65.78
C MET P 101 35.64 -5.94 67.24
N VAL P 102 35.09 -6.98 67.86
CA VAL P 102 34.64 -6.83 69.24
C VAL P 102 35.83 -6.67 70.18
N LEU P 103 36.91 -7.42 69.94
CA LEU P 103 38.10 -7.22 70.75
C LEU P 103 38.75 -5.87 70.49
N GLY P 104 38.71 -5.38 69.26
CA GLY P 104 39.24 -4.06 68.99
C GLY P 104 38.46 -3.00 69.74
N SER P 105 37.13 -3.11 69.70
CA SER P 105 36.29 -2.17 70.42
C SER P 105 36.55 -2.22 71.92
N LEU P 106 36.67 -3.42 72.48
CA LEU P 106 36.91 -3.57 73.91
C LEU P 106 38.28 -3.03 74.30
N ALA P 107 39.33 -3.44 73.58
CA ALA P 107 40.68 -3.01 73.91
C ALA P 107 40.91 -1.53 73.64
N ALA P 108 40.08 -0.88 72.81
CA ALA P 108 40.23 0.54 72.59
C ALA P 108 39.41 1.35 73.58
N THR P 109 38.14 0.99 73.74
CA THR P 109 37.18 1.77 74.52
C THR P 109 37.13 1.35 75.99
N VAL P 110 37.82 0.28 76.36
CA VAL P 110 37.84 -0.19 77.75
C VAL P 110 39.30 -0.32 78.17
N ARG P 111 39.62 0.17 79.36
CA ARG P 111 40.95 0.01 79.92
C ARG P 111 41.22 -1.46 80.23
N LEU P 112 42.42 -1.93 79.90
CA LEU P 112 42.84 -3.28 80.23
C LEU P 112 44.26 -3.26 80.77
N GLN P 113 44.61 -4.31 81.51
CA GLN P 113 45.94 -4.45 82.07
C GLN P 113 46.65 -5.68 81.49
#